data_6ZKL
#
_entry.id   6ZKL
#
_cell.length_a   1.00
_cell.length_b   1.00
_cell.length_c   1.00
_cell.angle_alpha   90.00
_cell.angle_beta   90.00
_cell.angle_gamma   90.00
#
_symmetry.space_group_name_H-M   'P 1'
#
loop_
_entity.id
_entity.type
_entity.pdbx_description
1 polymer 'NADH dehydrogenase [ubiquinone] flavoprotein 1, mitochondrial'
2 polymer 'Mitochondrial complex I, 24 kDa subunit'
3 polymer 'NADH:ubiquinone oxidoreductase core subunit S1'
4 polymer 'Mitochondrial complex I, 49 kDa subunit'
5 polymer 'NADH:ubiquinone oxidoreductase core subunit S3'
6 polymer 'Mitochondrial complex I, PSST subunit'
7 polymer 'Mitochondrial complex I, TYKY subunit'
8 polymer 'NADH-ubiquinone oxidoreductase chain 3'
9 polymer 'NADH-ubiquinone oxidoreductase chain 1'
10 polymer 'NADH-ubiquinone oxidoreductase chain 6'
11 polymer 'NADH-ubiquinone oxidoreductase chain 4L'
12 polymer 'NADH-ubiquinone oxidoreductase chain 5'
13 polymer 'NADH-ubiquinone oxidoreductase chain 4'
14 polymer 'NADH-ubiquinone oxidoreductase chain 2'
15 polymer 'Mitochondrial complex I, B14.7 subunit'
16 polymer 'NADH:ubiquinone oxidoreductase subunit B5'
17 polymer 'Acyl carrier protein'
18 polymer 'NADH dehydrogenase [ubiquinone] 1 alpha subcomplex subunit 8'
19 polymer 'Mitochondrial complex I, PDSW subunit'
20 polymer 'Mitochondrial complex I, 10 kDa subunit'
21 polymer 'Mitochondrial complex I, 13 kDa subunit'
22 polymer 'NADH dehydrogenase [ubiquinone] iron-sulfur protein 4, mitochondrial'
23 polymer 'NADH:ubiquinone oxidoreductase subunit A9'
24 polymer 'NADH dehydrogenase [ubiquinone] 1 alpha subcomplex subunit 2'
25 polymer 'Mitochondrial complex I, B13 subunit'
26 polymer 'NADH:ubiquinone oxidoreductase subunit A6'
27 polymer 'Mitochondrial complex I, B14.5a subunit'
28 polymer 'NADH dehydrogenase [ubiquinone] 1 alpha subcomplex subunit 12'
29 polymer 'NADH dehydrogenase [ubiquinone] 1 alpha subcomplex subunit 10, mitochondrial'
30 polymer 'NADH:ubiquinone oxidoreductase subunit S5'
31 polymer 'NADH:ubiquinone oxidoreductase subunit A3'
32 polymer 'NADH:ubiquinone oxidoreductase subunit B3'
33 polymer 'NADH dehydrogenase [ubiquinone] 1 subunit C2'
34 polymer 'NADH:ubiquinone oxidoreductase subunit B4'
35 polymer 'Mitochondrial complex I, B16.6 subunit'
36 polymer 'Mitochondrial complex I, B17 subunit'
37 polymer 'NADH:ubiquinone oxidoreductase subunit B7'
38 polymer 'NADH:ubiquinone oxidoreductase subunit B9'
39 polymer 'NADH:ubiquinone oxidoreductase subunit B2'
40 polymer 'NADH dehydrogenase [ubiquinone] 1 beta subcomplex subunit 8, mitochondrial'
41 polymer 'Mitochondrial complex I, ESSS subunit'
42 polymer 'Mitochondrial complex I, KFYI subunit'
43 polymer 'Mitochondrial complex I, MNLL subunit'
44 polymer 'Mitochondrial complex I, MWFE subunit'
45 non-polymer 'IRON/SULFUR CLUSTER'
46 non-polymer 'FLAVIN MONONUCLEOTIDE'
47 non-polymer '1,4-DIHYDRONICOTINAMIDE ADENINE DINUCLEOTIDE'
48 non-polymer 'FE2/S2 (INORGANIC) CLUSTER'
49 non-polymer 'POTASSIUM ION'
50 non-polymer "(2R,6aS,12aS)-8,9-dimethoxy-2-(prop-1-en-2-yl)-1,2,12,12a-tetrahydrofuro[2',3':7,8][1]benzopyrano[2,3-c][1]benzopyran-6(6aH)-one"
51 non-polymer 1,2-Distearoyl-sn-glycerophosphoethanolamine
52 non-polymer 1,2-DIACYL-SN-GLYCERO-3-PHOSPHOCHOLINE
53 non-polymer CARDIOLIPIN
54 non-polymer 'S-[2-({N-[(2S)-2-hydroxy-3,3-dimethyl-4-(phosphonooxy)butanoyl]-beta-alanyl}amino)ethyl] tetradecanethioate'
55 non-polymer 'ZINC ION'
56 non-polymer 'NADPH DIHYDRO-NICOTINAMIDE-ADENINE-DINUCLEOTIDE PHOSPHATE'
57 non-polymer 'ADENOSINE MONOPHOSPHATE'
58 non-polymer 'MYRISTIC ACID'
#
loop_
_entity_poly.entity_id
_entity_poly.type
_entity_poly.pdbx_seq_one_letter_code
_entity_poly.pdbx_strand_id
1 'polypeptide(L)'
;MLAARRLLGGSLPARVSVRFSGDTTAPKKTSFGSLKDEDRIFTNLYGRHDWRLKGAQSRGDWYKTKEILLKGPDWILGEV
KTSGLRGRGGAGFPTGLKWSFMNKPSDGRPKYLVVNADEGEPGTCKDREIIRHDPHKLVEGCLVGGRAMGARAAYIYIRG
EFYNEASNLQVAIREAYEAGLIGKNACGSGYDFDVFVVRGAGAYICGEETALIESIEGKQGKPRLKPPFPADVGVFGCPT
TVANVETVAVSPTICRRGGAWFASFGRERNSGTKLFNISGHVNNPCTVEEEMSVPLKELIEKHAGGVTGGWDNLLAVIPG
GSSTPLIPKSVCETVLMDFDALIQAQTGLGTAAVIVMDRSTDIVKAIARLIEFYKHESCGQCTPCREGVDWMNKVMARFV
RGDARPAEIDSLWEISKQIEGHTICALGDGAAWPVQGLIRHFRPELEERMQRFAQQHQARQAAS
;
1
2 'polypeptide(L)'
;MPVLQYEHLEECIRWGKHIRNLHKTAVQNGAGGALFVHRDTPKNNPETPFDFTPENYKRIEAIVKNYPEGHKAAAVLPVL
DLAQRQNGWLPISAMNKVAEILQVPPMRVYEVATFYTMYNRKPVGKYHIQVCTTTPCMLRNSDSILEAIQKKLGIKVGET
TPDKLFTLIEVECLGACVNAPMVQINDNYYEDLTPKDIEEIIDELKAGKIPKPGPRSGRFSCEPAGGLTSLTEPPKGPGF
GVQAGL
;
2
3 'polypeptide(L)'
;MLRIPVRKALVGLSKSSKGCVRTTATAASNLIEVFVDGQSVMVEPGTTVLQACEKVGMQIPRFCYHERLSVAGNCRMCLV
EIEKAPKVVAACAMPVMKGWNILTNSEKTKKAREGVMEFLLANHPLDCPICDQGGECDLQDQSMMFGSDRSRFLEGKRAV
EDKNIGPLVKTIMTRCIQCTRCIRFASEIAGVDDLGTTGRGNDMQVGTYIEKMFMSELSGNIIDICPVGALTSKPYAFTA
RPWETRKTESIDVMDAVGSNIVVSTRTGEVMRILPRMHEDINEEWISDKTRFAYDGLKRQRLTEPMVRNEKGLLTHTTWE
DALSRVAGMLQSCQGNDVAAIAGGLVDAEALIALKDLLNRVDSDTLCTEEVFPTAGAGTDLRSNYLLNTTIAGVEEADVV
LLVGTNPRFEAPLFNARIRKSWLHNDLKVALIGSPVDLTYRYDHLGDSPKILQDIASGSHPFSQVLQEAKKPMVVLGSSA
LQRNDGAAILAAVSNIAQKIRTSSGVTGDWKVMNILHRIASQVAALDLGYKPGVEAIRKNPPKMLFLLGADGGCVTRQDL
PKDCFIVYQGHHGDVGAPIADVILPGAAYTEKSATYVNTEGRAQQTKVAVMPPGLAREDWKIIRALSEIAGMTLPYDTLD
QVRNRLEEVSPNLVRYDDVEGANYFQQASELSKLVNQQLLADPLVPPQLTIKDFYMTDSISRASQTMAKCVKAVTEGAHA
VEEPSIC
;
3
4 'polypeptide(L)'
;MAALRALRRLRGAAAQVLRPGAGARLPIQPSRGARQWQPDVEWAEQYGGAVMYPTKETAHWKPPPWNDVDPPKDTLVSNL
TLNFGPQHPAAHGVLRLVMELSGEMVRKCDPHIGLLH(2MR)GTEKLIEYKTYLQALPYFDRLDYVSMMCNEQAYSLAVE
KLLNIQPPPRAQWIRVLFGEITRLLNHIMAVTTHALDIGAMTPFFWMFEEREKMFEFYERVSGARMHAAYVRPGGVHQDL
PLGLMDDIYEFSKNFSLRIDELEEMLTNNRIWRNRTVDIGVVTAEDALNYGFSGVMLRGSGIQWDLRKTQPYDVYDQVEF
DVPIGSRGDCYDRYLCRVEEMRQSIRIISQCLNKMPPGEIKVDDAKVSPPKRAEMKTSMESLIHHFKLYTEGYQVPPGAT
YTAIEAPKGEFGVYLVSDGSSRPYRCKIKAPGFAHLAGLDKMSKGHMLADVVAIIGTQDIVFGEVDR
;
4
5 'polypeptide(L)'
;PVKMAAAAARGCWQRLVGSAAPARVAGRPSVLLLPVRRESASADTRPTVRPRNDVAHKQLSAFGEYVAEILPKYVQQVQV
SCFSELEICIHPDGVIPVLTFLRDHSNAQFKSLADLTAVDIPTRQNRFEIVYNLLSLRFNSRIRVKTYTDELTPVESSVS
VYKAANWYEREIWDMFGVFFANHPDLRRILTDYGFEGHPFRKDFPLSGYVELRYDDEVKRVVAEPVELAQEFRKFDLNSP
WEAFPAYRQPPESLKLEAGDKKPEAK
;
5
6 'polypeptide(L)'
;MLPLKFPGRGGAAPRLFHPILAVRSGMGAALQVRGVHSSMAADSPSSTQPAVSQARAVVPKPAALPSSRGEYVVAKLDDL
INWARRSSLWPMTFGLACCAVEMMHMAAPRYDMDRFGVVFRASPRQSDVMIVAGTLTNKMAPALRKVYDQMPEPRYVVSM
GSCANGGGYYHYSYSVVRGCDRIVPVDIYVPGCPPTAEALLYGILQLQKKIKREKRLRIWYRR
;
6
7 'polypeptide(L)'
;MRKPKMRCLTMPVLLRALAQAQAARAGHASGRGLHSSAVAATYKYVNLREPSMDMKSVTDRAAQTLLWTELIRGLGMTLS
YLFREPATINYPFEKGPLSPRFRGEHALRRYPSGEERCIACKLCEAVCPAQAITIEAEPRADGSRRTTRYDIDMTKCIYC
GFCQEACPVDAIVEGPNFEFSTETHEELLYNKEKLLNNGDKWEAEIAANIQADYLYR
;
9
8 'polypeptide(L)'
;MNLMITLLTNFTLATLLVTIAFWLPQLNVYSEKTSPYECGFDPMGSARLPFSMKFFLVAITFLLFDLEIALLLPLPWASQ
TTNLNTMLTMALLLIFLLAVSLAYEWTQKGLEWTE
;
A
9 'polypeptide(L)'
;MFMINVLTLIIPILLAVAFLTLVERKVLGYMQFRKGPNVVGPYGLLQPIADAIKLFIKEPLRPATSSISMFILAPILALT
LALTMWIPLPMPYPLINMNLGVLFMLAMSSLAVYSILWSGWASNSKYALIGALRAVAQTISYEVTLAIILLSVLLMNGSF
TLSTLIITQEQVWLIFPAWPLAMMWFISTLAETNRAPFDLTEGESELVSGFNVEYAAGPFALFFMAEYANIIMMNIFTTT
LFLGAFHNPYMPELYTINFTIKSLLLSITFLWIRASYPRFRYDQLMHLLWKNFLPLTLALCMWHVSLPILLSSIPPQT
;
H
10 'polypeptide(L)'
;MMTYIVFILSIIFVMGFVGFSSKPSPIYGGLGLIVSGGVGCGIVLNFGGSFLGLMVFLIYLGGMMVVFGYTTAMATEQYP
EVWVSNKVVLGTFITGLLMEFLMVYYVLKDKEVEIVFKFNGMGDWVIYDTGDSGFFSEEAMGIAALYSYGTWLVIVTGWS
LLIGVVVIMEITRGN
;
J
11 'polypeptide(L)'
;(FME)SLVYMNIMMAFTVSLTGLLMYRSHLMSSLLCLEGMMLSLFILATLMILNSHFTLASMMPIILLVFAACEAALGLS
LLVMVSNTYGTDYVQNLNLLQC
;
K
12 'polypeptide(L)'
;(FME)NLFSSLTLVTLILLTMPIAAINFNTHKFTNYPLYVKTTISCAFITSMIPTMMFIHTGQEMIISNWHWLTIQTLKL
SLSFKMDFFSMMFVPVALFVTWSIMEFSMWYMHSDPNINQFFKYLLLFLITMLILVTANNLFQLFIGWEGVGIMSFLLIG
WWYGRTDANTAALQAILYNRIGDIGFILAMAWFLINLNTWDLQQIFMLNPNDSNLPLMGLILAATGKSAQFGLHPWLPSA
MEGPTPVSALLHSSTMVVAGIFLLIRFYPLTENNKFGQSIMLCLGAMTTLFTAMCALTQNDIKKIIAFSTSSQLGLMMVT
IGINQPHLAFLHICTHAFFKAMLFMCSGSIIHSLNDEQDIRKMGGLFKAMPFTTTALIIGSLALTGMPFLTGFYSKDLII
ESANTSYTNAWALLMTLVATSFTAIYSTRIIFFALLGQPRFPTLININENNPFLINSIKRLLIGSLFAGFIISNNIPPMT
IPQMTMPHYLKMTALTVTILGFILALEISNTTHYLKFNYPSNTFKFSNLLGYYPTIMHRLTPYMNLTMSQKSASSLLDLI
WLETILPKTISLAQMKMSTTITSQKGLIKLYFLSFLITILISTTLLNFHE
;
L
13 'polypeptide(L)'
;(FME)LKYIIPTMMLMPLTWLSKNSMIWINTTLHSLLISLTSLLLLNQFGDNSLNFSLTFFSDSLSTPLLILTMWLLPLM
LMASQHHLSKENLARKKLFISMLILLQLFLIMTFTATELIFFYIMFEATLVPTLIIITRWGNQTERLNAGLYFLFYTLAG
SLPLLVALIYIQNTMGSLNFLILQYWVQPMPNSWSNTFMWLACMMAFMVKMPLYGLHLWLPKAHVEAPIAGSMVLAAILL
KLGGYGMMRITLLLNPITDFMAYPFIMLSLWGMIMTSSICLRQTDLKSLIAYSSVSHMALVIVAILIQTPWSYMGATALM
IAHGLTSSMLFCLANSNYERVHSRTMILARGLQTLLPLMAAWWLLASLTNLALPPSINLIGELFVVMSTFSWSNITIILM
GLNMVITALYSLYMLITTQRGKHTHHINNILPSFTRENALMSLHMLPLLLLSLNPKIILGPLY
;
M
14 'polypeptide(L)'
;MNPIILIIILMTVMLGTIIVMISTHWLLIWIGFEMNMLAIIPIMMKKHNPRATEASTKYFLTQSTASMLLMMAIIINLMF
SGQWTVMKLFNPMASMLMTMALAMKLGMAPFHFWVPEVTQGIPLSSGLILLTWQKLAPMSVLYQILPSINLDLILTLSIL
SITIGGWGGLNQTQLRKIMAYSSIAHMGWMTAVLLYNPTMTLLNLIIYIIMTSTMFTLFMANSTTTTLSLSHTWNKAPIM
TILVLITLLSMGGLPPLSGFMPKWMIIQEMTKNDSIILPTLMAITALLNLYFYMRLTYSTALTMFPSTNNMKMKWQFPTT
KRMTLLPTMTVLSTMLLPLTPILSILE
;
N
15 'polypeptide(L)'
;M(AYA)KTLLHQYWDIPEGTECHRKTYAATSIGGASGLVVSAYSVALKTPTSFLEGVARTGRYTFTAAAIGAIFGLTSCI
SAQVREKPDDPLNYLIGGCAGGLTLGARTRSYGIGAAACAYMGLTAALVKMGQLEGWKVFAEPKV
;
V
16 'polypeptide(L)'
;MAAMSLLHRASVSAVVALSGRRLGTRLGFGGFLTRDFPKTVAPVRHSGDHGKRLFIIKPSGFYDKRFLKLLRFYILLTGI
PVVIGITLINVFIGEAELAEIPEGYVPEHWEYFKHPISRWIARTFFDAPEKNYERTMAILQIESEKAELRLKELEVRRLM
RAKGDGPWFQYPTIDKALIDHSPKATPDN
;
W
17 'polypeptide(L)'
;VEVKDFYTTNYQTAVSFSPLGPMPSMALMAVSLSGANVPKSGGRPEESRVPVLTQRKVPGRVTPLCRQYSDAPPLTLEGI
KDRVLYVLKLYDKIDPEKLSVNSHFMKDLGLDSLDQVEIIMAMEDEFGFEIPDIDAEKLMCPQEIVDYIADKKDVYE
;
X,j
18 'polypeptide(L)'
;MPGIVELPSLEDLKVQEVKVSSSVLKAAAHHYGAQCDKPNKEFMLCRWEEKDPRRCLEEGKLVNQCALEFFRQIKRHCAE
PFTEYWTCIDYSGLQLFRRCRKEQAQFDKCVLDKLGWVRPDLGELSKVTKVKTDRPLPENPYHSRARPEPNPEVEGDLKP
ARHGSRLFFWTM
;
Y
19 'polypeptide(L)'
;PDSWDKDVYPEPPRRTPAPSPQTSLPNPITYLTKAFDLLVDRPVTLVREFIERQHAKNKYYYYHREFRRVPDITECHEKD
VLCMFEAEMQWKRDYKVDQEIVNIIQERLKACQQREGESHRQNCAKELQQFTQVVKAYQDRYHDLGAHYSARKCLAKQKQ
RMLAERKATKEAAAA
;
Z
20 'polypeptide(L)'
;MAASLLLRQGRPGTLKTVLLEAGVFRGLAPAVSLSAESGKNEKGLPPNPKKQSPPKKPASAAPTEPFDNTTYKNLQHHDY
STYTFLDLNLDLSKFRMPQPSSGRESPRH
;
a
21 'polypeptide(L)'
;MAAAVTFLRLLGRGGAVTRGLPGGARCFGVRTSPTGEKVTHTGQVYDDEDYRRVRFVGRQKEVNENFAIDLIAEQPVSQV
GSRVISCDGGGGALGHPRVYINLDKETKTGTCGYCGLQFRQQHH
;
b
22 'polypeptide(L)'
;MSVALRQALWGRRVGTVAAVSVSKVSTRSLSTSTWRLAQDQTRDTQLITVDEKLDITTLTGVPEEHIKTRKARIFVPARN
NMQSGVNNTKKWKMEFDTRERWENPLMGWASTADPLSNLVLTFSTKEDAIAFAEKNGWSYDVEERKVPKPKSKSYGANFS
WNKRTRVSTK
;
c
23 'polypeptide(L)'
;MAAAVHLRVVRVLPMSRSSVPALAASVFHSPPQRQLHHAVIPHGKGGRSSVSGIVATVFGATGFLGRYLVNHLGRMGSQV
IVPYRCEPYDTMHLRPMGDLGQIIFMDWNGRDKDSIRRAVEHSNVVINLVGREWETKNFDFEDVFVKIPQAIAQVSKEAG
VEKFIHISHLNADIKSSSKYLRNKAVGEKEVRETFPEATIIKPADIFGREDRFLNYFANIRWFGGVPLISLGKKTVKQPV
YIVDVTKGIINAIKDPDARGKTFAFVGPNRYLLFDLVQYVFAVAHRPFLPYPMPHFAYRWIGRLFEISPFEPWTTRDKVE
RIHTTDRTLPHLPGLEDLGVQATPLELKAIEVLRRHRTYRWLSSEIEDVQPAKTVPASGP
;
d
24 'polypeptide(L)'
;MAAAAAIRGVRGKLGLREIRIHLCQRSPGSQGVRDFIEKRYVELKKANPDLPILIRECSDVQPKLWARYAFGQEKNVSLN
NFSADQVTRALENVLSSKA
;
e
25 'polypeptide(L)'
;MAGLLKKTTGLVGLAVCETPHERLKILYTKILDVLGHIPKNAAYRKYTEQITNEKLSIVKAEPDVKKLEEQLQGGQIEEV
ILQAENELSLARKMIQWKPWEPLVEEPPASQWKWPI
;
f
26 'polypeptide(L)'
;NGVELGSDFLSKMAASGLRQAAVAASTSVKPIFSRDMNEAKRRVRELYRAWYREVPNTVHLFQLDISVKQGRDKVREMFK
KNAHVTDPRVVDLLVIKGKMELEETINVWKQRTHVMRFFHETEAPRPKDFLSKFYVGHDP
;
g
27 'polypeptide(L)'
;KM(AYA)SATRLIQGLRNWASGRDLQAKLQLRYQEISKRTQPPPKLPVGPSHRLSNNYYCARDGRREAMPPSIVMSSQKV
LVAGKPAESSAVAASEKKAVSPAPPIKRWELSQDEPYL
;
h
28 'polypeptide(L)'
;MELLQVLKRGLQQVSGHGGLRGYLRVLFRANDVRVGTLVGEDKYGNKYYEDNKQFFGRHRWVIYTTEMNGKNTFWDVDGS
MVPPEWHRWLHCMTDDPPTVKPPTARKFIWTNHKFNLSGTPQQYVPYSTTRKKIQEWVPPSTPYK
;
i
29 'polypeptide(L)'
;MALRFLRLVPASAASRGLAAVPPRVGGIHTSVQRKLQYGPLAYILGEKTTKKMTENSKLITVDGNICSGK(SEP)KLAKE
VAEKLGLKHFPEAGIHYADSTTGDGKPLPVRFSGNCSLEKFYDDPKSNDGNSYRLQAWLYASRLLQYADALEHLLSTGQG
VVLERSIYSDFVFLEAMYRQGFIRKQCVDHYNQVKKVTVCEYLPPHVVIYVDVPVSEVQSRIQKKGNPHEMKITSAYLQD
IENVYKGTFLPEMSEKCEVLQYSAWEAEDAEKVVEDIQYLKYDKGPWLDQDDRKLHNLRMLVQDKLEVLNYTSIPVFLPE
VTIGAHQSDRVFQEFTELPGRKYRAGYNEDVGDKWIWLK
;
k
30 'polypeptide(L)'
;MPFFDVQKKLGVDLDHWMTIQSAEQPHRIPARCHAFEKEWIECAHGIGSIRAEKECKIEFEDFRECLLRQKTMKRLNAIK
RQRDKLIKEGKYTPPPHHSGQEDLRP
;
l
31 'polypeptide(L)'
;MAPRVAAFLKNVWAKEPVLVASFAIAGLAVILPTLSPYTKYSLMINRATPYNYPVPLRDDGNMPDVPSHPQDPQGPSLEW
LKRL
;
m
32 'polypeptide(L)'
;MAHGHGHEHGPSKMELPDYKQWKIEGTPLETVQEKLAARGLRDPWGRNEAWRYMGGFANNVSFVGALLKGFKWGFAAFVV
AVGAEYYLESQKKDKKHH
;
n
33 'polypeptide(L)'
;VTMMTGRQARAPLQFLPDEARSLPPPKLTDPRLAYIGFLGYCSGLIDNAIRRRPVLSAGLHRQFLYITSFVFVGYYLLKR
QDYMYAVRDHDMFSYIKSHPEDFPEKDKKTYREVFEEFHPVR
;
o
34 'polypeptide(L)'
;KMSFPKYEPSRLASLPTTLDPAEYDISSETRKAQAERLAIRSRLKREYQLQYNDPSRRGVVEDPALIRWTCARSANVYPN
FRPNTKTSLLGALFGIGPLIFWYYVFKTDRDRKEKLIQEGKLDRTFNISY
;
p
35 'polypeptide(L)'
;MAASKVKQDMPPVGGYGPIDYKRNLPRRGLSGYSMFAVGIGALLFGYWSMMRWNRERRRLQIEDFEARIALMPLLQAEKD
RRVLQMLRENLEEEATIMKDVPGWKVGESVFHTTRWVTPMMGELYGLRTGEEILSSTYGFIWYT
;
q
36 'polypeptide(L)'
;MSGYTPDEKLRLQQLRELRRRWLKDQELSPREPVLPPRRVSPVERFWNKFLQDGALWKNVIYKTYRHSIFAFTHVLIPVW
IIHYYLKYHVTTKPYTIVEKKPRIFPGDTILETGEVIPPMKEFPDQHH
;
r
37 'polypeptide(L)'
;MGAHLARRYLGDASVEPEPLRMPTFPPDYGFPERKEREMVATQQEMNDAQLVLQQRDYCAHYLIRFLKCKRDSFPNFLAC
KHEQHDWDYCEHLDYVKRMKEFERERRLLQRKKRREQREADMAKGLGPGEVAPEVAL
;
s
38 'polypeptide(L)'
;MAFLPSAAYLTHQQKVLQLYKRALRHLESRCVHRDKYRYFACLLRARFDEHKNEKDMVKATQLLREAEKEFWHGQHPQPY
IFPESPGGTSYERYECYKVPEWCLDDWHPSEKAMYPDYFAKREQWKKLRRESWEREVKQLQEETPVGGPRTEALPPARKQ
GDLPPLWWHIVTRPRERPM
;
t
39 'polypeptide(L)'
;MAGMSALKRLAPFAHVGGHLFRGRCARAVGAGGVRRAGGGAHIEPRYRQFPQLTRSQVIQAEFFSATMWFWILWRFWHDS
DAVLGHFPYPDPSQWTDEELGIPPDDED
;
u
40 'polypeptide(L)'
;MAAARAGVLGIRWLQKAARNVVPLGARTASHITKDMLPGPYPKTPEERAAAAKKYNMRVEDYEPYPDDGMGYGDYPKLPD
RSQQERDPWYDWDHPDLRLNWGEPMHWDLDMYIRNRVDTSPTPVNWNLMCKHLFGFVAFMLFMFWVGETYPTYQPVGPKQ
YPYNNLYLERGGDPNKEPEPVVHYEI
;
v
41 'polypeptide(L)'
;MAAGMLGLCGRRLLAVAATRGLPAASVRWESSSSRAVIAPSTLAGKRPSEPTLRWQEDPEPEDENLYEKNPDSHGYDKDP
AVDVWNMRVVFFFGFSIVLVLGSTFVAYLPDYRMQEWARREAERLVKYREAHGLPLMESNCFDPSKIQLPEDED
;
w
42 'polypeptide(L)' MAPSAFLRPFWKLLAPARFPSVSSSRSKFYIQEPPHGSPNWLKVGLTLGTSAFLWIYLIKQHNEDVLEYKRRNGLE x
43 'polypeptide(L)' MMNLLQVVRDHWIHVLVPVGFVFGYYLDRKNDEKLAAFRNKSLLYKRELKPQEEVTWK y
44 'polypeptide(L)' MWFEVLPGIAVMGVCLFIPGMATARIHRFSNGGREKRVAHYSYQWYLMERDRRVSGVNRYYVSKGLENID z
#
loop_
_chem_comp.id
_chem_comp.type
_chem_comp.name
_chem_comp.formula
3PE non-polymer 1,2-Distearoyl-sn-glycerophosphoethanolamine 'C41 H82 N O8 P'
970 non-polymer (2R,6aS,12aS)-8,9-dimethoxy-2-(prop-1-en-2-yl)-1,2,12,12a-tetrahydrofuro[2',3':7,8][1]benzopyrano[2,3-c][1]benzopyran-6(6aH)-one 'C23 H22 O6'
AMP non-polymer 'ADENOSINE MONOPHOSPHATE' 'C10 H14 N5 O7 P'
CDL non-polymer CARDIOLIPIN 'C81 H156 O17 P2 -2'
FES non-polymer 'FE2/S2 (INORGANIC) CLUSTER' 'Fe2 S2'
FMN non-polymer 'FLAVIN MONONUCLEOTIDE' 'C17 H21 N4 O9 P'
K non-polymer 'POTASSIUM ION' 'K 1'
MYR non-polymer 'MYRISTIC ACID' 'C14 H28 O2'
NAI non-polymer '1,4-DIHYDRONICOTINAMIDE ADENINE DINUCLEOTIDE' 'C21 H29 N7 O14 P2'
NDP non-polymer 'NADPH DIHYDRO-NICOTINAMIDE-ADENINE-DINUCLEOTIDE PHOSPHATE' 'C21 H30 N7 O17 P3'
PC1 non-polymer 1,2-DIACYL-SN-GLYCERO-3-PHOSPHOCHOLINE 'C44 H88 N O8 P'
SF4 non-polymer 'IRON/SULFUR CLUSTER' 'Fe4 S4'
ZMP non-polymer 'S-[2-({N-[(2S)-2-hydroxy-3,3-dimethyl-4-(phosphonooxy)butanoyl]-beta-alanyl}amino)ethyl] tetradecanethioate' 'C25 H49 N2 O8 P S'
ZN non-polymer 'ZINC ION' 'Zn 2'
#
# COMPACT_ATOMS: atom_id res chain seq x y z
N LYS A 29 87.26 41.90 87.18
CA LYS A 29 86.43 41.71 88.35
C LYS A 29 85.41 40.61 88.13
N THR A 30 85.52 39.54 88.92
CA THR A 30 84.59 38.42 88.85
C THR A 30 83.68 38.32 90.06
N SER A 31 84.11 38.81 91.22
CA SER A 31 83.31 38.78 92.43
C SER A 31 82.53 40.09 92.56
N PHE A 32 81.24 39.97 92.84
CA PHE A 32 80.36 41.12 92.93
C PHE A 32 79.61 41.10 94.25
N GLY A 33 79.01 42.24 94.57
CA GLY A 33 78.53 42.47 95.92
C GLY A 33 79.62 43.14 96.74
N SER A 34 79.35 43.21 98.04
CA SER A 34 80.16 43.95 99.03
C SER A 34 80.36 45.39 98.60
N LEU A 35 79.24 46.07 98.37
CA LEU A 35 79.25 47.48 98.02
C LEU A 35 79.48 48.32 99.26
N LYS A 36 80.48 49.19 99.21
CA LYS A 36 80.93 49.93 100.38
C LYS A 36 80.11 51.20 100.57
N ASP A 37 80.16 51.74 101.79
CA ASP A 37 79.37 52.91 102.18
C ASP A 37 79.77 54.18 101.45
N GLU A 38 80.94 54.21 100.80
CA GLU A 38 81.35 55.38 100.03
C GLU A 38 80.77 55.41 98.63
N ASP A 39 80.48 54.24 98.04
CA ASP A 39 79.94 54.16 96.69
C ASP A 39 78.42 54.06 96.67
N ARG A 40 77.76 54.39 97.77
CA ARG A 40 76.31 54.35 97.82
C ARG A 40 75.76 55.62 97.22
N ILE A 41 74.96 55.49 96.16
CA ILE A 41 74.25 56.64 95.63
C ILE A 41 73.18 57.10 96.60
N PHE A 42 72.43 56.16 97.17
CA PHE A 42 71.36 56.50 98.10
C PHE A 42 71.86 56.44 99.54
N THR A 43 72.82 57.31 99.83
CA THR A 43 73.07 57.69 101.21
C THR A 43 71.85 58.39 101.77
N ASN A 44 71.64 58.24 103.08
CA ASN A 44 70.38 58.56 103.76
C ASN A 44 69.21 57.84 103.10
N LEU A 45 69.37 56.52 102.91
CA LEU A 45 68.24 55.69 102.54
C LEU A 45 67.32 55.46 103.72
N TYR A 46 67.86 55.51 104.93
CA TYR A 46 67.18 55.03 106.13
C TYR A 46 66.48 56.13 106.90
N GLY A 47 66.52 57.37 106.42
CA GLY A 47 65.93 58.46 107.18
C GLY A 47 66.70 58.85 108.41
N ARG A 48 67.96 58.46 108.52
CA ARG A 48 68.77 58.77 109.69
C ARG A 48 69.34 60.18 109.65
N HIS A 49 69.26 60.85 108.51
CA HIS A 49 69.77 62.21 108.36
C HIS A 49 68.62 63.12 107.96
N ASP A 50 68.93 64.41 107.86
CA ASP A 50 67.93 65.40 107.46
C ASP A 50 67.64 65.25 105.97
N TRP A 51 66.39 64.91 105.65
CA TRP A 51 65.97 64.82 104.25
C TRP A 51 65.77 66.18 103.60
N ARG A 52 65.80 67.26 104.37
CA ARG A 52 65.53 68.59 103.84
C ARG A 52 66.76 69.12 103.10
N LEU A 53 66.74 70.42 102.76
CA LEU A 53 67.79 70.98 101.91
C LEU A 53 69.12 71.09 102.65
N LYS A 54 69.07 71.40 103.95
CA LYS A 54 70.30 71.54 104.73
C LYS A 54 70.99 70.20 104.94
N GLY A 55 70.26 69.10 104.87
CA GLY A 55 70.85 67.79 104.94
C GLY A 55 71.28 67.28 103.58
N ALA A 56 70.47 67.53 102.56
CA ALA A 56 70.78 67.04 101.22
C ALA A 56 71.94 67.78 100.59
N GLN A 57 72.16 69.05 100.96
CA GLN A 57 73.34 69.75 100.48
C GLN A 57 74.62 69.25 101.13
N SER A 58 74.52 68.67 102.33
CA SER A 58 75.68 68.11 103.01
C SER A 58 76.04 66.71 102.53
N ARG A 59 75.37 66.18 101.50
CA ARG A 59 75.62 64.83 101.02
C ARG A 59 75.94 64.76 99.53
N GLY A 60 76.03 65.89 98.83
CA GLY A 60 76.38 65.91 97.43
C GLY A 60 75.25 66.30 96.51
N ASP A 61 74.01 66.29 96.98
CA ASP A 61 72.89 66.72 96.16
C ASP A 61 72.94 68.23 95.97
N TRP A 62 72.54 68.66 94.76
CA TRP A 62 72.56 70.06 94.31
C TRP A 62 73.96 70.67 94.36
N TYR A 63 74.97 69.88 94.07
CA TYR A 63 76.34 70.36 93.97
C TYR A 63 76.73 70.40 92.50
N LYS A 64 77.13 71.59 92.04
CA LYS A 64 77.54 71.86 90.65
C LYS A 64 76.46 71.47 89.65
N THR A 65 75.21 71.65 90.02
CA THR A 65 74.10 71.35 89.12
C THR A 65 74.09 72.30 87.94
N LYS A 66 74.49 73.56 88.17
CA LYS A 66 74.58 74.55 87.09
C LYS A 66 75.60 74.12 86.04
N GLU A 67 76.74 73.60 86.48
CA GLU A 67 77.75 73.12 85.54
C GLU A 67 77.36 71.82 84.87
N ILE A 68 76.46 71.05 85.47
CA ILE A 68 75.88 69.92 84.75
C ILE A 68 74.95 70.41 83.65
N LEU A 69 74.10 71.39 83.96
CA LEU A 69 73.08 71.81 83.01
C LEU A 69 73.67 72.64 81.87
N LEU A 70 74.72 73.43 82.13
CA LEU A 70 75.31 74.25 81.08
C LEU A 70 76.06 73.43 80.03
N LYS A 71 76.38 72.17 80.32
CA LYS A 71 77.11 71.34 79.37
C LYS A 71 76.21 70.62 78.37
N GLY A 72 74.97 71.09 78.19
CA GLY A 72 74.13 70.62 77.11
C GLY A 72 73.49 69.28 77.36
N PRO A 73 72.50 68.93 76.53
CA PRO A 73 71.88 67.60 76.64
C PRO A 73 72.80 66.50 76.18
N ASP A 74 73.67 66.79 75.21
CA ASP A 74 74.46 65.75 74.56
C ASP A 74 75.49 65.15 75.50
N TRP A 75 76.12 65.98 76.34
CA TRP A 75 77.08 65.46 77.31
C TRP A 75 76.40 64.63 78.37
N ILE A 76 75.21 65.04 78.80
CA ILE A 76 74.46 64.29 79.81
C ILE A 76 74.05 62.93 79.27
N LEU A 77 73.52 62.92 78.03
CA LEU A 77 73.11 61.66 77.42
C LEU A 77 74.31 60.78 77.09
N GLY A 78 75.46 61.39 76.78
CA GLY A 78 76.68 60.61 76.60
C GLY A 78 77.16 59.98 77.89
N GLU A 79 77.01 60.68 79.02
CA GLU A 79 77.42 60.09 80.30
C GLU A 79 76.46 59.01 80.74
N VAL A 80 75.17 59.14 80.41
CA VAL A 80 74.21 58.12 80.83
C VAL A 80 74.34 56.87 79.95
N LYS A 81 74.54 57.04 78.63
CA LYS A 81 74.82 55.90 77.77
C LYS A 81 76.18 55.29 78.07
N THR A 82 77.12 56.10 78.56
CA THR A 82 78.40 55.57 79.03
C THR A 82 78.21 54.74 80.29
N SER A 83 77.32 55.17 81.18
CA SER A 83 77.19 54.58 82.51
C SER A 83 76.53 53.22 82.52
N GLY A 84 75.99 52.76 81.39
CA GLY A 84 75.35 51.46 81.34
C GLY A 84 74.08 51.34 82.15
N LEU A 85 73.48 52.48 82.53
CA LEU A 85 72.26 52.48 83.32
C LEU A 85 71.11 51.92 82.50
N ARG A 86 70.51 50.85 82.99
CA ARG A 86 69.33 50.28 82.37
C ARG A 86 68.11 50.70 83.18
N GLY A 87 66.95 50.16 82.79
CA GLY A 87 65.71 50.58 83.40
C GLY A 87 65.53 50.06 84.81
N ARG A 88 65.56 50.97 85.78
CA ARG A 88 65.34 50.59 87.17
C ARG A 88 63.87 50.44 87.52
N GLY A 89 62.97 50.67 86.56
CA GLY A 89 61.58 50.36 86.79
C GLY A 89 61.33 48.87 86.85
N GLY A 90 62.08 48.10 86.07
CA GLY A 90 61.93 46.67 86.06
C GLY A 90 62.06 46.02 84.70
N ALA A 91 61.70 46.75 83.65
CA ALA A 91 61.86 46.21 82.31
C ALA A 91 63.31 46.18 81.86
N GLY A 92 64.11 47.15 82.30
CA GLY A 92 65.53 47.14 82.00
C GLY A 92 65.91 47.60 80.62
N PHE A 93 65.22 48.59 80.09
CA PHE A 93 65.63 49.18 78.82
C PHE A 93 66.82 50.11 79.07
N PRO A 94 67.75 50.21 78.12
CA PRO A 94 68.91 51.12 78.29
C PRO A 94 68.46 52.58 78.38
N THR A 95 68.75 53.20 79.52
CA THR A 95 68.13 54.46 79.90
C THR A 95 68.57 55.61 79.03
N GLY A 96 69.85 55.68 78.67
CA GLY A 96 70.33 56.77 77.85
C GLY A 96 69.85 56.70 76.41
N LEU A 97 69.77 55.49 75.86
CA LEU A 97 69.17 55.29 74.54
C LEU A 97 67.69 55.66 74.55
N LYS A 98 67.01 55.36 75.67
CA LYS A 98 65.62 55.75 75.84
C LYS A 98 65.45 57.26 75.90
N TRP A 99 66.33 57.93 76.65
CA TRP A 99 66.22 59.38 76.80
C TRP A 99 66.69 60.11 75.55
N SER A 100 67.49 59.47 74.71
CA SER A 100 67.91 60.09 73.45
C SER A 100 66.80 60.11 72.41
N PHE A 101 65.70 59.39 72.63
CA PHE A 101 64.56 59.43 71.72
C PHE A 101 63.82 60.76 71.78
N MET A 102 64.06 61.54 72.83
CA MET A 102 63.57 62.90 72.96
C MET A 102 64.56 63.93 72.42
N ASN A 103 65.81 63.52 72.17
CA ASN A 103 66.83 64.41 71.63
C ASN A 103 66.54 64.59 70.14
N LYS A 104 65.64 65.51 69.85
CA LYS A 104 65.09 65.69 68.52
C LYS A 104 64.59 67.13 68.40
N PRO A 105 64.49 67.68 67.19
CA PRO A 105 64.12 69.09 67.07
C PRO A 105 62.66 69.35 67.41
N SER A 106 62.42 70.55 67.93
CA SER A 106 61.09 70.93 68.37
C SER A 106 60.16 71.17 67.19
N ASP A 107 58.92 70.74 67.34
CA ASP A 107 57.90 70.92 66.31
C ASP A 107 56.63 71.51 66.91
N GLY A 108 56.77 72.57 67.71
CA GLY A 108 55.65 73.30 68.27
C GLY A 108 55.16 72.78 69.60
N ARG A 109 55.16 71.47 69.80
CA ARG A 109 54.69 70.89 71.04
C ARG A 109 55.77 71.01 72.12
N PRO A 110 55.37 71.21 73.38
CA PRO A 110 56.35 71.16 74.46
C PRO A 110 56.77 69.73 74.74
N LYS A 111 57.75 69.58 75.62
CA LYS A 111 58.24 68.27 76.00
C LYS A 111 58.21 68.13 77.51
N TYR A 112 58.01 66.90 77.96
CA TYR A 112 57.82 66.64 79.38
C TYR A 112 58.63 65.45 79.81
N LEU A 113 59.22 65.55 81.00
CA LEU A 113 59.69 64.39 81.73
C LEU A 113 58.58 63.98 82.69
N VAL A 114 58.32 62.69 82.76
CA VAL A 114 57.34 62.17 83.70
C VAL A 114 58.03 61.11 84.55
N VAL A 115 57.90 61.22 85.87
CA VAL A 115 58.64 60.38 86.79
C VAL A 115 57.67 59.38 87.40
N ASN A 116 57.91 58.10 87.12
CA ASN A 116 57.00 57.03 87.49
C ASN A 116 57.24 56.67 88.96
N ALA A 117 56.36 57.15 89.82
CA ALA A 117 56.46 56.96 91.26
C ALA A 117 55.30 56.15 91.82
N ASP A 118 54.63 55.37 90.97
CA ASP A 118 53.42 54.68 91.40
C ASP A 118 53.74 53.54 92.35
N GLU A 119 54.58 52.59 91.91
CA GLU A 119 55.18 51.54 92.74
C GLU A 119 54.11 50.64 93.38
N GLY A 120 53.32 50.01 92.51
CA GLY A 120 52.28 49.14 93.00
C GLY A 120 52.67 47.69 93.13
N GLU A 121 53.93 47.38 92.91
CA GLU A 121 54.35 45.99 92.78
C GLU A 121 54.50 45.34 94.16
N PRO A 122 53.87 44.20 94.40
CA PRO A 122 54.09 43.47 95.66
C PRO A 122 55.54 43.02 95.78
N GLY A 123 56.12 43.29 96.95
CA GLY A 123 57.53 43.15 97.17
C GLY A 123 58.28 44.45 97.06
N THR A 124 57.80 45.39 96.26
CA THR A 124 58.55 46.59 95.90
C THR A 124 58.12 47.75 96.78
N CYS A 125 59.04 48.26 97.59
CA CYS A 125 58.79 49.39 98.48
C CYS A 125 60.00 50.31 98.57
N LYS A 126 60.74 50.46 97.47
CA LYS A 126 61.96 51.24 97.46
C LYS A 126 61.80 52.68 96.96
N ASP A 127 60.92 52.93 95.99
CA ASP A 127 60.75 54.30 95.51
C ASP A 127 59.98 55.14 96.52
N ARG A 128 59.17 54.49 97.36
CA ARG A 128 58.66 55.11 98.57
C ARG A 128 59.80 55.66 99.44
N GLU A 129 60.87 54.88 99.59
CA GLU A 129 62.01 55.33 100.38
C GLU A 129 62.77 56.44 99.69
N ILE A 130 62.83 56.42 98.35
CA ILE A 130 63.54 57.48 97.64
C ILE A 130 62.76 58.79 97.72
N ILE A 131 61.43 58.74 97.60
CA ILE A 131 60.62 59.95 97.72
C ILE A 131 60.64 60.46 99.15
N ARG A 132 60.53 59.57 100.13
CA ARG A 132 60.39 60.01 101.51
C ARG A 132 61.71 60.47 102.11
N HIS A 133 62.85 59.90 101.71
CA HIS A 133 64.11 60.13 102.40
C HIS A 133 65.16 60.87 101.60
N ASP A 134 65.18 60.74 100.27
CA ASP A 134 66.07 61.52 99.42
C ASP A 134 65.26 62.25 98.35
N PRO A 135 64.50 63.29 98.72
CA PRO A 135 63.61 63.90 97.75
C PRO A 135 64.34 64.87 96.84
N HIS A 136 65.33 65.57 97.39
CA HIS A 136 66.11 66.53 96.60
C HIS A 136 66.95 65.83 95.55
N LYS A 137 67.34 64.58 95.81
CA LYS A 137 67.99 63.77 94.79
C LYS A 137 67.03 63.49 93.63
N LEU A 138 65.74 63.28 93.95
CA LEU A 138 64.75 63.11 92.89
C LEU A 138 64.49 64.41 92.13
N VAL A 139 64.49 65.55 92.83
CA VAL A 139 64.23 66.82 92.15
C VAL A 139 65.40 67.20 91.26
N GLU A 140 66.63 66.98 91.73
CA GLU A 140 67.80 67.19 90.89
C GLU A 140 67.85 66.18 89.73
N GLY A 141 67.36 64.97 89.96
CA GLY A 141 67.22 64.02 88.87
C GLY A 141 66.22 64.48 87.82
N CYS A 142 65.10 65.06 88.26
CA CYS A 142 64.12 65.62 87.34
C CYS A 142 64.74 66.75 86.53
N LEU A 143 65.53 67.61 87.17
CA LEU A 143 66.14 68.74 86.49
C LEU A 143 67.17 68.29 85.46
N VAL A 144 68.07 67.38 85.86
CA VAL A 144 69.11 66.91 84.95
C VAL A 144 68.52 66.07 83.81
N GLY A 145 67.52 65.24 84.12
CA GLY A 145 66.90 64.43 83.08
C GLY A 145 66.09 65.26 82.11
N GLY A 146 65.33 66.24 82.61
CA GLY A 146 64.60 67.14 81.73
C GLY A 146 65.50 68.04 80.91
N ARG A 147 66.68 68.37 81.44
CA ARG A 147 67.65 69.09 80.62
C ARG A 147 68.23 68.18 79.54
N ALA A 148 68.39 66.88 79.86
CA ALA A 148 68.93 65.92 78.89
C ALA A 148 67.99 65.71 77.72
N MET A 149 66.68 65.92 77.92
CA MET A 149 65.70 65.65 76.89
C MET A 149 64.94 66.89 76.45
N GLY A 150 65.34 68.07 76.92
CA GLY A 150 64.67 69.30 76.55
C GLY A 150 63.28 69.44 77.13
N ALA A 151 63.02 68.77 78.24
CA ALA A 151 61.68 68.75 78.81
C ALA A 151 61.36 70.06 79.50
N ARG A 152 60.12 70.52 79.32
CA ARG A 152 59.71 71.79 79.91
C ARG A 152 59.54 71.67 81.42
N ALA A 153 58.92 70.60 81.88
CA ALA A 153 58.64 70.44 83.30
C ALA A 153 58.73 68.97 83.67
N ALA A 154 58.31 68.65 84.89
CA ALA A 154 58.35 67.28 85.40
C ALA A 154 57.07 67.00 86.16
N TYR A 155 56.28 66.05 85.67
CA TYR A 155 55.13 65.53 86.40
C TYR A 155 55.58 64.25 87.11
N ILE A 156 55.61 64.29 88.44
CA ILE A 156 55.97 63.13 89.24
C ILE A 156 54.67 62.48 89.68
N TYR A 157 54.31 61.38 89.03
CA TYR A 157 53.07 60.68 89.34
C TYR A 157 53.30 59.80 90.56
N ILE A 158 53.00 60.32 91.71
CA ILE A 158 53.18 59.56 92.93
C ILE A 158 51.90 58.78 93.19
N ARG A 159 52.03 57.70 93.96
CA ARG A 159 50.88 56.90 94.36
C ARG A 159 50.00 57.69 95.32
N GLY A 160 48.68 57.54 95.18
CA GLY A 160 47.76 58.20 96.07
C GLY A 160 47.81 57.67 97.49
N GLU A 161 48.21 56.41 97.67
CA GLU A 161 48.42 55.88 99.01
C GLU A 161 49.61 56.52 99.70
N PHE A 162 50.58 57.03 98.94
CA PHE A 162 51.75 57.68 99.52
C PHE A 162 51.45 59.15 99.75
N TYR A 163 50.61 59.41 100.75
CA TYR A 163 50.22 60.79 101.02
C TYR A 163 51.32 61.55 101.76
N ASN A 164 51.89 60.90 102.79
CA ASN A 164 52.98 61.51 103.54
C ASN A 164 54.20 61.73 102.65
N GLU A 165 54.47 60.77 101.75
CA GLU A 165 55.54 60.91 100.79
C GLU A 165 55.28 62.03 99.81
N ALA A 166 54.01 62.25 99.44
CA ALA A 166 53.69 63.31 98.49
C ALA A 166 53.82 64.69 99.12
N SER A 167 53.32 64.85 100.34
CA SER A 167 53.51 66.11 101.07
C SER A 167 54.99 66.35 101.36
N ASN A 168 55.73 65.27 101.63
CA ASN A 168 57.17 65.32 101.86
C ASN A 168 57.90 65.82 100.62
N LEU A 169 57.53 65.29 99.46
CA LEU A 169 58.15 65.70 98.20
C LEU A 169 57.74 67.12 97.82
N GLN A 170 56.51 67.53 98.10
CA GLN A 170 56.13 68.92 97.84
C GLN A 170 56.84 69.90 98.77
N VAL A 171 57.13 69.50 100.01
CA VAL A 171 57.97 70.33 100.88
C VAL A 171 59.35 70.51 100.28
N ALA A 172 59.94 69.40 99.80
CA ALA A 172 61.28 69.50 99.20
C ALA A 172 61.27 70.27 97.88
N ILE A 173 60.17 70.20 97.13
CA ILE A 173 60.06 70.97 95.89
C ILE A 173 59.89 72.46 96.20
N ARG A 174 59.20 72.79 97.29
CA ARG A 174 59.14 74.18 97.74
C ARG A 174 60.51 74.67 98.19
N GLU A 175 61.30 73.79 98.82
CA GLU A 175 62.66 74.15 99.18
C GLU A 175 63.54 74.34 97.95
N ALA A 176 63.27 73.59 96.88
CA ALA A 176 64.03 73.74 95.65
C ALA A 176 63.65 75.02 94.90
N TYR A 177 62.37 75.40 94.94
CA TYR A 177 61.98 76.66 94.31
C TYR A 177 62.47 77.87 95.09
N GLU A 178 62.37 77.82 96.43
CA GLU A 178 62.74 78.99 97.23
C GLU A 178 64.24 79.20 97.26
N ALA A 179 65.03 78.15 97.04
CA ALA A 179 66.46 78.31 96.83
C ALA A 179 66.80 78.66 95.39
N GLY A 180 65.80 78.73 94.50
CA GLY A 180 66.07 79.00 93.10
C GLY A 180 66.70 77.85 92.36
N LEU A 181 66.65 76.65 92.93
CA LEU A 181 67.26 75.50 92.27
C LEU A 181 66.44 75.05 91.07
N ILE A 182 65.12 75.22 91.10
CA ILE A 182 64.26 74.84 90.00
C ILE A 182 63.29 75.97 89.69
N GLY A 183 62.73 75.92 88.49
CA GLY A 183 61.71 76.87 88.08
C GLY A 183 62.27 77.90 87.13
N LYS A 184 62.00 79.18 87.39
CA LYS A 184 62.61 80.26 86.65
C LYS A 184 64.09 80.31 86.94
N ASN A 185 64.90 80.21 85.88
CA ASN A 185 66.37 80.28 85.92
C ASN A 185 66.93 79.20 86.85
N ALA A 186 66.76 77.95 86.42
CA ALA A 186 67.04 76.80 87.26
C ALA A 186 68.53 76.68 87.55
N CYS A 187 68.89 76.87 88.82
CA CYS A 187 70.27 76.85 89.34
C CYS A 187 71.17 77.88 88.65
N GLY A 188 70.61 78.96 88.13
CA GLY A 188 71.40 79.96 87.45
C GLY A 188 71.92 79.54 86.09
N SER A 189 71.31 78.55 85.46
CA SER A 189 71.74 78.07 84.16
C SER A 189 70.92 78.63 83.01
N GLY A 190 69.94 79.49 83.30
CA GLY A 190 69.08 80.01 82.26
C GLY A 190 68.07 79.04 81.70
N TYR A 191 67.84 77.91 82.36
CA TYR A 191 66.86 76.93 81.93
C TYR A 191 65.61 77.08 82.80
N ASP A 192 64.45 76.88 82.19
CA ASP A 192 63.17 76.98 82.89
C ASP A 192 62.59 75.59 83.05
N PHE A 193 62.41 75.15 84.30
CA PHE A 193 61.98 73.78 84.53
C PHE A 193 61.15 73.70 85.81
N ASP A 194 59.85 73.52 85.67
CA ASP A 194 58.96 73.27 86.79
C ASP A 194 58.99 71.79 87.18
N VAL A 195 58.57 71.49 88.39
CA VAL A 195 58.45 70.11 88.87
C VAL A 195 57.10 69.99 89.55
N PHE A 196 56.24 69.14 89.00
CA PHE A 196 54.88 68.92 89.50
C PHE A 196 54.79 67.55 90.15
N VAL A 197 53.93 67.43 91.16
CA VAL A 197 53.57 66.14 91.73
C VAL A 197 52.08 65.92 91.51
N VAL A 198 51.74 64.87 90.78
CA VAL A 198 50.35 64.48 90.53
C VAL A 198 50.10 63.21 91.32
N ARG A 199 49.10 63.23 92.19
CA ARG A 199 48.82 62.07 93.02
C ARG A 199 47.86 61.11 92.32
N GLY A 200 48.15 59.82 92.47
CA GLY A 200 47.30 58.78 91.93
C GLY A 200 46.06 58.57 92.77
N ALA A 201 45.35 57.49 92.43
CA ALA A 201 44.10 57.24 93.14
C ALA A 201 43.89 55.76 93.44
N GLY A 202 44.96 54.98 93.56
CA GLY A 202 44.81 53.58 93.93
C GLY A 202 44.58 52.65 92.76
N ALA A 203 45.53 52.61 91.83
CA ALA A 203 45.46 51.68 90.71
C ALA A 203 46.87 51.24 90.37
N TYR A 204 47.12 49.93 90.46
CA TYR A 204 48.41 49.37 90.09
C TYR A 204 48.70 49.51 88.60
N ILE A 205 47.66 49.58 87.77
CA ILE A 205 47.87 49.73 86.34
C ILE A 205 48.43 51.10 85.97
N CYS A 206 48.21 52.11 86.81
CA CYS A 206 48.72 53.45 86.53
C CYS A 206 50.20 53.60 86.82
N GLY A 207 50.95 52.51 86.97
CA GLY A 207 52.38 52.53 86.98
C GLY A 207 52.98 52.20 85.64
N GLU A 208 52.23 51.47 84.82
CA GLU A 208 52.59 51.35 83.41
C GLU A 208 52.51 52.72 82.77
N GLU A 209 53.43 52.99 81.84
CA GLU A 209 53.74 54.37 81.48
C GLU A 209 52.59 55.03 80.72
N THR A 210 51.91 54.29 79.85
CA THR A 210 50.83 54.91 79.08
C THR A 210 49.56 55.00 79.89
N ALA A 211 49.27 54.00 80.74
CA ALA A 211 48.17 54.12 81.67
C ALA A 211 48.39 55.22 82.67
N LEU A 212 49.65 55.47 83.03
CA LEU A 212 49.99 56.61 83.88
C LEU A 212 49.72 57.93 83.15
N ILE A 213 50.09 58.00 81.86
CA ILE A 213 49.79 59.16 81.04
C ILE A 213 48.30 59.44 81.00
N GLU A 214 47.50 58.39 80.81
CA GLU A 214 46.04 58.55 80.81
C GLU A 214 45.52 58.94 82.18
N SER A 215 46.17 58.48 83.24
CA SER A 215 45.82 58.91 84.59
C SER A 215 46.22 60.36 84.87
N ILE A 216 47.19 60.90 84.12
CA ILE A 216 47.47 62.33 84.23
C ILE A 216 46.42 63.12 83.47
N GLU A 217 45.98 62.63 82.32
CA GLU A 217 45.01 63.29 81.46
C GLU A 217 43.57 63.26 82.00
N GLY A 218 43.32 62.89 83.25
CA GLY A 218 41.99 62.95 83.82
C GLY A 218 41.07 61.87 83.33
N LYS A 219 41.62 60.73 82.95
CA LYS A 219 40.89 59.62 82.38
C LYS A 219 41.16 58.36 83.20
N GLN A 220 40.38 57.32 82.88
CA GLN A 220 40.69 55.98 83.35
C GLN A 220 42.11 55.58 82.98
N GLY A 221 42.78 54.91 83.91
CA GLY A 221 44.14 54.46 83.72
C GLY A 221 44.26 53.25 82.82
N LYS A 222 43.80 53.38 81.59
CA LYS A 222 43.88 52.30 80.61
C LYS A 222 45.08 52.54 79.71
N PRO A 223 45.96 51.55 79.56
CA PRO A 223 47.18 51.74 78.77
C PRO A 223 46.91 51.96 77.29
N ARG A 224 47.74 52.80 76.69
CA ARG A 224 47.72 53.00 75.25
C ARG A 224 48.45 51.86 74.56
N LEU A 225 48.38 51.85 73.24
CA LEU A 225 49.06 50.85 72.43
C LEU A 225 50.34 51.44 71.87
N LYS A 226 51.36 50.59 71.75
CA LYS A 226 52.66 51.02 71.28
C LYS A 226 52.97 50.38 69.93
N PRO A 227 53.39 51.16 68.92
CA PRO A 227 53.57 52.62 68.89
C PRO A 227 52.23 53.36 68.73
N PRO A 228 52.16 54.65 69.07
CA PRO A 228 53.15 55.65 69.55
C PRO A 228 53.77 55.40 70.93
N PHE A 229 55.09 55.30 70.94
CA PHE A 229 55.83 55.39 72.18
C PHE A 229 55.76 56.82 72.70
N PRO A 230 55.86 57.03 74.01
CA PRO A 230 55.64 58.38 74.57
C PRO A 230 56.62 59.44 74.10
N ALA A 231 57.77 59.06 73.54
CA ALA A 231 58.67 60.03 72.93
C ALA A 231 58.08 60.68 71.69
N ASP A 232 57.07 60.07 71.08
CA ASP A 232 56.33 60.68 69.97
C ASP A 232 55.02 61.29 70.46
N VAL A 233 54.17 60.50 71.08
CA VAL A 233 52.91 60.96 71.66
C VAL A 233 52.85 60.42 73.08
N GLY A 234 52.99 61.32 74.05
CA GLY A 234 53.00 60.91 75.44
C GLY A 234 51.95 61.66 76.24
N VAL A 235 52.38 62.36 77.29
CA VAL A 235 51.43 63.06 78.14
C VAL A 235 50.93 64.30 77.41
N PHE A 236 49.60 64.40 77.29
CA PHE A 236 48.84 65.42 76.57
C PHE A 236 49.13 65.43 75.07
N GLY A 237 49.73 64.38 74.53
CA GLY A 237 50.12 64.37 73.14
C GLY A 237 51.50 64.91 72.85
N CYS A 238 52.23 65.28 73.85
CA CYS A 238 53.56 65.84 73.76
C CYS A 238 54.59 64.73 73.74
N PRO A 239 55.80 65.00 73.27
CA PRO A 239 56.91 64.07 73.52
C PRO A 239 57.18 63.94 75.00
N THR A 240 57.48 62.72 75.44
CA THR A 240 57.45 62.37 76.85
C THR A 240 58.43 61.22 77.11
N THR A 241 59.15 61.27 78.21
CA THR A 241 59.83 60.09 78.74
C THR A 241 59.29 59.80 80.13
N VAL A 242 58.81 58.58 80.31
CA VAL A 242 58.43 58.08 81.63
C VAL A 242 59.56 57.18 82.12
N ALA A 243 60.17 57.56 83.24
CA ALA A 243 61.22 56.77 83.85
C ALA A 243 60.93 56.60 85.34
N ASN A 244 61.54 55.57 85.92
CA ASN A 244 61.36 55.27 87.34
C ASN A 244 62.05 56.32 88.19
N VAL A 245 61.63 56.38 89.46
CA VAL A 245 62.26 57.27 90.44
C VAL A 245 63.72 56.89 90.65
N GLU A 246 64.02 55.58 90.63
CA GLU A 246 65.40 55.15 90.85
C GLU A 246 66.29 55.53 89.68
N THR A 247 65.83 55.31 88.45
CA THR A 247 66.65 55.64 87.29
C THR A 247 66.57 57.11 86.91
N VAL A 248 65.81 57.91 87.63
CA VAL A 248 65.90 59.37 87.52
C VAL A 248 66.81 59.94 88.61
N ALA A 249 66.69 59.42 89.83
CA ALA A 249 67.43 59.97 90.96
C ALA A 249 68.92 59.64 90.91
N VAL A 250 69.28 58.51 90.28
CA VAL A 250 70.70 58.20 90.18
C VAL A 250 71.39 58.92 89.05
N SER A 251 70.66 59.65 88.22
CA SER A 251 71.26 60.34 87.08
C SER A 251 72.16 61.54 87.42
N PRO A 252 71.90 62.40 88.47
CA PRO A 252 72.90 63.44 88.75
C PRO A 252 74.14 62.87 89.42
N THR A 253 73.99 61.77 90.14
CA THR A 253 75.17 61.10 90.70
C THR A 253 76.01 60.49 89.58
N ILE A 254 75.37 60.01 88.51
CA ILE A 254 76.10 59.57 87.33
C ILE A 254 76.78 60.75 86.65
N CYS A 255 76.07 61.86 86.48
CA CYS A 255 76.63 63.01 85.77
C CYS A 255 77.67 63.76 86.59
N ARG A 256 77.73 63.53 87.90
CA ARG A 256 78.82 64.06 88.72
C ARG A 256 80.00 63.10 88.77
N ARG A 257 79.75 61.85 89.17
CA ARG A 257 80.84 60.88 89.34
C ARG A 257 81.41 60.40 88.02
N GLY A 258 80.70 60.58 86.91
CA GLY A 258 81.15 60.04 85.65
C GLY A 258 80.41 58.76 85.29
N GLY A 259 80.48 58.41 84.01
CA GLY A 259 79.79 57.23 83.54
C GLY A 259 80.49 55.94 83.87
N ALA A 260 81.81 55.90 83.65
CA ALA A 260 82.57 54.66 83.78
C ALA A 260 82.69 54.20 85.22
N TRP A 261 82.61 55.13 86.18
CA TRP A 261 82.59 54.77 87.59
C TRP A 261 81.37 53.92 87.93
N PHE A 262 80.18 54.45 87.61
CA PHE A 262 78.94 53.72 87.81
C PHE A 262 78.88 52.47 86.93
N ALA A 263 79.55 52.50 85.78
CA ALA A 263 79.64 51.32 84.92
C ALA A 263 80.60 50.26 85.46
N SER A 264 81.45 50.60 86.42
CA SER A 264 82.39 49.66 87.01
C SER A 264 81.78 48.83 88.14
N PHE A 265 80.47 48.88 88.33
CA PHE A 265 79.77 48.05 89.31
C PHE A 265 78.87 47.06 88.59
N GLY A 266 78.95 45.79 88.97
CA GLY A 266 78.16 44.77 88.32
C GLY A 266 78.78 44.30 87.02
N ARG A 267 78.15 43.29 86.42
CA ARG A 267 78.65 42.72 85.17
C ARG A 267 78.37 43.67 84.00
N GLU A 268 78.79 43.26 82.81
CA GLU A 268 78.59 44.07 81.63
C GLU A 268 77.15 43.89 81.15
N ARG A 269 76.54 45.00 80.71
CA ARG A 269 75.10 45.22 80.53
C ARG A 269 74.33 45.05 81.84
N ASN A 270 75.01 45.12 82.98
CA ASN A 270 74.42 45.13 84.30
C ASN A 270 75.16 46.15 85.16
N SER A 271 75.31 47.35 84.61
CA SER A 271 76.16 48.36 85.23
C SER A 271 75.45 49.04 86.38
N GLY A 272 76.03 48.93 87.58
CA GLY A 272 75.68 49.88 88.62
C GLY A 272 75.26 49.37 89.98
N THR A 273 74.50 50.20 90.70
CA THR A 273 73.97 49.87 92.01
C THR A 273 72.46 49.69 91.92
N LYS A 274 71.90 49.01 92.91
CA LYS A 274 70.49 48.68 92.85
C LYS A 274 69.92 48.60 94.26
N LEU A 275 68.72 49.14 94.44
CA LEU A 275 68.01 49.04 95.70
C LEU A 275 67.22 47.74 95.73
N PHE A 276 67.55 46.88 96.69
CA PHE A 276 66.91 45.58 96.83
C PHE A 276 65.94 45.63 98.01
N ASN A 277 64.77 45.03 97.83
CA ASN A 277 63.75 44.95 98.86
C ASN A 277 63.61 43.49 99.25
N ILE A 278 64.46 43.03 100.16
CA ILE A 278 64.41 41.63 100.57
C ILE A 278 63.26 41.51 101.58
N SER A 279 62.09 41.16 101.08
CA SER A 279 60.89 40.98 101.90
C SER A 279 60.65 39.49 102.11
N GLY A 280 59.52 39.17 102.72
CA GLY A 280 59.14 37.79 102.91
C GLY A 280 59.70 37.16 104.17
N HIS A 281 60.04 35.87 104.07
CA HIS A 281 60.45 35.07 105.23
C HIS A 281 61.96 35.19 105.46
N VAL A 282 62.36 36.35 105.95
CA VAL A 282 63.72 36.59 106.40
C VAL A 282 63.67 37.16 107.82
N ASN A 283 64.82 37.13 108.48
CA ASN A 283 64.89 37.65 109.85
C ASN A 283 64.81 39.16 109.88
N ASN A 284 65.36 39.83 108.86
CA ASN A 284 65.39 41.29 108.81
C ASN A 284 64.92 41.76 107.45
N PRO A 285 63.61 41.92 107.25
CA PRO A 285 63.11 42.43 105.96
C PRO A 285 63.51 43.89 105.77
N CYS A 286 64.32 44.15 104.75
CA CYS A 286 64.98 45.45 104.69
C CYS A 286 65.09 45.91 103.25
N THR A 287 65.30 47.22 103.11
CA THR A 287 65.69 47.85 101.85
C THR A 287 67.16 48.22 101.95
N VAL A 288 67.97 47.79 100.98
CA VAL A 288 69.40 48.00 101.02
C VAL A 288 69.86 48.27 99.59
N GLU A 289 71.01 48.92 99.48
CA GLU A 289 71.64 49.20 98.19
C GLU A 289 72.85 48.29 98.05
N GLU A 290 72.97 47.64 96.90
CA GLU A 290 74.07 46.70 96.71
C GLU A 290 74.44 46.72 95.24
N GLU A 291 75.64 46.20 94.94
CA GLU A 291 76.13 46.10 93.58
C GLU A 291 75.22 45.16 92.77
N MET A 292 75.23 45.37 91.46
CA MET A 292 74.15 44.89 90.59
C MET A 292 74.15 43.38 90.44
N SER A 293 75.31 42.74 90.50
CA SER A 293 75.40 41.29 90.33
C SER A 293 75.74 40.57 91.63
N VAL A 294 75.17 41.02 92.73
CA VAL A 294 75.39 40.37 94.04
C VAL A 294 74.69 39.01 94.04
N PRO A 295 75.27 37.98 94.66
CA PRO A 295 74.56 36.70 94.77
C PRO A 295 73.35 36.79 95.68
N LEU A 296 72.35 35.98 95.37
CA LEU A 296 71.08 36.01 96.10
C LEU A 296 71.23 35.41 97.50
N LYS A 297 71.96 34.30 97.62
CA LYS A 297 72.25 33.72 98.92
C LYS A 297 73.05 34.69 99.78
N GLU A 298 74.02 35.37 99.18
CA GLU A 298 74.83 36.34 99.93
C GLU A 298 73.99 37.54 100.35
N LEU A 299 73.08 37.99 99.47
CA LEU A 299 72.21 39.12 99.80
C LEU A 299 71.28 38.80 100.96
N ILE A 300 70.64 37.62 100.92
CA ILE A 300 69.71 37.24 101.97
C ILE A 300 70.45 36.98 103.28
N GLU A 301 71.60 36.31 103.23
CA GLU A 301 72.31 35.99 104.45
C GLU A 301 73.13 37.16 105.00
N LYS A 302 73.39 38.18 104.20
CA LYS A 302 74.26 39.27 104.60
C LYS A 302 73.51 40.53 104.99
N HIS A 303 72.37 40.80 104.36
CA HIS A 303 71.61 41.99 104.69
C HIS A 303 70.31 41.70 105.40
N ALA A 304 69.65 40.60 105.07
CA ALA A 304 68.37 40.26 105.68
C ALA A 304 68.49 39.33 106.87
N GLY A 305 69.70 38.94 107.25
CA GLY A 305 69.87 38.00 108.33
C GLY A 305 69.42 36.59 108.01
N GLY A 306 69.42 36.21 106.73
CA GLY A 306 69.12 34.86 106.34
C GLY A 306 67.64 34.54 106.37
N VAL A 307 67.32 33.38 105.78
CA VAL A 307 65.95 32.88 105.78
C VAL A 307 65.61 32.43 107.20
N THR A 308 64.33 32.55 107.58
CA THR A 308 63.88 32.16 108.92
C THR A 308 63.94 30.64 109.02
N GLY A 309 65.06 30.14 109.53
CA GLY A 309 65.31 28.71 109.61
C GLY A 309 66.61 28.32 108.91
N GLY A 310 67.38 29.31 108.47
CA GLY A 310 68.60 29.04 107.75
C GLY A 310 68.35 28.77 106.28
N TRP A 311 69.43 28.46 105.56
CA TRP A 311 69.32 28.22 104.13
C TRP A 311 68.66 26.88 103.82
N ASP A 312 68.64 25.96 104.77
CA ASP A 312 67.97 24.68 104.60
C ASP A 312 66.45 24.76 104.81
N ASN A 313 65.93 25.95 105.08
CA ASN A 313 64.50 26.18 105.23
C ASN A 313 63.91 26.88 104.02
N LEU A 314 64.73 27.27 103.06
CA LEU A 314 64.23 27.95 101.85
C LEU A 314 63.43 26.98 100.99
N LEU A 315 62.32 27.46 100.43
CA LEU A 315 61.49 26.69 99.51
C LEU A 315 61.51 27.29 98.12
N ALA A 316 61.16 28.56 97.99
CA ALA A 316 61.25 29.25 96.71
C ALA A 316 61.56 30.72 97.00
N VAL A 317 61.86 31.47 95.94
CA VAL A 317 62.13 32.90 96.00
C VAL A 317 61.50 33.54 94.78
N ILE A 318 60.63 34.53 95.01
CA ILE A 318 60.17 35.43 93.96
C ILE A 318 61.18 36.56 93.88
N PRO A 319 62.07 36.58 92.88
CA PRO A 319 63.32 37.34 93.01
C PRO A 319 63.16 38.85 92.87
N GLY A 320 62.21 39.29 92.07
CA GLY A 320 62.11 40.69 91.75
C GLY A 320 60.73 41.29 91.76
N GLY A 321 59.95 40.98 92.79
CA GLY A 321 58.58 41.41 92.81
C GLY A 321 57.68 40.42 92.11
N SER A 322 56.38 40.67 92.26
CA SER A 322 55.35 39.65 92.02
C SER A 322 55.28 39.18 90.57
N SER A 323 55.61 40.06 89.62
CA SER A 323 55.47 39.72 88.20
C SER A 323 56.58 38.83 87.68
N THR A 324 57.51 38.41 88.51
CA THR A 324 58.56 37.50 88.06
C THR A 324 58.27 36.08 88.55
N PRO A 325 58.64 35.07 87.76
CA PRO A 325 58.43 33.69 88.18
C PRO A 325 59.34 33.32 89.35
N LEU A 326 58.79 32.51 90.26
CA LEU A 326 59.57 31.97 91.36
C LEU A 326 60.65 31.02 90.87
N ILE A 327 61.63 30.78 91.72
CA ILE A 327 62.71 29.84 91.47
C ILE A 327 63.00 29.07 92.76
N PRO A 328 63.23 27.76 92.69
CA PRO A 328 63.39 26.96 93.91
C PRO A 328 64.76 27.10 94.57
N LYS A 329 65.00 26.30 95.60
CA LYS A 329 66.23 26.40 96.38
C LYS A 329 67.45 25.97 95.57
N SER A 330 67.27 25.03 94.64
CA SER A 330 68.40 24.53 93.86
C SER A 330 68.87 25.53 92.80
N VAL A 331 68.05 26.52 92.48
CA VAL A 331 68.47 27.56 91.54
C VAL A 331 69.01 28.77 92.29
N CYS A 332 68.43 29.10 93.45
CA CYS A 332 68.84 30.25 94.25
C CYS A 332 70.20 30.09 94.91
N GLU A 333 70.84 28.94 94.79
CA GLU A 333 72.16 28.74 95.39
C GLU A 333 73.23 29.53 94.65
N THR A 334 73.25 29.43 93.33
CA THR A 334 74.34 29.98 92.52
C THR A 334 73.91 31.18 91.68
N VAL A 335 72.70 31.68 91.85
CA VAL A 335 72.15 32.64 90.90
C VAL A 335 72.63 34.05 91.26
N LEU A 336 72.74 34.90 90.25
CA LEU A 336 73.11 36.29 90.41
C LEU A 336 71.89 37.18 90.24
N MET A 337 71.85 38.28 90.98
CA MET A 337 70.67 39.12 91.06
C MET A 337 70.70 40.29 90.08
N ASP A 338 70.90 39.98 88.80
CA ASP A 338 70.83 41.01 87.76
C ASP A 338 69.93 40.57 86.61
N PHE A 339 69.95 41.31 85.50
CA PHE A 339 69.03 41.03 84.41
C PHE A 339 69.38 39.74 83.69
N ASP A 340 70.63 39.60 83.26
CA ASP A 340 71.01 38.57 82.31
C ASP A 340 71.05 37.19 82.97
N ALA A 341 71.57 37.11 84.19
CA ALA A 341 71.65 35.82 84.87
C ALA A 341 70.27 35.33 85.32
N LEU A 342 69.35 36.24 85.61
CA LEU A 342 67.99 35.81 85.95
C LEU A 342 67.19 35.46 84.70
N ILE A 343 67.47 36.09 83.56
CA ILE A 343 66.85 35.63 82.31
C ILE A 343 67.37 34.23 81.94
N GLN A 344 68.66 33.98 82.18
CA GLN A 344 69.19 32.64 82.01
C GLN A 344 68.67 31.69 83.08
N ALA A 345 68.21 32.22 84.22
CA ALA A 345 67.53 31.43 85.24
C ALA A 345 66.02 31.43 85.07
N GLN A 346 65.56 31.59 83.82
CA GLN A 346 64.14 31.53 83.36
C GLN A 346 63.18 32.35 84.24
N THR A 347 63.65 33.50 84.69
CA THR A 347 62.83 34.50 85.36
C THR A 347 63.30 35.86 84.85
N GLY A 348 62.91 36.93 85.55
CA GLY A 348 63.39 38.24 85.21
C GLY A 348 63.92 38.94 86.46
N LEU A 349 64.74 39.96 86.23
CA LEU A 349 65.14 40.81 87.35
C LEU A 349 63.95 41.58 87.89
N GLY A 350 63.32 42.38 87.03
CA GLY A 350 62.20 43.19 87.49
C GLY A 350 62.67 44.29 88.42
N THR A 351 61.90 44.51 89.48
CA THR A 351 62.13 45.60 90.40
C THR A 351 63.23 45.33 91.42
N ALA A 352 63.87 44.15 91.32
CA ALA A 352 64.85 43.65 92.30
C ALA A 352 64.27 43.65 93.71
N ALA A 353 63.06 43.15 93.85
CA ALA A 353 62.36 43.07 95.12
C ALA A 353 62.26 41.61 95.51
N VAL A 354 63.09 41.20 96.46
CA VAL A 354 63.28 39.79 96.77
C VAL A 354 62.20 39.36 97.77
N ILE A 355 61.40 38.38 97.38
CA ILE A 355 60.36 37.80 98.24
C ILE A 355 60.78 36.39 98.59
N VAL A 356 61.07 36.17 99.88
CA VAL A 356 61.66 34.93 100.37
C VAL A 356 60.56 34.10 101.03
N MET A 357 60.48 32.82 100.64
CA MET A 357 59.40 31.93 101.04
C MET A 357 60.01 30.66 101.64
N ASP A 358 59.57 30.27 102.82
CA ASP A 358 60.17 29.11 103.47
C ASP A 358 59.30 27.86 103.32
N ARG A 359 59.65 26.81 104.05
CA ARG A 359 58.96 25.53 103.97
C ARG A 359 57.59 25.55 104.65
N SER A 360 57.27 26.57 105.44
CA SER A 360 55.97 26.70 106.08
C SER A 360 54.98 27.47 105.23
N THR A 361 55.15 27.45 103.91
CA THR A 361 54.38 28.27 103.00
C THR A 361 53.51 27.39 102.11
N ASP A 362 52.20 27.62 102.15
CA ASP A 362 51.30 27.07 101.15
C ASP A 362 51.54 27.85 99.87
N ILE A 363 52.41 27.32 99.00
CA ILE A 363 52.94 28.13 97.90
C ILE A 363 51.90 28.32 96.79
N VAL A 364 50.99 27.36 96.61
CA VAL A 364 49.93 27.50 95.63
C VAL A 364 48.91 28.53 96.10
N LYS A 365 48.70 28.60 97.42
CA LYS A 365 47.86 29.66 97.99
C LYS A 365 48.50 31.03 97.78
N ALA A 366 49.83 31.10 97.86
CA ALA A 366 50.53 32.37 97.67
C ALA A 366 50.44 32.84 96.21
N ILE A 367 50.67 31.93 95.27
CA ILE A 367 50.58 32.31 93.86
C ILE A 367 49.14 32.56 93.45
N ALA A 368 48.18 31.88 94.07
CA ALA A 368 46.77 32.14 93.76
C ALA A 368 46.32 33.49 94.30
N ARG A 369 46.82 33.88 95.48
CA ARG A 369 46.54 35.22 95.98
C ARG A 369 47.25 36.28 95.15
N LEU A 370 48.38 35.92 94.54
CA LEU A 370 49.07 36.86 93.67
C LEU A 370 48.30 37.04 92.36
N ILE A 371 47.68 35.97 91.86
CA ILE A 371 46.80 36.09 90.70
C ILE A 371 45.51 36.84 91.07
N GLU A 372 45.06 36.69 92.31
CA GLU A 372 43.93 37.47 92.80
C GLU A 372 44.27 38.96 92.83
N PHE A 373 45.51 39.30 93.20
CA PHE A 373 46.02 40.66 93.05
C PHE A 373 45.95 41.10 91.59
N TYR A 374 46.47 40.27 90.68
CA TYR A 374 46.50 40.69 89.29
C TYR A 374 45.14 40.68 88.60
N LYS A 375 44.09 40.15 89.23
CA LYS A 375 42.76 40.47 88.70
C LYS A 375 42.07 41.61 89.43
N HIS A 376 42.43 41.89 90.68
CA HIS A 376 41.86 43.08 91.31
C HIS A 376 42.57 44.34 90.86
N GLU A 377 43.71 44.20 90.21
CA GLU A 377 44.45 45.33 89.65
C GLU A 377 44.74 44.98 88.20
N SER A 378 43.76 45.26 87.35
CA SER A 378 43.82 44.96 85.92
C SER A 378 42.70 45.75 85.31
N CYS A 379 42.99 46.59 84.33
CA CYS A 379 42.00 47.63 84.04
C CYS A 379 40.86 47.16 83.15
N GLY A 380 40.88 45.92 82.68
CA GLY A 380 39.77 45.42 81.90
C GLY A 380 39.69 45.95 80.49
N GLN A 381 40.80 46.38 79.90
CA GLN A 381 40.71 46.98 78.56
C GLN A 381 40.64 45.92 77.48
N CYS A 382 41.71 45.15 77.30
CA CYS A 382 41.71 44.19 76.20
C CYS A 382 41.20 42.84 76.69
N THR A 383 40.72 42.04 75.74
CA THR A 383 40.10 40.75 76.03
C THR A 383 40.94 39.75 76.82
N PRO A 384 42.21 39.44 76.48
CA PRO A 384 42.87 38.30 77.15
C PRO A 384 43.14 38.50 78.62
N CYS A 385 43.54 39.69 79.04
CA CYS A 385 43.74 39.93 80.47
C CYS A 385 42.40 39.98 81.20
N ARG A 386 41.45 40.77 80.67
CA ARG A 386 40.14 40.99 81.28
C ARG A 386 39.38 39.70 81.53
N GLU A 387 39.50 38.72 80.64
CA GLU A 387 38.82 37.46 80.88
C GLU A 387 39.73 36.38 81.43
N GLY A 388 40.93 36.21 80.87
CA GLY A 388 41.80 35.12 81.24
C GLY A 388 42.41 35.24 82.61
N VAL A 389 42.61 36.46 83.12
CA VAL A 389 43.21 36.58 84.45
C VAL A 389 42.19 36.18 85.52
N ASP A 390 40.91 36.54 85.31
CA ASP A 390 39.85 36.04 86.18
C ASP A 390 39.70 34.53 86.05
N TRP A 391 39.90 34.01 84.85
CA TRP A 391 39.76 32.57 84.65
C TRP A 391 40.93 31.79 85.27
N MET A 392 42.14 32.34 85.18
CA MET A 392 43.28 31.78 85.91
C MET A 392 43.10 31.88 87.41
N ASN A 393 42.47 32.95 87.91
CA ASN A 393 42.23 33.03 89.35
C ASN A 393 41.25 31.97 89.81
N LYS A 394 40.22 31.71 89.02
CA LYS A 394 39.28 30.65 89.38
C LYS A 394 39.93 29.27 89.33
N VAL A 395 40.80 29.04 88.33
CA VAL A 395 41.50 27.75 88.24
C VAL A 395 42.50 27.59 89.38
N MET A 396 43.19 28.67 89.74
CA MET A 396 44.11 28.63 90.88
C MET A 396 43.38 28.48 92.21
N ALA A 397 42.18 29.06 92.32
CA ALA A 397 41.39 28.87 93.52
C ALA A 397 40.91 27.43 93.65
N ARG A 398 40.66 26.75 92.53
CA ARG A 398 40.41 25.33 92.63
C ARG A 398 41.69 24.51 92.86
N PHE A 399 42.83 25.01 92.38
CA PHE A 399 44.10 24.32 92.62
C PHE A 399 44.52 24.37 94.09
N VAL A 400 44.18 25.45 94.79
CA VAL A 400 44.49 25.56 96.21
C VAL A 400 43.78 24.47 97.01
N ARG A 401 42.47 24.35 96.83
CA ARG A 401 41.73 23.24 97.44
C ARG A 401 42.09 21.91 96.81
N GLY A 402 42.60 21.90 95.58
CA GLY A 402 42.81 20.68 94.85
C GLY A 402 41.64 20.24 94.01
N ASP A 403 40.63 21.09 93.85
CA ASP A 403 39.38 20.72 93.16
C ASP A 403 39.59 20.78 91.65
N ALA A 404 40.38 19.82 91.15
CA ALA A 404 40.70 19.74 89.74
C ALA A 404 41.24 18.35 89.44
N ARG A 405 41.56 18.12 88.16
CA ARG A 405 42.19 16.91 87.68
C ARG A 405 43.43 17.30 86.88
N PRO A 406 44.46 16.44 86.82
CA PRO A 406 45.79 16.88 86.34
C PRO A 406 45.88 17.24 84.86
N ALA A 407 44.79 17.23 84.09
CA ALA A 407 44.85 17.85 82.76
C ALA A 407 44.81 19.37 82.87
N GLU A 408 44.26 19.89 83.97
CA GLU A 408 44.04 21.32 84.06
C GLU A 408 45.32 22.10 84.35
N ILE A 409 46.40 21.44 84.77
CA ILE A 409 47.67 22.12 84.92
C ILE A 409 48.23 22.51 83.56
N ASP A 410 48.22 21.57 82.62
CA ASP A 410 48.64 21.87 81.26
C ASP A 410 47.65 22.78 80.56
N SER A 411 46.36 22.67 80.90
CA SER A 411 45.37 23.63 80.42
C SER A 411 45.68 25.04 80.90
N LEU A 412 46.07 25.18 82.16
CA LEU A 412 46.41 26.49 82.72
C LEU A 412 47.70 27.02 82.11
N TRP A 413 48.65 26.12 81.79
CA TRP A 413 49.83 26.50 81.03
C TRP A 413 49.46 27.08 79.68
N GLU A 414 48.52 26.45 78.98
CA GLU A 414 48.14 26.98 77.67
C GLU A 414 47.35 28.28 77.79
N ILE A 415 46.55 28.43 78.84
CA ILE A 415 45.87 29.70 79.11
C ILE A 415 46.88 30.82 79.36
N SER A 416 47.92 30.53 80.14
CA SER A 416 48.94 31.52 80.43
C SER A 416 49.75 31.87 79.18
N LYS A 417 50.02 30.88 78.33
CA LYS A 417 50.70 31.15 77.07
C LYS A 417 49.82 31.88 76.07
N GLN A 418 48.49 31.79 76.21
CA GLN A 418 47.63 32.59 75.34
C GLN A 418 47.46 34.00 75.87
N ILE A 419 47.57 34.21 77.17
CA ILE A 419 47.58 35.58 77.71
C ILE A 419 48.91 36.26 77.39
N GLU A 420 50.02 35.55 77.60
CA GLU A 420 51.36 36.08 77.37
C GLU A 420 51.58 36.41 75.90
N GLY A 421 51.87 37.68 75.61
CA GLY A 421 52.15 38.14 74.27
C GLY A 421 50.95 38.63 73.49
N HIS A 422 49.75 38.57 74.06
CA HIS A 422 48.53 38.92 73.35
C HIS A 422 47.85 40.14 73.95
N THR A 423 48.50 40.82 74.87
CA THR A 423 47.90 41.90 75.63
C THR A 423 48.36 43.26 75.11
N ILE A 424 47.89 44.32 75.76
CA ILE A 424 48.36 45.66 75.44
C ILE A 424 49.57 46.04 76.26
N CYS A 425 49.52 45.87 77.58
CA CYS A 425 50.69 46.06 78.42
C CYS A 425 51.04 44.75 79.11
N ALA A 426 52.16 44.77 79.83
CA ALA A 426 52.75 43.55 80.37
C ALA A 426 52.13 43.12 81.69
N LEU A 427 50.95 43.61 82.06
CA LEU A 427 50.27 43.03 83.21
C LEU A 427 49.72 41.66 82.88
N GLY A 428 49.34 41.44 81.61
CA GLY A 428 49.00 40.09 81.19
C GLY A 428 50.21 39.18 81.19
N ASP A 429 51.35 39.69 80.74
CA ASP A 429 52.60 38.94 80.81
C ASP A 429 53.04 38.75 82.25
N GLY A 430 52.95 39.80 83.06
CA GLY A 430 53.30 39.75 84.47
C GLY A 430 52.32 38.99 85.34
N ALA A 431 51.17 38.60 84.79
CA ALA A 431 50.24 37.70 85.44
C ALA A 431 50.40 36.26 84.98
N ALA A 432 50.73 36.05 83.70
CA ALA A 432 50.98 34.72 83.21
C ALA A 432 52.28 34.15 83.75
N TRP A 433 53.27 35.00 84.01
CA TRP A 433 54.56 34.53 84.51
C TRP A 433 54.59 33.88 85.91
N PRO A 434 53.85 34.37 86.93
CA PRO A 434 53.83 33.59 88.19
C PRO A 434 53.19 32.23 88.06
N VAL A 435 52.18 32.11 87.21
CA VAL A 435 51.55 30.82 86.93
C VAL A 435 52.54 29.87 86.26
N GLN A 436 53.28 30.38 85.26
CA GLN A 436 54.24 29.54 84.55
C GLN A 436 55.41 29.14 85.45
N GLY A 437 55.85 30.05 86.32
CA GLY A 437 56.90 29.70 87.26
C GLY A 437 56.44 28.68 88.29
N LEU A 438 55.22 28.85 88.82
CA LEU A 438 54.67 27.91 89.79
C LEU A 438 54.49 26.52 89.19
N ILE A 439 53.90 26.44 87.99
CA ILE A 439 53.71 25.15 87.33
C ILE A 439 55.06 24.51 87.01
N ARG A 440 55.98 25.29 86.45
CA ARG A 440 57.27 24.80 85.99
C ARG A 440 58.13 24.28 87.13
N HIS A 441 58.00 24.86 88.32
CA HIS A 441 58.84 24.38 89.42
C HIS A 441 58.09 23.56 90.48
N PHE A 442 56.76 23.56 90.47
CA PHE A 442 55.99 22.86 91.50
C PHE A 442 54.74 22.23 90.92
N ARG A 443 54.86 21.61 89.73
CA ARG A 443 53.84 20.67 89.28
C ARG A 443 53.52 19.52 90.24
N PRO A 444 54.49 18.81 90.86
CA PRO A 444 54.10 17.67 91.71
C PRO A 444 53.31 18.04 92.95
N GLU A 445 53.49 19.24 93.50
CA GLU A 445 52.73 19.62 94.68
C GLU A 445 51.27 19.87 94.32
N LEU A 446 51.03 20.47 93.15
CA LEU A 446 49.68 20.59 92.59
C LEU A 446 49.05 19.21 92.39
N GLU A 447 49.81 18.28 91.81
CA GLU A 447 49.26 16.96 91.54
C GLU A 447 48.94 16.19 92.81
N GLU A 448 49.76 16.33 93.86
CA GLU A 448 49.47 15.60 95.08
C GLU A 448 48.38 16.28 95.91
N ARG A 449 48.26 17.60 95.79
CA ARG A 449 47.10 18.32 96.33
C ARG A 449 45.81 17.81 95.72
N MET A 450 45.77 17.69 94.39
CA MET A 450 44.57 17.24 93.71
C MET A 450 44.26 15.78 94.01
N GLN A 451 45.28 14.93 94.11
CA GLN A 451 44.95 13.53 94.36
C GLN A 451 44.56 13.29 95.80
N ARG A 452 45.04 14.09 96.76
CA ARG A 452 44.51 13.89 98.10
C ARG A 452 43.12 14.51 98.27
N PHE A 453 42.81 15.57 97.50
CA PHE A 453 41.42 16.02 97.39
C PHE A 453 40.53 14.91 96.84
N ALA A 454 40.99 14.23 95.79
CA ALA A 454 40.20 13.20 95.15
C ALA A 454 40.01 11.98 96.04
N GLN A 455 40.99 11.66 96.89
CA GLN A 455 40.76 10.53 97.79
C GLN A 455 39.86 10.93 98.96
N GLN A 456 40.01 12.15 99.51
CA GLN A 456 39.25 12.45 100.71
C GLN A 456 37.84 12.94 100.43
N HIS A 457 37.51 13.26 99.17
CA HIS A 457 36.14 13.67 98.86
C HIS A 457 35.36 12.63 98.07
N GLN A 458 35.96 11.50 97.71
CA GLN A 458 35.23 10.47 96.97
C GLN A 458 35.41 9.10 97.62
N ALA B 34 29.96 48.21 96.49
CA ALA B 34 30.68 47.19 95.71
C ALA B 34 30.01 46.99 94.36
N LEU B 35 29.10 47.90 93.99
CA LEU B 35 28.46 47.90 92.69
C LEU B 35 28.96 49.09 91.88
N PHE B 36 28.78 49.00 90.56
CA PHE B 36 29.31 50.01 89.65
C PHE B 36 28.21 50.67 88.84
N VAL B 37 27.03 50.80 89.43
CA VAL B 37 25.96 51.65 88.92
C VAL B 37 25.48 52.50 90.07
N HIS B 38 24.74 53.56 89.75
CA HIS B 38 24.11 54.37 90.77
C HIS B 38 22.59 54.20 90.73
N ARG B 39 21.99 54.04 91.90
CA ARG B 39 20.55 54.11 92.07
C ARG B 39 20.25 55.24 93.04
N ASP B 40 19.33 56.13 92.65
CA ASP B 40 19.04 57.33 93.43
C ASP B 40 18.36 56.97 94.74
N THR B 41 19.09 57.11 95.83
CA THR B 41 18.57 57.01 97.18
C THR B 41 18.06 58.37 97.63
N PRO B 42 17.35 58.45 98.76
CA PRO B 42 17.12 59.76 99.39
C PRO B 42 18.40 60.48 99.82
N LYS B 43 19.49 59.76 100.06
CA LYS B 43 20.74 60.36 100.54
C LYS B 43 21.81 60.44 99.46
N ASN B 44 21.53 60.00 98.24
CA ASN B 44 22.49 60.12 97.13
C ASN B 44 21.69 60.36 95.85
N ASN B 45 21.71 61.60 95.38
CA ASN B 45 21.04 62.01 94.16
C ASN B 45 21.67 63.33 93.72
N PRO B 46 21.40 63.79 92.49
CA PRO B 46 21.90 65.14 92.12
C PRO B 46 21.29 66.30 92.89
N GLU B 47 20.26 66.09 93.72
CA GLU B 47 19.81 67.12 94.64
C GLU B 47 20.31 66.91 96.06
N THR B 48 21.31 66.05 96.24
CA THR B 48 22.01 65.98 97.52
C THR B 48 22.94 67.18 97.62
N PRO B 49 22.92 67.93 98.73
CA PRO B 49 23.75 69.14 98.82
C PRO B 49 25.24 68.81 98.88
N PHE B 50 25.99 69.42 97.97
CA PHE B 50 27.45 69.39 98.00
C PHE B 50 27.95 70.64 97.28
N ASP B 51 28.92 71.30 97.91
CA ASP B 51 29.62 72.41 97.30
C ASP B 51 30.94 72.56 98.04
N PHE B 52 31.92 73.17 97.37
CA PHE B 52 33.22 73.36 97.99
C PHE B 52 33.23 74.58 98.88
N THR B 53 34.08 74.54 99.90
CA THR B 53 34.43 75.74 100.64
C THR B 53 35.28 76.65 99.74
N PRO B 54 35.32 77.96 100.02
CA PRO B 54 36.10 78.85 99.14
C PRO B 54 37.60 78.59 99.14
N GLU B 55 38.16 78.09 100.25
CA GLU B 55 39.55 77.66 100.23
C GLU B 55 39.72 76.44 99.33
N ASN B 56 38.69 75.61 99.20
CA ASN B 56 38.77 74.53 98.22
C ASN B 56 38.66 75.05 96.80
N TYR B 57 37.99 76.18 96.57
CA TYR B 57 38.00 76.77 95.23
C TYR B 57 39.37 77.35 94.90
N LYS B 58 40.03 77.96 95.89
CA LYS B 58 41.42 78.39 95.70
C LYS B 58 42.33 77.21 95.40
N ARG B 59 42.14 76.09 96.10
CA ARG B 59 42.94 74.90 95.85
C ARG B 59 42.65 74.28 94.49
N ILE B 60 41.39 74.35 94.02
CA ILE B 60 41.04 73.83 92.71
C ILE B 60 41.67 74.69 91.61
N GLU B 61 41.67 76.02 91.77
CA GLU B 61 42.38 76.89 90.82
C GLU B 61 43.87 76.59 90.81
N ALA B 62 44.46 76.33 91.97
CA ALA B 62 45.87 75.97 92.04
C ALA B 62 46.15 74.63 91.39
N ILE B 63 45.22 73.68 91.47
CA ILE B 63 45.37 72.38 90.80
C ILE B 63 45.31 72.55 89.30
N VAL B 64 44.30 73.28 88.81
CA VAL B 64 44.10 73.48 87.37
C VAL B 64 45.27 74.23 86.75
N LYS B 65 45.91 75.12 87.52
CA LYS B 65 47.10 75.80 87.02
C LYS B 65 48.32 74.89 86.86
N ASN B 66 48.28 73.64 87.35
CA ASN B 66 49.39 72.72 87.12
C ASN B 66 49.32 72.01 85.78
N TYR B 67 48.29 72.27 84.98
CA TYR B 67 48.05 71.55 83.74
C TYR B 67 47.98 72.52 82.58
N PRO B 68 48.36 72.10 81.37
CA PRO B 68 48.38 73.02 80.22
C PRO B 68 46.99 73.50 79.83
N GLU B 69 46.97 74.58 79.06
CA GLU B 69 45.74 75.21 78.63
C GLU B 69 45.09 74.38 77.54
N GLY B 70 43.82 74.09 77.70
CA GLY B 70 43.11 73.16 76.83
C GLY B 70 43.02 71.76 77.37
N HIS B 71 43.81 71.44 78.37
CA HIS B 71 43.79 70.15 79.05
C HIS B 71 43.31 70.34 80.48
N LYS B 72 42.28 71.16 80.64
CA LYS B 72 41.63 71.35 81.94
C LYS B 72 41.04 70.05 82.46
N ALA B 73 40.64 69.15 81.55
CA ALA B 73 40.14 67.82 81.88
C ALA B 73 41.17 66.94 82.58
N ALA B 74 42.44 67.31 82.59
CA ALA B 74 43.46 66.54 83.29
C ALA B 74 43.31 66.60 84.80
N ALA B 75 42.65 67.62 85.32
CA ALA B 75 42.52 67.81 86.76
C ALA B 75 41.26 67.18 87.33
N VAL B 76 40.70 66.17 86.67
CA VAL B 76 39.56 65.44 87.23
C VAL B 76 39.98 64.72 88.50
N LEU B 77 41.11 64.00 88.46
CA LEU B 77 41.55 63.20 89.59
C LEU B 77 41.88 63.99 90.85
N PRO B 78 42.68 65.12 90.82
CA PRO B 78 42.94 65.81 92.10
C PRO B 78 41.73 66.57 92.63
N VAL B 79 40.87 67.09 91.75
CA VAL B 79 39.70 67.83 92.22
C VAL B 79 38.66 66.87 92.81
N LEU B 80 38.49 65.70 92.21
CA LEU B 80 37.58 64.71 92.76
C LEU B 80 38.13 64.11 94.05
N ASP B 81 39.46 63.95 94.12
CA ASP B 81 40.11 63.55 95.38
C ASP B 81 39.91 64.61 96.46
N LEU B 82 39.96 65.89 96.07
CA LEU B 82 39.71 66.98 97.00
C LEU B 82 38.27 66.97 97.48
N ALA B 83 37.34 66.61 96.60
CA ALA B 83 35.93 66.47 96.98
C ALA B 83 35.76 65.33 97.99
N GLN B 84 36.51 64.25 97.80
CA GLN B 84 36.49 63.18 98.80
C GLN B 84 37.10 63.62 100.12
N ARG B 85 38.16 64.44 100.07
CA ARG B 85 38.77 64.92 101.29
C ARG B 85 37.87 65.89 102.04
N GLN B 86 37.02 66.63 101.33
CA GLN B 86 36.06 67.49 102.00
C GLN B 86 34.89 66.69 102.57
N ASN B 87 34.34 65.75 101.79
CA ASN B 87 33.09 65.13 102.15
C ASN B 87 33.25 63.78 102.84
N GLY B 88 34.42 63.14 102.71
CA GLY B 88 34.63 61.81 103.24
C GLY B 88 34.33 60.69 102.25
N TRP B 89 33.57 60.99 101.20
CA TRP B 89 33.03 60.03 100.25
C TRP B 89 32.39 60.83 99.14
N LEU B 90 32.05 60.15 98.05
CA LEU B 90 31.51 60.83 96.87
C LEU B 90 30.07 60.43 96.62
N PRO B 91 29.11 61.31 96.87
CA PRO B 91 27.76 61.12 96.34
C PRO B 91 27.76 61.46 94.85
N ILE B 92 26.63 61.26 94.18
CA ILE B 92 26.57 61.83 92.84
C ILE B 92 25.94 63.22 92.96
N SER B 93 26.70 64.10 93.58
CA SER B 93 26.68 65.54 93.42
C SER B 93 28.08 66.12 93.43
N ALA B 94 29.04 65.43 94.05
CA ALA B 94 30.44 65.80 93.93
C ALA B 94 30.96 65.48 92.54
N MET B 95 30.57 64.33 91.99
CA MET B 95 30.93 63.98 90.63
C MET B 95 30.36 64.98 89.64
N ASN B 96 29.10 65.37 89.82
CA ASN B 96 28.48 66.34 88.93
C ASN B 96 29.05 67.74 89.13
N LYS B 97 29.42 68.10 90.36
CA LYS B 97 30.02 69.41 90.59
C LYS B 97 31.41 69.50 89.96
N VAL B 98 32.22 68.44 90.10
CA VAL B 98 33.53 68.37 89.46
C VAL B 98 33.37 68.41 87.93
N ALA B 99 32.36 67.73 87.40
CA ALA B 99 32.10 67.78 85.96
C ALA B 99 31.62 69.14 85.52
N GLU B 100 30.93 69.87 86.40
CA GLU B 100 30.47 71.22 86.05
C GLU B 100 31.61 72.22 86.04
N ILE B 101 32.51 72.13 87.03
CA ILE B 101 33.56 73.16 87.13
C ILE B 101 34.67 72.91 86.11
N LEU B 102 34.86 71.68 85.67
CA LEU B 102 35.89 71.38 84.69
C LEU B 102 35.37 71.30 83.27
N GLN B 103 34.05 71.44 83.09
CA GLN B 103 33.36 71.42 81.79
C GLN B 103 33.65 70.13 81.02
N VAL B 104 33.65 69.02 81.74
CA VAL B 104 33.78 67.69 81.15
C VAL B 104 32.40 67.05 81.23
N PRO B 105 32.12 65.96 80.51
CA PRO B 105 30.86 65.26 80.74
C PRO B 105 30.84 64.61 82.11
N PRO B 106 29.65 64.42 82.71
CA PRO B 106 29.58 63.67 83.96
C PRO B 106 30.04 62.23 83.83
N MET B 107 29.83 61.61 82.66
CA MET B 107 30.20 60.21 82.46
C MET B 107 31.70 59.99 82.56
N ARG B 108 32.49 60.97 82.15
CA ARG B 108 33.93 60.85 82.22
C ARG B 108 34.45 60.97 83.64
N VAL B 109 33.70 61.61 84.54
CA VAL B 109 34.04 61.61 85.96
C VAL B 109 33.51 60.34 86.61
N TYR B 110 32.42 59.77 86.09
CA TYR B 110 31.89 58.52 86.63
C TYR B 110 32.84 57.37 86.36
N GLU B 111 33.44 57.37 85.16
CA GLU B 111 34.47 56.39 84.81
C GLU B 111 35.64 56.46 85.78
N VAL B 112 36.07 57.66 86.14
CA VAL B 112 37.19 57.83 87.07
C VAL B 112 36.79 57.37 88.47
N ALA B 113 35.60 57.76 88.92
CA ALA B 113 35.19 57.44 90.28
C ALA B 113 34.86 55.96 90.45
N THR B 114 34.58 55.24 89.37
CA THR B 114 34.43 53.79 89.47
C THR B 114 35.70 53.03 89.11
N PHE B 115 36.65 53.67 88.44
CA PHE B 115 37.87 52.98 88.06
C PHE B 115 38.79 52.78 89.25
N TYR B 116 38.90 53.79 90.11
CA TYR B 116 39.90 53.83 91.16
C TYR B 116 39.30 53.42 92.50
N THR B 117 40.13 52.79 93.33
CA THR B 117 39.68 52.19 94.58
C THR B 117 39.76 53.13 95.77
N MET B 118 40.03 54.42 95.55
CA MET B 118 39.98 55.38 96.64
C MET B 118 38.72 56.20 96.66
N TYR B 119 38.10 56.41 95.51
CA TYR B 119 36.91 57.24 95.43
C TYR B 119 35.76 56.46 96.04
N ASN B 120 35.48 56.72 97.31
CA ASN B 120 34.47 55.98 98.05
C ASN B 120 33.10 56.50 97.65
N ARG B 121 32.31 55.66 96.99
CA ARG B 121 31.01 56.06 96.49
C ARG B 121 29.89 55.70 97.46
N LYS B 122 30.23 55.17 98.62
CA LYS B 122 29.35 54.93 99.75
C LYS B 122 29.98 55.53 100.99
N PRO B 123 29.17 56.04 101.93
CA PRO B 123 29.76 56.71 103.10
C PRO B 123 30.45 55.77 104.07
N VAL B 124 31.77 55.78 104.02
CA VAL B 124 32.61 54.94 104.87
C VAL B 124 32.66 55.52 106.28
N GLY B 125 33.20 54.75 107.23
CA GLY B 125 33.47 55.28 108.55
C GLY B 125 34.63 56.25 108.53
N LYS B 126 34.78 56.97 109.65
CA LYS B 126 35.74 58.06 109.71
C LYS B 126 37.17 57.55 109.73
N TYR B 127 37.42 56.41 110.37
CA TYR B 127 38.70 55.73 110.28
C TYR B 127 38.55 54.56 109.31
N HIS B 128 39.29 54.60 108.22
CA HIS B 128 39.13 53.63 107.13
C HIS B 128 40.34 52.70 107.17
N ILE B 129 40.18 51.58 107.86
CA ILE B 129 41.28 50.65 108.08
C ILE B 129 41.47 49.81 106.81
N GLN B 130 42.59 50.03 106.13
CA GLN B 130 42.96 49.29 104.92
C GLN B 130 44.04 48.28 105.28
N VAL B 131 43.66 47.02 105.42
CA VAL B 131 44.60 45.94 105.70
C VAL B 131 45.11 45.39 104.38
N CYS B 132 46.43 45.35 104.23
CA CYS B 132 47.03 44.74 103.05
C CYS B 132 47.15 43.25 103.23
N THR B 133 46.74 42.50 102.19
CA THR B 133 46.75 41.04 102.26
C THR B 133 47.35 40.39 101.02
N THR B 134 48.21 41.08 100.29
CA THR B 134 48.92 40.43 99.20
C THR B 134 50.01 39.51 99.77
N THR B 135 50.75 38.88 98.85
CA THR B 135 51.65 37.80 99.23
C THR B 135 52.79 38.20 100.18
N PRO B 136 53.50 39.34 100.03
CA PRO B 136 54.49 39.69 101.07
C PRO B 136 53.90 40.00 102.44
N CYS B 137 52.70 40.58 102.52
CA CYS B 137 52.07 40.72 103.82
C CYS B 137 51.46 39.42 104.32
N MET B 138 51.04 38.55 103.40
CA MET B 138 50.46 37.27 103.83
C MET B 138 51.54 36.32 104.35
N LEU B 139 52.76 36.44 103.83
CA LEU B 139 53.85 35.62 104.33
C LEU B 139 54.24 35.99 105.75
N ARG B 140 54.02 37.22 106.16
CA ARG B 140 54.33 37.64 107.52
C ARG B 140 53.06 37.82 108.36
N ASN B 141 52.03 37.02 108.03
CA ASN B 141 50.84 36.80 108.85
C ASN B 141 50.03 38.08 109.08
N SER B 142 49.54 38.64 107.97
CA SER B 142 48.53 39.68 108.05
C SER B 142 47.15 39.12 108.37
N ASP B 143 46.96 37.81 108.23
CA ASP B 143 45.67 37.19 108.52
C ASP B 143 45.35 37.24 110.01
N SER B 144 46.38 37.10 110.86
CA SER B 144 46.20 37.26 112.29
C SER B 144 45.75 38.68 112.64
N ILE B 145 46.27 39.67 111.92
CA ILE B 145 45.86 41.06 112.13
C ILE B 145 44.43 41.27 111.65
N LEU B 146 44.05 40.65 110.54
CA LEU B 146 42.68 40.80 110.05
C LEU B 146 41.69 40.17 111.00
N GLU B 147 42.01 38.98 111.52
CA GLU B 147 41.17 38.35 112.54
C GLU B 147 41.15 39.15 113.84
N ALA B 148 42.27 39.79 114.20
CA ALA B 148 42.32 40.60 115.42
C ALA B 148 41.47 41.85 115.29
N ILE B 149 41.49 42.49 114.13
CA ILE B 149 40.63 43.66 113.90
C ILE B 149 39.17 43.24 113.86
N GLN B 150 38.87 42.07 113.29
CA GLN B 150 37.49 41.58 113.26
C GLN B 150 36.97 41.25 114.67
N LYS B 151 37.83 40.74 115.55
CA LYS B 151 37.36 40.46 116.90
C LYS B 151 37.51 41.64 117.84
N LYS B 152 38.25 42.67 117.43
CA LYS B 152 38.39 43.86 118.27
C LYS B 152 37.31 44.88 117.99
N LEU B 153 36.91 45.02 116.72
CA LEU B 153 35.84 45.94 116.37
C LEU B 153 34.47 45.31 116.43
N GLY B 154 34.37 44.01 116.17
CA GLY B 154 33.08 43.34 116.13
C GLY B 154 32.44 43.29 114.77
N ILE B 155 33.21 43.45 113.70
CA ILE B 155 32.71 43.46 112.33
C ILE B 155 33.53 42.47 111.52
N LYS B 156 33.24 42.43 110.22
CA LYS B 156 34.04 41.64 109.28
C LYS B 156 34.49 42.53 108.11
N VAL B 157 35.02 41.91 107.06
CA VAL B 157 35.54 42.66 105.92
C VAL B 157 34.39 43.35 105.19
N GLY B 158 34.57 44.63 104.89
CA GLY B 158 33.60 45.41 104.16
C GLY B 158 32.63 46.18 105.03
N GLU B 159 32.34 45.68 106.24
CA GLU B 159 31.30 46.28 107.06
C GLU B 159 31.79 47.56 107.74
N THR B 160 30.90 48.15 108.53
CA THR B 160 31.15 49.37 109.27
C THR B 160 30.65 49.16 110.69
N THR B 161 31.40 49.66 111.67
CA THR B 161 30.99 49.59 113.06
C THR B 161 29.79 50.50 113.31
N PRO B 162 28.95 50.19 114.30
CA PRO B 162 27.72 50.98 114.50
C PRO B 162 27.95 52.41 114.98
N ASP B 163 29.13 52.76 115.48
CA ASP B 163 29.42 54.14 115.80
C ASP B 163 29.80 54.97 114.57
N LYS B 164 29.91 54.32 113.40
CA LYS B 164 30.31 54.90 112.12
C LYS B 164 31.70 55.52 112.17
N LEU B 165 32.55 55.08 113.09
CA LEU B 165 33.93 55.53 113.13
C LEU B 165 34.86 54.64 112.32
N PHE B 166 34.62 53.34 112.28
CA PHE B 166 35.53 52.38 111.67
C PHE B 166 34.87 51.67 110.51
N THR B 167 35.59 51.59 109.39
CA THR B 167 35.24 50.72 108.28
C THR B 167 36.46 49.91 107.92
N LEU B 168 36.31 48.59 107.92
CA LEU B 168 37.39 47.65 107.62
C LEU B 168 37.16 47.05 106.25
N ILE B 169 38.09 47.29 105.32
CA ILE B 169 38.12 46.58 104.06
C ILE B 169 39.51 46.00 103.86
N GLU B 170 39.60 45.12 102.88
CA GLU B 170 40.79 44.32 102.61
C GLU B 170 41.36 44.74 101.26
N VAL B 171 42.54 45.35 101.27
CA VAL B 171 43.08 45.97 100.06
C VAL B 171 44.30 45.22 99.56
N GLU B 172 44.82 45.65 98.42
CA GLU B 172 45.96 45.02 97.79
C GLU B 172 47.24 45.67 98.31
N CYS B 173 48.35 45.49 97.58
CA CYS B 173 49.67 45.92 98.06
C CYS B 173 49.75 47.43 98.20
N LEU B 174 50.03 47.88 99.42
CA LEU B 174 50.14 49.30 99.72
C LEU B 174 51.58 49.81 99.61
N GLY B 175 52.52 48.94 99.25
CA GLY B 175 53.88 49.37 99.00
C GLY B 175 54.74 49.59 100.23
N ALA B 176 54.59 48.75 101.25
CA ALA B 176 55.38 48.79 102.48
C ALA B 176 55.87 47.39 102.82
N CYS B 177 56.47 46.72 101.83
CA CYS B 177 56.63 45.28 101.87
C CYS B 177 57.73 44.81 102.82
N VAL B 178 58.78 45.61 103.03
CA VAL B 178 59.75 45.23 104.05
C VAL B 178 59.21 45.49 105.44
N ASN B 179 58.19 46.33 105.56
CA ASN B 179 57.51 46.58 106.82
C ASN B 179 56.24 45.78 106.94
N ALA B 180 56.14 44.68 106.20
CA ALA B 180 54.98 43.80 106.30
C ALA B 180 54.99 43.10 107.65
N PRO B 181 53.82 42.87 108.26
CA PRO B 181 52.48 43.28 107.85
C PRO B 181 52.13 44.71 108.27
N MET B 182 51.25 45.38 107.53
CA MET B 182 50.94 46.78 107.77
C MET B 182 49.48 47.06 107.46
N VAL B 183 49.00 48.23 107.93
CA VAL B 183 47.67 48.74 107.64
C VAL B 183 47.78 50.20 107.25
N GLN B 184 46.70 50.72 106.68
CA GLN B 184 46.57 52.14 106.34
C GLN B 184 45.27 52.67 106.90
N ILE B 185 45.34 53.73 107.70
CA ILE B 185 44.16 54.31 108.37
C ILE B 185 44.08 55.77 107.92
N ASN B 186 43.34 55.98 106.83
CA ASN B 186 42.90 57.21 106.15
C ASN B 186 43.98 58.00 105.43
N ASP B 187 45.21 57.97 105.93
CA ASP B 187 46.34 58.63 105.28
C ASP B 187 47.66 57.95 105.62
N ASN B 188 47.65 57.12 106.65
CA ASN B 188 48.84 56.87 107.45
C ASN B 188 49.16 55.39 107.51
N TYR B 189 50.42 55.05 107.29
CA TYR B 189 50.87 53.67 107.37
C TYR B 189 51.26 53.34 108.80
N TYR B 190 50.70 52.26 109.32
CA TYR B 190 51.05 51.73 110.64
C TYR B 190 51.63 50.35 110.39
N GLU B 191 52.94 50.22 110.56
CA GLU B 191 53.71 49.14 109.98
C GLU B 191 54.27 48.22 111.06
N ASP B 192 54.86 47.11 110.59
CA ASP B 192 55.53 46.09 111.42
C ASP B 192 54.65 45.59 112.56
N LEU B 193 53.37 45.40 112.25
CA LEU B 193 52.38 45.23 113.30
C LEU B 193 52.38 43.79 113.82
N THR B 194 51.83 43.66 115.01
CA THR B 194 51.41 42.42 115.63
C THR B 194 49.89 42.49 115.78
N PRO B 195 49.24 41.40 116.23
CA PRO B 195 47.84 41.57 116.69
C PRO B 195 47.71 42.53 117.86
N LYS B 196 48.68 42.49 118.79
CA LYS B 196 48.61 43.37 119.96
C LYS B 196 48.86 44.82 119.57
N ASP B 197 49.73 45.08 118.59
CA ASP B 197 49.99 46.44 118.14
C ASP B 197 48.75 47.04 117.48
N ILE B 198 48.02 46.24 116.70
CA ILE B 198 46.86 46.82 116.03
C ILE B 198 45.69 46.93 117.00
N GLU B 199 45.62 46.06 118.02
CA GLU B 199 44.67 46.27 119.12
C GLU B 199 44.96 47.57 119.86
N GLU B 200 46.24 47.85 120.10
CA GLU B 200 46.64 49.06 120.82
C GLU B 200 46.36 50.32 119.99
N ILE B 201 46.61 50.26 118.68
CA ILE B 201 46.33 51.39 117.80
C ILE B 201 44.83 51.63 117.69
N ILE B 202 44.02 50.57 117.58
CA ILE B 202 42.57 50.75 117.54
C ILE B 202 42.05 51.29 118.88
N ASP B 203 42.68 50.90 119.99
CA ASP B 203 42.29 51.44 121.30
C ASP B 203 42.61 52.93 121.40
N GLU B 204 43.79 53.35 120.96
CA GLU B 204 44.08 54.77 121.01
C GLU B 204 43.44 55.56 119.87
N LEU B 205 42.81 54.88 118.91
CA LEU B 205 41.91 55.56 117.99
C LEU B 205 40.53 55.77 118.61
N LYS B 206 40.05 54.79 119.39
CA LYS B 206 38.75 54.94 120.05
C LYS B 206 38.79 55.95 121.18
N ALA B 207 39.98 56.33 121.64
CA ALA B 207 40.13 57.40 122.63
C ALA B 207 40.12 58.78 121.99
N GLY B 208 40.00 58.87 120.67
CA GLY B 208 39.91 60.14 119.99
C GLY B 208 41.23 60.77 119.60
N LYS B 209 42.35 60.09 119.84
CA LYS B 209 43.65 60.62 119.49
C LYS B 209 44.09 60.09 118.12
N ILE B 210 45.33 60.38 117.77
CA ILE B 210 45.93 59.93 116.52
C ILE B 210 47.31 59.33 116.84
N PRO B 211 47.60 58.10 116.42
CA PRO B 211 48.88 57.48 116.74
C PRO B 211 49.98 58.00 115.84
N LYS B 212 51.17 57.41 115.98
CA LYS B 212 52.31 57.81 115.19
C LYS B 212 52.40 56.94 113.94
N PRO B 213 52.33 57.51 112.74
CA PRO B 213 52.34 56.69 111.52
C PRO B 213 53.70 56.10 111.19
N GLY B 214 54.02 54.96 111.77
CA GLY B 214 55.23 54.26 111.42
C GLY B 214 55.22 52.81 111.82
N PRO B 215 56.39 52.16 111.76
CA PRO B 215 56.52 50.80 112.27
C PRO B 215 56.37 50.74 113.77
N ARG B 216 55.94 49.57 114.24
CA ARG B 216 55.72 49.35 115.67
C ARG B 216 56.71 48.36 116.26
N SER B 217 57.71 47.95 115.49
CA SER B 217 58.88 47.24 116.01
C SER B 217 59.93 48.28 116.41
N GLY B 218 61.15 47.83 116.70
CA GLY B 218 62.16 48.76 117.17
C GLY B 218 62.78 49.61 116.10
N ARG B 219 62.63 49.25 114.83
CA ARG B 219 63.28 50.04 113.79
C ARG B 219 62.42 51.24 113.42
N PHE B 220 63.00 52.11 112.60
CA PHE B 220 62.38 53.38 112.27
C PHE B 220 61.73 53.39 110.90
N SER B 221 62.47 53.14 109.83
CA SER B 221 61.81 53.09 108.53
C SER B 221 61.94 51.78 107.75
N CYS B 222 63.17 51.47 107.30
CA CYS B 222 63.35 50.33 106.42
C CYS B 222 64.67 49.60 106.62
N GLU B 223 65.41 49.87 107.70
CA GLU B 223 66.70 49.24 107.92
C GLU B 223 66.50 47.79 108.35
N PRO B 224 67.56 46.96 108.32
CA PRO B 224 67.45 45.65 108.97
C PRO B 224 67.20 45.81 110.46
N ALA B 225 66.28 44.99 110.97
CA ALA B 225 65.84 45.13 112.36
C ALA B 225 66.93 44.78 113.35
N GLY B 226 67.87 43.92 112.97
CA GLY B 226 68.92 43.51 113.89
C GLY B 226 70.13 44.43 113.89
N GLY B 227 70.07 45.53 113.15
CA GLY B 227 71.20 46.44 113.07
C GLY B 227 71.51 46.90 111.66
N LEU B 228 72.30 47.95 111.53
CA LEU B 228 72.58 48.56 110.23
C LEU B 228 73.62 47.74 109.48
N THR B 229 73.17 47.01 108.46
CA THR B 229 74.10 46.28 107.59
C THR B 229 74.74 47.17 106.54
N SER B 230 74.32 48.43 106.45
CA SER B 230 74.85 49.37 105.48
C SER B 230 74.71 50.78 106.04
N LEU B 231 75.33 51.74 105.33
CA LEU B 231 75.26 53.18 105.61
C LEU B 231 75.72 53.52 107.02
N THR B 232 76.68 52.75 107.55
CA THR B 232 77.14 52.98 108.91
C THR B 232 78.01 54.22 109.00
N GLU B 233 78.81 54.49 107.98
CA GLU B 233 79.74 55.61 107.96
C GLU B 233 78.99 56.92 107.72
N PRO B 234 79.59 58.05 108.09
CA PRO B 234 79.02 59.33 107.67
C PRO B 234 79.22 59.53 106.18
N PRO B 235 78.36 60.32 105.53
CA PRO B 235 78.55 60.59 104.10
C PRO B 235 79.77 61.47 103.86
N LYS B 236 80.18 61.53 102.60
CA LYS B 236 81.45 62.17 102.27
C LYS B 236 81.33 63.68 102.14
N GLY B 237 80.12 64.19 101.99
CA GLY B 237 79.92 65.61 101.79
C GLY B 237 79.79 65.95 100.32
N PRO B 238 79.63 67.22 100.00
CA PRO B 238 79.53 67.61 98.59
C PRO B 238 80.89 67.57 97.91
N GLY B 239 80.89 67.10 96.67
CA GLY B 239 82.08 67.12 95.84
C GLY B 239 82.88 65.84 95.80
N PHE B 240 82.39 64.76 96.40
CA PHE B 240 83.13 63.51 96.42
C PHE B 240 83.11 62.85 95.05
N GLY B 241 84.29 62.53 94.52
CA GLY B 241 84.39 61.81 93.27
C GLY B 241 83.95 62.56 92.04
N VAL B 242 84.01 63.89 92.06
CA VAL B 242 83.62 64.69 90.90
C VAL B 242 84.73 64.60 89.85
N GLN B 243 84.38 64.08 88.68
CA GLN B 243 85.33 63.89 87.59
C GLN B 243 85.84 65.23 87.07
N ALA B 244 87.01 65.18 86.42
CA ALA B 244 87.61 66.37 85.84
C ALA B 244 86.77 66.89 84.68
N GLY B 245 86.50 68.19 84.71
CA GLY B 245 85.67 68.83 83.72
C GLY B 245 84.28 69.16 84.18
N LEU B 246 84.09 69.48 85.45
CA LEU B 246 82.78 69.77 86.00
C LEU B 246 82.90 70.58 87.29
N SER C 29 56.22 59.25 43.88
CA SER C 29 55.27 58.57 44.74
C SER C 29 55.97 58.00 45.98
N ASN C 30 55.56 58.48 47.15
CA ASN C 30 56.15 58.10 48.42
C ASN C 30 55.49 56.85 49.03
N LEU C 31 54.86 56.01 48.21
CA LEU C 31 54.34 54.73 48.66
C LEU C 31 55.47 53.85 49.16
N ILE C 32 55.17 53.01 50.16
CA ILE C 32 56.13 52.05 50.65
C ILE C 32 55.64 50.66 50.27
N GLU C 33 56.59 49.72 50.20
CA GLU C 33 56.30 48.37 49.75
C GLU C 33 56.27 47.41 50.94
N VAL C 34 55.18 46.67 51.06
CA VAL C 34 55.04 45.66 52.10
C VAL C 34 54.63 44.36 51.44
N PHE C 35 54.38 43.32 52.24
CA PHE C 35 54.04 42.00 51.74
C PHE C 35 52.91 41.44 52.58
N VAL C 36 51.87 40.95 51.93
CA VAL C 36 50.76 40.30 52.61
C VAL C 36 50.73 38.86 52.15
N ASP C 37 51.12 37.95 53.06
CA ASP C 37 51.28 36.51 52.79
C ASP C 37 52.23 36.26 51.62
N GLY C 38 53.28 37.08 51.54
CA GLY C 38 54.22 37.05 50.44
C GLY C 38 53.91 37.99 49.30
N GLN C 39 52.63 38.32 49.09
CA GLN C 39 52.22 39.11 47.94
C GLN C 39 52.52 40.59 48.17
N SER C 40 53.25 41.19 47.22
CA SER C 40 53.68 42.57 47.36
C SER C 40 52.53 43.53 47.04
N VAL C 41 52.20 44.39 48.00
CA VAL C 41 51.18 45.42 47.82
C VAL C 41 51.79 46.75 48.23
N MET C 42 51.31 47.83 47.60
CA MET C 42 51.85 49.17 47.80
C MET C 42 50.86 49.98 48.63
N VAL C 43 51.36 50.62 49.69
CA VAL C 43 50.54 51.37 50.62
C VAL C 43 51.16 52.75 50.85
N GLU C 44 50.28 53.75 51.03
CA GLU C 44 50.70 55.04 51.54
C GLU C 44 51.22 54.88 52.96
N PRO C 45 52.25 55.63 53.38
CA PRO C 45 52.72 55.53 54.76
C PRO C 45 51.67 56.01 55.76
N GLY C 46 51.64 55.34 56.91
CA GLY C 46 50.56 55.49 57.85
C GLY C 46 49.43 54.49 57.68
N THR C 47 49.54 53.58 56.71
CA THR C 47 48.52 52.57 56.50
C THR C 47 48.61 51.51 57.60
N THR C 48 47.47 51.15 58.18
CA THR C 48 47.47 50.07 59.14
C THR C 48 47.65 48.72 58.45
N VAL C 49 48.04 47.73 59.24
CA VAL C 49 48.27 46.37 58.74
C VAL C 49 46.95 45.78 58.23
N LEU C 50 45.86 46.10 58.92
CA LEU C 50 44.54 45.64 58.51
C LEU C 50 44.13 46.22 57.16
N GLN C 51 44.46 47.49 56.91
CA GLN C 51 44.17 48.07 55.61
C GLN C 51 45.12 47.56 54.53
N ALA C 52 46.37 47.24 54.91
CA ALA C 52 47.29 46.62 53.96
C ALA C 52 46.83 45.23 53.55
N CYS C 53 46.14 44.52 54.43
CA CYS C 53 45.55 43.24 54.05
C CYS C 53 44.22 43.42 53.33
N GLU C 54 43.50 44.50 53.62
CA GLU C 54 42.29 44.83 52.88
C GLU C 54 42.60 45.18 51.43
N LYS C 55 43.80 45.71 51.16
CA LYS C 55 44.16 46.05 49.79
C LYS C 55 44.50 44.84 48.92
N VAL C 56 44.48 43.63 49.46
CA VAL C 56 44.50 42.41 48.66
C VAL C 56 43.25 41.56 48.90
N GLY C 57 42.20 42.17 49.46
CA GLY C 57 40.94 41.49 49.62
C GLY C 57 40.85 40.52 50.77
N MET C 58 41.80 40.56 51.71
CA MET C 58 41.75 39.72 52.89
C MET C 58 41.21 40.54 54.05
N GLN C 59 40.18 40.04 54.72
CA GLN C 59 39.60 40.72 55.86
C GLN C 59 40.11 40.06 57.13
N ILE C 60 40.97 40.76 57.84
CA ILE C 60 41.44 40.30 59.16
C ILE C 60 40.25 40.34 60.13
N PRO C 61 40.02 39.28 60.92
CA PRO C 61 38.92 39.31 61.89
C PRO C 61 39.12 40.38 62.94
N ARG C 62 38.02 40.96 63.37
CA ARG C 62 38.06 42.12 64.25
C ARG C 62 36.76 42.18 65.03
N PHE C 63 36.83 42.75 66.21
CA PHE C 63 35.63 43.04 66.98
C PHE C 63 35.51 44.51 67.36
N CYS C 64 36.60 45.15 67.75
CA CYS C 64 36.53 46.53 68.18
C CYS C 64 36.89 47.52 67.09
N TYR C 65 37.64 47.09 66.07
CA TYR C 65 37.90 47.97 64.95
C TYR C 65 36.62 48.20 64.17
N HIS C 66 36.30 49.47 63.99
CA HIS C 66 35.27 49.88 63.05
C HIS C 66 35.88 50.97 62.19
N GLU C 67 35.66 50.89 60.88
CA GLU C 67 36.37 51.77 59.96
C GLU C 67 35.87 53.21 60.00
N ARG C 68 34.80 53.51 60.71
CA ARG C 68 34.35 54.87 60.89
C ARG C 68 34.44 55.34 62.33
N LEU C 69 34.76 54.44 63.26
CA LEU C 69 35.12 54.80 64.61
C LEU C 69 36.63 54.89 64.71
N SER C 70 37.10 55.52 65.78
CA SER C 70 38.53 55.59 65.98
C SER C 70 39.07 54.24 66.47
N VAL C 71 40.38 54.11 66.41
CA VAL C 71 41.03 52.83 66.71
C VAL C 71 41.14 52.69 68.22
N ALA C 72 40.67 51.55 68.74
CA ALA C 72 40.76 51.24 70.16
C ALA C 72 41.81 50.19 70.47
N GLY C 73 41.88 49.12 69.66
CA GLY C 73 42.88 48.10 69.86
C GLY C 73 42.68 47.24 71.09
N ASN C 74 41.42 46.97 71.48
CA ASN C 74 41.16 46.33 72.75
C ASN C 74 40.28 45.09 72.67
N CYS C 75 40.17 44.44 71.52
CA CYS C 75 39.65 43.09 71.50
C CYS C 75 40.71 42.06 71.19
N ARG C 76 41.83 42.48 70.58
CA ARG C 76 43.01 41.67 70.26
C ARG C 76 42.68 40.53 69.29
N MET C 77 41.64 40.67 68.48
CA MET C 77 41.30 39.63 67.52
C MET C 77 42.14 39.75 66.25
N CYS C 78 42.69 40.94 65.99
CA CYS C 78 43.48 41.18 64.79
C CYS C 78 44.96 40.89 64.98
N LEU C 79 45.31 40.08 65.96
CA LEU C 79 46.72 39.79 66.21
C LEU C 79 47.29 38.94 65.09
N VAL C 80 48.22 39.52 64.33
CA VAL C 80 48.74 38.92 63.11
C VAL C 80 50.26 38.85 63.23
N GLU C 81 50.87 37.85 62.58
CA GLU C 81 52.31 37.66 62.68
C GLU C 81 53.02 38.46 61.61
N ILE C 82 53.95 39.30 62.03
CA ILE C 82 54.99 39.83 61.15
C ILE C 82 56.18 38.89 61.27
N GLU C 83 56.64 38.35 60.14
CA GLU C 83 57.77 37.44 60.22
C GLU C 83 59.04 38.20 60.50
N LYS C 84 60.04 37.47 61.01
CA LYS C 84 61.29 38.00 61.55
C LYS C 84 61.03 39.03 62.67
N ALA C 85 59.98 38.78 63.45
CA ALA C 85 59.58 39.59 64.59
C ALA C 85 58.78 38.71 65.54
N PRO C 86 59.31 38.39 66.73
CA PRO C 86 58.71 37.32 67.53
C PRO C 86 57.54 37.74 68.40
N LYS C 87 56.58 38.50 67.84
CA LYS C 87 55.45 38.98 68.61
C LYS C 87 54.34 39.40 67.67
N VAL C 88 53.13 38.88 67.89
CA VAL C 88 51.99 39.27 67.07
C VAL C 88 51.59 40.70 67.38
N VAL C 89 51.26 41.45 66.33
CA VAL C 89 50.93 42.87 66.47
C VAL C 89 49.44 43.06 66.23
N ALA C 90 48.90 44.12 66.81
CA ALA C 90 47.49 44.45 66.65
C ALA C 90 47.31 45.16 65.30
N ALA C 91 46.79 44.43 64.32
CA ALA C 91 46.75 44.92 62.95
C ALA C 91 45.78 46.08 62.75
N CYS C 92 44.80 46.26 63.65
CA CYS C 92 43.89 47.38 63.51
C CYS C 92 44.59 48.70 63.83
N ALA C 93 45.57 48.67 64.72
CA ALA C 93 46.23 49.87 65.20
C ALA C 93 47.62 50.09 64.62
N MET C 94 48.31 49.02 64.25
CA MET C 94 49.73 49.08 63.91
C MET C 94 49.93 49.66 62.51
N PRO C 95 50.62 50.79 62.37
CA PRO C 95 50.97 51.26 61.02
C PRO C 95 52.04 50.36 60.44
N VAL C 96 51.96 50.13 59.13
CA VAL C 96 52.96 49.30 58.48
C VAL C 96 54.29 50.03 58.43
N MET C 97 55.37 49.26 58.48
CA MET C 97 56.71 49.77 58.21
C MET C 97 57.20 49.15 56.92
N LYS C 98 58.29 49.68 56.40
CA LYS C 98 58.80 49.26 55.11
C LYS C 98 59.31 47.81 55.15
N GLY C 99 58.83 46.99 54.23
CA GLY C 99 59.39 45.67 54.02
C GLY C 99 58.82 44.56 54.86
N TRP C 100 57.72 44.79 55.57
CA TRP C 100 57.12 43.73 56.38
C TRP C 100 56.46 42.67 55.50
N ASN C 101 56.51 41.43 55.97
CA ASN C 101 55.77 40.33 55.37
C ASN C 101 54.70 39.92 56.36
N ILE C 102 53.46 40.30 56.07
CA ILE C 102 52.35 40.04 56.97
C ILE C 102 51.87 38.62 56.75
N LEU C 103 51.71 37.86 57.83
CA LEU C 103 51.35 36.45 57.75
C LEU C 103 49.97 36.28 58.37
N THR C 104 48.93 36.35 57.53
CA THR C 104 47.57 36.30 58.02
C THR C 104 47.10 34.88 58.35
N ASN C 105 47.74 33.87 57.78
CA ASN C 105 47.29 32.49 57.92
C ASN C 105 48.41 31.59 58.44
N SER C 106 49.29 32.14 59.27
CA SER C 106 50.39 31.36 59.83
C SER C 106 49.90 30.64 61.09
N GLU C 107 50.83 29.99 61.80
CA GLU C 107 50.43 29.18 62.95
C GLU C 107 50.14 30.03 64.18
N LYS C 108 51.02 30.98 64.50
CA LYS C 108 50.83 31.74 65.73
C LYS C 108 49.75 32.81 65.59
N THR C 109 49.45 33.24 64.36
CA THR C 109 48.29 34.08 64.12
C THR C 109 47.00 33.32 64.41
N LYS C 110 46.92 32.08 63.95
CA LYS C 110 45.73 31.27 64.22
C LYS C 110 45.62 30.89 65.68
N LYS C 111 46.76 30.66 66.36
CA LYS C 111 46.71 30.43 67.80
C LYS C 111 46.27 31.67 68.57
N ALA C 112 46.70 32.85 68.10
CA ALA C 112 46.24 34.10 68.69
C ALA C 112 44.74 34.28 68.52
N ARG C 113 44.23 34.00 67.32
CA ARG C 113 42.79 34.14 67.07
C ARG C 113 41.97 33.16 67.87
N GLU C 114 42.42 31.90 67.95
CA GLU C 114 41.68 30.89 68.72
C GLU C 114 41.71 31.18 70.21
N GLY C 115 42.85 31.65 70.73
CA GLY C 115 42.91 31.99 72.14
C GLY C 115 42.06 33.19 72.50
N VAL C 116 42.10 34.24 71.67
CA VAL C 116 41.29 35.44 71.90
C VAL C 116 39.81 35.11 71.78
N MET C 117 39.44 34.23 70.85
CA MET C 117 38.05 33.77 70.77
C MET C 117 37.66 32.95 71.98
N GLU C 118 38.60 32.19 72.55
CA GLU C 118 38.31 31.44 73.77
C GLU C 118 38.07 32.38 74.94
N PHE C 119 38.82 33.47 75.03
CA PHE C 119 38.57 34.42 76.12
C PHE C 119 37.29 35.21 75.89
N LEU C 120 36.92 35.46 74.62
CA LEU C 120 35.65 36.12 74.35
C LEU C 120 34.46 35.23 74.66
N LEU C 121 34.62 33.92 74.50
CA LEU C 121 33.54 33.00 74.82
C LEU C 121 33.66 32.41 76.22
N ALA C 122 34.63 32.85 77.02
CA ALA C 122 34.74 32.39 78.39
C ALA C 122 33.54 32.83 79.23
N ASN C 123 33.13 34.09 79.10
CA ASN C 123 32.05 34.64 79.91
C ASN C 123 30.88 35.14 79.08
N HIS C 124 30.80 34.75 77.83
CA HIS C 124 29.64 35.14 77.04
C HIS C 124 28.49 34.17 77.31
N PRO C 125 27.26 34.67 77.44
CA PRO C 125 26.15 33.80 77.87
C PRO C 125 25.62 32.93 76.74
N LEU C 126 25.19 31.72 77.11
CA LEU C 126 24.62 30.81 76.14
C LEU C 126 23.20 31.26 75.75
N ASP C 127 23.10 32.34 74.98
CA ASP C 127 21.82 32.95 74.66
C ASP C 127 21.48 32.93 73.18
N CYS C 128 22.33 32.34 72.32
CA CYS C 128 22.17 32.24 70.87
C CYS C 128 20.77 31.86 70.35
N PRO C 129 19.98 31.03 71.05
CA PRO C 129 18.58 30.89 70.60
C PRO C 129 17.68 32.07 70.96
N ILE C 130 17.84 32.66 72.14
CA ILE C 130 16.92 33.72 72.57
C ILE C 130 17.49 35.09 72.22
N CYS C 131 18.47 35.11 71.33
CA CYS C 131 19.17 36.33 70.96
C CYS C 131 18.80 36.72 69.54
N ASP C 132 18.50 38.00 69.34
CA ASP C 132 18.17 38.49 68.01
C ASP C 132 19.39 38.55 67.10
N GLN C 133 20.59 38.60 67.66
CA GLN C 133 21.78 38.76 66.84
C GLN C 133 22.15 37.47 66.12
N GLY C 134 21.60 36.33 66.54
CA GLY C 134 21.83 35.05 65.91
C GLY C 134 21.49 34.98 64.43
N GLY C 135 22.44 34.51 63.63
CA GLY C 135 22.33 34.54 62.18
C GLY C 135 22.96 35.75 61.54
N GLU C 136 23.14 36.82 62.30
CA GLU C 136 23.77 38.05 61.87
C GLU C 136 24.75 38.54 62.93
N CYS C 137 25.33 37.61 63.67
CA CYS C 137 26.28 37.91 64.73
C CYS C 137 27.70 37.83 64.22
N ASP C 138 28.53 38.80 64.62
CA ASP C 138 29.96 38.69 64.34
C ASP C 138 30.59 37.59 65.17
N LEU C 139 30.24 37.51 66.46
CA LEU C 139 30.89 36.60 67.39
C LEU C 139 30.64 35.14 67.00
N GLN C 140 29.42 34.82 66.58
CA GLN C 140 29.12 33.47 66.08
C GLN C 140 29.93 33.15 64.84
N ASP C 141 29.95 34.07 63.87
CA ASP C 141 30.53 33.76 62.57
C ASP C 141 32.04 33.61 62.66
N GLN C 142 32.73 34.49 63.37
CA GLN C 142 34.16 34.29 63.45
C GLN C 142 34.59 33.43 64.64
N SER C 143 33.65 32.99 65.50
CA SER C 143 33.92 31.82 66.30
C SER C 143 33.90 30.55 65.45
N MET C 144 33.01 30.51 64.45
CA MET C 144 32.99 29.39 63.52
C MET C 144 34.20 29.41 62.60
N MET C 145 34.61 30.59 62.14
CA MET C 145 35.67 30.64 61.14
C MET C 145 37.05 30.63 61.78
N PHE C 146 37.27 31.43 62.83
CA PHE C 146 38.60 31.64 63.33
C PHE C 146 38.80 31.12 64.74
N GLY C 147 37.75 30.62 65.39
CA GLY C 147 37.85 30.11 66.73
C GLY C 147 37.96 28.59 66.77
N SER C 148 37.95 28.06 67.98
CA SER C 148 37.98 26.62 68.19
C SER C 148 36.57 26.07 68.00
N ASP C 149 36.37 24.81 68.39
CA ASP C 149 35.06 24.19 68.27
C ASP C 149 34.53 23.65 69.59
N ARG C 150 35.17 24.00 70.71
CA ARG C 150 34.75 23.50 72.01
C ARG C 150 35.33 24.42 73.09
N SER C 151 34.92 24.16 74.33
CA SER C 151 35.27 25.00 75.47
C SER C 151 36.22 24.26 76.40
N ARG C 152 37.21 24.98 76.90
CA ARG C 152 38.02 24.54 78.04
C ARG C 152 37.59 25.24 79.32
N PHE C 153 36.61 26.14 79.24
CA PHE C 153 36.14 26.89 80.38
C PHE C 153 35.23 25.99 81.22
N LEU C 154 35.54 25.86 82.51
CA LEU C 154 34.84 24.94 83.40
C LEU C 154 34.23 25.64 84.60
N GLU C 155 34.20 26.96 84.60
CA GLU C 155 33.77 27.76 85.74
C GLU C 155 32.37 28.32 85.50
N GLY C 156 31.92 29.13 86.45
CA GLY C 156 30.67 29.86 86.29
C GLY C 156 30.93 31.19 85.59
N LYS C 157 30.03 31.53 84.67
CA LYS C 157 30.14 32.76 83.90
C LYS C 157 29.61 33.94 84.69
N ARG C 158 30.12 35.12 84.34
CA ARG C 158 29.64 36.35 84.97
C ARG C 158 28.22 36.68 84.47
N ALA C 159 27.55 37.53 85.23
CA ALA C 159 26.26 38.07 84.82
C ALA C 159 26.27 39.56 85.11
N VAL C 160 25.71 40.33 84.17
CA VAL C 160 25.81 41.78 84.19
C VAL C 160 24.40 42.35 84.29
N GLU C 161 24.26 43.45 85.02
CA GLU C 161 22.98 44.13 85.16
C GLU C 161 22.53 44.75 83.85
N ASP C 162 21.25 44.60 83.54
CA ASP C 162 20.69 45.24 82.35
C ASP C 162 20.42 46.72 82.61
N LYS C 163 20.40 47.50 81.54
CA LYS C 163 20.24 48.93 81.62
C LYS C 163 19.00 49.36 80.83
N ASN C 164 18.51 50.55 81.13
CA ASN C 164 17.39 51.13 80.39
C ASN C 164 17.87 52.45 79.78
N ILE C 165 18.35 52.38 78.54
CA ILE C 165 18.76 53.57 77.82
C ILE C 165 17.67 54.06 76.88
N GLY C 166 16.44 53.56 77.05
CA GLY C 166 15.31 54.08 76.31
C GLY C 166 14.46 53.03 75.62
N PRO C 167 13.45 53.49 74.89
CA PRO C 167 12.52 52.56 74.24
C PRO C 167 13.04 51.97 72.94
N LEU C 168 14.19 52.40 72.46
CA LEU C 168 14.67 51.99 71.14
C LEU C 168 15.70 50.88 71.17
N VAL C 169 16.51 50.82 72.23
CA VAL C 169 17.64 49.90 72.28
C VAL C 169 17.41 48.97 73.46
N LYS C 170 17.12 47.71 73.17
CA LYS C 170 17.06 46.70 74.23
C LYS C 170 18.46 46.38 74.70
N THR C 171 18.71 46.59 75.99
CA THR C 171 20.03 46.42 76.57
C THR C 171 20.05 45.14 77.39
N ILE C 172 20.86 44.17 76.96
CA ILE C 172 21.12 42.95 77.72
C ILE C 172 22.64 42.85 77.82
N MET C 173 23.21 43.37 78.91
CA MET C 173 24.65 43.59 79.01
C MET C 173 25.46 42.35 79.37
N THR C 174 24.83 41.19 79.55
CA THR C 174 25.64 39.99 79.76
C THR C 174 26.34 39.59 78.46
N ARG C 175 25.70 39.87 77.33
CA ARG C 175 26.22 39.59 76.01
C ARG C 175 27.31 40.55 75.58
N CYS C 176 27.50 41.67 76.29
CA CYS C 176 28.52 42.65 75.91
C CYS C 176 29.92 42.06 76.05
N ILE C 177 30.75 42.28 75.01
CA ILE C 177 32.13 41.84 75.01
C ILE C 177 33.09 43.02 75.17
N GLN C 178 32.57 44.20 75.55
CA GLN C 178 33.35 45.40 75.90
C GLN C 178 34.23 45.87 74.75
N CYS C 179 33.68 45.91 73.55
CA CYS C 179 34.46 46.33 72.39
C CYS C 179 34.53 47.84 72.23
N THR C 180 33.78 48.59 73.05
CA THR C 180 33.77 50.06 73.12
C THR C 180 33.41 50.72 71.80
N ARG C 181 32.57 50.09 70.98
CA ARG C 181 32.01 50.81 69.84
C ARG C 181 30.88 51.73 70.24
N CYS C 182 30.18 51.39 71.34
CA CYS C 182 29.27 52.28 72.05
C CYS C 182 29.83 53.67 72.24
N ILE C 183 30.94 53.72 72.96
CA ILE C 183 31.44 54.96 73.50
C ILE C 183 32.08 55.79 72.42
N ARG C 184 32.75 55.12 71.47
CA ARG C 184 33.32 55.82 70.33
C ARG C 184 32.24 56.36 69.41
N PHE C 185 31.11 55.64 69.25
CA PHE C 185 30.01 56.18 68.47
C PHE C 185 29.39 57.39 69.14
N ALA C 186 28.99 57.25 70.41
CA ALA C 186 28.34 58.32 71.15
C ALA C 186 29.31 59.39 71.65
N SER C 187 30.59 59.29 71.33
CA SER C 187 31.55 60.35 71.59
C SER C 187 32.04 61.05 70.35
N GLU C 188 32.00 60.39 69.19
CA GLU C 188 32.51 60.97 67.96
C GLU C 188 31.42 61.29 66.95
N ILE C 189 30.55 60.35 66.65
CA ILE C 189 29.57 60.53 65.59
C ILE C 189 28.26 61.08 66.13
N ALA C 190 27.77 60.54 67.26
CA ALA C 190 26.56 61.07 67.85
C ALA C 190 26.82 62.31 68.69
N GLY C 191 28.01 62.42 69.28
CA GLY C 191 28.39 63.60 70.05
C GLY C 191 27.58 63.81 71.31
N VAL C 192 27.38 62.73 72.08
CA VAL C 192 26.43 62.71 73.19
C VAL C 192 27.12 62.51 74.53
N ASP C 193 28.11 61.60 74.58
CA ASP C 193 28.96 61.35 75.76
C ASP C 193 28.18 60.85 76.97
N ASP C 194 27.16 60.02 76.77
CA ASP C 194 26.44 59.42 77.88
C ASP C 194 26.98 58.04 78.26
N LEU C 195 27.74 57.40 77.38
CA LEU C 195 28.21 56.04 77.59
C LEU C 195 29.66 56.02 78.04
N GLY C 196 30.01 54.95 78.76
CA GLY C 196 31.38 54.77 79.17
C GLY C 196 31.54 53.43 79.84
N THR C 197 32.76 53.18 80.33
CA THR C 197 33.08 51.98 81.07
C THR C 197 33.17 52.32 82.54
N THR C 198 32.27 51.74 83.33
CA THR C 198 32.38 51.81 84.78
C THR C 198 32.90 50.49 85.32
N GLY C 199 33.67 50.56 86.39
CA GLY C 199 34.27 49.39 86.94
C GLY C 199 35.67 49.15 86.40
N ARG C 200 36.16 47.95 86.66
CA ARG C 200 37.53 47.60 86.34
C ARG C 200 37.63 46.08 86.30
N GLY C 201 38.53 45.58 85.47
CA GLY C 201 38.73 44.14 85.39
C GLY C 201 37.62 43.43 84.65
N ASN C 202 37.30 42.22 85.11
CA ASN C 202 36.21 41.48 84.50
C ASN C 202 34.85 42.00 84.88
N ASP C 203 34.77 42.87 85.90
CA ASP C 203 33.52 43.52 86.28
C ASP C 203 33.37 44.89 85.64
N MET C 204 34.17 45.21 84.64
CA MET C 204 34.00 46.47 83.91
C MET C 204 32.74 46.39 83.07
N GLN C 205 31.92 47.43 83.11
CA GLN C 205 30.60 47.40 82.50
C GLN C 205 30.40 48.62 81.64
N VAL C 206 30.17 48.40 80.36
CA VAL C 206 29.73 49.48 79.48
C VAL C 206 28.31 49.89 79.87
N GLY C 207 28.09 51.19 80.00
CA GLY C 207 26.80 51.68 80.44
C GLY C 207 26.83 53.18 80.63
N THR C 208 25.85 53.69 81.37
CA THR C 208 25.71 55.12 81.60
C THR C 208 25.93 55.51 83.06
N TYR C 209 26.02 54.53 83.97
CA TYR C 209 26.25 54.61 85.41
C TYR C 209 25.04 55.16 86.18
N ILE C 210 24.07 55.70 85.46
CA ILE C 210 22.81 56.15 86.04
C ILE C 210 21.68 55.66 85.14
N GLU C 211 20.46 55.84 85.63
CA GLU C 211 19.28 55.60 84.80
C GLU C 211 19.10 56.84 83.92
N LYS C 212 19.91 56.89 82.86
CA LYS C 212 19.89 57.99 81.91
C LYS C 212 19.55 57.43 80.54
N MET C 213 18.77 58.19 79.78
CA MET C 213 18.15 57.69 78.56
C MET C 213 18.91 58.22 77.36
N PHE C 214 19.46 57.31 76.56
CA PHE C 214 20.27 57.66 75.38
C PHE C 214 19.32 57.85 74.21
N MET C 215 18.80 59.07 74.07
CA MET C 215 17.97 59.44 72.94
C MET C 215 18.72 60.52 72.15
N SER C 216 19.44 60.09 71.14
CA SER C 216 19.94 60.96 70.10
C SER C 216 19.06 60.79 68.86
N GLU C 217 19.28 61.65 67.87
CA GLU C 217 18.65 61.43 66.59
C GLU C 217 19.29 60.28 65.84
N LEU C 218 20.51 59.88 66.21
CA LEU C 218 21.25 58.80 65.58
C LEU C 218 21.39 57.60 66.51
N SER C 219 20.56 57.53 67.57
CA SER C 219 20.81 56.63 68.68
C SER C 219 20.62 55.16 68.34
N GLY C 220 19.87 54.85 67.29
CA GLY C 220 19.70 53.45 66.93
C GLY C 220 20.84 52.83 66.17
N ASN C 221 21.90 53.56 65.86
CA ASN C 221 22.98 52.95 65.10
C ASN C 221 23.91 52.13 65.98
N ILE C 222 23.77 52.25 67.30
CA ILE C 222 24.46 51.34 68.22
C ILE C 222 23.87 49.94 68.16
N ILE C 223 22.67 49.78 67.59
CA ILE C 223 22.15 48.45 67.30
C ILE C 223 22.87 47.88 66.10
N ASP C 224 23.22 48.72 65.12
CA ASP C 224 24.00 48.28 63.97
C ASP C 224 25.39 47.84 64.39
N ILE C 225 26.12 48.73 65.07
CA ILE C 225 27.54 48.46 65.26
C ILE C 225 27.86 47.63 66.48
N CYS C 226 26.89 47.26 67.29
CA CYS C 226 27.18 46.28 68.32
C CYS C 226 27.39 44.92 67.66
N PRO C 227 28.58 44.31 67.78
CA PRO C 227 28.81 43.04 67.10
C PRO C 227 28.10 41.87 67.74
N VAL C 228 27.58 42.05 68.93
CA VAL C 228 26.93 41.00 69.69
C VAL C 228 25.49 41.42 69.96
N GLY C 229 24.75 40.60 70.72
CA GLY C 229 23.36 40.90 70.97
C GLY C 229 23.11 41.75 72.20
N ALA C 230 24.10 42.53 72.61
CA ALA C 230 23.94 43.35 73.81
C ALA C 230 23.06 44.56 73.57
N LEU C 231 23.06 45.11 72.37
CA LEU C 231 22.23 46.25 72.02
C LEU C 231 21.37 45.85 70.82
N THR C 232 20.11 45.54 71.07
CA THR C 232 19.23 45.08 70.02
C THR C 232 18.06 46.02 69.85
N SER C 233 17.40 45.90 68.70
CA SER C 233 16.27 46.73 68.34
C SER C 233 15.03 46.25 69.09
N LYS C 234 14.59 47.03 70.07
CA LYS C 234 13.40 46.70 70.87
C LYS C 234 12.10 46.62 70.06
N PRO C 235 11.85 47.45 69.03
CA PRO C 235 10.70 47.12 68.15
C PRO C 235 10.87 45.85 67.35
N TYR C 236 12.04 45.63 66.76
CA TYR C 236 12.27 44.43 65.97
C TYR C 236 12.44 43.18 66.85
N ALA C 237 12.62 43.37 68.16
CA ALA C 237 12.92 42.31 69.12
C ALA C 237 11.93 41.17 69.07
N PHE C 238 12.48 39.97 68.82
CA PHE C 238 11.89 38.64 68.87
C PHE C 238 11.02 38.35 67.66
N THR C 239 10.85 39.29 66.72
CA THR C 239 9.84 39.12 65.68
C THR C 239 10.36 38.31 64.50
N ALA C 240 11.62 38.50 64.11
CA ALA C 240 12.13 37.85 62.92
C ALA C 240 13.57 37.42 63.16
N ARG C 241 14.23 37.04 62.08
CA ARG C 241 15.50 36.34 62.14
C ARG C 241 16.13 36.45 60.74
N PRO C 242 17.42 36.81 60.63
CA PRO C 242 17.92 37.39 59.36
C PRO C 242 17.96 36.45 58.16
N TRP C 243 18.17 35.15 58.35
CA TRP C 243 18.32 34.28 57.18
C TRP C 243 17.02 34.10 56.41
N GLU C 244 15.87 34.34 57.02
CA GLU C 244 14.62 34.25 56.29
C GLU C 244 14.14 35.61 55.81
N THR C 245 14.77 36.69 56.24
CA THR C 245 14.41 38.03 55.77
C THR C 245 14.87 38.22 54.33
N ARG C 246 13.98 38.73 53.49
CA ARG C 246 14.32 39.09 52.13
C ARG C 246 14.80 40.54 52.10
N LYS C 247 15.96 40.76 51.52
CA LYS C 247 16.59 42.08 51.54
C LYS C 247 16.17 42.85 50.29
N THR C 248 15.65 44.06 50.51
CA THR C 248 15.22 44.95 49.44
C THR C 248 15.89 46.28 49.63
N GLU C 249 16.66 46.70 48.63
CA GLU C 249 17.53 47.87 48.76
C GLU C 249 16.77 49.11 48.29
N SER C 250 16.38 49.97 49.23
CA SER C 250 15.49 51.08 48.94
C SER C 250 16.03 52.41 49.44
N ILE C 251 15.20 53.45 49.42
CA ILE C 251 15.61 54.82 49.75
C ILE C 251 14.76 55.32 50.91
N ASP C 252 15.39 56.04 51.83
CA ASP C 252 14.65 56.80 52.84
C ASP C 252 13.88 57.94 52.20
N VAL C 253 12.73 58.26 52.79
CA VAL C 253 11.94 59.44 52.42
C VAL C 253 11.58 60.26 53.65
N MET C 254 12.08 59.87 54.82
CA MET C 254 11.69 60.56 56.06
C MET C 254 12.24 61.98 56.15
N ASP C 255 13.22 62.31 55.33
CA ASP C 255 13.71 63.68 55.20
C ASP C 255 14.19 63.87 53.76
N ALA C 256 14.86 64.98 53.50
CA ALA C 256 15.37 65.27 52.17
C ALA C 256 16.81 64.80 51.98
N VAL C 257 17.30 63.95 52.87
CA VAL C 257 18.68 63.47 52.75
C VAL C 257 18.78 62.29 51.78
N GLY C 258 17.76 61.45 51.74
CA GLY C 258 17.77 60.34 50.80
C GLY C 258 18.73 59.25 51.24
N SER C 259 18.60 58.83 52.51
CA SER C 259 19.45 57.77 53.03
C SER C 259 19.14 56.46 52.34
N ASN C 260 20.17 55.71 52.00
CA ASN C 260 19.98 54.43 51.33
C ASN C 260 19.86 53.34 52.37
N ILE C 261 18.81 52.52 52.23
CA ILE C 261 18.39 51.61 53.28
C ILE C 261 18.10 50.23 52.70
N VAL C 262 17.99 49.26 53.60
CA VAL C 262 17.46 47.94 53.29
C VAL C 262 16.12 47.79 54.01
N VAL C 263 15.05 47.66 53.24
CA VAL C 263 13.75 47.31 53.80
C VAL C 263 13.66 45.79 53.77
N SER C 264 13.93 45.15 54.90
CA SER C 264 13.99 43.69 54.95
C SER C 264 12.62 43.15 55.31
N THR C 265 12.07 42.33 54.43
CA THR C 265 10.75 41.76 54.62
C THR C 265 10.85 40.26 54.90
N ARG C 266 9.84 39.74 55.58
CA ARG C 266 9.71 38.31 55.80
C ARG C 266 8.30 37.91 55.44
N THR C 267 8.17 37.14 54.35
CA THR C 267 6.90 36.55 53.88
C THR C 267 5.80 37.60 53.71
N GLY C 268 6.17 38.77 53.20
CA GLY C 268 5.21 39.77 52.83
C GLY C 268 4.94 40.85 53.86
N GLU C 269 5.76 40.97 54.90
CA GLU C 269 5.59 42.01 55.89
C GLU C 269 6.94 42.63 56.22
N VAL C 270 6.96 43.96 56.31
CA VAL C 270 8.19 44.69 56.65
C VAL C 270 8.60 44.38 58.08
N MET C 271 9.84 43.93 58.25
CA MET C 271 10.34 43.54 59.57
C MET C 271 11.20 44.61 60.24
N ARG C 272 12.12 45.22 59.50
CA ARG C 272 12.96 46.30 60.02
C ARG C 272 13.55 47.05 58.83
N ILE C 273 14.17 48.18 59.14
CA ILE C 273 14.91 48.97 58.17
C ILE C 273 16.36 49.07 58.64
N LEU C 274 17.27 48.53 57.87
CA LEU C 274 18.70 48.63 58.06
C LEU C 274 19.27 49.69 57.13
N PRO C 275 20.48 50.19 57.36
CA PRO C 275 21.10 51.09 56.40
C PRO C 275 21.80 50.32 55.28
N ARG C 276 22.06 51.04 54.19
CA ARG C 276 23.04 50.65 53.20
C ARG C 276 24.26 51.55 53.31
N MET C 277 25.40 51.01 52.90
CA MET C 277 26.61 51.82 52.83
C MET C 277 26.59 52.64 51.56
N HIS C 278 26.40 53.95 51.71
CA HIS C 278 26.60 54.87 50.61
C HIS C 278 27.57 55.94 51.06
N GLU C 279 28.72 56.00 50.40
CA GLU C 279 29.85 56.80 50.84
C GLU C 279 29.60 58.31 50.78
N ASP C 280 28.50 58.76 50.18
CA ASP C 280 28.29 60.17 49.94
C ASP C 280 26.99 60.72 50.51
N ILE C 281 26.18 59.90 51.16
CA ILE C 281 24.95 60.40 51.76
C ILE C 281 24.91 60.10 53.26
N ASN C 282 24.90 58.81 53.62
CA ASN C 282 24.50 58.38 54.95
C ASN C 282 25.47 57.36 55.53
N GLU C 283 26.76 57.66 55.51
CA GLU C 283 27.86 56.75 55.19
C GLU C 283 27.62 55.26 55.43
N GLU C 284 27.25 54.88 56.65
CA GLU C 284 26.53 53.62 56.84
C GLU C 284 25.49 53.74 57.97
N TRP C 285 25.01 54.94 58.22
CA TRP C 285 24.11 55.22 59.34
C TRP C 285 22.75 55.63 58.81
N ILE C 286 21.75 55.65 59.69
CA ILE C 286 20.44 56.27 59.44
C ILE C 286 19.96 56.87 60.75
N SER C 287 19.05 57.83 60.64
CA SER C 287 18.44 58.41 61.83
C SER C 287 17.40 57.47 62.41
N ASP C 288 16.93 57.79 63.62
CA ASP C 288 15.99 56.90 64.30
C ASP C 288 14.60 56.98 63.68
N LYS C 289 14.27 58.11 63.07
CA LYS C 289 13.04 58.23 62.30
C LYS C 289 13.04 57.22 61.15
N THR C 290 14.13 57.18 60.40
CA THR C 290 14.32 56.21 59.32
C THR C 290 14.28 54.79 59.85
N ARG C 291 14.95 54.54 60.98
CA ARG C 291 15.12 53.17 61.45
C ARG C 291 13.84 52.61 62.04
N PHE C 292 13.06 53.44 62.73
CA PHE C 292 11.95 52.92 63.53
C PHE C 292 10.59 53.47 63.14
N ALA C 293 10.46 54.22 62.04
CA ALA C 293 9.13 54.64 61.62
C ALA C 293 8.49 53.66 60.66
N TYR C 294 8.99 52.42 60.60
CA TYR C 294 8.40 51.42 59.71
C TYR C 294 7.12 50.83 60.28
N ASP C 295 6.83 51.05 61.55
CA ASP C 295 5.63 50.47 62.15
C ASP C 295 4.45 51.44 62.20
N GLY C 296 4.65 52.69 61.79
CA GLY C 296 3.53 53.52 61.40
C GLY C 296 2.97 53.17 60.05
N LEU C 297 3.73 52.39 59.28
CA LEU C 297 3.41 51.99 57.92
C LEU C 297 2.40 50.85 57.87
N LYS C 298 1.86 50.44 59.02
CA LYS C 298 0.85 49.39 59.09
C LYS C 298 -0.28 49.76 60.04
N ARG C 299 -0.29 50.98 60.56
CA ARG C 299 -1.40 51.53 61.31
C ARG C 299 -1.98 52.71 60.55
N GLN C 300 -3.29 52.95 60.77
CA GLN C 300 -4.03 54.08 60.20
C GLN C 300 -3.94 54.11 58.68
N ARG C 301 -4.02 52.94 58.05
CA ARG C 301 -3.75 52.83 56.63
C ARG C 301 -5.01 53.01 55.79
N LEU C 302 -4.85 53.69 54.66
CA LEU C 302 -5.90 53.77 53.65
C LEU C 302 -5.80 52.53 52.78
N THR C 303 -6.84 51.69 52.82
CA THR C 303 -6.81 50.46 52.05
C THR C 303 -7.88 50.38 50.98
N GLU C 304 -9.01 51.05 51.14
CA GLU C 304 -10.08 50.92 50.16
C GLU C 304 -10.54 52.30 49.69
N PRO C 305 -10.98 52.40 48.44
CA PRO C 305 -11.54 53.68 47.96
C PRO C 305 -12.80 54.06 48.71
N MET C 306 -12.77 55.22 49.35
CA MET C 306 -13.89 55.73 50.12
C MET C 306 -14.53 56.90 49.37
N VAL C 307 -15.85 56.98 49.45
CA VAL C 307 -16.62 58.12 48.95
C VAL C 307 -17.60 58.53 50.04
N ARG C 308 -18.13 59.75 49.92
CA ARG C 308 -19.15 60.22 50.85
C ARG C 308 -20.49 59.62 50.48
N ASN C 309 -21.22 59.14 51.48
CA ASN C 309 -22.57 58.65 51.26
C ASN C 309 -23.56 59.81 51.31
N GLU C 310 -24.86 59.49 51.42
CA GLU C 310 -25.87 60.53 51.51
C GLU C 310 -25.93 61.18 52.89
N LYS C 311 -25.27 60.60 53.89
CA LYS C 311 -25.14 61.22 55.20
C LYS C 311 -23.79 61.91 55.39
N GLY C 312 -23.05 62.14 54.32
CA GLY C 312 -21.78 62.83 54.40
C GLY C 312 -20.68 62.06 55.10
N LEU C 313 -20.79 60.74 55.17
CA LEU C 313 -19.81 59.90 55.85
C LEU C 313 -19.03 59.11 54.82
N LEU C 314 -17.71 59.07 54.99
CA LEU C 314 -16.85 58.25 54.14
C LEU C 314 -17.16 56.78 54.34
N THR C 315 -17.52 56.11 53.25
CA THR C 315 -17.81 54.68 53.27
C THR C 315 -17.15 54.01 52.08
N HIS C 316 -16.95 52.70 52.20
CA HIS C 316 -16.15 51.96 51.25
C HIS C 316 -16.89 51.77 49.93
N THR C 317 -16.12 51.79 48.84
CA THR C 317 -16.64 51.49 47.51
C THR C 317 -15.50 50.98 46.64
N THR C 318 -15.82 50.67 45.39
CA THR C 318 -14.85 50.12 44.46
C THR C 318 -14.00 51.23 43.83
N TRP C 319 -13.10 50.84 42.93
CA TRP C 319 -12.32 51.82 42.19
C TRP C 319 -13.12 52.49 41.08
N GLU C 320 -14.05 51.78 40.47
CA GLU C 320 -14.85 52.34 39.38
C GLU C 320 -15.67 53.52 39.86
N ASP C 321 -16.29 53.40 41.03
CA ASP C 321 -17.10 54.47 41.60
C ASP C 321 -16.25 55.70 41.93
N ALA C 322 -15.11 55.48 42.60
CA ALA C 322 -14.26 56.58 43.02
C ALA C 322 -13.66 57.32 41.82
N LEU C 323 -13.12 56.56 40.85
CA LEU C 323 -12.55 57.19 39.67
C LEU C 323 -13.62 57.86 38.80
N SER C 324 -14.83 57.27 38.75
CA SER C 324 -15.90 57.88 37.95
C SER C 324 -16.38 59.18 38.56
N ARG C 325 -16.53 59.23 39.90
CA ARG C 325 -16.96 60.46 40.54
C ARG C 325 -15.89 61.55 40.47
N VAL C 326 -14.62 61.19 40.69
CA VAL C 326 -13.56 62.17 40.64
C VAL C 326 -13.35 62.69 39.22
N ALA C 327 -13.42 61.81 38.21
CA ALA C 327 -13.26 62.26 36.84
C ALA C 327 -14.48 63.02 36.34
N GLY C 328 -15.67 62.69 36.86
CA GLY C 328 -16.86 63.44 36.48
C GLY C 328 -16.85 64.84 37.04
N MET C 329 -16.37 65.00 38.28
CA MET C 329 -16.20 66.35 38.80
C MET C 329 -15.02 67.06 38.14
N LEU C 330 -14.03 66.29 37.67
CA LEU C 330 -12.88 66.86 36.98
C LEU C 330 -13.26 67.39 35.59
N GLN C 331 -14.23 66.76 34.93
CA GLN C 331 -14.65 67.24 33.62
C GLN C 331 -15.40 68.56 33.70
N SER C 332 -16.16 68.78 34.77
CA SER C 332 -16.85 70.04 34.96
C SER C 332 -15.92 71.17 35.40
N CYS C 333 -14.70 70.85 35.82
CA CYS C 333 -13.70 71.84 36.20
C CYS C 333 -12.76 72.10 35.03
N GLN C 334 -12.39 73.36 34.82
CA GLN C 334 -11.49 73.75 33.75
C GLN C 334 -10.89 75.12 34.03
N GLY C 335 -9.57 75.23 33.89
CA GLY C 335 -8.89 76.50 34.10
C GLY C 335 -8.29 76.56 35.49
N ASN C 336 -8.74 77.51 36.30
CA ASN C 336 -8.38 77.58 37.69
C ASN C 336 -9.43 76.93 38.60
N ASP C 337 -10.33 76.13 38.03
CA ASP C 337 -11.35 75.49 38.83
C ASP C 337 -10.79 74.30 39.60
N VAL C 338 -9.81 73.59 39.05
CA VAL C 338 -9.19 72.45 39.70
C VAL C 338 -7.77 72.85 40.09
N ALA C 339 -7.25 72.24 41.15
CA ALA C 339 -5.93 72.54 41.66
C ALA C 339 -5.33 71.25 42.24
N ALA C 340 -4.18 71.39 42.90
CA ALA C 340 -3.45 70.23 43.39
C ALA C 340 -2.46 70.68 44.45
N ILE C 341 -2.32 69.88 45.52
CA ILE C 341 -1.31 70.11 46.55
C ILE C 341 -0.44 68.86 46.65
N ALA C 342 0.85 69.03 46.42
CA ALA C 342 1.80 67.95 46.62
C ALA C 342 2.11 67.77 48.09
N GLY C 343 2.17 66.52 48.54
CA GLY C 343 2.46 66.20 49.92
C GLY C 343 3.94 66.02 50.17
N GLY C 344 4.25 65.60 51.41
CA GLY C 344 5.63 65.49 51.80
C GLY C 344 6.34 64.28 51.24
N LEU C 345 5.60 63.22 50.91
CA LEU C 345 6.16 61.91 50.65
C LEU C 345 5.83 61.41 49.24
N VAL C 346 5.77 62.30 48.27
CA VAL C 346 5.28 61.95 46.94
C VAL C 346 6.45 61.72 46.01
N ASP C 347 6.43 60.62 45.28
CA ASP C 347 7.46 60.36 44.28
C ASP C 347 7.25 61.21 43.03
N ALA C 348 8.31 61.29 42.23
CA ALA C 348 8.28 62.10 41.02
C ALA C 348 7.37 61.53 39.95
N GLU C 349 7.12 60.21 39.98
CA GLU C 349 6.20 59.61 39.02
C GLU C 349 4.77 60.09 39.24
N ALA C 350 4.30 60.11 40.50
CA ALA C 350 2.96 60.63 40.75
C ALA C 350 2.89 62.14 40.57
N LEU C 351 4.00 62.85 40.79
CA LEU C 351 4.01 64.29 40.58
C LEU C 351 3.88 64.62 39.10
N ILE C 352 4.60 63.90 38.24
CA ILE C 352 4.46 64.16 36.82
C ILE C 352 3.15 63.57 36.28
N ALA C 353 2.61 62.55 36.95
CA ALA C 353 1.29 62.04 36.58
C ALA C 353 0.21 63.08 36.82
N LEU C 354 0.21 63.67 38.03
CA LEU C 354 -0.79 64.68 38.35
C LEU C 354 -0.55 65.97 37.57
N LYS C 355 0.71 66.26 37.25
CA LYS C 355 1.00 67.46 36.45
C LYS C 355 0.51 67.30 35.02
N ASP C 356 0.69 66.11 34.43
CA ASP C 356 0.15 65.87 33.10
C ASP C 356 -1.37 65.87 33.11
N LEU C 357 -1.98 65.33 34.18
CA LEU C 357 -3.44 65.30 34.25
C LEU C 357 -4.03 66.70 34.39
N LEU C 358 -3.44 67.55 35.22
CA LEU C 358 -3.97 68.91 35.32
C LEU C 358 -3.51 69.82 34.20
N ASN C 359 -2.47 69.44 33.45
CA ASN C 359 -2.16 70.21 32.25
C ASN C 359 -3.04 69.83 31.07
N ARG C 360 -3.64 68.63 31.07
CA ARG C 360 -4.62 68.33 30.02
C ARG C 360 -5.91 69.10 30.18
N VAL C 361 -6.15 69.72 31.35
CA VAL C 361 -7.37 70.45 31.59
C VAL C 361 -7.00 71.93 31.61
N ASP C 362 -5.72 72.20 31.31
CA ASP C 362 -5.09 73.53 31.39
C ASP C 362 -5.27 74.14 32.78
N SER C 363 -4.66 73.47 33.75
CA SER C 363 -4.55 73.97 35.11
C SER C 363 -3.10 73.90 35.53
N ASP C 364 -2.47 75.05 35.73
CA ASP C 364 -1.13 75.10 36.27
C ASP C 364 -1.12 75.23 37.78
N THR C 365 -2.28 75.29 38.42
CA THR C 365 -2.37 75.55 39.86
C THR C 365 -1.97 74.27 40.60
N LEU C 366 -0.66 74.08 40.71
CA LEU C 366 -0.09 72.90 41.36
C LEU C 366 0.91 73.38 42.40
N CYS C 367 0.74 72.91 43.62
CA CYS C 367 1.42 73.49 44.77
C CYS C 367 2.09 72.42 45.60
N THR C 368 3.15 72.82 46.30
CA THR C 368 3.68 72.06 47.42
C THR C 368 3.32 72.78 48.70
N GLU C 369 3.46 72.07 49.82
CA GLU C 369 3.22 72.70 51.10
C GLU C 369 4.39 73.55 51.56
N GLU C 370 5.61 73.18 51.17
CA GLU C 370 6.79 73.88 51.64
C GLU C 370 7.03 75.13 50.80
N VAL C 371 6.89 76.29 51.42
CA VAL C 371 6.95 77.57 50.71
C VAL C 371 8.39 77.85 50.34
N PHE C 372 8.71 77.69 49.06
CA PHE C 372 9.95 78.21 48.52
C PHE C 372 9.65 79.48 47.75
N PRO C 373 10.45 80.55 47.93
CA PRO C 373 10.14 81.81 47.25
C PRO C 373 10.44 81.76 45.76
N THR C 374 9.62 82.46 44.98
CA THR C 374 9.80 82.56 43.55
C THR C 374 10.28 83.94 43.11
N ALA C 375 10.65 84.80 44.05
CA ALA C 375 11.17 86.13 43.72
C ALA C 375 12.55 85.98 43.08
N GLY C 376 12.63 86.21 41.78
CA GLY C 376 13.88 86.07 41.07
C GLY C 376 13.87 84.91 40.08
N ALA C 377 14.93 84.10 40.11
CA ALA C 377 14.96 82.91 39.26
C ALA C 377 13.94 81.88 39.73
N GLY C 378 13.82 81.70 41.04
CA GLY C 378 12.81 80.79 41.57
C GLY C 378 13.18 79.34 41.31
N THR C 379 12.27 78.63 40.65
CA THR C 379 12.46 77.22 40.33
C THR C 379 13.05 77.04 38.94
N ASP C 380 13.39 78.13 38.26
CA ASP C 380 13.86 78.06 36.88
C ASP C 380 15.30 77.58 36.82
N LEU C 381 16.13 78.04 37.74
CA LEU C 381 17.52 77.62 37.84
C LEU C 381 17.64 76.68 39.03
N ARG C 382 18.24 75.51 38.80
CA ARG C 382 18.34 74.51 39.86
C ARG C 382 19.28 74.92 40.98
N SER C 383 20.17 75.88 40.74
CA SER C 383 21.25 76.16 41.68
C SER C 383 20.75 76.80 42.97
N ASN C 384 19.78 77.70 42.89
CA ASN C 384 19.36 78.40 44.10
C ASN C 384 18.24 77.67 44.85
N TYR C 385 18.09 76.35 44.68
CA TYR C 385 17.32 75.58 45.64
C TYR C 385 17.94 74.22 45.96
N LEU C 386 19.19 73.97 45.58
CA LEU C 386 19.84 72.71 45.89
C LEU C 386 20.85 72.87 47.02
N LEU C 387 21.38 71.73 47.45
CA LEU C 387 22.57 71.68 48.30
C LEU C 387 23.74 71.54 47.34
N ASN C 388 24.19 72.67 46.81
CA ASN C 388 25.05 72.68 45.63
C ASN C 388 26.47 72.23 45.91
N THR C 389 26.91 72.22 47.16
CA THR C 389 28.30 71.85 47.42
C THR C 389 28.48 70.34 47.28
N THR C 390 27.92 69.58 48.23
CA THR C 390 27.25 68.28 48.20
C THR C 390 27.06 67.89 49.66
N ILE C 391 26.41 66.76 49.92
CA ILE C 391 26.59 66.13 51.22
C ILE C 391 28.04 65.72 51.39
N ALA C 392 28.68 65.26 50.31
CA ALA C 392 30.10 64.92 50.34
C ALA C 392 30.98 66.17 50.40
N GLY C 393 30.50 67.32 49.96
CA GLY C 393 31.31 68.52 49.92
C GLY C 393 31.56 69.21 51.24
N VAL C 394 30.97 68.70 52.33
CA VAL C 394 31.21 69.28 53.64
C VAL C 394 32.63 68.99 54.11
N GLU C 395 33.21 67.89 53.62
CA GLU C 395 34.56 67.51 54.02
C GLU C 395 35.62 68.45 53.46
N GLU C 396 35.38 69.03 52.29
CA GLU C 396 36.36 69.90 51.66
C GLU C 396 36.20 71.37 52.04
N ALA C 397 35.14 71.72 52.75
CA ALA C 397 34.94 73.08 53.23
C ALA C 397 35.84 73.36 54.43
N ASP C 398 35.98 74.63 54.76
CA ASP C 398 36.61 75.04 56.00
C ASP C 398 35.73 75.90 56.89
N VAL C 399 34.81 76.67 56.32
CA VAL C 399 33.85 77.46 57.08
C VAL C 399 32.46 77.15 56.56
N VAL C 400 31.61 76.57 57.42
CA VAL C 400 30.21 76.38 57.12
C VAL C 400 29.40 77.40 57.90
N LEU C 401 28.62 78.21 57.19
CA LEU C 401 27.66 79.13 57.79
C LEU C 401 26.26 78.56 57.67
N LEU C 402 25.67 78.20 58.80
CA LEU C 402 24.31 77.67 58.84
C LEU C 402 23.34 78.80 59.15
N VAL C 403 22.36 78.99 58.28
CA VAL C 403 21.42 80.09 58.38
C VAL C 403 20.01 79.53 58.51
N GLY C 404 19.32 79.88 59.59
CA GLY C 404 17.91 79.59 59.75
C GLY C 404 17.56 78.12 59.84
N THR C 405 18.33 77.34 60.59
CA THR C 405 18.14 75.90 60.55
C THR C 405 18.52 75.27 61.89
N ASN C 406 17.94 74.09 62.12
CA ASN C 406 18.38 73.15 63.14
C ASN C 406 18.68 71.87 62.39
N PRO C 407 19.88 71.72 61.83
CA PRO C 407 20.19 70.53 61.03
C PRO C 407 20.41 69.27 61.84
N ARG C 408 20.42 69.36 63.17
CA ARG C 408 20.39 68.15 63.98
C ARG C 408 19.09 67.39 63.80
N PHE C 409 17.99 68.10 63.57
CA PHE C 409 16.70 67.45 63.45
C PHE C 409 16.03 67.63 62.10
N GLU C 410 16.43 68.62 61.29
CA GLU C 410 15.91 68.69 59.93
C GLU C 410 16.52 67.62 59.05
N ALA C 411 17.81 67.37 59.21
CA ALA C 411 18.59 66.52 58.34
C ALA C 411 19.72 65.90 59.14
N PRO C 412 19.45 64.79 59.87
CA PRO C 412 20.38 64.34 60.90
C PRO C 412 21.73 63.87 60.40
N LEU C 413 21.76 63.18 59.26
CA LEU C 413 23.04 62.70 58.78
C LEU C 413 23.83 63.78 58.08
N PHE C 414 23.17 64.85 57.64
CA PHE C 414 23.91 66.03 57.23
C PHE C 414 24.61 66.68 58.42
N ASN C 415 23.96 66.67 59.59
CA ASN C 415 24.63 67.09 60.82
C ASN C 415 25.75 66.14 61.20
N ALA C 416 25.58 64.85 60.92
CA ALA C 416 26.65 63.88 61.18
C ALA C 416 27.86 64.16 60.31
N ARG C 417 27.63 64.59 59.06
CA ARG C 417 28.75 64.93 58.20
C ARG C 417 29.40 66.25 58.63
N ILE C 418 28.61 67.21 59.10
CA ILE C 418 29.18 68.47 59.60
C ILE C 418 29.99 68.20 60.87
N ARG C 419 29.52 67.30 61.74
CA ARG C 419 30.28 66.94 62.93
C ARG C 419 31.55 66.17 62.56
N LYS C 420 31.51 65.35 61.51
CA LYS C 420 32.72 64.63 61.12
C LYS C 420 33.76 65.59 60.55
N SER C 421 33.31 66.60 59.78
CA SER C 421 34.25 67.62 59.32
C SER C 421 34.72 68.52 60.45
N TRP C 422 33.88 68.73 61.45
CA TRP C 422 34.27 69.45 62.66
C TRP C 422 35.36 68.70 63.41
N LEU C 423 35.22 67.38 63.50
CA LEU C 423 36.06 66.56 64.35
C LEU C 423 37.39 66.23 63.69
N HIS C 424 37.39 66.06 62.37
CA HIS C 424 38.59 65.61 61.67
C HIS C 424 39.24 66.70 60.83
N ASN C 425 38.46 67.47 60.09
CA ASN C 425 39.01 68.53 59.25
C ASN C 425 39.04 69.88 59.97
N ASP C 426 38.66 69.90 61.25
CA ASP C 426 38.60 71.09 62.09
C ASP C 426 37.74 72.18 61.43
N LEU C 427 36.52 71.81 61.10
CA LEU C 427 35.59 72.72 60.45
C LEU C 427 35.15 73.82 61.41
N LYS C 428 34.90 75.01 60.86
CA LYS C 428 34.40 76.14 61.62
C LYS C 428 32.94 76.34 61.28
N VAL C 429 32.07 76.32 62.30
CA VAL C 429 30.63 76.34 62.11
C VAL C 429 30.08 77.55 62.84
N ALA C 430 29.25 78.33 62.15
CA ALA C 430 28.58 79.47 62.75
C ALA C 430 27.12 79.47 62.38
N LEU C 431 26.26 79.69 63.37
CA LEU C 431 24.83 79.52 63.22
C LEU C 431 24.12 80.85 63.45
N ILE C 432 23.17 81.16 62.58
CA ILE C 432 22.31 82.33 62.72
C ILE C 432 20.90 81.81 62.96
N GLY C 433 20.47 81.87 64.22
CA GLY C 433 19.21 81.27 64.61
C GLY C 433 19.17 81.15 66.12
N SER C 434 18.17 80.42 66.60
CA SER C 434 18.04 80.22 68.04
C SER C 434 19.15 79.30 68.51
N PRO C 435 19.71 79.54 69.71
CA PRO C 435 20.85 78.72 70.16
C PRO C 435 20.48 77.29 70.53
N VAL C 436 20.19 76.48 69.52
CA VAL C 436 19.88 75.07 69.69
C VAL C 436 21.16 74.31 69.96
N ASP C 437 21.03 73.05 70.40
CA ASP C 437 22.16 72.17 70.57
C ASP C 437 22.35 71.39 69.27
N LEU C 438 23.58 71.35 68.78
CA LEU C 438 23.87 70.69 67.50
C LEU C 438 24.86 69.54 67.64
N THR C 439 25.09 69.06 68.87
CA THR C 439 26.03 68.02 69.31
C THR C 439 27.50 68.42 69.17
N TYR C 440 27.78 69.67 68.81
CA TYR C 440 29.13 70.20 68.84
C TYR C 440 29.05 71.67 69.21
N ARG C 441 30.22 72.27 69.38
CA ARG C 441 30.31 73.70 69.67
C ARG C 441 30.50 74.48 68.38
N TYR C 442 29.83 75.62 68.28
CA TYR C 442 29.84 76.47 67.11
C TYR C 442 29.99 77.91 67.55
N ASP C 443 29.80 78.84 66.63
CA ASP C 443 29.96 80.27 66.88
C ASP C 443 28.61 80.93 66.68
N HIS C 444 27.87 81.12 67.77
CA HIS C 444 26.50 81.63 67.69
C HIS C 444 26.54 83.14 67.46
N LEU C 445 26.26 83.55 66.23
CA LEU C 445 26.23 84.96 65.89
C LEU C 445 24.99 85.68 66.40
N GLY C 446 23.89 84.97 66.54
CA GLY C 446 22.62 85.53 66.95
C GLY C 446 21.47 84.90 66.20
N ASP C 447 20.33 85.60 66.23
CA ASP C 447 19.13 85.13 65.55
C ASP C 447 18.46 86.21 64.73
N SER C 448 19.09 87.36 64.55
CA SER C 448 18.36 88.36 63.79
C SER C 448 18.70 88.26 62.31
N PRO C 449 17.72 88.50 61.44
CA PRO C 449 18.03 88.60 60.01
C PRO C 449 18.89 89.79 59.64
N LYS C 450 18.97 90.81 60.50
CA LYS C 450 19.90 91.93 60.31
C LYS C 450 21.35 91.49 60.28
N ILE C 451 21.68 90.36 60.90
CA ILE C 451 23.02 89.80 60.80
C ILE C 451 23.33 89.36 59.38
N LEU C 452 22.32 88.89 58.63
CA LEU C 452 22.54 88.56 57.22
C LEU C 452 22.80 89.78 56.37
N GLN C 453 22.42 90.98 56.84
CA GLN C 453 22.79 92.21 56.16
C GLN C 453 24.16 92.71 56.63
N ASP C 454 24.46 92.54 57.93
CA ASP C 454 25.72 93.01 58.48
C ASP C 454 26.89 92.19 57.99
N ILE C 455 26.68 90.90 57.72
CA ILE C 455 27.74 90.07 57.14
C ILE C 455 27.96 90.44 55.67
N ALA C 456 26.88 90.71 54.94
CA ALA C 456 26.99 91.12 53.54
C ALA C 456 27.50 92.55 53.36
N SER C 457 27.60 93.33 54.43
CA SER C 457 28.12 94.69 54.35
C SER C 457 29.58 94.80 54.72
N GLY C 458 30.17 93.75 55.29
CA GLY C 458 31.53 93.77 55.77
C GLY C 458 31.70 94.28 57.19
N SER C 459 30.64 94.79 57.80
CA SER C 459 30.72 95.37 59.14
C SER C 459 30.66 94.34 60.26
N HIS C 460 30.43 93.09 59.94
CA HIS C 460 30.31 92.07 60.96
C HIS C 460 31.65 91.34 61.12
N PRO C 461 31.99 90.88 62.33
CA PRO C 461 33.26 90.16 62.51
C PRO C 461 33.33 88.80 61.82
N PHE C 462 32.19 88.19 61.49
CA PHE C 462 32.24 86.93 60.77
C PHE C 462 32.39 87.14 59.27
N SER C 463 32.20 88.38 58.79
CA SER C 463 32.35 88.67 57.38
C SER C 463 33.80 88.50 56.92
N GLN C 464 34.76 88.88 57.76
CA GLN C 464 36.16 88.67 57.39
C GLN C 464 36.58 87.22 57.51
N VAL C 465 35.92 86.46 58.41
CA VAL C 465 36.14 85.02 58.47
C VAL C 465 35.67 84.37 57.16
N LEU C 466 34.53 84.82 56.65
CA LEU C 466 34.05 84.33 55.36
C LEU C 466 34.93 84.81 54.20
N GLN C 467 35.52 85.99 54.32
CA GLN C 467 36.40 86.48 53.24
C GLN C 467 37.73 85.73 53.23
N GLU C 468 38.30 85.41 54.38
CA GLU C 468 39.62 84.82 54.42
C GLU C 468 39.59 83.30 54.41
N ALA C 469 38.43 82.68 54.26
CA ALA C 469 38.39 81.23 54.14
C ALA C 469 38.64 80.82 52.68
N LYS C 470 39.13 79.59 52.52
CA LYS C 470 39.40 79.07 51.19
C LYS C 470 38.17 78.48 50.53
N LYS C 471 37.44 77.62 51.23
CA LYS C 471 36.26 76.94 50.68
C LYS C 471 35.08 77.23 51.59
N PRO C 472 34.48 78.41 51.46
CA PRO C 472 33.33 78.76 52.32
C PRO C 472 32.09 78.00 51.90
N MET C 473 31.08 78.03 52.77
CA MET C 473 29.88 77.23 52.55
C MET C 473 28.74 77.84 53.34
N VAL C 474 27.75 78.41 52.65
CA VAL C 474 26.63 79.05 53.30
C VAL C 474 25.40 78.17 53.06
N VAL C 475 24.88 77.58 54.13
CA VAL C 475 23.75 76.64 54.04
C VAL C 475 22.53 77.32 54.62
N LEU C 476 21.57 77.66 53.77
CA LEU C 476 20.30 78.23 54.20
C LEU C 476 19.32 77.08 54.44
N GLY C 477 18.89 76.92 55.69
CA GLY C 477 17.88 75.92 55.97
C GLY C 477 16.54 76.32 55.38
N SER C 478 15.85 75.33 54.83
CA SER C 478 14.60 75.59 54.14
C SER C 478 13.43 75.87 55.07
N SER C 479 13.57 75.59 56.37
CA SER C 479 12.51 75.94 57.31
C SER C 479 12.45 77.45 57.52
N ALA C 480 13.56 78.15 57.32
CA ALA C 480 13.57 79.61 57.36
C ALA C 480 12.90 80.21 56.14
N LEU C 481 12.73 79.44 55.07
CA LEU C 481 12.02 79.93 53.90
C LEU C 481 10.51 79.81 54.04
N GLN C 482 10.02 79.21 55.12
CA GLN C 482 8.59 79.16 55.40
C GLN C 482 8.06 80.47 55.95
N ARG C 483 8.94 81.39 56.33
CA ARG C 483 8.50 82.68 56.85
C ARG C 483 7.97 83.56 55.72
N ASN C 484 7.28 84.64 56.11
CA ASN C 484 6.69 85.54 55.13
C ASN C 484 7.75 86.37 54.43
N ASP C 485 8.87 86.63 55.10
CA ASP C 485 10.00 87.31 54.48
C ASP C 485 11.05 86.33 53.95
N GLY C 486 10.62 85.14 53.53
CA GLY C 486 11.56 84.13 53.05
C GLY C 486 12.29 84.52 51.79
N ALA C 487 11.65 85.32 50.94
CA ALA C 487 12.32 85.80 49.73
C ALA C 487 13.45 86.76 50.07
N ALA C 488 13.25 87.62 51.07
CA ALA C 488 14.32 88.51 51.49
C ALA C 488 15.43 87.76 52.21
N ILE C 489 15.10 86.67 52.90
CA ILE C 489 16.12 85.83 53.53
C ILE C 489 16.97 85.14 52.46
N LEU C 490 16.32 84.62 51.42
CA LEU C 490 17.06 84.00 50.32
C LEU C 490 17.89 85.01 49.55
N ALA C 491 17.36 86.23 49.38
CA ALA C 491 18.11 87.29 48.71
C ALA C 491 19.34 87.68 49.52
N ALA C 492 19.20 87.77 50.84
CA ALA C 492 20.33 88.13 51.69
C ALA C 492 21.39 87.03 51.73
N VAL C 493 20.96 85.77 51.83
CA VAL C 493 21.89 84.65 51.88
C VAL C 493 22.61 84.49 50.54
N SER C 494 21.89 84.64 49.43
CA SER C 494 22.52 84.58 48.12
C SER C 494 23.44 85.77 47.88
N ASN C 495 23.10 86.94 48.44
CA ASN C 495 23.97 88.11 48.32
C ASN C 495 25.28 87.89 49.08
N ILE C 496 25.19 87.31 50.28
CA ILE C 496 26.39 86.91 51.03
C ILE C 496 27.24 85.94 50.22
N ALA C 497 26.62 84.89 49.68
CA ALA C 497 27.36 83.82 49.03
C ALA C 497 28.00 84.30 47.72
N GLN C 498 27.30 85.13 46.95
CA GLN C 498 27.86 85.64 45.73
C GLN C 498 28.83 86.80 45.97
N LYS C 499 28.74 87.49 47.11
CA LYS C 499 29.77 88.44 47.46
C LYS C 499 31.06 87.74 47.83
N ILE C 500 30.96 86.59 48.49
CA ILE C 500 32.16 85.84 48.85
C ILE C 500 32.76 85.17 47.61
N ARG C 501 31.92 84.62 46.74
CA ARG C 501 32.43 83.82 45.64
C ARG C 501 33.01 84.67 44.51
N THR C 502 32.37 85.80 44.19
CA THR C 502 32.83 86.62 43.08
C THR C 502 33.87 87.66 43.50
N SER C 503 34.39 87.58 44.72
CA SER C 503 35.48 88.46 45.15
C SER C 503 36.71 87.70 45.62
N SER C 504 36.54 86.68 46.46
CA SER C 504 37.66 86.10 47.19
C SER C 504 38.37 85.05 46.35
N GLY C 505 39.27 84.30 46.98
CA GLY C 505 40.14 83.36 46.29
C GLY C 505 39.59 81.96 46.15
N VAL C 506 38.29 81.86 45.90
CA VAL C 506 37.68 80.60 45.49
C VAL C 506 38.13 80.28 44.07
N THR C 507 38.43 79.00 43.81
CA THR C 507 38.96 78.59 42.51
C THR C 507 37.96 78.87 41.38
N GLY C 508 36.74 78.38 41.52
CA GLY C 508 35.73 78.56 40.49
C GLY C 508 34.87 77.34 40.33
N ASP C 509 35.31 76.22 40.91
CA ASP C 509 34.54 74.99 40.90
C ASP C 509 33.74 74.79 42.19
N TRP C 510 34.06 75.57 43.21
CA TRP C 510 33.44 75.43 44.53
C TRP C 510 32.13 76.18 44.60
N LYS C 511 31.18 75.62 45.35
CA LYS C 511 29.85 76.18 45.49
C LYS C 511 29.68 76.68 46.92
N VAL C 512 29.26 77.94 47.07
CA VAL C 512 29.13 78.55 48.39
C VAL C 512 27.65 78.55 48.77
N MET C 513 26.77 78.64 47.77
CA MET C 513 25.34 78.72 48.03
C MET C 513 24.76 77.33 48.17
N ASN C 514 23.98 77.12 49.23
CA ASN C 514 23.44 75.81 49.58
C ASN C 514 22.11 75.98 50.31
N ILE C 515 21.13 75.17 49.94
CA ILE C 515 19.86 75.10 50.66
C ILE C 515 19.60 73.67 51.11
N LEU C 516 19.40 73.51 52.41
CA LEU C 516 19.11 72.22 53.03
C LEU C 516 17.60 72.06 53.16
N HIS C 517 17.01 71.27 52.27
CA HIS C 517 15.59 70.97 52.35
C HIS C 517 15.33 69.96 53.46
N ARG C 518 14.05 69.71 53.71
CA ARG C 518 13.63 68.72 54.71
C ARG C 518 12.55 67.78 54.20
N ILE C 519 11.97 68.05 53.04
CA ILE C 519 10.89 67.26 52.48
C ILE C 519 11.46 66.44 51.33
N ALA C 520 11.14 65.15 51.30
CA ALA C 520 11.69 64.28 50.27
C ALA C 520 11.07 64.54 48.91
N SER C 521 9.81 64.96 48.88
CA SER C 521 9.12 65.21 47.62
C SER C 521 9.48 66.55 47.00
N GLN C 522 10.14 67.43 47.74
CA GLN C 522 10.20 68.85 47.38
C GLN C 522 11.07 69.10 46.17
N VAL C 523 12.25 68.47 46.10
CA VAL C 523 13.20 68.80 45.05
C VAL C 523 12.75 68.23 43.70
N ALA C 524 12.15 67.05 43.71
CA ALA C 524 11.56 66.52 42.49
C ALA C 524 10.32 67.31 42.08
N ALA C 525 9.62 67.91 43.03
CA ALA C 525 8.49 68.77 42.69
C ALA C 525 8.96 70.09 42.11
N LEU C 526 10.11 70.59 42.54
CA LEU C 526 10.62 71.84 42.00
C LEU C 526 11.30 71.62 40.65
N ASP C 527 11.91 70.46 40.44
CA ASP C 527 12.55 70.17 39.16
C ASP C 527 11.52 69.99 38.05
N LEU C 528 10.36 69.42 38.39
CA LEU C 528 9.29 69.30 37.42
C LEU C 528 8.62 70.64 37.13
N GLY C 529 8.79 71.61 38.03
CA GLY C 529 8.28 72.94 37.80
C GLY C 529 6.99 73.27 38.50
N TYR C 530 6.74 72.73 39.69
CA TYR C 530 5.57 73.17 40.42
C TYR C 530 5.77 74.56 40.99
N LYS C 531 4.67 75.20 41.37
CA LYS C 531 4.71 76.47 42.06
C LYS C 531 4.73 76.20 43.55
N PRO C 532 5.83 76.40 44.26
CA PRO C 532 5.89 76.02 45.67
C PRO C 532 5.10 76.99 46.55
N GLY C 533 4.54 76.44 47.62
CA GLY C 533 3.68 77.20 48.50
C GLY C 533 2.23 77.19 48.05
N VAL C 534 1.34 77.47 49.00
CA VAL C 534 -0.08 77.39 48.76
C VAL C 534 -0.70 78.78 48.55
N GLU C 535 0.11 79.76 48.16
CA GLU C 535 -0.43 81.09 47.93
C GLU C 535 -1.16 81.20 46.59
N ALA C 536 -0.97 80.24 45.67
CA ALA C 536 -1.73 80.24 44.44
C ALA C 536 -3.15 79.73 44.64
N ILE C 537 -3.35 78.88 45.64
CA ILE C 537 -4.68 78.36 45.94
C ILE C 537 -5.44 79.30 46.88
N ARG C 538 -4.73 79.92 47.82
CA ARG C 538 -5.32 81.03 48.58
C ARG C 538 -5.47 82.29 47.73
N LYS C 539 -4.79 82.36 46.59
CA LYS C 539 -4.94 83.48 45.68
C LYS C 539 -6.33 83.49 45.05
N ASN C 540 -6.66 82.43 44.31
CA ASN C 540 -8.03 82.20 43.85
C ASN C 540 -8.46 80.80 44.31
N PRO C 541 -9.58 80.68 45.02
CA PRO C 541 -9.98 79.37 45.55
C PRO C 541 -10.56 78.49 44.46
N PRO C 542 -10.06 77.26 44.31
CA PRO C 542 -10.60 76.33 43.33
C PRO C 542 -11.85 75.64 43.86
N LYS C 543 -12.53 74.94 42.96
CA LYS C 543 -13.68 74.13 43.35
C LYS C 543 -13.38 72.65 43.30
N MET C 544 -12.12 72.27 43.08
CA MET C 544 -11.70 70.88 43.17
C MET C 544 -10.22 70.87 43.51
N LEU C 545 -9.83 70.03 44.46
CA LEU C 545 -8.47 70.02 44.96
C LEU C 545 -7.97 68.59 45.08
N PHE C 546 -6.82 68.31 44.46
CA PHE C 546 -6.15 67.03 44.60
C PHE C 546 -5.12 67.12 45.72
N LEU C 547 -5.08 66.09 46.55
CA LEU C 547 -4.15 66.04 47.67
C LEU C 547 -3.37 64.73 47.56
N LEU C 548 -2.21 64.78 46.89
CA LEU C 548 -1.32 63.62 46.92
C LEU C 548 -0.67 63.55 48.29
N GLY C 549 -1.28 62.81 49.22
CA GLY C 549 -0.75 62.67 50.56
C GLY C 549 -0.56 63.94 51.34
N ALA C 550 -1.29 65.01 50.97
CA ALA C 550 -1.08 66.34 51.54
C ALA C 550 -1.60 66.35 52.97
N ASP C 551 -0.69 66.31 53.93
CA ASP C 551 -1.03 66.11 55.33
C ASP C 551 -0.49 67.22 56.22
N GLY C 552 -0.39 68.43 55.70
CA GLY C 552 0.14 69.54 56.47
C GLY C 552 -0.93 70.40 57.09
N GLY C 553 -2.15 70.32 56.57
CA GLY C 553 -3.22 71.19 57.04
C GLY C 553 -3.02 72.63 56.67
N CYS C 554 -2.41 72.91 55.53
CA CYS C 554 -2.18 74.29 55.11
C CYS C 554 -3.43 74.88 54.47
N VAL C 555 -4.19 74.08 53.73
CA VAL C 555 -5.39 74.53 53.05
C VAL C 555 -6.55 73.70 53.58
N THR C 556 -7.36 74.28 54.45
CA THR C 556 -8.50 73.62 55.06
C THR C 556 -9.77 74.05 54.35
N ARG C 557 -10.91 73.48 54.78
CA ARG C 557 -12.19 73.81 54.15
C ARG C 557 -12.71 75.19 54.52
N GLN C 558 -12.04 75.91 55.41
CA GLN C 558 -12.34 77.33 55.64
C GLN C 558 -11.65 78.24 54.64
N ASP C 559 -10.92 77.67 53.67
CA ASP C 559 -10.28 78.42 52.61
C ASP C 559 -10.84 78.09 51.24
N LEU C 560 -11.72 77.09 51.15
CA LEU C 560 -12.39 76.72 49.92
C LEU C 560 -13.78 77.32 49.89
N PRO C 561 -14.47 77.31 48.73
CA PRO C 561 -15.90 77.67 48.74
C PRO C 561 -16.79 76.65 49.45
N LYS C 562 -18.10 76.93 49.43
CA LYS C 562 -19.07 76.17 50.23
C LYS C 562 -19.12 74.70 49.80
N ASP C 563 -18.99 74.43 48.51
CA ASP C 563 -19.00 73.07 48.01
C ASP C 563 -17.77 72.86 47.11
N CYS C 564 -16.66 72.51 47.75
CA CYS C 564 -15.46 72.09 47.05
C CYS C 564 -15.37 70.56 47.07
N PHE C 565 -14.78 70.02 46.01
CA PHE C 565 -14.66 68.58 45.84
C PHE C 565 -13.22 68.19 46.14
N ILE C 566 -12.91 68.07 47.43
CA ILE C 566 -11.56 67.72 47.86
C ILE C 566 -11.31 66.24 47.63
N VAL C 567 -10.23 65.93 46.93
CA VAL C 567 -9.81 64.56 46.65
C VAL C 567 -8.50 64.31 47.37
N TYR C 568 -8.43 63.24 48.16
CA TYR C 568 -7.21 62.85 48.83
C TYR C 568 -6.68 61.54 48.26
N GLN C 569 -5.41 61.52 47.91
CA GLN C 569 -4.73 60.32 47.46
C GLN C 569 -3.49 60.10 48.31
N GLY C 570 -3.48 59.02 49.08
CA GLY C 570 -2.37 58.79 49.95
C GLY C 570 -2.39 57.39 50.53
N HIS C 571 -1.65 57.23 51.62
CA HIS C 571 -1.47 55.92 52.24
C HIS C 571 -1.76 55.88 53.73
N HIS C 572 -1.86 57.03 54.39
CA HIS C 572 -2.36 57.13 55.76
C HIS C 572 -3.53 58.09 55.81
N GLY C 573 -4.47 57.82 56.71
CA GLY C 573 -5.48 58.82 57.02
C GLY C 573 -5.04 59.69 58.18
N ASP C 574 -4.42 60.83 57.89
CA ASP C 574 -3.90 61.70 58.95
C ASP C 574 -4.60 63.06 58.94
N VAL C 575 -4.55 63.81 57.85
CA VAL C 575 -5.08 65.17 57.81
C VAL C 575 -6.04 65.31 56.64
N GLY C 576 -5.56 65.00 55.43
CA GLY C 576 -6.35 65.21 54.24
C GLY C 576 -7.48 64.22 54.06
N ALA C 577 -7.35 63.03 54.62
CA ALA C 577 -8.41 62.02 54.56
C ALA C 577 -9.62 62.28 55.47
N PRO C 578 -9.49 62.84 56.69
CA PRO C 578 -10.72 63.24 57.41
C PRO C 578 -11.49 64.38 56.76
N ILE C 579 -10.87 65.20 55.90
CA ILE C 579 -11.56 66.32 55.29
C ILE C 579 -11.96 66.03 53.85
N ALA C 580 -11.60 64.87 53.30
CA ALA C 580 -11.79 64.62 51.88
C ALA C 580 -13.23 64.22 51.57
N ASP C 581 -13.56 64.30 50.28
CA ASP C 581 -14.82 63.78 49.77
C ASP C 581 -14.65 62.38 49.19
N VAL C 582 -13.61 62.15 48.39
CA VAL C 582 -13.31 60.83 47.85
C VAL C 582 -11.86 60.52 48.16
N ILE C 583 -11.61 59.33 48.70
CA ILE C 583 -10.27 58.91 49.10
C ILE C 583 -9.78 57.85 48.13
N LEU C 584 -8.59 58.03 47.60
CA LEU C 584 -7.99 57.18 46.57
C LEU C 584 -6.73 56.59 47.18
N PRO C 585 -6.82 55.41 47.78
CA PRO C 585 -5.70 54.90 48.60
C PRO C 585 -4.50 54.50 47.74
N GLY C 586 -3.35 55.10 48.06
CA GLY C 586 -2.14 54.92 47.28
C GLY C 586 -1.11 54.05 47.96
N ALA C 587 0.08 54.03 47.37
CA ALA C 587 1.18 53.22 47.84
C ALA C 587 2.11 54.03 48.74
N ALA C 588 2.71 53.35 49.70
CA ALA C 588 3.74 53.95 50.55
C ALA C 588 5.08 53.92 49.81
N TYR C 589 6.15 54.33 50.49
CA TYR C 589 7.44 54.39 49.82
C TYR C 589 8.12 53.04 49.75
N THR C 590 7.72 52.09 50.58
CA THR C 590 8.21 50.72 50.51
C THR C 590 7.35 49.85 49.61
N GLU C 591 6.32 50.43 48.99
CA GLU C 591 5.34 49.66 48.25
C GLU C 591 5.35 49.99 46.76
N LYS C 592 6.34 50.75 46.30
CA LYS C 592 6.38 51.15 44.90
C LYS C 592 7.82 51.43 44.48
N SER C 593 8.09 51.21 43.20
CA SER C 593 9.34 51.66 42.59
C SER C 593 9.16 53.12 42.19
N ALA C 594 9.97 54.01 42.76
CA ALA C 594 9.55 55.39 42.86
C ALA C 594 10.73 56.33 42.91
N THR C 595 10.77 57.29 41.99
CA THR C 595 11.86 58.26 41.92
C THR C 595 11.69 59.31 43.01
N TYR C 596 12.63 59.34 43.95
CA TYR C 596 12.75 60.41 44.93
C TYR C 596 14.08 61.12 44.73
N VAL C 597 14.08 62.43 44.96
CA VAL C 597 15.26 63.26 44.78
C VAL C 597 15.58 63.91 46.11
N ASN C 598 16.83 63.79 46.55
CA ASN C 598 17.24 64.33 47.84
C ASN C 598 17.52 65.82 47.73
N THR C 599 18.08 66.39 48.79
CA THR C 599 18.28 67.84 48.88
C THR C 599 19.40 68.37 48.01
N GLU C 600 20.12 67.51 47.28
CA GLU C 600 21.23 67.96 46.44
C GLU C 600 21.06 67.56 44.98
N GLY C 601 19.88 67.11 44.57
CA GLY C 601 19.64 66.80 43.19
C GLY C 601 19.94 65.38 42.77
N ARG C 602 20.34 64.52 43.70
CA ARG C 602 20.64 63.13 43.38
C ARG C 602 19.34 62.35 43.36
N ALA C 603 18.84 62.03 42.17
CA ALA C 603 17.64 61.23 42.04
C ALA C 603 17.93 59.79 42.44
N GLN C 604 16.98 59.17 43.13
CA GLN C 604 17.10 57.80 43.60
C GLN C 604 15.75 57.12 43.55
N GLN C 605 15.76 55.84 43.19
CA GLN C 605 14.53 55.07 43.07
C GLN C 605 14.41 54.05 44.19
N THR C 606 13.19 53.95 44.73
CA THR C 606 12.90 52.92 45.71
C THR C 606 12.52 51.63 45.00
N LYS C 607 12.31 50.58 45.79
CA LYS C 607 11.92 49.30 45.25
C LYS C 607 10.69 48.79 45.99
N VAL C 608 9.92 47.95 45.29
CA VAL C 608 8.71 47.37 45.85
C VAL C 608 9.14 46.31 46.86
N ALA C 609 9.04 46.62 48.15
CA ALA C 609 9.37 45.64 49.16
C ALA C 609 8.18 44.73 49.43
N VAL C 610 6.99 45.30 49.60
CA VAL C 610 5.74 44.58 49.62
C VAL C 610 4.78 45.32 48.69
N MET C 611 3.67 44.70 48.42
CA MET C 611 2.64 45.40 47.66
C MET C 611 1.76 46.22 48.59
N PRO C 612 1.05 47.22 48.07
CA PRO C 612 0.22 48.06 48.95
C PRO C 612 -0.93 47.26 49.55
N PRO C 613 -1.33 47.59 50.79
CA PRO C 613 -2.32 46.78 51.48
C PRO C 613 -3.73 47.05 50.97
N GLY C 614 -4.56 46.01 51.02
CA GLY C 614 -5.96 46.15 50.62
C GLY C 614 -6.10 46.37 49.13
N LEU C 615 -7.06 47.22 48.78
CA LEU C 615 -7.32 47.60 47.39
C LEU C 615 -6.43 48.73 46.92
N ALA C 616 -5.48 49.19 47.73
CA ALA C 616 -4.70 50.37 47.41
C ALA C 616 -3.73 50.06 46.28
N ARG C 617 -3.61 51.00 45.35
CA ARG C 617 -2.84 50.81 44.14
C ARG C 617 -1.70 51.81 44.09
N GLU C 618 -0.84 51.67 43.08
CA GLU C 618 0.28 52.57 42.91
C GLU C 618 -0.21 53.93 42.45
N ASP C 619 0.53 54.99 42.80
CA ASP C 619 0.03 56.35 42.73
C ASP C 619 -0.16 56.83 41.29
N TRP C 620 0.88 56.70 40.46
CA TRP C 620 0.74 57.10 39.07
C TRP C 620 -0.20 56.19 38.30
N LYS C 621 -0.34 54.94 38.74
CA LYS C 621 -1.37 54.05 38.20
C LYS C 621 -2.76 54.60 38.48
N ILE C 622 -2.97 55.14 39.68
CA ILE C 622 -4.25 55.76 40.03
C ILE C 622 -4.52 56.98 39.17
N ILE C 623 -3.52 57.86 39.03
CA ILE C 623 -3.73 59.08 38.27
C ILE C 623 -3.89 58.80 36.78
N ARG C 624 -3.19 57.77 36.27
CA ARG C 624 -3.31 57.37 34.88
C ARG C 624 -4.68 56.74 34.58
N ALA C 625 -5.18 55.91 35.49
CA ALA C 625 -6.53 55.37 35.34
C ALA C 625 -7.58 56.47 35.46
N LEU C 626 -7.34 57.46 36.33
CA LEU C 626 -8.25 58.59 36.46
C LEU C 626 -8.28 59.41 35.19
N SER C 627 -7.14 59.54 34.53
CA SER C 627 -7.09 60.22 33.23
C SER C 627 -7.79 59.41 32.15
N GLU C 628 -7.71 58.09 32.22
CA GLU C 628 -8.39 57.27 31.22
C GLU C 628 -9.91 57.31 31.40
N ILE C 629 -10.39 57.43 32.64
CA ILE C 629 -11.83 57.56 32.87
C ILE C 629 -12.34 58.89 32.34
N ALA C 630 -11.59 59.97 32.56
CA ALA C 630 -12.01 61.30 32.13
C ALA C 630 -11.91 61.53 30.62
N GLY C 631 -11.43 60.55 29.85
CA GLY C 631 -11.32 60.74 28.42
C GLY C 631 -10.13 61.55 27.98
N MET C 632 -9.08 61.61 28.80
CA MET C 632 -7.88 62.39 28.55
C MET C 632 -6.64 61.54 28.82
N THR C 633 -6.62 60.36 28.21
CA THR C 633 -5.63 59.31 28.44
C THR C 633 -4.20 59.80 28.19
N LEU C 634 -3.37 59.65 29.21
CA LEU C 634 -2.00 60.11 29.27
C LEU C 634 -1.06 59.13 28.56
N PRO C 635 0.01 59.63 27.90
CA PRO C 635 0.83 58.78 27.03
C PRO C 635 1.87 57.92 27.73
N TYR C 636 1.44 57.19 28.75
CA TYR C 636 2.28 56.21 29.42
C TYR C 636 1.42 55.09 29.97
N ASP C 637 1.95 53.87 29.94
CA ASP C 637 1.23 52.71 30.45
C ASP C 637 2.04 51.93 31.48
N THR C 638 3.34 51.80 31.28
CA THR C 638 4.22 51.13 32.22
C THR C 638 5.16 52.15 32.85
N LEU C 639 5.97 51.68 33.80
CA LEU C 639 6.79 52.56 34.61
C LEU C 639 7.91 53.21 33.80
N ASP C 640 8.44 52.48 32.81
CA ASP C 640 9.52 53.00 31.98
C ASP C 640 9.04 54.18 31.14
N GLN C 641 7.80 54.13 30.66
CA GLN C 641 7.24 55.25 29.90
C GLN C 641 7.02 56.47 30.79
N VAL C 642 6.65 56.25 32.05
CA VAL C 642 6.55 57.35 33.02
C VAL C 642 7.90 57.99 33.23
N ARG C 643 8.95 57.17 33.33
CA ARG C 643 10.28 57.71 33.51
C ARG C 643 10.80 58.37 32.24
N ASN C 644 10.30 57.95 31.06
CA ASN C 644 10.61 58.67 29.84
C ASN C 644 9.96 60.05 29.83
N ARG C 645 8.71 60.14 30.29
CA ARG C 645 8.06 61.45 30.46
C ARG C 645 8.82 62.30 31.48
N LEU C 646 9.29 61.67 32.55
CA LEU C 646 10.04 62.34 33.59
C LEU C 646 11.37 62.88 33.05
N GLU C 647 11.98 62.12 32.13
CA GLU C 647 13.17 62.59 31.44
C GLU C 647 12.84 63.73 30.48
N GLU C 648 11.66 63.69 29.86
CA GLU C 648 11.27 64.76 28.95
C GLU C 648 11.01 66.07 29.68
N VAL C 649 10.60 66.01 30.93
CA VAL C 649 10.37 67.25 31.67
C VAL C 649 11.66 67.76 32.33
N SER C 650 12.41 66.88 32.99
CA SER C 650 13.74 67.23 33.44
C SER C 650 14.60 65.97 33.47
N PRO C 651 15.63 65.90 32.62
CA PRO C 651 16.25 64.60 32.31
C PRO C 651 17.12 64.03 33.43
N ASN C 652 17.48 64.84 34.42
CA ASN C 652 18.32 64.39 35.51
C ASN C 652 17.56 63.60 36.57
N LEU C 653 16.25 63.41 36.42
CA LEU C 653 15.52 62.63 37.40
C LEU C 653 15.58 61.13 37.16
N VAL C 654 16.02 60.71 35.97
CA VAL C 654 16.11 59.29 35.66
C VAL C 654 17.57 58.85 35.50
N ARG C 655 18.51 59.68 35.91
CA ARG C 655 19.91 59.32 35.99
C ARG C 655 20.25 59.20 37.47
N TYR C 656 20.17 57.98 37.97
CA TYR C 656 20.11 57.73 39.40
C TYR C 656 21.50 57.67 40.01
N ASP C 657 21.56 57.96 41.32
CA ASP C 657 22.77 57.95 42.14
C ASP C 657 23.81 58.95 41.64
N ASP C 658 23.33 60.06 41.08
CA ASP C 658 24.18 61.04 40.41
C ASP C 658 23.71 62.45 40.75
N VAL C 659 24.63 63.29 41.20
CA VAL C 659 24.34 64.71 41.35
C VAL C 659 24.76 65.42 40.06
N GLU C 660 23.81 66.10 39.43
CA GLU C 660 24.11 66.96 38.30
C GLU C 660 24.26 68.39 38.81
N GLY C 661 25.47 68.93 38.69
CA GLY C 661 25.77 70.23 39.26
C GLY C 661 25.16 71.35 38.44
N ALA C 662 24.63 72.35 39.15
CA ALA C 662 23.95 73.48 38.53
C ALA C 662 24.81 74.72 38.64
N ASN C 663 25.02 75.39 37.51
CA ASN C 663 25.82 76.60 37.40
C ASN C 663 24.88 77.80 37.54
N TYR C 664 25.36 78.98 37.11
CA TYR C 664 24.56 80.19 36.83
C TYR C 664 24.04 80.83 38.12
N PHE C 665 24.91 80.91 39.12
CA PHE C 665 24.57 81.60 40.36
C PHE C 665 24.49 83.10 40.17
N GLN C 666 25.27 83.64 39.22
CA GLN C 666 25.28 85.08 38.98
C GLN C 666 23.95 85.54 38.39
N GLN C 667 23.37 84.74 37.49
CA GLN C 667 22.10 85.10 36.87
C GLN C 667 20.95 85.03 37.87
N ALA C 668 20.95 84.01 38.75
CA ALA C 668 19.94 83.93 39.79
C ALA C 668 20.10 85.05 40.82
N SER C 669 21.34 85.41 41.11
CA SER C 669 21.59 86.52 42.04
C SER C 669 21.14 87.85 41.47
N GLU C 670 21.33 88.05 40.16
CA GLU C 670 20.84 89.28 39.52
C GLU C 670 19.33 89.29 39.43
N LEU C 671 18.70 88.14 39.22
CA LEU C 671 17.24 88.09 39.24
C LEU C 671 16.69 88.32 40.64
N SER C 672 17.45 87.99 41.67
CA SER C 672 17.01 88.26 43.04
C SER C 672 17.15 89.73 43.44
N LYS C 673 17.77 90.57 42.60
CA LYS C 673 17.97 91.97 42.94
C LYS C 673 16.74 92.84 42.74
N LEU C 674 15.73 92.34 42.02
CA LEU C 674 14.57 93.17 41.65
C LEU C 674 13.76 93.59 42.87
N VAL C 675 13.17 92.64 43.57
CA VAL C 675 12.33 92.93 44.73
C VAL C 675 13.26 93.17 45.92
N ASN C 676 13.38 94.42 46.33
CA ASN C 676 13.99 94.75 47.61
C ASN C 676 12.94 94.50 48.70
N GLN C 677 12.88 93.27 49.18
CA GLN C 677 11.96 92.91 50.25
C GLN C 677 12.64 93.09 51.59
N GLN C 678 11.87 93.51 52.58
CA GLN C 678 12.40 93.83 53.90
C GLN C 678 12.41 92.59 54.78
N LEU C 679 13.44 92.49 55.63
CA LEU C 679 13.53 91.42 56.61
C LEU C 679 12.70 91.77 57.84
N LEU C 680 11.90 90.82 58.31
CA LEU C 680 11.07 91.03 59.48
C LEU C 680 11.93 91.13 60.74
N ALA C 681 11.31 91.65 61.80
CA ALA C 681 11.94 91.70 63.12
C ALA C 681 11.74 90.40 63.89
N ASP C 682 11.03 89.43 63.34
CA ASP C 682 10.95 88.12 63.95
C ASP C 682 12.30 87.44 63.86
N PRO C 683 12.87 86.97 64.97
CA PRO C 683 14.15 86.27 64.91
C PRO C 683 14.00 84.89 64.30
N LEU C 684 15.11 84.38 63.76
CA LEU C 684 15.10 83.10 63.06
C LEU C 684 14.93 81.96 64.04
N VAL C 685 13.69 81.56 64.29
CA VAL C 685 13.36 80.46 65.18
C VAL C 685 13.08 79.23 64.31
N PRO C 686 13.93 78.20 64.33
CA PRO C 686 13.59 76.96 63.64
C PRO C 686 12.46 76.25 64.36
N PRO C 687 11.64 75.48 63.65
CA PRO C 687 10.48 74.84 64.29
C PRO C 687 10.85 73.72 65.24
N GLN C 688 11.95 73.03 65.00
CA GLN C 688 12.34 71.88 65.81
C GLN C 688 13.53 72.29 66.68
N LEU C 689 13.26 72.51 67.97
CA LEU C 689 14.27 72.94 68.92
C LEU C 689 14.93 71.76 69.61
N THR C 690 14.12 70.85 70.15
CA THR C 690 14.57 69.77 71.00
C THR C 690 14.29 68.43 70.33
N ILE C 691 14.56 67.36 71.10
CA ILE C 691 14.36 66.00 70.62
C ILE C 691 12.87 65.64 70.54
N LYS C 692 12.01 66.39 71.23
CA LYS C 692 10.56 66.15 71.20
C LYS C 692 9.97 66.32 69.81
N ASP C 693 10.32 67.40 69.12
CA ASP C 693 9.71 67.73 67.84
C ASP C 693 10.36 67.01 66.66
N PHE C 694 11.20 66.01 66.92
CA PHE C 694 11.85 65.26 65.85
C PHE C 694 11.10 63.98 65.47
N TYR C 695 10.43 63.33 66.43
CA TYR C 695 9.95 61.97 66.16
C TYR C 695 8.64 61.93 65.40
N MET C 696 7.78 62.94 65.56
CA MET C 696 6.51 63.00 64.83
C MET C 696 6.57 64.18 63.86
N THR C 697 6.76 63.88 62.58
CA THR C 697 6.94 64.92 61.57
C THR C 697 5.97 64.80 60.39
N ASP C 698 5.62 63.58 59.99
CA ASP C 698 4.71 63.42 58.86
C ASP C 698 3.73 62.28 59.11
N SER C 699 3.02 61.84 58.06
CA SER C 699 1.92 60.88 58.23
C SER C 699 2.41 59.51 58.66
N ILE C 700 3.64 59.13 58.29
CA ILE C 700 4.16 57.85 58.73
C ILE C 700 4.73 57.95 60.13
N SER C 701 5.40 59.06 60.44
CA SER C 701 6.02 59.21 61.76
C SER C 701 5.01 59.55 62.84
N ARG C 702 3.94 60.28 62.51
CA ARG C 702 2.92 60.55 63.51
C ARG C 702 2.04 59.33 63.78
N ALA C 703 2.13 58.28 62.96
CA ALA C 703 1.32 57.09 63.13
C ALA C 703 2.11 55.92 63.69
N SER C 704 3.37 56.12 64.06
CA SER C 704 4.18 55.07 64.65
C SER C 704 4.01 55.05 66.16
N GLN C 705 3.77 53.86 66.72
CA GLN C 705 3.73 53.72 68.16
C GLN C 705 5.13 53.83 68.75
N THR C 706 6.15 53.46 67.98
CA THR C 706 7.53 53.59 68.43
C THR C 706 7.94 55.06 68.56
N MET C 707 7.55 55.90 67.60
CA MET C 707 7.82 57.33 67.70
C MET C 707 7.03 57.97 68.82
N ALA C 708 5.83 57.46 69.11
CA ALA C 708 5.06 57.95 70.24
C ALA C 708 5.71 57.56 71.56
N LYS C 709 6.28 56.34 71.63
CA LYS C 709 7.06 55.96 72.80
C LYS C 709 8.29 56.84 72.95
N CYS C 710 8.93 57.22 71.84
CA CYS C 710 10.07 58.13 71.89
C CYS C 710 9.68 59.49 72.46
N VAL C 711 8.57 60.05 71.98
CA VAL C 711 8.13 61.37 72.44
C VAL C 711 7.74 61.32 73.91
N LYS C 712 6.96 60.31 74.31
CA LYS C 712 6.56 60.14 75.69
C LYS C 712 7.76 59.87 76.60
N ALA C 713 8.80 59.24 76.07
CA ALA C 713 10.00 58.97 76.85
C ALA C 713 10.84 60.22 77.03
N VAL C 714 10.90 61.08 76.03
CA VAL C 714 11.75 62.26 76.16
C VAL C 714 11.05 63.43 76.88
N THR C 715 9.71 63.47 76.86
CA THR C 715 9.02 64.62 77.46
C THR C 715 8.99 64.62 78.98
N GLU C 716 9.10 63.45 79.62
CA GLU C 716 8.95 63.41 81.07
C GLU C 716 10.23 63.87 81.79
N ALA D 34 6.84 -7.79 -54.22
CA ALA D 34 8.25 -8.14 -54.09
C ALA D 34 8.41 -9.36 -53.19
N ARG D 35 8.10 -9.20 -51.91
CA ARG D 35 8.27 -10.27 -50.93
C ARG D 35 7.03 -10.39 -50.06
N GLN D 36 6.99 -11.51 -49.33
CA GLN D 36 5.86 -11.89 -48.49
C GLN D 36 5.66 -10.90 -47.34
N TRP D 37 4.47 -10.30 -47.29
CA TRP D 37 4.20 -9.27 -46.29
C TRP D 37 4.04 -9.88 -44.90
N GLN D 38 4.49 -9.15 -43.89
CA GLN D 38 4.36 -9.59 -42.51
C GLN D 38 3.75 -8.49 -41.64
N PRO D 39 3.04 -8.86 -40.57
CA PRO D 39 2.37 -7.85 -39.73
C PRO D 39 3.31 -6.87 -39.05
N ASP D 40 2.76 -5.73 -38.70
CA ASP D 40 3.47 -4.63 -38.08
C ASP D 40 3.05 -4.45 -36.62
N VAL D 41 3.53 -3.38 -35.99
CA VAL D 41 3.19 -3.06 -34.60
C VAL D 41 1.71 -2.71 -34.46
N GLU D 42 1.16 -2.00 -35.45
CA GLU D 42 -0.25 -1.66 -35.47
C GLU D 42 -1.13 -2.91 -35.47
N TRP D 43 -0.74 -3.93 -36.23
CA TRP D 43 -1.43 -5.21 -36.19
C TRP D 43 -1.13 -5.97 -34.90
N ALA D 44 0.07 -5.82 -34.34
CA ALA D 44 0.48 -6.64 -33.20
C ALA D 44 -0.24 -6.21 -31.92
N GLU D 45 -0.44 -4.91 -31.74
CA GLU D 45 -1.10 -4.42 -30.53
C GLU D 45 -2.61 -4.64 -30.53
N GLN D 46 -3.18 -5.14 -31.63
CA GLN D 46 -4.60 -5.50 -31.64
C GLN D 46 -4.89 -6.70 -30.75
N TYR D 47 -4.07 -7.74 -30.84
CA TYR D 47 -4.25 -8.98 -30.11
C TYR D 47 -3.71 -8.94 -28.68
N GLY D 48 -3.27 -7.78 -28.21
CA GLY D 48 -2.47 -7.75 -26.99
C GLY D 48 -3.10 -7.12 -25.77
N GLY D 49 -4.39 -6.78 -25.84
CA GLY D 49 -5.09 -6.32 -24.66
C GLY D 49 -5.49 -7.48 -23.76
N ALA D 50 -6.31 -7.16 -22.77
CA ALA D 50 -6.91 -8.20 -21.95
C ALA D 50 -7.98 -8.96 -22.74
N VAL D 51 -8.71 -8.25 -23.59
CA VAL D 51 -9.72 -8.86 -24.45
C VAL D 51 -9.33 -8.68 -25.91
N MET D 52 -10.14 -9.24 -26.80
CA MET D 52 -9.93 -9.08 -28.23
C MET D 52 -10.74 -7.93 -28.82
N TYR D 53 -11.97 -7.71 -28.34
CA TYR D 53 -12.83 -6.63 -28.81
C TYR D 53 -13.06 -5.67 -27.65
N PRO D 54 -12.18 -4.68 -27.44
CA PRO D 54 -12.40 -3.72 -26.35
C PRO D 54 -13.59 -2.81 -26.63
N THR D 55 -14.68 -3.06 -25.94
CA THR D 55 -15.93 -2.32 -26.05
C THR D 55 -16.07 -1.38 -24.85
N LYS D 56 -17.28 -0.82 -24.72
CA LYS D 56 -17.60 0.04 -23.58
C LYS D 56 -17.47 -0.71 -22.25
N GLU D 57 -17.92 -1.97 -22.20
CA GLU D 57 -17.82 -2.74 -20.97
C GLU D 57 -16.38 -3.20 -20.72
N THR D 58 -15.71 -3.69 -21.76
CA THR D 58 -14.35 -4.21 -21.62
C THR D 58 -13.33 -3.15 -22.04
N ALA D 59 -13.26 -2.09 -21.24
CA ALA D 59 -12.39 -0.96 -21.55
C ALA D 59 -11.36 -0.72 -20.46
N HIS D 60 -11.77 -0.88 -19.21
CA HIS D 60 -10.88 -0.60 -18.07
C HIS D 60 -10.06 -1.82 -17.67
N TRP D 61 -9.84 -2.77 -18.57
CA TRP D 61 -9.19 -4.03 -18.24
C TRP D 61 -7.77 -4.03 -18.79
N LYS D 62 -6.83 -4.28 -17.91
CA LYS D 62 -5.40 -4.35 -18.21
C LYS D 62 -4.95 -5.80 -18.34
N PRO D 63 -3.82 -6.03 -18.98
CA PRO D 63 -3.17 -7.34 -18.83
C PRO D 63 -2.57 -7.48 -17.45
N PRO D 64 -2.44 -8.71 -16.93
CA PRO D 64 -1.88 -8.91 -15.59
C PRO D 64 -0.39 -8.68 -15.57
N PRO D 65 0.24 -8.66 -14.40
CA PRO D 65 1.71 -8.73 -14.34
C PRO D 65 2.22 -10.04 -14.95
N TRP D 66 3.39 -9.96 -15.57
CA TRP D 66 3.84 -11.01 -16.47
C TRP D 66 4.21 -12.30 -15.75
N ASN D 67 4.60 -12.22 -14.48
CA ASN D 67 4.83 -13.41 -13.68
C ASN D 67 3.65 -13.74 -12.77
N ASP D 68 2.48 -13.17 -13.06
CA ASP D 68 1.23 -13.34 -12.31
C ASP D 68 1.37 -12.95 -10.85
N VAL D 69 2.23 -11.99 -10.55
CA VAL D 69 2.48 -11.53 -9.20
C VAL D 69 1.95 -10.10 -9.11
N ASP D 70 0.81 -9.95 -8.47
CA ASP D 70 0.28 -8.63 -8.14
C ASP D 70 1.03 -8.07 -6.93
N PRO D 71 1.25 -6.75 -6.90
CA PRO D 71 2.02 -6.16 -5.80
C PRO D 71 1.26 -6.28 -4.48
N PRO D 72 1.97 -6.38 -3.35
CA PRO D 72 1.33 -6.78 -2.10
C PRO D 72 0.48 -5.72 -1.43
N LYS D 73 0.32 -4.54 -2.05
CA LYS D 73 -0.67 -3.51 -1.69
C LYS D 73 -0.52 -2.97 -0.26
N SER D 78 3.62 -5.92 8.16
CA SER D 78 3.67 -4.93 9.24
C SER D 78 3.94 -5.60 10.58
N ASN D 79 4.19 -4.78 11.60
CA ASN D 79 4.43 -5.29 12.94
C ASN D 79 3.64 -4.46 13.97
N LEU D 80 3.20 -5.15 15.02
CA LEU D 80 2.40 -4.52 16.06
C LEU D 80 3.20 -3.49 16.84
N THR D 81 2.51 -2.49 17.38
CA THR D 81 3.11 -1.46 18.22
C THR D 81 2.32 -1.39 19.52
N LEU D 82 2.80 -2.06 20.56
CA LEU D 82 2.11 -2.04 21.85
C LEU D 82 2.70 -0.98 22.76
N ASN D 83 1.82 -0.34 23.53
CA ASN D 83 2.15 0.74 24.44
C ASN D 83 1.70 0.30 25.83
N PHE D 84 2.58 -0.41 26.55
CA PHE D 84 2.25 -0.89 27.88
C PHE D 84 2.41 0.26 28.85
N GLY D 85 1.27 0.87 29.23
CA GLY D 85 1.28 2.07 30.01
C GLY D 85 1.55 1.83 31.47
N PRO D 86 1.38 2.89 32.28
CA PRO D 86 1.74 2.85 33.70
C PRO D 86 0.65 2.26 34.59
N GLN D 87 0.12 1.10 34.19
CA GLN D 87 -1.04 0.50 34.83
C GLN D 87 -0.70 -0.88 35.39
N HIS D 88 0.58 -1.20 35.56
CA HIS D 88 0.93 -2.60 35.62
C HIS D 88 1.91 -2.93 36.76
N PRO D 89 1.63 -3.97 37.56
CA PRO D 89 2.49 -4.27 38.71
C PRO D 89 3.73 -5.07 38.36
N ALA D 90 3.75 -5.79 37.24
CA ALA D 90 4.91 -6.60 36.90
C ALA D 90 6.06 -5.78 36.35
N ALA D 91 5.79 -4.56 35.91
CA ALA D 91 6.80 -3.53 35.79
C ALA D 91 6.91 -2.86 37.15
N HIS D 92 8.14 -2.72 37.65
CA HIS D 92 8.35 -2.41 39.06
C HIS D 92 7.99 -0.97 39.40
N GLY D 93 6.69 -0.67 39.43
CA GLY D 93 6.27 0.67 39.77
C GLY D 93 5.75 1.46 38.59
N VAL D 94 6.53 2.43 38.14
CA VAL D 94 6.06 3.48 37.25
C VAL D 94 6.85 3.40 35.95
N LEU D 95 6.29 2.67 34.98
CA LEU D 95 6.99 2.47 33.73
C LEU D 95 5.99 2.46 32.58
N ARG D 96 6.38 3.07 31.48
CA ARG D 96 5.64 2.99 30.23
C ARG D 96 6.53 2.38 29.18
N LEU D 97 6.07 1.29 28.57
CA LEU D 97 6.85 0.53 27.62
C LEU D 97 6.15 0.54 26.27
N VAL D 98 6.78 1.17 25.29
CA VAL D 98 6.30 1.15 23.91
C VAL D 98 7.02 0.00 23.22
N MET D 99 6.33 -1.12 23.07
CA MET D 99 6.89 -2.28 22.39
C MET D 99 6.66 -2.17 20.89
N GLU D 100 7.41 -2.97 20.15
CA GLU D 100 7.13 -3.20 18.73
C GLU D 100 7.22 -4.70 18.52
N LEU D 101 6.11 -5.39 18.77
CA LEU D 101 6.11 -6.84 18.65
C LEU D 101 6.08 -7.27 17.18
N SER D 102 6.41 -8.54 16.96
CA SER D 102 6.41 -9.20 15.67
C SER D 102 5.71 -10.54 15.79
N GLY D 103 4.52 -10.53 16.39
CA GLY D 103 3.91 -11.76 16.82
C GLY D 103 4.23 -11.99 18.28
N GLU D 104 5.25 -12.79 18.55
CA GLU D 104 5.76 -13.02 19.90
C GLU D 104 7.10 -12.37 20.15
N MET D 105 7.97 -12.34 19.15
CA MET D 105 9.31 -11.78 19.32
C MET D 105 9.25 -10.27 19.55
N VAL D 106 10.06 -9.81 20.52
CA VAL D 106 10.16 -8.39 20.81
C VAL D 106 11.24 -7.80 19.92
N ARG D 107 10.83 -6.98 18.96
CA ARG D 107 11.79 -6.32 18.08
C ARG D 107 12.38 -5.06 18.70
N LYS D 108 11.54 -4.25 19.32
CA LYS D 108 11.95 -2.96 19.85
C LYS D 108 11.27 -2.73 21.19
N CYS D 109 12.05 -2.31 22.17
CA CYS D 109 11.54 -1.94 23.48
C CYS D 109 11.93 -0.50 23.76
N ASP D 110 10.93 0.36 23.94
CA ASP D 110 11.12 1.79 24.13
C ASP D 110 10.55 2.17 25.49
N PRO D 111 11.34 2.08 26.57
CA PRO D 111 10.82 2.47 27.88
C PRO D 111 10.68 3.98 28.00
N HIS D 112 9.50 4.41 28.44
CA HIS D 112 9.23 5.81 28.70
C HIS D 112 9.21 6.04 30.21
N ILE D 113 10.19 6.80 30.68
CA ILE D 113 10.39 7.06 32.09
C ILE D 113 10.12 8.53 32.34
N GLY D 114 10.27 8.95 33.59
CA GLY D 114 9.88 10.28 34.00
C GLY D 114 8.57 10.32 34.75
N LEU D 115 7.95 9.16 34.97
CA LEU D 115 6.73 9.07 35.74
C LEU D 115 6.98 9.25 37.24
N LEU D 116 8.23 9.24 37.67
CA LEU D 116 8.61 9.50 39.04
C LEU D 116 9.77 10.48 39.05
N HIS D 117 9.77 11.41 38.11
CA HIS D 117 10.78 12.46 38.10
C HIS D 117 10.34 13.61 38.96
N 2MR D 118 11.14 13.92 39.97
CA 2MR D 118 10.71 14.81 41.00
CB 2MR D 118 10.74 14.15 42.37
CG 2MR D 118 9.41 13.52 42.67
CD 2MR D 118 9.45 12.02 42.46
NE 2MR D 118 10.71 11.47 42.90
CZ 2MR D 118 10.93 10.56 44.01
NH1 2MR D 118 12.11 10.10 44.35
CQ1 2MR D 118 13.32 10.43 43.69
NH2 2MR D 118 9.83 10.10 44.81
CQ2 2MR D 118 10.03 9.20 45.91
C 2MR D 118 11.50 16.09 41.11
O 2MR D 118 11.23 16.96 41.91
N GLY D 119 12.52 16.22 40.26
CA GLY D 119 13.40 17.36 40.31
C GLY D 119 14.21 17.34 41.59
N THR D 120 14.71 16.15 41.92
CA THR D 120 15.43 15.96 43.18
C THR D 120 16.73 16.75 43.19
N GLU D 121 17.54 16.59 42.15
CA GLU D 121 18.86 17.18 42.10
C GLU D 121 18.86 18.63 41.63
N LYS D 122 17.68 19.26 41.52
CA LYS D 122 17.55 20.71 41.56
C LYS D 122 17.12 21.20 42.93
N LEU D 123 16.26 20.44 43.61
CA LEU D 123 15.87 20.76 44.99
C LEU D 123 17.04 20.66 45.95
N ILE D 124 18.03 19.80 45.64
CA ILE D 124 19.24 19.72 46.44
C ILE D 124 20.01 21.04 46.41
N GLU D 125 20.00 21.74 45.28
CA GLU D 125 20.81 22.95 45.12
C GLU D 125 20.32 24.12 45.96
N TYR D 126 19.08 24.09 46.43
CA TYR D 126 18.52 25.15 47.24
C TYR D 126 18.61 24.86 48.73
N LYS D 127 19.09 23.70 49.12
CA LYS D 127 19.12 23.27 50.52
C LYS D 127 20.55 22.98 50.93
N THR D 128 20.78 22.96 52.25
CA THR D 128 22.12 22.69 52.76
C THR D 128 22.44 21.20 52.63
N TYR D 129 23.63 20.83 53.11
CA TYR D 129 24.10 19.46 52.94
C TYR D 129 23.35 18.49 53.84
N LEU D 130 23.09 18.90 55.08
CA LEU D 130 22.27 18.10 55.98
C LEU D 130 20.83 18.03 55.48
N GLN D 131 20.31 19.14 54.94
CA GLN D 131 18.97 19.14 54.36
C GLN D 131 18.89 18.32 53.09
N ALA D 132 20.01 18.15 52.39
CA ALA D 132 20.05 17.35 51.18
C ALA D 132 20.41 15.90 51.43
N LEU D 133 20.74 15.54 52.68
CA LEU D 133 20.83 14.13 53.03
C LEU D 133 19.55 13.34 52.78
N PRO D 134 18.36 13.73 53.27
CA PRO D 134 17.19 12.83 53.12
C PRO D 134 16.64 12.69 51.70
N TYR D 135 17.15 13.44 50.72
CA TYR D 135 16.79 13.16 49.33
C TYR D 135 17.34 11.81 48.87
N PHE D 136 18.46 11.38 49.44
CA PHE D 136 19.12 10.16 48.99
C PHE D 136 18.45 8.91 49.52
N ASP D 137 17.76 9.03 50.66
CA ASP D 137 16.91 7.95 51.14
C ASP D 137 15.78 7.60 50.18
N ARG D 138 15.36 8.56 49.37
CA ARG D 138 14.17 8.41 48.55
C ARG D 138 14.48 8.22 47.07
N LEU D 139 15.77 8.11 46.73
CA LEU D 139 16.14 7.76 45.36
C LEU D 139 16.04 6.25 45.17
N ASP D 140 16.89 5.51 45.85
CA ASP D 140 16.83 4.06 45.85
C ASP D 140 16.20 3.68 47.18
N TYR D 141 14.87 3.66 47.21
CA TYR D 141 14.14 3.51 48.44
C TYR D 141 14.05 2.08 48.93
N VAL D 142 14.87 1.16 48.43
CA VAL D 142 15.15 -0.08 49.13
C VAL D 142 16.64 -0.18 49.47
N SER D 143 17.40 0.89 49.25
CA SER D 143 18.83 0.93 49.53
C SER D 143 19.21 2.24 50.21
N MET D 144 18.47 2.60 51.26
CA MET D 144 18.48 3.96 51.82
C MET D 144 19.83 4.33 52.41
N MET D 145 20.37 3.48 53.29
CA MET D 145 21.63 3.83 53.94
C MET D 145 22.83 3.67 53.02
N CYS D 146 22.70 2.93 51.93
CA CYS D 146 23.75 2.93 50.92
C CYS D 146 23.85 4.28 50.22
N ASN D 147 22.71 4.89 49.90
CA ASN D 147 22.77 6.20 49.27
C ASN D 147 23.21 7.27 50.27
N GLU D 148 22.78 7.11 51.53
CA GLU D 148 23.31 7.94 52.62
C GLU D 148 24.82 7.84 52.69
N GLN D 149 25.36 6.62 52.57
CA GLN D 149 26.80 6.42 52.67
C GLN D 149 27.53 7.01 51.46
N ALA D 150 26.92 6.91 50.27
CA ALA D 150 27.57 7.45 49.07
C ALA D 150 27.63 8.98 49.12
N TYR D 151 26.50 9.61 49.48
CA TYR D 151 26.50 11.06 49.62
C TYR D 151 27.39 11.51 50.77
N SER D 152 27.43 10.73 51.85
CA SER D 152 28.27 11.07 52.98
C SER D 152 29.75 11.01 52.61
N LEU D 153 30.16 9.98 51.88
CA LEU D 153 31.54 9.88 51.44
C LEU D 153 31.89 10.99 50.45
N ALA D 154 30.95 11.41 49.60
CA ALA D 154 31.22 12.53 48.70
C ALA D 154 31.44 13.83 49.46
N VAL D 155 30.58 14.12 50.44
CA VAL D 155 30.71 15.34 51.23
C VAL D 155 31.97 15.30 52.08
N GLU D 156 32.30 14.12 52.63
CA GLU D 156 33.50 14.00 53.45
C GLU D 156 34.78 14.09 52.63
N LYS D 157 34.75 13.60 51.38
CA LYS D 157 35.90 13.74 50.51
C LYS D 157 36.11 15.19 50.11
N LEU D 158 35.02 15.95 49.97
CA LEU D 158 35.21 17.39 49.72
C LEU D 158 35.58 18.15 50.99
N LEU D 159 35.15 17.68 52.16
CA LEU D 159 35.44 18.37 53.41
C LEU D 159 36.81 18.05 53.97
N ASN D 160 37.52 17.07 53.38
CA ASN D 160 38.86 16.63 53.79
C ASN D 160 38.85 16.10 55.23
N ILE D 161 37.74 15.47 55.63
CA ILE D 161 37.63 14.86 56.94
C ILE D 161 37.18 13.41 56.78
N GLN D 162 37.56 12.57 57.73
CA GLN D 162 37.19 11.17 57.71
C GLN D 162 36.32 10.84 58.92
N PRO D 163 35.43 9.85 58.81
CA PRO D 163 34.65 9.42 59.96
C PRO D 163 35.51 8.71 60.99
N PRO D 164 35.07 8.63 62.23
CA PRO D 164 35.75 7.78 63.21
C PRO D 164 35.56 6.31 62.88
N PRO D 165 36.40 5.42 63.42
CA PRO D 165 36.32 3.99 63.03
C PRO D 165 35.00 3.30 63.39
N ARG D 166 34.45 3.58 64.58
CA ARG D 166 33.18 2.97 64.96
C ARG D 166 32.05 3.39 64.04
N ALA D 167 32.06 4.65 63.61
CA ALA D 167 31.10 5.14 62.63
C ALA D 167 31.22 4.38 61.31
N GLN D 168 32.45 4.07 60.91
CA GLN D 168 32.66 3.34 59.66
C GLN D 168 32.22 1.89 59.77
N TRP D 169 32.43 1.26 60.93
CA TRP D 169 31.96 -0.12 61.10
C TRP D 169 30.44 -0.18 61.20
N ILE D 170 29.81 0.84 61.79
CA ILE D 170 28.35 0.94 61.77
C ILE D 170 27.85 1.11 60.34
N ARG D 171 28.57 1.93 59.54
CA ARG D 171 28.18 2.13 58.14
C ARG D 171 28.29 0.85 57.34
N VAL D 172 29.32 0.04 57.58
CA VAL D 172 29.47 -1.20 56.81
C VAL D 172 28.46 -2.24 57.27
N LEU D 173 28.20 -2.33 58.59
CA LEU D 173 27.19 -3.25 59.12
C LEU D 173 25.81 -2.94 58.56
N PHE D 174 25.40 -1.67 58.62
CA PHE D 174 24.11 -1.32 58.07
C PHE D 174 24.10 -1.24 56.55
N GLY D 175 25.26 -1.12 55.91
CA GLY D 175 25.31 -1.25 54.46
C GLY D 175 25.08 -2.68 54.02
N GLU D 176 25.55 -3.64 54.79
CA GLU D 176 25.28 -5.02 54.42
C GLU D 176 23.88 -5.47 54.83
N ILE D 177 23.34 -4.92 55.92
CA ILE D 177 21.90 -5.08 56.21
C ILE D 177 21.07 -4.50 55.08
N THR D 178 21.49 -3.34 54.56
CA THR D 178 20.83 -2.70 53.43
C THR D 178 20.95 -3.55 52.17
N ARG D 179 22.09 -4.21 51.98
CA ARG D 179 22.28 -5.10 50.84
C ARG D 179 21.37 -6.31 50.94
N LEU D 180 21.18 -6.84 52.16
CA LEU D 180 20.21 -7.91 52.37
C LEU D 180 18.80 -7.45 52.05
N LEU D 181 18.45 -6.23 52.47
CA LEU D 181 17.13 -5.66 52.18
C LEU D 181 16.89 -5.54 50.68
N ASN D 182 17.86 -4.99 49.95
CA ASN D 182 17.70 -4.77 48.52
C ASN D 182 17.70 -6.09 47.76
N HIS D 183 18.49 -7.07 48.18
CA HIS D 183 18.45 -8.32 47.44
C HIS D 183 17.24 -9.18 47.80
N ILE D 184 16.67 -9.02 48.99
CA ILE D 184 15.37 -9.64 49.26
C ILE D 184 14.30 -9.03 48.37
N MET D 185 14.28 -7.69 48.27
CA MET D 185 13.35 -7.01 47.35
C MET D 185 13.53 -7.47 45.91
N ALA D 186 14.78 -7.57 45.45
CA ALA D 186 15.09 -7.94 44.08
C ALA D 186 14.68 -9.38 43.77
N VAL D 187 15.15 -10.33 44.59
CA VAL D 187 14.85 -11.74 44.39
C VAL D 187 13.36 -12.01 44.51
N THR D 188 12.71 -11.44 45.52
CA THR D 188 11.31 -11.76 45.76
C THR D 188 10.38 -11.11 44.74
N THR D 189 10.63 -9.87 44.31
CA THR D 189 9.77 -9.30 43.28
C THR D 189 10.07 -9.89 41.90
N HIS D 190 11.32 -10.29 41.65
CA HIS D 190 11.62 -10.99 40.41
C HIS D 190 10.96 -12.36 40.37
N ALA D 191 10.82 -13.01 41.52
CA ALA D 191 10.03 -14.24 41.56
C ALA D 191 8.54 -13.94 41.48
N LEU D 192 8.11 -12.79 42.00
CA LEU D 192 6.69 -12.47 42.10
C LEU D 192 6.10 -12.14 40.73
N ASP D 193 6.82 -11.37 39.92
CA ASP D 193 6.33 -10.99 38.61
C ASP D 193 6.28 -12.18 37.66
N ILE D 194 7.25 -13.10 37.78
CA ILE D 194 7.20 -14.35 37.02
C ILE D 194 6.10 -15.26 37.58
N GLY D 195 5.75 -15.12 38.85
CA GLY D 195 4.59 -15.81 39.38
C GLY D 195 4.83 -16.54 40.68
N ALA D 196 6.07 -16.77 41.05
CA ALA D 196 6.40 -17.39 42.34
C ALA D 196 6.13 -16.34 43.41
N MET D 197 4.97 -16.43 44.05
CA MET D 197 4.49 -15.39 44.93
C MET D 197 4.68 -15.70 46.40
N THR D 198 5.05 -16.93 46.73
CA THR D 198 5.21 -17.43 48.09
C THR D 198 6.50 -17.02 48.80
N PRO D 199 7.72 -17.06 48.18
CA PRO D 199 8.89 -16.59 48.94
C PRO D 199 8.95 -15.09 49.13
N PHE D 200 8.15 -14.32 48.38
CA PHE D 200 7.89 -12.92 48.69
C PHE D 200 7.42 -12.75 50.13
N PHE D 201 6.33 -13.46 50.46
CA PHE D 201 5.80 -13.42 51.81
C PHE D 201 6.74 -14.10 52.80
N TRP D 202 7.56 -15.05 52.34
CA TRP D 202 8.47 -15.69 53.28
C TRP D 202 9.59 -14.75 53.70
N MET D 203 10.15 -14.01 52.75
CA MET D 203 11.33 -13.18 53.02
C MET D 203 10.98 -11.80 53.53
N PHE D 204 9.76 -11.31 53.31
CA PHE D 204 9.47 -10.00 53.88
C PHE D 204 9.30 -9.98 55.39
N GLU D 205 9.20 -11.14 56.06
CA GLU D 205 9.21 -11.10 57.52
C GLU D 205 10.63 -10.84 58.06
N GLU D 206 11.64 -11.44 57.41
CA GLU D 206 13.02 -11.13 57.75
C GLU D 206 13.33 -9.68 57.38
N ARG D 207 12.73 -9.20 56.28
CA ARG D 207 12.85 -7.79 55.92
C ARG D 207 12.16 -6.88 56.95
N GLU D 208 11.07 -7.35 57.56
CA GLU D 208 10.41 -6.62 58.63
C GLU D 208 11.31 -6.53 59.86
N LYS D 209 12.05 -7.59 60.14
CA LYS D 209 12.98 -7.56 61.27
C LYS D 209 14.16 -6.61 61.00
N MET D 210 14.60 -6.53 59.75
CA MET D 210 15.65 -5.57 59.44
C MET D 210 15.14 -4.12 59.45
N PHE D 211 13.87 -3.92 59.12
CA PHE D 211 13.30 -2.59 59.32
C PHE D 211 13.13 -2.26 60.80
N GLU D 212 12.94 -3.28 61.65
CA GLU D 212 13.01 -3.03 63.09
C GLU D 212 14.42 -2.65 63.52
N PHE D 213 15.44 -3.18 62.85
CA PHE D 213 16.81 -2.75 63.12
C PHE D 213 17.02 -1.28 62.75
N TYR D 214 16.50 -0.87 61.58
CA TYR D 214 16.54 0.54 61.20
C TYR D 214 15.79 1.42 62.19
N GLU D 215 14.62 0.97 62.64
CA GLU D 215 13.83 1.76 63.57
C GLU D 215 14.49 1.86 64.93
N ARG D 216 15.23 0.84 65.34
CA ARG D 216 15.96 0.96 66.60
C ARG D 216 17.18 1.86 66.47
N VAL D 217 17.84 1.86 65.31
CA VAL D 217 19.05 2.65 65.20
C VAL D 217 18.77 4.12 64.86
N SER D 218 17.61 4.43 64.26
CA SER D 218 17.34 5.79 63.82
C SER D 218 15.97 6.32 64.20
N GLY D 219 15.00 5.48 64.49
CA GLY D 219 13.66 5.94 64.81
C GLY D 219 12.69 5.93 63.65
N ALA D 220 13.12 5.46 62.50
CA ALA D 220 12.25 5.36 61.33
C ALA D 220 12.66 4.14 60.53
N ARG D 221 11.68 3.53 59.87
CA ARG D 221 11.86 2.18 59.36
C ARG D 221 12.45 2.12 57.97
N MET D 222 12.25 3.13 57.12
CA MET D 222 12.89 3.16 55.82
C MET D 222 13.86 4.32 55.67
N HIS D 223 13.41 5.56 55.80
CA HIS D 223 14.27 6.69 55.50
C HIS D 223 14.86 7.17 56.81
N ALA D 224 16.05 6.67 57.10
CA ALA D 224 16.62 6.83 58.42
C ALA D 224 17.23 8.21 58.63
N ALA D 225 17.81 8.80 57.58
CA ALA D 225 18.67 9.98 57.65
C ALA D 225 19.76 9.81 58.71
N TYR D 226 20.33 8.60 58.75
CA TYR D 226 21.19 8.17 59.85
C TYR D 226 22.67 8.29 59.51
N VAL D 227 23.10 7.65 58.42
CA VAL D 227 24.48 7.79 57.96
C VAL D 227 24.64 9.19 57.36
N ARG D 228 25.50 9.99 57.97
CA ARG D 228 25.64 11.40 57.65
C ARG D 228 27.08 11.71 57.29
N PRO D 229 27.34 12.88 56.70
CA PRO D 229 28.73 13.35 56.62
C PRO D 229 29.32 13.56 58.00
N GLY D 230 30.49 12.95 58.22
CA GLY D 230 31.15 12.99 59.50
C GLY D 230 31.04 11.70 60.30
N GLY D 231 30.09 10.83 59.96
CA GLY D 231 29.92 9.59 60.69
C GLY D 231 28.49 9.09 60.61
N VAL D 232 27.88 8.82 61.76
CA VAL D 232 26.46 8.57 61.86
C VAL D 232 25.90 9.51 62.91
N HIS D 233 24.57 9.68 62.88
CA HIS D 233 23.93 10.64 63.76
C HIS D 233 23.95 10.21 65.22
N GLN D 234 23.87 8.91 65.50
CA GLN D 234 23.56 8.51 66.85
C GLN D 234 24.12 7.12 67.09
N ASP D 235 24.66 6.91 68.29
CA ASP D 235 25.31 5.63 68.59
C ASP D 235 24.26 4.53 68.70
N LEU D 236 24.73 3.29 68.58
CA LEU D 236 23.87 2.12 68.63
C LEU D 236 23.19 2.03 69.99
N PRO D 237 21.89 1.75 70.04
CA PRO D 237 21.25 1.46 71.32
C PRO D 237 21.74 0.13 71.86
N LEU D 238 21.69 0.00 73.19
CA LEU D 238 22.29 -1.15 73.86
C LEU D 238 21.55 -2.44 73.52
N GLY D 239 22.30 -3.44 73.08
CA GLY D 239 21.72 -4.70 72.70
C GLY D 239 21.16 -4.76 71.31
N LEU D 240 21.43 -3.75 70.47
CA LEU D 240 21.05 -3.84 69.07
C LEU D 240 21.88 -4.87 68.34
N MET D 241 23.19 -4.92 68.65
CA MET D 241 24.10 -5.86 68.01
C MET D 241 23.76 -7.30 68.35
N ASP D 242 23.22 -7.53 69.55
CA ASP D 242 22.82 -8.87 69.94
C ASP D 242 21.61 -9.34 69.14
N ASP D 243 20.66 -8.44 68.87
CA ASP D 243 19.52 -8.81 68.05
C ASP D 243 19.90 -8.96 66.58
N ILE D 244 20.89 -8.19 66.12
CA ILE D 244 21.43 -8.39 64.77
C ILE D 244 22.09 -9.77 64.66
N TYR D 245 22.81 -10.18 65.70
CA TYR D 245 23.38 -11.53 65.74
C TYR D 245 22.30 -12.60 65.76
N GLU D 246 21.22 -12.39 66.52
CA GLU D 246 20.15 -13.38 66.55
C GLU D 246 19.42 -13.46 65.22
N PHE D 247 19.34 -12.35 64.50
CA PHE D 247 18.83 -12.37 63.13
C PHE D 247 19.75 -13.16 62.20
N SER D 248 21.05 -12.88 62.28
CA SER D 248 22.00 -13.43 61.34
C SER D 248 22.29 -14.90 61.60
N LYS D 249 22.05 -15.37 62.83
CA LYS D 249 22.19 -16.78 63.14
C LYS D 249 21.15 -17.62 62.42
N ASN D 250 20.02 -17.02 62.05
CA ASN D 250 18.91 -17.75 61.46
C ASN D 250 18.60 -17.36 60.02
N PHE D 251 19.20 -16.30 59.50
CA PHE D 251 18.86 -15.86 58.14
C PHE D 251 19.37 -16.81 57.06
N SER D 252 20.39 -17.62 57.37
CA SER D 252 20.95 -18.56 56.39
C SER D 252 19.94 -19.62 55.97
N LEU D 253 19.16 -20.14 56.92
CA LEU D 253 18.15 -21.13 56.57
C LEU D 253 17.03 -20.52 55.74
N ARG D 254 16.78 -19.22 55.92
CA ARG D 254 15.79 -18.53 55.10
C ARG D 254 16.27 -18.42 53.65
N ILE D 255 17.54 -18.05 53.48
CA ILE D 255 18.14 -18.05 52.14
C ILE D 255 18.10 -19.46 51.54
N ASP D 256 18.33 -20.48 52.39
CA ASP D 256 18.33 -21.87 51.92
C ASP D 256 16.97 -22.30 51.42
N GLU D 257 15.90 -21.93 52.12
CA GLU D 257 14.59 -22.40 51.70
C GLU D 257 14.03 -21.56 50.54
N LEU D 258 14.41 -20.28 50.45
CA LEU D 258 14.21 -19.51 49.23
C LEU D 258 14.87 -20.18 48.02
N GLU D 259 16.13 -20.57 48.18
CA GLU D 259 16.88 -21.18 47.10
C GLU D 259 16.36 -22.58 46.77
N GLU D 260 15.86 -23.30 47.77
CA GLU D 260 15.22 -24.58 47.52
C GLU D 260 13.92 -24.43 46.74
N MET D 261 13.17 -23.36 47.01
CA MET D 261 11.96 -23.11 46.23
C MET D 261 12.25 -22.68 44.81
N LEU D 262 13.35 -21.97 44.57
CA LEU D 262 13.52 -21.36 43.25
C LEU D 262 14.62 -21.95 42.40
N THR D 263 15.82 -22.19 42.93
CA THR D 263 17.00 -22.41 42.09
C THR D 263 16.94 -23.71 41.30
N ASN D 264 16.56 -24.80 41.95
CA ASN D 264 16.48 -26.08 41.24
C ASN D 264 15.13 -26.31 40.56
N ASN D 265 14.23 -25.33 40.61
CA ASN D 265 12.93 -25.46 39.96
C ASN D 265 13.09 -25.35 38.44
N ARG D 266 12.47 -26.29 37.71
CA ARG D 266 12.60 -26.31 36.26
C ARG D 266 11.85 -25.15 35.60
N ILE D 267 10.76 -24.70 36.22
CA ILE D 267 9.99 -23.60 35.66
C ILE D 267 10.73 -22.30 35.89
N TRP D 268 11.51 -22.24 36.96
CA TRP D 268 12.35 -21.07 37.20
C TRP D 268 13.51 -21.01 36.23
N ARG D 269 14.13 -22.16 35.94
CA ARG D 269 15.23 -22.17 34.98
C ARG D 269 14.72 -21.96 33.56
N ASN D 270 13.48 -22.34 33.27
CA ASN D 270 12.94 -22.07 31.95
C ASN D 270 12.68 -20.59 31.73
N ARG D 271 12.39 -19.84 32.79
CA ARG D 271 12.15 -18.41 32.70
C ARG D 271 13.41 -17.56 32.85
N THR D 272 14.57 -18.16 33.13
CA THR D 272 15.73 -17.37 33.51
C THR D 272 17.01 -17.68 32.72
N VAL D 273 17.21 -18.92 32.30
CA VAL D 273 18.54 -19.37 31.86
C VAL D 273 18.88 -18.84 30.46
N ASP D 274 17.94 -18.83 29.53
CA ASP D 274 18.27 -18.32 28.20
C ASP D 274 17.84 -16.87 28.00
N ILE D 275 17.56 -16.16 29.08
CA ILE D 275 16.89 -14.86 29.01
C ILE D 275 17.90 -13.78 29.36
N GLY D 276 17.91 -12.70 28.56
CA GLY D 276 18.71 -11.52 28.79
C GLY D 276 20.20 -11.74 28.88
N VAL D 277 20.78 -12.32 27.84
CA VAL D 277 22.22 -12.63 27.86
C VAL D 277 22.99 -11.38 27.48
N VAL D 278 23.97 -11.02 28.30
CA VAL D 278 24.76 -9.82 28.11
C VAL D 278 26.22 -10.22 27.93
N THR D 279 26.80 -9.84 26.81
CA THR D 279 28.23 -10.02 26.64
C THR D 279 29.00 -9.02 27.49
N ALA D 280 30.25 -9.37 27.80
CA ALA D 280 31.03 -8.58 28.75
C ALA D 280 31.43 -7.23 28.18
N GLU D 281 31.82 -7.20 26.90
CA GLU D 281 32.27 -5.95 26.29
C GLU D 281 31.10 -4.99 26.08
N ASP D 282 29.92 -5.52 25.77
CA ASP D 282 28.73 -4.68 25.71
C ASP D 282 28.32 -4.18 27.08
N ALA D 283 28.51 -5.01 28.11
CA ALA D 283 28.18 -4.59 29.48
C ALA D 283 29.10 -3.49 29.96
N LEU D 284 30.38 -3.56 29.58
CA LEU D 284 31.28 -2.43 29.82
C LEU D 284 30.86 -1.22 29.01
N ASN D 285 30.49 -1.43 27.74
CA ASN D 285 30.16 -0.33 26.86
C ASN D 285 28.81 0.28 27.18
N TYR D 286 27.94 -0.41 27.92
CA TYR D 286 26.61 0.13 28.18
C TYR D 286 26.48 0.70 29.59
N GLY D 287 27.60 0.95 30.26
CA GLY D 287 27.57 1.55 31.58
C GLY D 287 26.96 0.68 32.65
N PHE D 288 26.96 -0.63 32.46
CA PHE D 288 26.42 -1.52 33.48
C PHE D 288 27.36 -1.57 34.67
N SER D 289 26.82 -2.02 35.80
CA SER D 289 27.59 -2.05 37.03
C SER D 289 26.95 -3.04 37.98
N GLY D 290 27.75 -3.55 38.90
CA GLY D 290 27.27 -4.48 39.90
C GLY D 290 26.98 -5.86 39.35
N VAL D 291 25.79 -6.37 39.64
CA VAL D 291 25.42 -7.73 39.28
C VAL D 291 25.30 -7.87 37.75
N MET D 292 25.00 -6.77 37.06
CA MET D 292 24.95 -6.76 35.61
C MET D 292 26.33 -7.01 34.99
N LEU D 293 27.40 -6.54 35.62
CA LEU D 293 28.74 -6.88 35.15
C LEU D 293 29.17 -8.24 35.67
N ARG D 294 28.82 -8.56 36.91
CA ARG D 294 29.32 -9.77 37.54
C ARG D 294 28.68 -11.03 36.97
N GLY D 295 27.46 -10.94 36.43
CA GLY D 295 26.87 -12.09 35.79
C GLY D 295 27.51 -12.42 34.47
N SER D 296 28.08 -11.43 33.80
CA SER D 296 28.80 -11.62 32.55
C SER D 296 30.24 -12.06 32.78
N GLY D 297 30.66 -12.25 34.02
CA GLY D 297 31.99 -12.74 34.31
C GLY D 297 33.05 -11.68 34.52
N ILE D 298 32.67 -10.40 34.48
CA ILE D 298 33.62 -9.32 34.69
C ILE D 298 33.92 -9.23 36.18
N GLN D 299 35.17 -9.44 36.55
CA GLN D 299 35.57 -9.43 37.95
C GLN D 299 35.77 -7.99 38.38
N TRP D 300 34.69 -7.38 38.88
CA TRP D 300 34.73 -5.98 39.30
C TRP D 300 33.78 -5.79 40.46
N ASP D 301 34.31 -5.34 41.58
CA ASP D 301 33.49 -4.95 42.72
C ASP D 301 34.20 -3.81 43.42
N LEU D 302 33.47 -2.70 43.64
CA LEU D 302 34.08 -1.51 44.20
C LEU D 302 34.47 -1.67 45.67
N ARG D 303 33.95 -2.67 46.36
CA ARG D 303 34.36 -2.92 47.73
C ARG D 303 35.71 -3.62 47.80
N LYS D 304 36.17 -4.21 46.69
CA LYS D 304 37.50 -4.80 46.58
C LYS D 304 38.46 -3.90 45.81
N THR D 305 38.06 -3.43 44.63
CA THR D 305 38.97 -2.71 43.75
C THR D 305 39.28 -1.32 44.28
N GLN D 306 38.24 -0.51 44.54
CA GLN D 306 38.37 0.86 45.01
C GLN D 306 37.71 0.95 46.39
N PRO D 307 38.32 0.35 47.42
CA PRO D 307 37.57 0.07 48.65
C PRO D 307 37.31 1.31 49.48
N TYR D 308 36.21 1.27 50.22
CA TYR D 308 35.78 2.36 51.07
C TYR D 308 35.59 1.74 52.46
N ASP D 309 34.90 2.46 53.35
CA ASP D 309 35.32 2.75 54.72
C ASP D 309 36.19 1.71 55.44
N VAL D 310 35.67 0.51 55.72
CA VAL D 310 36.52 -0.56 56.24
C VAL D 310 36.30 -1.84 55.47
N TYR D 311 35.95 -1.73 54.18
CA TYR D 311 35.75 -2.91 53.36
C TYR D 311 37.04 -3.63 52.99
N ASP D 312 38.20 -3.02 53.21
CA ASP D 312 39.47 -3.71 53.08
C ASP D 312 39.88 -4.41 54.37
N GLN D 313 39.02 -4.40 55.38
CA GLN D 313 39.27 -5.06 56.64
C GLN D 313 38.29 -6.19 56.92
N VAL D 314 37.39 -6.48 55.98
CA VAL D 314 36.47 -7.60 56.08
C VAL D 314 36.76 -8.57 54.96
N GLU D 315 36.45 -9.84 55.21
CA GLU D 315 36.83 -10.93 54.32
C GLU D 315 35.57 -11.51 53.69
N PHE D 316 35.44 -11.35 52.38
CA PHE D 316 34.27 -11.85 51.68
C PHE D 316 34.63 -12.13 50.23
N ASP D 317 33.73 -12.81 49.55
CA ASP D 317 33.93 -13.26 48.18
C ASP D 317 32.95 -12.57 47.24
N VAL D 318 33.33 -12.50 45.97
CA VAL D 318 32.57 -11.84 44.93
C VAL D 318 32.00 -12.92 44.02
N PRO D 319 30.68 -13.14 44.00
CA PRO D 319 30.10 -14.14 43.09
C PRO D 319 30.20 -13.69 41.64
N ILE D 320 30.62 -14.62 40.78
CA ILE D 320 30.91 -14.34 39.38
C ILE D 320 30.06 -15.26 38.52
N GLY D 321 29.31 -14.67 37.60
CA GLY D 321 28.53 -15.45 36.66
C GLY D 321 29.37 -15.96 35.51
N SER D 322 28.76 -16.82 34.69
CA SER D 322 29.46 -17.44 33.58
C SER D 322 28.70 -17.43 32.27
N ARG D 323 27.41 -17.08 32.27
CA ARG D 323 26.63 -17.06 31.04
C ARG D 323 25.91 -15.74 30.79
N GLY D 324 25.94 -14.81 31.75
CA GLY D 324 25.43 -13.47 31.50
C GLY D 324 23.94 -13.34 31.46
N ASP D 325 23.20 -14.29 32.03
CA ASP D 325 21.76 -14.38 31.93
C ASP D 325 21.09 -13.96 33.23
N CYS D 326 19.75 -14.09 33.26
CA CYS D 326 18.97 -13.76 34.44
C CYS D 326 19.24 -14.74 35.57
N TYR D 327 19.56 -15.99 35.23
CA TYR D 327 19.76 -17.04 36.22
C TYR D 327 21.07 -16.86 36.97
N ASP D 328 22.15 -16.52 36.26
CA ASP D 328 23.42 -16.26 36.95
C ASP D 328 23.36 -14.98 37.77
N ARG D 329 22.60 -13.97 37.33
CA ARG D 329 22.44 -12.78 38.13
C ARG D 329 21.60 -13.05 39.38
N TYR D 330 20.61 -13.95 39.25
CA TYR D 330 19.88 -14.44 40.42
C TYR D 330 20.80 -15.14 41.41
N LEU D 331 21.65 -16.04 40.91
CA LEU D 331 22.57 -16.77 41.79
C LEU D 331 23.58 -15.82 42.42
N CYS D 332 23.99 -14.79 41.69
CA CYS D 332 24.89 -13.78 42.24
C CYS D 332 24.22 -13.00 43.36
N ARG D 333 22.93 -12.70 43.22
CA ARG D 333 22.26 -11.98 44.31
C ARG D 333 22.06 -12.86 45.55
N VAL D 334 21.80 -14.15 45.34
CA VAL D 334 21.72 -15.08 46.47
C VAL D 334 23.07 -15.20 47.18
N GLU D 335 24.15 -15.32 46.41
CA GLU D 335 25.47 -15.45 47.02
C GLU D 335 25.92 -14.12 47.64
N GLU D 336 25.43 -12.99 47.13
CA GLU D 336 25.72 -11.72 47.80
C GLU D 336 24.96 -11.60 49.11
N MET D 337 23.79 -12.22 49.24
CA MET D 337 23.15 -12.31 50.55
C MET D 337 23.98 -13.19 51.50
N ARG D 338 24.54 -14.29 50.99
CA ARG D 338 25.42 -15.15 51.79
C ARG D 338 26.65 -14.40 52.28
N GLN D 339 27.33 -13.71 51.36
CA GLN D 339 28.54 -12.97 51.72
C GLN D 339 28.22 -11.75 52.57
N SER D 340 27.03 -11.17 52.44
CA SER D 340 26.64 -10.10 53.33
C SER D 340 26.40 -10.61 54.74
N ILE D 341 25.89 -11.83 54.89
CA ILE D 341 25.82 -12.45 56.22
C ILE D 341 27.22 -12.66 56.79
N ARG D 342 28.16 -13.07 55.94
CA ARG D 342 29.56 -13.20 56.35
C ARG D 342 30.14 -11.87 56.83
N ILE D 343 29.86 -10.78 56.09
CA ILE D 343 30.37 -9.47 56.48
C ILE D 343 29.69 -8.96 57.75
N ILE D 344 28.40 -9.26 57.93
CA ILE D 344 27.69 -8.84 59.14
C ILE D 344 28.25 -9.54 60.37
N SER D 345 28.57 -10.83 60.24
CA SER D 345 29.21 -11.53 61.35
C SER D 345 30.60 -10.97 61.64
N GLN D 346 31.34 -10.59 60.59
CA GLN D 346 32.65 -9.99 60.83
C GLN D 346 32.55 -8.58 61.43
N CYS D 347 31.52 -7.82 61.07
CA CYS D 347 31.33 -6.49 61.64
C CYS D 347 30.86 -6.55 63.09
N LEU D 348 30.07 -7.56 63.43
CA LEU D 348 29.68 -7.73 64.82
C LEU D 348 30.86 -8.18 65.67
N ASN D 349 31.72 -9.04 65.12
CA ASN D 349 32.88 -9.47 65.91
C ASN D 349 34.05 -8.50 65.90
N LYS D 350 33.96 -7.38 65.17
CA LYS D 350 35.09 -6.45 65.08
C LYS D 350 34.67 -5.00 65.28
N MET D 351 33.59 -4.75 66.01
CA MET D 351 33.16 -3.38 66.29
C MET D 351 34.06 -2.75 67.34
N PRO D 352 34.63 -1.58 67.09
CA PRO D 352 35.53 -0.96 68.05
C PRO D 352 34.76 -0.05 69.00
N PRO D 353 35.35 0.33 70.12
CA PRO D 353 34.77 1.40 70.93
C PRO D 353 35.08 2.75 70.31
N GLY D 354 34.55 3.79 70.93
CA GLY D 354 34.83 5.15 70.51
C GLY D 354 33.56 5.88 70.10
N GLU D 355 33.77 7.08 69.57
CA GLU D 355 32.68 7.97 69.20
C GLU D 355 32.10 7.53 67.86
N ILE D 356 31.06 8.25 67.41
CA ILE D 356 30.38 7.93 66.16
C ILE D 356 30.26 9.12 65.22
N LYS D 357 30.74 10.29 65.62
CA LYS D 357 30.81 11.45 64.74
C LYS D 357 32.26 11.90 64.66
N VAL D 358 32.60 12.63 63.59
CA VAL D 358 33.92 13.24 63.54
C VAL D 358 33.98 14.32 64.61
N ASP D 359 35.12 14.41 65.30
CA ASP D 359 35.18 15.28 66.46
C ASP D 359 35.50 16.71 66.08
N ASP D 360 35.64 17.00 64.80
CA ASP D 360 35.51 18.35 64.28
C ASP D 360 34.08 18.82 64.52
N ALA D 361 33.89 19.69 65.51
CA ALA D 361 32.55 20.19 65.81
C ALA D 361 32.14 21.37 64.96
N LYS D 362 32.87 21.65 63.88
CA LYS D 362 32.42 22.57 62.84
C LYS D 362 31.82 21.81 61.66
N VAL D 363 31.75 20.48 61.75
CA VAL D 363 31.14 19.64 60.73
C VAL D 363 30.03 18.83 61.39
N SER D 364 30.40 18.00 62.37
CA SER D 364 29.40 17.28 63.12
C SER D 364 28.89 18.14 64.26
N PRO D 365 27.60 18.05 64.60
CA PRO D 365 27.09 18.80 65.74
C PRO D 365 27.62 18.21 67.03
N PRO D 366 27.69 19.00 68.10
CA PRO D 366 28.11 18.47 69.40
C PRO D 366 26.97 17.69 70.05
N LYS D 367 27.30 17.07 71.19
CA LYS D 367 26.29 16.42 71.99
C LYS D 367 25.38 17.47 72.62
N ARG D 368 24.18 17.04 72.98
CA ARG D 368 23.22 17.98 73.56
C ARG D 368 23.61 18.37 74.97
N ALA D 369 24.38 17.52 75.67
CA ALA D 369 24.80 17.85 77.03
C ALA D 369 25.86 18.94 77.03
N GLU D 370 26.72 18.97 76.02
CA GLU D 370 27.70 20.04 75.88
C GLU D 370 27.16 21.22 75.09
N MET D 371 26.14 21.01 74.26
CA MET D 371 25.42 22.12 73.63
C MET D 371 24.75 22.99 74.67
N LYS D 372 24.23 22.38 75.73
CA LYS D 372 23.57 23.10 76.80
C LYS D 372 24.54 23.55 77.88
N THR D 373 25.84 23.31 77.70
CA THR D 373 26.85 23.70 78.67
C THR D 373 27.88 24.68 78.12
N SER D 374 28.45 24.40 76.96
CA SER D 374 29.53 25.20 76.41
C SER D 374 29.02 26.28 75.46
N MET D 375 29.72 27.41 75.44
CA MET D 375 29.37 28.49 74.53
C MET D 375 29.74 28.15 73.09
N GLU D 376 30.94 27.58 72.88
CA GLU D 376 31.38 27.20 71.55
C GLU D 376 30.47 26.13 70.96
N SER D 377 30.04 25.18 71.79
CA SER D 377 29.16 24.13 71.31
C SER D 377 27.77 24.66 70.98
N LEU D 378 27.31 25.69 71.69
CA LEU D 378 26.01 26.28 71.35
C LEU D 378 26.09 27.07 70.04
N ILE D 379 27.17 27.84 69.86
CA ILE D 379 27.39 28.58 68.61
C ILE D 379 27.49 27.61 67.44
N HIS D 380 28.21 26.51 67.62
CA HIS D 380 28.39 25.53 66.55
C HIS D 380 27.10 24.78 66.27
N HIS D 381 26.31 24.46 67.30
CA HIS D 381 24.99 23.88 67.12
C HIS D 381 24.09 24.81 66.31
N PHE D 382 24.11 26.10 66.65
CA PHE D 382 23.33 27.12 65.96
C PHE D 382 23.70 27.19 64.47
N LYS D 383 25.00 27.31 64.19
CA LYS D 383 25.41 27.52 62.82
C LYS D 383 25.38 26.25 61.99
N LEU D 384 25.49 25.08 62.61
CA LEU D 384 25.34 23.85 61.85
C LEU D 384 23.90 23.55 61.53
N TYR D 385 22.96 23.91 62.41
CA TYR D 385 21.57 23.61 62.11
C TYR D 385 20.82 24.78 61.45
N THR D 386 21.44 25.95 61.29
CA THR D 386 20.81 27.01 60.51
C THR D 386 21.56 27.28 59.21
N GLU D 387 22.83 27.64 59.28
CA GLU D 387 23.60 27.78 58.04
C GLU D 387 24.07 26.43 57.53
N GLY D 388 24.57 25.59 58.42
CA GLY D 388 25.29 24.41 57.99
C GLY D 388 26.77 24.71 57.76
N TYR D 389 27.55 23.65 57.77
CA TYR D 389 28.98 23.77 57.51
C TYR D 389 29.25 24.15 56.05
N GLN D 390 30.28 24.97 55.86
CA GLN D 390 30.76 25.23 54.51
C GLN D 390 31.56 24.04 54.02
N VAL D 391 31.60 23.88 52.70
CA VAL D 391 32.36 22.85 52.03
C VAL D 391 33.33 23.55 51.09
N PRO D 392 34.62 23.18 51.07
CA PRO D 392 35.55 23.86 50.17
C PRO D 392 35.19 23.60 48.72
N PRO D 393 35.47 24.56 47.83
CA PRO D 393 35.07 24.42 46.43
C PRO D 393 35.75 23.26 45.71
N GLY D 394 35.17 22.88 44.58
CA GLY D 394 35.70 21.78 43.82
C GLY D 394 34.69 20.66 43.64
N ALA D 395 34.85 19.90 42.57
CA ALA D 395 33.95 18.81 42.25
C ALA D 395 34.59 17.49 42.65
N THR D 396 33.77 16.55 43.06
CA THR D 396 34.20 15.17 43.28
C THR D 396 33.21 14.25 42.59
N TYR D 397 33.66 13.04 42.29
CA TYR D 397 32.79 11.95 41.90
C TYR D 397 33.12 10.77 42.79
N THR D 398 32.29 10.54 43.80
CA THR D 398 32.50 9.46 44.76
C THR D 398 31.44 8.40 44.52
N ALA D 399 31.87 7.25 44.04
CA ALA D 399 30.99 6.11 43.83
C ALA D 399 31.24 5.05 44.88
N ILE D 400 30.17 4.38 45.28
CA ILE D 400 30.26 3.22 46.15
C ILE D 400 29.67 2.03 45.41
N GLU D 401 29.81 0.85 46.02
CA GLU D 401 29.16 -0.35 45.49
C GLU D 401 27.81 -0.47 46.17
N ALA D 402 26.78 0.07 45.51
CA ALA D 402 25.41 -0.15 45.90
C ALA D 402 25.02 -1.60 45.62
N PRO D 403 23.93 -2.09 46.22
CA PRO D 403 23.45 -3.43 45.85
C PRO D 403 23.02 -3.54 44.40
N LYS D 404 22.38 -2.51 43.86
CA LYS D 404 22.01 -2.50 42.45
C LYS D 404 23.20 -2.32 41.52
N GLY D 405 24.31 -1.81 42.01
CA GLY D 405 25.46 -1.58 41.16
C GLY D 405 26.31 -0.45 41.70
N GLU D 406 26.67 0.47 40.80
CA GLU D 406 27.47 1.63 41.16
C GLU D 406 26.54 2.81 41.38
N PHE D 407 26.33 3.18 42.63
CA PHE D 407 25.69 4.44 42.97
C PHE D 407 26.78 5.47 43.21
N GLY D 408 26.64 6.64 42.63
CA GLY D 408 27.69 7.63 42.69
C GLY D 408 27.11 9.03 42.63
N VAL D 409 27.83 9.97 43.21
CA VAL D 409 27.41 11.36 43.29
C VAL D 409 28.51 12.24 42.71
N TYR D 410 28.17 13.05 41.72
CA TYR D 410 29.07 14.09 41.21
C TYR D 410 28.64 15.40 41.87
N LEU D 411 29.24 15.70 43.00
CA LEU D 411 28.86 16.84 43.83
C LEU D 411 29.84 17.98 43.60
N VAL D 412 29.30 19.17 43.33
CA VAL D 412 30.08 20.36 43.08
C VAL D 412 29.74 21.38 44.15
N SER D 413 30.74 21.85 44.88
CA SER D 413 30.55 22.88 45.88
C SER D 413 31.14 24.19 45.40
N ASP D 414 30.56 25.29 45.86
CA ASP D 414 31.00 26.63 45.49
C ASP D 414 31.62 27.39 46.64
N GLY D 415 31.95 26.71 47.74
CA GLY D 415 32.42 27.35 48.93
C GLY D 415 31.35 27.64 49.95
N SER D 416 30.09 27.58 49.56
CA SER D 416 28.99 27.92 50.43
C SER D 416 28.58 26.70 51.25
N SER D 417 27.52 26.86 52.03
CA SER D 417 26.95 25.79 52.81
C SER D 417 25.86 25.04 52.07
N ARG D 418 25.74 25.25 50.76
CA ARG D 418 24.83 24.52 49.89
C ARG D 418 25.58 23.97 48.71
N PRO D 419 25.14 22.86 48.13
CA PRO D 419 25.74 22.38 46.89
C PRO D 419 25.47 23.33 45.74
N TYR D 420 26.34 23.27 44.74
CA TYR D 420 26.09 23.99 43.50
C TYR D 420 25.43 23.08 42.47
N ARG D 421 25.93 21.86 42.34
CA ARG D 421 25.40 20.85 41.44
C ARG D 421 25.57 19.51 42.15
N CYS D 422 24.56 18.66 42.07
CA CYS D 422 24.61 17.34 42.70
C CYS D 422 24.11 16.31 41.69
N LYS D 423 24.98 15.87 40.81
CA LYS D 423 24.60 14.83 39.86
C LYS D 423 24.58 13.48 40.56
N ILE D 424 23.50 12.75 40.38
CA ILE D 424 23.29 11.49 41.07
C ILE D 424 23.37 10.38 40.03
N LYS D 425 24.48 9.65 40.02
CA LYS D 425 24.64 8.50 39.15
C LYS D 425 23.97 7.30 39.79
N ALA D 426 23.05 6.68 39.06
CA ALA D 426 22.38 5.50 39.54
C ALA D 426 22.54 4.35 38.56
N PRO D 427 22.59 3.10 39.05
CA PRO D 427 22.77 1.97 38.12
C PRO D 427 21.56 1.71 37.24
N GLY D 428 20.35 1.89 37.78
CA GLY D 428 19.15 1.52 37.08
C GLY D 428 18.89 2.34 35.82
N PHE D 429 19.45 3.55 35.77
CA PHE D 429 19.35 4.39 34.57
C PHE D 429 20.05 3.74 33.39
N ALA D 430 21.31 3.36 33.57
CA ALA D 430 22.06 2.70 32.51
C ALA D 430 21.55 1.28 32.23
N HIS D 431 21.05 0.60 33.27
CA HIS D 431 20.51 -0.76 33.07
C HIS D 431 19.24 -0.72 32.24
N LEU D 432 18.34 0.20 32.56
CA LEU D 432 17.12 0.36 31.78
C LEU D 432 17.40 0.96 30.40
N ALA D 433 18.53 1.65 30.24
CA ALA D 433 18.99 1.99 28.90
C ALA D 433 19.36 0.73 28.11
N GLY D 434 20.13 -0.16 28.73
CA GLY D 434 20.55 -1.40 28.06
C GLY D 434 19.46 -2.45 27.89
N LEU D 435 18.29 -2.21 28.49
CA LEU D 435 17.08 -3.01 28.24
C LEU D 435 16.78 -3.19 26.75
N ASP D 436 17.04 -2.17 25.93
CA ASP D 436 16.74 -2.23 24.50
C ASP D 436 17.55 -3.28 23.77
N LYS D 437 18.83 -3.44 24.12
CA LYS D 437 19.58 -4.56 23.54
C LYS D 437 19.18 -5.88 24.19
N MET D 438 19.02 -5.87 25.52
CA MET D 438 18.88 -7.14 26.24
C MET D 438 17.58 -7.89 25.93
N SER D 439 16.55 -7.20 25.44
CA SER D 439 15.27 -7.84 25.15
C SER D 439 15.08 -8.12 23.68
N LYS D 440 16.16 -8.13 22.89
CA LYS D 440 16.04 -8.44 21.48
C LYS D 440 15.90 -9.94 21.28
N GLY D 441 14.99 -10.33 20.40
CA GLY D 441 14.77 -11.73 20.09
C GLY D 441 14.05 -12.53 21.15
N HIS D 442 13.53 -11.88 22.18
CA HIS D 442 12.80 -12.56 23.25
C HIS D 442 11.32 -12.19 23.18
N MET D 443 10.57 -12.65 24.16
CA MET D 443 9.12 -12.50 24.17
C MET D 443 8.66 -11.64 25.35
N LEU D 444 7.35 -11.50 25.45
CA LEU D 444 6.77 -10.49 26.33
C LEU D 444 6.86 -10.89 27.80
N ALA D 445 6.89 -12.19 28.08
CA ALA D 445 7.15 -12.66 29.44
C ALA D 445 8.63 -12.85 29.71
N ASP D 446 9.49 -12.56 28.74
CA ASP D 446 10.93 -12.52 28.96
C ASP D 446 11.41 -11.12 29.27
N VAL D 447 10.75 -10.11 28.70
CA VAL D 447 11.08 -8.72 29.01
C VAL D 447 10.78 -8.41 30.47
N VAL D 448 9.73 -9.01 31.02
CA VAL D 448 9.43 -8.80 32.44
C VAL D 448 10.47 -9.50 33.32
N ALA D 449 11.06 -10.61 32.85
CA ALA D 449 12.14 -11.23 33.61
C ALA D 449 13.42 -10.40 33.52
N ILE D 450 13.64 -9.72 32.40
CA ILE D 450 14.79 -8.83 32.28
C ILE D 450 14.62 -7.60 33.17
N ILE D 451 13.43 -7.02 33.19
CA ILE D 451 13.11 -5.91 34.10
C ILE D 451 13.12 -6.38 35.55
N GLY D 452 12.93 -7.67 35.80
CA GLY D 452 13.15 -8.19 37.14
C GLY D 452 14.62 -8.28 37.50
N THR D 453 15.44 -8.87 36.62
CA THR D 453 16.83 -9.14 36.96
C THR D 453 17.68 -7.87 36.95
N GLN D 454 17.26 -6.84 36.22
CA GLN D 454 17.79 -5.51 36.40
C GLN D 454 16.93 -4.92 37.49
N ASP D 455 17.43 -4.87 38.71
CA ASP D 455 16.59 -4.42 39.81
C ASP D 455 16.38 -2.92 39.69
N ILE D 456 15.21 -2.53 39.20
CA ILE D 456 14.90 -1.14 38.87
C ILE D 456 14.06 -0.55 39.99
N VAL D 457 14.59 0.48 40.63
CA VAL D 457 13.81 1.42 41.43
C VAL D 457 13.79 2.72 40.65
N PHE D 458 12.58 3.16 40.27
CA PHE D 458 12.46 4.32 39.39
C PHE D 458 12.68 5.63 40.09
N GLY D 459 12.75 5.64 41.43
CA GLY D 459 13.17 6.82 42.13
C GLY D 459 14.62 7.18 41.81
N GLU D 460 15.47 6.18 41.64
CA GLU D 460 16.85 6.46 41.24
C GLU D 460 16.99 6.52 39.73
N VAL D 461 16.05 5.96 38.97
CA VAL D 461 16.09 6.10 37.52
C VAL D 461 15.71 7.53 37.12
N ASP D 462 14.69 8.10 37.77
CA ASP D 462 14.14 9.37 37.35
C ASP D 462 14.62 10.56 38.16
N ARG D 463 15.00 10.36 39.42
CA ARG D 463 15.33 11.43 40.39
C ARG D 463 14.22 12.47 40.53
N THR E 45 47.63 15.57 63.07
CA THR E 45 46.44 15.61 62.21
C THR E 45 45.94 14.21 61.93
N ARG E 46 46.06 13.33 62.91
CA ARG E 46 45.71 11.93 62.68
C ARG E 46 44.20 11.64 62.63
N PRO E 47 43.38 11.93 63.67
CA PRO E 47 42.08 11.24 63.74
C PRO E 47 41.03 11.79 62.81
N THR E 48 40.93 13.10 62.66
CA THR E 48 39.79 13.72 62.00
C THR E 48 40.10 14.18 60.59
N VAL E 49 41.36 14.18 60.18
CA VAL E 49 41.75 14.64 58.86
C VAL E 49 41.76 13.44 57.92
N ARG E 50 41.18 13.62 56.73
CA ARG E 50 41.28 12.62 55.68
C ARG E 50 42.73 12.43 55.26
N PRO E 51 43.23 11.20 55.18
CA PRO E 51 44.63 10.99 54.83
C PRO E 51 44.89 11.24 53.35
N ARG E 52 46.02 11.88 53.07
CA ARG E 52 46.37 12.26 51.70
C ARG E 52 47.24 11.18 51.08
N ASN E 53 46.88 10.77 49.87
CA ASN E 53 47.60 9.75 49.11
C ASN E 53 48.46 10.46 48.07
N ASP E 54 49.74 10.66 48.39
CA ASP E 54 50.65 11.29 47.44
C ASP E 54 51.01 10.37 46.28
N VAL E 55 50.90 9.05 46.47
CA VAL E 55 51.28 8.12 45.41
C VAL E 55 50.29 8.17 44.26
N ALA E 56 49.00 8.09 44.56
CA ALA E 56 47.98 8.19 43.53
C ALA E 56 47.92 9.58 42.94
N HIS E 57 48.24 10.61 43.74
CA HIS E 57 48.33 11.98 43.25
C HIS E 57 49.44 12.12 42.22
N LYS E 58 50.61 11.53 42.50
CA LYS E 58 51.73 11.65 41.57
C LYS E 58 51.50 10.81 40.32
N GLN E 59 50.86 9.65 40.47
CA GLN E 59 50.52 8.82 39.32
C GLN E 59 49.51 9.51 38.41
N LEU E 60 48.50 10.16 39.00
CA LEU E 60 47.54 10.88 38.18
C LEU E 60 48.15 12.15 37.59
N SER E 61 49.13 12.77 38.26
CA SER E 61 49.86 13.88 37.67
C SER E 61 50.64 13.45 36.44
N ALA E 62 51.35 12.32 36.56
CA ALA E 62 52.13 11.80 35.43
C ALA E 62 51.22 11.37 34.28
N PHE E 63 50.07 10.78 34.59
CA PHE E 63 49.16 10.38 33.53
C PHE E 63 48.44 11.57 32.92
N GLY E 64 48.22 12.64 33.68
CA GLY E 64 47.68 13.85 33.09
C GLY E 64 48.65 14.53 32.15
N GLU E 65 49.94 14.54 32.50
CA GLU E 65 50.97 15.01 31.57
C GLU E 65 50.99 14.15 30.31
N TYR E 66 50.92 12.83 30.48
CA TYR E 66 50.85 11.86 29.39
C TYR E 66 49.70 12.16 28.43
N VAL E 67 48.50 12.35 28.97
CA VAL E 67 47.32 12.63 28.13
C VAL E 67 47.44 14.00 27.47
N ALA E 68 47.91 15.01 28.20
CA ALA E 68 48.00 16.35 27.65
C ALA E 68 49.06 16.49 26.57
N GLU E 69 50.09 15.65 26.58
CA GLU E 69 51.06 15.70 25.50
C GLU E 69 50.79 14.69 24.39
N ILE E 70 49.93 13.70 24.61
CA ILE E 70 49.49 12.90 23.47
C ILE E 70 48.46 13.66 22.64
N LEU E 71 47.54 14.37 23.29
CA LEU E 71 46.47 15.09 22.60
C LEU E 71 46.52 16.59 22.89
N PRO E 72 47.49 17.34 22.36
CA PRO E 72 47.49 18.78 22.58
C PRO E 72 46.59 19.56 21.63
N LYS E 73 45.89 18.88 20.73
CA LYS E 73 44.99 19.58 19.81
C LYS E 73 43.72 20.04 20.53
N TYR E 74 43.32 19.33 21.59
CA TYR E 74 42.08 19.64 22.27
C TYR E 74 42.23 19.88 23.77
N VAL E 75 43.24 19.30 24.41
CA VAL E 75 43.38 19.39 25.85
C VAL E 75 43.84 20.78 26.24
N GLN E 76 43.08 21.44 27.12
CA GLN E 76 43.31 22.82 27.51
C GLN E 76 43.94 22.93 28.90
N GLN E 77 43.30 22.34 29.91
CA GLN E 77 43.87 22.28 31.24
C GLN E 77 43.87 20.85 31.74
N VAL E 78 44.87 20.51 32.53
CA VAL E 78 44.90 19.26 33.28
C VAL E 78 45.18 19.61 34.73
N GLN E 79 44.28 19.22 35.63
CA GLN E 79 44.44 19.49 37.03
C GLN E 79 44.04 18.26 37.84
N VAL E 80 44.73 18.07 38.96
CA VAL E 80 44.44 16.96 39.88
C VAL E 80 44.06 17.59 41.22
N SER E 81 42.89 17.21 41.72
CA SER E 81 42.38 17.79 42.96
C SER E 81 43.18 17.29 44.15
N CYS E 82 42.88 17.88 45.31
CA CYS E 82 43.62 17.56 46.52
C CYS E 82 43.29 16.17 47.06
N PHE E 83 42.15 15.62 46.68
CA PHE E 83 41.75 14.26 47.06
C PHE E 83 41.93 13.26 45.92
N SER E 84 42.88 13.55 45.01
CA SER E 84 43.39 12.64 43.99
C SER E 84 42.30 12.19 42.99
N GLU E 85 41.77 13.18 42.28
CA GLU E 85 40.94 12.92 41.11
C GLU E 85 41.48 13.75 39.94
N LEU E 86 41.48 13.15 38.75
CA LEU E 86 42.08 13.73 37.55
C LEU E 86 41.00 14.28 36.63
N GLU E 87 41.18 15.52 36.21
CA GLU E 87 40.27 16.19 35.28
C GLU E 87 41.02 16.57 34.01
N ILE E 88 40.45 16.23 32.86
CA ILE E 88 41.01 16.60 31.57
C ILE E 88 40.04 17.58 30.94
N CYS E 89 40.36 18.87 30.99
CA CYS E 89 39.53 19.90 30.39
C CYS E 89 39.89 20.05 28.92
N ILE E 90 38.95 19.74 28.04
CA ILE E 90 39.20 19.71 26.61
C ILE E 90 38.34 20.75 25.90
N HIS E 91 38.65 20.96 24.62
CA HIS E 91 37.84 21.73 23.68
C HIS E 91 36.67 20.87 23.19
N PRO E 92 35.48 21.46 22.97
CA PRO E 92 34.33 20.64 22.56
C PRO E 92 34.42 20.00 21.17
N ASP E 93 35.40 20.35 20.34
CA ASP E 93 35.59 19.61 19.10
C ASP E 93 36.30 18.28 19.32
N GLY E 94 36.83 18.05 20.50
CA GLY E 94 37.54 16.81 20.76
C GLY E 94 36.82 15.85 21.67
N VAL E 95 35.50 15.79 21.56
CA VAL E 95 34.73 14.81 22.33
C VAL E 95 35.06 13.40 21.85
N ILE E 96 34.95 13.16 20.55
CA ILE E 96 35.23 11.83 20.01
C ILE E 96 36.70 11.42 20.12
N PRO E 97 37.70 12.26 19.75
CA PRO E 97 39.09 11.77 19.86
C PRO E 97 39.56 11.52 21.28
N VAL E 98 39.23 12.38 22.23
CA VAL E 98 39.74 12.21 23.60
C VAL E 98 39.06 11.03 24.28
N LEU E 99 37.74 10.88 24.10
CA LEU E 99 37.05 9.74 24.70
C LEU E 99 37.42 8.44 24.00
N THR E 100 37.61 8.46 22.68
CA THR E 100 37.99 7.25 21.96
C THR E 100 39.40 6.83 22.34
N PHE E 101 40.30 7.80 22.52
CA PHE E 101 41.63 7.55 23.06
C PHE E 101 41.54 6.90 24.43
N LEU E 102 40.80 7.51 25.36
CA LEU E 102 40.73 6.99 26.72
C LEU E 102 40.01 5.65 26.79
N ARG E 103 39.17 5.32 25.81
CA ARG E 103 38.51 4.02 25.76
C ARG E 103 39.38 2.95 25.10
N ASP E 104 40.25 3.34 24.15
CA ASP E 104 40.96 2.37 23.33
C ASP E 104 42.47 2.38 23.47
N HIS E 105 43.07 3.34 24.17
CA HIS E 105 44.52 3.32 24.33
C HIS E 105 44.90 2.30 25.39
N SER E 106 46.01 1.60 25.15
CA SER E 106 46.40 0.50 26.02
C SER E 106 46.90 0.95 27.38
N ASN E 107 47.20 2.23 27.55
CA ASN E 107 47.52 2.76 28.86
C ASN E 107 46.38 3.56 29.48
N ALA E 108 45.20 3.55 28.87
CA ALA E 108 44.04 4.15 29.51
C ALA E 108 42.93 3.14 29.77
N GLN E 109 42.37 2.56 28.71
CA GLN E 109 41.32 1.52 28.74
C GLN E 109 40.13 1.90 29.62
N PHE E 110 39.70 3.17 29.54
CA PHE E 110 38.50 3.60 30.27
C PHE E 110 37.28 3.06 29.54
N LYS E 111 36.98 1.78 29.80
CA LYS E 111 35.94 1.09 29.07
C LYS E 111 34.55 1.39 29.58
N SER E 112 34.43 2.04 30.74
CA SER E 112 33.14 2.26 31.37
C SER E 112 32.88 3.75 31.50
N LEU E 113 31.76 4.21 30.96
CA LEU E 113 31.25 5.55 31.21
C LEU E 113 30.38 5.49 32.44
N ALA E 114 30.88 6.04 33.55
CA ALA E 114 30.06 6.12 34.75
C ALA E 114 28.98 7.17 34.60
N ASP E 115 29.32 8.35 34.09
CA ASP E 115 28.41 9.47 34.21
C ASP E 115 28.72 10.53 33.16
N LEU E 116 27.65 11.09 32.58
CA LEU E 116 27.72 12.23 31.68
C LEU E 116 26.75 13.30 32.16
N THR E 117 27.26 14.52 32.31
CA THR E 117 26.60 15.56 33.10
C THR E 117 26.94 16.92 32.51
N ALA E 118 25.97 17.82 32.48
CA ALA E 118 26.22 19.24 32.29
C ALA E 118 26.03 19.97 33.60
N VAL E 119 26.71 21.11 33.73
CA VAL E 119 26.61 21.98 34.90
C VAL E 119 26.41 23.40 34.40
N ASP E 120 25.25 23.97 34.67
CA ASP E 120 24.98 25.34 34.27
C ASP E 120 25.72 26.30 35.17
N ILE E 121 26.55 27.16 34.58
CA ILE E 121 27.20 28.27 35.28
C ILE E 121 26.95 29.51 34.44
N PRO E 122 25.93 30.31 34.76
CA PRO E 122 25.51 31.39 33.84
C PRO E 122 26.47 32.56 33.74
N THR E 123 27.45 32.68 34.63
CA THR E 123 28.39 33.80 34.54
C THR E 123 29.48 33.59 33.51
N ARG E 124 29.54 32.41 32.90
CA ARG E 124 30.42 32.15 31.77
C ARG E 124 29.65 32.36 30.48
N GLN E 125 30.35 32.84 29.45
CA GLN E 125 29.68 32.99 28.17
C GLN E 125 29.41 31.65 27.50
N ASN E 126 30.15 30.60 27.88
CA ASN E 126 29.81 29.22 27.56
C ASN E 126 29.36 28.61 28.87
N ARG E 127 28.04 28.66 29.12
CA ARG E 127 27.53 28.45 30.47
C ARG E 127 27.48 26.97 30.85
N PHE E 128 27.34 26.06 29.90
CA PHE E 128 27.16 24.66 30.24
C PHE E 128 28.52 23.98 30.25
N GLU E 129 28.74 23.16 31.27
CA GLU E 129 30.03 22.51 31.48
C GLU E 129 29.78 21.01 31.41
N ILE E 130 30.03 20.42 30.25
CA ILE E 130 29.75 19.01 30.02
C ILE E 130 30.84 18.17 30.67
N VAL E 131 30.44 17.29 31.59
CA VAL E 131 31.37 16.55 32.44
C VAL E 131 31.20 15.06 32.18
N TYR E 132 32.26 14.42 31.70
CA TYR E 132 32.31 12.98 31.53
C TYR E 132 33.02 12.37 32.73
N ASN E 133 32.49 11.25 33.23
CA ASN E 133 33.10 10.51 34.33
C ASN E 133 33.35 9.09 33.86
N LEU E 134 34.62 8.72 33.75
CA LEU E 134 35.02 7.47 33.14
C LEU E 134 35.62 6.53 34.18
N LEU E 135 35.68 5.25 33.84
CA LEU E 135 36.21 4.22 34.72
C LEU E 135 37.10 3.28 33.94
N SER E 136 38.32 3.06 34.43
CA SER E 136 39.24 2.08 33.88
C SER E 136 39.25 0.86 34.80
N LEU E 137 38.71 -0.24 34.31
CA LEU E 137 38.73 -1.46 35.11
C LEU E 137 40.09 -2.14 35.07
N ARG E 138 40.86 -1.89 34.01
CA ARG E 138 42.19 -2.48 33.90
C ARG E 138 43.15 -1.83 34.88
N PHE E 139 43.14 -0.51 34.97
CA PHE E 139 44.11 0.21 35.78
C PHE E 139 43.51 0.72 37.08
N ASN E 140 42.28 0.30 37.40
CA ASN E 140 41.63 0.51 38.70
C ASN E 140 41.51 2.00 39.03
N SER E 141 41.23 2.81 38.01
CA SER E 141 41.32 4.25 38.12
C SER E 141 40.06 4.92 37.58
N ARG E 142 39.97 6.21 37.83
CA ARG E 142 38.92 7.06 37.30
C ARG E 142 39.54 8.32 36.72
N ILE E 143 38.91 8.84 35.66
CA ILE E 143 39.33 10.09 35.05
C ILE E 143 38.06 10.89 34.77
N ARG E 144 38.23 12.19 34.63
CA ARG E 144 37.11 13.08 34.36
C ARG E 144 37.46 13.93 33.14
N VAL E 145 36.52 14.02 32.21
CA VAL E 145 36.69 14.83 31.02
C VAL E 145 35.64 15.93 31.06
N LYS E 146 36.09 17.17 30.97
CA LYS E 146 35.22 18.33 31.11
C LYS E 146 35.33 19.20 29.87
N THR E 147 34.19 19.63 29.35
CA THR E 147 34.15 20.47 28.18
C THR E 147 32.91 21.35 28.27
N TYR E 148 32.72 22.20 27.26
CA TYR E 148 31.77 23.30 27.39
C TYR E 148 30.99 23.52 26.10
N THR E 149 29.81 24.12 26.26
CA THR E 149 29.05 24.71 25.17
C THR E 149 28.11 25.77 25.75
N ASP E 150 27.61 26.63 24.86
CA ASP E 150 26.55 27.57 25.20
C ASP E 150 25.20 26.98 24.75
N GLU E 151 24.15 27.81 24.72
CA GLU E 151 22.81 27.30 24.43
C GLU E 151 22.67 26.80 23.00
N LEU E 152 23.44 27.36 22.06
CA LEU E 152 23.19 27.14 20.65
C LEU E 152 24.17 26.20 19.96
N THR E 153 25.43 26.17 20.38
CA THR E 153 26.41 25.33 19.70
C THR E 153 26.19 23.87 20.06
N PRO E 154 26.06 22.98 19.08
CA PRO E 154 25.89 21.56 19.39
C PRO E 154 27.19 20.88 19.77
N VAL E 155 27.08 19.96 20.70
CA VAL E 155 28.19 19.10 21.10
C VAL E 155 28.09 17.84 20.24
N GLU E 156 29.23 17.27 19.86
CA GLU E 156 29.20 16.01 19.14
C GLU E 156 28.85 14.88 20.11
N SER E 157 27.81 14.12 19.77
CA SER E 157 27.40 12.98 20.59
C SER E 157 28.47 11.90 20.57
N SER E 158 28.49 11.10 21.64
CA SER E 158 29.50 10.08 21.84
C SER E 158 28.85 8.72 22.08
N VAL E 159 27.77 8.43 21.34
CA VAL E 159 27.23 7.08 21.33
C VAL E 159 28.10 6.15 20.51
N SER E 160 28.93 6.70 19.61
CA SER E 160 29.89 5.89 18.87
C SER E 160 31.04 5.42 19.75
N VAL E 161 31.22 6.03 20.91
CA VAL E 161 32.27 5.67 21.86
C VAL E 161 31.70 4.95 23.07
N TYR E 162 30.60 5.46 23.61
CA TYR E 162 29.93 4.84 24.76
C TYR E 162 28.44 4.81 24.49
N LYS E 163 27.88 3.60 24.36
CA LYS E 163 26.44 3.49 24.22
C LYS E 163 25.71 3.79 25.53
N ALA E 164 26.41 3.85 26.66
CA ALA E 164 25.81 4.32 27.89
C ALA E 164 25.39 5.77 27.80
N ALA E 165 26.12 6.57 27.00
CA ALA E 165 25.87 8.00 26.85
C ALA E 165 24.55 8.31 26.17
N ASN E 166 23.88 7.30 25.57
CA ASN E 166 22.66 7.49 24.81
C ASN E 166 21.57 8.15 25.63
N TRP E 167 21.30 7.63 26.82
CA TRP E 167 20.32 8.27 27.68
C TRP E 167 20.88 9.44 28.46
N TYR E 168 22.19 9.48 28.74
CA TYR E 168 22.73 10.56 29.55
C TYR E 168 22.73 11.89 28.81
N GLU E 169 23.15 11.92 27.55
CA GLU E 169 23.13 13.19 26.84
C GLU E 169 21.72 13.55 26.38
N ARG E 170 20.85 12.57 26.28
CA ARG E 170 19.42 12.81 26.11
C ARG E 170 18.83 13.49 27.33
N GLU E 171 19.28 13.07 28.52
CA GLU E 171 18.92 13.73 29.77
C GLU E 171 19.48 15.15 29.83
N ILE E 172 20.70 15.34 29.31
CA ILE E 172 21.30 16.67 29.30
C ILE E 172 20.53 17.60 28.37
N TRP E 173 20.05 17.09 27.23
CA TRP E 173 19.13 17.84 26.39
C TRP E 173 17.84 18.19 27.14
N ASP E 174 17.28 17.21 27.85
CA ASP E 174 16.02 17.42 28.53
C ASP E 174 16.13 18.42 29.67
N MET E 175 17.26 18.44 30.37
CA MET E 175 17.43 19.24 31.57
C MET E 175 18.11 20.57 31.34
N PHE E 176 18.89 20.71 30.28
CA PHE E 176 19.71 21.90 30.07
C PHE E 176 19.53 22.53 28.70
N GLY E 177 19.06 21.80 27.69
CA GLY E 177 18.97 22.34 26.36
C GLY E 177 20.22 22.19 25.53
N VAL E 178 21.21 21.45 26.01
CA VAL E 178 22.43 21.19 25.25
C VAL E 178 22.09 20.19 24.15
N PHE E 179 22.18 20.63 22.89
CA PHE E 179 21.91 19.76 21.77
C PHE E 179 23.13 18.89 21.47
N PHE E 180 22.88 17.64 21.10
CA PHE E 180 23.93 16.69 20.78
C PHE E 180 23.80 16.24 19.33
N ALA E 181 24.79 16.60 18.52
CA ALA E 181 24.75 16.34 17.09
C ALA E 181 24.93 14.85 16.78
N ASN E 182 24.22 14.39 15.75
CA ASN E 182 24.26 13.00 15.25
C ASN E 182 23.79 11.99 16.28
N HIS E 183 22.90 12.40 17.18
CA HIS E 183 22.34 11.50 18.17
C HIS E 183 21.31 10.58 17.52
N PRO E 184 21.19 9.31 17.97
CA PRO E 184 20.20 8.40 17.38
C PRO E 184 18.75 8.83 17.59
N ASP E 185 18.35 9.00 18.85
CA ASP E 185 16.98 9.40 19.19
C ASP E 185 17.09 10.42 20.31
N LEU E 186 17.20 11.70 19.95
CA LEU E 186 17.25 12.77 20.94
C LEU E 186 15.83 13.27 21.17
N ARG E 187 15.35 13.14 22.40
CA ARG E 187 14.07 13.67 22.82
C ARG E 187 14.11 13.83 24.34
N ARG E 188 12.95 14.08 24.95
CA ARG E 188 12.95 14.19 26.40
C ARG E 188 12.90 12.81 27.03
N ILE E 189 13.42 12.71 28.25
CA ILE E 189 13.42 11.43 28.93
C ILE E 189 12.84 11.57 30.34
N LEU E 190 12.88 12.76 30.90
CA LEU E 190 12.46 12.94 32.28
C LEU E 190 11.34 13.94 32.47
N THR E 191 11.23 14.95 31.62
CA THR E 191 10.15 15.90 31.76
C THR E 191 8.84 15.33 31.24
N ASP E 192 7.75 16.00 31.63
CA ASP E 192 6.45 15.84 31.00
C ASP E 192 6.53 16.26 29.53
N TYR E 193 5.57 15.80 28.74
CA TYR E 193 5.68 15.96 27.29
C TYR E 193 5.46 17.40 26.86
N GLY E 194 4.35 18.01 27.27
CA GLY E 194 4.12 19.39 26.95
C GLY E 194 4.80 20.35 27.91
N PHE E 195 6.12 20.30 27.98
CA PHE E 195 6.88 21.05 28.97
C PHE E 195 7.81 22.04 28.28
N GLU E 196 7.53 23.33 28.42
CA GLU E 196 8.40 24.37 27.91
C GLU E 196 9.52 24.63 28.91
N GLY E 197 10.75 24.73 28.42
CA GLY E 197 11.87 25.08 29.24
C GLY E 197 12.77 23.88 29.53
N HIS E 198 13.87 24.18 30.22
CA HIS E 198 14.87 23.17 30.57
C HIS E 198 15.12 23.30 32.07
N PRO E 199 14.74 22.32 32.87
CA PRO E 199 14.55 22.55 34.31
C PRO E 199 15.82 22.81 35.10
N PHE E 200 16.93 22.14 34.77
CA PHE E 200 18.10 22.26 35.63
C PHE E 200 18.96 23.46 35.28
N ARG E 201 18.55 24.27 34.32
CA ARG E 201 19.15 25.59 34.14
C ARG E 201 18.83 26.47 35.35
N LYS E 202 19.69 27.45 35.59
CA LYS E 202 19.51 28.29 36.76
C LYS E 202 18.68 29.54 36.49
N ASP E 203 18.38 29.86 35.24
CA ASP E 203 17.39 30.88 34.97
C ASP E 203 15.96 30.33 35.01
N PHE E 204 15.81 29.03 35.26
CA PHE E 204 14.53 28.35 35.44
C PHE E 204 14.24 28.24 36.93
N PRO E 205 13.06 28.64 37.39
CA PRO E 205 12.77 28.66 38.83
C PRO E 205 12.61 27.27 39.41
N LEU E 206 12.52 27.22 40.74
CA LEU E 206 12.42 25.94 41.46
C LEU E 206 11.09 25.27 41.17
N SER E 207 9.99 25.97 41.41
CA SER E 207 8.73 25.55 40.84
C SER E 207 8.74 25.83 39.34
N GLY E 208 7.76 25.28 38.64
CA GLY E 208 7.68 25.50 37.21
C GLY E 208 7.07 26.83 36.88
N TYR E 209 6.68 26.98 35.63
CA TYR E 209 5.75 28.04 35.26
C TYR E 209 4.32 27.54 35.22
N VAL E 210 4.11 26.22 35.29
CA VAL E 210 2.79 25.63 35.24
C VAL E 210 2.65 24.60 36.35
N GLU E 211 1.40 24.33 36.71
CA GLU E 211 1.05 23.24 37.61
C GLU E 211 -0.16 22.55 37.04
N LEU E 212 -0.49 21.39 37.58
CA LEU E 212 -1.60 20.60 37.06
C LEU E 212 -2.68 20.41 38.12
N ARG E 213 -3.91 20.30 37.64
CA ARG E 213 -5.04 19.92 38.47
C ARG E 213 -6.08 19.28 37.57
N TYR E 214 -6.86 18.38 38.14
CA TYR E 214 -8.00 17.85 37.41
C TYR E 214 -9.13 18.86 37.44
N ASP E 215 -9.76 19.04 36.28
CA ASP E 215 -10.87 19.97 36.13
C ASP E 215 -12.07 19.19 35.62
N ASP E 216 -13.15 19.19 36.40
CA ASP E 216 -14.30 18.36 36.10
C ASP E 216 -15.19 18.95 35.02
N GLU E 217 -14.99 20.23 34.67
CA GLU E 217 -15.66 20.80 33.51
C GLU E 217 -15.22 20.14 32.22
N VAL E 218 -13.90 20.14 31.97
CA VAL E 218 -13.37 19.61 30.73
C VAL E 218 -12.93 18.15 30.84
N LYS E 219 -13.12 17.53 32.03
CA LYS E 219 -12.82 16.11 32.28
C LYS E 219 -11.36 15.77 31.99
N ARG E 220 -10.45 16.63 32.42
CA ARG E 220 -9.10 16.57 31.88
C ARG E 220 -8.15 17.20 32.89
N VAL E 221 -6.90 16.78 32.85
CA VAL E 221 -5.86 17.28 33.76
C VAL E 221 -5.20 18.45 33.04
N VAL E 222 -5.62 19.66 33.40
CA VAL E 222 -5.23 20.86 32.67
C VAL E 222 -4.06 21.53 33.36
N ALA E 223 -3.39 22.40 32.62
CA ALA E 223 -2.30 23.22 33.14
C ALA E 223 -2.76 24.66 33.30
N GLU E 224 -2.28 25.30 34.35
CA GLU E 224 -2.58 26.68 34.68
C GLU E 224 -1.27 27.33 35.09
N PRO E 225 -1.20 28.67 35.11
CA PRO E 225 -0.04 29.31 35.75
C PRO E 225 0.04 28.95 37.22
N VAL E 226 1.25 28.75 37.70
CA VAL E 226 1.45 28.17 39.02
C VAL E 226 1.22 29.23 40.09
N GLU E 227 0.47 28.86 41.12
CA GLU E 227 0.26 29.70 42.29
C GLU E 227 0.41 28.82 43.51
N LEU E 228 1.34 29.16 44.38
CA LEU E 228 1.62 28.38 45.57
C LEU E 228 0.77 28.87 46.72
N ALA E 229 0.24 27.92 47.51
CA ALA E 229 -0.48 28.29 48.73
C ALA E 229 0.47 28.89 49.75
N GLN E 230 1.75 28.53 49.69
CA GLN E 230 2.79 29.16 50.48
C GLN E 230 4.01 29.28 49.59
N GLU E 231 4.54 30.49 49.46
CA GLU E 231 5.76 30.70 48.70
C GLU E 231 6.92 29.97 49.36
N PHE E 232 7.76 29.35 48.54
CA PHE E 232 9.06 28.87 48.98
C PHE E 232 9.85 29.99 49.61
N ARG E 233 10.26 29.79 50.85
CA ARG E 233 10.93 30.82 51.63
C ARG E 233 12.42 30.75 51.34
N LYS E 234 12.92 31.77 50.66
CA LYS E 234 14.34 31.81 50.30
C LYS E 234 15.18 32.12 51.53
N PHE E 235 16.28 31.41 51.68
CA PHE E 235 17.21 31.65 52.77
C PHE E 235 18.51 32.23 52.23
N ASP E 236 18.98 33.30 52.86
CA ASP E 236 20.32 33.81 52.63
C ASP E 236 21.17 33.31 53.79
N LEU E 237 21.88 32.21 53.55
CA LEU E 237 22.62 31.53 54.60
C LEU E 237 24.10 31.87 54.60
N ASN E 238 24.60 32.49 53.53
CA ASN E 238 26.03 32.70 53.36
C ASN E 238 26.58 33.64 54.43
N SER E 239 27.53 33.14 55.20
CA SER E 239 28.22 33.97 56.17
C SER E 239 29.09 34.99 55.43
N PRO E 240 29.11 36.24 55.87
CA PRO E 240 29.95 37.26 55.21
C PRO E 240 31.41 37.20 55.63
N TRP E 241 31.81 36.21 56.41
CA TRP E 241 33.19 35.99 56.75
C TRP E 241 33.76 34.89 55.88
N GLU E 242 35.00 35.09 55.42
CA GLU E 242 35.62 34.16 54.48
C GLU E 242 35.93 32.84 55.18
N ALA E 243 35.59 31.74 54.53
CA ALA E 243 35.70 30.42 55.13
C ALA E 243 37.00 29.72 54.80
N PHE E 244 37.47 29.82 53.57
CA PHE E 244 38.64 29.07 53.11
C PHE E 244 39.62 30.04 52.46
N PRO E 245 40.74 30.37 53.10
CA PRO E 245 41.66 31.35 52.52
C PRO E 245 42.50 30.84 51.37
N ALA E 246 42.56 29.52 51.15
CA ALA E 246 43.30 28.99 50.02
C ALA E 246 42.56 29.21 48.70
N TYR E 247 41.28 29.53 48.75
CA TYR E 247 40.46 29.73 47.57
C TYR E 247 40.15 31.18 47.32
N ARG E 248 40.88 32.10 47.95
CA ARG E 248 40.62 33.52 47.80
C ARG E 248 41.01 33.98 46.40
N GLN E 249 40.05 34.50 45.66
CA GLN E 249 40.34 35.10 44.37
C GLN E 249 41.06 36.43 44.56
N PRO E 250 41.98 36.78 43.67
CA PRO E 250 42.64 38.08 43.76
C PRO E 250 41.68 39.19 43.37
N PRO E 251 41.73 40.34 44.05
CA PRO E 251 40.84 41.44 43.70
C PRO E 251 41.28 42.13 42.42
N GLU E 252 40.35 42.90 41.85
CA GLU E 252 40.60 43.59 40.58
C GLU E 252 41.63 44.69 40.73
N SER F 68 -40.46 3.40 62.37
CA SER F 68 -41.42 2.78 61.46
C SER F 68 -40.83 1.51 60.86
N ARG F 69 -41.58 0.91 59.94
CA ARG F 69 -41.15 -0.38 59.38
C ARG F 69 -40.16 -0.19 58.23
N GLY F 70 -40.49 0.68 57.27
CA GLY F 70 -39.63 0.88 56.12
C GLY F 70 -38.29 1.50 56.46
N GLU F 71 -38.25 2.35 57.48
CA GLU F 71 -36.99 2.93 57.91
C GLU F 71 -36.12 1.92 58.65
N TYR F 72 -36.73 1.02 59.42
CA TYR F 72 -35.96 -0.07 60.02
C TYR F 72 -35.44 -1.02 58.96
N VAL F 73 -36.24 -1.25 57.91
CA VAL F 73 -35.79 -2.08 56.79
C VAL F 73 -34.59 -1.47 56.09
N VAL F 74 -34.67 -0.17 55.74
CA VAL F 74 -33.55 0.44 55.04
C VAL F 74 -32.35 0.65 55.97
N ALA F 75 -32.57 0.72 57.29
CA ALA F 75 -31.44 0.77 58.21
C ALA F 75 -30.70 -0.55 58.26
N LYS F 76 -31.43 -1.67 58.30
CA LYS F 76 -30.77 -2.97 58.29
C LYS F 76 -30.14 -3.27 56.94
N LEU F 77 -30.73 -2.80 55.85
CA LEU F 77 -30.11 -2.99 54.54
C LEU F 77 -28.87 -2.11 54.38
N ASP F 78 -28.87 -0.91 54.96
CA ASP F 78 -27.66 -0.11 55.00
C ASP F 78 -26.55 -0.77 55.81
N ASP F 79 -26.90 -1.35 56.95
CA ASP F 79 -25.90 -2.08 57.73
C ASP F 79 -25.36 -3.28 56.97
N LEU F 80 -26.23 -3.96 56.20
CA LEU F 80 -25.81 -5.12 55.43
C LEU F 80 -24.87 -4.73 54.28
N ILE F 81 -25.25 -3.73 53.49
CA ILE F 81 -24.43 -3.38 52.33
C ILE F 81 -23.16 -2.66 52.76
N ASN F 82 -23.21 -1.90 53.86
CA ASN F 82 -21.99 -1.26 54.35
C ASN F 82 -21.06 -2.28 54.97
N TRP F 83 -21.61 -3.33 55.60
CA TRP F 83 -20.79 -4.44 56.09
C TRP F 83 -20.10 -5.16 54.95
N ALA F 84 -20.83 -5.42 53.86
CA ALA F 84 -20.26 -6.07 52.69
C ALA F 84 -19.18 -5.22 52.04
N ARG F 85 -19.37 -3.90 52.02
CA ARG F 85 -18.37 -3.04 51.39
C ARG F 85 -17.15 -2.83 52.27
N ARG F 86 -17.32 -2.71 53.59
CA ARG F 86 -16.15 -2.48 54.43
C ARG F 86 -15.36 -3.76 54.67
N SER F 87 -15.99 -4.92 54.59
CA SER F 87 -15.29 -6.16 54.88
C SER F 87 -14.89 -6.92 53.61
N SER F 88 -14.99 -6.28 52.44
CA SER F 88 -14.48 -6.85 51.21
C SER F 88 -13.79 -5.77 50.37
N LEU F 89 -12.90 -5.00 50.98
CA LEU F 89 -12.18 -3.96 50.25
C LEU F 89 -11.16 -4.58 49.31
N TRP F 90 -11.23 -4.24 48.03
CA TRP F 90 -10.23 -4.70 47.07
C TRP F 90 -9.40 -3.54 46.58
N PRO F 91 -8.21 -3.32 47.12
CA PRO F 91 -7.32 -2.31 46.57
C PRO F 91 -6.55 -2.78 45.34
N MET F 92 -6.20 -1.81 44.51
CA MET F 92 -5.36 -2.07 43.36
C MET F 92 -3.91 -2.14 43.79
N THR F 93 -3.13 -2.98 43.11
CA THR F 93 -1.69 -3.12 43.39
C THR F 93 -0.88 -2.05 42.64
N PHE F 94 -1.23 -0.81 42.93
CA PHE F 94 -0.78 0.36 42.19
C PHE F 94 0.12 1.19 43.10
N GLY F 95 1.41 0.84 43.11
CA GLY F 95 2.38 1.64 43.83
C GLY F 95 3.01 2.68 42.95
N LEU F 96 3.66 3.65 43.60
CA LEU F 96 4.33 4.72 42.85
C LEU F 96 5.77 4.91 43.31
N ALA F 97 6.03 4.76 44.61
CA ALA F 97 7.28 5.22 45.19
C ALA F 97 7.51 4.46 46.50
N CYS F 98 8.27 5.06 47.43
CA CYS F 98 8.75 4.41 48.65
C CYS F 98 7.60 3.86 49.49
N CYS F 99 6.45 4.54 49.47
CA CYS F 99 5.25 4.10 50.19
C CYS F 99 4.76 2.74 49.72
N ALA F 100 5.02 2.38 48.47
CA ALA F 100 4.65 1.05 48.00
C ALA F 100 5.43 -0.04 48.70
N VAL F 101 6.66 0.25 49.15
CA VAL F 101 7.44 -0.74 49.91
C VAL F 101 6.76 -1.02 51.25
N GLU F 102 6.28 0.01 51.92
CA GLU F 102 5.64 -0.21 53.21
C GLU F 102 4.21 -0.72 53.04
N MET F 103 3.64 -0.49 51.87
CA MET F 103 2.35 -1.07 51.51
C MET F 103 2.47 -2.55 51.16
N MET F 104 3.60 -2.96 50.58
CA MET F 104 3.99 -4.36 50.51
C MET F 104 4.20 -4.96 51.88
N HIS F 105 4.81 -4.21 52.80
CA HIS F 105 4.93 -4.65 54.19
C HIS F 105 3.58 -4.74 54.88
N MET F 106 2.60 -3.97 54.44
CA MET F 106 1.27 -4.15 54.97
C MET F 106 0.58 -5.35 54.34
N ALA F 107 1.04 -5.78 53.16
CA ALA F 107 0.62 -7.06 52.60
C ALA F 107 1.44 -8.25 53.12
N ALA F 108 2.60 -7.99 53.74
CA ALA F 108 3.54 -8.98 54.30
C ALA F 108 2.88 -9.73 55.47
N PRO F 109 3.43 -10.86 55.95
CA PRO F 109 2.69 -11.67 56.94
C PRO F 109 2.40 -11.03 58.28
N ARG F 110 3.19 -10.05 58.73
CA ARG F 110 2.96 -9.51 60.07
C ARG F 110 1.68 -8.70 60.14
N TYR F 111 1.52 -7.72 59.26
CA TYR F 111 0.36 -6.84 59.39
C TYR F 111 -0.82 -7.36 58.58
N ASP F 112 -0.54 -7.86 57.37
CA ASP F 112 -1.37 -8.86 56.68
C ASP F 112 -2.80 -8.36 56.42
N MET F 113 -2.89 -7.47 55.42
CA MET F 113 -4.19 -6.96 54.95
C MET F 113 -5.20 -8.07 54.61
N ASP F 114 -4.72 -9.24 54.19
CA ASP F 114 -5.59 -10.30 53.68
C ASP F 114 -6.51 -10.87 54.75
N ARG F 115 -6.13 -10.79 56.03
CA ARG F 115 -7.02 -11.26 57.07
C ARG F 115 -8.14 -10.28 57.38
N PHE F 116 -8.12 -9.09 56.80
CA PHE F 116 -9.24 -8.16 56.90
C PHE F 116 -10.16 -8.20 55.68
N GLY F 117 -9.93 -9.12 54.76
CA GLY F 117 -10.69 -9.14 53.52
C GLY F 117 -10.14 -8.23 52.45
N VAL F 118 -8.86 -7.92 52.51
CA VAL F 118 -8.24 -6.87 51.72
C VAL F 118 -7.19 -7.53 50.82
N VAL F 119 -7.50 -7.68 49.53
CA VAL F 119 -6.62 -8.35 48.58
C VAL F 119 -6.27 -7.41 47.45
N PHE F 120 -5.03 -7.49 46.99
CA PHE F 120 -4.57 -6.71 45.85
C PHE F 120 -5.00 -7.34 44.54
N ARG F 121 -5.48 -6.50 43.63
CA ARG F 121 -5.90 -6.92 42.31
C ARG F 121 -5.20 -6.05 41.28
N ALA F 122 -4.89 -6.66 40.12
CA ALA F 122 -4.11 -5.99 39.09
C ALA F 122 -4.97 -5.11 38.19
N SER F 123 -6.09 -5.60 37.73
CA SER F 123 -6.96 -4.75 36.92
C SER F 123 -7.77 -3.83 37.83
N PRO F 124 -7.92 -2.55 37.46
CA PRO F 124 -8.70 -1.63 38.29
C PRO F 124 -10.21 -1.79 38.16
N ARG F 125 -10.67 -2.69 37.29
CA ARG F 125 -12.10 -2.91 37.15
C ARG F 125 -12.64 -3.71 38.34
N GLN F 126 -11.92 -4.74 38.77
CA GLN F 126 -12.26 -5.45 40.01
C GLN F 126 -11.45 -4.91 41.20
N SER F 127 -11.55 -3.60 41.42
CA SER F 127 -10.93 -2.95 42.56
C SER F 127 -11.94 -2.05 43.24
N ASP F 128 -11.71 -1.79 44.52
CA ASP F 128 -12.64 -1.04 45.34
C ASP F 128 -12.06 0.20 45.97
N VAL F 129 -10.74 0.30 46.09
CA VAL F 129 -10.11 1.45 46.72
C VAL F 129 -8.75 1.68 46.08
N MET F 130 -8.47 2.91 45.69
CA MET F 130 -7.21 3.24 45.05
C MET F 130 -6.29 3.86 46.09
N ILE F 131 -5.22 3.15 46.43
CA ILE F 131 -4.26 3.62 47.42
C ILE F 131 -3.16 4.34 46.66
N VAL F 132 -3.15 5.68 46.74
CA VAL F 132 -2.12 6.45 46.08
C VAL F 132 -0.90 6.40 46.97
N ALA F 133 -0.05 5.40 46.75
CA ALA F 133 1.12 5.15 47.60
C ALA F 133 2.34 5.65 46.85
N GLY F 134 2.66 6.92 47.07
CA GLY F 134 3.86 7.47 46.47
C GLY F 134 3.73 8.87 45.92
N THR F 135 4.79 9.35 45.29
CA THR F 135 4.80 10.70 44.76
C THR F 135 4.07 10.75 43.42
N LEU F 136 3.18 11.70 43.27
CA LEU F 136 2.47 11.90 42.02
C LEU F 136 3.17 13.00 41.23
N THR F 137 3.64 12.66 40.04
CA THR F 137 4.30 13.62 39.18
C THR F 137 3.33 14.19 38.15
N ASN F 138 3.77 15.28 37.50
CA ASN F 138 2.97 15.88 36.43
C ASN F 138 2.86 14.97 35.23
N LYS F 139 3.86 14.12 35.00
CA LYS F 139 3.84 13.26 33.83
C LYS F 139 2.85 12.11 33.99
N MET F 140 2.44 11.79 35.23
CA MET F 140 1.60 10.64 35.49
C MET F 140 0.23 11.01 36.05
N ALA F 141 -0.02 12.29 36.32
CA ALA F 141 -1.34 12.70 36.81
C ALA F 141 -2.52 12.39 35.88
N PRO F 142 -2.44 12.50 34.54
CA PRO F 142 -3.54 11.98 33.73
C PRO F 142 -3.63 10.45 33.75
N ALA F 143 -2.50 9.76 33.94
CA ALA F 143 -2.56 8.30 34.08
C ALA F 143 -3.28 7.89 35.36
N LEU F 144 -3.01 8.60 36.46
CA LEU F 144 -3.70 8.33 37.73
C LEU F 144 -5.19 8.65 37.62
N ARG F 145 -5.53 9.78 37.00
CA ARG F 145 -6.94 10.11 36.85
C ARG F 145 -7.67 9.12 35.94
N LYS F 146 -7.00 8.62 34.89
CA LYS F 146 -7.64 7.64 34.01
C LYS F 146 -7.83 6.30 34.71
N VAL F 147 -6.84 5.89 35.51
CA VAL F 147 -6.97 4.66 36.31
C VAL F 147 -8.11 4.79 37.31
N TYR F 148 -8.22 5.95 37.97
CA TYR F 148 -9.33 6.19 38.89
C TYR F 148 -10.67 6.19 38.16
N ASP F 149 -10.71 6.73 36.95
CA ASP F 149 -11.96 6.75 36.19
C ASP F 149 -12.36 5.36 35.70
N GLN F 150 -11.41 4.44 35.57
CA GLN F 150 -11.72 3.04 35.25
C GLN F 150 -12.28 2.25 36.42
N MET F 151 -12.57 2.87 37.56
CA MET F 151 -13.03 2.06 38.68
C MET F 151 -14.53 2.15 38.84
N PRO F 152 -15.21 1.05 39.12
CA PRO F 152 -16.66 1.09 39.35
C PRO F 152 -16.98 1.71 40.69
N GLU F 153 -18.18 2.20 40.78
CA GLU F 153 -18.55 2.82 42.04
C GLU F 153 -19.32 1.84 42.91
N PRO F 154 -19.20 1.91 44.26
CA PRO F 154 -18.39 2.83 45.07
C PRO F 154 -16.90 2.51 45.09
N ARG F 155 -16.10 3.50 44.76
CA ARG F 155 -14.64 3.40 44.88
C ARG F 155 -14.14 4.45 45.86
N TYR F 156 -12.99 4.16 46.45
CA TYR F 156 -12.46 4.97 47.53
C TYR F 156 -11.02 5.30 47.22
N VAL F 157 -10.53 6.40 47.77
CA VAL F 157 -9.13 6.79 47.60
C VAL F 157 -8.51 6.92 48.97
N VAL F 158 -7.38 6.24 49.16
CA VAL F 158 -6.54 6.40 50.35
C VAL F 158 -5.24 7.06 49.90
N SER F 159 -4.94 8.22 50.47
CA SER F 159 -3.69 8.90 50.18
C SER F 159 -2.65 8.48 51.19
N MET F 160 -1.58 7.85 50.72
CA MET F 160 -0.54 7.31 51.57
C MET F 160 0.70 8.19 51.44
N GLY F 161 1.16 8.74 52.56
CA GLY F 161 2.42 9.45 52.60
C GLY F 161 2.31 10.91 52.20
N SER F 162 3.39 11.64 52.45
CA SER F 162 3.38 13.09 52.37
C SER F 162 3.27 13.61 50.94
N CYS F 163 3.88 12.93 49.96
CA CYS F 163 3.82 13.47 48.61
C CYS F 163 2.45 13.27 47.98
N ALA F 164 1.81 12.15 48.27
CA ALA F 164 0.43 11.97 47.86
C ALA F 164 -0.51 12.88 48.63
N ASN F 165 -0.19 13.18 49.89
CA ASN F 165 -1.06 14.02 50.69
C ASN F 165 -1.03 15.47 50.23
N GLY F 166 0.15 16.09 50.25
CA GLY F 166 0.22 17.51 49.97
C GLY F 166 1.35 17.93 49.04
N GLY F 167 2.18 16.98 48.63
CA GLY F 167 3.36 17.25 47.81
C GLY F 167 4.65 16.83 48.49
N GLY F 168 4.68 16.85 49.82
CA GLY F 168 5.73 16.18 50.56
C GLY F 168 7.06 16.88 50.45
N TYR F 169 8.11 16.05 50.34
CA TYR F 169 9.48 16.53 50.26
C TYR F 169 9.77 17.20 48.93
N TYR F 170 8.93 16.97 47.94
CA TYR F 170 9.07 17.52 46.60
C TYR F 170 7.95 18.51 46.30
N HIS F 171 7.50 19.23 47.34
CA HIS F 171 6.32 20.09 47.23
C HIS F 171 6.57 21.26 46.31
N TYR F 172 7.74 21.87 46.38
CA TYR F 172 8.07 23.06 45.61
C TYR F 172 8.70 22.73 44.27
N SER F 173 8.56 21.49 43.82
CA SER F 173 9.18 21.04 42.59
C SER F 173 8.35 21.40 41.38
N TYR F 174 9.02 21.55 40.25
CA TYR F 174 8.37 21.88 38.98
C TYR F 174 7.53 20.74 38.43
N SER F 175 7.82 19.50 38.80
CA SER F 175 7.25 18.33 38.13
C SER F 175 6.37 17.49 39.04
N VAL F 176 5.98 17.99 40.21
CA VAL F 176 5.23 17.22 41.19
C VAL F 176 3.85 17.84 41.34
N VAL F 177 2.83 16.98 41.35
CA VAL F 177 1.50 17.41 41.74
C VAL F 177 1.46 17.53 43.25
N ARG F 178 1.02 18.68 43.75
CA ARG F 178 1.10 18.98 45.18
C ARG F 178 -0.10 18.38 45.90
N GLY F 179 -0.10 17.06 45.96
CA GLY F 179 -1.19 16.31 46.57
C GLY F 179 -2.06 15.67 45.51
N CYS F 180 -2.30 14.36 45.64
CA CYS F 180 -3.19 13.68 44.71
C CYS F 180 -4.66 14.08 44.86
N ASP F 181 -5.01 14.82 45.92
CA ASP F 181 -6.35 15.36 46.07
C ASP F 181 -6.64 16.54 45.15
N ARG F 182 -5.64 17.03 44.41
CA ARG F 182 -5.91 17.88 43.27
C ARG F 182 -6.46 17.09 42.09
N ILE F 183 -6.24 15.79 42.07
CA ILE F 183 -6.60 14.93 40.96
C ILE F 183 -7.80 14.07 41.30
N VAL F 184 -7.73 13.30 42.38
CA VAL F 184 -8.76 12.34 42.73
C VAL F 184 -9.37 12.71 44.07
N PRO F 185 -10.64 12.37 44.33
CA PRO F 185 -11.25 12.66 45.64
C PRO F 185 -10.74 11.71 46.71
N VAL F 186 -9.85 12.22 47.56
CA VAL F 186 -9.24 11.43 48.62
C VAL F 186 -10.22 11.28 49.78
N ASP F 187 -10.39 10.04 50.25
CA ASP F 187 -11.29 9.80 51.36
C ASP F 187 -10.54 9.72 52.69
N ILE F 188 -9.40 9.04 52.72
CA ILE F 188 -8.56 8.95 53.91
C ILE F 188 -7.17 9.46 53.57
N TYR F 189 -6.66 10.37 54.39
CA TYR F 189 -5.30 10.90 54.25
C TYR F 189 -4.43 10.22 55.30
N VAL F 190 -3.57 9.30 54.88
CA VAL F 190 -2.68 8.59 55.77
C VAL F 190 -1.33 9.31 55.78
N PRO F 191 -0.91 9.91 56.89
CA PRO F 191 0.32 10.70 56.91
C PRO F 191 1.54 9.91 57.36
N GLY F 192 2.67 10.30 56.78
CA GLY F 192 3.94 9.67 57.09
C GLY F 192 4.90 9.89 55.95
N CYS F 193 6.13 9.43 56.16
CA CYS F 193 7.14 9.42 55.10
C CYS F 193 8.10 8.25 55.29
N PRO F 194 7.69 7.03 54.89
CA PRO F 194 6.32 6.60 54.57
C PRO F 194 5.62 6.36 55.90
N PRO F 195 4.29 6.36 55.92
CA PRO F 195 3.60 5.85 57.10
C PRO F 195 3.87 4.37 57.21
N THR F 196 3.89 3.87 58.44
CA THR F 196 4.24 2.49 58.64
C THR F 196 3.12 1.59 58.13
N ALA F 197 3.44 0.30 58.00
CA ALA F 197 2.43 -0.68 57.60
C ALA F 197 1.34 -0.77 58.66
N GLU F 198 1.70 -0.58 59.91
CA GLU F 198 0.72 -0.46 60.97
C GLU F 198 -0.10 0.82 60.80
N ALA F 199 0.54 1.92 60.36
CA ALA F 199 -0.18 3.16 60.15
C ALA F 199 -1.06 3.11 58.91
N LEU F 200 -0.58 2.46 57.84
CA LEU F 200 -1.41 2.29 56.65
C LEU F 200 -2.60 1.38 56.94
N LEU F 201 -2.38 0.33 57.74
CA LEU F 201 -3.48 -0.53 58.14
C LEU F 201 -4.44 0.19 59.07
N TYR F 202 -3.93 1.13 59.87
CA TYR F 202 -4.80 2.00 60.65
C TYR F 202 -5.67 2.87 59.74
N GLY F 203 -5.08 3.38 58.66
CA GLY F 203 -5.85 4.15 57.70
C GLY F 203 -6.90 3.32 56.99
N ILE F 204 -6.58 2.06 56.70
CA ILE F 204 -7.56 1.15 56.09
C ILE F 204 -8.68 0.83 57.06
N LEU F 205 -8.36 0.64 58.34
CA LEU F 205 -9.40 0.42 59.35
C LEU F 205 -10.26 1.65 59.56
N GLN F 206 -9.67 2.84 59.44
CA GLN F 206 -10.47 4.07 59.53
C GLN F 206 -11.35 4.23 58.29
N LEU F 207 -10.86 3.79 57.13
CA LEU F 207 -11.70 3.74 55.93
C LEU F 207 -12.86 2.76 56.11
N GLN F 208 -12.62 1.64 56.78
CA GLN F 208 -13.67 0.68 57.07
C GLN F 208 -14.70 1.26 58.05
N LYS F 209 -14.24 2.04 59.03
CA LYS F 209 -15.17 2.74 59.91
C LYS F 209 -15.95 3.82 59.15
N LYS F 210 -15.34 4.43 58.15
CA LYS F 210 -16.03 5.45 57.36
C LYS F 210 -17.10 4.85 56.47
N ILE F 211 -16.80 3.70 55.85
CA ILE F 211 -17.79 2.96 55.07
C ILE F 211 -18.86 2.37 55.99
N LYS F 212 -18.51 2.12 57.26
CA LYS F 212 -19.46 1.55 58.21
C LYS F 212 -20.57 2.54 58.57
N ARG F 213 -20.31 3.84 58.50
CA ARG F 213 -21.30 4.84 58.87
C ARG F 213 -21.89 5.57 57.67
N GLU F 214 -21.77 5.00 56.47
CA GLU F 214 -22.48 5.55 55.33
C GLU F 214 -23.97 5.24 55.43
N LYS F 215 -24.79 6.18 54.95
CA LYS F 215 -26.24 6.14 55.18
C LYS F 215 -26.99 6.21 53.86
N ARG F 216 -26.61 5.36 52.90
CA ARG F 216 -27.05 5.51 51.51
C ARG F 216 -28.54 5.22 51.36
N LEU F 217 -29.02 4.10 51.87
CA LEU F 217 -30.43 3.77 51.69
C LEU F 217 -31.32 4.53 52.64
N ARG F 218 -30.79 5.00 53.78
CA ARG F 218 -31.56 5.90 54.63
C ARG F 218 -31.84 7.23 53.93
N ILE F 219 -30.84 7.77 53.22
CA ILE F 219 -31.04 9.01 52.47
C ILE F 219 -31.87 8.75 51.23
N TRP F 220 -31.73 7.56 50.62
CA TRP F 220 -32.58 7.20 49.49
C TRP F 220 -34.03 7.07 49.90
N TYR F 221 -34.28 6.59 51.11
CA TYR F 221 -35.64 6.51 51.62
C TYR F 221 -36.17 7.89 52.00
N ARG F 222 -35.31 8.74 52.57
CA ARG F 222 -35.75 10.03 53.07
C ARG F 222 -35.56 11.18 52.09
N ARG F 223 -35.11 10.92 50.86
CA ARG F 223 -35.08 12.00 49.87
C ARG F 223 -36.42 12.11 49.17
N THR G 42 39.14 -14.75 46.51
CA THR G 42 38.32 -13.59 46.83
C THR G 42 37.14 -13.45 45.87
N TYR G 43 37.02 -14.39 44.95
CA TYR G 43 35.83 -14.49 44.12
C TYR G 43 35.45 -15.96 43.97
N LYS G 44 34.16 -16.22 43.78
CA LYS G 44 33.69 -17.57 43.52
C LYS G 44 32.78 -17.58 42.31
N TYR G 45 32.71 -18.75 41.67
CA TYR G 45 31.91 -18.93 40.46
C TYR G 45 30.56 -19.54 40.82
N VAL G 46 29.49 -18.78 40.63
CA VAL G 46 28.17 -19.40 40.61
C VAL G 46 27.93 -20.04 39.25
N ASN G 47 27.46 -21.28 39.27
CA ASN G 47 27.03 -22.04 38.09
C ASN G 47 28.16 -22.22 37.07
N LEU G 48 29.26 -22.81 37.53
CA LEU G 48 30.30 -23.31 36.65
C LEU G 48 30.42 -24.83 36.87
N ARG G 49 29.28 -25.47 37.00
CA ARG G 49 29.18 -26.90 37.25
C ARG G 49 28.88 -27.61 35.94
N GLU G 50 29.87 -28.31 35.41
CA GLU G 50 29.62 -29.22 34.29
C GLU G 50 29.10 -30.54 34.85
N PRO G 51 27.90 -30.97 34.49
CA PRO G 51 27.29 -32.14 35.15
C PRO G 51 27.99 -33.44 34.78
N SER G 52 27.87 -34.41 35.69
CA SER G 52 28.50 -35.71 35.48
C SER G 52 27.69 -36.52 34.47
N MET G 53 28.37 -37.08 33.48
CA MET G 53 27.74 -37.76 32.36
C MET G 53 27.91 -39.27 32.40
N ASP G 54 27.99 -39.85 33.59
CA ASP G 54 27.87 -41.30 33.68
C ASP G 54 26.39 -41.69 33.60
N MET G 55 26.15 -43.00 33.48
CA MET G 55 24.78 -43.50 33.34
C MET G 55 23.95 -43.26 34.61
N LYS G 56 24.63 -43.22 35.76
CA LYS G 56 23.96 -43.00 37.04
C LYS G 56 23.33 -41.61 37.11
N SER G 57 24.12 -40.56 36.82
CA SER G 57 23.60 -39.20 36.94
C SER G 57 22.70 -38.84 35.76
N VAL G 58 22.93 -39.41 34.58
CA VAL G 58 22.03 -39.19 33.47
C VAL G 58 20.66 -39.82 33.75
N THR G 59 20.65 -41.02 34.34
CA THR G 59 19.39 -41.62 34.74
C THR G 59 18.76 -40.86 35.91
N ASP G 60 19.58 -40.25 36.77
CA ASP G 60 19.07 -39.39 37.83
C ASP G 60 18.35 -38.17 37.28
N ARG G 61 18.97 -37.48 36.31
CA ARG G 61 18.32 -36.31 35.72
C ARG G 61 17.12 -36.70 34.86
N ALA G 62 17.12 -37.89 34.27
CA ALA G 62 15.95 -38.34 33.52
C ALA G 62 14.80 -38.70 34.45
N ALA G 63 15.11 -39.29 35.61
CA ALA G 63 14.08 -39.50 36.63
C ALA G 63 13.60 -38.18 37.21
N GLN G 64 14.48 -37.17 37.27
CA GLN G 64 14.06 -35.83 37.65
C GLN G 64 13.08 -35.25 36.64
N THR G 65 13.37 -35.45 35.35
CA THR G 65 12.49 -34.97 34.29
C THR G 65 11.13 -35.67 34.31
N LEU G 66 11.15 -37.00 34.42
CA LEU G 66 9.92 -37.77 34.25
C LEU G 66 9.12 -37.95 35.53
N LEU G 67 9.73 -37.81 36.71
CA LEU G 67 9.05 -38.10 37.96
C LEU G 67 8.95 -36.90 38.90
N TRP G 68 9.53 -35.77 38.51
CA TRP G 68 9.22 -34.44 39.07
C TRP G 68 9.67 -34.31 40.52
N THR G 69 10.91 -34.74 40.80
CA THR G 69 11.37 -34.87 42.17
C THR G 69 11.60 -33.51 42.83
N GLU G 70 12.21 -32.57 42.11
CA GLU G 70 12.42 -31.23 42.67
C GLU G 70 11.10 -30.48 42.83
N LEU G 71 10.08 -30.85 42.04
CA LEU G 71 8.77 -30.25 42.21
C LEU G 71 8.12 -30.77 43.49
N ILE G 72 8.37 -32.04 43.83
CA ILE G 72 7.91 -32.58 45.10
C ILE G 72 8.68 -31.94 46.26
N ARG G 73 9.95 -31.58 46.03
CA ARG G 73 10.70 -30.84 47.05
C ARG G 73 10.12 -29.45 47.29
N GLY G 74 9.75 -28.75 46.21
CA GLY G 74 9.12 -27.44 46.36
C GLY G 74 7.76 -27.50 47.03
N LEU G 75 6.95 -28.50 46.66
CA LEU G 75 5.70 -28.76 47.37
C LEU G 75 5.94 -29.11 48.83
N GLY G 76 7.03 -29.80 49.12
CA GLY G 76 7.35 -30.13 50.50
C GLY G 76 7.74 -28.92 51.31
N MET G 77 8.43 -27.96 50.69
CA MET G 77 8.78 -26.74 51.41
C MET G 77 7.55 -25.87 51.66
N THR G 78 6.61 -25.86 50.69
CA THR G 78 5.36 -25.13 50.90
C THR G 78 4.51 -25.79 51.98
N LEU G 79 4.44 -27.12 51.98
CA LEU G 79 3.76 -27.86 53.04
C LEU G 79 4.46 -27.69 54.39
N SER G 80 5.78 -27.48 54.38
CA SER G 80 6.51 -27.22 55.61
C SER G 80 6.13 -25.88 56.20
N TYR G 81 5.96 -24.85 55.36
CA TYR G 81 5.43 -23.63 55.96
C TYR G 81 3.96 -23.69 56.30
N LEU G 82 3.19 -24.62 55.73
CA LEU G 82 1.77 -24.76 56.10
C LEU G 82 1.61 -25.04 57.60
N PHE G 83 2.46 -25.88 58.16
CA PHE G 83 2.33 -26.27 59.56
C PHE G 83 3.13 -25.41 60.51
N ARG G 84 3.62 -24.26 60.07
CA ARG G 84 4.27 -23.35 60.99
C ARG G 84 3.26 -22.37 61.59
N GLU G 85 3.59 -21.85 62.75
CA GLU G 85 2.82 -20.75 63.30
C GLU G 85 3.07 -19.50 62.47
N PRO G 86 2.03 -18.82 61.99
CA PRO G 86 2.25 -17.62 61.17
C PRO G 86 2.75 -16.46 62.02
N ALA G 87 3.42 -15.53 61.35
CA ALA G 87 3.92 -14.33 62.00
C ALA G 87 2.87 -13.23 62.09
N THR G 88 1.59 -13.54 61.87
CA THR G 88 0.56 -12.53 61.82
C THR G 88 0.23 -12.07 63.23
N ILE G 89 0.47 -10.80 63.52
CA ILE G 89 0.09 -10.24 64.79
C ILE G 89 -1.34 -9.74 64.68
N ASN G 90 -2.02 -9.63 65.82
CA ASN G 90 -3.45 -9.36 65.85
C ASN G 90 -3.71 -7.87 66.06
N TYR G 91 -3.19 -7.07 65.13
CA TYR G 91 -3.60 -5.67 65.03
C TYR G 91 -5.08 -5.63 64.68
N PRO G 92 -5.87 -4.72 65.28
CA PRO G 92 -5.60 -3.58 66.17
C PRO G 92 -5.29 -3.92 67.61
N PHE G 93 -5.46 -5.18 68.03
CA PHE G 93 -5.35 -5.45 69.45
C PHE G 93 -3.91 -5.69 69.86
N GLU G 94 -3.06 -6.10 68.93
CA GLU G 94 -1.64 -6.22 69.13
C GLU G 94 -0.93 -5.14 68.31
N LYS G 95 0.20 -4.68 68.81
CA LYS G 95 0.88 -3.57 68.17
C LYS G 95 2.29 -3.97 67.77
N GLY G 96 2.72 -3.43 66.63
CA GLY G 96 4.05 -3.66 66.14
C GLY G 96 5.10 -3.05 67.04
N PRO G 97 6.26 -3.70 67.15
CA PRO G 97 7.28 -3.24 68.09
C PRO G 97 7.96 -1.97 67.62
N LEU G 98 8.23 -1.08 68.56
CA LEU G 98 8.87 0.20 68.28
C LEU G 98 9.95 0.47 69.32
N SER G 99 10.75 1.50 69.05
CA SER G 99 11.86 1.90 69.89
C SER G 99 11.57 3.26 70.52
N PRO G 100 12.28 3.65 71.58
CA PRO G 100 12.11 5.02 72.10
C PRO G 100 12.69 6.10 71.20
N ARG G 101 13.36 5.76 70.11
CA ARG G 101 13.85 6.74 69.16
C ARG G 101 12.82 7.13 68.12
N PHE G 102 11.61 6.59 68.21
CA PHE G 102 10.68 6.55 67.08
C PHE G 102 10.20 7.94 66.67
N ARG G 103 10.08 8.14 65.37
CA ARG G 103 9.71 9.42 64.78
C ARG G 103 8.28 9.30 64.27
N GLY G 104 7.34 9.89 65.02
CA GLY G 104 5.93 9.83 64.68
C GLY G 104 5.28 11.20 64.54
N GLU G 105 4.27 11.48 65.36
CA GLU G 105 3.56 12.75 65.29
C GLU G 105 4.27 13.81 66.13
N HIS G 106 4.34 15.02 65.62
CA HIS G 106 5.04 16.10 66.29
C HIS G 106 4.23 16.61 67.48
N ALA G 107 4.94 17.22 68.43
CA ALA G 107 4.33 17.77 69.63
C ALA G 107 5.25 18.81 70.24
N LEU G 108 4.65 19.82 70.86
CA LEU G 108 5.38 20.88 71.54
C LEU G 108 5.34 20.62 73.05
N ARG G 109 6.50 20.57 73.68
CA ARG G 109 6.60 20.18 75.07
C ARG G 109 6.61 21.41 75.98
N ARG G 110 6.67 21.14 77.28
CA ARG G 110 6.68 22.15 78.31
C ARG G 110 7.73 21.82 79.36
N TYR G 111 8.09 22.84 80.13
CA TYR G 111 8.83 22.64 81.36
C TYR G 111 7.86 22.08 82.41
N PRO G 112 8.36 21.51 83.53
CA PRO G 112 7.43 21.07 84.57
C PRO G 112 6.88 22.19 85.45
N SER G 113 6.46 23.28 84.82
CA SER G 113 5.73 24.35 85.45
C SER G 113 4.51 24.75 84.64
N GLY G 114 4.28 24.09 83.51
CA GLY G 114 3.30 24.51 82.55
C GLY G 114 3.80 25.53 81.55
N GLU G 115 5.00 26.06 81.75
CA GLU G 115 5.60 26.96 80.78
C GLU G 115 6.10 26.18 79.56
N GLU G 116 5.72 26.64 78.37
CA GLU G 116 6.14 25.96 77.16
C GLU G 116 7.59 26.26 76.85
N ARG G 117 8.24 25.32 76.17
CA ARG G 117 9.67 25.37 75.97
C ARG G 117 10.09 26.17 74.75
N CYS G 118 9.19 26.38 73.79
CA CYS G 118 9.56 27.04 72.53
C CYS G 118 9.86 28.51 72.77
N ILE G 119 11.14 28.87 72.62
CA ILE G 119 11.56 30.25 72.77
C ILE G 119 11.90 30.87 71.42
N ALA G 120 11.22 30.41 70.36
CA ALA G 120 11.08 31.15 69.10
C ALA G 120 12.41 31.38 68.39
N CYS G 121 13.28 30.39 68.40
CA CYS G 121 14.61 30.59 67.85
C CYS G 121 14.70 30.24 66.37
N LYS G 122 13.69 29.56 65.82
CA LYS G 122 13.54 29.25 64.39
C LYS G 122 14.67 28.38 63.87
N LEU G 123 15.25 27.54 64.72
CA LEU G 123 16.21 26.55 64.26
C LEU G 123 15.52 25.36 63.62
N CYS G 124 14.32 25.03 64.10
CA CYS G 124 13.61 23.87 63.58
C CYS G 124 13.07 24.11 62.18
N GLU G 125 12.79 25.35 61.81
CA GLU G 125 12.41 25.62 60.42
C GLU G 125 13.60 25.92 59.54
N ALA G 126 14.70 26.42 60.12
CA ALA G 126 15.90 26.63 59.33
C ALA G 126 16.54 25.32 58.94
N VAL G 127 16.44 24.31 59.79
CA VAL G 127 16.98 23.00 59.44
C VAL G 127 15.99 22.17 58.62
N CYS G 128 14.69 22.52 58.63
CA CYS G 128 13.62 21.69 58.09
C CYS G 128 13.79 21.44 56.60
N PRO G 129 14.05 20.19 56.20
CA PRO G 129 14.33 19.92 54.79
C PRO G 129 13.11 20.07 53.90
N ALA G 130 11.92 20.12 54.45
CA ALA G 130 10.72 20.30 53.67
C ALA G 130 10.14 21.70 53.74
N GLN G 131 10.70 22.56 54.60
CA GLN G 131 10.14 23.86 54.96
C GLN G 131 8.70 23.73 55.43
N ALA G 132 8.43 22.68 56.20
CA ALA G 132 7.10 22.39 56.70
C ALA G 132 6.77 23.16 57.95
N ILE G 133 7.68 23.99 58.47
CA ILE G 133 7.46 24.73 59.70
C ILE G 133 7.45 26.21 59.37
N THR G 134 6.38 26.89 59.75
CA THR G 134 6.25 28.35 59.61
C THR G 134 6.13 28.96 60.99
N ILE G 135 7.06 29.84 61.34
CA ILE G 135 7.15 30.41 62.67
C ILE G 135 7.04 31.93 62.58
N GLU G 136 6.21 32.51 63.43
CA GLU G 136 6.18 33.95 63.65
C GLU G 136 6.13 34.18 65.16
N ALA G 137 6.74 35.27 65.62
CA ALA G 137 6.93 35.47 67.04
C ALA G 137 6.90 36.94 67.40
N GLU G 138 6.91 37.19 68.71
CA GLU G 138 6.92 38.53 69.32
C GLU G 138 7.26 38.35 70.79
N PRO G 139 7.49 39.42 71.55
CA PRO G 139 7.45 39.29 73.02
C PRO G 139 6.01 39.32 73.51
N ARG G 140 5.64 38.35 74.33
CA ARG G 140 4.33 38.38 74.96
C ARG G 140 4.37 39.32 76.17
N ALA G 141 3.26 39.34 76.93
CA ALA G 141 2.99 40.39 77.90
C ALA G 141 3.98 40.45 79.07
N ASP G 142 4.68 39.35 79.37
CA ASP G 142 5.73 39.38 80.38
C ASP G 142 7.13 39.38 79.76
N GLY G 143 7.25 39.88 78.52
CA GLY G 143 8.53 40.03 77.88
C GLY G 143 9.25 38.74 77.52
N SER G 144 8.50 37.67 77.27
CA SER G 144 9.09 36.38 76.96
C SER G 144 9.06 36.13 75.46
N ARG G 145 10.18 35.63 74.93
CA ARG G 145 10.32 35.37 73.50
C ARG G 145 9.49 34.15 73.15
N ARG G 146 8.26 34.35 72.68
CA ARG G 146 7.32 33.26 72.44
C ARG G 146 6.68 33.42 71.07
N THR G 147 6.34 32.28 70.46
CA THR G 147 5.76 32.29 69.12
C THR G 147 4.28 32.64 69.16
N THR G 148 3.85 33.36 68.13
CA THR G 148 2.44 33.54 67.83
C THR G 148 1.93 32.54 66.79
N ARG G 149 2.76 32.27 65.79
CA ARG G 149 2.51 31.23 64.81
C ARG G 149 3.56 30.15 64.97
N TYR G 150 3.12 28.91 65.14
CA TYR G 150 4.02 27.76 65.03
C TYR G 150 3.23 26.71 64.25
N ASP G 151 3.33 26.76 62.93
CA ASP G 151 2.62 25.83 62.07
C ASP G 151 3.54 24.71 61.67
N ILE G 152 3.02 23.48 61.62
CA ILE G 152 3.70 22.38 60.97
C ILE G 152 2.74 21.73 59.99
N ASP G 153 3.08 21.80 58.70
CA ASP G 153 2.32 21.11 57.68
C ASP G 153 2.73 19.64 57.69
N MET G 154 1.84 18.77 58.16
CA MET G 154 2.16 17.35 58.28
C MET G 154 2.11 16.62 56.94
N THR G 155 1.80 17.33 55.86
CA THR G 155 1.83 16.76 54.52
C THR G 155 3.01 17.23 53.70
N LYS G 156 3.73 18.26 54.15
CA LYS G 156 5.06 18.52 53.61
C LYS G 156 6.12 17.77 54.39
N CYS G 157 5.89 17.58 55.69
CA CYS G 157 6.87 17.00 56.61
C CYS G 157 7.28 15.60 56.21
N ILE G 158 8.58 15.33 56.31
CA ILE G 158 9.16 14.07 55.90
C ILE G 158 9.55 13.21 57.08
N TYR G 159 9.23 13.65 58.30
CA TYR G 159 9.33 12.86 59.53
C TYR G 159 10.77 12.44 59.78
N CYS G 160 11.69 13.39 59.64
CA CYS G 160 13.12 13.14 59.66
C CYS G 160 13.75 13.47 61.00
N GLY G 161 13.03 14.15 61.88
CA GLY G 161 13.55 14.47 63.20
C GLY G 161 14.67 15.49 63.23
N PHE G 162 14.84 16.28 62.17
CA PHE G 162 15.87 17.30 62.24
C PHE G 162 15.43 18.46 63.11
N CYS G 163 14.12 18.69 63.21
CA CYS G 163 13.60 19.73 64.09
C CYS G 163 13.84 19.39 65.55
N GLN G 164 13.60 18.14 65.94
CA GLN G 164 13.76 17.76 67.35
C GLN G 164 15.22 17.65 67.76
N GLU G 165 16.15 17.57 66.81
CA GLU G 165 17.56 17.53 67.13
C GLU G 165 18.23 18.87 66.90
N ALA G 166 17.58 19.80 66.19
CA ALA G 166 18.05 21.17 66.14
C ALA G 166 17.51 22.00 67.28
N CYS G 167 16.45 21.56 67.93
CA CYS G 167 15.82 22.35 68.97
C CYS G 167 16.69 22.33 70.22
N PRO G 168 17.17 23.47 70.70
CA PRO G 168 18.10 23.49 71.82
C PRO G 168 17.45 23.37 73.17
N VAL G 169 16.12 23.32 73.24
CA VAL G 169 15.41 23.33 74.52
C VAL G 169 14.42 22.18 74.57
N ASP G 170 14.52 21.25 73.61
CA ASP G 170 13.64 20.07 73.49
C ASP G 170 12.17 20.45 73.36
N ALA G 171 11.88 21.59 72.73
CA ALA G 171 10.50 22.03 72.60
C ALA G 171 9.77 21.24 71.54
N ILE G 172 10.21 21.32 70.29
CA ILE G 172 9.63 20.47 69.26
C ILE G 172 10.24 19.09 69.39
N VAL G 173 9.38 18.09 69.50
CA VAL G 173 9.78 16.70 69.48
C VAL G 173 8.86 16.00 68.50
N GLU G 174 9.28 14.84 68.05
CA GLU G 174 8.49 14.03 67.15
C GLU G 174 8.13 12.78 67.92
N GLY G 175 6.88 12.71 68.37
CA GLY G 175 6.48 11.78 69.38
C GLY G 175 6.20 10.38 68.90
N PRO G 176 5.37 9.66 69.64
CA PRO G 176 5.20 8.22 69.41
C PRO G 176 4.02 7.86 68.53
N ASN G 177 3.13 8.81 68.25
CA ASN G 177 1.88 8.51 67.59
C ASN G 177 2.10 8.42 66.09
N PHE G 178 1.67 7.30 65.50
CA PHE G 178 1.56 7.17 64.06
C PHE G 178 0.12 7.00 63.62
N GLU G 179 -0.81 6.95 64.56
CA GLU G 179 -2.23 6.73 64.27
C GLU G 179 -2.95 8.07 64.33
N PHE G 180 -2.72 8.89 63.30
CA PHE G 180 -3.32 10.20 63.22
C PHE G 180 -3.76 10.48 61.80
N SER G 181 -4.41 9.49 61.19
CA SER G 181 -4.91 9.62 59.83
C SER G 181 -6.25 10.36 59.81
N THR G 182 -6.46 11.12 58.74
CA THR G 182 -7.55 12.08 58.66
C THR G 182 -8.41 11.79 57.44
N GLU G 183 -9.59 12.39 57.41
CA GLU G 183 -10.44 12.36 56.23
C GLU G 183 -10.31 13.61 55.38
N THR G 184 -9.76 14.69 55.95
CA THR G 184 -9.63 15.95 55.26
C THR G 184 -8.16 16.33 55.22
N HIS G 185 -7.73 16.96 54.13
CA HIS G 185 -6.32 17.32 53.95
C HIS G 185 -5.88 18.35 54.98
N GLU G 186 -6.69 19.38 55.22
CA GLU G 186 -6.26 20.44 56.12
C GLU G 186 -6.28 20.05 57.59
N GLU G 187 -6.85 18.89 57.95
CA GLU G 187 -6.68 18.38 59.31
C GLU G 187 -5.26 17.93 59.59
N LEU G 188 -4.41 17.78 58.56
CA LEU G 188 -2.98 17.54 58.72
C LEU G 188 -2.16 18.80 58.52
N LEU G 189 -2.73 19.97 58.81
CA LEU G 189 -1.99 21.24 58.77
C LEU G 189 -2.09 21.81 60.18
N TYR G 190 -1.13 21.45 61.03
CA TYR G 190 -1.23 21.73 62.46
C TYR G 190 -0.80 23.16 62.75
N ASN G 191 -1.58 23.86 63.55
CA ASN G 191 -1.16 25.15 64.07
C ASN G 191 -0.44 24.93 65.41
N LYS G 192 -0.18 26.02 66.14
CA LYS G 192 0.46 25.89 67.44
C LYS G 192 -0.47 25.26 68.47
N GLU G 193 -1.78 25.49 68.34
CA GLU G 193 -2.74 24.97 69.31
C GLU G 193 -2.85 23.46 69.23
N LYS G 194 -2.86 22.91 68.01
CA LYS G 194 -2.91 21.47 67.83
C LYS G 194 -1.64 20.80 68.33
N LEU G 195 -0.48 21.43 68.10
CA LEU G 195 0.77 20.85 68.58
C LEU G 195 0.89 20.93 70.09
N LEU G 196 0.35 22.00 70.70
CA LEU G 196 0.31 22.07 72.16
C LEU G 196 -0.64 21.05 72.74
N ASN G 197 -1.77 20.79 72.05
CA ASN G 197 -2.68 19.75 72.50
C ASN G 197 -2.06 18.37 72.36
N ASN G 198 -1.24 18.16 71.33
CA ASN G 198 -0.52 16.89 71.19
C ASN G 198 0.54 16.73 72.27
N GLY G 199 1.24 17.81 72.62
CA GLY G 199 2.21 17.73 73.69
C GLY G 199 1.59 17.47 75.05
N ASP G 200 0.46 18.14 75.33
CA ASP G 200 -0.27 17.91 76.57
C ASP G 200 -0.89 16.52 76.59
N LYS G 201 -1.25 16.00 75.42
CA LYS G 201 -1.85 14.67 75.33
C LYS G 201 -0.81 13.58 75.51
N TRP G 202 0.39 13.77 74.98
CA TRP G 202 1.36 12.69 74.86
C TRP G 202 2.60 12.87 75.72
N GLU G 203 2.63 13.87 76.62
CA GLU G 203 3.83 14.15 77.41
C GLU G 203 4.23 12.98 78.30
N ALA G 204 3.25 12.22 78.80
CA ALA G 204 3.53 11.08 79.67
C ALA G 204 4.35 10.00 78.97
N GLU G 205 4.24 9.90 77.64
CA GLU G 205 5.04 8.97 76.87
C GLU G 205 6.29 9.61 76.29
N ILE G 206 6.18 10.88 75.89
CA ILE G 206 7.30 11.57 75.25
C ILE G 206 8.42 11.82 76.24
N ALA G 207 8.08 12.24 77.47
CA ALA G 207 9.09 12.47 78.49
C ALA G 207 9.81 11.18 78.87
N ALA G 208 9.12 10.05 78.79
CA ALA G 208 9.77 8.79 79.12
C ALA G 208 10.63 8.26 77.97
N ASN G 209 10.23 8.52 76.72
CA ASN G 209 11.10 8.14 75.61
C ASN G 209 12.35 9.01 75.56
N ILE G 210 12.21 10.31 75.87
CA ILE G 210 13.37 11.18 75.98
C ILE G 210 14.21 10.81 77.20
N GLN G 211 13.57 10.30 78.26
CA GLN G 211 14.30 9.77 79.41
C GLN G 211 15.12 8.55 79.03
N ALA G 212 14.60 7.72 78.13
CA ALA G 212 15.35 6.53 77.70
C ALA G 212 16.34 6.81 76.58
N ASP G 213 16.29 7.97 75.94
CA ASP G 213 17.12 8.19 74.77
C ASP G 213 18.00 9.45 74.85
N TYR G 214 17.94 10.22 75.92
CA TYR G 214 18.68 11.48 75.94
C TYR G 214 20.17 11.28 76.16
N LEU G 215 20.59 10.08 76.57
CA LEU G 215 22.01 9.82 76.74
C LEU G 215 22.67 9.31 75.45
N TYR G 216 21.90 9.11 74.40
CA TYR G 216 22.44 8.77 73.09
C TYR G 216 22.60 10.00 72.19
N ARG G 217 22.20 11.17 72.67
CA ARG G 217 22.13 12.34 71.83
C ARG G 217 23.19 13.37 72.19
N MET H 1 -35.93 -36.47 29.40
CA MET H 1 -36.92 -35.68 30.11
C MET H 1 -36.35 -35.11 31.39
N ASN H 2 -35.70 -35.95 32.19
CA ASN H 2 -35.01 -35.47 33.37
C ASN H 2 -33.81 -34.64 33.02
N LEU H 3 -33.14 -34.98 31.91
CA LEU H 3 -32.05 -34.16 31.41
C LEU H 3 -32.54 -32.79 31.01
N MET H 4 -33.69 -32.72 30.33
CA MET H 4 -34.23 -31.43 29.89
C MET H 4 -34.65 -30.57 31.06
N ILE H 5 -35.23 -31.19 32.10
CA ILE H 5 -35.59 -30.46 33.31
C ILE H 5 -34.34 -29.93 34.01
N THR H 6 -33.27 -30.73 34.05
CA THR H 6 -32.04 -30.29 34.71
C THR H 6 -31.35 -29.17 33.93
N LEU H 7 -31.32 -29.29 32.60
CA LEU H 7 -30.77 -28.24 31.75
C LEU H 7 -31.56 -26.94 31.89
N LEU H 8 -32.90 -27.04 31.90
CA LEU H 8 -33.74 -25.86 32.03
C LEU H 8 -33.56 -25.21 33.40
N THR H 9 -33.41 -26.00 34.46
CA THR H 9 -33.21 -25.46 35.79
C THR H 9 -31.86 -24.75 35.91
N ASN H 10 -30.80 -25.36 35.38
CA ASN H 10 -29.48 -24.75 35.44
C ASN H 10 -29.40 -23.49 34.61
N PHE H 11 -30.00 -23.51 33.41
CA PHE H 11 -30.05 -22.34 32.55
C PHE H 11 -30.90 -21.23 33.18
N THR H 12 -31.97 -21.61 33.87
CA THR H 12 -32.82 -20.65 34.56
C THR H 12 -32.09 -19.98 35.72
N LEU H 13 -31.32 -20.76 36.48
CA LEU H 13 -30.55 -20.19 37.59
C LEU H 13 -29.45 -19.27 37.07
N ALA H 14 -28.81 -19.63 35.95
CA ALA H 14 -27.81 -18.77 35.34
C ALA H 14 -28.41 -17.44 34.88
N THR H 15 -29.54 -17.52 34.17
CA THR H 15 -30.18 -16.30 33.67
C THR H 15 -30.76 -15.47 34.81
N LEU H 16 -31.20 -16.11 35.89
CA LEU H 16 -31.72 -15.39 37.04
C LEU H 16 -30.62 -14.62 37.76
N LEU H 17 -29.46 -15.25 37.95
CA LEU H 17 -28.37 -14.53 38.61
C LEU H 17 -27.79 -13.45 37.70
N VAL H 18 -27.85 -13.63 36.38
CA VAL H 18 -27.40 -12.58 35.48
C VAL H 18 -28.40 -11.42 35.46
N THR H 19 -29.69 -11.72 35.60
CA THR H 19 -30.70 -10.66 35.72
C THR H 19 -30.52 -9.87 37.00
N ILE H 20 -30.25 -10.56 38.11
CA ILE H 20 -29.98 -9.87 39.38
C ILE H 20 -28.68 -9.07 39.30
N ALA H 21 -27.69 -9.54 38.54
CA ALA H 21 -26.43 -8.81 38.43
C ALA H 21 -26.53 -7.63 37.48
N PHE H 22 -27.44 -7.65 36.51
CA PHE H 22 -27.59 -6.53 35.58
C PHE H 22 -28.79 -5.64 35.85
N TRP H 23 -29.55 -5.90 36.91
CA TRP H 23 -30.67 -5.00 37.19
C TRP H 23 -30.79 -4.56 38.65
N LEU H 24 -30.27 -5.29 39.61
CA LEU H 24 -30.30 -4.84 41.00
C LEU H 24 -29.23 -3.80 41.33
N PRO H 25 -27.98 -3.90 40.88
CA PRO H 25 -27.10 -2.72 40.98
C PRO H 25 -27.31 -1.68 39.89
N GLN H 26 -28.13 -1.98 38.88
CA GLN H 26 -28.57 -0.98 37.92
C GLN H 26 -29.83 -0.26 38.37
N LEU H 27 -30.31 -0.52 39.59
CA LEU H 27 -31.27 0.37 40.23
C LEU H 27 -30.60 1.64 40.73
N ASN H 28 -29.28 1.58 40.93
CA ASN H 28 -28.48 2.76 41.23
C ASN H 28 -28.53 3.77 40.10
N VAL H 29 -28.43 5.05 40.45
CA VAL H 29 -28.45 6.14 39.48
C VAL H 29 -27.04 6.72 39.28
N TYR H 30 -26.01 6.10 39.89
CA TYR H 30 -24.94 6.76 40.63
C TYR H 30 -24.51 8.15 40.15
N SER H 31 -23.99 8.24 38.93
CA SER H 31 -23.49 9.50 38.37
C SER H 31 -23.26 9.31 36.88
N GLU H 32 -23.61 10.34 36.10
CA GLU H 32 -23.37 10.32 34.66
C GLU H 32 -21.88 10.54 34.41
N LYS H 33 -21.13 9.45 34.27
CA LYS H 33 -19.71 9.51 33.98
C LYS H 33 -19.48 9.32 32.49
N THR H 34 -18.25 9.61 32.07
CA THR H 34 -17.90 9.56 30.65
C THR H 34 -17.00 8.36 30.32
N SER H 35 -15.94 8.16 31.12
CA SER H 35 -14.84 7.24 30.91
C SER H 35 -14.22 7.43 29.53
N PRO H 36 -13.47 8.53 29.30
CA PRO H 36 -13.02 8.88 27.94
C PRO H 36 -11.74 8.14 27.52
N ASP H 42 -4.96 0.57 27.52
CA ASP H 42 -4.81 -0.40 26.46
C ASP H 42 -3.40 -0.40 25.84
N PRO H 43 -2.84 -1.59 25.63
CA PRO H 43 -1.51 -1.70 25.00
C PRO H 43 -1.51 -1.19 23.55
N MET H 44 -2.40 -1.69 22.71
CA MET H 44 -2.61 -1.06 21.41
C MET H 44 -3.62 0.08 21.59
N GLY H 45 -3.34 1.21 20.96
CA GLY H 45 -4.16 2.38 21.16
C GLY H 45 -5.44 2.35 20.35
N SER H 46 -5.31 2.51 19.03
CA SER H 46 -6.46 2.45 18.13
C SER H 46 -6.20 1.62 16.89
N ALA H 47 -4.98 1.15 16.66
CA ALA H 47 -4.62 0.52 15.40
C ALA H 47 -5.21 -0.88 15.31
N ARG H 48 -5.26 -1.39 14.08
CA ARG H 48 -5.86 -2.69 13.81
C ARG H 48 -4.97 -3.82 14.33
N LEU H 49 -5.60 -4.80 14.99
CA LEU H 49 -4.97 -6.02 15.47
C LEU H 49 -4.35 -6.82 14.33
N PRO H 50 -3.02 -6.94 14.29
CA PRO H 50 -2.39 -7.72 13.23
C PRO H 50 -2.65 -9.20 13.41
N PHE H 51 -2.89 -9.88 12.29
CA PHE H 51 -3.17 -11.30 12.34
C PHE H 51 -1.94 -12.08 12.74
N SER H 52 -2.15 -13.13 13.53
CA SER H 52 -1.08 -14.03 13.94
C SER H 52 -1.28 -15.37 13.21
N MET H 53 -0.33 -15.71 12.35
CA MET H 53 -0.42 -16.95 11.58
C MET H 53 -0.28 -18.16 12.49
N LYS H 54 0.47 -18.01 13.58
CA LYS H 54 0.85 -19.10 14.46
C LYS H 54 -0.29 -19.55 15.37
N PHE H 55 -1.10 -18.61 15.87
CA PHE H 55 -2.28 -18.95 16.65
C PHE H 55 -3.32 -19.67 15.81
N PHE H 56 -3.47 -19.23 14.55
CA PHE H 56 -4.36 -19.94 13.64
C PHE H 56 -3.84 -21.34 13.34
N LEU H 57 -2.53 -21.50 13.19
CA LEU H 57 -1.99 -22.83 12.92
C LEU H 57 -2.13 -23.76 14.11
N VAL H 58 -2.06 -23.25 15.34
CA VAL H 58 -2.26 -24.16 16.46
C VAL H 58 -3.75 -24.48 16.63
N ALA H 59 -4.64 -23.57 16.21
CA ALA H 59 -6.06 -23.91 16.20
C ALA H 59 -6.40 -24.97 15.15
N ILE H 60 -5.78 -24.89 13.96
CA ILE H 60 -6.03 -25.90 12.94
C ILE H 60 -5.40 -27.23 13.35
N THR H 61 -4.26 -27.20 14.04
CA THR H 61 -3.64 -28.42 14.53
C THR H 61 -4.50 -29.08 15.58
N PHE H 62 -5.13 -28.28 16.45
CA PHE H 62 -6.15 -28.78 17.37
C PHE H 62 -7.32 -29.41 16.64
N LEU H 63 -7.81 -28.77 15.57
CA LEU H 63 -8.97 -29.30 14.88
C LEU H 63 -8.67 -30.64 14.21
N LEU H 64 -7.50 -30.76 13.60
CA LEU H 64 -7.13 -32.01 12.93
C LEU H 64 -6.85 -33.12 13.94
N PHE H 65 -6.21 -32.80 15.07
CA PHE H 65 -6.01 -33.83 16.08
C PHE H 65 -7.31 -34.18 16.78
N ASP H 66 -8.26 -33.24 16.85
CA ASP H 66 -9.57 -33.54 17.39
C ASP H 66 -10.36 -34.46 16.48
N LEU H 67 -10.17 -34.34 15.16
CA LEU H 67 -10.77 -35.32 14.24
C LEU H 67 -10.13 -36.69 14.39
N GLU H 68 -8.81 -36.73 14.59
CA GLU H 68 -8.15 -38.01 14.83
C GLU H 68 -8.59 -38.64 16.16
N ILE H 69 -8.87 -37.80 17.17
CA ILE H 69 -9.50 -38.26 18.41
C ILE H 69 -10.89 -38.83 18.14
N ALA H 70 -11.67 -38.14 17.29
CA ALA H 70 -13.00 -38.62 16.90
C ALA H 70 -12.96 -39.98 16.23
N LEU H 71 -11.88 -40.27 15.50
CA LEU H 71 -11.68 -41.63 15.03
C LEU H 71 -11.30 -42.57 16.17
N LEU H 72 -10.53 -42.08 17.16
CA LEU H 72 -10.06 -42.95 18.23
C LEU H 72 -11.10 -43.25 19.30
N LEU H 73 -12.19 -42.47 19.38
CA LEU H 73 -13.14 -42.64 20.47
C LEU H 73 -13.89 -43.98 20.57
N PRO H 74 -14.26 -44.70 19.50
CA PRO H 74 -14.89 -46.01 19.71
C PRO H 74 -13.95 -47.15 20.08
N LEU H 75 -12.71 -46.90 20.49
CA LEU H 75 -11.82 -48.00 20.90
C LEU H 75 -12.25 -48.82 22.12
N PRO H 76 -12.79 -48.26 23.23
CA PRO H 76 -13.25 -49.14 24.31
C PRO H 76 -14.43 -50.03 23.94
N TRP H 77 -15.22 -49.64 22.94
CA TRP H 77 -16.23 -50.55 22.40
C TRP H 77 -15.63 -51.54 21.42
N ALA H 78 -14.65 -51.11 20.63
CA ALA H 78 -14.04 -51.95 19.62
C ALA H 78 -13.11 -53.00 20.20
N SER H 79 -12.70 -52.86 21.46
CA SER H 79 -11.94 -53.93 22.11
C SER H 79 -12.77 -55.20 22.32
N GLN H 80 -14.09 -55.09 22.30
CA GLN H 80 -14.98 -56.23 22.51
C GLN H 80 -15.15 -57.10 21.28
N THR H 81 -14.52 -56.76 20.15
CA THR H 81 -14.83 -57.41 18.89
C THR H 81 -14.23 -58.81 18.80
N THR H 82 -14.70 -59.57 17.83
CA THR H 82 -14.19 -60.90 17.55
C THR H 82 -13.13 -60.87 16.44
N ASN H 83 -12.93 -59.72 15.81
CA ASN H 83 -11.82 -59.54 14.90
C ASN H 83 -10.69 -58.75 15.56
N LEU H 84 -10.04 -59.32 16.60
CA LEU H 84 -9.17 -58.53 17.44
C LEU H 84 -7.83 -58.19 16.80
N ASN H 85 -7.33 -59.03 15.88
CA ASN H 85 -6.06 -58.72 15.24
C ASN H 85 -6.19 -57.52 14.31
N THR H 86 -7.28 -57.47 13.55
CA THR H 86 -7.57 -56.33 12.70
C THR H 86 -7.81 -55.08 13.53
N MET H 87 -8.52 -55.21 14.65
CA MET H 87 -8.80 -54.07 15.51
C MET H 87 -7.54 -53.50 16.14
N LEU H 88 -6.65 -54.38 16.62
CA LEU H 88 -5.38 -53.93 17.19
C LEU H 88 -4.50 -53.28 16.13
N THR H 89 -4.50 -53.85 14.91
CA THR H 89 -3.75 -53.27 13.80
C THR H 89 -4.24 -51.87 13.46
N MET H 90 -5.55 -51.69 13.31
CA MET H 90 -6.07 -50.38 12.93
C MET H 90 -5.99 -49.37 14.06
N ALA H 91 -6.07 -49.84 15.31
CA ALA H 91 -5.95 -48.93 16.44
C ALA H 91 -4.53 -48.40 16.57
N LEU H 92 -3.54 -49.30 16.50
CA LEU H 92 -2.15 -48.87 16.48
C LEU H 92 -1.84 -48.01 15.27
N LEU H 93 -2.49 -48.27 14.14
CA LEU H 93 -2.26 -47.46 12.95
C LEU H 93 -2.86 -46.07 13.09
N LEU H 94 -4.02 -45.91 13.74
CA LEU H 94 -4.58 -44.57 13.93
C LEU H 94 -3.78 -43.74 14.93
N ILE H 95 -3.33 -44.37 16.03
CA ILE H 95 -2.50 -43.62 16.96
C ILE H 95 -1.15 -43.30 16.33
N PHE H 96 -0.65 -44.21 15.48
CA PHE H 96 0.55 -43.96 14.71
C PHE H 96 0.37 -42.82 13.73
N LEU H 97 -0.81 -42.70 13.12
CA LEU H 97 -1.05 -41.59 12.20
C LEU H 97 -1.16 -40.26 12.93
N LEU H 98 -1.72 -40.27 14.15
CA LEU H 98 -1.70 -39.05 14.96
C LEU H 98 -0.26 -38.68 15.31
N ALA H 99 0.57 -39.68 15.60
CA ALA H 99 1.98 -39.43 15.91
C ALA H 99 2.76 -38.94 14.71
N VAL H 100 2.45 -39.44 13.51
CA VAL H 100 3.12 -39.00 12.30
C VAL H 100 2.68 -37.60 11.90
N SER H 101 1.41 -37.26 12.16
CA SER H 101 0.95 -35.88 11.97
C SER H 101 1.66 -34.93 12.92
N LEU H 102 1.86 -35.35 14.18
CA LEU H 102 2.64 -34.55 15.12
C LEU H 102 4.10 -34.44 14.70
N ALA H 103 4.66 -35.52 14.13
CA ALA H 103 6.06 -35.49 13.70
C ALA H 103 6.26 -34.58 12.49
N TYR H 104 5.29 -34.54 11.58
CA TYR H 104 5.41 -33.62 10.44
C TYR H 104 5.15 -32.18 10.88
N GLU H 105 4.31 -31.98 11.90
CA GLU H 105 4.16 -30.66 12.48
C GLU H 105 5.45 -30.22 13.18
N TRP H 106 6.13 -31.17 13.82
CA TRP H 106 7.41 -30.93 14.47
C TRP H 106 8.46 -30.49 13.46
N THR H 107 8.82 -31.39 12.53
CA THR H 107 10.05 -31.25 11.76
C THR H 107 9.97 -30.13 10.75
N GLN H 108 8.76 -29.75 10.33
CA GLN H 108 8.59 -28.63 9.41
C GLN H 108 8.27 -27.34 10.15
N LYS H 109 8.78 -27.21 11.38
CA LYS H 109 8.84 -25.98 12.17
C LYS H 109 7.47 -25.41 12.51
N GLY H 110 6.42 -26.23 12.51
CA GLY H 110 5.10 -25.73 12.86
C GLY H 110 4.91 -25.50 14.34
N LEU H 111 5.62 -26.24 15.18
CA LEU H 111 5.54 -26.07 16.63
C LEU H 111 6.67 -25.19 17.12
N GLU H 112 6.69 -23.93 16.67
CA GLU H 112 7.72 -23.00 17.10
C GLU H 112 7.10 -21.65 17.42
N TRP H 113 7.56 -21.09 18.56
CA TRP H 113 7.19 -19.85 19.24
C TRP H 113 5.83 -19.94 19.93
N THR H 114 5.08 -21.01 19.64
CA THR H 114 4.13 -21.68 20.53
C THR H 114 4.43 -23.16 20.29
N GLU H 115 5.42 -23.68 21.01
CA GLU H 115 5.95 -25.01 20.70
C GLU H 115 5.01 -26.12 21.12
N MET I 1 -39.97 -34.18 43.13
CA MET I 1 -38.98 -34.97 43.85
C MET I 1 -37.64 -35.00 43.10
N PHE I 2 -37.71 -35.06 41.77
CA PHE I 2 -36.48 -34.93 40.99
C PHE I 2 -35.95 -33.50 41.02
N MET I 3 -36.85 -32.52 41.02
CA MET I 3 -36.44 -31.12 41.15
C MET I 3 -35.79 -30.85 42.51
N ILE I 4 -36.23 -31.59 43.54
CA ILE I 4 -35.57 -31.52 44.85
C ILE I 4 -34.15 -32.02 44.76
N ASN I 5 -33.92 -33.08 43.99
CA ASN I 5 -32.58 -33.63 43.82
C ASN I 5 -31.71 -32.68 43.02
N VAL I 6 -32.32 -31.98 42.05
CA VAL I 6 -31.58 -31.00 41.24
C VAL I 6 -31.17 -29.80 42.09
N LEU I 7 -32.09 -29.28 42.92
CA LEU I 7 -31.76 -28.16 43.79
C LEU I 7 -30.74 -28.53 44.85
N THR I 8 -30.89 -29.69 45.49
CA THR I 8 -29.90 -30.14 46.47
C THR I 8 -28.60 -30.62 45.82
N LEU I 9 -28.55 -30.71 44.49
CA LEU I 9 -27.26 -30.71 43.81
C LEU I 9 -26.71 -29.30 43.66
N ILE I 10 -27.45 -28.43 42.98
CA ILE I 10 -26.83 -27.22 42.44
C ILE I 10 -26.67 -26.09 43.45
N ILE I 11 -27.44 -26.05 44.53
CA ILE I 11 -27.21 -25.03 45.57
C ILE I 11 -25.98 -25.39 46.41
N PRO I 12 -25.76 -26.65 46.86
CA PRO I 12 -24.47 -26.94 47.50
C PRO I 12 -23.26 -26.85 46.59
N ILE I 13 -23.43 -26.89 45.26
CA ILE I 13 -22.33 -26.57 44.36
C ILE I 13 -21.92 -25.12 44.54
N LEU I 14 -22.90 -24.21 44.54
CA LEU I 14 -22.61 -22.79 44.73
C LEU I 14 -22.01 -22.51 46.09
N LEU I 15 -22.46 -23.22 47.12
CA LEU I 15 -21.88 -23.01 48.45
C LEU I 15 -20.48 -23.61 48.57
N ALA I 16 -20.22 -24.75 47.93
CA ALA I 16 -18.88 -25.33 47.94
C ALA I 16 -17.90 -24.44 47.19
N VAL I 17 -18.35 -23.83 46.10
CA VAL I 17 -17.54 -22.84 45.39
C VAL I 17 -17.28 -21.62 46.27
N ALA I 18 -18.31 -21.14 46.97
CA ALA I 18 -18.17 -19.95 47.81
C ALA I 18 -17.17 -20.18 48.93
N PHE I 19 -17.25 -21.32 49.60
CA PHE I 19 -16.32 -21.58 50.69
C PHE I 19 -14.99 -22.15 50.22
N LEU I 20 -14.86 -22.56 48.94
CA LEU I 20 -13.55 -22.87 48.39
C LEU I 20 -12.66 -21.65 48.34
N THR I 21 -13.23 -20.46 48.16
CA THR I 21 -12.43 -19.23 48.16
C THR I 21 -11.87 -18.95 49.54
N LEU I 22 -12.67 -19.17 50.58
CA LEU I 22 -12.17 -19.08 51.95
C LEU I 22 -11.09 -20.12 52.21
N VAL I 23 -11.27 -21.35 51.72
CA VAL I 23 -10.27 -22.40 51.89
C VAL I 23 -8.97 -22.03 51.18
N GLU I 24 -9.08 -21.45 49.98
CA GLU I 24 -7.90 -21.04 49.21
C GLU I 24 -7.16 -19.90 49.89
N ARG I 25 -7.89 -18.89 50.35
CA ARG I 25 -7.24 -17.77 51.01
C ARG I 25 -6.63 -18.17 52.34
N LYS I 26 -7.24 -19.12 53.07
CA LYS I 26 -6.63 -19.58 54.31
C LYS I 26 -5.41 -20.47 54.07
N VAL I 27 -5.49 -21.40 53.11
CA VAL I 27 -4.37 -22.29 52.83
C VAL I 27 -3.19 -21.52 52.24
N LEU I 28 -3.46 -20.65 51.26
CA LEU I 28 -2.44 -19.74 50.77
C LEU I 28 -1.97 -18.75 51.83
N GLY I 29 -2.78 -18.48 52.85
CA GLY I 29 -2.30 -17.72 53.98
C GLY I 29 -1.22 -18.47 54.71
N TYR I 30 -1.55 -19.64 55.25
CA TYR I 30 -0.59 -20.34 56.09
C TYR I 30 0.58 -20.91 55.30
N MET I 31 0.40 -21.17 54.00
CA MET I 31 1.55 -21.56 53.18
C MET I 31 2.47 -20.39 52.88
N GLN I 32 1.95 -19.15 52.90
CA GLN I 32 2.78 -17.96 52.76
C GLN I 32 3.11 -17.31 54.10
N PHE I 33 3.13 -18.10 55.18
CA PHE I 33 3.56 -17.72 56.52
C PHE I 33 2.68 -16.62 57.13
N ARG I 34 1.47 -16.46 56.61
CA ARG I 34 0.53 -15.45 57.09
C ARG I 34 -0.78 -16.13 57.43
N LYS I 35 -1.84 -15.34 57.63
CA LYS I 35 -3.17 -15.88 57.79
C LYS I 35 -4.05 -15.45 56.63
N GLY I 36 -5.12 -16.20 56.40
CA GLY I 36 -6.18 -15.76 55.55
C GLY I 36 -7.20 -15.00 56.37
N PRO I 37 -8.41 -14.82 55.84
CA PRO I 37 -9.44 -14.07 56.57
C PRO I 37 -9.85 -14.76 57.86
N ASN I 38 -9.81 -13.99 58.96
CA ASN I 38 -10.27 -14.48 60.25
C ASN I 38 -11.02 -13.41 61.04
N VAL I 39 -11.43 -12.33 60.39
CA VAL I 39 -12.04 -11.20 61.06
C VAL I 39 -13.52 -11.08 60.72
N VAL I 40 -13.87 -11.31 59.45
CA VAL I 40 -15.22 -11.04 58.96
C VAL I 40 -16.22 -12.01 59.55
N GLY I 41 -15.84 -13.28 59.67
CA GLY I 41 -16.63 -14.24 60.41
C GLY I 41 -15.81 -14.87 61.52
N PRO I 42 -16.45 -15.71 62.34
CA PRO I 42 -15.67 -16.56 63.24
C PRO I 42 -14.85 -17.53 62.42
N TYR I 43 -13.52 -17.38 62.53
CA TYR I 43 -12.52 -18.07 61.70
C TYR I 43 -12.69 -17.72 60.22
N GLY I 44 -13.21 -16.53 59.95
CA GLY I 44 -13.35 -16.03 58.59
C GLY I 44 -14.50 -16.56 57.78
N LEU I 45 -15.49 -17.19 58.42
CA LEU I 45 -16.54 -17.88 57.69
C LEU I 45 -17.51 -16.95 56.98
N LEU I 46 -17.59 -15.69 57.37
CA LEU I 46 -18.48 -14.73 56.72
C LEU I 46 -17.81 -14.00 55.56
N GLN I 47 -16.54 -14.28 55.30
CA GLN I 47 -15.82 -13.61 54.21
C GLN I 47 -16.41 -13.83 52.81
N PRO I 48 -16.76 -15.06 52.36
CA PRO I 48 -17.34 -15.16 51.01
C PRO I 48 -18.73 -14.58 50.90
N ILE I 49 -19.51 -14.56 51.98
CA ILE I 49 -20.83 -13.94 51.95
C ILE I 49 -20.70 -12.44 51.74
N ALA I 50 -19.78 -11.81 52.47
CA ALA I 50 -19.54 -10.38 52.30
C ALA I 50 -18.93 -10.08 50.94
N ASP I 51 -18.13 -10.99 50.40
CA ASP I 51 -17.56 -10.76 49.08
C ASP I 51 -18.62 -10.85 47.99
N ALA I 52 -19.51 -11.85 48.06
CA ALA I 52 -20.57 -11.98 47.06
C ALA I 52 -21.58 -10.84 47.16
N ILE I 53 -21.87 -10.37 48.38
CA ILE I 53 -22.79 -9.24 48.50
C ILE I 53 -22.12 -7.95 48.03
N LYS I 54 -20.80 -7.80 48.26
CA LYS I 54 -20.06 -6.65 47.74
C LYS I 54 -20.08 -6.63 46.22
N LEU I 55 -19.96 -7.79 45.59
CA LEU I 55 -19.94 -7.85 44.14
C LEU I 55 -21.32 -7.61 43.55
N PHE I 56 -22.35 -8.23 44.13
CA PHE I 56 -23.70 -8.15 43.57
C PHE I 56 -24.32 -6.76 43.63
N ILE I 57 -23.75 -5.84 44.40
CA ILE I 57 -24.23 -4.47 44.46
C ILE I 57 -23.26 -3.48 43.86
N LYS I 58 -22.02 -3.89 43.58
CA LYS I 58 -21.08 -3.05 42.85
C LYS I 58 -21.60 -2.80 41.45
N GLU I 59 -21.32 -1.62 40.92
CA GLU I 59 -21.87 -1.21 39.63
C GLU I 59 -21.28 -2.03 38.49
N PRO I 60 -22.12 -2.61 37.62
CA PRO I 60 -21.60 -3.18 36.38
C PRO I 60 -21.06 -2.08 35.50
N LEU I 61 -19.99 -2.40 34.75
CA LEU I 61 -19.05 -1.43 34.21
C LEU I 61 -19.70 -0.42 33.25
N ARG I 62 -20.86 -0.76 32.66
CA ARG I 62 -21.59 -0.01 31.65
C ARG I 62 -20.67 0.21 30.44
N PRO I 63 -20.30 -0.83 29.70
CA PRO I 63 -19.28 -0.68 28.67
C PRO I 63 -19.89 -0.38 27.30
N ALA I 64 -19.00 -0.13 26.34
CA ALA I 64 -19.38 -0.06 24.93
C ALA I 64 -18.88 -1.34 24.27
N THR I 65 -19.69 -2.40 24.40
CA THR I 65 -19.30 -3.70 23.87
C THR I 65 -19.33 -3.73 22.35
N SER I 66 -18.66 -4.73 21.79
CA SER I 66 -18.91 -5.09 20.40
C SER I 66 -20.18 -5.92 20.28
N SER I 67 -20.68 -6.44 21.41
CA SER I 67 -21.90 -7.23 21.45
C SER I 67 -22.47 -7.15 22.86
N ILE I 68 -23.57 -6.41 23.03
CA ILE I 68 -24.28 -6.39 24.31
C ILE I 68 -24.84 -7.78 24.62
N SER I 69 -25.33 -8.46 23.58
CA SER I 69 -25.94 -9.78 23.71
C SER I 69 -24.94 -10.80 24.25
N MET I 70 -23.75 -10.90 23.66
CA MET I 70 -22.76 -11.86 24.12
C MET I 70 -22.16 -11.47 25.48
N PHE I 71 -22.13 -10.17 25.78
CA PHE I 71 -21.77 -9.71 27.11
C PHE I 71 -22.74 -10.23 28.16
N ILE I 72 -24.02 -10.36 27.79
CA ILE I 72 -24.94 -11.06 28.68
C ILE I 72 -24.73 -12.59 28.62
N LEU I 73 -24.48 -13.13 27.42
CA LEU I 73 -24.57 -14.57 27.21
C LEU I 73 -23.38 -15.33 27.77
N ALA I 74 -22.25 -14.66 28.00
CA ALA I 74 -21.09 -15.40 28.48
C ALA I 74 -21.18 -15.85 29.95
N PRO I 75 -21.66 -15.04 30.92
CA PRO I 75 -21.91 -15.62 32.26
C PRO I 75 -23.01 -16.66 32.28
N ILE I 76 -24.04 -16.51 31.43
CA ILE I 76 -25.12 -17.48 31.37
C ILE I 76 -24.60 -18.83 30.89
N LEU I 77 -23.83 -18.81 29.80
CA LEU I 77 -23.22 -20.02 29.28
C LEU I 77 -22.24 -20.64 30.27
N ALA I 78 -21.42 -19.80 30.91
CA ALA I 78 -20.43 -20.30 31.85
C ALA I 78 -21.07 -20.98 33.05
N LEU I 79 -22.10 -20.37 33.64
CA LEU I 79 -22.79 -20.96 34.78
C LEU I 79 -23.57 -22.21 34.39
N THR I 80 -24.29 -22.17 33.25
CA THR I 80 -25.08 -23.32 32.83
C THR I 80 -24.19 -24.52 32.53
N LEU I 81 -23.10 -24.30 31.79
CA LEU I 81 -22.16 -25.38 31.53
C LEU I 81 -21.50 -25.88 32.79
N ALA I 82 -21.09 -24.97 33.69
CA ALA I 82 -20.40 -25.39 34.91
C ALA I 82 -21.32 -26.20 35.81
N LEU I 83 -22.61 -25.86 35.86
CA LEU I 83 -23.54 -26.65 36.66
C LEU I 83 -23.90 -27.97 36.00
N THR I 84 -24.02 -28.01 34.68
CA THR I 84 -24.36 -29.27 34.01
C THR I 84 -23.21 -30.25 33.93
N MET I 85 -21.99 -29.85 34.31
CA MET I 85 -20.90 -30.82 34.39
C MET I 85 -21.10 -31.82 35.52
N TRP I 86 -21.77 -31.40 36.59
CA TRP I 86 -21.89 -32.20 37.81
C TRP I 86 -22.93 -33.30 37.69
N ILE I 87 -23.85 -33.19 36.74
CA ILE I 87 -25.02 -34.07 36.70
C ILE I 87 -24.76 -35.53 36.31
N PRO I 88 -23.75 -35.95 35.54
CA PRO I 88 -23.55 -37.39 35.42
C PRO I 88 -22.59 -37.98 36.45
N LEU I 89 -22.05 -37.18 37.37
CA LEU I 89 -21.02 -37.66 38.29
C LEU I 89 -21.59 -38.62 39.32
N PRO I 90 -21.15 -39.89 39.34
CA PRO I 90 -21.72 -40.88 40.25
C PRO I 90 -21.06 -40.80 41.62
N MET I 91 -21.80 -40.26 42.57
CA MET I 91 -21.27 -40.02 43.91
C MET I 91 -22.28 -40.38 45.00
N PRO I 92 -22.64 -41.68 45.14
CA PRO I 92 -22.33 -42.89 44.39
C PRO I 92 -23.26 -43.06 43.21
N TYR I 93 -24.46 -42.50 43.33
CA TYR I 93 -25.45 -42.56 42.27
C TYR I 93 -25.52 -41.19 41.62
N PRO I 94 -25.49 -41.10 40.30
CA PRO I 94 -25.52 -39.78 39.67
C PRO I 94 -26.94 -39.25 39.53
N LEU I 95 -27.02 -37.94 39.28
CA LEU I 95 -28.31 -37.31 39.04
C LEU I 95 -28.91 -37.80 37.73
N ILE I 96 -28.15 -37.71 36.65
CA ILE I 96 -28.54 -38.24 35.35
C ILE I 96 -27.61 -39.41 35.06
N ASN I 97 -28.08 -40.61 35.39
CA ASN I 97 -27.36 -41.85 35.11
C ASN I 97 -27.52 -42.16 33.63
N MET I 98 -26.63 -41.58 32.85
CA MET I 98 -26.62 -41.74 31.40
C MET I 98 -25.53 -42.74 31.01
N ASN I 99 -25.68 -43.29 29.81
CA ASN I 99 -24.79 -44.34 29.36
C ASN I 99 -23.45 -43.81 28.88
N LEU I 100 -23.37 -42.51 28.56
CA LEU I 100 -22.17 -41.91 27.98
C LEU I 100 -21.77 -40.67 28.77
N GLY I 101 -21.67 -40.81 30.09
CA GLY I 101 -21.41 -39.65 30.94
C GLY I 101 -20.02 -39.08 30.80
N VAL I 102 -19.05 -39.93 30.50
CA VAL I 102 -17.67 -39.48 30.29
C VAL I 102 -17.59 -38.61 29.05
N LEU I 103 -18.16 -39.08 27.95
CA LEU I 103 -18.17 -38.32 26.70
C LEU I 103 -19.03 -37.07 26.82
N PHE I 104 -20.09 -37.13 27.65
CA PHE I 104 -20.88 -35.96 27.97
C PHE I 104 -20.04 -34.90 28.67
N MET I 105 -19.25 -35.30 29.66
CA MET I 105 -18.41 -34.34 30.37
C MET I 105 -17.31 -33.80 29.46
N LEU I 106 -16.78 -34.64 28.57
CA LEU I 106 -15.79 -34.19 27.61
C LEU I 106 -16.37 -33.15 26.65
N ALA I 107 -17.61 -33.37 26.19
CA ALA I 107 -18.25 -32.43 25.27
C ALA I 107 -18.64 -31.12 25.97
N MET I 108 -19.24 -31.22 27.15
CA MET I 108 -19.65 -30.01 27.85
C MET I 108 -18.48 -29.28 28.51
N SER I 109 -17.31 -29.90 28.60
CA SER I 109 -16.11 -29.15 28.95
C SER I 109 -15.47 -28.54 27.72
N SER I 110 -15.61 -29.19 26.55
CA SER I 110 -15.16 -28.60 25.30
C SER I 110 -15.99 -27.38 24.90
N LEU I 111 -17.22 -27.27 25.39
CA LEU I 111 -18.01 -26.07 25.14
C LEU I 111 -17.65 -24.91 26.05
N ALA I 112 -16.79 -25.10 27.04
CA ALA I 112 -16.50 -24.06 28.02
C ALA I 112 -15.53 -22.99 27.53
N VAL I 113 -15.06 -23.07 26.28
CA VAL I 113 -14.17 -22.05 25.74
C VAL I 113 -14.93 -20.95 25.02
N TYR I 114 -16.22 -21.14 24.75
CA TYR I 114 -16.99 -20.07 24.13
C TYR I 114 -17.22 -18.92 25.10
N SER I 115 -17.20 -19.18 26.41
CA SER I 115 -17.28 -18.10 27.37
C SER I 115 -16.07 -17.18 27.27
N ILE I 116 -14.87 -17.76 27.13
CA ILE I 116 -13.66 -16.98 26.97
C ILE I 116 -13.66 -16.25 25.63
N LEU I 117 -14.12 -16.93 24.57
CA LEU I 117 -14.13 -16.31 23.25
C LEU I 117 -15.14 -15.16 23.16
N TRP I 118 -16.33 -15.36 23.73
CA TRP I 118 -17.34 -14.30 23.75
C TRP I 118 -16.94 -13.16 24.66
N SER I 119 -16.20 -13.46 25.74
CA SER I 119 -15.69 -12.41 26.61
C SER I 119 -14.63 -11.57 25.93
N GLY I 120 -13.78 -12.21 25.11
CA GLY I 120 -12.83 -11.44 24.32
C GLY I 120 -13.52 -10.63 23.25
N TRP I 121 -14.60 -11.16 22.67
CA TRP I 121 -15.42 -10.39 21.73
C TRP I 121 -16.09 -9.20 22.40
N ALA I 122 -16.52 -9.37 23.66
CA ALA I 122 -17.32 -8.37 24.35
C ALA I 122 -16.54 -7.13 24.73
N SER I 123 -15.21 -7.20 24.80
CA SER I 123 -14.40 -6.05 25.14
C SER I 123 -14.02 -5.28 23.87
N ASN I 124 -13.46 -4.09 24.08
CA ASN I 124 -12.97 -3.29 22.97
C ASN I 124 -11.47 -3.35 22.80
N SER I 125 -10.73 -3.63 23.87
CA SER I 125 -9.29 -3.72 23.79
C SER I 125 -8.88 -4.94 22.99
N LYS I 126 -8.02 -4.74 21.98
CA LYS I 126 -7.55 -5.87 21.20
C LYS I 126 -6.58 -6.74 22.01
N TYR I 127 -5.99 -6.22 23.08
CA TYR I 127 -5.15 -7.09 23.89
C TYR I 127 -6.00 -7.97 24.82
N ALA I 128 -7.18 -7.51 25.21
CA ALA I 128 -8.11 -8.42 25.87
C ALA I 128 -8.52 -9.54 24.93
N LEU I 129 -8.63 -9.24 23.64
CA LEU I 129 -8.86 -10.27 22.64
C LEU I 129 -7.66 -11.19 22.50
N ILE I 130 -6.44 -10.64 22.55
CA ILE I 130 -5.22 -11.45 22.48
C ILE I 130 -5.12 -12.40 23.67
N GLY I 131 -5.38 -11.90 24.87
CA GLY I 131 -5.37 -12.74 26.05
C GLY I 131 -6.44 -13.81 26.01
N ALA I 132 -7.62 -13.47 25.49
CA ALA I 132 -8.68 -14.47 25.34
C ALA I 132 -8.30 -15.53 24.31
N LEU I 133 -7.60 -15.15 23.25
CA LEU I 133 -7.20 -16.12 22.23
C LEU I 133 -6.07 -17.01 22.72
N ARG I 134 -5.13 -16.47 23.51
CA ARG I 134 -4.10 -17.29 24.13
C ARG I 134 -4.71 -18.27 25.12
N ALA I 135 -5.72 -17.82 25.88
CA ALA I 135 -6.38 -18.71 26.82
C ALA I 135 -7.22 -19.78 26.11
N VAL I 136 -7.86 -19.42 25.00
CA VAL I 136 -8.63 -20.39 24.22
C VAL I 136 -7.72 -21.42 23.59
N ALA I 137 -6.58 -20.99 23.04
CA ALA I 137 -5.66 -21.95 22.43
C ALA I 137 -4.99 -22.82 23.48
N GLN I 138 -4.75 -22.28 24.69
CA GLN I 138 -4.30 -23.09 25.82
C GLN I 138 -5.30 -24.17 26.17
N THR I 139 -6.58 -23.81 26.27
CA THR I 139 -7.59 -24.75 26.72
C THR I 139 -7.85 -25.82 25.67
N ILE I 140 -7.97 -25.43 24.39
CA ILE I 140 -8.16 -26.43 23.34
C ILE I 140 -6.90 -27.26 23.14
N SER I 141 -5.72 -26.73 23.50
CA SER I 141 -4.52 -27.54 23.45
C SER I 141 -4.58 -28.67 24.47
N TYR I 142 -4.87 -28.34 25.72
CA TYR I 142 -4.91 -29.41 26.74
C TYR I 142 -6.16 -30.28 26.68
N GLU I 143 -7.18 -29.88 25.91
CA GLU I 143 -8.31 -30.77 25.61
C GLU I 143 -7.89 -32.03 24.87
N VAL I 144 -6.81 -31.95 24.09
CA VAL I 144 -6.34 -33.09 23.31
C VAL I 144 -5.81 -34.19 24.23
N THR I 145 -4.94 -33.82 25.18
CA THR I 145 -4.46 -34.82 26.12
C THR I 145 -5.54 -35.22 27.12
N LEU I 146 -6.48 -34.32 27.45
CA LEU I 146 -7.68 -34.74 28.16
C LEU I 146 -8.40 -35.90 27.48
N ALA I 147 -8.71 -35.74 26.19
CA ALA I 147 -9.46 -36.75 25.47
C ALA I 147 -8.67 -38.04 25.33
N ILE I 148 -7.37 -37.95 25.04
CA ILE I 148 -6.63 -39.18 24.76
C ILE I 148 -6.27 -39.93 26.04
N ILE I 149 -5.89 -39.21 27.12
CA ILE I 149 -5.70 -39.83 28.43
C ILE I 149 -6.99 -40.46 28.93
N LEU I 150 -8.11 -39.76 28.74
CA LEU I 150 -9.41 -40.27 29.19
C LEU I 150 -9.80 -41.52 28.42
N LEU I 151 -9.51 -41.55 27.12
CA LEU I 151 -9.74 -42.72 26.29
C LEU I 151 -8.86 -43.89 26.73
N SER I 152 -7.58 -43.62 27.01
CA SER I 152 -6.65 -44.66 27.40
C SER I 152 -6.98 -45.22 28.77
N VAL I 153 -7.64 -44.44 29.62
CA VAL I 153 -8.12 -44.97 30.89
C VAL I 153 -9.37 -45.80 30.69
N LEU I 154 -10.32 -45.28 29.89
CA LEU I 154 -11.56 -46.00 29.59
C LEU I 154 -11.35 -47.28 28.78
N LEU I 155 -10.15 -47.52 28.25
CA LEU I 155 -9.81 -48.84 27.74
C LEU I 155 -9.74 -49.89 28.84
N MET I 156 -9.68 -49.49 30.12
CA MET I 156 -9.83 -50.41 31.24
C MET I 156 -11.19 -50.31 31.91
N ASN I 157 -11.95 -49.25 31.64
CA ASN I 157 -13.29 -49.11 32.21
C ASN I 157 -14.25 -50.12 31.58
N GLY I 158 -14.29 -50.18 30.26
CA GLY I 158 -15.26 -50.99 29.57
C GLY I 158 -16.16 -50.19 28.65
N SER I 159 -16.55 -49.00 29.08
CA SER I 159 -17.42 -48.14 28.29
C SER I 159 -17.21 -46.70 28.75
N PHE I 160 -18.09 -45.81 28.29
CA PHE I 160 -18.11 -44.41 28.70
C PHE I 160 -18.96 -44.17 29.94
N THR I 161 -19.43 -45.24 30.58
CA THR I 161 -20.30 -45.10 31.73
C THR I 161 -19.50 -44.73 32.97
N LEU I 162 -19.91 -43.65 33.63
CA LEU I 162 -19.22 -43.17 34.82
C LEU I 162 -19.46 -44.08 36.03
N SER I 163 -20.61 -44.73 36.12
CA SER I 163 -20.88 -45.60 37.26
C SER I 163 -20.18 -46.94 37.14
N THR I 164 -19.79 -47.34 35.93
CA THR I 164 -18.96 -48.52 35.73
C THR I 164 -17.55 -48.30 36.29
N LEU I 165 -17.12 -47.04 36.35
CA LEU I 165 -15.78 -46.70 36.82
C LEU I 165 -15.62 -46.92 38.31
N ILE I 166 -16.72 -47.02 39.07
CA ILE I 166 -16.63 -47.41 40.46
C ILE I 166 -16.44 -48.92 40.59
N ILE I 167 -17.14 -49.68 39.75
CA ILE I 167 -17.02 -51.14 39.71
C ILE I 167 -15.62 -51.54 39.28
N THR I 168 -15.04 -50.79 38.34
CA THR I 168 -13.72 -51.09 37.80
C THR I 168 -12.63 -50.97 38.87
N GLN I 169 -12.78 -50.05 39.82
CA GLN I 169 -11.74 -49.78 40.79
C GLN I 169 -12.06 -50.34 42.17
N GLU I 170 -12.77 -51.48 42.24
CA GLU I 170 -13.09 -52.07 43.54
C GLU I 170 -11.87 -52.74 44.17
N GLN I 171 -11.06 -53.41 43.36
CA GLN I 171 -9.93 -54.16 43.88
C GLN I 171 -8.68 -53.32 44.04
N VAL I 172 -8.57 -52.21 43.32
CA VAL I 172 -7.33 -51.46 43.23
C VAL I 172 -7.67 -50.06 42.71
N TRP I 173 -6.93 -49.07 43.17
CA TRP I 173 -7.04 -47.74 42.57
C TRP I 173 -6.46 -47.79 41.16
N LEU I 174 -7.05 -47.01 40.27
CA LEU I 174 -6.63 -47.06 38.88
C LEU I 174 -5.44 -46.14 38.62
N ILE I 175 -4.96 -45.46 39.66
CA ILE I 175 -3.67 -44.77 39.60
C ILE I 175 -2.53 -45.78 39.64
N PHE I 176 -2.78 -47.02 40.06
CA PHE I 176 -1.72 -48.03 40.05
C PHE I 176 -1.33 -48.48 38.63
N PRO I 177 -2.25 -48.86 37.73
CA PRO I 177 -1.79 -49.18 36.38
C PRO I 177 -1.61 -47.96 35.47
N ALA I 178 -1.97 -46.76 35.93
CA ALA I 178 -2.04 -45.62 35.03
C ALA I 178 -1.53 -44.33 35.66
N TRP I 179 -0.56 -44.42 36.57
CA TRP I 179 0.02 -43.20 37.13
C TRP I 179 0.70 -42.25 36.14
N PRO I 180 1.29 -42.65 35.00
CA PRO I 180 1.75 -41.60 34.07
C PRO I 180 0.58 -40.89 33.41
N LEU I 181 -0.46 -41.64 33.04
CA LEU I 181 -1.72 -41.05 32.64
C LEU I 181 -2.31 -40.18 33.73
N ALA I 182 -2.16 -40.60 35.00
CA ALA I 182 -2.77 -39.85 36.09
C ALA I 182 -2.04 -38.53 36.34
N MET I 183 -0.71 -38.53 36.25
CA MET I 183 0.02 -37.30 36.48
C MET I 183 -0.12 -36.34 35.30
N MET I 184 -0.13 -36.85 34.06
CA MET I 184 -0.37 -35.98 32.92
C MET I 184 -1.83 -35.50 32.89
N TRP I 185 -2.76 -36.32 33.37
CA TRP I 185 -4.15 -35.92 33.50
C TRP I 185 -4.33 -34.82 34.51
N PHE I 186 -3.69 -34.96 35.68
CA PHE I 186 -3.82 -33.96 36.73
C PHE I 186 -3.22 -32.62 36.29
N ILE I 187 -2.08 -32.65 35.59
CA ILE I 187 -1.48 -31.42 35.12
C ILE I 187 -2.28 -30.83 33.95
N SER I 188 -2.91 -31.66 33.13
CA SER I 188 -3.72 -31.13 32.04
C SER I 188 -5.04 -30.56 32.53
N THR I 189 -5.66 -31.17 33.56
CA THR I 189 -6.81 -30.56 34.23
C THR I 189 -6.42 -29.25 34.91
N LEU I 190 -5.19 -29.18 35.42
CA LEU I 190 -4.68 -27.93 35.97
C LEU I 190 -4.58 -26.85 34.89
N ALA I 191 -4.13 -27.24 33.69
CA ALA I 191 -4.04 -26.30 32.58
C ALA I 191 -5.36 -26.02 31.89
N GLU I 192 -6.41 -26.81 32.18
CA GLU I 192 -7.72 -26.59 31.57
C GLU I 192 -8.45 -25.40 32.16
N THR I 193 -8.23 -25.10 33.43
CA THR I 193 -9.06 -24.15 34.14
C THR I 193 -8.35 -22.84 34.41
N ASN I 194 -7.27 -22.56 33.66
CA ASN I 194 -6.44 -21.36 33.77
C ASN I 194 -5.91 -21.20 35.20
N ARG I 195 -5.30 -22.26 35.70
CA ARG I 195 -4.90 -22.35 37.09
C ARG I 195 -3.38 -22.39 37.14
N ALA I 196 -2.80 -21.74 38.15
CA ALA I 196 -1.36 -21.60 38.23
C ALA I 196 -0.69 -22.95 38.47
N PRO I 197 0.44 -23.25 37.80
CA PRO I 197 1.27 -22.38 36.96
C PRO I 197 0.88 -22.22 35.49
N PHE I 198 -0.37 -22.49 35.12
CA PHE I 198 -0.79 -22.40 33.73
C PHE I 198 -1.70 -21.21 33.48
N ASP I 199 -1.91 -20.37 34.48
CA ASP I 199 -2.74 -19.18 34.29
C ASP I 199 -1.99 -18.12 33.49
N LEU I 200 -2.67 -17.55 32.51
CA LEU I 200 -2.18 -16.39 31.78
C LEU I 200 -3.19 -15.26 31.83
N THR I 201 -4.15 -15.34 32.75
CA THR I 201 -5.30 -14.45 32.82
C THR I 201 -5.11 -13.27 33.75
N GLU I 202 -3.89 -12.99 34.20
CA GLU I 202 -3.65 -11.81 35.01
C GLU I 202 -2.51 -10.93 34.51
N GLY I 203 -1.48 -11.50 33.89
CA GLY I 203 -0.31 -10.74 33.51
C GLY I 203 0.30 -11.23 32.21
N GLU I 204 1.06 -10.33 31.59
CA GLU I 204 1.80 -10.64 30.37
C GLU I 204 2.89 -11.67 30.59
N SER I 209 -2.66 -9.48 31.25
CA SER I 209 -4.07 -9.25 31.50
C SER I 209 -4.93 -10.12 30.59
N GLY I 210 -5.98 -10.70 31.17
CA GLY I 210 -6.75 -11.73 30.51
C GLY I 210 -8.05 -11.23 29.89
N PHE I 211 -9.03 -12.13 29.87
CA PHE I 211 -10.26 -11.89 29.13
C PHE I 211 -11.30 -11.16 29.98
N ASN I 212 -11.48 -11.60 31.23
CA ASN I 212 -12.58 -11.16 32.07
C ASN I 212 -12.31 -9.82 32.78
N VAL I 213 -11.23 -9.12 32.40
CA VAL I 213 -10.98 -7.80 32.96
C VAL I 213 -12.03 -6.79 32.52
N GLU I 214 -12.68 -7.00 31.38
CA GLU I 214 -13.80 -6.13 30.99
C GLU I 214 -15.00 -6.35 31.90
N TYR I 215 -15.14 -7.55 32.46
CA TYR I 215 -16.21 -7.80 33.42
C TYR I 215 -15.81 -7.24 34.77
N ALA I 216 -16.55 -6.24 35.22
CA ALA I 216 -16.18 -5.49 36.42
C ALA I 216 -17.21 -5.76 37.49
N ALA I 217 -16.97 -6.82 38.26
CA ALA I 217 -17.49 -7.03 39.60
C ALA I 217 -18.99 -7.35 39.69
N GLY I 218 -19.73 -7.27 38.60
CA GLY I 218 -21.12 -7.66 38.65
C GLY I 218 -21.34 -9.10 38.24
N PRO I 219 -20.97 -9.44 37.00
CA PRO I 219 -20.90 -10.85 36.57
C PRO I 219 -19.51 -11.47 36.70
N PHE I 220 -18.54 -10.71 37.21
CA PHE I 220 -17.24 -11.29 37.49
C PHE I 220 -17.33 -12.35 38.58
N ALA I 221 -18.25 -12.15 39.54
CA ALA I 221 -18.54 -13.18 40.53
C ALA I 221 -19.07 -14.45 39.89
N LEU I 222 -19.89 -14.31 38.85
CA LEU I 222 -20.49 -15.46 38.20
C LEU I 222 -19.49 -16.21 37.34
N PHE I 223 -18.65 -15.49 36.59
CA PHE I 223 -17.51 -16.10 35.89
C PHE I 223 -16.60 -16.84 36.85
N PHE I 224 -16.22 -16.17 37.94
CA PHE I 224 -15.33 -16.75 38.93
C PHE I 224 -15.92 -17.99 39.56
N MET I 225 -17.21 -17.97 39.88
CA MET I 225 -17.80 -19.12 40.55
C MET I 225 -18.06 -20.26 39.58
N ALA I 226 -18.28 -19.98 38.30
CA ALA I 226 -18.31 -21.05 37.32
C ALA I 226 -16.92 -21.63 37.08
N GLU I 227 -15.89 -20.80 37.19
CA GLU I 227 -14.52 -21.28 37.07
C GLU I 227 -14.14 -22.21 38.22
N TYR I 228 -14.48 -21.82 39.45
CA TYR I 228 -14.20 -22.72 40.56
C TYR I 228 -15.15 -23.91 40.63
N ALA I 229 -16.36 -23.80 40.06
CA ALA I 229 -17.20 -24.97 39.91
C ALA I 229 -16.56 -25.98 38.96
N ASN I 230 -15.97 -25.48 37.88
CA ASN I 230 -15.20 -26.34 36.99
C ASN I 230 -13.99 -26.95 37.68
N ILE I 231 -13.35 -26.20 38.58
CA ILE I 231 -12.18 -26.71 39.30
C ILE I 231 -12.56 -27.86 40.24
N ILE I 232 -13.60 -27.67 41.07
CA ILE I 232 -14.05 -28.73 41.96
C ILE I 232 -14.60 -29.90 41.16
N MET I 233 -15.21 -29.62 40.01
CA MET I 233 -15.72 -30.67 39.14
C MET I 233 -14.60 -31.53 38.57
N MET I 234 -13.53 -30.90 38.07
CA MET I 234 -12.42 -31.69 37.55
C MET I 234 -11.69 -32.42 38.66
N ASN I 235 -11.74 -31.90 39.89
CA ASN I 235 -11.17 -32.64 41.01
C ASN I 235 -11.99 -33.87 41.35
N ILE I 236 -13.33 -33.75 41.35
CA ILE I 236 -14.18 -34.91 41.57
C ILE I 236 -14.09 -35.90 40.41
N PHE I 237 -13.87 -35.40 39.20
CA PHE I 237 -13.77 -36.28 38.05
C PHE I 237 -12.45 -37.04 38.04
N THR I 238 -11.35 -36.39 38.42
CA THR I 238 -10.09 -37.08 38.63
C THR I 238 -10.15 -38.05 39.81
N THR I 239 -10.92 -37.70 40.84
CA THR I 239 -11.11 -38.57 41.99
C THR I 239 -11.86 -39.84 41.62
N THR I 240 -13.00 -39.70 40.95
CA THR I 240 -13.74 -40.83 40.42
C THR I 240 -12.92 -41.61 39.40
N LEU I 241 -12.04 -40.93 38.68
CA LEU I 241 -11.36 -41.52 37.55
C LEU I 241 -10.18 -42.38 37.99
N PHE I 242 -9.38 -41.90 38.94
CA PHE I 242 -8.18 -42.62 39.37
C PHE I 242 -8.21 -43.10 40.81
N LEU I 243 -8.93 -42.43 41.70
CA LEU I 243 -8.91 -42.74 43.12
C LEU I 243 -10.27 -43.23 43.59
N GLY I 244 -10.87 -44.14 42.82
CA GLY I 244 -12.23 -44.55 43.10
C GLY I 244 -12.32 -45.36 44.38
N ALA I 245 -13.44 -45.22 45.06
CA ALA I 245 -13.55 -45.56 46.47
C ALA I 245 -14.40 -46.80 46.67
N PHE I 246 -14.41 -47.27 47.92
CA PHE I 246 -15.28 -48.36 48.33
C PHE I 246 -16.73 -47.92 48.22
N HIS I 247 -17.57 -48.82 47.73
CA HIS I 247 -19.00 -48.58 47.61
C HIS I 247 -19.74 -49.73 48.26
N ASN I 248 -20.36 -49.47 49.41
CA ASN I 248 -21.35 -50.38 49.96
C ASN I 248 -22.71 -49.97 49.41
N PRO I 249 -23.41 -50.84 48.67
CA PRO I 249 -24.72 -50.45 48.12
C PRO I 249 -25.78 -50.25 49.18
N TYR I 250 -25.61 -50.79 50.37
CA TYR I 250 -26.54 -50.57 51.46
C TYR I 250 -26.20 -49.32 52.26
N MET I 251 -24.92 -48.91 52.29
CA MET I 251 -24.47 -47.70 52.97
C MET I 251 -23.76 -46.81 51.96
N PRO I 252 -24.51 -46.01 51.19
CA PRO I 252 -23.89 -45.17 50.16
C PRO I 252 -23.07 -44.01 50.72
N GLU I 253 -23.29 -43.64 51.98
CA GLU I 253 -22.58 -42.52 52.57
C GLU I 253 -21.12 -42.82 52.86
N LEU I 254 -20.71 -44.08 52.87
CA LEU I 254 -19.28 -44.37 52.99
C LEU I 254 -18.53 -43.95 51.74
N TYR I 255 -19.11 -44.24 50.56
CA TYR I 255 -18.55 -43.74 49.32
C TYR I 255 -18.65 -42.23 49.25
N THR I 256 -19.74 -41.66 49.77
CA THR I 256 -19.88 -40.21 49.71
C THR I 256 -18.82 -39.51 50.58
N ILE I 257 -18.54 -40.05 51.76
CA ILE I 257 -17.49 -39.49 52.59
C ILE I 257 -16.12 -39.73 51.98
N ASN I 258 -15.91 -40.88 51.37
CA ASN I 258 -14.57 -41.20 50.84
C ASN I 258 -14.24 -40.37 49.62
N PHE I 259 -15.19 -40.23 48.68
CA PHE I 259 -14.90 -39.42 47.49
C PHE I 259 -14.85 -37.94 47.88
N THR I 260 -15.60 -37.52 48.92
CA THR I 260 -15.56 -36.14 49.34
C THR I 260 -14.20 -35.78 49.93
N ILE I 261 -13.64 -36.64 50.78
CA ILE I 261 -12.35 -36.33 51.39
C ILE I 261 -11.23 -36.39 50.35
N LYS I 262 -11.31 -37.34 49.41
CA LYS I 262 -10.31 -37.41 48.35
C LYS I 262 -10.38 -36.19 47.44
N SER I 263 -11.60 -35.71 47.14
CA SER I 263 -11.74 -34.52 46.30
C SER I 263 -11.31 -33.25 47.01
N LEU I 264 -11.54 -33.16 48.33
CA LEU I 264 -11.05 -32.01 49.09
C LEU I 264 -9.53 -31.99 49.10
N LEU I 265 -8.90 -33.15 49.32
CA LEU I 265 -7.44 -33.19 49.29
C LEU I 265 -6.88 -32.88 47.92
N LEU I 266 -7.60 -33.26 46.85
CA LEU I 266 -7.11 -32.97 45.52
C LEU I 266 -7.28 -31.49 45.16
N SER I 267 -8.35 -30.85 45.65
CA SER I 267 -8.49 -29.41 45.46
C SER I 267 -7.46 -28.64 46.27
N ILE I 268 -7.14 -29.13 47.47
CA ILE I 268 -6.04 -28.55 48.24
C ILE I 268 -4.70 -28.75 47.53
N THR I 269 -4.56 -29.84 46.77
CA THR I 269 -3.37 -30.02 45.94
C THR I 269 -3.32 -29.00 44.81
N PHE I 270 -4.47 -28.63 44.25
CA PHE I 270 -4.51 -27.48 43.31
C PHE I 270 -4.06 -26.18 43.98
N LEU I 271 -4.60 -25.90 45.16
CA LEU I 271 -4.27 -24.67 45.89
C LEU I 271 -2.79 -24.64 46.29
N TRP I 272 -2.23 -25.80 46.56
CA TRP I 272 -0.87 -25.97 47.03
C TRP I 272 0.14 -26.00 45.88
N ILE I 273 -0.29 -26.41 44.69
CA ILE I 273 0.54 -26.25 43.51
C ILE I 273 0.57 -24.78 43.08
N ARG I 274 -0.56 -24.07 43.19
CA ARG I 274 -0.54 -22.68 42.71
C ARG I 274 0.26 -21.77 43.61
N ALA I 275 0.43 -22.11 44.89
CA ALA I 275 1.25 -21.33 45.80
C ALA I 275 2.67 -21.88 45.93
N SER I 276 3.19 -22.50 44.88
CA SER I 276 4.54 -23.07 44.95
C SER I 276 5.41 -22.68 43.77
N TYR I 277 4.80 -22.45 42.61
CA TYR I 277 5.57 -22.37 41.39
C TYR I 277 5.31 -21.07 40.65
N PRO I 278 6.27 -20.58 39.88
CA PRO I 278 6.02 -19.45 38.99
C PRO I 278 5.28 -19.89 37.73
N ARG I 279 4.73 -18.91 37.03
CA ARG I 279 3.94 -19.18 35.86
C ARG I 279 4.81 -19.62 34.68
N PHE I 280 4.27 -20.51 33.87
CA PHE I 280 4.89 -20.79 32.58
C PHE I 280 4.78 -19.58 31.67
N ARG I 281 5.80 -19.39 30.84
CA ARG I 281 5.64 -18.58 29.65
C ARG I 281 4.72 -19.34 28.70
N TYR I 282 4.01 -18.60 27.84
CA TYR I 282 2.94 -19.19 27.05
C TYR I 282 3.45 -20.23 26.05
N ASP I 283 4.58 -19.93 25.40
CA ASP I 283 5.21 -20.92 24.55
C ASP I 283 5.76 -22.10 25.34
N GLN I 284 6.05 -21.92 26.62
CA GLN I 284 6.58 -23.03 27.40
C GLN I 284 5.51 -24.05 27.74
N LEU I 285 4.26 -23.63 27.96
CA LEU I 285 3.22 -24.63 28.14
C LEU I 285 2.64 -25.12 26.82
N MET I 286 2.74 -24.34 25.75
CA MET I 286 2.56 -24.93 24.42
C MET I 286 3.59 -26.01 24.16
N HIS I 287 4.84 -25.78 24.57
CA HIS I 287 5.89 -26.78 24.48
C HIS I 287 5.55 -28.00 25.33
N LEU I 288 5.15 -27.76 26.58
CA LEU I 288 4.78 -28.82 27.52
C LEU I 288 3.64 -29.68 27.01
N LEU I 289 2.66 -29.07 26.33
CA LEU I 289 1.65 -29.90 25.70
C LEU I 289 2.23 -30.65 24.52
N TRP I 290 2.59 -29.91 23.46
CA TRP I 290 2.72 -30.50 22.14
C TRP I 290 3.97 -31.36 22.02
N LYS I 291 5.07 -30.97 22.64
CA LYS I 291 6.32 -31.69 22.49
C LYS I 291 6.61 -32.64 23.64
N ASN I 292 5.91 -32.51 24.77
CA ASN I 292 6.17 -33.33 25.94
C ASN I 292 5.01 -34.25 26.29
N PHE I 293 3.81 -33.71 26.50
CA PHE I 293 2.75 -34.55 27.04
C PHE I 293 2.14 -35.43 25.96
N LEU I 294 1.93 -34.88 24.77
CA LEU I 294 1.30 -35.56 23.66
C LEU I 294 2.09 -36.75 23.09
N PRO I 295 3.44 -36.73 22.97
CA PRO I 295 4.12 -37.98 22.58
C PRO I 295 3.98 -39.10 23.60
N LEU I 296 4.13 -38.80 24.89
CA LEU I 296 3.86 -39.81 25.92
C LEU I 296 2.40 -40.19 25.96
N THR I 297 1.50 -39.27 25.63
CA THR I 297 0.08 -39.60 25.65
C THR I 297 -0.26 -40.57 24.52
N LEU I 298 0.31 -40.36 23.33
CA LEU I 298 0.09 -41.29 22.23
C LEU I 298 0.77 -42.63 22.47
N ALA I 299 1.96 -42.61 23.08
CA ALA I 299 2.66 -43.85 23.38
C ALA I 299 1.90 -44.68 24.42
N LEU I 300 1.41 -44.04 25.47
CA LEU I 300 0.59 -44.74 26.44
C LEU I 300 -0.78 -45.08 25.91
N CYS I 301 -1.25 -44.39 24.86
CA CYS I 301 -2.51 -44.77 24.24
C CYS I 301 -2.34 -46.05 23.43
N MET I 302 -1.23 -46.18 22.72
CA MET I 302 -0.89 -47.46 22.08
C MET I 302 -0.67 -48.56 23.13
N TRP I 303 -0.07 -48.19 24.26
CA TRP I 303 0.18 -49.17 25.32
C TRP I 303 -1.12 -49.66 25.94
N HIS I 304 -2.07 -48.76 26.17
CA HIS I 304 -3.34 -49.14 26.78
C HIS I 304 -4.36 -49.61 25.74
N VAL I 305 -4.04 -49.55 24.46
CA VAL I 305 -4.77 -50.36 23.50
C VAL I 305 -4.26 -51.79 23.50
N SER I 306 -2.94 -51.96 23.45
CA SER I 306 -2.37 -53.31 23.31
C SER I 306 -2.41 -54.11 24.60
N LEU I 307 -2.37 -53.46 25.75
CA LEU I 307 -2.21 -54.10 27.04
C LEU I 307 -3.42 -54.89 27.55
N PRO I 308 -4.69 -54.44 27.39
CA PRO I 308 -5.79 -55.36 27.70
C PRO I 308 -5.92 -56.53 26.76
N ILE I 309 -5.30 -56.46 25.58
CA ILE I 309 -5.32 -57.61 24.67
C ILE I 309 -4.21 -58.59 25.01
N LEU I 310 -3.01 -58.09 25.29
CA LEU I 310 -1.87 -58.99 25.49
C LEU I 310 -1.85 -59.64 26.88
N LEU I 311 -2.69 -59.20 27.82
CA LEU I 311 -2.77 -59.84 29.12
C LEU I 311 -4.13 -60.41 29.43
N SER I 312 -4.99 -60.54 28.41
CA SER I 312 -6.36 -61.10 28.53
C SER I 312 -7.19 -60.32 29.54
N SER I 313 -7.02 -59.00 29.57
CA SER I 313 -7.68 -58.18 30.56
C SER I 313 -8.59 -57.14 29.91
N ILE I 314 -9.40 -57.56 28.95
CA ILE I 314 -10.37 -56.67 28.34
C ILE I 314 -11.56 -56.53 29.29
N PRO I 315 -11.92 -55.31 29.66
CA PRO I 315 -13.05 -55.10 30.57
C PRO I 315 -14.36 -55.43 29.88
N PRO I 316 -15.41 -55.72 30.65
CA PRO I 316 -16.71 -56.00 30.02
C PRO I 316 -17.38 -54.75 29.49
N GLN I 317 -18.16 -54.94 28.44
CA GLN I 317 -18.95 -53.85 27.86
C GLN I 317 -20.04 -53.40 28.81
N THR I 318 -20.80 -54.34 29.36
CA THR I 318 -21.95 -54.00 30.18
C THR I 318 -21.55 -53.85 31.65
N MET J 1 -48.54 -32.19 22.22
CA MET J 1 -47.37 -31.35 22.06
C MET J 1 -46.10 -32.08 22.50
N MET J 2 -46.20 -32.89 23.56
CA MET J 2 -45.03 -33.56 24.09
C MET J 2 -44.57 -34.72 23.20
N THR J 3 -45.48 -35.26 22.38
CA THR J 3 -45.12 -36.26 21.39
C THR J 3 -44.41 -35.68 20.17
N TYR J 4 -44.22 -34.36 20.12
CA TYR J 4 -43.73 -33.64 18.96
C TYR J 4 -42.36 -32.99 19.21
N ILE J 5 -41.53 -33.59 20.06
CA ILE J 5 -40.33 -32.89 20.49
C ILE J 5 -39.27 -32.87 19.38
N VAL J 6 -39.19 -33.94 18.57
CA VAL J 6 -38.29 -33.96 17.42
C VAL J 6 -38.74 -32.94 16.39
N PHE J 7 -40.06 -32.82 16.19
CA PHE J 7 -40.58 -31.87 15.22
C PHE J 7 -40.40 -30.43 15.66
N ILE J 8 -40.59 -30.14 16.96
CA ILE J 8 -40.47 -28.78 17.45
C ILE J 8 -39.00 -28.35 17.49
N LEU J 9 -38.10 -29.28 17.85
CA LEU J 9 -36.68 -28.99 17.69
C LEU J 9 -36.29 -28.82 16.22
N SER J 10 -36.98 -29.50 15.30
CA SER J 10 -36.69 -29.29 13.89
C SER J 10 -37.18 -27.94 13.40
N ILE J 11 -38.31 -27.46 13.93
CA ILE J 11 -38.78 -26.11 13.59
C ILE J 11 -37.80 -25.06 14.11
N ILE J 12 -37.32 -25.24 15.34
CA ILE J 12 -36.29 -24.34 15.87
C ILE J 12 -34.99 -24.45 15.06
N PHE J 13 -34.70 -25.63 14.52
CA PHE J 13 -33.52 -25.84 13.68
C PHE J 13 -33.61 -25.06 12.37
N VAL J 14 -34.78 -25.11 11.72
CA VAL J 14 -34.99 -24.33 10.49
C VAL J 14 -34.94 -22.84 10.80
N MET J 15 -35.56 -22.43 11.90
CA MET J 15 -35.58 -21.01 12.29
C MET J 15 -34.17 -20.51 12.59
N GLY J 16 -33.35 -21.34 13.21
CA GLY J 16 -31.97 -20.97 13.47
C GLY J 16 -31.12 -20.92 12.22
N PHE J 17 -31.38 -21.80 11.25
CA PHE J 17 -30.64 -21.68 9.99
C PHE J 17 -31.03 -20.43 9.22
N VAL J 18 -32.31 -20.04 9.26
CA VAL J 18 -32.70 -18.76 8.69
C VAL J 18 -32.07 -17.62 9.47
N GLY J 19 -31.92 -17.80 10.79
CA GLY J 19 -31.33 -16.77 11.63
C GLY J 19 -29.87 -16.48 11.31
N PHE J 20 -29.06 -17.53 11.14
CA PHE J 20 -27.67 -17.18 10.86
C PHE J 20 -27.42 -16.99 9.37
N SER J 21 -28.07 -17.76 8.51
CA SER J 21 -27.73 -17.75 7.09
C SER J 21 -28.22 -16.51 6.35
N SER J 22 -29.01 -15.65 7.00
CA SER J 22 -29.26 -14.32 6.46
C SER J 22 -28.06 -13.39 6.65
N LYS J 23 -27.04 -13.84 7.39
CA LYS J 23 -25.69 -13.29 7.47
C LYS J 23 -25.62 -11.85 7.94
N PRO J 24 -25.89 -11.56 9.24
CA PRO J 24 -25.63 -10.21 9.74
C PRO J 24 -24.15 -9.86 9.75
N SER J 25 -23.34 -10.77 10.27
CA SER J 25 -21.91 -10.65 10.51
C SER J 25 -21.47 -12.05 10.90
N PRO J 26 -20.21 -12.43 10.65
CA PRO J 26 -19.79 -13.81 10.95
C PRO J 26 -19.80 -14.17 12.43
N ILE J 27 -19.79 -13.17 13.33
CA ILE J 27 -19.84 -13.45 14.76
C ILE J 27 -21.21 -13.97 15.16
N TYR J 28 -22.26 -13.21 14.82
CA TYR J 28 -23.62 -13.65 15.13
C TYR J 28 -24.05 -14.83 14.27
N GLY J 29 -23.47 -14.95 13.07
CA GLY J 29 -23.72 -16.14 12.27
C GLY J 29 -23.12 -17.38 12.89
N GLY J 30 -21.91 -17.27 13.46
CA GLY J 30 -21.36 -18.35 14.23
C GLY J 30 -22.20 -18.70 15.44
N LEU J 31 -22.73 -17.68 16.11
CA LEU J 31 -23.62 -17.89 17.26
C LEU J 31 -24.87 -18.66 16.88
N GLY J 32 -25.53 -18.22 15.80
CA GLY J 32 -26.73 -18.90 15.34
C GLY J 32 -26.48 -20.30 14.85
N LEU J 33 -25.33 -20.54 14.21
CA LEU J 33 -24.97 -21.89 13.80
C LEU J 33 -24.67 -22.79 15.00
N ILE J 34 -24.12 -22.23 16.09
CA ILE J 34 -23.89 -23.01 17.31
C ILE J 34 -25.22 -23.41 17.96
N VAL J 35 -26.14 -22.46 18.07
CA VAL J 35 -27.45 -22.77 18.67
C VAL J 35 -28.23 -23.75 17.80
N SER J 36 -28.08 -23.62 16.48
CA SER J 36 -28.74 -24.55 15.56
C SER J 36 -28.12 -25.93 15.62
N GLY J 37 -26.79 -26.01 15.79
CA GLY J 37 -26.16 -27.31 15.98
C GLY J 37 -26.57 -27.98 17.27
N GLY J 38 -26.82 -27.18 18.31
CA GLY J 38 -27.36 -27.74 19.54
C GLY J 38 -28.76 -28.32 19.37
N VAL J 39 -29.65 -27.60 18.68
CA VAL J 39 -31.00 -28.15 18.58
C VAL J 39 -31.08 -29.30 17.57
N GLY J 40 -30.26 -29.29 16.51
CA GLY J 40 -30.17 -30.46 15.65
C GLY J 40 -29.55 -31.66 16.36
N CYS J 41 -28.62 -31.40 17.27
CA CYS J 41 -28.14 -32.45 18.15
C CYS J 41 -29.26 -33.02 19.01
N GLY J 42 -30.15 -32.16 19.50
CA GLY J 42 -31.31 -32.66 20.24
C GLY J 42 -32.22 -33.53 19.40
N ILE J 43 -32.39 -33.18 18.12
CA ILE J 43 -33.10 -34.02 17.15
C ILE J 43 -32.45 -35.39 17.05
N VAL J 44 -31.12 -35.42 16.97
CA VAL J 44 -30.39 -36.69 16.90
C VAL J 44 -30.54 -37.50 18.19
N LEU J 45 -30.41 -36.84 19.34
CA LEU J 45 -30.46 -37.50 20.63
C LEU J 45 -31.83 -38.09 20.92
N ASN J 46 -32.89 -37.52 20.37
CA ASN J 46 -34.21 -38.08 20.63
C ASN J 46 -34.55 -39.28 19.75
N PHE J 47 -33.61 -39.79 18.93
CA PHE J 47 -33.79 -41.08 18.27
C PHE J 47 -32.88 -42.15 18.86
N GLY J 48 -32.24 -41.88 19.99
CA GLY J 48 -31.27 -42.80 20.52
C GLY J 48 -29.89 -42.73 19.90
N GLY J 49 -29.59 -41.66 19.16
CA GLY J 49 -28.27 -41.46 18.63
C GLY J 49 -27.40 -40.73 19.63
N SER J 50 -27.08 -41.38 20.75
CA SER J 50 -26.37 -40.71 21.83
C SER J 50 -24.92 -40.42 21.45
N PHE J 51 -24.27 -41.37 20.79
CA PHE J 51 -22.88 -41.13 20.40
C PHE J 51 -22.78 -40.10 19.30
N LEU J 52 -23.73 -40.08 18.36
CA LEU J 52 -23.65 -39.10 17.28
C LEU J 52 -24.04 -37.71 17.73
N GLY J 53 -24.94 -37.61 18.71
CA GLY J 53 -25.22 -36.32 19.31
C GLY J 53 -24.05 -35.81 20.13
N LEU J 54 -23.38 -36.71 20.86
CA LEU J 54 -22.18 -36.28 21.54
C LEU J 54 -21.04 -36.02 20.58
N MET J 55 -21.07 -36.59 19.37
CA MET J 55 -20.09 -36.20 18.37
C MET J 55 -20.38 -34.82 17.80
N VAL J 56 -21.67 -34.44 17.71
CA VAL J 56 -22.01 -33.03 17.44
C VAL J 56 -21.38 -32.13 18.48
N PHE J 57 -21.77 -32.33 19.76
CA PHE J 57 -21.35 -31.43 20.84
C PHE J 57 -19.85 -31.41 21.05
N LEU J 58 -19.20 -32.57 21.02
CA LEU J 58 -17.75 -32.58 21.14
C LEU J 58 -17.11 -32.05 19.87
N ILE J 59 -17.22 -32.79 18.77
CA ILE J 59 -16.38 -32.54 17.61
C ILE J 59 -16.81 -31.27 16.91
N TYR J 60 -18.07 -31.20 16.47
CA TYR J 60 -18.59 -30.09 15.68
C TYR J 60 -18.51 -28.79 16.44
N LEU J 61 -19.23 -28.70 17.55
CA LEU J 61 -19.25 -27.45 18.31
C LEU J 61 -17.94 -27.22 19.08
N GLY J 62 -17.49 -28.16 19.90
CA GLY J 62 -16.34 -27.90 20.74
C GLY J 62 -14.99 -27.88 20.04
N GLY J 63 -14.88 -28.44 18.83
CA GLY J 63 -13.69 -28.17 18.06
C GLY J 63 -13.84 -27.25 16.87
N MET J 64 -14.78 -27.55 15.96
CA MET J 64 -14.71 -26.90 14.66
C MET J 64 -15.32 -25.51 14.71
N MET J 65 -16.46 -25.36 15.38
CA MET J 65 -17.04 -24.04 15.54
C MET J 65 -16.22 -23.17 16.49
N VAL J 66 -15.47 -23.78 17.40
CA VAL J 66 -14.47 -23.05 18.18
C VAL J 66 -13.39 -22.49 17.25
N VAL J 67 -12.94 -23.30 16.29
CA VAL J 67 -11.96 -22.81 15.31
C VAL J 67 -12.55 -21.74 14.40
N PHE J 68 -13.84 -21.85 14.06
CA PHE J 68 -14.50 -20.82 13.25
C PHE J 68 -14.59 -19.49 14.00
N GLY J 69 -15.02 -19.53 15.26
CA GLY J 69 -15.03 -18.32 16.06
C GLY J 69 -13.64 -17.79 16.38
N TYR J 70 -12.66 -18.70 16.45
CA TYR J 70 -11.27 -18.33 16.67
C TYR J 70 -10.74 -17.53 15.49
N THR J 71 -11.00 -18.00 14.27
CA THR J 71 -10.57 -17.32 13.07
C THR J 71 -11.37 -16.05 12.84
N THR J 72 -12.65 -16.04 13.21
CA THR J 72 -13.47 -14.84 13.15
C THR J 72 -12.96 -13.78 14.11
N ALA J 73 -12.41 -14.19 15.25
CA ALA J 73 -11.84 -13.26 16.21
C ALA J 73 -10.58 -12.59 15.67
N MET J 74 -9.92 -13.20 14.70
CA MET J 74 -8.61 -12.75 14.25
C MET J 74 -8.66 -12.08 12.88
N ALA J 75 -9.29 -12.75 11.90
CA ALA J 75 -9.34 -12.22 10.54
C ALA J 75 -10.20 -10.97 10.47
N THR J 76 -11.27 -10.93 11.25
CA THR J 76 -12.18 -9.79 11.24
C THR J 76 -12.60 -9.43 12.67
N ASN J 86 -27.96 -4.51 9.33
CA ASN J 86 -28.42 -4.11 8.00
C ASN J 86 -29.88 -4.50 7.79
N LYS J 87 -30.56 -3.76 6.90
CA LYS J 87 -31.98 -4.02 6.63
C LYS J 87 -32.17 -5.34 5.88
N VAL J 88 -31.20 -5.72 5.05
CA VAL J 88 -31.29 -6.93 4.24
C VAL J 88 -31.37 -8.17 5.13
N VAL J 89 -30.64 -8.13 6.26
CA VAL J 89 -30.59 -9.26 7.17
C VAL J 89 -31.94 -9.49 7.84
N LEU J 90 -32.51 -8.43 8.43
CA LEU J 90 -33.81 -8.55 9.10
C LEU J 90 -34.92 -8.85 8.09
N GLY J 91 -34.83 -8.27 6.90
CA GLY J 91 -35.87 -8.50 5.89
C GLY J 91 -35.88 -9.92 5.36
N THR J 92 -34.72 -10.45 4.98
CA THR J 92 -34.67 -11.83 4.50
C THR J 92 -34.88 -12.82 5.64
N PHE J 93 -34.49 -12.43 6.85
CA PHE J 93 -34.80 -13.19 8.07
C PHE J 93 -36.31 -13.36 8.24
N ILE J 94 -37.06 -12.26 8.25
CA ILE J 94 -38.50 -12.38 8.47
C ILE J 94 -39.19 -12.96 7.24
N THR J 95 -38.59 -12.84 6.05
CA THR J 95 -39.13 -13.52 4.87
C THR J 95 -39.06 -15.03 5.02
N GLY J 96 -37.91 -15.54 5.48
CA GLY J 96 -37.78 -16.97 5.73
C GLY J 96 -38.66 -17.45 6.87
N LEU J 97 -38.81 -16.61 7.92
CA LEU J 97 -39.70 -16.95 9.02
C LEU J 97 -41.16 -16.99 8.58
N LEU J 98 -41.56 -16.08 7.69
CA LEU J 98 -42.91 -16.11 7.13
C LEU J 98 -43.13 -17.36 6.29
N MET J 99 -42.17 -17.69 5.41
CA MET J 99 -42.28 -18.90 4.59
C MET J 99 -42.38 -20.16 5.45
N GLU J 100 -41.58 -20.21 6.52
CA GLU J 100 -41.57 -21.41 7.36
C GLU J 100 -42.84 -21.54 8.19
N PHE J 101 -43.31 -20.45 8.81
CA PHE J 101 -44.54 -20.54 9.59
C PHE J 101 -45.77 -20.74 8.70
N LEU J 102 -45.73 -20.28 7.45
CA LEU J 102 -46.86 -20.58 6.57
C LEU J 102 -46.84 -22.03 6.09
N MET J 103 -45.65 -22.59 5.86
CA MET J 103 -45.57 -24.03 5.58
C MET J 103 -46.01 -24.87 6.76
N VAL J 104 -45.67 -24.43 7.99
CA VAL J 104 -46.09 -25.14 9.19
C VAL J 104 -47.61 -25.06 9.35
N TYR J 105 -48.20 -23.90 9.08
CA TYR J 105 -49.65 -23.76 9.16
C TYR J 105 -50.35 -24.62 8.11
N TYR J 106 -49.75 -24.74 6.91
CA TYR J 106 -50.30 -25.60 5.87
C TYR J 106 -50.25 -27.07 6.27
N VAL J 107 -49.09 -27.54 6.73
CA VAL J 107 -48.95 -28.96 7.06
C VAL J 107 -49.65 -29.31 8.36
N LEU J 108 -49.98 -28.32 9.20
CA LEU J 108 -50.79 -28.58 10.38
C LEU J 108 -52.29 -28.52 10.11
N LYS J 109 -52.75 -27.70 9.14
CA LYS J 109 -54.16 -27.75 8.80
C LYS J 109 -54.50 -28.96 7.93
N ASP J 110 -53.56 -29.41 7.09
CA ASP J 110 -53.89 -30.45 6.11
C ASP J 110 -53.45 -31.85 6.52
N LYS J 111 -52.52 -31.95 7.48
CA LYS J 111 -51.74 -33.17 7.76
C LYS J 111 -51.10 -33.72 6.48
N GLU J 112 -50.63 -32.80 5.63
CA GLU J 112 -50.09 -33.07 4.30
C GLU J 112 -49.47 -31.78 3.78
N VAL J 113 -48.36 -31.91 3.04
CA VAL J 113 -47.74 -30.78 2.37
C VAL J 113 -47.03 -31.36 1.13
N GLU J 114 -46.72 -30.48 0.17
CA GLU J 114 -46.00 -30.90 -1.03
C GLU J 114 -45.24 -29.68 -1.56
N ILE J 115 -43.92 -29.67 -1.32
CA ILE J 115 -43.04 -28.64 -1.85
C ILE J 115 -42.05 -29.24 -2.84
N VAL J 116 -41.30 -30.26 -2.42
CA VAL J 116 -40.60 -31.17 -3.33
C VAL J 116 -41.16 -32.58 -3.20
N PHE J 117 -41.23 -33.10 -1.97
CA PHE J 117 -41.83 -34.38 -1.67
C PHE J 117 -43.12 -34.17 -0.88
N LYS J 118 -43.87 -35.26 -0.74
CA LYS J 118 -45.05 -35.25 0.12
C LYS J 118 -44.64 -35.67 1.51
N PHE J 119 -45.26 -35.06 2.52
CA PHE J 119 -44.85 -35.27 3.91
C PHE J 119 -46.08 -35.44 4.78
N ASN J 120 -46.07 -36.48 5.61
CA ASN J 120 -47.18 -36.74 6.52
C ASN J 120 -47.11 -35.81 7.72
N GLY J 121 -48.28 -35.42 8.21
CA GLY J 121 -48.41 -34.49 9.31
C GLY J 121 -48.61 -35.11 10.68
N MET J 122 -48.40 -36.42 10.83
CA MET J 122 -48.55 -37.07 12.12
C MET J 122 -47.40 -36.72 13.05
N GLY J 123 -47.56 -37.11 14.31
CA GLY J 123 -46.44 -37.10 15.24
C GLY J 123 -45.39 -38.09 14.76
N ASP J 124 -44.14 -37.64 14.69
CA ASP J 124 -43.05 -38.40 14.09
C ASP J 124 -42.48 -39.48 15.01
N TRP J 125 -43.22 -39.83 16.06
CA TRP J 125 -42.94 -41.03 16.84
C TRP J 125 -43.40 -42.31 16.15
N VAL J 126 -44.32 -42.20 15.18
CA VAL J 126 -44.93 -43.37 14.56
C VAL J 126 -44.02 -44.10 13.58
N ILE J 127 -42.86 -43.54 13.28
CA ILE J 127 -41.96 -44.11 12.28
C ILE J 127 -40.88 -44.96 12.96
N TYR J 128 -41.13 -45.36 14.20
CA TYR J 128 -40.11 -46.07 14.96
C TYR J 128 -40.31 -47.58 14.89
N ASP J 129 -39.46 -48.30 15.61
CA ASP J 129 -39.53 -49.75 15.75
C ASP J 129 -39.90 -50.10 17.19
N THR J 130 -40.52 -51.26 17.36
CA THR J 130 -41.08 -51.69 18.64
C THR J 130 -40.26 -52.76 19.34
N GLY J 131 -39.06 -53.06 18.85
CA GLY J 131 -38.25 -54.13 19.38
C GLY J 131 -37.33 -53.68 20.48
N ASP J 132 -36.32 -54.51 20.73
CA ASP J 132 -35.25 -54.17 21.66
C ASP J 132 -33.92 -54.63 21.07
N SER J 133 -32.84 -54.35 21.80
CA SER J 133 -31.49 -54.60 21.31
C SER J 133 -30.62 -55.32 22.34
N GLY J 134 -31.20 -55.78 23.44
CA GLY J 134 -30.44 -56.55 24.41
C GLY J 134 -29.55 -55.72 25.30
N PHE J 135 -28.32 -56.19 25.49
CA PHE J 135 -27.34 -55.51 26.33
C PHE J 135 -26.40 -54.62 25.54
N PHE J 136 -26.85 -54.06 24.43
CA PHE J 136 -25.99 -53.19 23.65
C PHE J 136 -26.83 -52.16 22.90
N SER J 137 -26.25 -50.99 22.68
CA SER J 137 -26.78 -50.05 21.72
C SER J 137 -26.30 -50.45 20.33
N GLU J 138 -27.25 -50.60 19.41
CA GLU J 138 -26.93 -51.03 18.05
C GLU J 138 -26.07 -50.00 17.33
N GLU J 139 -26.39 -48.72 17.53
CA GLU J 139 -25.62 -47.63 16.94
C GLU J 139 -24.20 -47.56 17.53
N ALA J 140 -24.05 -47.89 18.81
CA ALA J 140 -22.72 -47.94 19.42
C ALA J 140 -21.88 -49.08 18.83
N MET J 141 -22.48 -50.25 18.63
CA MET J 141 -21.75 -51.36 18.05
C MET J 141 -21.44 -51.13 16.58
N GLY J 142 -22.32 -50.41 15.86
CA GLY J 142 -22.03 -50.05 14.49
C GLY J 142 -20.89 -49.06 14.37
N ILE J 143 -20.78 -48.14 15.32
CA ILE J 143 -19.61 -47.26 15.35
C ILE J 143 -18.37 -48.02 15.78
N ALA J 144 -18.52 -49.02 16.66
CA ALA J 144 -17.39 -49.86 17.06
C ALA J 144 -16.90 -50.72 15.90
N ALA J 145 -17.76 -51.04 14.94
CA ALA J 145 -17.37 -51.82 13.77
C ALA J 145 -16.51 -51.04 12.78
N LEU J 146 -16.14 -49.79 13.07
CA LEU J 146 -15.20 -49.04 12.25
C LEU J 146 -13.82 -49.68 12.23
N TYR J 147 -13.48 -50.47 13.24
CA TYR J 147 -12.18 -51.12 13.33
C TYR J 147 -12.19 -52.56 12.84
N SER J 148 -13.23 -53.33 13.14
CA SER J 148 -13.29 -54.72 12.71
C SER J 148 -13.69 -54.83 11.25
N TYR J 149 -14.57 -53.95 10.77
CA TYR J 149 -15.04 -54.02 9.39
C TYR J 149 -14.56 -52.87 8.53
N GLY J 150 -14.35 -51.69 9.10
CA GLY J 150 -14.03 -50.52 8.31
C GLY J 150 -12.55 -50.28 8.10
N THR J 151 -11.85 -51.31 7.65
CA THR J 151 -10.39 -51.25 7.46
C THR J 151 -10.00 -50.25 6.39
N TRP J 152 -10.60 -50.38 5.20
CA TRP J 152 -10.37 -49.44 4.11
C TRP J 152 -10.85 -48.05 4.46
N LEU J 153 -11.94 -47.96 5.23
CA LEU J 153 -12.49 -46.66 5.62
C LEU J 153 -11.56 -45.92 6.57
N VAL J 154 -11.00 -46.65 7.54
CA VAL J 154 -10.03 -46.07 8.45
C VAL J 154 -8.74 -45.70 7.71
N ILE J 155 -8.32 -46.52 6.74
CA ILE J 155 -7.12 -46.21 5.96
C ILE J 155 -7.28 -44.93 5.15
N VAL J 156 -8.42 -44.78 4.46
CA VAL J 156 -8.57 -43.58 3.64
C VAL J 156 -8.88 -42.35 4.51
N THR J 157 -9.53 -42.54 5.67
CA THR J 157 -9.79 -41.39 6.54
C THR J 157 -8.52 -40.90 7.22
N GLY J 158 -7.70 -41.82 7.72
CA GLY J 158 -6.44 -41.45 8.33
C GLY J 158 -5.46 -40.87 7.31
N TRP J 159 -5.46 -41.39 6.09
CA TRP J 159 -4.57 -40.83 5.07
C TRP J 159 -5.05 -39.44 4.64
N SER J 160 -6.37 -39.24 4.53
CA SER J 160 -6.86 -37.90 4.24
C SER J 160 -6.61 -36.92 5.38
N LEU J 161 -6.56 -37.39 6.63
CA LEU J 161 -6.25 -36.46 7.72
C LEU J 161 -4.75 -36.14 7.77
N LEU J 162 -3.88 -37.12 7.47
CA LEU J 162 -2.45 -36.83 7.39
C LEU J 162 -2.15 -35.88 6.24
N ILE J 163 -2.76 -36.11 5.08
CA ILE J 163 -2.68 -35.19 3.97
C ILE J 163 -3.30 -33.84 4.31
N GLY J 164 -4.34 -33.83 5.16
CA GLY J 164 -4.89 -32.57 5.60
C GLY J 164 -3.91 -31.74 6.40
N VAL J 165 -3.18 -32.39 7.31
CA VAL J 165 -2.13 -31.71 8.08
C VAL J 165 -1.04 -31.19 7.16
N VAL J 166 -0.58 -32.02 6.22
CA VAL J 166 0.49 -31.64 5.31
C VAL J 166 0.04 -30.49 4.40
N VAL J 167 -1.19 -30.55 3.90
CA VAL J 167 -1.74 -29.56 2.99
C VAL J 167 -1.92 -28.22 3.68
N ILE J 168 -2.43 -28.22 4.92
CA ILE J 168 -2.54 -26.99 5.70
C ILE J 168 -1.16 -26.37 5.94
N MET J 169 -0.18 -27.22 6.28
CA MET J 169 1.16 -26.67 6.51
C MET J 169 1.81 -26.17 5.23
N GLU J 170 1.42 -26.69 4.07
CA GLU J 170 1.98 -26.19 2.82
C GLU J 170 1.34 -24.88 2.39
N ILE J 171 0.01 -24.78 2.47
CA ILE J 171 -0.64 -23.58 1.94
C ILE J 171 -0.65 -22.42 2.92
N THR J 172 -0.28 -22.64 4.18
CA THR J 172 -0.18 -21.57 5.15
C THR J 172 1.25 -21.13 5.39
N ARG J 173 2.22 -21.84 4.82
CA ARG J 173 3.62 -21.44 4.96
C ARG J 173 3.92 -20.18 4.17
N GLY J 174 3.31 -20.04 2.98
CA GLY J 174 3.54 -18.87 2.17
C GLY J 174 4.90 -18.78 1.53
N ASN J 175 5.55 -19.91 1.27
CA ASN J 175 6.87 -19.93 0.64
C ASN J 175 6.97 -21.08 -0.36
N FME K 1 -43.99 -38.71 3.34
CN FME K 1 -45.10 -39.27 2.75
O1 FME K 1 -45.83 -38.65 1.98
CA FME K 1 -43.12 -39.42 4.25
CB FME K 1 -41.70 -39.56 3.70
CG FME K 1 -41.28 -38.29 2.99
SD FME K 1 -39.90 -38.69 1.96
CE FME K 1 -38.69 -39.17 3.14
C FME K 1 -43.06 -38.74 5.62
O FME K 1 -43.97 -38.05 6.06
N SER K 2 -41.94 -38.95 6.30
CA SER K 2 -41.70 -38.40 7.63
C SER K 2 -41.59 -36.87 7.62
N LEU K 3 -42.10 -36.24 8.68
CA LEU K 3 -42.26 -34.79 8.69
C LEU K 3 -40.95 -34.06 8.99
N VAL K 4 -40.10 -34.64 9.83
CA VAL K 4 -38.85 -34.01 10.23
C VAL K 4 -37.85 -33.95 9.07
N TYR K 5 -37.98 -34.85 8.10
CA TYR K 5 -37.09 -34.86 6.94
C TYR K 5 -37.31 -33.62 6.07
N MET K 6 -38.56 -33.15 5.98
CA MET K 6 -38.86 -31.88 5.33
C MET K 6 -38.10 -30.73 5.97
N ASN K 7 -38.10 -30.68 7.30
CA ASN K 7 -37.41 -29.60 8.01
C ASN K 7 -35.90 -29.66 7.82
N ILE K 8 -35.33 -30.86 7.82
CA ILE K 8 -33.89 -30.96 7.66
C ILE K 8 -33.47 -30.62 6.23
N MET K 9 -34.26 -31.05 5.23
CA MET K 9 -33.99 -30.65 3.85
C MET K 9 -34.18 -29.16 3.64
N MET K 10 -35.17 -28.57 4.31
CA MET K 10 -35.39 -27.14 4.17
C MET K 10 -34.28 -26.35 4.85
N ALA K 11 -33.73 -26.88 5.95
CA ALA K 11 -32.57 -26.22 6.55
C ALA K 11 -31.36 -26.33 5.64
N PHE K 12 -31.18 -27.49 4.99
CA PHE K 12 -30.13 -27.63 3.99
C PHE K 12 -30.29 -26.63 2.85
N THR K 13 -31.52 -26.44 2.36
CA THR K 13 -31.72 -25.50 1.25
C THR K 13 -31.66 -24.05 1.70
N VAL K 14 -31.98 -23.75 2.97
CA VAL K 14 -31.81 -22.39 3.47
C VAL K 14 -30.32 -22.06 3.61
N SER K 15 -29.53 -22.99 4.14
CA SER K 15 -28.09 -22.81 4.18
C SER K 15 -27.47 -22.79 2.77
N LEU K 16 -28.10 -23.49 1.83
CA LEU K 16 -27.74 -23.42 0.42
C LEU K 16 -27.92 -22.00 -0.12
N THR K 17 -29.14 -21.47 0.00
CA THR K 17 -29.45 -20.12 -0.47
C THR K 17 -28.67 -19.04 0.28
N GLY K 18 -28.23 -19.32 1.51
CA GLY K 18 -27.28 -18.44 2.16
C GLY K 18 -25.92 -18.50 1.51
N LEU K 19 -25.45 -19.72 1.20
CA LEU K 19 -24.20 -19.87 0.47
C LEU K 19 -24.34 -19.37 -0.96
N LEU K 20 -25.49 -19.60 -1.58
CA LEU K 20 -25.67 -19.22 -2.97
C LEU K 20 -26.04 -17.75 -3.13
N MET K 21 -26.00 -16.95 -2.07
CA MET K 21 -26.20 -15.51 -2.14
C MET K 21 -25.21 -14.88 -1.15
N TYR K 22 -24.05 -14.47 -1.64
CA TYR K 22 -23.06 -13.82 -0.80
C TYR K 22 -23.56 -12.44 -0.37
N ARG K 23 -23.29 -12.05 0.87
CA ARG K 23 -23.46 -10.63 1.18
C ARG K 23 -22.15 -9.86 1.13
N SER K 24 -21.27 -10.11 2.11
CA SER K 24 -19.98 -9.44 2.14
C SER K 24 -18.84 -10.39 2.50
N HIS K 25 -19.09 -11.29 3.44
CA HIS K 25 -18.03 -12.02 4.12
C HIS K 25 -17.82 -13.40 3.53
N LEU K 26 -16.57 -13.86 3.60
CA LEU K 26 -16.22 -15.22 3.18
C LEU K 26 -16.39 -16.21 4.33
N MET K 27 -16.24 -15.72 5.57
CA MET K 27 -16.51 -16.55 6.74
C MET K 27 -17.97 -16.96 6.80
N SER K 28 -18.87 -16.06 6.37
CA SER K 28 -20.28 -16.41 6.30
C SER K 28 -20.54 -17.46 5.23
N SER K 29 -19.75 -17.46 4.16
CA SER K 29 -19.84 -18.51 3.16
C SER K 29 -19.40 -19.85 3.72
N LEU K 30 -18.33 -19.84 4.52
CA LEU K 30 -17.89 -21.08 5.17
C LEU K 30 -18.89 -21.56 6.22
N LEU K 31 -19.55 -20.63 6.92
CA LEU K 31 -20.56 -20.99 7.89
C LEU K 31 -21.80 -21.57 7.22
N CYS K 32 -22.16 -21.05 6.04
CA CYS K 32 -23.26 -21.64 5.29
C CYS K 32 -22.91 -23.04 4.78
N LEU K 33 -21.65 -23.22 4.35
CA LEU K 33 -21.18 -24.54 3.93
C LEU K 33 -21.23 -25.54 5.08
N GLU K 34 -20.86 -25.11 6.28
CA GLU K 34 -20.90 -26.04 7.40
C GLU K 34 -22.30 -26.20 7.98
N GLY K 35 -23.21 -25.25 7.74
CA GLY K 35 -24.61 -25.50 8.02
C GLY K 35 -25.19 -26.56 7.10
N MET K 36 -24.78 -26.53 5.82
CA MET K 36 -25.12 -27.60 4.89
C MET K 36 -24.60 -28.95 5.40
N MET K 37 -23.36 -28.96 5.87
CA MET K 37 -22.79 -30.19 6.45
C MET K 37 -23.55 -30.63 7.69
N LEU K 38 -23.97 -29.68 8.53
CA LEU K 38 -24.69 -29.99 9.75
C LEU K 38 -26.03 -30.64 9.46
N SER K 39 -26.78 -30.07 8.50
CA SER K 39 -28.05 -30.67 8.10
C SER K 39 -27.85 -32.05 7.48
N LEU K 40 -26.77 -32.23 6.71
CA LEU K 40 -26.47 -33.56 6.17
C LEU K 40 -26.17 -34.57 7.27
N PHE K 41 -25.45 -34.14 8.31
CA PHE K 41 -25.16 -35.00 9.45
C PHE K 41 -26.43 -35.44 10.15
N ILE K 42 -27.32 -34.48 10.44
CA ILE K 42 -28.58 -34.80 11.14
C ILE K 42 -29.43 -35.73 10.29
N LEU K 43 -29.50 -35.47 8.98
CA LEU K 43 -30.39 -36.23 8.12
C LEU K 43 -29.89 -37.66 7.93
N ALA K 44 -28.57 -37.81 7.82
CA ALA K 44 -27.97 -39.14 7.76
C ALA K 44 -28.21 -39.91 9.04
N THR K 45 -28.09 -39.24 10.20
CA THR K 45 -28.30 -39.92 11.46
C THR K 45 -29.76 -40.37 11.62
N LEU K 46 -30.72 -39.52 11.23
CA LEU K 46 -32.13 -39.90 11.36
C LEU K 46 -32.48 -41.06 10.43
N MET K 47 -31.94 -41.07 9.20
CA MET K 47 -32.17 -42.20 8.30
C MET K 47 -31.57 -43.49 8.85
N ILE K 48 -30.28 -43.45 9.21
CA ILE K 48 -29.55 -44.65 9.62
C ILE K 48 -30.11 -45.22 10.92
N LEU K 49 -30.60 -44.36 11.81
CA LEU K 49 -31.23 -44.87 13.04
C LEU K 49 -32.64 -45.40 12.77
N ASN K 50 -33.41 -44.74 11.90
CA ASN K 50 -34.76 -45.21 11.62
C ASN K 50 -34.75 -46.52 10.82
N SER K 51 -33.67 -46.80 10.09
CA SER K 51 -33.55 -48.05 9.37
C SER K 51 -33.13 -49.22 10.26
N HIS K 52 -32.61 -48.93 11.45
CA HIS K 52 -31.81 -49.86 12.26
C HIS K 52 -30.69 -50.49 11.45
N PHE K 53 -30.08 -49.69 10.58
CA PHE K 53 -29.00 -50.16 9.72
C PHE K 53 -27.71 -49.85 10.43
N THR K 54 -27.11 -50.91 10.97
CA THR K 54 -26.09 -50.80 12.01
C THR K 54 -24.76 -50.33 11.44
N LEU K 55 -24.37 -50.84 10.28
CA LEU K 55 -23.06 -50.57 9.71
C LEU K 55 -22.90 -49.13 9.24
N ALA K 56 -23.98 -48.43 8.94
CA ALA K 56 -23.86 -47.05 8.53
C ALA K 56 -23.83 -46.07 9.69
N SER K 57 -23.82 -46.56 10.93
CA SER K 57 -23.69 -45.66 12.07
C SER K 57 -22.33 -44.96 12.07
N MET K 58 -21.32 -45.58 11.48
CA MET K 58 -20.01 -44.96 11.36
C MET K 58 -19.94 -43.95 10.23
N MET K 59 -20.91 -43.95 9.32
CA MET K 59 -20.93 -42.99 8.20
C MET K 59 -21.05 -41.52 8.62
N PRO K 60 -21.94 -41.10 9.54
CA PRO K 60 -21.96 -39.67 9.89
C PRO K 60 -20.68 -39.17 10.56
N ILE K 61 -19.96 -40.04 11.27
CA ILE K 61 -18.63 -39.68 11.80
C ILE K 61 -17.66 -39.41 10.65
N ILE K 62 -17.73 -40.21 9.59
CA ILE K 62 -16.87 -40.02 8.43
C ILE K 62 -17.22 -38.72 7.69
N LEU K 63 -18.52 -38.44 7.56
CA LEU K 63 -18.99 -37.17 6.99
C LEU K 63 -18.47 -35.97 7.80
N LEU K 64 -18.59 -36.05 9.12
CA LEU K 64 -18.14 -34.97 10.01
C LEU K 64 -16.63 -34.78 9.94
N VAL K 65 -15.86 -35.87 9.90
CA VAL K 65 -14.40 -35.77 9.90
C VAL K 65 -13.88 -35.21 8.58
N PHE K 66 -14.35 -35.78 7.45
CA PHE K 66 -13.91 -35.30 6.14
C PHE K 66 -14.34 -33.88 5.87
N ALA K 67 -15.55 -33.50 6.27
CA ALA K 67 -15.95 -32.14 5.99
C ALA K 67 -15.44 -31.14 7.03
N ALA K 68 -15.01 -31.59 8.20
CA ALA K 68 -14.30 -30.68 9.09
C ALA K 68 -12.88 -30.43 8.60
N CYS K 69 -12.24 -31.44 8.01
CA CYS K 69 -10.95 -31.20 7.37
C CYS K 69 -11.11 -30.29 6.15
N GLU K 70 -12.21 -30.45 5.42
CA GLU K 70 -12.59 -29.54 4.34
C GLU K 70 -12.79 -28.11 4.85
N ALA K 71 -13.45 -27.96 6.01
CA ALA K 71 -13.63 -26.66 6.63
C ALA K 71 -12.32 -26.04 7.08
N ALA K 72 -11.39 -26.86 7.58
CA ALA K 72 -10.08 -26.33 7.98
C ALA K 72 -9.30 -25.85 6.76
N LEU K 73 -9.40 -26.59 5.65
CA LEU K 73 -8.80 -26.17 4.39
C LEU K 73 -9.37 -24.83 3.93
N GLY K 74 -10.70 -24.68 4.00
CA GLY K 74 -11.31 -23.41 3.64
C GLY K 74 -10.97 -22.27 4.57
N LEU K 75 -10.82 -22.55 5.86
CA LEU K 75 -10.39 -21.52 6.80
C LEU K 75 -8.97 -21.06 6.51
N SER K 76 -8.10 -21.98 6.09
CA SER K 76 -6.74 -21.59 5.71
C SER K 76 -6.73 -20.76 4.44
N LEU K 77 -7.57 -21.11 3.46
CA LEU K 77 -7.71 -20.27 2.26
C LEU K 77 -8.22 -18.88 2.61
N LEU K 78 -9.21 -18.79 3.52
CA LEU K 78 -9.72 -17.51 3.98
C LEU K 78 -8.65 -16.70 4.69
N VAL K 79 -7.83 -17.36 5.51
CA VAL K 79 -6.76 -16.69 6.22
C VAL K 79 -5.71 -16.13 5.27
N MET K 80 -5.39 -16.87 4.20
CA MET K 80 -4.46 -16.32 3.21
C MET K 80 -5.06 -15.17 2.42
N VAL K 81 -6.37 -15.22 2.13
CA VAL K 81 -7.05 -14.10 1.48
C VAL K 81 -7.03 -12.86 2.38
N SER K 82 -7.34 -13.04 3.66
CA SER K 82 -7.34 -11.93 4.59
C SER K 82 -5.94 -11.46 4.98
N ASN K 83 -4.91 -12.28 4.74
CA ASN K 83 -3.55 -11.80 4.85
C ASN K 83 -3.15 -10.97 3.64
N THR K 84 -3.68 -11.31 2.46
CA THR K 84 -3.40 -10.50 1.28
C THR K 84 -4.11 -9.15 1.34
N TYR K 85 -5.40 -9.14 1.66
CA TYR K 85 -6.20 -7.92 1.52
C TYR K 85 -6.52 -7.21 2.82
N GLY K 86 -6.26 -7.81 3.97
CA GLY K 86 -6.60 -7.22 5.25
C GLY K 86 -7.96 -7.63 5.78
N THR K 87 -8.94 -7.80 4.89
CA THR K 87 -10.25 -8.33 5.24
C THR K 87 -10.53 -9.58 4.42
N ASP K 88 -11.58 -10.29 4.81
CA ASP K 88 -12.09 -11.43 4.04
C ASP K 88 -13.30 -11.06 3.21
N TYR K 89 -13.38 -9.81 2.77
CA TYR K 89 -14.48 -9.35 1.93
C TYR K 89 -14.35 -9.95 0.53
N VAL K 90 -15.49 -10.38 -0.02
CA VAL K 90 -15.47 -11.08 -1.29
C VAL K 90 -15.25 -10.15 -2.48
N GLN K 91 -15.52 -8.85 -2.34
CA GLN K 91 -15.27 -7.92 -3.43
C GLN K 91 -13.80 -7.63 -3.64
N ASN K 92 -12.93 -8.02 -2.70
CA ASN K 92 -11.49 -8.01 -2.96
C ASN K 92 -11.09 -9.12 -3.92
N LEU K 93 -11.89 -10.19 -4.01
CA LEU K 93 -11.57 -11.33 -4.87
C LEU K 93 -12.24 -11.17 -6.23
N ASN K 94 -11.76 -10.18 -6.99
CA ASN K 94 -12.18 -10.06 -8.37
C ASN K 94 -11.05 -9.65 -9.31
N LEU K 95 -9.80 -10.02 -8.99
CA LEU K 95 -8.70 -9.71 -9.89
C LEU K 95 -8.69 -10.63 -11.11
N LEU K 96 -9.41 -11.75 -11.05
CA LEU K 96 -9.47 -12.70 -12.15
C LEU K 96 -10.57 -12.38 -13.15
N GLN K 97 -11.12 -11.15 -13.11
CA GLN K 97 -12.03 -10.70 -14.15
C GLN K 97 -11.29 -10.50 -15.47
N CYS K 98 -9.99 -10.24 -15.44
CA CYS K 98 -9.20 -10.04 -16.64
C CYS K 98 -7.76 -10.53 -16.45
N FME L 1 -15.44 -40.02 -109.27
CN FME L 1 -14.73 -39.33 -110.23
O1 FME L 1 -13.92 -38.41 -110.02
CA FME L 1 -15.43 -39.84 -107.83
CB FME L 1 -16.05 -41.06 -107.12
CG FME L 1 -16.02 -40.94 -105.61
SD FME L 1 -14.92 -42.20 -105.02
CE FME L 1 -15.89 -43.64 -105.20
C FME L 1 -14.04 -39.63 -107.22
O FME L 1 -13.77 -38.72 -106.44
N ASN L 2 -13.12 -40.49 -107.64
CA ASN L 2 -11.75 -40.52 -107.13
C ASN L 2 -10.90 -39.27 -107.45
N LEU L 3 -11.34 -38.46 -108.41
CA LEU L 3 -10.66 -37.24 -108.82
C LEU L 3 -11.22 -36.01 -108.13
N PHE L 4 -12.55 -35.90 -108.15
CA PHE L 4 -13.32 -34.82 -107.53
C PHE L 4 -12.93 -34.62 -106.08
N SER L 5 -13.10 -35.68 -105.27
CA SER L 5 -12.83 -35.62 -103.84
C SER L 5 -11.36 -35.42 -103.54
N SER L 6 -10.48 -36.04 -104.34
CA SER L 6 -9.04 -35.93 -104.11
C SER L 6 -8.56 -34.50 -104.29
N LEU L 7 -8.87 -33.87 -105.43
CA LEU L 7 -8.44 -32.49 -105.59
C LEU L 7 -9.22 -31.52 -104.71
N THR L 8 -10.44 -31.90 -104.31
CA THR L 8 -11.21 -31.12 -103.34
C THR L 8 -10.49 -31.00 -102.00
N LEU L 9 -10.00 -32.13 -101.48
CA LEU L 9 -9.29 -32.07 -100.21
C LEU L 9 -7.85 -31.61 -100.35
N VAL L 10 -7.25 -31.79 -101.54
CA VAL L 10 -5.89 -31.30 -101.79
C VAL L 10 -5.87 -29.77 -101.81
N THR L 11 -6.95 -29.14 -102.27
CA THR L 11 -7.09 -27.68 -102.16
C THR L 11 -6.98 -27.21 -100.72
N LEU L 12 -7.75 -27.83 -99.82
CA LEU L 12 -7.76 -27.43 -98.41
C LEU L 12 -6.42 -27.71 -97.73
N ILE L 13 -5.83 -28.89 -97.95
CA ILE L 13 -4.57 -29.21 -97.29
C ILE L 13 -3.43 -28.36 -97.84
N LEU L 14 -3.48 -28.03 -99.14
CA LEU L 14 -2.52 -27.10 -99.72
C LEU L 14 -2.64 -25.71 -99.09
N LEU L 15 -3.87 -25.30 -98.77
CA LEU L 15 -4.03 -24.05 -98.03
C LEU L 15 -3.51 -24.15 -96.59
N THR L 16 -3.55 -25.35 -96.01
CA THR L 16 -3.02 -25.47 -94.63
C THR L 16 -1.50 -25.49 -94.57
N MET L 17 -0.83 -25.92 -95.64
CA MET L 17 0.62 -26.09 -95.59
C MET L 17 1.47 -24.84 -95.30
N PRO L 18 1.18 -23.63 -95.81
CA PRO L 18 2.00 -22.47 -95.39
C PRO L 18 1.82 -22.07 -93.94
N ILE L 19 0.71 -22.45 -93.30
CA ILE L 19 0.57 -22.21 -91.87
C ILE L 19 1.57 -23.05 -91.09
N ALA L 20 1.78 -24.30 -91.53
CA ALA L 20 2.85 -25.11 -90.96
C ALA L 20 4.22 -24.57 -91.33
N ALA L 21 4.34 -23.92 -92.50
CA ALA L 21 5.63 -23.35 -92.90
C ALA L 21 6.03 -22.16 -92.02
N ILE L 22 5.10 -21.23 -91.79
CA ILE L 22 5.37 -20.10 -90.90
C ILE L 22 5.46 -20.55 -89.44
N ASN L 23 4.80 -21.64 -89.06
CA ASN L 23 4.94 -22.12 -87.69
C ASN L 23 6.18 -22.97 -87.48
N PHE L 24 6.86 -23.40 -88.55
CA PHE L 24 8.04 -24.26 -88.46
C PHE L 24 9.28 -23.56 -89.00
N ASN L 25 9.44 -22.28 -88.68
CA ASN L 25 10.54 -21.49 -89.23
C ASN L 25 11.63 -21.25 -88.21
N THR L 26 12.83 -20.97 -88.72
CA THR L 26 13.95 -20.57 -87.90
C THR L 26 14.56 -19.30 -88.49
N HIS L 27 14.56 -19.21 -89.82
CA HIS L 27 15.29 -18.19 -90.56
C HIS L 27 14.34 -17.16 -91.16
N LYS L 28 14.91 -16.19 -91.86
CA LYS L 28 14.14 -15.18 -92.58
C LYS L 28 13.81 -15.75 -93.96
N PHE L 29 12.53 -15.77 -94.29
CA PHE L 29 12.06 -16.38 -95.52
C PHE L 29 12.52 -15.63 -96.75
N THR L 30 12.82 -16.37 -97.82
CA THR L 30 12.95 -15.81 -99.15
C THR L 30 11.54 -15.55 -99.69
N ASN L 31 10.99 -14.41 -99.27
CA ASN L 31 9.71 -13.85 -99.72
C ASN L 31 8.55 -14.82 -99.45
N TYR L 32 8.26 -14.98 -98.16
CA TYR L 32 7.08 -15.73 -97.72
C TYR L 32 5.73 -15.25 -98.28
N PRO L 33 5.45 -13.95 -98.48
CA PRO L 33 4.23 -13.59 -99.23
C PRO L 33 4.19 -14.13 -100.65
N LEU L 34 5.33 -14.24 -101.34
CA LEU L 34 5.34 -14.92 -102.63
C LEU L 34 5.01 -16.40 -102.48
N TYR L 35 5.43 -17.01 -101.37
CA TYR L 35 5.12 -18.41 -101.12
C TYR L 35 3.62 -18.61 -100.89
N VAL L 36 2.98 -17.71 -100.11
CA VAL L 36 1.56 -17.86 -99.84
C VAL L 36 0.74 -17.52 -101.08
N LYS L 37 1.18 -16.53 -101.87
CA LYS L 37 0.46 -16.16 -103.09
C LYS L 37 0.58 -17.26 -104.15
N THR L 38 1.75 -17.89 -104.26
CA THR L 38 1.93 -19.02 -105.17
C THR L 38 1.10 -20.22 -104.73
N THR L 39 1.02 -20.44 -103.40
CA THR L 39 0.21 -21.52 -102.86
C THR L 39 -1.27 -21.32 -103.14
N ILE L 40 -1.78 -20.10 -102.95
CA ILE L 40 -3.19 -19.85 -103.19
C ILE L 40 -3.51 -19.83 -104.68
N SER L 41 -2.55 -19.42 -105.51
CA SER L 41 -2.69 -19.54 -106.97
C SER L 41 -2.87 -20.99 -107.38
N CYS L 42 -1.97 -21.86 -106.92
CA CYS L 42 -2.06 -23.26 -107.30
C CYS L 42 -3.21 -23.96 -106.61
N ALA L 43 -3.69 -23.43 -105.49
CA ALA L 43 -4.89 -23.98 -104.85
C ALA L 43 -6.15 -23.62 -105.63
N PHE L 44 -6.18 -22.40 -106.20
CA PHE L 44 -7.21 -22.03 -107.15
C PHE L 44 -7.22 -22.95 -108.35
N ILE L 45 -6.03 -23.17 -108.95
CA ILE L 45 -5.91 -24.04 -110.11
C ILE L 45 -6.25 -25.48 -109.75
N THR L 46 -6.01 -25.88 -108.50
CA THR L 46 -6.42 -27.19 -108.01
C THR L 46 -7.93 -27.31 -107.92
N SER L 47 -8.59 -26.32 -107.30
CA SER L 47 -10.03 -26.34 -107.10
C SER L 47 -10.82 -26.08 -108.38
N MET L 48 -10.17 -25.66 -109.46
CA MET L 48 -10.89 -25.50 -110.73
C MET L 48 -11.39 -26.82 -111.29
N ILE L 49 -10.68 -27.92 -111.05
CA ILE L 49 -11.07 -29.24 -111.59
C ILE L 49 -12.40 -29.74 -111.03
N PRO L 50 -12.67 -29.76 -109.71
CA PRO L 50 -14.01 -30.22 -109.29
C PRO L 50 -15.12 -29.27 -109.71
N THR L 51 -14.82 -27.98 -109.87
CA THR L 51 -15.79 -27.04 -110.41
C THR L 51 -16.15 -27.38 -111.85
N MET L 52 -15.16 -27.71 -112.68
CA MET L 52 -15.43 -28.04 -114.07
C MET L 52 -16.16 -29.37 -114.20
N MET L 53 -15.79 -30.37 -113.39
CA MET L 53 -16.54 -31.62 -113.47
C MET L 53 -17.84 -31.58 -112.66
N PHE L 54 -18.14 -30.48 -111.96
CA PHE L 54 -19.51 -30.21 -111.56
C PHE L 54 -20.31 -29.56 -112.69
N ILE L 55 -19.68 -28.65 -113.43
CA ILE L 55 -20.32 -27.99 -114.58
C ILE L 55 -20.64 -29.01 -115.67
N HIS L 56 -19.84 -30.08 -115.77
CA HIS L 56 -20.13 -31.15 -116.72
C HIS L 56 -21.42 -31.89 -116.36
N THR L 57 -21.45 -32.52 -115.19
CA THR L 57 -22.58 -33.36 -114.80
C THR L 57 -23.56 -32.68 -113.85
N GLY L 58 -23.06 -32.05 -112.80
CA GLY L 58 -23.85 -31.79 -111.63
C GLY L 58 -23.47 -32.67 -110.46
N GLN L 59 -22.21 -33.09 -110.37
CA GLN L 59 -21.78 -34.10 -109.42
C GLN L 59 -21.75 -33.53 -108.01
N GLU L 60 -22.50 -34.14 -107.10
CA GLU L 60 -22.56 -33.72 -105.72
C GLU L 60 -22.22 -34.90 -104.82
N MET L 61 -21.15 -34.78 -104.05
CA MET L 61 -20.81 -35.79 -103.07
C MET L 61 -20.56 -35.13 -101.73
N ILE L 62 -20.48 -35.97 -100.70
CA ILE L 62 -20.16 -35.53 -99.35
C ILE L 62 -19.01 -36.37 -98.85
N ILE L 63 -17.90 -35.72 -98.50
CA ILE L 63 -16.72 -36.38 -97.97
C ILE L 63 -16.85 -36.34 -96.45
N SER L 64 -17.43 -37.38 -95.86
CA SER L 64 -17.50 -37.51 -94.42
C SER L 64 -16.34 -38.39 -93.95
N ASN L 65 -15.13 -37.83 -94.13
CA ASN L 65 -13.92 -38.64 -94.07
C ASN L 65 -13.55 -39.06 -92.65
N TRP L 66 -13.73 -38.19 -91.66
CA TRP L 66 -13.17 -38.44 -90.33
C TRP L 66 -14.25 -38.36 -89.27
N HIS L 67 -14.57 -39.51 -88.69
CA HIS L 67 -15.40 -39.57 -87.49
C HIS L 67 -14.67 -38.95 -86.32
N TRP L 68 -15.35 -38.06 -85.61
CA TRP L 68 -14.76 -37.29 -84.53
C TRP L 68 -15.43 -37.48 -83.18
N LEU L 69 -16.76 -37.49 -83.14
CA LEU L 69 -17.44 -37.49 -81.85
C LEU L 69 -18.82 -38.10 -82.02
N THR L 70 -19.28 -38.84 -81.01
CA THR L 70 -20.60 -39.46 -81.00
C THR L 70 -21.26 -39.19 -79.66
N ILE L 71 -22.08 -38.14 -79.59
CA ILE L 71 -22.81 -37.81 -78.36
C ILE L 71 -24.16 -38.53 -78.44
N GLN L 72 -24.11 -39.83 -78.19
CA GLN L 72 -25.21 -40.77 -77.92
C GLN L 72 -26.19 -41.00 -79.07
N THR L 73 -26.41 -40.00 -79.92
CA THR L 73 -27.15 -40.15 -81.17
C THR L 73 -26.62 -39.20 -82.23
N LEU L 74 -25.63 -38.37 -81.93
CA LEU L 74 -25.18 -37.29 -82.79
C LEU L 74 -23.76 -37.63 -83.18
N LYS L 75 -23.60 -38.41 -84.24
CA LYS L 75 -22.27 -38.77 -84.72
C LYS L 75 -21.67 -37.56 -85.43
N LEU L 76 -20.93 -36.75 -84.68
CA LEU L 76 -20.24 -35.61 -85.26
C LEU L 76 -19.09 -36.10 -86.12
N SER L 77 -19.00 -35.56 -87.33
CA SER L 77 -18.02 -36.02 -88.29
C SER L 77 -17.41 -34.82 -89.00
N LEU L 78 -16.22 -35.03 -89.55
CA LEU L 78 -15.62 -34.06 -90.45
C LEU L 78 -16.22 -34.33 -91.83
N SER L 79 -17.21 -33.54 -92.20
CA SER L 79 -18.06 -33.85 -93.34
C SER L 79 -18.14 -32.64 -94.26
N PHE L 80 -17.92 -32.86 -95.55
CA PHE L 80 -17.73 -31.80 -96.53
C PHE L 80 -18.79 -31.89 -97.60
N LYS L 81 -19.72 -30.94 -97.62
CA LYS L 81 -20.81 -30.96 -98.59
C LYS L 81 -20.35 -30.31 -99.88
N MET L 82 -20.00 -31.12 -100.86
CA MET L 82 -19.53 -30.63 -102.17
C MET L 82 -20.71 -30.57 -103.11
N ASP L 83 -21.34 -29.40 -103.18
CA ASP L 83 -22.43 -29.18 -104.12
C ASP L 83 -22.23 -27.86 -104.86
N PHE L 84 -23.29 -27.38 -105.51
CA PHE L 84 -23.26 -26.17 -106.35
C PHE L 84 -22.69 -24.96 -105.63
N PHE L 85 -23.04 -24.82 -104.35
CA PHE L 85 -22.63 -23.65 -103.57
C PHE L 85 -21.13 -23.63 -103.35
N SER L 86 -20.57 -24.75 -102.87
CA SER L 86 -19.13 -24.83 -102.67
C SER L 86 -18.38 -24.84 -103.99
N MET L 87 -18.92 -25.55 -105.00
CA MET L 87 -18.26 -25.65 -106.30
C MET L 87 -18.17 -24.31 -107.02
N MET L 88 -19.12 -23.41 -106.80
CA MET L 88 -18.95 -22.09 -107.40
C MET L 88 -18.28 -21.10 -106.47
N PHE L 89 -18.40 -21.25 -105.15
CA PHE L 89 -17.86 -20.23 -104.25
C PHE L 89 -16.37 -20.39 -103.98
N VAL L 90 -15.83 -21.61 -104.08
CA VAL L 90 -14.42 -21.82 -103.79
C VAL L 90 -13.49 -21.18 -104.82
N PRO L 91 -13.67 -21.32 -106.17
CA PRO L 91 -12.74 -20.61 -107.06
C PRO L 91 -12.88 -19.11 -107.04
N VAL L 92 -14.08 -18.59 -106.78
CA VAL L 92 -14.28 -17.15 -106.67
C VAL L 92 -13.49 -16.58 -105.50
N ALA L 93 -13.62 -17.23 -104.33
CA ALA L 93 -12.94 -16.78 -103.12
C ALA L 93 -11.43 -16.93 -103.25
N LEU L 94 -10.97 -18.03 -103.84
CA LEU L 94 -9.54 -18.24 -104.01
C LEU L 94 -8.94 -17.24 -105.00
N PHE L 95 -9.68 -16.92 -106.07
CA PHE L 95 -9.16 -16.00 -107.08
C PHE L 95 -9.13 -14.57 -106.54
N VAL L 96 -10.16 -14.19 -105.77
CA VAL L 96 -10.15 -12.88 -105.12
C VAL L 96 -9.02 -12.79 -104.10
N THR L 97 -8.79 -13.85 -103.31
CA THR L 97 -7.71 -13.84 -102.32
C THR L 97 -6.34 -13.78 -102.98
N TRP L 98 -6.19 -14.42 -104.13
CA TRP L 98 -4.93 -14.36 -104.87
C TRP L 98 -4.68 -12.98 -105.44
N SER L 99 -5.74 -12.31 -105.92
CA SER L 99 -5.64 -10.91 -106.32
C SER L 99 -5.27 -10.01 -105.14
N ILE L 100 -5.88 -10.24 -103.98
CA ILE L 100 -5.60 -9.42 -102.80
C ILE L 100 -4.18 -9.63 -102.31
N MET L 101 -3.65 -10.85 -102.46
CA MET L 101 -2.28 -11.05 -102.01
C MET L 101 -1.25 -10.49 -102.98
N GLU L 102 -1.53 -10.46 -104.28
CA GLU L 102 -0.58 -9.73 -105.11
C GLU L 102 -0.74 -8.21 -104.98
N PHE L 103 -1.92 -7.75 -104.55
CA PHE L 103 -2.04 -6.36 -104.11
C PHE L 103 -1.26 -6.11 -102.83
N SER L 104 -1.17 -7.11 -101.96
CA SER L 104 -0.61 -6.94 -100.64
C SER L 104 0.89 -7.13 -100.60
N MET L 105 1.47 -7.76 -101.62
CA MET L 105 2.91 -7.75 -101.77
C MET L 105 3.44 -6.37 -102.14
N TRP L 106 2.58 -5.48 -102.64
CA TRP L 106 2.88 -4.07 -102.85
C TRP L 106 2.45 -3.19 -101.68
N TYR L 107 1.22 -3.38 -101.18
CA TYR L 107 0.63 -2.41 -100.27
C TYR L 107 1.25 -2.47 -98.87
N MET L 108 1.73 -3.63 -98.44
CA MET L 108 2.21 -3.81 -97.08
C MET L 108 3.71 -3.98 -97.02
N HIS L 109 4.42 -3.44 -98.02
CA HIS L 109 5.88 -3.57 -98.05
C HIS L 109 6.54 -2.71 -96.97
N SER L 110 5.88 -1.63 -96.55
CA SER L 110 6.40 -0.78 -95.48
C SER L 110 6.28 -1.40 -94.10
N ASP L 111 5.62 -2.55 -93.98
CA ASP L 111 5.38 -3.19 -92.68
C ASP L 111 6.46 -4.25 -92.42
N PRO L 112 7.19 -4.15 -91.31
CA PRO L 112 8.16 -5.22 -90.99
C PRO L 112 7.50 -6.52 -90.56
N ASN L 113 6.23 -6.50 -90.15
CA ASN L 113 5.51 -7.69 -89.74
C ASN L 113 4.55 -8.18 -90.82
N ILE L 114 4.96 -8.12 -92.09
CA ILE L 114 4.12 -8.52 -93.22
C ILE L 114 3.81 -10.01 -93.20
N ASN L 115 4.69 -10.83 -92.61
CA ASN L 115 4.48 -12.26 -92.59
C ASN L 115 3.34 -12.64 -91.67
N GLN L 116 3.18 -11.90 -90.57
CA GLN L 116 2.00 -12.09 -89.71
C GLN L 116 0.72 -11.66 -90.41
N PHE L 117 0.81 -10.65 -91.29
CA PHE L 117 -0.35 -10.22 -92.07
C PHE L 117 -0.79 -11.29 -93.06
N PHE L 118 0.16 -11.87 -93.78
CA PHE L 118 -0.18 -12.94 -94.71
C PHE L 118 -0.59 -14.22 -94.00
N LYS L 119 -0.03 -14.49 -92.82
CA LYS L 119 -0.47 -15.62 -92.01
C LYS L 119 -1.92 -15.44 -91.57
N TYR L 120 -2.27 -14.25 -91.10
CA TYR L 120 -3.65 -13.99 -90.69
C TYR L 120 -4.60 -14.02 -91.88
N LEU L 121 -4.15 -13.56 -93.04
CA LEU L 121 -5.00 -13.56 -94.22
C LEU L 121 -5.27 -14.98 -94.69
N LEU L 122 -4.25 -15.84 -94.63
CA LEU L 122 -4.46 -17.25 -94.98
C LEU L 122 -5.30 -17.98 -93.94
N LEU L 123 -5.16 -17.63 -92.65
CA LEU L 123 -6.02 -18.24 -91.63
C LEU L 123 -7.47 -17.84 -91.82
N PHE L 124 -7.71 -16.59 -92.23
CA PHE L 124 -9.07 -16.16 -92.56
C PHE L 124 -9.62 -16.95 -93.75
N LEU L 125 -8.80 -17.16 -94.78
CA LEU L 125 -9.25 -17.93 -95.94
C LEU L 125 -9.54 -19.38 -95.56
N ILE L 126 -8.74 -19.95 -94.66
CA ILE L 126 -8.95 -21.32 -94.20
C ILE L 126 -10.25 -21.43 -93.42
N THR L 127 -10.51 -20.49 -92.52
CA THR L 127 -11.78 -20.50 -91.78
C THR L 127 -12.98 -20.26 -92.69
N MET L 128 -12.82 -19.45 -93.73
CA MET L 128 -13.96 -19.23 -94.63
C MET L 128 -14.24 -20.45 -95.48
N LEU L 129 -13.21 -21.18 -95.89
CA LEU L 129 -13.43 -22.41 -96.63
C LEU L 129 -13.78 -23.58 -95.73
N ILE L 130 -13.60 -23.44 -94.41
CA ILE L 130 -14.28 -24.33 -93.47
C ILE L 130 -15.77 -24.01 -93.44
N LEU L 131 -16.11 -22.71 -93.44
CA LEU L 131 -17.50 -22.27 -93.36
C LEU L 131 -18.32 -22.73 -94.56
N VAL L 132 -17.84 -22.45 -95.77
CA VAL L 132 -18.67 -22.68 -96.94
C VAL L 132 -18.64 -24.11 -97.44
N THR L 133 -17.82 -24.97 -96.83
CA THR L 133 -17.76 -26.37 -97.22
C THR L 133 -18.24 -27.31 -96.11
N ALA L 134 -18.78 -26.77 -95.04
CA ALA L 134 -19.18 -27.61 -93.92
C ALA L 134 -20.51 -28.30 -94.19
N ASN L 135 -20.72 -29.42 -93.52
CA ASN L 135 -21.99 -30.12 -93.62
C ASN L 135 -22.85 -29.93 -92.37
N ASN L 136 -22.33 -30.25 -91.19
CA ASN L 136 -23.10 -30.02 -89.99
C ASN L 136 -23.00 -28.54 -89.57
N LEU L 137 -23.79 -28.19 -88.55
CA LEU L 137 -23.73 -26.84 -88.03
C LEU L 137 -22.51 -26.62 -87.15
N PHE L 138 -21.86 -27.69 -86.68
CA PHE L 138 -20.73 -27.51 -85.78
C PHE L 138 -19.48 -27.06 -86.53
N GLN L 139 -19.18 -27.71 -87.65
CA GLN L 139 -18.04 -27.30 -88.49
C GLN L 139 -18.30 -25.93 -89.11
N LEU L 140 -19.56 -25.63 -89.44
CA LEU L 140 -19.89 -24.31 -89.95
C LEU L 140 -19.75 -23.26 -88.86
N PHE L 141 -20.01 -23.64 -87.60
CA PHE L 141 -19.80 -22.72 -86.49
C PHE L 141 -18.33 -22.52 -86.20
N ILE L 142 -17.52 -23.55 -86.43
CA ILE L 142 -16.06 -23.42 -86.38
C ILE L 142 -15.58 -22.38 -87.38
N GLY L 143 -15.99 -22.52 -88.64
CA GLY L 143 -15.61 -21.53 -89.65
C GLY L 143 -16.20 -20.15 -89.41
N TRP L 144 -17.39 -20.10 -88.80
CA TRP L 144 -18.10 -18.87 -88.52
C TRP L 144 -17.38 -18.04 -87.47
N GLU L 145 -17.15 -18.64 -86.30
CA GLU L 145 -16.33 -18.01 -85.28
C GLU L 145 -14.90 -17.77 -85.74
N GLY L 146 -14.40 -18.61 -86.66
CA GLY L 146 -13.08 -18.39 -87.21
C GLY L 146 -12.98 -17.10 -88.01
N VAL L 147 -13.94 -16.86 -88.90
CA VAL L 147 -13.88 -15.63 -89.68
C VAL L 147 -14.19 -14.43 -88.79
N GLY L 148 -14.97 -14.60 -87.72
CA GLY L 148 -15.16 -13.52 -86.77
C GLY L 148 -13.90 -13.15 -86.01
N ILE L 149 -13.15 -14.16 -85.56
CA ILE L 149 -11.93 -13.90 -84.82
C ILE L 149 -10.83 -13.36 -85.73
N MET L 150 -10.77 -13.83 -86.97
CA MET L 150 -9.79 -13.25 -87.90
C MET L 150 -10.17 -11.84 -88.31
N SER L 151 -11.47 -11.54 -88.29
CA SER L 151 -11.90 -10.15 -88.45
C SER L 151 -11.42 -9.29 -87.29
N PHE L 152 -11.52 -9.79 -86.06
CA PHE L 152 -10.97 -9.09 -84.91
C PHE L 152 -9.47 -8.83 -85.07
N LEU L 153 -8.72 -9.89 -85.40
CA LEU L 153 -7.27 -9.82 -85.51
C LEU L 153 -6.80 -8.97 -86.67
N LEU L 154 -7.61 -8.82 -87.71
CA LEU L 154 -7.20 -8.03 -88.87
C LEU L 154 -7.74 -6.61 -88.87
N ILE L 155 -8.85 -6.32 -88.20
CA ILE L 155 -9.20 -4.95 -87.91
C ILE L 155 -8.20 -4.37 -86.92
N GLY L 156 -7.86 -5.12 -85.87
CA GLY L 156 -6.84 -4.67 -84.95
C GLY L 156 -5.44 -5.02 -85.40
N TRP L 157 -5.05 -4.54 -86.58
CA TRP L 157 -3.69 -4.78 -87.05
C TRP L 157 -2.74 -3.72 -86.54
N TRP L 158 -3.14 -2.45 -86.60
CA TRP L 158 -2.38 -1.39 -85.93
C TRP L 158 -2.96 -1.25 -84.53
N TYR L 159 -2.52 -2.16 -83.67
CA TYR L 159 -3.13 -2.33 -82.35
C TYR L 159 -2.76 -1.21 -81.38
N GLY L 160 -1.77 -0.39 -81.69
CA GLY L 160 -1.54 0.82 -80.92
C GLY L 160 -2.62 1.86 -81.10
N ARG L 161 -3.34 1.81 -82.22
CA ARG L 161 -4.46 2.71 -82.47
C ARG L 161 -5.67 2.31 -81.64
N THR L 162 -6.16 3.25 -80.84
CA THR L 162 -7.28 2.98 -79.94
C THR L 162 -8.57 2.74 -80.73
N ASP L 163 -8.75 3.48 -81.82
CA ASP L 163 -9.98 3.39 -82.59
C ASP L 163 -10.09 2.07 -83.35
N ALA L 164 -8.96 1.50 -83.77
CA ALA L 164 -8.98 0.22 -84.47
C ALA L 164 -9.35 -0.93 -83.52
N ASN L 165 -8.84 -0.89 -82.29
CA ASN L 165 -9.23 -1.87 -81.28
C ASN L 165 -10.70 -1.70 -80.90
N THR L 166 -11.16 -0.45 -80.84
CA THR L 166 -12.56 -0.16 -80.55
C THR L 166 -13.48 -0.72 -81.62
N ALA L 167 -13.12 -0.51 -82.90
CA ALA L 167 -13.89 -1.03 -84.01
C ALA L 167 -13.86 -2.56 -84.06
N ALA L 168 -12.72 -3.16 -83.70
CA ALA L 168 -12.62 -4.63 -83.69
C ALA L 168 -13.51 -5.23 -82.61
N LEU L 169 -13.52 -4.62 -81.41
CA LEU L 169 -14.41 -5.09 -80.35
C LEU L 169 -15.88 -4.86 -80.70
N GLN L 170 -16.16 -3.77 -81.42
CA GLN L 170 -17.51 -3.53 -81.95
C GLN L 170 -17.95 -4.62 -82.91
N ALA L 171 -17.05 -5.02 -83.83
CA ALA L 171 -17.35 -6.06 -84.79
C ALA L 171 -17.59 -7.40 -84.10
N ILE L 172 -16.78 -7.71 -83.08
CA ILE L 172 -16.99 -8.92 -82.29
C ILE L 172 -18.34 -8.89 -81.58
N LEU L 173 -18.73 -7.72 -81.07
CA LEU L 173 -20.02 -7.57 -80.38
C LEU L 173 -21.19 -7.87 -81.31
N TYR L 174 -21.20 -7.27 -82.50
CA TYR L 174 -22.32 -7.53 -83.41
C TYR L 174 -22.29 -8.95 -83.98
N ASN L 175 -21.10 -9.52 -84.20
CA ASN L 175 -21.02 -10.91 -84.63
C ASN L 175 -21.57 -11.86 -83.58
N ARG L 176 -21.21 -11.68 -82.30
CA ARG L 176 -21.70 -12.58 -81.26
C ARG L 176 -23.19 -12.39 -81.00
N ILE L 177 -23.72 -11.18 -81.22
CA ILE L 177 -25.17 -11.01 -81.14
C ILE L 177 -25.88 -11.76 -82.28
N GLY L 178 -25.25 -11.84 -83.46
CA GLY L 178 -25.76 -12.77 -84.47
C GLY L 178 -25.57 -14.23 -84.09
N ASP L 179 -24.52 -14.54 -83.34
CA ASP L 179 -24.24 -15.91 -82.97
C ASP L 179 -25.21 -16.42 -81.92
N ILE L 180 -25.87 -15.52 -81.19
CA ILE L 180 -27.01 -15.90 -80.36
C ILE L 180 -28.06 -16.62 -81.19
N GLY L 181 -28.43 -16.03 -82.33
CA GLY L 181 -29.40 -16.68 -83.21
C GLY L 181 -28.85 -17.92 -83.88
N PHE L 182 -27.55 -17.94 -84.18
CA PHE L 182 -26.96 -19.13 -84.78
C PHE L 182 -27.01 -20.32 -83.82
N ILE L 183 -26.66 -20.10 -82.55
CA ILE L 183 -26.72 -21.18 -81.57
C ILE L 183 -28.15 -21.52 -81.19
N LEU L 184 -29.08 -20.55 -81.30
CA LEU L 184 -30.51 -20.87 -81.25
C LEU L 184 -30.91 -21.87 -82.34
N ALA L 185 -30.42 -21.66 -83.56
CA ALA L 185 -30.72 -22.58 -84.66
C ALA L 185 -30.12 -23.95 -84.41
N MET L 186 -28.87 -24.01 -83.92
CA MET L 186 -28.24 -25.28 -83.60
C MET L 186 -29.01 -26.03 -82.52
N ALA L 187 -29.44 -25.31 -81.48
CA ALA L 187 -30.22 -25.91 -80.41
C ALA L 187 -31.55 -26.43 -80.91
N TRP L 188 -32.19 -25.69 -81.82
CA TRP L 188 -33.49 -26.11 -82.32
C TRP L 188 -33.37 -27.36 -83.18
N PHE L 189 -32.38 -27.41 -84.08
CA PHE L 189 -32.26 -28.59 -84.92
C PHE L 189 -31.81 -29.81 -84.14
N LEU L 190 -30.99 -29.62 -83.10
CA LEU L 190 -30.60 -30.78 -82.29
C LEU L 190 -31.76 -31.28 -81.43
N ILE L 191 -32.57 -30.37 -80.87
CA ILE L 191 -33.69 -30.83 -80.05
C ILE L 191 -34.79 -31.44 -80.91
N ASN L 192 -35.29 -30.69 -81.89
CA ASN L 192 -36.46 -31.19 -82.62
C ASN L 192 -36.14 -32.17 -83.73
N LEU L 193 -34.91 -32.19 -84.26
CA LEU L 193 -34.60 -33.04 -85.40
C LEU L 193 -33.46 -34.01 -85.16
N ASN L 194 -32.73 -33.87 -84.04
CA ASN L 194 -31.61 -34.74 -83.64
C ASN L 194 -30.52 -34.80 -84.72
N THR L 195 -30.15 -33.63 -85.22
CA THR L 195 -29.04 -33.53 -86.16
C THR L 195 -28.51 -32.11 -86.17
N TRP L 196 -27.28 -31.99 -86.65
CA TRP L 196 -26.75 -30.75 -87.16
C TRP L 196 -26.43 -30.84 -88.64
N ASP L 197 -26.36 -32.06 -89.19
CA ASP L 197 -26.14 -32.27 -90.61
C ASP L 197 -27.31 -31.73 -91.42
N LEU L 198 -26.99 -31.11 -92.55
CA LEU L 198 -28.02 -30.50 -93.40
C LEU L 198 -28.88 -31.52 -94.12
N GLN L 199 -28.45 -32.77 -94.19
CA GLN L 199 -29.16 -33.78 -94.97
C GLN L 199 -30.41 -34.23 -94.24
N GLN L 200 -30.27 -34.52 -92.95
CA GLN L 200 -31.43 -34.87 -92.13
C GLN L 200 -32.33 -33.66 -91.90
N ILE L 201 -31.75 -32.47 -91.89
CA ILE L 201 -32.55 -31.24 -91.82
C ILE L 201 -33.41 -31.08 -93.06
N PHE L 202 -32.82 -31.29 -94.24
CA PHE L 202 -33.57 -31.14 -95.48
C PHE L 202 -34.51 -32.32 -95.73
N MET L 203 -34.23 -33.48 -95.14
CA MET L 203 -35.13 -34.61 -95.31
C MET L 203 -36.31 -34.56 -94.36
N LEU L 204 -36.11 -34.04 -93.14
CA LEU L 204 -37.24 -33.96 -92.22
C LEU L 204 -38.17 -32.81 -92.56
N ASN L 205 -37.60 -31.63 -92.89
CA ASN L 205 -38.27 -30.47 -93.47
C ASN L 205 -39.47 -30.00 -92.63
N PRO L 206 -39.24 -29.35 -91.50
CA PRO L 206 -40.34 -29.07 -90.54
C PRO L 206 -41.34 -28.04 -91.06
N ASN L 207 -42.32 -27.76 -90.20
CA ASN L 207 -43.37 -26.79 -90.50
C ASN L 207 -43.62 -25.81 -89.37
N ASP L 208 -43.28 -26.14 -88.13
CA ASP L 208 -43.28 -25.18 -87.03
C ASP L 208 -41.90 -24.56 -86.87
N SER L 209 -41.37 -24.02 -87.97
CA SER L 209 -39.98 -23.58 -88.05
C SER L 209 -39.83 -22.07 -88.07
N ASN L 210 -40.70 -21.34 -87.36
CA ASN L 210 -40.54 -19.89 -87.30
C ASN L 210 -39.38 -19.51 -86.37
N LEU L 211 -39.25 -20.20 -85.24
CA LEU L 211 -38.17 -19.92 -84.30
C LEU L 211 -36.76 -20.21 -84.84
N PRO L 212 -36.44 -21.38 -85.45
CA PRO L 212 -35.07 -21.54 -85.96
C PRO L 212 -34.77 -20.67 -87.17
N LEU L 213 -35.78 -20.34 -87.98
CA LEU L 213 -35.54 -19.41 -89.08
C LEU L 213 -35.31 -17.99 -88.56
N MET L 214 -36.00 -17.59 -87.49
CA MET L 214 -35.66 -16.32 -86.84
C MET L 214 -34.25 -16.33 -86.27
N GLY L 215 -33.81 -17.50 -85.78
CA GLY L 215 -32.43 -17.62 -85.32
C GLY L 215 -31.43 -17.43 -86.44
N LEU L 216 -31.66 -18.10 -87.58
CA LEU L 216 -30.79 -17.95 -88.75
C LEU L 216 -30.83 -16.54 -89.33
N ILE L 217 -31.99 -15.87 -89.26
CA ILE L 217 -32.11 -14.50 -89.74
C ILE L 217 -31.37 -13.54 -88.83
N LEU L 218 -31.39 -13.80 -87.51
CA LEU L 218 -30.56 -13.02 -86.59
C LEU L 218 -29.07 -13.24 -86.85
N ALA L 219 -28.70 -14.49 -87.23
CA ALA L 219 -27.31 -14.79 -87.55
C ALA L 219 -26.84 -14.04 -88.79
N ALA L 220 -27.67 -14.04 -89.84
CA ALA L 220 -27.32 -13.30 -91.04
C ALA L 220 -27.45 -11.79 -90.85
N THR L 221 -28.26 -11.34 -89.87
CA THR L 221 -28.27 -9.94 -89.51
C THR L 221 -26.94 -9.53 -88.90
N GLY L 222 -26.41 -10.37 -88.02
CA GLY L 222 -25.13 -10.05 -87.38
C GLY L 222 -23.96 -10.13 -88.33
N LYS L 223 -23.84 -11.24 -89.06
CA LYS L 223 -22.63 -11.50 -89.83
C LYS L 223 -22.59 -10.68 -91.11
N SER L 224 -23.70 -10.59 -91.83
CA SER L 224 -23.76 -9.81 -93.07
C SER L 224 -24.07 -8.34 -92.83
N ALA L 225 -24.10 -7.91 -91.57
CA ALA L 225 -24.18 -6.50 -91.16
C ALA L 225 -25.45 -5.82 -91.68
N GLN L 226 -26.57 -6.54 -91.59
CA GLN L 226 -27.86 -5.96 -91.96
C GLN L 226 -28.30 -4.97 -90.88
N PHE L 227 -29.38 -4.23 -91.17
CA PHE L 227 -29.81 -3.15 -90.30
C PHE L 227 -30.29 -3.67 -88.95
N GLY L 228 -29.92 -2.94 -87.90
CA GLY L 228 -30.15 -3.40 -86.54
C GLY L 228 -28.86 -3.89 -85.93
N LEU L 229 -28.02 -4.51 -86.76
CA LEU L 229 -26.70 -4.99 -86.37
C LEU L 229 -25.66 -4.57 -87.39
N HIS L 230 -25.95 -3.54 -88.17
CA HIS L 230 -25.10 -3.01 -89.24
C HIS L 230 -23.80 -2.27 -88.89
N PRO L 231 -23.71 -1.38 -87.87
CA PRO L 231 -22.69 -0.31 -87.92
C PRO L 231 -21.25 -0.76 -87.77
N TRP L 232 -20.97 -2.06 -87.57
CA TRP L 232 -19.60 -2.51 -87.48
C TRP L 232 -18.93 -2.55 -88.84
N LEU L 233 -19.68 -2.79 -89.90
CA LEU L 233 -19.11 -2.77 -91.25
C LEU L 233 -18.81 -1.35 -91.74
N PRO L 234 -19.61 -0.31 -91.43
CA PRO L 234 -19.08 1.05 -91.60
C PRO L 234 -17.89 1.36 -90.70
N SER L 235 -17.94 1.00 -89.42
CA SER L 235 -16.90 1.42 -88.51
C SER L 235 -15.64 0.57 -88.59
N ALA L 236 -15.66 -0.51 -89.34
CA ALA L 236 -14.58 -1.48 -89.35
C ALA L 236 -13.66 -1.35 -90.55
N MET L 237 -13.62 -0.17 -91.18
CA MET L 237 -12.67 0.09 -92.25
C MET L 237 -11.34 0.60 -91.74
N GLU L 238 -11.05 0.38 -90.46
CA GLU L 238 -9.85 0.92 -89.84
C GLU L 238 -8.70 -0.08 -89.89
N GLY L 239 -8.95 -1.29 -90.39
CA GLY L 239 -7.87 -2.19 -90.73
C GLY L 239 -7.22 -1.78 -92.04
N PRO L 240 -6.26 -2.59 -92.48
CA PRO L 240 -5.62 -2.34 -93.77
C PRO L 240 -6.60 -2.50 -94.93
N THR L 241 -6.26 -1.82 -96.03
CA THR L 241 -7.01 -1.97 -97.28
C THR L 241 -7.14 -3.41 -97.80
N PRO L 242 -6.13 -4.30 -97.75
CA PRO L 242 -6.39 -5.68 -98.16
C PRO L 242 -7.34 -6.42 -97.25
N VAL L 243 -7.33 -6.10 -95.95
CA VAL L 243 -8.29 -6.66 -95.01
C VAL L 243 -9.71 -6.32 -95.42
N SER L 244 -9.95 -5.03 -95.72
CA SER L 244 -11.28 -4.59 -96.14
C SER L 244 -11.67 -5.23 -97.46
N ALA L 245 -10.75 -5.17 -98.43
CA ALA L 245 -10.99 -5.65 -99.79
C ALA L 245 -11.28 -7.14 -99.85
N LEU L 246 -10.54 -7.94 -99.09
CA LEU L 246 -10.88 -9.36 -99.07
C LEU L 246 -12.08 -9.60 -98.17
N LEU L 247 -11.89 -9.39 -96.86
CA LEU L 247 -12.85 -9.81 -95.84
C LEU L 247 -14.18 -9.10 -96.02
N HIS L 248 -14.19 -7.78 -95.82
CA HIS L 248 -15.39 -7.03 -95.52
C HIS L 248 -16.11 -6.60 -96.78
N SER L 249 -15.60 -6.99 -97.94
CA SER L 249 -16.31 -6.81 -99.20
C SER L 249 -16.68 -8.13 -99.83
N SER L 250 -15.73 -9.03 -100.02
CA SER L 250 -15.99 -10.23 -100.81
C SER L 250 -16.13 -11.49 -99.99
N THR L 251 -15.56 -11.57 -98.80
CA THR L 251 -15.36 -12.90 -98.22
C THR L 251 -16.06 -13.09 -96.90
N MET L 252 -15.83 -12.21 -95.92
CA MET L 252 -16.44 -12.41 -94.60
C MET L 252 -17.92 -12.07 -94.60
N VAL L 253 -18.28 -10.91 -95.15
CA VAL L 253 -19.61 -10.35 -94.94
C VAL L 253 -20.69 -11.04 -95.75
N VAL L 254 -20.36 -12.01 -96.59
CA VAL L 254 -21.38 -12.72 -97.33
C VAL L 254 -21.66 -14.07 -96.66
N ALA L 255 -21.15 -14.26 -95.44
CA ALA L 255 -21.30 -15.55 -94.78
C ALA L 255 -22.70 -15.77 -94.24
N GLY L 256 -23.36 -14.72 -93.73
CA GLY L 256 -24.74 -14.87 -93.33
C GLY L 256 -25.67 -15.01 -94.51
N ILE L 257 -25.38 -14.29 -95.60
CA ILE L 257 -26.11 -14.46 -96.85
C ILE L 257 -25.92 -15.86 -97.39
N PHE L 258 -24.67 -16.36 -97.40
CA PHE L 258 -24.41 -17.73 -97.84
C PHE L 258 -25.06 -18.75 -96.91
N LEU L 259 -25.17 -18.43 -95.63
CA LEU L 259 -25.83 -19.33 -94.68
C LEU L 259 -27.32 -19.43 -94.97
N LEU L 260 -27.97 -18.31 -95.28
CA LEU L 260 -29.39 -18.38 -95.61
C LEU L 260 -29.63 -19.02 -96.98
N ILE L 261 -28.73 -18.81 -97.94
CA ILE L 261 -28.80 -19.54 -99.21
C ILE L 261 -28.61 -21.02 -98.98
N ARG L 262 -27.75 -21.40 -98.03
CA ARG L 262 -27.53 -22.80 -97.69
C ARG L 262 -28.77 -23.43 -97.07
N PHE L 263 -29.63 -22.64 -96.44
CA PHE L 263 -30.90 -23.12 -95.89
C PHE L 263 -32.07 -22.79 -96.79
N TYR L 264 -31.91 -22.90 -98.10
CA TYR L 264 -33.00 -22.57 -99.03
C TYR L 264 -34.25 -23.48 -98.99
N PRO L 265 -34.20 -24.78 -98.65
CA PRO L 265 -35.48 -25.50 -98.49
C PRO L 265 -36.30 -25.03 -97.30
N LEU L 266 -35.67 -24.58 -96.23
CA LEU L 266 -36.45 -24.08 -95.11
C LEU L 266 -36.97 -22.67 -95.37
N THR L 267 -36.30 -21.90 -96.24
CA THR L 267 -36.84 -20.60 -96.59
C THR L 267 -37.94 -20.70 -97.64
N GLU L 268 -37.93 -21.73 -98.49
CA GLU L 268 -38.99 -21.83 -99.49
C GLU L 268 -40.29 -22.42 -98.94
N ASN L 269 -40.37 -22.71 -97.65
CA ASN L 269 -41.59 -23.22 -97.03
C ASN L 269 -42.15 -22.28 -95.96
N ASN L 270 -41.78 -21.00 -95.98
CA ASN L 270 -42.15 -20.12 -94.88
C ASN L 270 -42.30 -18.71 -95.44
N LYS L 271 -43.55 -18.29 -95.69
CA LYS L 271 -43.78 -16.93 -96.15
C LYS L 271 -43.56 -15.90 -95.04
N PHE L 272 -43.66 -16.33 -93.77
CA PHE L 272 -43.35 -15.45 -92.65
C PHE L 272 -41.88 -15.05 -92.64
N GLY L 273 -40.99 -16.05 -92.68
CA GLY L 273 -39.56 -15.75 -92.70
C GLY L 273 -39.11 -15.05 -93.95
N GLN L 274 -39.74 -15.34 -95.09
CA GLN L 274 -39.44 -14.62 -96.32
C GLN L 274 -39.88 -13.17 -96.24
N SER L 275 -41.04 -12.91 -95.60
CA SER L 275 -41.48 -11.54 -95.38
C SER L 275 -40.53 -10.79 -94.47
N ILE L 276 -40.04 -11.45 -93.41
CA ILE L 276 -39.08 -10.84 -92.49
C ILE L 276 -37.77 -10.54 -93.20
N MET L 277 -37.29 -11.46 -94.04
CA MET L 277 -36.05 -11.24 -94.78
C MET L 277 -36.21 -10.13 -95.80
N LEU L 278 -37.37 -10.05 -96.46
CA LEU L 278 -37.62 -9.00 -97.44
C LEU L 278 -37.64 -7.63 -96.79
N CYS L 279 -38.34 -7.50 -95.65
CA CYS L 279 -38.37 -6.24 -94.93
C CYS L 279 -37.00 -5.86 -94.39
N LEU L 280 -36.23 -6.83 -93.89
CA LEU L 280 -34.90 -6.54 -93.36
C LEU L 280 -33.94 -6.11 -94.45
N GLY L 281 -33.96 -6.80 -95.59
CA GLY L 281 -33.07 -6.44 -96.69
C GLY L 281 -33.42 -5.09 -97.30
N ALA L 282 -34.72 -4.79 -97.43
CA ALA L 282 -35.13 -3.49 -97.96
C ALA L 282 -34.75 -2.35 -97.03
N MET L 283 -34.99 -2.53 -95.72
CA MET L 283 -34.60 -1.51 -94.74
C MET L 283 -33.09 -1.32 -94.72
N THR L 284 -32.33 -2.41 -94.83
CA THR L 284 -30.87 -2.32 -94.84
C THR L 284 -30.37 -1.58 -96.08
N THR L 285 -30.86 -1.94 -97.27
CA THR L 285 -30.34 -1.29 -98.47
C THR L 285 -30.77 0.17 -98.56
N LEU L 286 -31.96 0.54 -98.07
CA LEU L 286 -32.35 1.95 -98.00
C LEU L 286 -31.46 2.73 -97.05
N PHE L 287 -31.36 2.26 -95.80
CA PHE L 287 -30.64 3.02 -94.77
C PHE L 287 -29.16 3.12 -95.09
N THR L 288 -28.57 2.04 -95.61
CA THR L 288 -27.14 2.07 -95.91
C THR L 288 -26.85 2.88 -97.17
N ALA L 289 -27.74 2.86 -98.17
CA ALA L 289 -27.52 3.71 -99.34
C ALA L 289 -27.72 5.18 -99.02
N MET L 290 -28.69 5.50 -98.16
CA MET L 290 -28.91 6.88 -97.75
C MET L 290 -27.75 7.40 -96.90
N CYS L 291 -27.19 6.54 -96.04
CA CYS L 291 -25.96 6.92 -95.35
C CYS L 291 -24.79 7.03 -96.32
N ALA L 292 -24.80 6.25 -97.40
CA ALA L 292 -23.74 6.30 -98.40
C ALA L 292 -23.76 7.55 -99.26
N LEU L 293 -24.91 8.24 -99.34
CA LEU L 293 -25.04 9.41 -100.21
C LEU L 293 -24.10 10.55 -99.82
N THR L 294 -23.85 10.75 -98.53
CA THR L 294 -23.23 11.97 -98.03
C THR L 294 -21.98 11.68 -97.19
N GLN L 295 -21.06 10.89 -97.71
CA GLN L 295 -19.82 10.61 -96.99
C GLN L 295 -18.62 11.20 -97.71
N ASN L 296 -17.47 11.19 -97.03
CA ASN L 296 -16.27 11.80 -97.58
C ASN L 296 -15.06 10.87 -97.46
N ASP L 297 -15.09 9.94 -96.51
CA ASP L 297 -14.08 8.90 -96.47
C ASP L 297 -14.40 7.85 -97.53
N ILE L 298 -13.42 7.49 -98.35
CA ILE L 298 -13.70 6.63 -99.50
C ILE L 298 -13.95 5.18 -99.06
N LYS L 299 -13.25 4.70 -98.02
CA LYS L 299 -13.48 3.35 -97.54
C LYS L 299 -14.84 3.23 -96.86
N LYS L 300 -15.32 4.31 -96.25
CA LYS L 300 -16.67 4.35 -95.72
C LYS L 300 -17.71 4.23 -96.84
N ILE L 301 -17.50 4.95 -97.94
CA ILE L 301 -18.44 4.91 -99.06
C ILE L 301 -18.51 3.50 -99.66
N ILE L 302 -17.35 2.86 -99.80
CA ILE L 302 -17.38 1.54 -100.41
C ILE L 302 -17.86 0.47 -99.41
N ALA L 303 -17.69 0.70 -98.10
CA ALA L 303 -18.25 -0.23 -97.12
C ALA L 303 -19.76 -0.09 -97.01
N PHE L 304 -20.28 1.14 -97.10
CA PHE L 304 -21.72 1.31 -97.21
C PHE L 304 -22.25 0.69 -98.50
N SER L 305 -21.45 0.73 -99.57
CA SER L 305 -21.82 0.11 -100.84
C SER L 305 -21.98 -1.40 -100.69
N THR L 306 -21.00 -2.04 -100.07
CA THR L 306 -21.10 -3.49 -99.91
C THR L 306 -22.18 -3.87 -98.90
N SER L 307 -22.46 -3.01 -97.91
CA SER L 307 -23.58 -3.29 -97.01
C SER L 307 -24.93 -3.14 -97.72
N SER L 308 -25.06 -2.17 -98.63
CA SER L 308 -26.29 -2.04 -99.39
C SER L 308 -26.48 -3.18 -100.39
N GLN L 309 -25.38 -3.67 -100.95
CA GLN L 309 -25.49 -4.85 -101.81
C GLN L 309 -25.82 -6.10 -101.01
N LEU L 310 -25.38 -6.19 -99.74
CA LEU L 310 -25.82 -7.29 -98.90
C LEU L 310 -27.29 -7.15 -98.50
N GLY L 311 -27.77 -5.91 -98.35
CA GLY L 311 -29.20 -5.70 -98.20
C GLY L 311 -29.98 -6.17 -99.41
N LEU L 312 -29.44 -5.92 -100.60
CA LEU L 312 -30.10 -6.41 -101.82
C LEU L 312 -30.01 -7.93 -101.93
N MET L 313 -28.94 -8.54 -101.40
CA MET L 313 -28.85 -10.00 -101.34
C MET L 313 -29.91 -10.57 -100.40
N MET L 314 -30.14 -9.91 -99.28
CA MET L 314 -31.21 -10.33 -98.37
C MET L 314 -32.59 -10.14 -99.01
N VAL L 315 -32.74 -9.11 -99.85
CA VAL L 315 -33.97 -8.93 -100.62
C VAL L 315 -34.19 -10.11 -101.56
N THR L 316 -33.19 -10.45 -102.37
CA THR L 316 -33.39 -11.52 -103.32
C THR L 316 -33.37 -12.91 -102.68
N ILE L 317 -32.95 -13.04 -101.42
CA ILE L 317 -33.31 -14.23 -100.66
C ILE L 317 -34.80 -14.19 -100.32
N GLY L 318 -35.29 -13.04 -99.86
CA GLY L 318 -36.67 -12.89 -99.43
C GLY L 318 -37.72 -13.05 -100.51
N ILE L 319 -37.35 -13.04 -101.78
CA ILE L 319 -38.29 -13.26 -102.87
C ILE L 319 -38.19 -14.69 -103.40
N ASN L 320 -37.66 -15.61 -102.59
CA ASN L 320 -37.54 -17.04 -102.89
C ASN L 320 -36.68 -17.28 -104.14
N GLN L 321 -35.61 -16.51 -104.28
CA GLN L 321 -34.64 -16.68 -105.36
C GLN L 321 -33.24 -16.76 -104.77
N PRO L 322 -32.91 -17.86 -104.07
CA PRO L 322 -31.61 -17.92 -103.38
C PRO L 322 -30.43 -18.03 -104.32
N HIS L 323 -30.64 -18.62 -105.50
CA HIS L 323 -29.56 -18.77 -106.47
C HIS L 323 -29.22 -17.44 -107.13
N LEU L 324 -30.17 -16.50 -107.21
CA LEU L 324 -29.82 -15.14 -107.61
C LEU L 324 -28.95 -14.45 -106.58
N ALA L 325 -29.22 -14.69 -105.29
CA ALA L 325 -28.39 -14.13 -104.23
C ALA L 325 -26.99 -14.72 -104.26
N PHE L 326 -26.87 -16.02 -104.52
CA PHE L 326 -25.56 -16.64 -104.59
C PHE L 326 -24.80 -16.19 -105.84
N LEU L 327 -25.52 -16.00 -106.95
CA LEU L 327 -24.91 -15.42 -108.13
C LEU L 327 -24.46 -13.99 -107.89
N HIS L 328 -25.21 -13.23 -107.10
CA HIS L 328 -24.79 -11.89 -106.77
C HIS L 328 -23.62 -11.88 -105.80
N ILE L 329 -23.45 -12.92 -104.99
CA ILE L 329 -22.21 -13.09 -104.23
C ILE L 329 -21.03 -13.30 -105.17
N CYS L 330 -21.16 -14.31 -106.06
CA CYS L 330 -20.10 -14.67 -107.00
C CYS L 330 -19.81 -13.58 -108.02
N THR L 331 -20.71 -12.62 -108.17
CA THR L 331 -20.54 -11.44 -109.00
C THR L 331 -19.95 -10.27 -108.23
N HIS L 332 -20.55 -9.96 -107.08
CA HIS L 332 -20.20 -8.80 -106.27
C HIS L 332 -18.79 -8.88 -105.71
N ALA L 333 -18.30 -10.12 -105.47
CA ALA L 333 -16.99 -10.32 -104.88
C ALA L 333 -15.89 -9.68 -105.72
N PHE L 334 -15.90 -9.95 -107.03
CA PHE L 334 -14.91 -9.45 -107.99
C PHE L 334 -14.83 -7.93 -108.03
N PHE L 335 -15.91 -7.25 -108.42
CA PHE L 335 -15.78 -5.81 -108.59
C PHE L 335 -15.75 -5.07 -107.27
N LYS L 336 -16.24 -5.63 -106.16
CA LYS L 336 -16.14 -4.86 -104.94
C LYS L 336 -14.75 -4.99 -104.31
N ALA L 337 -14.11 -6.15 -104.44
CA ALA L 337 -12.70 -6.25 -104.12
C ALA L 337 -11.86 -5.36 -105.03
N MET L 338 -12.26 -5.23 -106.30
CA MET L 338 -11.52 -4.37 -107.22
C MET L 338 -11.72 -2.89 -106.89
N LEU L 339 -12.92 -2.48 -106.47
CA LEU L 339 -13.14 -1.10 -106.07
C LEU L 339 -12.38 -0.75 -104.80
N PHE L 340 -12.29 -1.67 -103.84
CA PHE L 340 -11.44 -1.40 -102.68
C PHE L 340 -9.96 -1.37 -103.04
N MET L 341 -9.53 -2.21 -103.98
CA MET L 341 -8.13 -2.18 -104.40
C MET L 341 -7.78 -0.90 -105.12
N CYS L 342 -8.70 -0.38 -105.95
CA CYS L 342 -8.47 0.90 -106.62
C CYS L 342 -8.46 2.05 -105.61
N SER L 343 -9.36 2.00 -104.63
CA SER L 343 -9.38 3.02 -103.58
C SER L 343 -8.09 3.02 -102.80
N GLY L 344 -7.61 1.84 -102.39
CA GLY L 344 -6.36 1.77 -101.67
C GLY L 344 -5.13 2.07 -102.48
N SER L 345 -5.19 1.85 -103.81
CA SER L 345 -4.12 2.31 -104.67
C SER L 345 -4.07 3.83 -104.70
N ILE L 346 -5.24 4.48 -104.65
CA ILE L 346 -5.27 5.93 -104.50
C ILE L 346 -4.77 6.35 -103.12
N ILE L 347 -5.09 5.54 -102.09
CA ILE L 347 -4.73 5.87 -100.71
C ILE L 347 -3.22 5.83 -100.51
N HIS L 348 -2.57 4.75 -100.95
CA HIS L 348 -1.12 4.69 -100.87
C HIS L 348 -0.45 5.57 -101.93
N SER L 349 -1.17 5.90 -103.00
CA SER L 349 -0.67 6.84 -103.99
C SER L 349 -0.87 8.30 -103.58
N LEU L 350 -1.61 8.56 -102.49
CA LEU L 350 -1.72 9.90 -101.94
C LEU L 350 -1.25 9.95 -100.50
N ASN L 351 -0.40 9.00 -100.10
CA ASN L 351 0.27 8.93 -98.80
C ASN L 351 -0.72 8.86 -97.64
N ASP L 352 -1.49 7.75 -97.65
CA ASP L 352 -2.50 7.42 -96.65
C ASP L 352 -3.58 8.50 -96.57
N GLU L 353 -4.11 8.88 -97.72
CA GLU L 353 -5.22 9.83 -97.81
C GLU L 353 -6.49 9.07 -98.17
N GLN L 354 -7.49 9.14 -97.30
CA GLN L 354 -8.74 8.43 -97.51
C GLN L 354 -9.93 9.36 -97.68
N ASP L 355 -9.75 10.66 -97.53
CA ASP L 355 -10.86 11.60 -97.61
C ASP L 355 -10.95 12.15 -99.04
N ILE L 356 -12.16 12.19 -99.60
CA ILE L 356 -12.33 12.58 -100.99
C ILE L 356 -12.40 14.08 -101.19
N ARG L 357 -12.51 14.86 -100.12
CA ARG L 357 -12.42 16.31 -100.21
C ARG L 357 -11.00 16.82 -100.40
N LYS L 358 -10.00 15.94 -100.26
CA LYS L 358 -8.62 16.23 -100.63
C LYS L 358 -8.18 15.37 -101.81
N MET L 359 -9.09 15.10 -102.73
CA MET L 359 -8.78 14.27 -103.90
C MET L 359 -9.18 14.99 -105.19
N GLY L 360 -9.18 14.25 -106.29
CA GLY L 360 -9.57 14.78 -107.58
C GLY L 360 -8.38 15.01 -108.49
N GLY L 361 -8.69 15.24 -109.76
CA GLY L 361 -7.66 15.40 -110.76
C GLY L 361 -6.91 14.14 -111.11
N LEU L 362 -7.37 12.98 -110.64
CA LEU L 362 -6.68 11.72 -110.82
C LEU L 362 -7.20 10.93 -112.00
N PHE L 363 -7.86 11.60 -112.94
CA PHE L 363 -8.26 10.95 -114.18
C PHE L 363 -7.04 10.63 -115.04
N LYS L 364 -6.23 11.63 -115.34
CA LYS L 364 -5.02 11.44 -116.14
C LYS L 364 -3.80 11.08 -115.30
N ALA L 365 -3.84 11.29 -113.98
CA ALA L 365 -2.68 11.01 -113.15
C ALA L 365 -2.52 9.52 -112.89
N MET L 366 -3.62 8.83 -112.57
CA MET L 366 -3.61 7.38 -112.36
C MET L 366 -4.61 6.77 -113.35
N PRO L 367 -4.21 6.58 -114.61
CA PRO L 367 -5.19 6.15 -115.61
C PRO L 367 -5.64 4.71 -115.46
N PHE L 368 -4.80 3.82 -114.94
CA PHE L 368 -5.17 2.42 -114.82
C PHE L 368 -6.15 2.21 -113.67
N THR L 369 -5.88 2.86 -112.53
CA THR L 369 -6.83 2.90 -111.43
C THR L 369 -8.12 3.59 -111.85
N THR L 370 -8.02 4.63 -112.69
CA THR L 370 -9.20 5.29 -113.25
C THR L 370 -10.04 4.32 -114.08
N THR L 371 -9.37 3.55 -114.96
CA THR L 371 -10.03 2.58 -115.81
C THR L 371 -10.76 1.53 -114.99
N ALA L 372 -10.06 0.90 -114.07
CA ALA L 372 -10.67 -0.16 -113.28
C ALA L 372 -11.70 0.38 -112.28
N LEU L 373 -11.58 1.64 -111.86
CA LEU L 373 -12.56 2.20 -110.94
C LEU L 373 -13.84 2.58 -111.67
N ILE L 374 -13.73 3.09 -112.90
CA ILE L 374 -14.92 3.33 -113.71
C ILE L 374 -15.62 2.01 -114.05
N ILE L 375 -14.84 0.98 -114.40
CA ILE L 375 -15.41 -0.33 -114.70
C ILE L 375 -16.07 -0.93 -113.48
N GLY L 376 -15.48 -0.73 -112.30
CA GLY L 376 -16.08 -1.25 -111.08
C GLY L 376 -17.33 -0.51 -110.66
N SER L 377 -17.35 0.81 -110.81
CA SER L 377 -18.55 1.59 -110.47
C SER L 377 -19.70 1.27 -111.43
N LEU L 378 -19.39 1.09 -112.71
CA LEU L 378 -20.43 0.73 -113.68
C LEU L 378 -20.92 -0.70 -113.47
N ALA L 379 -20.03 -1.61 -113.08
CA ALA L 379 -20.46 -2.97 -112.73
C ALA L 379 -21.29 -2.98 -111.45
N LEU L 380 -21.01 -2.06 -110.53
CA LEU L 380 -21.83 -1.91 -109.33
C LEU L 380 -23.24 -1.44 -109.68
N THR L 381 -23.35 -0.36 -110.46
CA THR L 381 -24.65 0.22 -110.74
C THR L 381 -25.50 -0.60 -111.69
N GLY L 382 -24.93 -1.61 -112.34
CA GLY L 382 -25.70 -2.39 -113.29
C GLY L 382 -25.66 -1.79 -114.68
N MET L 383 -24.45 -1.49 -115.15
CA MET L 383 -24.25 -1.25 -116.56
C MET L 383 -24.63 -2.50 -117.35
N PRO L 384 -25.33 -2.36 -118.47
CA PRO L 384 -25.67 -3.53 -119.29
C PRO L 384 -24.45 -4.29 -119.79
N PHE L 385 -24.41 -5.57 -119.42
CA PHE L 385 -23.45 -6.59 -119.87
C PHE L 385 -22.05 -6.40 -119.30
N LEU L 386 -21.93 -5.77 -118.13
CA LEU L 386 -20.80 -6.05 -117.27
C LEU L 386 -21.14 -7.24 -116.38
N THR L 387 -20.31 -7.50 -115.38
CA THR L 387 -20.57 -8.67 -114.52
C THR L 387 -21.78 -8.44 -113.61
N GLY L 388 -22.00 -7.20 -113.16
CA GLY L 388 -23.09 -6.91 -112.24
C GLY L 388 -24.46 -7.00 -112.87
N PHE L 389 -24.54 -6.89 -114.20
CA PHE L 389 -25.81 -6.98 -114.90
C PHE L 389 -26.44 -8.36 -114.75
N TYR L 390 -25.64 -9.40 -115.00
CA TYR L 390 -26.09 -10.80 -115.03
C TYR L 390 -26.57 -11.32 -113.68
N SER L 391 -26.40 -10.56 -112.59
CA SER L 391 -27.03 -10.88 -111.33
C SER L 391 -28.09 -9.85 -110.95
N LYS L 392 -27.72 -8.57 -110.92
CA LYS L 392 -28.58 -7.55 -110.34
C LYS L 392 -29.82 -7.28 -111.19
N ASP L 393 -29.69 -7.39 -112.52
CA ASP L 393 -30.85 -7.15 -113.38
C ASP L 393 -31.93 -8.20 -113.16
N LEU L 394 -31.55 -9.47 -113.11
CA LEU L 394 -32.50 -10.54 -112.81
C LEU L 394 -33.02 -10.45 -111.39
N ILE L 395 -32.22 -9.94 -110.45
CA ILE L 395 -32.68 -9.74 -109.07
C ILE L 395 -33.81 -8.72 -109.02
N ILE L 396 -33.63 -7.57 -109.69
CA ILE L 396 -34.66 -6.54 -109.64
C ILE L 396 -35.89 -6.97 -110.47
N GLU L 397 -35.68 -7.74 -111.54
CA GLU L 397 -36.80 -8.28 -112.31
C GLU L 397 -37.65 -9.23 -111.48
N SER L 398 -37.02 -10.20 -110.82
CA SER L 398 -37.79 -11.13 -110.01
C SER L 398 -38.32 -10.50 -108.73
N ALA L 399 -37.72 -9.38 -108.29
CA ALA L 399 -38.35 -8.59 -107.25
C ALA L 399 -39.64 -7.96 -107.74
N ASN L 400 -39.63 -7.48 -108.99
CA ASN L 400 -40.83 -6.94 -109.60
C ASN L 400 -41.85 -8.04 -109.90
N THR L 401 -41.41 -9.14 -110.49
CA THR L 401 -42.31 -10.16 -111.03
C THR L 401 -42.56 -11.28 -110.02
N SER L 402 -43.01 -10.90 -108.83
CA SER L 402 -43.35 -11.88 -107.80
C SER L 402 -44.34 -11.25 -106.83
N TYR L 403 -44.97 -12.10 -106.03
CA TYR L 403 -45.84 -11.66 -104.95
C TYR L 403 -44.97 -11.04 -103.87
N THR L 404 -44.91 -9.70 -103.86
CA THR L 404 -43.86 -8.98 -103.17
C THR L 404 -44.46 -7.84 -102.37
N ASN L 405 -43.89 -7.59 -101.18
CA ASN L 405 -44.13 -6.36 -100.45
C ASN L 405 -43.79 -5.16 -101.33
N ALA L 406 -44.70 -4.18 -101.38
CA ALA L 406 -44.57 -3.08 -102.33
C ALA L 406 -43.63 -2.00 -101.82
N TRP L 407 -43.73 -1.67 -100.53
CA TRP L 407 -42.81 -0.70 -99.93
C TRP L 407 -41.38 -1.22 -99.94
N ALA L 408 -41.20 -2.54 -99.83
CA ALA L 408 -39.88 -3.14 -99.91
C ALA L 408 -39.28 -2.98 -101.31
N LEU L 409 -40.09 -3.26 -102.33
CA LEU L 409 -39.68 -3.06 -103.72
C LEU L 409 -39.36 -1.60 -104.02
N LEU L 410 -40.13 -0.68 -103.43
CA LEU L 410 -39.94 0.74 -103.72
C LEU L 410 -38.66 1.24 -103.05
N MET L 411 -38.39 0.79 -101.82
CA MET L 411 -37.14 1.15 -101.16
C MET L 411 -35.93 0.50 -101.84
N THR L 412 -36.13 -0.70 -102.41
CA THR L 412 -35.09 -1.32 -103.23
C THR L 412 -34.77 -0.46 -104.45
N LEU L 413 -35.79 0.08 -105.11
CA LEU L 413 -35.55 0.92 -106.29
C LEU L 413 -34.92 2.26 -105.93
N VAL L 414 -35.32 2.84 -104.79
CA VAL L 414 -34.71 4.09 -104.34
C VAL L 414 -33.25 3.88 -103.98
N ALA L 415 -32.94 2.74 -103.34
CA ALA L 415 -31.54 2.41 -103.06
C ALA L 415 -30.78 2.11 -104.34
N THR L 416 -31.46 1.56 -105.36
CA THR L 416 -30.84 1.33 -106.66
C THR L 416 -30.42 2.64 -107.32
N SER L 417 -31.26 3.67 -107.21
CA SER L 417 -30.85 4.99 -107.71
C SER L 417 -29.73 5.58 -106.85
N PHE L 418 -29.77 5.35 -105.54
CA PHE L 418 -28.74 5.87 -104.65
C PHE L 418 -27.37 5.25 -104.94
N THR L 419 -27.34 3.99 -105.42
CA THR L 419 -26.09 3.37 -105.84
C THR L 419 -25.42 4.15 -106.97
N ALA L 420 -26.21 4.54 -107.97
CA ALA L 420 -25.70 5.37 -109.06
C ALA L 420 -25.24 6.73 -108.54
N ILE L 421 -25.94 7.27 -107.53
CA ILE L 421 -25.57 8.57 -106.97
C ILE L 421 -24.21 8.50 -106.28
N TYR L 422 -24.00 7.53 -105.40
CA TYR L 422 -22.68 7.51 -104.75
C TYR L 422 -21.57 6.99 -105.66
N SER L 423 -21.92 6.22 -106.71
CA SER L 423 -20.90 5.81 -107.67
C SER L 423 -20.37 6.99 -108.46
N THR L 424 -21.28 7.83 -108.99
CA THR L 424 -20.79 9.03 -109.65
C THR L 424 -20.27 10.07 -108.68
N ARG L 425 -20.59 9.96 -107.38
CA ARG L 425 -19.91 10.79 -106.38
C ARG L 425 -18.45 10.38 -106.22
N ILE L 426 -18.18 9.07 -106.22
CA ILE L 426 -16.80 8.57 -106.24
C ILE L 426 -16.07 9.05 -107.49
N ILE L 427 -16.72 8.92 -108.65
CA ILE L 427 -16.07 9.32 -109.90
C ILE L 427 -15.87 10.84 -109.96
N PHE L 428 -16.75 11.60 -109.31
CA PHE L 428 -16.62 13.05 -109.26
C PHE L 428 -15.46 13.47 -108.37
N PHE L 429 -15.50 13.07 -107.10
CA PHE L 429 -14.54 13.60 -106.14
C PHE L 429 -13.17 12.93 -106.20
N ALA L 430 -13.11 11.65 -106.59
CA ALA L 430 -11.85 10.92 -106.51
C ALA L 430 -11.00 11.07 -107.76
N LEU L 431 -11.61 11.00 -108.93
CA LEU L 431 -10.90 11.03 -110.20
C LEU L 431 -11.06 12.35 -110.94
N LEU L 432 -12.29 12.78 -111.17
CA LEU L 432 -12.57 13.96 -111.97
C LEU L 432 -12.25 15.24 -111.20
N GLY L 433 -12.55 16.35 -111.86
CA GLY L 433 -12.28 17.65 -111.26
C GLY L 433 -10.80 17.94 -111.24
N GLN L 434 -10.36 18.58 -110.17
CA GLN L 434 -9.03 19.14 -110.05
C GLN L 434 -8.38 18.64 -108.76
N PRO L 435 -7.06 18.76 -108.62
CA PRO L 435 -6.43 18.35 -107.35
C PRO L 435 -6.91 19.15 -106.16
N ARG L 436 -7.06 18.45 -105.04
CA ARG L 436 -7.32 19.08 -103.76
C ARG L 436 -6.33 18.58 -102.71
N PHE L 437 -5.42 17.69 -103.08
CA PHE L 437 -4.38 17.13 -102.22
C PHE L 437 -3.18 18.08 -102.16
N PRO L 438 -2.27 17.92 -101.14
CA PRO L 438 -1.10 18.81 -101.04
C PRO L 438 -0.14 18.81 -102.22
N THR L 439 0.83 19.73 -102.17
CA THR L 439 1.62 20.10 -103.34
C THR L 439 2.71 19.11 -103.68
N LEU L 440 3.09 18.22 -102.78
CA LEU L 440 4.12 17.24 -103.06
C LEU L 440 3.48 16.01 -103.70
N ILE L 441 3.95 15.65 -104.88
CA ILE L 441 3.40 14.52 -105.63
C ILE L 441 4.39 13.37 -105.55
N ASN L 442 3.98 12.25 -104.93
CA ASN L 442 4.59 10.95 -105.16
C ASN L 442 3.56 9.98 -105.73
N ILE L 443 2.74 10.47 -106.66
CA ILE L 443 1.76 9.62 -107.32
C ILE L 443 2.48 8.67 -108.25
N ASN L 444 2.40 7.38 -107.95
CA ASN L 444 3.03 6.35 -108.76
C ASN L 444 2.30 5.04 -108.50
N GLU L 445 2.16 4.23 -109.55
CA GLU L 445 1.50 2.94 -109.44
C GLU L 445 2.22 1.85 -110.22
N ASN L 446 3.38 2.14 -110.81
CA ASN L 446 4.08 1.19 -111.66
C ASN L 446 4.79 0.14 -110.82
N ASN L 447 4.01 -0.84 -110.39
CA ASN L 447 4.52 -2.09 -109.84
C ASN L 447 3.65 -3.20 -110.44
N PRO L 448 4.25 -4.19 -111.11
CA PRO L 448 3.45 -5.27 -111.70
C PRO L 448 2.70 -6.13 -110.68
N PHE L 449 3.08 -6.08 -109.40
CA PHE L 449 2.21 -6.56 -108.33
C PHE L 449 0.84 -5.90 -108.41
N LEU L 450 0.83 -4.57 -108.29
CA LEU L 450 -0.40 -3.79 -108.32
C LEU L 450 -1.12 -3.92 -109.66
N ILE L 451 -0.34 -3.90 -110.76
CA ILE L 451 -0.93 -3.90 -112.09
C ILE L 451 -1.56 -5.25 -112.42
N ASN L 452 -0.86 -6.36 -112.12
CA ASN L 452 -1.46 -7.68 -112.37
C ASN L 452 -2.59 -7.98 -111.40
N SER L 453 -2.50 -7.49 -110.15
CA SER L 453 -3.55 -7.76 -109.19
C SER L 453 -4.83 -7.01 -109.51
N ILE L 454 -4.72 -5.80 -110.06
CA ILE L 454 -5.94 -5.13 -110.51
C ILE L 454 -6.39 -5.69 -111.86
N LYS L 455 -5.44 -6.14 -112.69
CA LYS L 455 -5.73 -6.63 -114.03
C LYS L 455 -6.56 -7.90 -114.01
N ARG L 456 -6.28 -8.82 -113.08
CA ARG L 456 -6.99 -10.09 -113.10
C ARG L 456 -8.43 -9.96 -112.63
N LEU L 457 -8.68 -9.14 -111.59
CA LEU L 457 -10.05 -8.83 -111.23
C LEU L 457 -10.73 -7.94 -112.26
N LEU L 458 -9.96 -7.21 -113.08
CA LEU L 458 -10.58 -6.43 -114.14
C LEU L 458 -11.06 -7.33 -115.27
N ILE L 459 -10.25 -8.32 -115.65
CA ILE L 459 -10.66 -9.35 -116.60
C ILE L 459 -11.85 -10.14 -116.04
N GLY L 460 -11.85 -10.40 -114.73
CA GLY L 460 -12.98 -11.03 -114.08
C GLY L 460 -14.25 -10.19 -114.15
N SER L 461 -14.13 -8.88 -113.90
CA SER L 461 -15.29 -7.99 -113.98
C SER L 461 -15.78 -7.82 -115.40
N LEU L 462 -14.94 -8.04 -116.40
CA LEU L 462 -15.40 -7.95 -117.78
C LEU L 462 -16.00 -9.24 -118.32
N PHE L 463 -15.57 -10.41 -117.84
CA PHE L 463 -16.03 -11.67 -118.42
C PHE L 463 -16.85 -12.57 -117.50
N ALA L 464 -16.75 -12.40 -116.19
CA ALA L 464 -17.15 -13.46 -115.26
C ALA L 464 -18.67 -13.54 -115.06
N GLY L 465 -19.37 -12.42 -115.18
CA GLY L 465 -20.83 -12.48 -115.11
C GLY L 465 -21.41 -13.29 -116.24
N PHE L 466 -20.93 -13.04 -117.47
CA PHE L 466 -21.28 -13.85 -118.64
C PHE L 466 -20.92 -15.31 -118.43
N ILE L 467 -19.69 -15.57 -117.96
CA ILE L 467 -19.17 -16.94 -117.81
C ILE L 467 -19.98 -17.73 -116.78
N ILE L 468 -20.19 -17.16 -115.60
CA ILE L 468 -20.86 -17.89 -114.53
C ILE L 468 -22.36 -18.00 -114.83
N SER L 469 -22.98 -16.90 -115.29
CA SER L 469 -24.41 -16.92 -115.60
C SER L 469 -24.75 -17.85 -116.76
N ASN L 470 -23.80 -18.17 -117.65
CA ASN L 470 -24.05 -19.18 -118.66
C ASN L 470 -23.47 -20.55 -118.32
N ASN L 471 -22.74 -20.69 -117.21
CA ASN L 471 -22.23 -22.01 -116.83
C ASN L 471 -23.01 -22.71 -115.74
N ILE L 472 -23.84 -22.01 -114.98
CA ILE L 472 -24.50 -22.64 -113.84
C ILE L 472 -25.70 -23.46 -114.31
N PRO L 473 -26.04 -24.55 -113.62
CA PRO L 473 -27.26 -25.28 -113.98
C PRO L 473 -28.48 -24.55 -113.46
N PRO L 474 -29.61 -24.63 -114.17
CA PRO L 474 -30.82 -23.96 -113.70
C PRO L 474 -31.42 -24.64 -112.48
N MET L 475 -31.75 -23.83 -111.48
CA MET L 475 -32.38 -24.32 -110.26
C MET L 475 -33.74 -23.69 -109.98
N THR L 476 -34.04 -22.54 -110.59
CA THR L 476 -35.40 -22.01 -110.63
C THR L 476 -35.74 -21.75 -112.09
N ILE L 477 -36.86 -21.08 -112.34
CA ILE L 477 -37.31 -20.77 -113.70
C ILE L 477 -37.13 -19.27 -113.92
N PRO L 478 -36.37 -18.85 -114.95
CA PRO L 478 -36.20 -17.41 -115.19
C PRO L 478 -37.46 -16.76 -115.75
N GLN L 479 -38.10 -15.94 -114.92
CA GLN L 479 -39.23 -15.14 -115.39
C GLN L 479 -38.74 -14.11 -116.40
N MET L 480 -39.30 -14.18 -117.61
CA MET L 480 -38.80 -13.39 -118.72
C MET L 480 -39.89 -12.63 -119.47
N THR L 481 -41.16 -12.76 -119.05
CA THR L 481 -42.27 -12.06 -119.69
C THR L 481 -42.82 -11.05 -118.70
N MET L 482 -42.73 -9.78 -119.06
CA MET L 482 -43.04 -8.65 -118.17
C MET L 482 -43.30 -7.44 -119.04
N PRO L 483 -44.09 -6.46 -118.58
CA PRO L 483 -44.43 -5.32 -119.44
C PRO L 483 -43.24 -4.41 -119.73
N HIS L 484 -43.48 -3.49 -120.67
CA HIS L 484 -42.41 -2.71 -121.28
C HIS L 484 -41.74 -1.77 -120.28
N TYR L 485 -42.50 -1.23 -119.34
CA TYR L 485 -41.92 -0.40 -118.29
C TYR L 485 -41.22 -1.23 -117.23
N LEU L 486 -41.54 -2.51 -117.13
CA LEU L 486 -41.07 -3.30 -115.99
C LEU L 486 -39.75 -4.00 -116.27
N LYS L 487 -39.50 -4.35 -117.53
CA LYS L 487 -38.19 -4.85 -117.93
C LYS L 487 -37.12 -3.79 -117.77
N MET L 488 -37.43 -2.56 -118.14
CA MET L 488 -36.51 -1.43 -118.12
C MET L 488 -36.67 -0.59 -116.86
N THR L 489 -37.00 -1.20 -115.72
CA THR L 489 -37.19 -0.43 -114.49
C THR L 489 -35.86 -0.04 -113.87
N ALA L 490 -35.00 -1.03 -113.60
CA ALA L 490 -33.78 -0.80 -112.82
C ALA L 490 -32.79 0.06 -113.58
N LEU L 491 -32.66 -0.17 -114.89
CA LEU L 491 -31.75 0.62 -115.70
C LEU L 491 -32.20 2.07 -115.80
N THR L 492 -33.51 2.29 -115.92
CA THR L 492 -34.01 3.67 -116.01
C THR L 492 -33.88 4.39 -114.68
N VAL L 493 -34.18 3.71 -113.57
CA VAL L 493 -34.02 4.32 -112.24
C VAL L 493 -32.55 4.60 -111.95
N THR L 494 -31.65 3.72 -112.40
CA THR L 494 -30.22 3.95 -112.23
C THR L 494 -29.74 5.14 -113.09
N ILE L 495 -30.23 5.25 -114.32
CA ILE L 495 -29.84 6.34 -115.20
C ILE L 495 -30.37 7.68 -114.70
N LEU L 496 -31.62 7.69 -114.21
CA LEU L 496 -32.17 8.91 -113.60
C LEU L 496 -31.44 9.25 -112.31
N GLY L 497 -30.92 8.25 -111.59
CA GLY L 497 -30.04 8.53 -110.47
C GLY L 497 -28.74 9.17 -110.89
N PHE L 498 -28.15 8.70 -112.00
CA PHE L 498 -26.95 9.34 -112.53
C PHE L 498 -27.20 10.79 -112.94
N ILE L 499 -28.32 11.05 -113.60
CA ILE L 499 -28.62 12.41 -114.07
C ILE L 499 -28.93 13.34 -112.90
N LEU L 500 -29.71 12.84 -111.94
CA LEU L 500 -30.01 13.59 -110.72
C LEU L 500 -28.75 13.93 -109.93
N ALA L 501 -27.84 12.97 -109.80
CA ALA L 501 -26.60 13.24 -109.08
C ALA L 501 -25.62 14.05 -109.90
N LEU L 502 -25.74 14.06 -111.23
CA LEU L 502 -24.96 15.03 -112.02
C LEU L 502 -25.43 16.44 -111.77
N GLU L 503 -26.75 16.65 -111.66
CA GLU L 503 -27.27 17.95 -111.21
C GLU L 503 -26.73 18.31 -109.83
N ILE L 504 -26.76 17.35 -108.90
CA ILE L 504 -26.31 17.59 -107.53
C ILE L 504 -24.81 17.88 -107.48
N SER L 505 -24.02 17.23 -108.34
CA SER L 505 -22.58 17.42 -108.32
C SER L 505 -22.14 18.64 -109.11
N ASN L 506 -22.91 19.06 -110.12
CA ASN L 506 -22.64 20.34 -110.74
C ASN L 506 -23.15 21.51 -109.91
N THR L 507 -23.98 21.25 -108.91
CA THR L 507 -24.26 22.29 -107.91
C THR L 507 -23.24 22.33 -106.78
N THR L 508 -22.01 21.85 -107.00
CA THR L 508 -20.93 21.98 -106.04
C THR L 508 -19.99 23.13 -106.38
N HIS L 509 -19.73 23.37 -107.67
CA HIS L 509 -18.81 24.43 -108.08
C HIS L 509 -19.40 25.82 -107.89
N TYR L 510 -20.71 25.93 -107.73
CA TYR L 510 -21.38 27.23 -107.79
C TYR L 510 -21.09 28.05 -106.54
N LEU L 511 -20.88 29.35 -106.75
CA LEU L 511 -20.43 30.25 -105.69
C LEU L 511 -21.61 30.76 -104.85
N LYS L 512 -22.34 29.82 -104.27
CA LYS L 512 -23.41 30.10 -103.34
C LYS L 512 -23.31 29.10 -102.20
N PHE L 513 -23.71 29.52 -101.01
CA PHE L 513 -23.52 28.71 -99.81
C PHE L 513 -24.83 28.52 -99.08
N ASN L 514 -25.20 27.28 -98.85
CA ASN L 514 -26.38 26.93 -98.06
C ASN L 514 -25.98 26.41 -96.69
N TYR L 515 -26.92 26.53 -95.76
CA TYR L 515 -26.80 25.90 -94.46
C TYR L 515 -27.08 24.40 -94.60
N PRO L 516 -26.60 23.58 -93.66
CA PRO L 516 -26.95 22.16 -93.71
C PRO L 516 -28.37 21.92 -93.22
N SER L 517 -29.09 21.07 -93.97
CA SER L 517 -30.44 20.67 -93.61
C SER L 517 -30.39 19.53 -92.58
N ASN L 518 -31.52 18.92 -92.31
CA ASN L 518 -31.53 17.77 -91.41
C ASN L 518 -31.49 16.44 -92.15
N THR L 519 -31.81 16.44 -93.45
CA THR L 519 -31.53 15.27 -94.27
C THR L 519 -30.03 15.05 -94.43
N PHE L 520 -29.28 16.13 -94.63
CA PHE L 520 -27.84 16.01 -94.79
C PHE L 520 -27.16 15.67 -93.45
N LYS L 521 -27.64 16.26 -92.35
CA LYS L 521 -27.09 15.91 -91.04
C LYS L 521 -27.49 14.50 -90.61
N PHE L 522 -28.65 14.02 -91.07
CA PHE L 522 -29.06 12.67 -90.74
C PHE L 522 -28.27 11.64 -91.53
N SER L 523 -28.09 11.88 -92.83
CA SER L 523 -27.32 10.96 -93.65
C SER L 523 -25.83 11.06 -93.37
N ASN L 524 -25.37 12.20 -92.88
CA ASN L 524 -23.94 12.44 -92.69
C ASN L 524 -23.46 11.86 -91.37
N LEU L 525 -24.27 11.98 -90.31
CA LEU L 525 -23.94 11.41 -89.00
C LEU L 525 -24.45 9.97 -88.84
N LEU L 526 -24.51 9.23 -89.94
CA LEU L 526 -24.71 7.78 -90.00
C LEU L 526 -26.11 7.36 -89.56
N GLY L 527 -27.09 8.25 -89.69
CA GLY L 527 -28.44 7.92 -89.30
C GLY L 527 -28.67 7.79 -87.81
N TYR L 528 -27.75 8.31 -86.99
CA TYR L 528 -27.85 8.49 -85.53
C TYR L 528 -27.88 7.17 -84.76
N TYR L 529 -27.81 6.02 -85.44
CA TYR L 529 -27.73 4.73 -84.76
C TYR L 529 -26.32 4.49 -84.19
N PRO L 530 -25.20 4.65 -84.94
CA PRO L 530 -23.89 4.45 -84.30
C PRO L 530 -23.53 5.54 -83.30
N THR L 531 -24.22 6.67 -83.30
CA THR L 531 -24.02 7.63 -82.23
C THR L 531 -24.76 7.19 -80.97
N ILE L 532 -26.10 7.08 -81.07
CA ILE L 532 -26.94 6.90 -79.89
C ILE L 532 -26.71 5.54 -79.26
N MET L 533 -26.63 4.49 -80.07
CA MET L 533 -26.55 3.15 -79.49
C MET L 533 -25.20 2.90 -78.87
N HIS L 534 -24.13 3.39 -79.49
CA HIS L 534 -22.79 3.20 -78.97
C HIS L 534 -22.50 4.10 -77.78
N ARG L 535 -23.21 5.22 -77.65
CA ARG L 535 -23.09 6.03 -76.45
C ARG L 535 -24.00 5.56 -75.32
N LEU L 536 -25.10 4.86 -75.63
CA LEU L 536 -26.14 4.63 -74.65
C LEU L 536 -26.21 3.19 -74.14
N THR L 537 -26.12 2.19 -75.02
CA THR L 537 -26.21 0.81 -74.55
C THR L 537 -24.98 0.37 -73.74
N PRO L 538 -23.72 0.76 -74.09
CA PRO L 538 -22.64 0.54 -73.10
C PRO L 538 -22.79 1.37 -71.83
N TYR L 539 -23.49 2.50 -71.86
CA TYR L 539 -23.79 3.23 -70.63
C TYR L 539 -24.70 2.41 -69.72
N MET L 540 -25.83 1.93 -70.27
CA MET L 540 -26.77 1.15 -69.49
C MET L 540 -26.24 -0.23 -69.13
N ASN L 541 -25.19 -0.71 -69.81
CA ASN L 541 -24.54 -1.92 -69.34
C ASN L 541 -23.57 -1.62 -68.21
N LEU L 542 -22.65 -0.68 -68.42
CA LEU L 542 -21.53 -0.51 -67.50
C LEU L 542 -21.87 0.26 -66.24
N THR L 543 -22.74 1.27 -66.30
CA THR L 543 -23.16 1.92 -65.07
C THR L 543 -24.01 1.00 -64.20
N MET L 544 -24.81 0.14 -64.83
CA MET L 544 -25.48 -0.93 -64.09
C MET L 544 -24.45 -1.88 -63.48
N SER L 545 -23.47 -2.30 -64.30
CA SER L 545 -22.49 -3.31 -63.91
C SER L 545 -21.62 -2.83 -62.76
N GLN L 546 -21.35 -1.52 -62.69
CA GLN L 546 -20.66 -0.99 -61.53
C GLN L 546 -21.64 -0.78 -60.39
N LYS L 547 -22.59 0.16 -60.57
CA LYS L 547 -23.36 0.73 -59.47
C LYS L 547 -24.24 -0.30 -58.77
N SER L 548 -24.82 -1.24 -59.53
CA SER L 548 -25.52 -2.35 -58.88
C SER L 548 -24.58 -3.52 -58.66
N ALA L 549 -24.06 -4.10 -59.74
CA ALA L 549 -23.47 -5.43 -59.68
C ALA L 549 -22.11 -5.45 -59.00
N SER L 550 -21.24 -4.47 -59.27
CA SER L 550 -19.93 -4.49 -58.64
C SER L 550 -20.03 -4.03 -57.19
N SER L 551 -20.58 -2.84 -56.97
CA SER L 551 -20.63 -2.28 -55.62
C SER L 551 -21.78 -2.88 -54.82
N LEU L 552 -23.02 -2.58 -55.23
CA LEU L 552 -24.21 -2.73 -54.39
C LEU L 552 -24.45 -4.18 -54.01
N LEU L 553 -24.54 -5.06 -54.99
CA LEU L 553 -24.71 -6.48 -54.66
C LEU L 553 -23.42 -7.06 -54.13
N ASP L 554 -22.38 -7.12 -54.96
CA ASP L 554 -21.26 -8.02 -54.75
C ASP L 554 -20.01 -7.32 -54.24
N LEU L 555 -20.18 -6.25 -53.47
CA LEU L 555 -19.21 -5.81 -52.48
C LEU L 555 -19.90 -5.40 -51.20
N ILE L 556 -21.23 -5.26 -51.21
CA ILE L 556 -21.96 -4.77 -50.05
C ILE L 556 -22.98 -5.78 -49.57
N TRP L 557 -24.00 -6.08 -50.39
CA TRP L 557 -25.16 -6.71 -49.78
C TRP L 557 -25.06 -8.22 -49.69
N LEU L 558 -24.52 -8.88 -50.73
CA LEU L 558 -24.25 -10.30 -50.59
C LEU L 558 -23.09 -10.54 -49.63
N GLU L 559 -22.14 -9.60 -49.56
CA GLU L 559 -21.09 -9.60 -48.57
C GLU L 559 -21.61 -9.26 -47.17
N THR L 560 -22.81 -8.69 -47.07
CA THR L 560 -23.36 -8.32 -45.78
C THR L 560 -24.26 -9.40 -45.19
N ILE L 561 -25.17 -9.97 -45.99
CA ILE L 561 -26.30 -10.71 -45.45
C ILE L 561 -25.85 -12.04 -44.82
N LEU L 562 -24.98 -12.80 -45.49
CA LEU L 562 -24.50 -13.99 -44.79
C LEU L 562 -23.35 -13.67 -43.82
N PRO L 563 -22.13 -13.19 -44.26
CA PRO L 563 -21.01 -13.24 -43.31
C PRO L 563 -20.89 -12.09 -42.31
N LYS L 564 -21.18 -10.85 -42.69
CA LYS L 564 -20.87 -9.72 -41.81
C LYS L 564 -21.87 -9.59 -40.67
N THR L 565 -23.15 -9.83 -40.94
CA THR L 565 -24.16 -9.79 -39.88
C THR L 565 -23.92 -10.88 -38.85
N ILE L 566 -23.56 -12.09 -39.31
CA ILE L 566 -23.20 -13.17 -38.40
C ILE L 566 -21.94 -12.82 -37.62
N SER L 567 -20.94 -12.21 -38.27
CA SER L 567 -19.70 -11.86 -37.59
C SER L 567 -19.91 -10.83 -36.49
N LEU L 568 -20.68 -9.77 -36.79
CA LEU L 568 -20.96 -8.76 -35.78
C LEU L 568 -21.88 -9.30 -34.68
N ALA L 569 -22.78 -10.23 -35.03
CA ALA L 569 -23.63 -10.86 -34.03
C ALA L 569 -22.83 -11.70 -33.05
N GLN L 570 -21.89 -12.49 -33.58
CA GLN L 570 -21.03 -13.30 -32.72
C GLN L 570 -20.10 -12.43 -31.89
N MET L 571 -19.64 -11.32 -32.47
CA MET L 571 -18.88 -10.31 -31.73
C MET L 571 -19.67 -9.78 -30.54
N LYS L 572 -20.92 -9.37 -30.77
CA LYS L 572 -21.72 -8.76 -29.72
C LYS L 572 -22.12 -9.77 -28.66
N MET L 573 -22.47 -11.00 -29.06
CA MET L 573 -22.79 -12.03 -28.08
C MET L 573 -21.57 -12.45 -27.27
N SER L 574 -20.38 -12.44 -27.88
CA SER L 574 -19.16 -12.69 -27.12
C SER L 574 -18.87 -11.56 -26.14
N THR L 575 -19.23 -10.32 -26.49
CA THR L 575 -19.11 -9.24 -25.52
C THR L 575 -20.13 -9.36 -24.40
N THR L 576 -21.31 -9.93 -24.68
CA THR L 576 -22.27 -10.14 -23.60
C THR L 576 -21.82 -11.25 -22.66
N ILE L 577 -21.20 -12.31 -23.20
CA ILE L 577 -20.72 -13.41 -22.36
C ILE L 577 -19.59 -12.95 -21.43
N THR L 578 -18.59 -12.28 -22.00
CA THR L 578 -17.30 -12.11 -21.32
C THR L 578 -17.09 -10.72 -20.72
N SER L 579 -18.16 -9.99 -20.42
CA SER L 579 -18.03 -8.68 -19.79
C SER L 579 -18.38 -8.73 -18.30
N GLN L 580 -18.09 -9.84 -17.64
CA GLN L 580 -18.42 -9.99 -16.23
C GLN L 580 -17.49 -9.16 -15.36
N LYS L 581 -18.03 -8.68 -14.24
CA LYS L 581 -17.27 -7.89 -13.28
C LYS L 581 -16.43 -8.73 -12.32
N GLY L 582 -16.33 -10.04 -12.54
CA GLY L 582 -15.50 -10.90 -11.71
C GLY L 582 -16.08 -11.25 -10.35
N LEU L 583 -17.28 -10.78 -10.02
CA LEU L 583 -17.80 -10.86 -8.66
C LEU L 583 -18.45 -12.22 -8.40
N ILE L 584 -17.99 -12.89 -7.33
CA ILE L 584 -18.37 -14.27 -7.04
C ILE L 584 -19.80 -14.32 -6.53
N LYS L 585 -20.22 -13.28 -5.82
CA LYS L 585 -21.59 -13.08 -5.36
C LYS L 585 -22.58 -13.19 -6.51
N LEU L 586 -22.25 -12.59 -7.65
CA LEU L 586 -23.14 -12.63 -8.80
C LEU L 586 -23.17 -14.02 -9.44
N TYR L 587 -22.07 -14.74 -9.38
CA TYR L 587 -22.06 -16.06 -10.00
C TYR L 587 -22.85 -17.06 -9.16
N PHE L 588 -22.69 -17.04 -7.83
CA PHE L 588 -23.52 -17.89 -6.99
C PHE L 588 -24.99 -17.48 -7.00
N LEU L 589 -25.28 -16.18 -7.17
CA LEU L 589 -26.65 -15.72 -7.37
C LEU L 589 -27.24 -16.30 -8.66
N SER L 590 -26.44 -16.36 -9.72
CA SER L 590 -26.88 -16.98 -10.96
C SER L 590 -27.07 -18.49 -10.83
N PHE L 591 -26.23 -19.15 -10.02
CA PHE L 591 -26.40 -20.59 -9.76
C PHE L 591 -27.73 -20.86 -9.07
N LEU L 592 -28.06 -20.04 -8.07
CA LEU L 592 -29.34 -20.15 -7.37
C LEU L 592 -30.51 -19.91 -8.31
N ILE L 593 -30.38 -18.92 -9.20
CA ILE L 593 -31.41 -18.67 -10.22
C ILE L 593 -31.58 -19.88 -11.12
N THR L 594 -30.48 -20.56 -11.46
CA THR L 594 -30.55 -21.77 -12.28
C THR L 594 -31.30 -22.89 -11.58
N ILE L 595 -31.01 -23.12 -10.29
CA ILE L 595 -31.71 -24.18 -9.55
C ILE L 595 -33.18 -23.83 -9.36
N LEU L 596 -33.50 -22.54 -9.20
CA LEU L 596 -34.91 -22.11 -9.16
C LEU L 596 -35.63 -22.34 -10.48
N ILE L 597 -34.98 -22.04 -11.60
CA ILE L 597 -35.61 -22.26 -12.91
C ILE L 597 -35.76 -23.74 -13.20
N SER L 598 -34.78 -24.56 -12.81
CA SER L 598 -34.86 -25.99 -13.03
C SER L 598 -35.79 -26.70 -12.06
N THR L 599 -36.19 -26.04 -10.97
CA THR L 599 -37.19 -26.62 -10.08
C THR L 599 -38.61 -26.17 -10.44
N THR L 600 -38.78 -24.89 -10.80
CA THR L 600 -40.12 -24.36 -11.02
C THR L 600 -40.50 -24.26 -12.49
N LEU L 601 -39.62 -23.71 -13.32
CA LEU L 601 -39.97 -23.33 -14.68
C LEU L 601 -40.04 -24.54 -15.61
N LEU L 602 -38.96 -25.29 -15.75
CA LEU L 602 -38.92 -26.43 -16.66
C LEU L 602 -39.32 -27.74 -16.00
N ASN L 603 -39.34 -27.78 -14.66
CA ASN L 603 -39.69 -28.95 -13.85
C ASN L 603 -38.81 -30.16 -14.17
N PHE L 604 -37.50 -29.96 -14.00
CA PHE L 604 -36.52 -31.04 -14.18
C PHE L 604 -36.54 -32.05 -13.04
N HIS L 605 -37.20 -31.76 -11.92
CA HIS L 605 -37.32 -32.69 -10.81
C HIS L 605 -38.40 -33.74 -11.05
N GLU L 606 -39.16 -33.63 -12.14
CA GLU L 606 -40.22 -34.56 -12.46
C GLU L 606 -39.66 -35.75 -13.22
N FME M 1 -6.01 -47.38 -56.88
CN FME M 1 -5.61 -48.30 -57.82
O1 FME M 1 -4.84 -48.01 -58.76
CA FME M 1 -5.59 -46.01 -56.91
CB FME M 1 -6.69 -45.05 -56.41
CG FME M 1 -7.60 -44.77 -57.56
SD FME M 1 -6.69 -43.81 -58.73
CE FME M 1 -6.21 -42.42 -57.76
C FME M 1 -4.36 -45.76 -56.06
O FME M 1 -3.85 -44.66 -55.88
N LEU M 2 -3.88 -46.87 -55.51
CA LEU M 2 -2.77 -46.87 -54.59
C LEU M 2 -1.47 -46.62 -55.34
N LYS M 3 -1.47 -47.01 -56.62
CA LYS M 3 -0.36 -46.77 -57.54
C LYS M 3 -0.12 -45.29 -57.84
N TYR M 4 -1.04 -44.41 -57.45
CA TYR M 4 -0.83 -42.98 -57.53
C TYR M 4 -0.70 -42.32 -56.18
N ILE M 5 -1.23 -42.96 -55.13
CA ILE M 5 -1.13 -42.38 -53.79
C ILE M 5 0.27 -42.59 -53.25
N ILE M 6 0.84 -43.79 -53.43
CA ILE M 6 2.17 -44.08 -52.91
C ILE M 6 3.28 -43.26 -53.58
N PRO M 7 3.32 -43.05 -54.92
CA PRO M 7 4.32 -42.10 -55.43
C PRO M 7 4.10 -40.65 -55.00
N THR M 8 2.84 -40.24 -54.82
CA THR M 8 2.57 -38.90 -54.32
C THR M 8 3.07 -38.75 -52.87
N MET M 9 2.97 -39.81 -52.08
CA MET M 9 3.55 -39.76 -50.73
C MET M 9 5.07 -39.80 -50.78
N MET M 10 5.65 -40.58 -51.71
CA MET M 10 7.10 -40.64 -51.85
C MET M 10 7.68 -39.36 -52.42
N LEU M 11 6.85 -38.46 -52.94
CA LEU M 11 7.30 -37.09 -53.21
C LEU M 11 7.70 -36.33 -51.94
N MET M 12 7.19 -36.72 -50.76
CA MET M 12 7.60 -36.05 -49.52
C MET M 12 9.05 -36.33 -49.14
N PRO M 13 9.56 -37.59 -49.14
CA PRO M 13 11.01 -37.74 -48.99
C PRO M 13 11.77 -37.23 -50.19
N LEU M 14 11.14 -37.17 -51.37
CA LEU M 14 11.82 -36.61 -52.52
C LEU M 14 11.95 -35.10 -52.42
N THR M 15 11.09 -34.44 -51.65
CA THR M 15 11.22 -32.99 -51.46
C THR M 15 11.87 -32.62 -50.14
N TRP M 16 12.08 -33.57 -49.23
CA TRP M 16 12.81 -33.23 -48.01
C TRP M 16 14.22 -33.80 -47.94
N LEU M 17 14.54 -34.82 -48.74
CA LEU M 17 15.91 -35.31 -48.81
C LEU M 17 16.69 -34.74 -49.97
N SER M 18 16.06 -33.94 -50.83
CA SER M 18 16.75 -33.38 -51.98
C SER M 18 17.74 -32.30 -51.56
N LYS M 19 18.62 -31.94 -52.49
CA LYS M 19 19.66 -30.98 -52.22
C LYS M 19 19.07 -29.57 -52.06
N ASN M 20 19.94 -28.65 -51.64
CA ASN M 20 19.49 -27.29 -51.37
C ASN M 20 19.10 -26.54 -52.63
N SER M 21 19.61 -26.98 -53.78
CA SER M 21 19.27 -26.35 -55.05
C SER M 21 18.45 -27.25 -55.97
N MET M 22 18.27 -28.52 -55.63
CA MET M 22 17.63 -29.48 -56.51
C MET M 22 16.15 -29.70 -56.22
N ILE M 23 15.56 -28.99 -55.25
CA ILE M 23 14.20 -29.36 -54.82
C ILE M 23 13.11 -28.92 -55.78
N TRP M 24 13.43 -28.09 -56.77
CA TRP M 24 12.45 -27.85 -57.82
C TRP M 24 12.61 -28.83 -58.97
N ILE M 25 13.85 -29.15 -59.33
CA ILE M 25 14.13 -29.99 -60.49
C ILE M 25 13.62 -31.40 -60.28
N ASN M 26 13.98 -32.01 -59.14
CA ASN M 26 13.61 -33.40 -58.88
C ASN M 26 12.10 -33.54 -58.68
N THR M 27 11.49 -32.58 -57.99
CA THR M 27 10.05 -32.64 -57.76
C THR M 27 9.27 -32.42 -59.06
N THR M 28 9.76 -31.53 -59.94
CA THR M 28 9.13 -31.35 -61.24
C THR M 28 9.26 -32.59 -62.10
N LEU M 29 10.45 -33.23 -62.07
CA LEU M 29 10.71 -34.47 -62.78
C LEU M 29 9.75 -35.59 -62.36
N HIS M 30 9.71 -35.87 -61.06
CA HIS M 30 8.91 -36.99 -60.60
C HIS M 30 7.42 -36.70 -60.62
N SER M 31 7.02 -35.43 -60.50
CA SER M 31 5.62 -35.09 -60.65
C SER M 31 5.17 -35.21 -62.10
N LEU M 32 6.03 -34.88 -63.06
CA LEU M 32 5.75 -35.17 -64.46
C LEU M 32 5.70 -36.67 -64.72
N LEU M 33 6.49 -37.46 -63.98
CA LEU M 33 6.40 -38.92 -64.11
C LEU M 33 5.07 -39.45 -63.58
N ILE M 34 4.61 -38.93 -62.44
CA ILE M 34 3.32 -39.33 -61.89
C ILE M 34 2.18 -38.91 -62.82
N SER M 35 2.29 -37.72 -63.42
CA SER M 35 1.29 -37.27 -64.38
C SER M 35 1.32 -38.11 -65.66
N LEU M 36 2.51 -38.60 -66.05
CA LEU M 36 2.59 -39.56 -67.15
C LEU M 36 1.91 -40.87 -66.78
N THR M 37 2.01 -41.27 -65.52
CA THR M 37 1.39 -42.50 -65.07
C THR M 37 -0.13 -42.35 -64.98
N SER M 38 -0.60 -41.12 -64.80
CA SER M 38 -2.02 -40.81 -64.63
C SER M 38 -2.90 -41.22 -65.80
N LEU M 39 -2.33 -41.40 -67.00
CA LEU M 39 -3.09 -41.79 -68.18
C LEU M 39 -3.58 -43.22 -68.14
N LEU M 40 -3.11 -44.04 -67.21
CA LEU M 40 -3.55 -45.43 -67.13
C LEU M 40 -4.95 -45.59 -66.55
N LEU M 41 -5.58 -44.50 -66.09
CA LEU M 41 -6.93 -44.54 -65.56
C LEU M 41 -7.99 -44.48 -66.65
N LEU M 42 -7.59 -44.48 -67.91
CA LEU M 42 -8.50 -44.47 -69.05
C LEU M 42 -9.03 -45.85 -69.39
N ASN M 43 -8.80 -46.84 -68.54
CA ASN M 43 -9.34 -48.18 -68.69
C ASN M 43 -10.83 -48.16 -68.34
N GLN M 44 -11.65 -47.58 -69.20
CA GLN M 44 -13.05 -47.38 -68.92
C GLN M 44 -13.89 -48.24 -69.86
N PHE M 45 -15.11 -48.53 -69.43
CA PHE M 45 -15.99 -49.39 -70.19
C PHE M 45 -17.35 -48.73 -70.33
N GLY M 46 -18.07 -49.09 -71.39
CA GLY M 46 -19.33 -48.46 -71.72
C GLY M 46 -20.46 -48.76 -70.77
N ASP M 47 -20.30 -49.76 -69.90
CA ASP M 47 -21.26 -50.03 -68.84
C ASP M 47 -20.64 -49.99 -67.45
N ASN M 48 -19.40 -50.45 -67.30
CA ASN M 48 -18.76 -50.61 -66.01
C ASN M 48 -17.70 -49.54 -65.80
N SER M 49 -17.58 -49.08 -64.56
CA SER M 49 -16.53 -48.17 -64.17
C SER M 49 -15.30 -48.94 -63.72
N LEU M 50 -14.14 -48.31 -63.85
CA LEU M 50 -12.88 -48.93 -63.44
C LEU M 50 -12.84 -48.94 -61.91
N ASN M 51 -13.29 -50.05 -61.33
CA ASN M 51 -13.48 -50.18 -59.89
C ASN M 51 -12.30 -50.94 -59.31
N PHE M 52 -11.59 -50.35 -58.36
CA PHE M 52 -10.37 -50.96 -57.86
C PHE M 52 -10.61 -51.74 -56.57
N SER M 53 -11.18 -51.11 -55.56
CA SER M 53 -11.20 -51.69 -54.23
C SER M 53 -12.48 -51.26 -53.53
N LEU M 54 -12.57 -51.63 -52.25
CA LEU M 54 -13.64 -51.15 -51.39
C LEU M 54 -13.52 -49.67 -51.10
N THR M 55 -12.32 -49.10 -51.26
CA THR M 55 -12.05 -47.71 -50.94
C THR M 55 -11.95 -46.82 -52.17
N PHE M 56 -11.46 -47.33 -53.30
CA PHE M 56 -11.23 -46.50 -54.47
C PHE M 56 -11.83 -47.11 -55.73
N PHE M 57 -12.34 -46.24 -56.61
CA PHE M 57 -12.83 -46.63 -57.92
C PHE M 57 -12.71 -45.42 -58.82
N SER M 58 -12.98 -45.61 -60.11
CA SER M 58 -12.90 -44.49 -61.04
C SER M 58 -13.82 -44.74 -62.23
N ASP M 59 -14.81 -43.87 -62.38
CA ASP M 59 -15.60 -43.83 -63.61
C ASP M 59 -14.96 -42.83 -64.57
N SER M 60 -15.68 -42.49 -65.63
CA SER M 60 -15.17 -41.52 -66.59
C SER M 60 -15.46 -40.08 -66.20
N LEU M 61 -16.00 -39.86 -65.00
CA LEU M 61 -16.08 -38.51 -64.43
C LEU M 61 -14.85 -38.17 -63.61
N SER M 62 -14.40 -39.10 -62.78
CA SER M 62 -13.28 -38.83 -61.90
C SER M 62 -11.97 -38.82 -62.66
N THR M 63 -11.85 -39.59 -63.75
CA THR M 63 -10.60 -39.71 -64.48
C THR M 63 -10.08 -38.42 -65.13
N PRO M 64 -10.90 -37.58 -65.80
CA PRO M 64 -10.33 -36.29 -66.27
C PRO M 64 -9.90 -35.36 -65.16
N LEU M 65 -10.65 -35.34 -64.06
CA LEU M 65 -10.29 -34.53 -62.91
C LEU M 65 -9.00 -35.04 -62.26
N LEU M 66 -8.80 -36.35 -62.25
CA LEU M 66 -7.57 -36.93 -61.73
C LEU M 66 -6.37 -36.60 -62.59
N ILE M 67 -6.52 -36.69 -63.91
CA ILE M 67 -5.41 -36.40 -64.80
C ILE M 67 -5.07 -34.91 -64.76
N LEU M 68 -6.10 -34.05 -64.66
CA LEU M 68 -5.86 -32.62 -64.49
C LEU M 68 -5.19 -32.31 -63.15
N THR M 69 -5.57 -33.03 -62.09
CA THR M 69 -4.99 -32.80 -60.78
C THR M 69 -3.52 -33.23 -60.74
N MET M 70 -3.23 -34.43 -61.24
CA MET M 70 -1.85 -34.90 -61.29
C MET M 70 -1.00 -34.15 -62.30
N TRP M 71 -1.61 -33.52 -63.31
CA TRP M 71 -0.89 -32.64 -64.21
C TRP M 71 -0.66 -31.26 -63.63
N LEU M 72 -1.47 -30.83 -62.65
CA LEU M 72 -1.37 -29.47 -62.15
C LEU M 72 -0.19 -29.26 -61.22
N LEU M 73 0.37 -30.33 -60.62
CA LEU M 73 1.50 -30.14 -59.71
C LEU M 73 2.77 -29.63 -60.40
N PRO M 74 3.26 -30.22 -61.54
CA PRO M 74 4.44 -29.62 -62.19
C PRO M 74 4.25 -28.20 -62.65
N LEU M 75 3.05 -27.85 -63.09
CA LEU M 75 2.76 -26.49 -63.53
C LEU M 75 2.80 -25.51 -62.36
N MET M 76 2.29 -25.94 -61.19
CA MET M 76 2.40 -25.08 -60.01
C MET M 76 3.83 -24.97 -59.51
N LEU M 77 4.64 -26.02 -59.67
CA LEU M 77 6.05 -25.95 -59.31
C LEU M 77 6.81 -25.00 -60.22
N MET M 78 6.51 -25.04 -61.53
CA MET M 78 7.12 -24.10 -62.47
C MET M 78 6.66 -22.68 -62.23
N ALA M 79 5.39 -22.50 -61.82
CA ALA M 79 4.85 -21.16 -61.64
C ALA M 79 5.39 -20.49 -60.39
N SER M 80 5.46 -21.23 -59.28
CA SER M 80 5.65 -20.60 -57.98
C SER M 80 7.11 -20.32 -57.63
N GLN M 81 8.06 -20.86 -58.37
CA GLN M 81 9.46 -20.78 -57.97
C GLN M 81 10.11 -19.43 -58.25
N HIS M 82 9.48 -18.56 -59.04
CA HIS M 82 10.07 -17.25 -59.28
C HIS M 82 9.95 -16.36 -58.05
N HIS M 83 8.73 -16.19 -57.52
CA HIS M 83 8.54 -15.37 -56.34
C HIS M 83 9.02 -16.06 -55.06
N LEU M 84 9.42 -17.33 -55.13
CA LEU M 84 10.05 -18.04 -54.02
C LEU M 84 11.55 -18.19 -54.24
N SER M 85 12.20 -17.18 -54.81
CA SER M 85 13.64 -17.27 -55.03
C SER M 85 14.42 -16.88 -53.79
N LYS M 86 13.94 -15.89 -53.04
CA LYS M 86 14.63 -15.36 -51.88
C LYS M 86 14.15 -16.02 -50.58
N GLU M 87 13.53 -17.19 -50.67
CA GLU M 87 12.91 -17.83 -49.53
C GLU M 87 13.93 -18.71 -48.82
N ASN M 88 13.78 -18.82 -47.49
CA ASN M 88 14.47 -19.85 -46.72
C ASN M 88 14.12 -21.21 -47.28
N LEU M 89 15.14 -22.08 -47.35
CA LEU M 89 15.02 -23.36 -48.03
C LEU M 89 14.04 -24.29 -47.33
N ALA M 90 13.93 -24.18 -46.01
CA ALA M 90 12.97 -24.99 -45.27
C ALA M 90 11.54 -24.59 -45.58
N ARG M 91 11.28 -23.29 -45.71
CA ARG M 91 9.93 -22.84 -46.04
C ARG M 91 9.58 -23.12 -47.49
N LYS M 92 10.58 -23.11 -48.37
CA LYS M 92 10.41 -23.52 -49.75
C LYS M 92 10.02 -24.99 -49.82
N LYS M 93 10.71 -25.83 -49.04
CA LYS M 93 10.32 -27.24 -48.92
C LYS M 93 8.94 -27.40 -48.31
N LEU M 94 8.56 -26.54 -47.37
CA LEU M 94 7.23 -26.60 -46.78
C LEU M 94 6.15 -26.24 -47.80
N PHE M 95 6.41 -25.27 -48.66
CA PHE M 95 5.46 -24.93 -49.72
C PHE M 95 5.30 -26.08 -50.70
N ILE M 96 6.40 -26.73 -51.08
CA ILE M 96 6.31 -27.87 -51.99
C ILE M 96 5.60 -29.03 -51.31
N SER M 97 5.81 -29.21 -50.00
CA SER M 97 5.10 -30.22 -49.23
C SER M 97 3.60 -29.92 -49.15
N MET M 98 3.23 -28.64 -49.08
CA MET M 98 1.81 -28.30 -49.06
C MET M 98 1.15 -28.58 -50.40
N LEU M 99 1.85 -28.30 -51.50
CA LEU M 99 1.29 -28.61 -52.82
C LEU M 99 1.15 -30.11 -53.03
N ILE M 100 2.18 -30.87 -52.63
CA ILE M 100 2.15 -32.33 -52.72
C ILE M 100 1.05 -32.91 -51.84
N LEU M 101 0.84 -32.33 -50.65
CA LEU M 101 -0.21 -32.81 -49.76
C LEU M 101 -1.59 -32.50 -50.30
N LEU M 102 -1.75 -31.33 -50.94
CA LEU M 102 -3.02 -30.98 -51.55
C LEU M 102 -3.36 -31.93 -52.70
N GLN M 103 -2.37 -32.25 -53.54
CA GLN M 103 -2.58 -33.27 -54.57
C GLN M 103 -2.90 -34.63 -53.97
N LEU M 104 -2.22 -34.98 -52.87
CA LEU M 104 -2.41 -36.25 -52.20
C LEU M 104 -3.82 -36.37 -51.63
N PHE M 105 -4.39 -35.25 -51.20
CA PHE M 105 -5.78 -35.28 -50.74
C PHE M 105 -6.76 -35.30 -51.91
N LEU M 106 -6.45 -34.60 -53.00
CA LEU M 106 -7.39 -34.50 -54.12
C LEU M 106 -7.49 -35.80 -54.92
N ILE M 107 -6.37 -36.52 -55.09
CA ILE M 107 -6.41 -37.71 -55.93
C ILE M 107 -7.14 -38.86 -55.24
N MET M 108 -7.26 -38.83 -53.92
CA MET M 108 -8.14 -39.75 -53.22
C MET M 108 -9.41 -39.05 -52.74
N THR M 109 -9.61 -37.79 -53.13
CA THR M 109 -10.93 -37.20 -53.05
C THR M 109 -11.78 -37.61 -54.25
N PHE M 110 -11.23 -37.51 -55.45
CA PHE M 110 -12.02 -37.83 -56.64
C PHE M 110 -12.27 -39.33 -56.80
N THR M 111 -11.42 -40.17 -56.22
CA THR M 111 -11.64 -41.61 -56.25
C THR M 111 -12.19 -42.15 -54.95
N ALA M 112 -12.80 -41.29 -54.15
CA ALA M 112 -13.38 -41.74 -52.90
C ALA M 112 -14.67 -42.47 -53.19
N THR M 113 -14.69 -43.77 -52.90
CA THR M 113 -15.86 -44.60 -53.15
C THR M 113 -17.01 -44.25 -52.21
N GLU M 114 -16.75 -44.34 -50.91
CA GLU M 114 -17.75 -44.05 -49.90
C GLU M 114 -17.77 -42.55 -49.61
N LEU M 115 -18.98 -42.02 -49.42
CA LEU M 115 -19.17 -40.58 -49.52
C LEU M 115 -18.78 -39.80 -48.27
N ILE M 116 -18.74 -40.41 -47.08
CA ILE M 116 -18.23 -39.64 -45.96
C ILE M 116 -16.71 -39.56 -46.05
N PHE M 117 -16.08 -40.52 -46.74
CA PHE M 117 -14.66 -40.43 -46.99
C PHE M 117 -14.37 -39.35 -48.04
N PHE M 118 -15.29 -39.21 -49.01
CA PHE M 118 -15.27 -38.06 -49.90
C PHE M 118 -15.39 -36.76 -49.14
N TYR M 119 -16.25 -36.72 -48.12
CA TYR M 119 -16.38 -35.50 -47.33
C TYR M 119 -15.13 -35.23 -46.50
N ILE M 120 -14.50 -36.27 -45.96
CA ILE M 120 -13.31 -36.11 -45.13
C ILE M 120 -12.15 -35.60 -45.97
N MET M 121 -11.95 -36.17 -47.16
CA MET M 121 -10.91 -35.66 -48.05
C MET M 121 -11.27 -34.29 -48.63
N PHE M 122 -12.55 -34.07 -48.89
CA PHE M 122 -13.08 -32.81 -49.38
C PHE M 122 -12.80 -31.66 -48.44
N GLU M 123 -12.94 -31.89 -47.14
CA GLU M 123 -12.61 -30.91 -46.13
C GLU M 123 -11.16 -30.95 -45.71
N ALA M 124 -10.45 -32.04 -46.03
CA ALA M 124 -9.00 -32.09 -45.83
C ALA M 124 -8.28 -31.18 -46.82
N THR M 125 -8.87 -30.98 -48.00
CA THR M 125 -8.26 -30.07 -48.97
C THR M 125 -8.34 -28.60 -48.57
N LEU M 126 -9.09 -28.24 -47.51
CA LEU M 126 -9.08 -26.86 -47.05
C LEU M 126 -7.74 -26.47 -46.44
N VAL M 127 -7.12 -27.39 -45.69
CA VAL M 127 -6.01 -27.00 -44.82
C VAL M 127 -4.74 -26.60 -45.57
N PRO M 128 -4.24 -27.36 -46.58
CA PRO M 128 -3.08 -26.83 -47.32
C PRO M 128 -3.41 -25.58 -48.11
N THR M 129 -4.64 -25.45 -48.61
CA THR M 129 -5.06 -24.24 -49.28
C THR M 129 -5.06 -23.06 -48.32
N LEU M 130 -5.58 -23.29 -47.11
CA LEU M 130 -5.57 -22.29 -46.04
C LEU M 130 -4.15 -21.83 -45.71
N ILE M 131 -3.23 -22.79 -45.58
CA ILE M 131 -1.84 -22.46 -45.24
C ILE M 131 -1.17 -21.69 -46.37
N ILE M 132 -1.37 -22.14 -47.62
CA ILE M 132 -0.74 -21.48 -48.77
C ILE M 132 -1.24 -20.06 -48.95
N ILE M 133 -2.57 -19.85 -48.85
CA ILE M 133 -3.13 -18.50 -48.99
C ILE M 133 -2.66 -17.60 -47.85
N THR M 134 -2.82 -18.05 -46.60
CA THR M 134 -2.52 -17.17 -45.48
C THR M 134 -1.05 -17.16 -45.10
N ARG M 135 -0.20 -17.84 -45.85
CA ARG M 135 1.25 -17.74 -45.65
C ARG M 135 1.92 -17.05 -46.81
N TRP M 136 1.78 -17.57 -48.03
CA TRP M 136 2.55 -17.07 -49.16
C TRP M 136 1.80 -16.04 -49.99
N GLY M 137 0.64 -15.58 -49.54
CA GLY M 137 0.04 -14.41 -50.14
C GLY M 137 0.83 -13.15 -49.84
N ASN M 138 0.72 -12.17 -50.72
CA ASN M 138 1.63 -11.03 -50.69
C ASN M 138 1.01 -9.76 -50.13
N GLN M 139 -0.26 -9.78 -49.74
CA GLN M 139 -0.91 -8.56 -49.30
C GLN M 139 -1.34 -8.67 -47.84
N THR M 140 -2.03 -7.64 -47.38
CA THR M 140 -2.46 -7.58 -45.98
C THR M 140 -3.66 -8.51 -45.75
N GLU M 141 -4.57 -8.59 -46.72
CA GLU M 141 -5.88 -9.18 -46.52
C GLU M 141 -5.91 -10.70 -46.67
N ARG M 142 -4.75 -11.36 -46.77
CA ARG M 142 -4.74 -12.81 -47.02
C ARG M 142 -5.28 -13.60 -45.83
N LEU M 143 -5.15 -13.05 -44.62
CA LEU M 143 -5.70 -13.71 -43.44
C LEU M 143 -7.23 -13.64 -43.45
N ASN M 144 -7.77 -12.47 -43.78
CA ASN M 144 -9.20 -12.28 -43.82
C ASN M 144 -9.83 -13.13 -44.93
N ALA M 145 -9.18 -13.19 -46.08
CA ALA M 145 -9.67 -13.99 -47.21
C ALA M 145 -9.57 -15.48 -46.91
N GLY M 146 -8.51 -15.90 -46.22
CA GLY M 146 -8.43 -17.27 -45.75
C GLY M 146 -9.55 -17.63 -44.79
N LEU M 147 -9.95 -16.67 -43.94
CA LEU M 147 -11.09 -16.90 -43.05
C LEU M 147 -12.40 -17.02 -43.80
N TYR M 148 -12.64 -16.14 -44.79
CA TYR M 148 -13.87 -16.22 -45.59
C TYR M 148 -13.96 -17.56 -46.31
N PHE M 149 -12.86 -17.95 -46.98
CA PHE M 149 -12.80 -19.22 -47.70
C PHE M 149 -12.94 -20.42 -46.78
N LEU M 150 -12.40 -20.34 -45.56
CA LEU M 150 -12.51 -21.48 -44.66
C LEU M 150 -13.92 -21.61 -44.11
N PHE M 151 -14.50 -20.52 -43.63
CA PHE M 151 -15.75 -20.63 -42.89
C PHE M 151 -16.99 -20.65 -43.77
N TYR M 152 -16.93 -20.17 -45.02
CA TYR M 152 -18.06 -20.44 -45.91
C TYR M 152 -18.17 -21.93 -46.20
N THR M 153 -17.02 -22.58 -46.43
CA THR M 153 -16.97 -24.02 -46.67
C THR M 153 -17.40 -24.81 -45.44
N LEU M 154 -16.93 -24.41 -44.26
CA LEU M 154 -17.29 -25.15 -43.05
C LEU M 154 -18.77 -24.96 -42.68
N ALA M 155 -19.25 -23.71 -42.69
CA ALA M 155 -20.65 -23.45 -42.38
C ALA M 155 -21.61 -23.99 -43.43
N GLY M 156 -21.13 -24.29 -44.63
CA GLY M 156 -21.95 -25.01 -45.58
C GLY M 156 -21.83 -26.51 -45.49
N SER M 157 -20.67 -27.00 -45.03
CA SER M 157 -20.35 -28.41 -45.15
C SER M 157 -20.65 -29.24 -43.91
N LEU M 158 -20.76 -28.61 -42.75
CA LEU M 158 -21.16 -29.42 -41.59
C LEU M 158 -22.62 -29.90 -41.63
N PRO M 159 -23.60 -29.13 -42.17
CA PRO M 159 -24.89 -29.77 -42.50
C PRO M 159 -24.78 -30.90 -43.52
N LEU M 160 -23.83 -30.82 -44.47
CA LEU M 160 -23.58 -31.95 -45.37
C LEU M 160 -23.09 -33.17 -44.62
N LEU M 161 -22.25 -32.96 -43.59
CA LEU M 161 -21.83 -34.04 -42.71
C LEU M 161 -23.01 -34.69 -42.01
N VAL M 162 -23.92 -33.87 -41.45
CA VAL M 162 -25.09 -34.38 -40.75
C VAL M 162 -26.00 -35.16 -41.72
N ALA M 163 -26.18 -34.64 -42.93
CA ALA M 163 -27.03 -35.27 -43.92
C ALA M 163 -26.46 -36.60 -44.40
N LEU M 164 -25.14 -36.66 -44.60
CA LEU M 164 -24.53 -37.92 -45.03
C LEU M 164 -24.53 -38.96 -43.92
N ILE M 165 -24.39 -38.55 -42.66
CA ILE M 165 -24.50 -39.52 -41.57
C ILE M 165 -25.93 -40.03 -41.44
N TYR M 166 -26.92 -39.19 -41.74
CA TYR M 166 -28.31 -39.67 -41.79
C TYR M 166 -28.52 -40.68 -42.92
N ILE M 167 -27.90 -40.44 -44.08
CA ILE M 167 -27.98 -41.42 -45.17
C ILE M 167 -27.27 -42.72 -44.79
N GLN M 168 -26.18 -42.62 -44.04
CA GLN M 168 -25.49 -43.81 -43.56
C GLN M 168 -26.34 -44.61 -42.58
N ASN M 169 -27.12 -43.91 -41.75
CA ASN M 169 -27.97 -44.64 -40.81
C ASN M 169 -29.20 -45.22 -41.51
N THR M 170 -29.77 -44.51 -42.48
CA THR M 170 -31.00 -44.96 -43.11
C THR M 170 -30.73 -46.03 -44.17
N MET M 171 -29.84 -45.75 -45.11
CA MET M 171 -29.53 -46.70 -46.18
C MET M 171 -28.71 -47.88 -45.67
N GLY M 172 -27.86 -47.66 -44.68
CA GLY M 172 -26.92 -48.65 -44.24
C GLY M 172 -25.53 -48.48 -44.81
N SER M 173 -25.37 -47.67 -45.86
CA SER M 173 -24.07 -47.47 -46.46
C SER M 173 -24.07 -46.15 -47.22
N LEU M 174 -22.92 -45.49 -47.22
CA LEU M 174 -22.67 -44.34 -48.07
C LEU M 174 -21.76 -44.68 -49.23
N ASN M 175 -21.61 -45.96 -49.55
CA ASN M 175 -20.97 -46.36 -50.81
C ASN M 175 -21.80 -45.84 -51.97
N PHE M 176 -21.12 -45.19 -52.91
CA PHE M 176 -21.79 -44.73 -54.11
C PHE M 176 -22.21 -45.88 -54.99
N LEU M 177 -21.43 -46.97 -54.99
CA LEU M 177 -21.75 -48.14 -55.79
C LEU M 177 -23.00 -48.85 -55.28
N ILE M 178 -23.16 -48.94 -53.95
CA ILE M 178 -24.38 -49.53 -53.39
C ILE M 178 -25.56 -48.59 -53.61
N LEU M 179 -25.34 -47.29 -53.47
CA LEU M 179 -26.41 -46.31 -53.67
C LEU M 179 -26.83 -46.18 -55.13
N GLN M 180 -26.01 -46.67 -56.08
CA GLN M 180 -26.48 -46.80 -57.45
C GLN M 180 -27.59 -47.84 -57.60
N TYR M 181 -27.72 -48.76 -56.64
CA TYR M 181 -28.68 -49.84 -56.75
C TYR M 181 -29.75 -49.83 -55.66
N TRP M 182 -29.52 -49.14 -54.54
CA TRP M 182 -30.49 -49.08 -53.46
C TRP M 182 -31.09 -47.69 -53.32
N VAL M 183 -31.07 -46.89 -54.39
CA VAL M 183 -31.52 -45.51 -54.33
C VAL M 183 -33.04 -45.48 -54.21
N GLN M 184 -33.54 -44.61 -53.35
CA GLN M 184 -34.96 -44.47 -53.13
C GLN M 184 -35.42 -43.07 -53.52
N PRO M 185 -36.63 -42.93 -54.06
CA PRO M 185 -37.10 -41.59 -54.44
C PRO M 185 -37.38 -40.72 -53.22
N MET M 186 -37.09 -39.44 -53.37
CA MET M 186 -37.18 -38.49 -52.27
C MET M 186 -38.38 -37.59 -52.48
N PRO M 187 -39.48 -37.79 -51.74
CA PRO M 187 -40.73 -37.09 -52.05
C PRO M 187 -40.77 -35.67 -51.52
N ASN M 188 -41.93 -35.03 -51.65
CA ASN M 188 -42.13 -33.67 -51.20
C ASN M 188 -42.44 -33.68 -49.69
N SER M 189 -41.49 -33.20 -48.90
CA SER M 189 -41.70 -32.88 -47.50
C SER M 189 -40.63 -31.88 -47.09
N TRP M 190 -40.85 -31.21 -45.96
CA TRP M 190 -39.85 -30.24 -45.52
C TRP M 190 -38.62 -30.90 -44.96
N SER M 191 -38.76 -32.10 -44.39
CA SER M 191 -37.60 -32.91 -44.05
C SER M 191 -36.77 -33.23 -45.27
N ASN M 192 -37.43 -33.62 -46.36
CA ASN M 192 -36.72 -33.87 -47.60
C ASN M 192 -36.23 -32.59 -48.26
N THR M 193 -36.92 -31.46 -48.03
CA THR M 193 -36.46 -30.18 -48.55
C THR M 193 -35.15 -29.76 -47.91
N PHE M 194 -35.07 -29.79 -46.58
CA PHE M 194 -33.81 -29.45 -45.94
C PHE M 194 -32.79 -30.56 -46.07
N MET M 195 -33.21 -31.80 -46.36
CA MET M 195 -32.29 -32.84 -46.79
C MET M 195 -31.59 -32.44 -48.08
N TRP M 196 -32.37 -31.94 -49.04
CA TRP M 196 -31.82 -31.48 -50.32
C TRP M 196 -30.90 -30.29 -50.12
N LEU M 197 -31.30 -29.32 -49.28
CA LEU M 197 -30.45 -28.17 -49.00
C LEU M 197 -29.15 -28.58 -48.31
N ALA M 198 -29.21 -29.53 -47.38
CA ALA M 198 -28.00 -29.94 -46.69
C ALA M 198 -27.09 -30.75 -47.60
N CYS M 199 -27.65 -31.44 -48.60
CA CYS M 199 -26.80 -32.15 -49.54
C CYS M 199 -26.27 -31.25 -50.64
N MET M 200 -26.86 -30.08 -50.87
CA MET M 200 -26.43 -29.24 -51.98
C MET M 200 -25.64 -27.99 -51.61
N MET M 201 -25.93 -27.36 -50.46
CA MET M 201 -25.42 -26.01 -50.20
C MET M 201 -23.90 -25.96 -49.99
N ALA M 202 -23.31 -27.05 -49.51
CA ALA M 202 -21.85 -27.11 -49.38
C ALA M 202 -21.17 -27.01 -50.75
N PHE M 203 -21.66 -27.78 -51.72
CA PHE M 203 -21.08 -27.70 -53.05
C PHE M 203 -21.52 -26.44 -53.77
N MET M 204 -22.68 -25.87 -53.39
CA MET M 204 -23.06 -24.55 -53.88
C MET M 204 -22.05 -23.49 -53.45
N VAL M 205 -21.56 -23.60 -52.21
CA VAL M 205 -20.47 -22.73 -51.77
C VAL M 205 -19.20 -23.00 -52.57
N LYS M 206 -18.88 -24.27 -52.78
CA LYS M 206 -17.60 -24.60 -53.40
C LYS M 206 -17.58 -24.46 -54.92
N MET M 207 -18.72 -24.23 -55.58
CA MET M 207 -18.69 -24.08 -57.04
C MET M 207 -18.04 -22.78 -57.52
N PRO M 208 -18.40 -21.58 -57.03
CA PRO M 208 -19.40 -21.07 -56.07
C PRO M 208 -20.74 -20.80 -56.73
N LEU M 209 -21.79 -20.83 -55.92
CA LEU M 209 -23.07 -20.29 -56.35
C LEU M 209 -22.99 -18.77 -56.45
N TYR M 210 -23.75 -18.20 -57.37
CA TYR M 210 -23.94 -16.75 -57.38
C TYR M 210 -24.72 -16.35 -56.14
N GLY M 211 -24.19 -15.37 -55.41
CA GLY M 211 -24.66 -15.05 -54.09
C GLY M 211 -23.77 -15.62 -53.00
N LEU M 212 -23.06 -16.70 -53.32
CA LEU M 212 -22.02 -17.25 -52.45
C LEU M 212 -20.64 -17.12 -53.08
N HIS M 213 -20.48 -16.20 -54.01
CA HIS M 213 -19.27 -16.07 -54.81
C HIS M 213 -18.35 -14.94 -54.33
N LEU M 214 -18.64 -14.35 -53.16
CA LEU M 214 -17.86 -13.20 -52.71
C LEU M 214 -16.44 -13.57 -52.32
N TRP M 215 -16.23 -14.79 -51.84
CA TRP M 215 -14.91 -15.20 -51.35
C TRP M 215 -13.89 -15.30 -52.47
N LEU M 216 -14.34 -15.55 -53.68
CA LEU M 216 -13.44 -15.94 -54.75
C LEU M 216 -12.65 -14.78 -55.36
N PRO M 217 -13.18 -13.57 -55.54
CA PRO M 217 -12.28 -12.44 -55.83
C PRO M 217 -11.45 -11.98 -54.63
N LYS M 218 -11.66 -12.53 -53.45
CA LYS M 218 -10.72 -12.40 -52.35
C LYS M 218 -9.74 -13.56 -52.29
N ALA M 219 -10.21 -14.80 -52.49
CA ALA M 219 -9.35 -15.96 -52.39
C ALA M 219 -8.38 -16.05 -53.56
N HIS M 220 -8.86 -15.89 -54.79
CA HIS M 220 -7.97 -16.04 -55.94
C HIS M 220 -7.05 -14.85 -56.15
N VAL M 221 -7.22 -13.76 -55.39
CA VAL M 221 -6.46 -12.54 -55.61
C VAL M 221 -5.50 -12.33 -54.44
N GLU M 222 -5.91 -12.77 -53.25
CA GLU M 222 -5.04 -12.69 -52.08
C GLU M 222 -4.12 -13.90 -51.93
N ALA M 223 -4.01 -14.74 -52.93
CA ALA M 223 -3.18 -15.93 -52.89
C ALA M 223 -2.02 -15.81 -53.85
N PRO M 224 -0.95 -16.62 -53.67
CA PRO M 224 0.07 -16.71 -54.72
C PRO M 224 -0.39 -17.49 -55.93
N ILE M 225 0.52 -17.75 -56.87
CA ILE M 225 0.11 -18.24 -58.18
C ILE M 225 -0.34 -19.70 -58.12
N ALA M 226 0.34 -20.54 -57.34
CA ALA M 226 -0.03 -21.95 -57.26
C ALA M 226 -1.37 -22.12 -56.57
N GLY M 227 -1.64 -21.28 -55.56
CA GLY M 227 -2.94 -21.28 -54.93
C GLY M 227 -4.04 -20.81 -55.87
N SER M 228 -3.76 -19.80 -56.69
CA SER M 228 -4.72 -19.33 -57.69
C SER M 228 -5.02 -20.42 -58.71
N MET M 229 -3.98 -21.13 -59.18
CA MET M 229 -4.14 -22.20 -60.15
C MET M 229 -4.98 -23.34 -59.60
N VAL M 230 -4.69 -23.78 -58.36
CA VAL M 230 -5.44 -24.92 -57.84
C VAL M 230 -6.86 -24.52 -57.44
N LEU M 231 -7.04 -23.31 -56.89
CA LEU M 231 -8.36 -22.83 -56.50
C LEU M 231 -9.23 -22.53 -57.71
N ALA M 232 -8.63 -22.30 -58.89
CA ALA M 232 -9.42 -22.13 -60.08
C ALA M 232 -9.67 -23.42 -60.83
N ALA M 233 -8.72 -24.37 -60.77
CA ALA M 233 -8.78 -25.54 -61.63
C ALA M 233 -9.39 -26.77 -60.97
N ILE M 234 -9.23 -26.96 -59.66
CA ILE M 234 -9.65 -28.19 -59.00
C ILE M 234 -10.62 -27.94 -57.85
N LEU M 235 -10.34 -26.90 -57.04
CA LEU M 235 -11.12 -26.67 -55.84
C LEU M 235 -12.49 -26.07 -56.12
N LEU M 236 -12.72 -25.55 -57.33
CA LEU M 236 -14.09 -25.26 -57.75
C LEU M 236 -14.80 -26.52 -58.19
N LYS M 237 -14.06 -27.47 -58.72
CA LYS M 237 -14.62 -28.61 -59.41
C LYS M 237 -14.91 -29.76 -58.46
N LEU M 238 -14.37 -29.66 -57.24
CA LEU M 238 -14.84 -30.52 -56.15
C LEU M 238 -16.33 -30.35 -55.92
N GLY M 239 -16.83 -29.13 -56.05
CA GLY M 239 -18.26 -28.88 -55.89
C GLY M 239 -19.10 -29.52 -56.98
N GLY M 240 -18.66 -29.42 -58.24
CA GLY M 240 -19.40 -30.07 -59.31
C GLY M 240 -19.33 -31.58 -59.26
N TYR M 241 -18.19 -32.11 -58.83
CA TYR M 241 -18.06 -33.56 -58.65
C TYR M 241 -18.95 -34.06 -57.51
N GLY M 242 -18.98 -33.32 -56.40
CA GLY M 242 -19.84 -33.70 -55.30
C GLY M 242 -21.31 -33.56 -55.64
N MET M 243 -21.67 -32.58 -56.47
CA MET M 243 -23.05 -32.48 -56.94
C MET M 243 -23.42 -33.63 -57.85
N MET M 244 -22.52 -34.03 -58.76
CA MET M 244 -22.85 -35.14 -59.66
C MET M 244 -22.91 -36.46 -58.93
N ARG M 245 -22.18 -36.60 -57.83
CA ARG M 245 -22.39 -37.77 -56.99
C ARG M 245 -23.72 -37.67 -56.24
N ILE M 246 -23.97 -36.52 -55.61
CA ILE M 246 -25.06 -36.45 -54.64
C ILE M 246 -26.43 -36.30 -55.30
N THR M 247 -26.52 -35.94 -56.58
CA THR M 247 -27.84 -35.82 -57.19
C THR M 247 -28.45 -37.16 -57.60
N LEU M 248 -27.73 -38.27 -57.44
CA LEU M 248 -28.37 -39.58 -57.47
C LEU M 248 -29.35 -39.72 -56.32
N LEU M 249 -28.93 -39.33 -55.12
CA LEU M 249 -29.73 -39.48 -53.91
C LEU M 249 -30.90 -38.51 -53.83
N LEU M 250 -30.86 -37.42 -54.59
CA LEU M 250 -31.79 -36.32 -54.42
C LEU M 250 -32.91 -36.31 -55.45
N ASN M 251 -32.92 -37.27 -56.34
CA ASN M 251 -34.07 -37.31 -57.24
C ASN M 251 -35.25 -38.00 -56.55
N PRO M 252 -36.50 -37.58 -56.83
CA PRO M 252 -36.97 -36.51 -57.71
C PRO M 252 -37.40 -35.23 -57.00
N ILE M 253 -36.82 -34.89 -55.85
CA ILE M 253 -37.12 -33.59 -55.26
C ILE M 253 -36.35 -32.49 -55.99
N THR M 254 -35.31 -32.87 -56.76
CA THR M 254 -34.54 -31.91 -57.55
C THR M 254 -35.41 -31.22 -58.60
N ASP M 255 -36.40 -31.93 -59.13
CA ASP M 255 -37.25 -31.43 -60.22
C ASP M 255 -38.06 -30.20 -59.83
N PHE M 256 -38.30 -29.97 -58.53
CA PHE M 256 -38.93 -28.74 -58.08
C PHE M 256 -38.17 -28.02 -56.97
N MET M 257 -36.97 -28.50 -56.61
CA MET M 257 -36.09 -27.72 -55.76
C MET M 257 -34.99 -27.01 -56.53
N ALA M 258 -34.77 -27.38 -57.79
CA ALA M 258 -33.65 -26.83 -58.54
C ALA M 258 -33.93 -25.43 -59.06
N TYR M 259 -35.20 -25.01 -59.11
CA TYR M 259 -35.59 -23.75 -59.73
C TYR M 259 -34.88 -22.50 -59.21
N PRO M 260 -34.82 -22.20 -57.89
CA PRO M 260 -34.20 -20.92 -57.50
C PRO M 260 -32.70 -20.88 -57.71
N PHE M 261 -32.01 -22.00 -57.55
CA PHE M 261 -30.58 -22.04 -57.79
C PHE M 261 -30.25 -21.97 -59.27
N ILE M 262 -31.11 -22.53 -60.12
CA ILE M 262 -31.00 -22.33 -61.56
C ILE M 262 -31.20 -20.84 -61.89
N MET M 263 -32.16 -20.18 -61.23
CA MET M 263 -32.35 -18.74 -61.46
C MET M 263 -31.15 -17.92 -61.02
N LEU M 264 -30.58 -18.28 -59.85
CA LEU M 264 -29.38 -17.61 -59.33
C LEU M 264 -28.21 -17.74 -60.29
N SER M 265 -27.98 -18.95 -60.81
CA SER M 265 -26.84 -19.13 -61.71
C SER M 265 -27.08 -18.53 -63.08
N LEU M 266 -28.33 -18.56 -63.58
CA LEU M 266 -28.62 -17.96 -64.89
C LEU M 266 -28.53 -16.45 -64.86
N TRP M 267 -28.96 -15.82 -63.78
CA TRP M 267 -28.80 -14.37 -63.70
C TRP M 267 -27.40 -13.99 -63.25
N GLY M 268 -26.70 -14.89 -62.54
CA GLY M 268 -25.36 -14.59 -62.11
C GLY M 268 -24.31 -14.75 -63.18
N MET M 269 -24.55 -15.63 -64.16
CA MET M 269 -23.64 -15.71 -65.29
C MET M 269 -23.71 -14.46 -66.17
N ILE M 270 -24.80 -13.71 -66.07
CA ILE M 270 -24.90 -12.41 -66.72
C ILE M 270 -24.26 -11.34 -65.86
N MET M 271 -24.58 -11.33 -64.57
CA MET M 271 -24.15 -10.25 -63.70
C MET M 271 -22.66 -10.29 -63.40
N THR M 272 -22.10 -11.48 -63.17
CA THR M 272 -20.66 -11.58 -62.93
C THR M 272 -19.85 -11.27 -64.18
N SER M 273 -20.39 -11.56 -65.37
CA SER M 273 -19.70 -11.17 -66.60
C SER M 273 -19.79 -9.66 -66.81
N SER M 274 -20.91 -9.07 -66.41
CA SER M 274 -21.02 -7.60 -66.35
C SER M 274 -20.00 -7.01 -65.39
N ILE M 275 -19.79 -7.69 -64.25
CA ILE M 275 -18.76 -7.27 -63.30
C ILE M 275 -17.37 -7.39 -63.92
N CYS M 276 -17.15 -8.45 -64.71
CA CYS M 276 -15.89 -8.64 -65.45
C CYS M 276 -15.63 -7.49 -66.42
N LEU M 277 -16.68 -6.91 -66.99
CA LEU M 277 -16.46 -5.74 -67.84
C LEU M 277 -16.02 -4.48 -67.07
N ARG M 278 -16.11 -4.46 -65.75
CA ARG M 278 -15.73 -3.29 -64.95
C ARG M 278 -14.68 -3.63 -63.89
N GLN M 279 -13.61 -4.32 -64.28
CA GLN M 279 -12.57 -4.72 -63.34
C GLN M 279 -11.29 -3.95 -63.61
N THR M 280 -10.89 -3.13 -62.64
CA THR M 280 -9.55 -2.57 -62.62
C THR M 280 -8.51 -3.65 -62.35
N ASP M 281 -8.89 -4.69 -61.63
CA ASP M 281 -7.99 -5.73 -61.17
C ASP M 281 -8.11 -6.93 -62.11
N LEU M 282 -7.01 -7.28 -62.77
CA LEU M 282 -7.02 -8.34 -63.77
C LEU M 282 -7.26 -9.71 -63.15
N LYS M 283 -6.60 -9.98 -62.01
CA LYS M 283 -6.79 -11.25 -61.31
C LYS M 283 -8.21 -11.38 -60.79
N SER M 284 -8.82 -10.26 -60.38
CA SER M 284 -10.24 -10.29 -60.01
C SER M 284 -11.14 -10.47 -61.23
N LEU M 285 -10.73 -9.95 -62.39
CA LEU M 285 -11.49 -10.18 -63.62
C LEU M 285 -11.52 -11.67 -63.96
N ILE M 286 -10.38 -12.34 -63.78
CA ILE M 286 -10.33 -13.78 -64.02
C ILE M 286 -11.13 -14.53 -62.95
N ALA M 287 -11.17 -13.99 -61.73
CA ALA M 287 -11.98 -14.58 -60.67
C ALA M 287 -13.48 -14.53 -60.97
N TYR M 288 -13.98 -13.34 -61.35
CA TYR M 288 -15.40 -13.23 -61.71
C TYR M 288 -15.71 -14.00 -62.99
N SER M 289 -14.73 -14.16 -63.88
CA SER M 289 -14.92 -15.05 -65.04
C SER M 289 -15.06 -16.50 -64.60
N SER M 290 -14.30 -16.89 -63.57
CA SER M 290 -14.41 -18.25 -63.06
C SER M 290 -15.79 -18.51 -62.46
N VAL M 291 -16.33 -17.51 -61.75
CA VAL M 291 -17.71 -17.60 -61.25
C VAL M 291 -18.70 -17.70 -62.40
N SER M 292 -18.50 -16.90 -63.44
CA SER M 292 -19.43 -16.87 -64.57
C SER M 292 -19.39 -18.17 -65.36
N HIS M 293 -18.26 -18.85 -65.41
CA HIS M 293 -18.23 -20.15 -66.08
C HIS M 293 -18.73 -21.27 -65.19
N MET M 294 -18.56 -21.16 -63.86
CA MET M 294 -19.09 -22.22 -63.01
C MET M 294 -20.60 -22.15 -62.85
N ALA M 295 -21.21 -20.99 -63.11
CA ALA M 295 -22.67 -20.87 -63.08
C ALA M 295 -23.35 -21.81 -64.09
N LEU M 296 -22.76 -21.95 -65.28
CA LEU M 296 -23.32 -22.86 -66.27
C LEU M 296 -23.16 -24.31 -65.85
N VAL M 297 -22.08 -24.64 -65.15
CA VAL M 297 -21.91 -25.99 -64.63
C VAL M 297 -22.95 -26.28 -63.56
N ILE M 298 -23.29 -25.27 -62.75
CA ILE M 298 -24.34 -25.44 -61.76
C ILE M 298 -25.69 -25.69 -62.43
N VAL M 299 -26.00 -24.92 -63.48
CA VAL M 299 -27.26 -25.11 -64.21
C VAL M 299 -27.30 -26.48 -64.87
N ALA M 300 -26.18 -26.91 -65.48
CA ALA M 300 -26.12 -28.19 -66.16
C ALA M 300 -26.24 -29.36 -65.19
N ILE M 301 -25.72 -29.23 -63.98
CA ILE M 301 -25.93 -30.31 -63.03
C ILE M 301 -27.37 -30.31 -62.51
N LEU M 302 -27.95 -29.13 -62.31
CA LEU M 302 -29.30 -29.10 -61.75
C LEU M 302 -30.39 -29.47 -62.75
N ILE M 303 -30.14 -29.36 -64.06
CA ILE M 303 -31.15 -29.80 -65.01
C ILE M 303 -31.01 -31.28 -65.36
N GLN M 304 -29.86 -31.89 -65.08
CA GLN M 304 -29.55 -33.34 -65.11
C GLN M 304 -30.11 -34.10 -66.32
N THR M 305 -29.76 -33.60 -67.48
CA THR M 305 -29.88 -34.40 -68.69
C THR M 305 -28.49 -34.94 -69.05
N PRO M 306 -28.39 -36.00 -69.87
CA PRO M 306 -27.05 -36.54 -70.20
C PRO M 306 -26.14 -35.57 -70.92
N TRP M 307 -26.71 -34.83 -71.88
CA TRP M 307 -25.99 -33.76 -72.57
C TRP M 307 -25.50 -32.70 -71.60
N SER M 308 -26.29 -32.40 -70.57
CA SER M 308 -25.90 -31.41 -69.59
C SER M 308 -24.72 -31.87 -68.75
N TYR M 309 -24.70 -33.14 -68.32
CA TYR M 309 -23.54 -33.64 -67.57
C TYR M 309 -22.28 -33.67 -68.42
N MET M 310 -22.41 -34.07 -69.70
CA MET M 310 -21.24 -34.08 -70.57
C MET M 310 -20.70 -32.67 -70.83
N GLY M 311 -21.60 -31.71 -71.07
CA GLY M 311 -21.18 -30.34 -71.20
C GLY M 311 -20.60 -29.76 -69.93
N ALA M 312 -21.12 -30.17 -68.78
CA ALA M 312 -20.62 -29.67 -67.51
C ALA M 312 -19.21 -30.18 -67.22
N THR M 313 -18.96 -31.47 -67.47
CA THR M 313 -17.62 -31.99 -67.19
C THR M 313 -16.60 -31.49 -68.23
N ALA M 314 -17.02 -31.30 -69.49
CA ALA M 314 -16.14 -30.72 -70.48
C ALA M 314 -15.80 -29.27 -70.14
N LEU M 315 -16.80 -28.50 -69.70
CA LEU M 315 -16.57 -27.11 -69.34
C LEU M 315 -15.74 -27.01 -68.06
N MET M 316 -15.86 -27.98 -67.15
CA MET M 316 -15.02 -28.00 -65.96
C MET M 316 -13.56 -28.20 -66.31
N ILE M 317 -13.24 -29.22 -67.12
CA ILE M 317 -11.85 -29.49 -67.47
C ILE M 317 -11.25 -28.33 -68.28
N ALA M 318 -12.01 -27.86 -69.28
CA ALA M 318 -11.53 -26.81 -70.15
C ALA M 318 -11.37 -25.49 -69.40
N HIS M 319 -12.31 -25.17 -68.51
CA HIS M 319 -12.19 -23.95 -67.73
C HIS M 319 -11.06 -24.03 -66.72
N GLY M 320 -10.80 -25.22 -66.18
CA GLY M 320 -9.65 -25.38 -65.29
C GLY M 320 -8.34 -25.05 -65.98
N LEU M 321 -8.15 -25.63 -67.18
CA LEU M 321 -6.95 -25.31 -67.96
C LEU M 321 -6.89 -23.83 -68.35
N THR M 322 -8.01 -23.27 -68.82
CA THR M 322 -8.02 -21.90 -69.32
C THR M 322 -7.82 -20.88 -68.22
N SER M 323 -8.51 -21.05 -67.09
CA SER M 323 -8.39 -20.12 -65.98
C SER M 323 -7.04 -20.22 -65.30
N SER M 324 -6.49 -21.44 -65.21
CA SER M 324 -5.12 -21.58 -64.71
C SER M 324 -4.13 -20.85 -65.61
N MET M 325 -4.31 -20.93 -66.93
CA MET M 325 -3.42 -20.20 -67.83
C MET M 325 -3.59 -18.69 -67.71
N LEU M 326 -4.82 -18.21 -67.54
CA LEU M 326 -5.04 -16.78 -67.39
C LEU M 326 -4.48 -16.24 -66.09
N PHE M 327 -4.60 -17.00 -64.99
CA PHE M 327 -3.96 -16.58 -63.75
C PHE M 327 -2.44 -16.59 -63.88
N CYS M 328 -1.88 -17.53 -64.64
CA CYS M 328 -0.44 -17.53 -64.86
C CYS M 328 0.01 -16.37 -65.75
N LEU M 329 -0.84 -15.93 -66.68
CA LEU M 329 -0.54 -14.73 -67.45
C LEU M 329 -0.57 -13.47 -66.59
N ALA M 330 -1.55 -13.39 -65.68
CA ALA M 330 -1.58 -12.30 -64.70
C ALA M 330 -0.35 -12.33 -63.80
N ASN M 331 0.11 -13.54 -63.45
CA ASN M 331 1.37 -13.68 -62.73
C ASN M 331 2.56 -13.16 -63.53
N SER M 332 2.57 -13.43 -64.84
CA SER M 332 3.66 -12.95 -65.69
C SER M 332 3.70 -11.44 -65.75
N ASN M 333 2.54 -10.78 -65.65
CA ASN M 333 2.59 -9.33 -65.43
C ASN M 333 3.10 -8.99 -64.04
N TYR M 334 2.53 -9.62 -63.00
CA TYR M 334 2.72 -9.17 -61.62
C TYR M 334 4.14 -9.39 -61.11
N GLU M 335 4.86 -10.36 -61.68
CA GLU M 335 6.26 -10.53 -61.35
C GLU M 335 7.18 -9.61 -62.13
N ARG M 336 6.62 -8.66 -62.89
CA ARG M 336 7.36 -7.57 -63.49
C ARG M 336 6.94 -6.23 -62.92
N VAL M 337 5.64 -5.91 -62.94
CA VAL M 337 5.19 -4.57 -62.58
C VAL M 337 4.75 -4.45 -61.13
N HIS M 338 4.69 -5.55 -60.38
CA HIS M 338 4.42 -5.59 -58.94
C HIS M 338 3.07 -4.97 -58.58
N SER M 339 2.12 -5.03 -59.49
CA SER M 339 0.78 -4.55 -59.25
C SER M 339 -0.18 -5.28 -60.19
N ARG M 340 -1.35 -5.61 -59.68
CA ARG M 340 -2.39 -6.27 -60.46
C ARG M 340 -3.31 -5.30 -61.15
N THR M 341 -2.89 -4.05 -61.33
CA THR M 341 -3.69 -3.04 -62.01
C THR M 341 -3.61 -3.30 -63.51
N MET M 342 -4.76 -3.58 -64.13
CA MET M 342 -4.79 -3.94 -65.54
C MET M 342 -4.51 -2.74 -66.43
N ILE M 343 -4.73 -1.52 -65.94
CA ILE M 343 -4.52 -0.32 -66.72
C ILE M 343 -3.14 0.30 -66.45
N LEU M 344 -2.37 -0.26 -65.51
CA LEU M 344 -1.01 0.21 -65.26
C LEU M 344 -0.09 -0.11 -66.42
N ALA M 345 0.10 -1.38 -66.73
CA ALA M 345 0.98 -1.81 -67.81
C ALA M 345 0.13 -2.16 -69.04
N ARG M 346 0.44 -1.53 -70.17
CA ARG M 346 -0.24 -1.76 -71.43
C ARG M 346 0.79 -1.88 -72.54
N GLY M 347 0.30 -2.09 -73.76
CA GLY M 347 1.16 -2.10 -74.93
C GLY M 347 2.17 -3.22 -74.98
N LEU M 348 1.87 -4.35 -74.33
CA LEU M 348 2.85 -5.42 -74.17
C LEU M 348 3.10 -6.20 -75.44
N GLN M 349 2.22 -6.09 -76.44
CA GLN M 349 2.44 -6.78 -77.70
C GLN M 349 3.58 -6.15 -78.49
N THR M 350 3.85 -4.86 -78.28
CA THR M 350 5.07 -4.27 -78.81
C THR M 350 6.29 -4.79 -78.06
N LEU M 351 6.11 -5.23 -76.82
CA LEU M 351 7.19 -5.60 -75.92
C LEU M 351 7.42 -7.11 -75.85
N LEU M 352 6.34 -7.90 -75.85
CA LEU M 352 6.42 -9.36 -75.68
C LEU M 352 5.53 -10.00 -76.72
N PRO M 353 6.09 -10.41 -77.87
CA PRO M 353 5.23 -10.94 -78.93
C PRO M 353 4.71 -12.35 -78.66
N LEU M 354 5.57 -13.24 -78.17
CA LEU M 354 5.15 -14.62 -77.95
C LEU M 354 4.21 -14.72 -76.76
N MET M 355 4.49 -13.93 -75.71
CA MET M 355 3.58 -13.86 -74.57
C MET M 355 2.22 -13.31 -74.97
N ALA M 356 2.20 -12.31 -75.86
CA ALA M 356 0.92 -11.81 -76.35
C ALA M 356 0.21 -12.82 -77.22
N ALA M 357 0.96 -13.70 -77.89
CA ALA M 357 0.33 -14.82 -78.59
C ALA M 357 -0.32 -15.79 -77.62
N TRP M 358 0.33 -16.05 -76.48
CA TRP M 358 -0.30 -16.90 -75.46
C TRP M 358 -1.52 -16.23 -74.84
N TRP M 359 -1.45 -14.91 -74.60
CA TRP M 359 -2.61 -14.14 -74.17
C TRP M 359 -3.76 -14.24 -75.17
N LEU M 360 -3.43 -14.15 -76.45
CA LEU M 360 -4.44 -14.26 -77.51
C LEU M 360 -5.10 -15.62 -77.51
N LEU M 361 -4.32 -16.69 -77.39
CA LEU M 361 -4.91 -18.03 -77.39
C LEU M 361 -5.73 -18.30 -76.14
N ALA M 362 -5.26 -17.86 -74.97
CA ALA M 362 -6.02 -18.03 -73.74
C ALA M 362 -7.30 -17.20 -73.76
N SER M 363 -7.28 -16.03 -74.41
CA SER M 363 -8.49 -15.25 -74.55
C SER M 363 -9.46 -15.89 -75.53
N LEU M 364 -8.96 -16.57 -76.56
CA LEU M 364 -9.84 -17.26 -77.49
C LEU M 364 -10.48 -18.48 -76.83
N THR M 365 -9.70 -19.22 -76.04
CA THR M 365 -10.27 -20.37 -75.34
C THR M 365 -11.21 -19.93 -74.22
N ASN M 366 -10.98 -18.76 -73.63
CA ASN M 366 -11.89 -18.29 -72.58
C ASN M 366 -13.25 -17.93 -73.18
N LEU M 367 -13.29 -17.36 -74.38
CA LEU M 367 -14.55 -16.99 -75.01
C LEU M 367 -15.17 -18.15 -75.79
N ALA M 368 -14.65 -19.37 -75.61
CA ALA M 368 -15.15 -20.61 -76.20
C ALA M 368 -15.13 -20.54 -77.73
N LEU M 369 -13.92 -20.44 -78.27
CA LEU M 369 -13.72 -20.49 -79.71
C LEU M 369 -13.75 -21.95 -80.16
N PRO M 370 -14.63 -22.32 -81.09
CA PRO M 370 -14.65 -23.69 -81.58
C PRO M 370 -13.44 -24.00 -82.44
N PRO M 371 -13.03 -25.27 -82.52
CA PRO M 371 -13.57 -26.47 -81.85
C PRO M 371 -12.94 -26.80 -80.50
N SER M 372 -12.77 -25.83 -79.61
CA SER M 372 -12.17 -26.14 -78.33
C SER M 372 -13.18 -26.81 -77.41
N ILE M 373 -12.66 -27.53 -76.41
CA ILE M 373 -13.51 -28.19 -75.43
C ILE M 373 -14.20 -27.19 -74.51
N ASN M 374 -13.69 -25.96 -74.44
CA ASN M 374 -14.49 -24.85 -73.91
C ASN M 374 -15.79 -24.68 -74.67
N LEU M 375 -15.70 -24.66 -76.01
CA LEU M 375 -16.92 -24.52 -76.80
C LEU M 375 -17.73 -25.80 -76.79
N ILE M 376 -17.08 -26.96 -76.66
CA ILE M 376 -17.84 -28.22 -76.57
C ILE M 376 -18.69 -28.25 -75.31
N GLY M 377 -18.08 -27.89 -74.17
CA GLY M 377 -18.83 -27.85 -72.92
C GLY M 377 -19.88 -26.76 -72.90
N GLU M 378 -19.50 -25.55 -73.34
CA GLU M 378 -20.42 -24.41 -73.43
C GLU M 378 -21.61 -24.72 -74.31
N LEU M 379 -21.35 -25.27 -75.49
CA LEU M 379 -22.38 -25.55 -76.47
C LEU M 379 -23.31 -26.65 -75.98
N PHE M 380 -22.77 -27.69 -75.34
CA PHE M 380 -23.63 -28.78 -74.87
C PHE M 380 -24.51 -28.33 -73.69
N VAL M 381 -23.97 -27.47 -72.82
CA VAL M 381 -24.80 -26.88 -71.76
C VAL M 381 -25.91 -26.03 -72.37
N VAL M 382 -25.60 -25.29 -73.45
CA VAL M 382 -26.62 -24.49 -74.11
C VAL M 382 -27.70 -25.36 -74.76
N MET M 383 -27.30 -26.50 -75.35
CA MET M 383 -28.26 -27.45 -75.92
C MET M 383 -29.20 -27.99 -74.84
N SER M 384 -28.64 -28.41 -73.72
CA SER M 384 -29.44 -29.02 -72.67
C SER M 384 -30.32 -28.00 -71.95
N THR M 385 -29.87 -26.75 -71.83
CA THR M 385 -30.72 -25.72 -71.24
C THR M 385 -31.79 -25.22 -72.19
N PHE M 386 -31.55 -25.31 -73.50
CA PHE M 386 -32.63 -25.08 -74.45
C PHE M 386 -33.66 -26.21 -74.38
N SER M 387 -33.21 -27.43 -74.09
CA SER M 387 -34.14 -28.50 -73.80
C SER M 387 -34.89 -28.25 -72.49
N TRP M 388 -34.24 -27.60 -71.52
CA TRP M 388 -34.88 -27.33 -70.24
C TRP M 388 -35.95 -26.25 -70.38
N SER M 389 -35.63 -25.17 -71.10
CA SER M 389 -36.58 -24.09 -71.35
C SER M 389 -36.09 -23.30 -72.55
N ASN M 390 -36.98 -23.07 -73.52
CA ASN M 390 -36.60 -22.44 -74.78
C ASN M 390 -36.29 -20.96 -74.63
N ILE M 391 -36.63 -20.35 -73.50
CA ILE M 391 -36.33 -18.94 -73.30
C ILE M 391 -34.90 -18.74 -72.79
N THR M 392 -34.26 -19.81 -72.30
CA THR M 392 -32.90 -19.74 -71.76
C THR M 392 -31.84 -19.53 -72.84
N ILE M 393 -32.19 -19.68 -74.12
CA ILE M 393 -31.25 -19.39 -75.20
C ILE M 393 -30.87 -17.92 -75.22
N ILE M 394 -31.79 -17.05 -74.78
CA ILE M 394 -31.52 -15.61 -74.75
C ILE M 394 -30.46 -15.31 -73.70
N LEU M 395 -30.59 -15.91 -72.51
CA LEU M 395 -29.61 -15.70 -71.45
C LEU M 395 -28.27 -16.31 -71.80
N MET M 396 -28.27 -17.51 -72.40
CA MET M 396 -27.01 -18.15 -72.79
C MET M 396 -26.28 -17.37 -73.88
N GLY M 397 -27.00 -16.89 -74.88
CA GLY M 397 -26.37 -16.11 -75.93
C GLY M 397 -25.91 -14.74 -75.46
N LEU M 398 -26.67 -14.13 -74.55
CA LEU M 398 -26.27 -12.85 -73.97
C LEU M 398 -25.02 -13.02 -73.10
N ASN M 399 -24.93 -14.15 -72.40
CA ASN M 399 -23.73 -14.46 -71.63
C ASN M 399 -22.53 -14.68 -72.54
N MET M 400 -22.73 -15.36 -73.67
CA MET M 400 -21.63 -15.56 -74.60
C MET M 400 -21.17 -14.25 -75.23
N VAL M 401 -22.10 -13.32 -75.45
CA VAL M 401 -21.72 -11.98 -75.93
C VAL M 401 -20.87 -11.25 -74.90
N ILE M 402 -21.34 -11.21 -73.64
CA ILE M 402 -20.57 -10.51 -72.61
C ILE M 402 -19.27 -11.24 -72.30
N THR M 403 -19.23 -12.56 -72.52
CA THR M 403 -17.99 -13.33 -72.33
C THR M 403 -16.94 -12.93 -73.35
N ALA M 404 -17.35 -12.86 -74.63
CA ALA M 404 -16.44 -12.38 -75.67
C ALA M 404 -16.02 -10.94 -75.39
N LEU M 405 -16.94 -10.12 -74.86
CA LEU M 405 -16.62 -8.73 -74.56
C LEU M 405 -15.57 -8.60 -73.46
N TYR M 406 -15.73 -9.31 -72.33
CA TYR M 406 -14.73 -9.10 -71.29
C TYR M 406 -13.41 -9.79 -71.61
N SER M 407 -13.44 -10.92 -72.32
CA SER M 407 -12.19 -11.58 -72.68
C SER M 407 -11.39 -10.73 -73.67
N LEU M 408 -12.04 -10.18 -74.68
CA LEU M 408 -11.28 -9.34 -75.58
C LEU M 408 -10.99 -7.96 -75.01
N TYR M 409 -11.76 -7.47 -74.03
CA TYR M 409 -11.39 -6.25 -73.34
C TYR M 409 -10.15 -6.46 -72.48
N MET M 410 -10.08 -7.63 -71.82
CA MET M 410 -8.87 -8.05 -71.13
C MET M 410 -7.67 -8.11 -72.07
N LEU M 411 -7.87 -8.69 -73.26
CA LEU M 411 -6.78 -8.82 -74.23
C LEU M 411 -6.31 -7.45 -74.74
N ILE M 412 -7.25 -6.56 -75.06
CA ILE M 412 -6.92 -5.26 -75.61
C ILE M 412 -6.29 -4.37 -74.53
N THR M 413 -6.81 -4.42 -73.30
CA THR M 413 -6.26 -3.59 -72.23
C THR M 413 -4.88 -4.05 -71.80
N THR M 414 -4.67 -5.36 -71.68
CA THR M 414 -3.36 -5.84 -71.26
C THR M 414 -2.32 -5.76 -72.37
N GLN M 415 -2.72 -5.98 -73.62
CA GLN M 415 -1.74 -6.21 -74.67
C GLN M 415 -1.70 -5.14 -75.75
N ARG M 416 -2.76 -4.35 -75.92
CA ARG M 416 -2.87 -3.49 -77.08
C ARG M 416 -2.96 -2.02 -76.67
N GLY M 417 -2.50 -1.17 -77.56
CA GLY M 417 -2.46 0.26 -77.35
C GLY M 417 -1.05 0.79 -77.30
N LYS M 418 -0.87 1.84 -76.52
CA LYS M 418 0.44 2.42 -76.28
C LYS M 418 1.04 1.83 -75.02
N HIS M 419 2.33 1.50 -75.08
CA HIS M 419 3.04 1.09 -73.88
C HIS M 419 3.12 2.26 -72.91
N THR M 420 2.87 1.97 -71.64
CA THR M 420 2.97 2.99 -70.60
C THR M 420 4.44 3.39 -70.44
N HIS M 421 4.70 4.70 -70.46
CA HIS M 421 6.07 5.20 -70.65
C HIS M 421 6.95 4.92 -69.45
N HIS M 422 6.45 5.15 -68.24
CA HIS M 422 7.30 5.14 -67.06
C HIS M 422 7.70 3.75 -66.59
N ILE M 423 7.10 2.69 -67.13
CA ILE M 423 7.47 1.33 -66.75
C ILE M 423 8.58 0.85 -67.67
N ASN M 424 9.72 0.46 -67.07
CA ASN M 424 10.85 0.01 -67.87
C ASN M 424 11.53 -1.24 -67.32
N ASN M 425 11.00 -1.86 -66.26
CA ASN M 425 11.51 -3.12 -65.75
C ASN M 425 10.85 -4.32 -66.43
N ILE M 426 10.25 -4.10 -67.59
CA ILE M 426 9.62 -5.17 -68.37
C ILE M 426 10.73 -5.98 -69.01
N LEU M 427 10.97 -7.18 -68.49
CA LEU M 427 11.95 -8.07 -69.04
C LEU M 427 11.36 -8.82 -70.24
N PRO M 428 12.20 -9.43 -71.08
CA PRO M 428 11.67 -10.37 -72.07
C PRO M 428 11.08 -11.62 -71.42
N SER M 429 10.38 -12.39 -72.25
CA SER M 429 9.70 -13.59 -71.76
C SER M 429 10.71 -14.66 -71.37
N PHE M 430 10.54 -15.21 -70.17
CA PHE M 430 11.40 -16.30 -69.74
C PHE M 430 11.04 -17.58 -70.50
N THR M 431 11.98 -18.53 -70.46
CA THR M 431 11.68 -19.86 -70.96
C THR M 431 10.72 -20.59 -70.01
N ARG M 432 10.83 -20.29 -68.72
CA ARG M 432 9.93 -20.85 -67.71
C ARG M 432 8.48 -20.43 -67.94
N GLU M 433 8.26 -19.13 -68.20
CA GLU M 433 6.92 -18.61 -68.38
C GLU M 433 6.29 -19.12 -69.67
N ASN M 434 7.08 -19.19 -70.74
CA ASN M 434 6.54 -19.70 -72.00
C ASN M 434 6.30 -21.19 -71.95
N ALA M 435 7.14 -21.93 -71.23
CA ALA M 435 6.88 -23.35 -71.01
C ALA M 435 5.65 -23.58 -70.15
N LEU M 436 5.39 -22.67 -69.21
CA LEU M 436 4.17 -22.73 -68.42
C LEU M 436 2.95 -22.50 -69.29
N MET M 437 3.00 -21.49 -70.18
CA MET M 437 1.87 -21.23 -71.06
C MET M 437 1.65 -22.35 -72.06
N SER M 438 2.73 -22.96 -72.55
CA SER M 438 2.59 -24.05 -73.50
C SER M 438 2.07 -25.31 -72.84
N LEU M 439 2.54 -25.62 -71.63
CA LEU M 439 1.98 -26.77 -70.92
C LEU M 439 0.57 -26.53 -70.41
N HIS M 440 0.11 -25.28 -70.38
CA HIS M 440 -1.33 -25.07 -70.24
C HIS M 440 -2.06 -25.29 -71.56
N MET M 441 -1.63 -24.61 -72.62
CA MET M 441 -2.44 -24.49 -73.83
C MET M 441 -2.41 -25.74 -74.69
N LEU M 442 -1.24 -26.39 -74.82
CA LEU M 442 -1.13 -27.57 -75.68
C LEU M 442 -1.99 -28.77 -75.26
N PRO M 443 -2.13 -29.13 -73.96
CA PRO M 443 -3.16 -30.14 -73.64
C PRO M 443 -4.57 -29.68 -73.94
N LEU M 444 -4.86 -28.40 -73.71
CA LEU M 444 -6.18 -27.84 -73.99
C LEU M 444 -6.52 -27.88 -75.48
N LEU M 445 -5.51 -27.84 -76.35
CA LEU M 445 -5.77 -27.93 -77.77
C LEU M 445 -5.69 -29.35 -78.31
N LEU M 446 -4.88 -30.21 -77.70
CA LEU M 446 -4.89 -31.61 -78.08
C LEU M 446 -6.18 -32.30 -77.66
N LEU M 447 -6.82 -31.83 -76.59
CA LEU M 447 -8.10 -32.40 -76.20
C LEU M 447 -9.24 -32.02 -77.15
N SER M 448 -9.03 -31.05 -78.04
CA SER M 448 -9.99 -30.79 -79.09
C SER M 448 -9.98 -31.90 -80.15
N LEU M 449 -8.87 -32.62 -80.29
CA LEU M 449 -8.78 -33.70 -81.25
C LEU M 449 -9.55 -34.92 -80.79
N ASN M 450 -9.39 -35.29 -79.51
CA ASN M 450 -10.08 -36.45 -78.94
C ASN M 450 -10.78 -35.98 -77.67
N PRO M 451 -12.00 -35.44 -77.81
CA PRO M 451 -12.71 -34.91 -76.64
C PRO M 451 -13.54 -35.92 -75.89
N LYS M 452 -13.51 -37.20 -76.26
CA LYS M 452 -14.39 -38.16 -75.62
C LYS M 452 -13.87 -38.65 -74.28
N ILE M 453 -12.65 -38.27 -73.91
CA ILE M 453 -12.06 -38.73 -72.65
C ILE M 453 -12.30 -37.70 -71.56
N ILE M 454 -13.10 -36.68 -71.85
CA ILE M 454 -13.45 -35.68 -70.85
C ILE M 454 -14.96 -35.45 -70.81
N LEU M 455 -15.73 -36.45 -71.22
CA LEU M 455 -17.18 -36.31 -71.33
C LEU M 455 -17.95 -37.22 -70.37
N GLY M 456 -17.43 -37.41 -69.15
CA GLY M 456 -18.20 -37.95 -68.06
C GLY M 456 -18.58 -39.42 -68.19
N PRO M 457 -19.36 -39.92 -67.23
CA PRO M 457 -19.69 -41.36 -67.19
C PRO M 457 -20.66 -41.81 -68.26
N LEU M 458 -21.19 -40.91 -69.07
CA LEU M 458 -22.38 -41.20 -69.88
C LEU M 458 -22.20 -40.64 -71.31
N TYR M 459 -21.04 -40.92 -71.89
CA TYR M 459 -20.74 -40.60 -73.29
C TYR M 459 -21.64 -41.35 -74.27
N MET N 1 8.01 -25.76 -2.63
CA MET N 1 7.46 -27.05 -2.22
C MET N 1 8.52 -28.16 -2.28
N ASN N 2 8.56 -28.96 -1.23
CA ASN N 2 9.41 -30.14 -1.17
C ASN N 2 9.04 -31.12 -2.28
N PRO N 3 10.01 -31.64 -3.04
CA PRO N 3 9.68 -32.69 -4.03
C PRO N 3 9.09 -33.95 -3.44
N ILE N 4 9.48 -34.34 -2.23
CA ILE N 4 8.85 -35.49 -1.57
C ILE N 4 7.38 -35.21 -1.29
N ILE N 5 7.09 -34.01 -0.78
CA ILE N 5 5.72 -33.61 -0.50
C ILE N 5 4.95 -33.41 -1.80
N LEU N 6 5.63 -32.95 -2.86
CA LEU N 6 5.01 -32.87 -4.18
C LEU N 6 4.61 -34.25 -4.71
N ILE N 7 5.48 -35.24 -4.53
CA ILE N 7 5.17 -36.62 -4.90
C ILE N 7 3.98 -37.14 -4.12
N ILE N 8 4.00 -36.95 -2.79
CA ILE N 8 2.93 -37.49 -1.95
C ILE N 8 1.59 -36.80 -2.24
N ILE N 9 1.62 -35.50 -2.55
CA ILE N 9 0.40 -34.76 -2.83
C ILE N 9 -0.17 -35.13 -4.21
N LEU N 10 0.69 -35.31 -5.20
CA LEU N 10 0.18 -35.73 -6.51
C LEU N 10 -0.29 -37.18 -6.49
N MET N 11 0.35 -38.04 -5.70
CA MET N 11 -0.15 -39.39 -5.52
C MET N 11 -1.46 -39.39 -4.75
N THR N 12 -1.68 -38.40 -3.89
CA THR N 12 -2.95 -38.30 -3.18
C THR N 12 -4.08 -37.82 -4.10
N VAL N 13 -3.76 -36.91 -5.03
CA VAL N 13 -4.70 -36.55 -6.09
C VAL N 13 -5.11 -37.77 -6.90
N MET N 14 -4.11 -38.54 -7.36
CA MET N 14 -4.36 -39.74 -8.14
C MET N 14 -5.11 -40.79 -7.33
N LEU N 15 -4.81 -40.90 -6.03
CA LEU N 15 -5.50 -41.84 -5.17
C LEU N 15 -6.95 -41.45 -4.94
N GLY N 16 -7.24 -40.15 -4.85
CA GLY N 16 -8.63 -39.71 -4.77
C GLY N 16 -9.41 -40.03 -6.02
N THR N 17 -8.80 -39.83 -7.19
CA THR N 17 -9.46 -40.18 -8.45
C THR N 17 -9.65 -41.70 -8.57
N ILE N 18 -8.69 -42.48 -8.08
CA ILE N 18 -8.81 -43.94 -8.12
C ILE N 18 -9.90 -44.42 -7.18
N ILE N 19 -10.01 -43.82 -5.99
CA ILE N 19 -11.06 -44.18 -5.04
C ILE N 19 -12.44 -43.85 -5.62
N VAL N 20 -12.55 -42.76 -6.38
CA VAL N 20 -13.81 -42.52 -7.07
C VAL N 20 -14.04 -43.57 -8.17
N MET N 21 -12.98 -44.01 -8.84
CA MET N 21 -13.20 -44.92 -9.96
C MET N 21 -13.51 -46.36 -9.55
N ILE N 22 -13.02 -46.83 -8.41
CA ILE N 22 -13.03 -48.26 -8.13
C ILE N 22 -14.00 -48.66 -7.04
N SER N 23 -14.66 -47.72 -6.38
CA SER N 23 -15.42 -48.04 -5.20
C SER N 23 -16.90 -48.27 -5.53
N THR N 24 -17.53 -49.15 -4.75
CA THR N 24 -18.91 -49.55 -4.93
C THR N 24 -19.83 -48.97 -3.88
N HIS N 25 -19.39 -47.96 -3.14
CA HIS N 25 -20.14 -47.40 -2.03
C HIS N 25 -20.12 -45.88 -2.18
N TRP N 26 -21.30 -45.26 -2.05
CA TRP N 26 -21.43 -43.83 -2.33
C TRP N 26 -20.62 -42.97 -1.38
N LEU N 27 -20.49 -43.41 -0.12
CA LEU N 27 -19.65 -42.70 0.84
C LEU N 27 -18.20 -42.71 0.38
N LEU N 28 -17.74 -43.81 -0.22
CA LEU N 28 -16.36 -43.86 -0.69
C LEU N 28 -16.16 -43.01 -1.94
N ILE N 29 -17.20 -42.86 -2.77
CA ILE N 29 -17.19 -41.88 -3.86
C ILE N 29 -16.97 -40.47 -3.32
N TRP N 30 -17.77 -40.11 -2.31
CA TRP N 30 -17.66 -38.78 -1.72
C TRP N 30 -16.31 -38.58 -1.04
N ILE N 31 -15.78 -39.63 -0.41
CA ILE N 31 -14.45 -39.61 0.21
C ILE N 31 -13.37 -39.38 -0.83
N GLY N 32 -13.50 -40.04 -1.98
CA GLY N 32 -12.51 -39.86 -3.04
C GLY N 32 -12.52 -38.45 -3.60
N PHE N 33 -13.71 -37.84 -3.72
CA PHE N 33 -13.77 -36.44 -4.15
C PHE N 33 -13.19 -35.50 -3.10
N GLU N 34 -13.44 -35.76 -1.82
CA GLU N 34 -12.85 -34.96 -0.75
C GLU N 34 -11.34 -35.05 -0.76
N MET N 35 -10.79 -36.27 -0.89
CA MET N 35 -9.35 -36.48 -0.97
C MET N 35 -8.75 -35.79 -2.18
N ASN N 36 -9.47 -35.81 -3.31
CA ASN N 36 -8.99 -35.19 -4.55
C ASN N 36 -8.86 -33.68 -4.40
N MET N 37 -9.91 -33.03 -3.88
CA MET N 37 -9.88 -31.58 -3.68
C MET N 37 -8.84 -31.18 -2.64
N LEU N 38 -8.85 -31.88 -1.49
CA LEU N 38 -7.94 -31.61 -0.38
C LEU N 38 -6.49 -31.78 -0.79
N ALA N 39 -6.21 -32.68 -1.74
CA ALA N 39 -4.84 -32.82 -2.20
C ALA N 39 -4.48 -31.83 -3.32
N ILE N 40 -5.42 -31.45 -4.19
CA ILE N 40 -5.01 -30.62 -5.31
C ILE N 40 -4.94 -29.14 -4.95
N ILE N 41 -5.46 -28.74 -3.79
CA ILE N 41 -5.36 -27.32 -3.38
C ILE N 41 -3.93 -26.77 -3.28
N PRO N 42 -2.92 -27.47 -2.72
CA PRO N 42 -1.56 -26.89 -2.75
C PRO N 42 -0.91 -26.84 -4.12
N ILE N 43 -1.34 -27.66 -5.08
CA ILE N 43 -0.75 -27.62 -6.42
C ILE N 43 -1.15 -26.33 -7.11
N MET N 44 -2.31 -25.80 -6.77
CA MET N 44 -2.74 -24.50 -7.28
C MET N 44 -1.98 -23.35 -6.63
N MET N 45 -1.54 -23.53 -5.38
CA MET N 45 -0.85 -22.48 -4.63
C MET N 45 0.66 -22.68 -4.64
N LYS N 46 1.20 -23.15 -5.76
CA LYS N 46 2.62 -23.46 -5.84
C LYS N 46 3.49 -22.21 -5.85
N LYS N 47 3.03 -21.11 -6.46
CA LYS N 47 3.86 -19.93 -6.60
C LYS N 47 3.62 -18.87 -5.53
N HIS N 48 2.50 -18.97 -4.80
CA HIS N 48 2.16 -18.11 -3.65
C HIS N 48 2.10 -16.63 -4.03
N ASN N 49 1.16 -16.33 -4.90
CA ASN N 49 0.80 -14.98 -5.31
C ASN N 49 -0.71 -14.84 -5.13
N PRO N 50 -1.23 -13.60 -4.99
CA PRO N 50 -2.67 -13.45 -4.65
C PRO N 50 -3.65 -14.01 -5.65
N ARG N 51 -3.28 -14.08 -6.93
CA ARG N 51 -4.17 -14.67 -7.92
C ARG N 51 -4.36 -16.17 -7.70
N ALA N 52 -3.32 -16.87 -7.25
CA ALA N 52 -3.48 -18.30 -6.98
C ALA N 52 -4.29 -18.55 -5.71
N THR N 53 -4.19 -17.68 -4.70
CA THR N 53 -5.03 -17.83 -3.52
C THR N 53 -6.49 -17.53 -3.86
N GLU N 54 -6.72 -16.51 -4.68
CA GLU N 54 -8.06 -16.18 -5.17
C GLU N 54 -8.66 -17.33 -5.97
N ALA N 55 -7.85 -17.91 -6.87
CA ALA N 55 -8.30 -19.03 -7.68
C ALA N 55 -8.58 -20.27 -6.84
N SER N 56 -7.71 -20.56 -5.87
CA SER N 56 -7.92 -21.70 -4.98
C SER N 56 -9.13 -21.50 -4.10
N THR N 57 -9.44 -20.26 -3.72
CA THR N 57 -10.63 -19.99 -2.93
C THR N 57 -11.90 -20.21 -3.74
N LYS N 58 -11.93 -19.71 -4.98
CA LYS N 58 -13.10 -19.93 -5.85
C LYS N 58 -13.28 -21.42 -6.15
N TYR N 59 -12.17 -22.12 -6.42
CA TYR N 59 -12.21 -23.55 -6.66
C TYR N 59 -12.71 -24.31 -5.45
N PHE N 60 -12.25 -23.94 -4.26
CA PHE N 60 -12.71 -24.56 -3.02
C PHE N 60 -14.21 -24.38 -2.84
N LEU N 61 -14.71 -23.16 -3.04
CA LEU N 61 -16.12 -22.89 -2.80
C LEU N 61 -17.01 -23.65 -3.77
N THR N 62 -16.64 -23.69 -5.05
CA THR N 62 -17.42 -24.43 -6.03
C THR N 62 -17.38 -25.95 -5.78
N GLN N 63 -16.18 -26.49 -5.53
CA GLN N 63 -16.07 -27.93 -5.31
C GLN N 63 -16.69 -28.37 -3.99
N SER N 64 -16.66 -27.52 -2.97
CA SER N 64 -17.27 -27.86 -1.70
C SER N 64 -18.79 -27.84 -1.79
N THR N 65 -19.35 -26.87 -2.52
CA THR N 65 -20.78 -26.85 -2.75
C THR N 65 -21.21 -28.07 -3.55
N ALA N 66 -20.38 -28.47 -4.53
CA ALA N 66 -20.66 -29.67 -5.31
C ALA N 66 -20.60 -30.92 -4.46
N SER N 67 -19.65 -30.98 -3.51
CA SER N 67 -19.52 -32.16 -2.66
C SER N 67 -20.68 -32.27 -1.68
N MET N 68 -21.18 -31.14 -1.19
CA MET N 68 -22.33 -31.17 -0.29
C MET N 68 -23.62 -31.52 -1.03
N LEU N 69 -23.78 -31.03 -2.28
CA LEU N 69 -24.93 -31.44 -3.08
C LEU N 69 -24.84 -32.91 -3.47
N LEU N 70 -23.62 -33.42 -3.71
CA LEU N 70 -23.42 -34.84 -3.98
C LEU N 70 -23.82 -35.69 -2.78
N MET N 71 -23.41 -35.28 -1.58
CA MET N 71 -23.79 -36.02 -0.37
C MET N 71 -25.28 -35.91 -0.09
N MET N 72 -25.92 -34.78 -0.42
CA MET N 72 -27.38 -34.72 -0.31
C MET N 72 -28.06 -35.67 -1.28
N ALA N 73 -27.53 -35.81 -2.50
CA ALA N 73 -28.10 -36.76 -3.45
C ALA N 73 -27.93 -38.20 -2.97
N ILE N 74 -26.77 -38.52 -2.42
CA ILE N 74 -26.49 -39.81 -1.79
C ILE N 74 -27.46 -40.09 -0.64
N ILE N 75 -27.71 -39.07 0.19
CA ILE N 75 -28.60 -39.22 1.34
C ILE N 75 -30.06 -39.40 0.92
N ILE N 76 -30.49 -38.74 -0.15
CA ILE N 76 -31.83 -38.97 -0.69
C ILE N 76 -31.92 -40.38 -1.29
N ASN N 77 -30.81 -40.86 -1.89
CA ASN N 77 -30.76 -42.25 -2.36
C ASN N 77 -30.89 -43.24 -1.20
N LEU N 78 -30.29 -42.93 -0.05
CA LEU N 78 -30.41 -43.81 1.11
C LEU N 78 -31.82 -43.75 1.70
N MET N 79 -32.47 -42.57 1.67
CA MET N 79 -33.89 -42.47 1.98
C MET N 79 -34.73 -43.42 1.12
N PHE N 80 -34.62 -43.29 -0.19
CA PHE N 80 -35.59 -43.92 -1.08
C PHE N 80 -35.17 -45.30 -1.58
N SER N 81 -33.99 -45.79 -1.21
CA SER N 81 -33.62 -47.14 -1.57
C SER N 81 -32.92 -47.92 -0.48
N GLY N 82 -32.60 -47.31 0.65
CA GLY N 82 -32.03 -48.01 1.79
C GLY N 82 -30.65 -48.62 1.60
N GLN N 83 -29.99 -48.37 0.49
CA GLN N 83 -28.74 -49.03 0.13
C GLN N 83 -27.68 -48.00 -0.24
N TRP N 84 -26.51 -48.51 -0.61
CA TRP N 84 -25.36 -47.66 -0.91
C TRP N 84 -24.62 -48.09 -2.17
N THR N 85 -25.22 -48.94 -3.01
CA THR N 85 -24.53 -49.44 -4.19
C THR N 85 -24.38 -48.32 -5.21
N VAL N 86 -23.16 -48.14 -5.72
CA VAL N 86 -22.94 -47.14 -6.75
C VAL N 86 -23.41 -47.75 -8.07
N MET N 87 -24.58 -47.33 -8.50
CA MET N 87 -25.30 -47.82 -9.66
C MET N 87 -26.28 -46.72 -10.03
N LYS N 88 -27.36 -47.06 -10.73
CA LYS N 88 -28.43 -46.10 -10.98
C LYS N 88 -29.05 -45.60 -9.67
N LEU N 89 -29.77 -44.50 -9.77
CA LEU N 89 -30.40 -43.87 -8.63
C LEU N 89 -31.90 -44.15 -8.62
N PHE N 90 -32.48 -44.10 -7.43
CA PHE N 90 -33.84 -44.56 -7.20
C PHE N 90 -34.81 -43.42 -6.91
N ASN N 91 -34.48 -42.22 -7.35
CA ASN N 91 -35.29 -41.04 -7.18
C ASN N 91 -34.82 -39.99 -8.18
N PRO N 92 -35.71 -39.39 -8.99
CA PRO N 92 -35.26 -38.32 -9.89
C PRO N 92 -34.79 -37.06 -9.19
N MET N 93 -35.13 -36.85 -7.91
CA MET N 93 -34.58 -35.72 -7.18
C MET N 93 -33.12 -35.96 -6.80
N ALA N 94 -32.80 -37.18 -6.36
CA ALA N 94 -31.40 -37.54 -6.13
C ALA N 94 -30.62 -37.55 -7.43
N SER N 95 -31.25 -37.98 -8.52
CA SER N 95 -30.62 -37.96 -9.84
C SER N 95 -30.35 -36.53 -10.29
N MET N 96 -31.28 -35.62 -10.04
CA MET N 96 -31.10 -34.24 -10.44
C MET N 96 -30.02 -33.57 -9.63
N LEU N 97 -30.01 -33.78 -8.30
CA LEU N 97 -28.97 -33.18 -7.47
C LEU N 97 -27.59 -33.77 -7.75
N MET N 98 -27.50 -35.06 -8.07
CA MET N 98 -26.19 -35.62 -8.40
C MET N 98 -25.72 -35.15 -9.77
N THR N 99 -26.63 -34.96 -10.72
CA THR N 99 -26.26 -34.39 -12.01
C THR N 99 -25.80 -32.95 -11.86
N MET N 100 -26.46 -32.18 -10.99
CA MET N 100 -26.00 -30.82 -10.68
C MET N 100 -24.63 -30.82 -10.02
N ALA N 101 -24.39 -31.74 -9.10
CA ALA N 101 -23.12 -31.79 -8.38
C ALA N 101 -21.97 -32.17 -9.31
N LEU N 102 -22.20 -33.14 -10.19
CA LEU N 102 -21.15 -33.51 -11.14
C LEU N 102 -20.94 -32.42 -12.19
N ALA N 103 -22.01 -31.72 -12.59
CA ALA N 103 -21.84 -30.59 -13.51
C ALA N 103 -21.09 -29.43 -12.87
N MET N 104 -21.23 -29.25 -11.55
CA MET N 104 -20.41 -28.27 -10.85
C MET N 104 -18.95 -28.71 -10.81
N LYS N 105 -18.71 -30.01 -10.57
CA LYS N 105 -17.34 -30.49 -10.49
C LYS N 105 -16.63 -30.44 -11.83
N LEU N 106 -17.36 -30.61 -12.92
CA LEU N 106 -16.78 -30.50 -14.25
C LEU N 106 -16.72 -29.06 -14.75
N GLY N 107 -17.34 -28.12 -14.04
CA GLY N 107 -17.43 -26.77 -14.53
C GLY N 107 -18.30 -26.61 -15.74
N MET N 108 -19.29 -27.48 -15.91
CA MET N 108 -20.24 -27.35 -16.99
C MET N 108 -21.13 -26.14 -16.75
N ALA N 109 -21.60 -25.54 -17.84
CA ALA N 109 -22.45 -24.36 -17.72
C ALA N 109 -23.82 -24.76 -17.14
N PRO N 110 -24.43 -23.90 -16.31
CA PRO N 110 -24.03 -22.54 -15.94
C PRO N 110 -23.24 -22.47 -14.64
N PHE N 111 -22.62 -23.58 -14.26
CA PHE N 111 -21.62 -23.59 -13.19
C PHE N 111 -20.22 -23.43 -13.76
N HIS N 112 -20.11 -22.77 -14.91
CA HIS N 112 -18.87 -22.58 -15.63
C HIS N 112 -18.11 -21.36 -15.15
N PHE N 113 -18.71 -20.54 -14.30
CA PHE N 113 -18.17 -19.25 -13.89
C PHE N 113 -16.96 -19.34 -12.99
N TRP N 114 -16.37 -20.50 -12.73
CA TRP N 114 -15.12 -20.56 -12.01
C TRP N 114 -13.94 -21.01 -12.85
N VAL N 115 -14.18 -21.79 -13.90
CA VAL N 115 -13.13 -22.45 -14.67
C VAL N 115 -12.19 -21.46 -15.37
N PRO N 116 -12.65 -20.38 -16.05
CA PRO N 116 -11.65 -19.43 -16.58
C PRO N 116 -10.88 -18.68 -15.51
N GLU N 117 -11.54 -18.29 -14.41
CA GLU N 117 -10.85 -17.56 -13.35
C GLU N 117 -9.84 -18.45 -12.63
N VAL N 118 -10.26 -19.66 -12.25
CA VAL N 118 -9.37 -20.57 -11.54
C VAL N 118 -8.24 -21.04 -12.45
N THR N 119 -8.53 -21.25 -13.74
CA THR N 119 -7.47 -21.60 -14.68
C THR N 119 -6.52 -20.44 -14.92
N GLN N 120 -7.01 -19.21 -14.80
CA GLN N 120 -6.17 -18.03 -14.99
C GLN N 120 -5.24 -17.81 -13.80
N GLY N 121 -5.73 -18.03 -12.58
CA GLY N 121 -4.95 -17.68 -11.41
C GLY N 121 -3.80 -18.61 -11.09
N ILE N 122 -3.86 -19.85 -11.56
CA ILE N 122 -2.93 -20.89 -11.14
C ILE N 122 -1.90 -21.08 -12.25
N PRO N 123 -0.76 -21.72 -12.00
CA PRO N 123 0.20 -21.97 -13.09
C PRO N 123 -0.31 -22.96 -14.12
N LEU N 124 0.51 -23.11 -15.17
CA LEU N 124 0.11 -23.92 -16.33
C LEU N 124 0.06 -25.40 -16.01
N SER N 125 0.92 -25.87 -15.11
CA SER N 125 0.93 -27.29 -14.75
C SER N 125 -0.31 -27.67 -13.95
N SER N 126 -0.65 -26.87 -12.93
CA SER N 126 -1.86 -27.11 -12.16
C SER N 126 -3.12 -26.89 -13.00
N GLY N 127 -3.05 -25.99 -13.98
CA GLY N 127 -4.17 -25.85 -14.91
C GLY N 127 -4.33 -27.06 -15.80
N LEU N 128 -3.21 -27.66 -16.23
CA LEU N 128 -3.25 -28.91 -16.95
C LEU N 128 -3.87 -30.03 -16.12
N ILE N 129 -3.48 -30.12 -14.85
CA ILE N 129 -4.05 -31.14 -13.97
C ILE N 129 -5.54 -30.89 -13.74
N LEU N 130 -5.93 -29.63 -13.59
CA LEU N 130 -7.32 -29.27 -13.36
C LEU N 130 -8.19 -29.57 -14.58
N LEU N 131 -7.67 -29.32 -15.78
CA LEU N 131 -8.50 -29.51 -16.96
C LEU N 131 -8.42 -30.90 -17.55
N THR N 132 -7.48 -31.74 -17.10
CA THR N 132 -7.42 -33.11 -17.59
C THR N 132 -7.74 -34.15 -16.52
N TRP N 133 -7.02 -34.14 -15.40
CA TRP N 133 -7.17 -35.21 -14.42
C TRP N 133 -8.43 -35.04 -13.60
N GLN N 134 -8.81 -33.79 -13.30
CA GLN N 134 -10.00 -33.53 -12.50
C GLN N 134 -11.30 -33.67 -13.29
N LYS N 135 -11.20 -33.95 -14.58
CA LYS N 135 -12.37 -34.26 -15.40
C LYS N 135 -12.61 -35.75 -15.50
N LEU N 136 -11.88 -36.57 -14.73
CA LEU N 136 -12.00 -38.02 -14.86
C LEU N 136 -13.05 -38.58 -13.91
N ALA N 137 -12.94 -38.25 -12.63
CA ALA N 137 -13.82 -38.82 -11.62
C ALA N 137 -15.32 -38.47 -11.80
N PRO N 138 -15.74 -37.22 -12.09
CA PRO N 138 -17.18 -37.03 -12.28
C PRO N 138 -17.71 -37.62 -13.56
N MET N 139 -16.87 -37.77 -14.60
CA MET N 139 -17.33 -38.48 -15.78
C MET N 139 -17.46 -39.96 -15.51
N SER N 140 -16.66 -40.49 -14.57
CA SER N 140 -16.85 -41.88 -14.15
C SER N 140 -18.17 -42.04 -13.40
N VAL N 141 -18.51 -41.09 -12.51
CA VAL N 141 -19.77 -41.21 -11.78
C VAL N 141 -20.97 -41.04 -12.71
N LEU N 142 -20.88 -40.10 -13.67
CA LEU N 142 -21.91 -39.97 -14.69
C LEU N 142 -22.02 -41.20 -15.58
N TYR N 143 -20.90 -41.90 -15.79
CA TYR N 143 -20.94 -43.18 -16.50
C TYR N 143 -21.68 -44.24 -15.70
N GLN N 144 -21.59 -44.17 -14.37
CA GLN N 144 -22.21 -45.22 -13.57
C GLN N 144 -23.64 -44.92 -13.14
N ILE N 145 -24.14 -43.69 -13.34
CA ILE N 145 -25.49 -43.34 -12.95
C ILE N 145 -26.37 -43.03 -14.15
N LEU N 146 -25.87 -43.21 -15.37
CA LEU N 146 -26.59 -42.88 -16.60
C LEU N 146 -27.96 -43.56 -16.84
N PRO N 147 -28.32 -44.72 -16.26
CA PRO N 147 -29.74 -45.12 -16.32
C PRO N 147 -30.70 -44.21 -15.55
N SER N 148 -30.22 -43.34 -14.67
CA SER N 148 -31.10 -42.47 -13.89
C SER N 148 -31.05 -41.02 -14.30
N ILE N 149 -30.16 -40.64 -15.23
CA ILE N 149 -30.01 -39.24 -15.60
C ILE N 149 -31.20 -38.79 -16.44
N ASN N 150 -31.81 -37.68 -16.05
CA ASN N 150 -32.84 -37.05 -16.86
C ASN N 150 -32.24 -36.56 -18.17
N LEU N 151 -32.88 -36.95 -19.28
CA LEU N 151 -32.37 -36.63 -20.60
C LEU N 151 -32.41 -35.13 -20.87
N ASP N 152 -33.50 -34.48 -20.46
CA ASP N 152 -33.66 -33.04 -20.65
C ASP N 152 -32.60 -32.26 -19.89
N LEU N 153 -32.29 -32.68 -18.66
CA LEU N 153 -31.32 -31.98 -17.83
C LEU N 153 -29.91 -32.08 -18.42
N ILE N 154 -29.50 -33.27 -18.85
CA ILE N 154 -28.15 -33.43 -19.36
C ILE N 154 -28.01 -32.79 -20.73
N LEU N 155 -29.08 -32.77 -21.54
CA LEU N 155 -28.97 -32.11 -22.83
C LEU N 155 -29.03 -30.59 -22.69
N THR N 156 -29.75 -30.08 -21.68
CA THR N 156 -29.77 -28.63 -21.44
C THR N 156 -28.42 -28.15 -20.93
N LEU N 157 -27.82 -28.88 -19.98
CA LEU N 157 -26.47 -28.56 -19.53
C LEU N 157 -25.46 -28.71 -20.66
N SER N 158 -25.67 -29.66 -21.57
CA SER N 158 -24.74 -29.87 -22.67
C SER N 158 -24.81 -28.73 -23.68
N ILE N 159 -26.03 -28.30 -24.05
CA ILE N 159 -26.14 -27.22 -25.03
C ILE N 159 -25.68 -25.91 -24.42
N LEU N 160 -25.93 -25.70 -23.12
CA LEU N 160 -25.49 -24.46 -22.50
C LEU N 160 -23.97 -24.44 -22.37
N SER N 161 -23.36 -25.60 -22.12
CA SER N 161 -21.91 -25.67 -22.05
C SER N 161 -21.28 -25.49 -23.42
N ILE N 162 -21.92 -26.00 -24.48
CA ILE N 162 -21.37 -25.85 -25.82
C ILE N 162 -21.50 -24.41 -26.31
N THR N 163 -22.63 -23.75 -26.02
CA THR N 163 -22.81 -22.38 -26.45
C THR N 163 -21.93 -21.41 -25.67
N ILE N 164 -21.79 -21.61 -24.37
CA ILE N 164 -20.94 -20.69 -23.62
C ILE N 164 -19.46 -20.97 -23.88
N GLY N 165 -19.07 -22.24 -24.06
CA GLY N 165 -17.71 -22.52 -24.45
C GLY N 165 -17.36 -22.04 -25.84
N GLY N 166 -18.36 -21.93 -26.72
CA GLY N 166 -18.16 -21.25 -27.98
C GLY N 166 -17.98 -19.76 -27.78
N TRP N 167 -19.02 -19.08 -27.30
CA TRP N 167 -19.02 -17.62 -27.24
C TRP N 167 -18.06 -17.03 -26.22
N GLY N 168 -17.47 -17.83 -25.33
CA GLY N 168 -16.57 -17.29 -24.33
C GLY N 168 -15.18 -17.01 -24.85
N GLY N 169 -14.62 -17.91 -25.63
CA GLY N 169 -13.26 -17.72 -26.11
C GLY N 169 -13.09 -16.74 -27.25
N LEU N 170 -14.19 -16.17 -27.77
CA LEU N 170 -14.09 -15.29 -28.92
C LEU N 170 -13.54 -13.91 -28.58
N ASN N 171 -13.41 -13.58 -27.29
CA ASN N 171 -12.96 -12.27 -26.86
C ASN N 171 -11.80 -12.37 -25.87
N GLN N 172 -10.93 -13.36 -26.04
CA GLN N 172 -9.92 -13.69 -25.06
C GLN N 172 -8.52 -13.59 -25.66
N THR N 173 -7.58 -13.12 -24.85
CA THR N 173 -6.17 -13.11 -25.21
C THR N 173 -5.30 -13.95 -24.29
N GLN N 174 -5.75 -14.20 -23.07
CA GLN N 174 -5.04 -15.14 -22.20
C GLN N 174 -5.22 -16.55 -22.73
N LEU N 175 -4.18 -17.37 -22.58
CA LEU N 175 -4.26 -18.73 -23.11
C LEU N 175 -5.05 -19.63 -22.19
N ARG N 176 -4.94 -19.42 -20.89
CA ARG N 176 -5.58 -20.29 -19.90
C ARG N 176 -7.10 -20.15 -19.93
N LYS N 177 -7.62 -18.95 -20.16
CA LYS N 177 -9.06 -18.79 -20.31
C LYS N 177 -9.56 -19.40 -21.61
N ILE N 178 -8.75 -19.37 -22.68
CA ILE N 178 -9.12 -20.02 -23.92
C ILE N 178 -9.22 -21.53 -23.73
N MET N 179 -8.24 -22.12 -23.04
CA MET N 179 -8.30 -23.54 -22.72
C MET N 179 -9.45 -23.87 -21.79
N ALA N 180 -9.83 -22.93 -20.91
CA ALA N 180 -10.94 -23.19 -20.00
C ALA N 180 -12.28 -23.15 -20.72
N TYR N 181 -12.48 -22.21 -21.64
CA TYR N 181 -13.73 -22.21 -22.41
C TYR N 181 -13.79 -23.39 -23.37
N SER N 182 -12.63 -23.79 -23.90
CA SER N 182 -12.56 -25.03 -24.67
C SER N 182 -12.93 -26.23 -23.82
N SER N 183 -12.57 -26.22 -22.53
CA SER N 183 -12.97 -27.28 -21.61
C SER N 183 -14.48 -27.30 -21.42
N ILE N 184 -15.09 -26.14 -21.23
CA ILE N 184 -16.54 -26.06 -21.03
C ILE N 184 -17.29 -26.58 -22.26
N ALA N 185 -16.84 -26.17 -23.46
CA ALA N 185 -17.46 -26.65 -24.69
C ALA N 185 -17.27 -28.15 -24.88
N HIS N 186 -16.08 -28.66 -24.58
CA HIS N 186 -15.85 -30.09 -24.73
C HIS N 186 -16.58 -30.91 -23.68
N MET N 187 -16.82 -30.38 -22.48
CA MET N 187 -17.66 -31.11 -21.53
C MET N 187 -19.10 -31.15 -21.98
N GLY N 188 -19.57 -30.08 -22.66
CA GLY N 188 -20.87 -30.14 -23.29
C GLY N 188 -20.97 -31.24 -24.35
N TRP N 189 -19.94 -31.32 -25.20
CA TRP N 189 -19.88 -32.37 -26.22
C TRP N 189 -19.82 -33.77 -25.60
N MET N 190 -19.12 -33.92 -24.47
CA MET N 190 -19.05 -35.22 -23.81
C MET N 190 -20.39 -35.63 -23.21
N THR N 191 -21.01 -34.73 -22.45
CA THR N 191 -22.24 -35.07 -21.75
C THR N 191 -23.46 -35.12 -22.65
N ALA N 192 -23.39 -34.58 -23.87
CA ALA N 192 -24.54 -34.71 -24.77
C ALA N 192 -24.70 -36.14 -25.27
N VAL N 193 -23.59 -36.81 -25.59
CA VAL N 193 -23.66 -38.16 -26.16
C VAL N 193 -23.74 -39.24 -25.07
N LEU N 194 -23.81 -38.83 -23.80
CA LEU N 194 -23.63 -39.77 -22.68
C LEU N 194 -24.78 -40.76 -22.58
N LEU N 195 -26.02 -40.29 -22.67
CA LEU N 195 -27.14 -41.21 -22.58
C LEU N 195 -27.41 -41.93 -23.90
N TYR N 196 -26.71 -41.55 -24.96
CA TYR N 196 -26.85 -42.21 -26.26
C TYR N 196 -25.77 -43.28 -26.44
N ASN N 197 -24.50 -42.92 -26.24
CA ASN N 197 -23.40 -43.88 -26.18
C ASN N 197 -22.27 -43.34 -25.31
N PRO N 198 -22.04 -43.91 -24.12
CA PRO N 198 -20.96 -43.42 -23.27
C PRO N 198 -19.57 -43.89 -23.68
N THR N 199 -19.47 -44.79 -24.66
CA THR N 199 -18.17 -45.08 -25.24
C THR N 199 -17.64 -43.86 -25.99
N MET N 200 -18.54 -43.13 -26.65
CA MET N 200 -18.15 -41.89 -27.31
C MET N 200 -17.82 -40.81 -26.31
N THR N 201 -18.42 -40.87 -25.13
CA THR N 201 -18.03 -40.02 -24.02
C THR N 201 -16.57 -40.29 -23.61
N LEU N 202 -16.23 -41.57 -23.46
CA LEU N 202 -14.84 -41.93 -23.13
C LEU N 202 -13.87 -41.54 -24.24
N LEU N 203 -14.32 -41.69 -25.51
CA LEU N 203 -13.51 -41.31 -26.66
C LEU N 203 -13.23 -39.81 -26.67
N ASN N 204 -14.28 -39.00 -26.48
CA ASN N 204 -14.13 -37.55 -26.47
C ASN N 204 -13.28 -37.10 -25.28
N LEU N 205 -13.42 -37.78 -24.15
CA LEU N 205 -12.63 -37.46 -22.98
C LEU N 205 -11.15 -37.72 -23.20
N ILE N 206 -10.81 -38.89 -23.77
CA ILE N 206 -9.41 -39.22 -23.97
C ILE N 206 -8.77 -38.35 -25.04
N ILE N 207 -9.50 -38.08 -26.14
CA ILE N 207 -8.93 -37.22 -27.18
C ILE N 207 -8.81 -35.78 -26.70
N TYR N 208 -9.76 -35.31 -25.87
CA TYR N 208 -9.62 -33.97 -25.30
C TYR N 208 -8.45 -33.90 -24.32
N ILE N 209 -8.20 -34.97 -23.55
CA ILE N 209 -7.06 -34.98 -22.64
C ILE N 209 -5.75 -34.96 -23.40
N ILE N 210 -5.68 -35.69 -24.52
CA ILE N 210 -4.46 -35.70 -25.33
C ILE N 210 -4.20 -34.32 -25.94
N MET N 211 -5.24 -33.69 -26.49
CA MET N 211 -5.08 -32.39 -27.13
C MET N 211 -4.77 -31.29 -26.12
N THR N 212 -5.46 -31.32 -24.98
CA THR N 212 -5.24 -30.34 -23.92
C THR N 212 -3.86 -30.49 -23.31
N SER N 213 -3.41 -31.73 -23.15
CA SER N 213 -2.09 -31.98 -22.61
C SER N 213 -1.00 -31.53 -23.58
N THR N 214 -1.26 -31.67 -24.89
CA THR N 214 -0.36 -31.15 -25.90
C THR N 214 -0.24 -29.63 -25.82
N MET N 215 -1.38 -28.94 -25.73
CA MET N 215 -1.32 -27.47 -25.75
C MET N 215 -0.77 -26.91 -24.44
N PHE N 216 -1.13 -27.49 -23.30
CA PHE N 216 -0.53 -27.05 -22.04
C PHE N 216 0.95 -27.39 -21.96
N THR N 217 1.39 -28.50 -22.58
CA THR N 217 2.81 -28.82 -22.57
C THR N 217 3.59 -27.86 -23.45
N LEU N 218 3.02 -27.47 -24.60
CA LEU N 218 3.65 -26.44 -25.43
C LEU N 218 3.67 -25.09 -24.73
N PHE N 219 2.61 -24.78 -23.96
CA PHE N 219 2.57 -23.51 -23.22
C PHE N 219 3.59 -23.50 -22.09
N MET N 220 3.78 -24.63 -21.42
CA MET N 220 4.83 -24.71 -20.39
C MET N 220 6.22 -24.62 -21.01
N ALA N 221 6.41 -25.28 -22.16
CA ALA N 221 7.73 -25.31 -22.79
C ALA N 221 8.12 -23.97 -23.36
N ASN N 222 7.16 -23.18 -23.81
CA ASN N 222 7.45 -21.89 -24.40
C ASN N 222 7.22 -20.72 -23.44
N SER N 223 6.75 -21.02 -22.21
CA SER N 223 6.50 -20.04 -21.15
C SER N 223 5.52 -18.95 -21.59
N THR N 224 4.56 -19.32 -22.43
CA THR N 224 3.59 -18.39 -22.97
C THR N 224 2.30 -18.47 -22.15
N THR N 225 1.77 -17.31 -21.77
CA THR N 225 0.49 -17.25 -21.08
C THR N 225 -0.51 -16.33 -21.75
N THR N 226 -0.10 -15.50 -22.70
CA THR N 226 -0.99 -14.69 -23.51
C THR N 226 -0.81 -15.04 -24.98
N THR N 227 -1.76 -14.56 -25.79
CA THR N 227 -1.66 -14.70 -27.23
C THR N 227 -0.48 -13.91 -27.79
N LEU N 228 -0.29 -12.68 -27.27
CA LEU N 228 0.75 -11.80 -27.77
C LEU N 228 2.13 -12.34 -27.42
N SER N 229 2.29 -12.92 -26.23
CA SER N 229 3.56 -13.57 -25.89
C SER N 229 3.73 -14.87 -26.64
N LEU N 230 2.64 -15.53 -27.04
CA LEU N 230 2.74 -16.73 -27.87
C LEU N 230 3.20 -16.37 -29.27
N SER N 231 2.94 -15.14 -29.71
CA SER N 231 3.28 -14.73 -31.06
C SER N 231 4.77 -14.51 -31.29
N HIS N 232 5.58 -14.44 -30.23
CA HIS N 232 7.04 -14.34 -30.35
C HIS N 232 7.72 -15.67 -30.61
N THR N 233 6.98 -16.77 -30.72
CA THR N 233 7.58 -18.09 -30.63
C THR N 233 8.33 -18.47 -31.90
N TRP N 234 7.93 -17.90 -33.05
CA TRP N 234 8.61 -18.20 -34.31
C TRP N 234 10.04 -17.68 -34.33
N ASN N 235 10.31 -16.60 -33.61
CA ASN N 235 11.63 -16.00 -33.60
C ASN N 235 12.57 -16.73 -32.64
N LYS N 236 12.05 -17.72 -31.90
CA LYS N 236 12.81 -18.50 -30.94
C LYS N 236 12.81 -19.99 -31.28
N ALA N 237 11.65 -20.54 -31.65
CA ALA N 237 11.53 -21.94 -32.03
C ALA N 237 10.29 -22.08 -32.92
N PRO N 238 10.48 -22.14 -34.25
CA PRO N 238 9.31 -22.14 -35.13
C PRO N 238 8.59 -23.47 -35.19
N ILE N 239 9.27 -24.57 -34.84
CA ILE N 239 8.63 -25.87 -34.73
C ILE N 239 7.53 -25.84 -33.67
N MET N 240 7.70 -25.04 -32.62
CA MET N 240 6.65 -24.86 -31.63
C MET N 240 5.42 -24.17 -32.22
N THR N 241 5.65 -23.21 -33.13
CA THR N 241 4.54 -22.55 -33.80
C THR N 241 3.82 -23.51 -34.75
N ILE N 242 4.58 -24.40 -35.40
CA ILE N 242 3.96 -25.40 -36.26
C ILE N 242 3.12 -26.40 -35.44
N LEU N 243 3.62 -26.76 -34.26
CA LEU N 243 2.88 -27.73 -33.46
C LEU N 243 1.64 -27.10 -32.81
N VAL N 244 1.74 -25.84 -32.36
CA VAL N 244 0.53 -25.21 -31.83
C VAL N 244 -0.45 -24.91 -32.96
N LEU N 245 0.05 -24.67 -34.19
CA LEU N 245 -0.79 -24.55 -35.37
C LEU N 245 -1.62 -25.81 -35.58
N ILE N 246 -0.95 -26.95 -35.75
CA ILE N 246 -1.66 -28.18 -36.08
C ILE N 246 -2.51 -28.66 -34.91
N THR N 247 -2.11 -28.34 -33.67
CA THR N 247 -2.89 -28.83 -32.53
C THR N 247 -4.12 -27.96 -32.29
N LEU N 248 -4.01 -26.64 -32.46
CA LEU N 248 -5.20 -25.80 -32.39
C LEU N 248 -6.13 -26.02 -33.57
N LEU N 249 -5.61 -26.41 -34.72
CA LEU N 249 -6.51 -26.80 -35.81
C LEU N 249 -7.16 -28.15 -35.52
N SER N 250 -6.49 -29.01 -34.75
CA SER N 250 -7.11 -30.27 -34.35
C SER N 250 -8.22 -30.05 -33.32
N MET N 251 -7.99 -29.17 -32.33
CA MET N 251 -8.92 -29.02 -31.22
C MET N 251 -10.26 -28.42 -31.61
N GLY N 252 -10.34 -27.71 -32.73
CA GLY N 252 -11.61 -27.19 -33.16
C GLY N 252 -12.49 -28.17 -33.90
N GLY N 253 -11.90 -29.26 -34.40
CA GLY N 253 -12.66 -30.26 -35.10
C GLY N 253 -12.50 -30.19 -36.61
N LEU N 254 -11.30 -29.83 -37.06
CA LEU N 254 -11.03 -29.90 -38.48
C LEU N 254 -10.62 -31.32 -38.87
N PRO N 255 -11.22 -31.90 -39.90
CA PRO N 255 -10.62 -33.07 -40.52
C PRO N 255 -9.46 -32.65 -41.39
N PRO N 256 -8.48 -33.53 -41.63
CA PRO N 256 -8.35 -34.93 -41.23
C PRO N 256 -7.72 -35.10 -39.84
N LEU N 257 -7.67 -34.03 -39.06
CA LEU N 257 -7.07 -34.08 -37.75
C LEU N 257 -7.98 -34.80 -36.78
N SER N 258 -7.38 -35.40 -35.75
CA SER N 258 -8.09 -36.35 -34.91
C SER N 258 -8.96 -35.68 -33.85
N GLY N 259 -9.00 -34.35 -33.79
CA GLY N 259 -10.04 -33.73 -33.00
C GLY N 259 -11.36 -33.61 -33.71
N PHE N 260 -11.38 -33.87 -35.02
CA PHE N 260 -12.62 -34.06 -35.72
C PHE N 260 -13.28 -35.37 -35.34
N MET N 261 -12.48 -36.39 -35.01
CA MET N 261 -12.94 -37.72 -34.62
C MET N 261 -14.01 -37.75 -33.53
N PRO N 262 -13.84 -37.09 -32.31
CA PRO N 262 -14.86 -37.27 -31.27
C PRO N 262 -16.20 -36.67 -31.62
N LYS N 263 -16.22 -35.44 -32.12
CA LYS N 263 -17.49 -34.80 -32.43
C LYS N 263 -18.16 -35.43 -33.65
N TRP N 264 -17.37 -36.00 -34.57
CA TRP N 264 -17.97 -36.76 -35.67
C TRP N 264 -18.58 -38.05 -35.18
N MET N 265 -17.96 -38.71 -34.20
CA MET N 265 -18.58 -39.90 -33.63
C MET N 265 -19.78 -39.57 -32.76
N ILE N 266 -19.80 -38.38 -32.16
CA ILE N 266 -20.94 -37.95 -31.36
C ILE N 266 -22.14 -37.64 -32.26
N ILE N 267 -21.91 -36.99 -33.40
CA ILE N 267 -22.97 -36.84 -34.40
C ILE N 267 -23.36 -38.20 -34.97
N GLN N 268 -22.39 -39.11 -35.10
CA GLN N 268 -22.64 -40.44 -35.63
C GLN N 268 -23.52 -41.27 -34.71
N GLU N 269 -23.46 -41.03 -33.40
CA GLU N 269 -24.33 -41.74 -32.47
C GLU N 269 -25.63 -41.00 -32.16
N MET N 270 -25.62 -39.68 -32.11
CA MET N 270 -26.85 -38.94 -31.80
C MET N 270 -27.84 -38.95 -32.95
N THR N 271 -27.38 -39.07 -34.19
CA THR N 271 -28.30 -39.17 -35.31
C THR N 271 -28.84 -40.58 -35.50
N LYS N 272 -28.25 -41.58 -34.85
CA LYS N 272 -28.87 -42.90 -34.81
C LYS N 272 -30.15 -42.87 -34.02
N ASN N 273 -30.18 -42.10 -32.94
CA ASN N 273 -31.31 -41.99 -32.03
C ASN N 273 -32.29 -40.91 -32.46
N ASP N 274 -32.30 -40.55 -33.74
CA ASP N 274 -33.27 -39.67 -34.40
C ASP N 274 -33.18 -38.23 -33.93
N SER N 275 -32.13 -37.86 -33.20
CA SER N 275 -31.84 -36.47 -32.90
C SER N 275 -30.99 -35.91 -34.03
N ILE N 276 -31.58 -35.11 -34.89
CA ILE N 276 -30.87 -34.52 -36.01
C ILE N 276 -30.66 -33.02 -35.82
N ILE N 277 -31.61 -32.33 -35.20
CA ILE N 277 -31.49 -30.90 -34.91
C ILE N 277 -30.36 -30.64 -33.92
N LEU N 278 -30.26 -31.50 -32.91
CA LEU N 278 -29.38 -31.20 -31.77
C LEU N 278 -27.89 -31.32 -32.11
N PRO N 279 -27.38 -32.40 -32.74
CA PRO N 279 -25.97 -32.35 -33.15
C PRO N 279 -25.68 -31.35 -34.25
N THR N 280 -26.70 -30.92 -35.00
CA THR N 280 -26.50 -29.84 -35.96
C THR N 280 -26.22 -28.52 -35.25
N LEU N 281 -27.03 -28.18 -34.25
CA LEU N 281 -26.77 -26.97 -33.47
C LEU N 281 -25.44 -27.04 -32.73
N MET N 282 -25.09 -28.24 -32.24
CA MET N 282 -23.78 -28.44 -31.61
C MET N 282 -22.64 -28.19 -32.58
N ALA N 283 -22.74 -28.73 -33.80
CA ALA N 283 -21.70 -28.58 -34.80
C ALA N 283 -21.62 -27.14 -35.30
N ILE N 284 -22.74 -26.43 -35.38
CA ILE N 284 -22.71 -25.02 -35.77
C ILE N 284 -22.08 -24.18 -34.66
N THR N 285 -22.28 -24.56 -33.40
CA THR N 285 -21.68 -23.80 -32.32
C THR N 285 -20.17 -24.07 -32.19
N ALA N 286 -19.71 -25.26 -32.59
CA ALA N 286 -18.29 -25.59 -32.54
C ALA N 286 -17.43 -24.73 -33.48
N LEU N 287 -18.05 -24.13 -34.50
CA LEU N 287 -17.33 -23.24 -35.41
C LEU N 287 -16.83 -21.97 -34.72
N LEU N 288 -17.45 -21.57 -33.61
CA LEU N 288 -16.93 -20.46 -32.81
C LEU N 288 -15.59 -20.82 -32.17
N ASN N 289 -15.50 -22.05 -31.63
CA ASN N 289 -14.25 -22.56 -31.08
C ASN N 289 -13.18 -22.60 -32.15
N LEU N 290 -13.56 -23.10 -33.33
CA LEU N 290 -12.61 -23.15 -34.43
C LEU N 290 -12.25 -21.74 -34.93
N TYR N 291 -13.14 -20.76 -34.73
CA TYR N 291 -12.85 -19.39 -35.13
C TYR N 291 -11.77 -18.77 -34.26
N PHE N 292 -11.90 -18.87 -32.94
CA PHE N 292 -10.81 -18.26 -32.18
C PHE N 292 -9.54 -19.11 -32.21
N TYR N 293 -9.65 -20.40 -32.54
CA TYR N 293 -8.44 -21.16 -32.88
C TYR N 293 -7.78 -20.63 -34.13
N MET N 294 -8.56 -20.24 -35.15
CA MET N 294 -8.00 -19.62 -36.35
C MET N 294 -7.33 -18.29 -36.03
N ARG N 295 -7.94 -17.53 -35.12
CA ARG N 295 -7.32 -16.30 -34.61
C ARG N 295 -5.95 -16.57 -34.00
N LEU N 296 -5.86 -17.61 -33.15
CA LEU N 296 -4.59 -17.94 -32.51
C LEU N 296 -3.55 -18.43 -33.51
N THR N 297 -3.99 -19.19 -34.52
CA THR N 297 -3.05 -19.69 -35.53
C THR N 297 -2.49 -18.56 -36.39
N TYR N 298 -3.33 -17.58 -36.74
CA TYR N 298 -2.82 -16.44 -37.49
C TYR N 298 -1.92 -15.58 -36.64
N SER N 299 -2.23 -15.45 -35.35
CA SER N 299 -1.37 -14.66 -34.48
C SER N 299 -0.02 -15.32 -34.25
N THR N 300 0.04 -16.65 -34.32
CA THR N 300 1.27 -17.36 -33.96
C THR N 300 2.06 -17.88 -35.15
N ALA N 301 1.49 -18.74 -35.97
CA ALA N 301 2.28 -19.55 -36.91
C ALA N 301 2.27 -19.01 -38.33
N LEU N 302 1.09 -18.80 -38.90
CA LEU N 302 0.97 -18.47 -40.32
C LEU N 302 1.42 -17.05 -40.64
N THR N 303 1.61 -16.21 -39.64
CA THR N 303 2.25 -14.91 -39.80
C THR N 303 3.50 -14.86 -38.92
N MET N 304 4.13 -13.68 -38.91
CA MET N 304 5.30 -13.40 -38.09
C MET N 304 5.14 -11.99 -37.54
N PHE N 305 4.91 -11.88 -36.23
CA PHE N 305 4.74 -10.55 -35.67
C PHE N 305 6.10 -9.93 -35.41
N PRO N 306 6.19 -8.59 -35.31
CA PRO N 306 7.46 -7.97 -34.90
C PRO N 306 7.85 -8.37 -33.49
N SER N 307 9.15 -8.42 -33.24
CA SER N 307 9.68 -8.85 -31.97
C SER N 307 10.51 -7.75 -31.34
N THR N 308 11.17 -8.08 -30.23
CA THR N 308 12.09 -7.18 -29.55
C THR N 308 13.51 -7.72 -29.71
N ASN N 309 14.48 -6.88 -29.32
CA ASN N 309 15.88 -7.17 -29.62
C ASN N 309 16.44 -8.28 -28.73
N ASN N 310 15.90 -8.44 -27.52
CA ASN N 310 16.47 -9.38 -26.56
C ASN N 310 16.22 -10.85 -26.93
N MET N 311 15.42 -11.10 -27.96
CA MET N 311 15.28 -12.44 -28.53
C MET N 311 16.61 -12.97 -29.07
N LYS N 312 17.50 -12.08 -29.49
CA LYS N 312 18.81 -12.47 -30.00
C LYS N 312 19.67 -13.11 -28.91
N MET N 313 19.45 -12.74 -27.65
CA MET N 313 20.13 -13.40 -26.56
C MET N 313 19.55 -14.78 -26.28
N LYS N 314 18.25 -14.96 -26.50
CA LYS N 314 17.60 -16.24 -26.28
C LYS N 314 17.79 -17.20 -27.44
N TRP N 315 18.29 -16.71 -28.59
CA TRP N 315 18.69 -17.60 -29.66
C TRP N 315 19.86 -18.50 -29.28
N GLN N 316 20.64 -18.11 -28.27
CA GLN N 316 21.89 -18.78 -27.94
C GLN N 316 21.75 -19.88 -26.90
N PHE N 317 20.58 -20.00 -26.28
CA PHE N 317 20.40 -20.91 -25.16
C PHE N 317 19.33 -21.94 -25.45
N PRO N 318 19.62 -23.22 -25.30
CA PRO N 318 18.63 -24.26 -25.61
C PRO N 318 17.62 -24.41 -24.49
N THR N 319 16.49 -25.01 -24.85
CA THR N 319 15.46 -25.34 -23.87
C THR N 319 15.96 -26.46 -22.96
N THR N 320 15.95 -26.20 -21.65
CA THR N 320 16.30 -27.21 -20.67
C THR N 320 15.07 -27.83 -20.01
N LYS N 321 13.88 -27.33 -20.33
CA LYS N 321 12.64 -27.91 -19.84
C LYS N 321 12.45 -29.29 -20.44
N ARG N 322 12.36 -30.30 -19.58
CA ARG N 322 12.12 -31.67 -20.03
C ARG N 322 10.71 -31.77 -20.54
N MET N 323 10.54 -31.69 -21.86
CA MET N 323 9.24 -31.71 -22.51
C MET N 323 8.76 -33.17 -22.54
N THR N 324 8.19 -33.59 -21.42
CA THR N 324 7.82 -34.99 -21.22
C THR N 324 6.65 -35.37 -22.12
N LEU N 325 6.88 -36.38 -22.98
CA LEU N 325 5.90 -36.98 -23.89
C LEU N 325 5.31 -36.00 -24.90
N LEU N 326 5.93 -34.84 -25.08
CA LEU N 326 5.40 -33.85 -26.02
C LEU N 326 5.37 -34.27 -27.49
N PRO N 327 6.39 -34.92 -28.07
CA PRO N 327 6.19 -35.45 -29.43
C PRO N 327 5.12 -36.54 -29.51
N THR N 328 5.04 -37.40 -28.50
CA THR N 328 3.98 -38.41 -28.44
C THR N 328 2.60 -37.76 -28.39
N MET N 329 2.44 -36.74 -27.53
CA MET N 329 1.16 -36.07 -27.39
C MET N 329 0.82 -35.20 -28.60
N THR N 330 1.81 -34.76 -29.38
CA THR N 330 1.49 -34.00 -30.58
C THR N 330 1.13 -34.94 -31.73
N VAL N 331 1.80 -36.09 -31.82
CA VAL N 331 1.49 -37.08 -32.84
C VAL N 331 0.11 -37.69 -32.60
N LEU N 332 -0.24 -37.98 -31.34
CA LEU N 332 -1.52 -38.63 -31.08
C LEU N 332 -2.69 -37.66 -31.21
N SER N 333 -2.49 -36.38 -30.88
CA SER N 333 -3.59 -35.42 -30.91
C SER N 333 -3.94 -34.95 -32.31
N THR N 334 -3.13 -35.26 -33.31
CA THR N 334 -3.38 -34.79 -34.67
C THR N 334 -3.61 -35.90 -35.68
N MET N 335 -2.87 -37.00 -35.57
CA MET N 335 -2.77 -37.98 -36.65
C MET N 335 -3.38 -39.33 -36.28
N LEU N 336 -4.55 -39.32 -35.67
CA LEU N 336 -5.17 -40.57 -35.22
C LEU N 336 -6.44 -40.92 -35.99
N LEU N 337 -6.92 -40.02 -36.87
CA LEU N 337 -8.14 -40.28 -37.62
C LEU N 337 -8.11 -41.53 -38.54
N PRO N 338 -7.00 -41.96 -39.16
CA PRO N 338 -7.01 -43.29 -39.79
C PRO N 338 -7.21 -44.44 -38.81
N LEU N 339 -6.87 -44.25 -37.54
CA LEU N 339 -7.06 -45.25 -36.51
C LEU N 339 -8.33 -45.00 -35.71
N THR N 340 -9.37 -44.45 -36.35
CA THR N 340 -10.61 -44.12 -35.65
C THR N 340 -11.36 -45.32 -35.06
N PRO N 341 -11.43 -46.54 -35.69
CA PRO N 341 -12.11 -47.65 -34.97
C PRO N 341 -11.32 -48.25 -33.81
N ILE N 342 -10.29 -47.57 -33.31
CA ILE N 342 -9.67 -47.92 -32.03
C ILE N 342 -10.60 -47.60 -30.86
N LEU N 343 -11.69 -46.85 -31.09
CA LEU N 343 -12.62 -46.44 -30.03
C LEU N 343 -13.35 -47.61 -29.37
N SER N 344 -13.31 -48.79 -29.96
CA SER N 344 -13.96 -49.95 -29.36
C SER N 344 -13.19 -50.50 -28.16
N ILE N 345 -11.95 -50.07 -27.93
CA ILE N 345 -11.23 -50.53 -26.75
C ILE N 345 -11.75 -49.86 -25.48
N LEU N 346 -12.56 -48.82 -25.61
CA LEU N 346 -13.21 -48.17 -24.48
C LEU N 346 -14.58 -48.73 -24.17
N GLU N 347 -15.03 -49.71 -24.94
CA GLU N 347 -16.30 -50.38 -24.70
C GLU N 347 -16.27 -51.18 -23.39
N AYA O 2 -43.52 -24.32 -16.92
CA AYA O 2 -43.92 -23.46 -18.00
CB AYA O 2 -43.10 -22.17 -18.09
C AYA O 2 -43.82 -24.18 -19.34
O AYA O 2 -43.97 -23.64 -20.44
CT AYA O 2 -44.16 -24.45 -15.68
OT AYA O 2 -43.73 -25.23 -14.83
CM AYA O 2 -45.38 -23.60 -15.41
N LYS O 3 -43.53 -25.47 -19.24
CA LYS O 3 -43.52 -26.35 -20.39
C LYS O 3 -44.98 -26.70 -20.70
N THR O 4 -45.78 -26.75 -19.65
CA THR O 4 -47.23 -26.86 -19.81
C THR O 4 -47.85 -25.61 -20.41
N LEU O 5 -47.18 -24.45 -20.28
CA LEU O 5 -47.61 -23.25 -21.01
C LEU O 5 -47.44 -23.45 -22.51
N LEU O 6 -46.32 -24.06 -22.92
CA LEU O 6 -46.14 -24.44 -24.32
C LEU O 6 -47.14 -25.49 -24.75
N HIS O 7 -47.50 -26.41 -23.86
CA HIS O 7 -48.45 -27.46 -24.25
C HIS O 7 -49.85 -26.90 -24.43
N GLN O 8 -50.31 -26.03 -23.52
CA GLN O 8 -51.60 -25.40 -23.75
C GLN O 8 -51.57 -24.32 -24.83
N TYR O 9 -50.38 -23.87 -25.24
CA TYR O 9 -50.26 -23.18 -26.52
C TYR O 9 -50.56 -24.11 -27.68
N TRP O 10 -49.80 -25.21 -27.78
CA TRP O 10 -49.79 -26.07 -28.96
C TRP O 10 -50.97 -27.03 -29.05
N ASP O 11 -52.01 -26.88 -28.21
CA ASP O 11 -53.17 -27.74 -28.36
C ASP O 11 -54.17 -27.19 -29.38
N ILE O 12 -54.34 -25.87 -29.42
CA ILE O 12 -55.31 -25.24 -30.32
C ILE O 12 -54.73 -25.20 -31.73
N PRO O 13 -55.48 -25.60 -32.75
CA PRO O 13 -54.98 -25.50 -34.12
C PRO O 13 -54.87 -24.05 -34.60
N GLU O 14 -54.22 -23.90 -35.75
CA GLU O 14 -53.97 -22.58 -36.31
C GLU O 14 -55.21 -22.07 -37.05
N GLY O 15 -55.71 -20.91 -36.64
CA GLY O 15 -56.79 -20.26 -37.34
C GLY O 15 -58.16 -20.41 -36.73
N THR O 16 -58.28 -21.00 -35.55
CA THR O 16 -59.57 -21.23 -34.91
C THR O 16 -59.87 -20.23 -33.80
N GLU O 17 -58.86 -19.80 -33.04
CA GLU O 17 -59.06 -18.90 -31.91
C GLU O 17 -57.81 -18.05 -31.74
N CYS O 18 -57.96 -16.73 -31.81
CA CYS O 18 -56.81 -15.84 -31.82
C CYS O 18 -56.40 -15.38 -30.42
N HIS O 19 -57.38 -15.11 -29.56
CA HIS O 19 -57.10 -14.41 -28.31
C HIS O 19 -56.42 -15.31 -27.29
N ARG O 20 -56.85 -16.58 -27.22
CA ARG O 20 -56.22 -17.52 -26.30
C ARG O 20 -54.81 -17.88 -26.73
N LYS O 21 -54.57 -18.00 -28.05
CA LYS O 21 -53.24 -18.26 -28.56
C LYS O 21 -52.32 -17.04 -28.35
N THR O 22 -52.88 -15.83 -28.49
CA THR O 22 -52.11 -14.63 -28.22
C THR O 22 -51.73 -14.53 -26.75
N TYR O 23 -52.66 -14.90 -25.85
CA TYR O 23 -52.36 -14.90 -24.42
C TYR O 23 -51.33 -15.96 -24.07
N ALA O 24 -51.42 -17.14 -24.70
CA ALA O 24 -50.46 -18.21 -24.43
C ALA O 24 -49.07 -17.85 -24.92
N ALA O 25 -48.96 -17.27 -26.11
CA ALA O 25 -47.65 -16.86 -26.62
C ALA O 25 -47.11 -15.66 -25.87
N THR O 26 -47.98 -14.78 -25.37
CA THR O 26 -47.52 -13.68 -24.55
C THR O 26 -47.04 -14.16 -23.19
N SER O 27 -47.65 -15.22 -22.66
CA SER O 27 -47.16 -15.84 -21.42
C SER O 27 -45.81 -16.51 -21.62
N ILE O 28 -45.64 -17.24 -22.74
CA ILE O 28 -44.35 -17.87 -23.05
C ILE O 28 -43.27 -16.81 -23.25
N GLY O 29 -43.60 -15.72 -23.95
CA GLY O 29 -42.65 -14.65 -24.15
C GLY O 29 -42.33 -13.90 -22.87
N GLY O 30 -43.32 -13.70 -22.01
CA GLY O 30 -43.07 -13.04 -20.74
C GLY O 30 -42.23 -13.89 -19.80
N ALA O 31 -42.43 -15.21 -19.81
CA ALA O 31 -41.60 -16.08 -18.99
C ALA O 31 -40.18 -16.15 -19.52
N SER O 32 -40.01 -16.15 -20.84
CA SER O 32 -38.68 -16.08 -21.43
C SER O 32 -37.99 -14.76 -21.09
N GLY O 33 -38.73 -13.65 -21.13
CA GLY O 33 -38.19 -12.36 -20.73
C GLY O 33 -37.84 -12.30 -19.25
N LEU O 34 -38.60 -13.01 -18.41
CA LEU O 34 -38.26 -13.09 -16.99
C LEU O 34 -36.99 -13.90 -16.76
N VAL O 35 -36.79 -14.98 -17.52
CA VAL O 35 -35.54 -15.73 -17.41
C VAL O 35 -34.35 -14.90 -17.87
N VAL O 36 -34.52 -14.17 -18.98
CA VAL O 36 -33.47 -13.28 -19.48
C VAL O 36 -33.18 -12.17 -18.48
N SER O 37 -34.21 -11.62 -17.85
CA SER O 37 -34.01 -10.58 -16.85
C SER O 37 -33.40 -11.12 -15.57
N ALA O 38 -33.67 -12.39 -15.24
CA ALA O 38 -33.10 -13.02 -14.07
C ALA O 38 -31.60 -13.19 -14.23
N TYR O 39 -31.16 -13.77 -15.36
CA TYR O 39 -29.72 -13.84 -15.61
C TYR O 39 -29.10 -12.46 -15.88
N SER O 40 -29.89 -11.49 -16.33
CA SER O 40 -29.37 -10.15 -16.58
C SER O 40 -29.05 -9.43 -15.27
N VAL O 41 -30.00 -9.41 -14.32
CA VAL O 41 -29.73 -8.81 -13.02
C VAL O 41 -28.91 -9.72 -12.12
N ALA O 42 -28.72 -10.98 -12.51
CA ALA O 42 -27.76 -11.83 -11.81
C ALA O 42 -26.33 -11.48 -12.19
N LEU O 43 -25.99 -11.61 -13.47
CA LEU O 43 -24.60 -11.50 -13.87
C LEU O 43 -24.11 -10.06 -13.89
N LYS O 44 -24.99 -9.12 -14.20
CA LYS O 44 -24.67 -7.69 -14.22
C LYS O 44 -25.54 -6.98 -13.20
N THR O 45 -24.91 -6.39 -12.20
CA THR O 45 -25.64 -5.73 -11.11
C THR O 45 -26.33 -4.48 -11.61
N PRO O 46 -27.64 -4.32 -11.40
CA PRO O 46 -28.26 -3.02 -11.59
C PRO O 46 -27.92 -2.09 -10.44
N THR O 47 -27.72 -0.81 -10.78
CA THR O 47 -27.23 0.16 -9.81
C THR O 47 -28.28 0.50 -8.75
N SER O 48 -29.56 0.31 -9.07
CA SER O 48 -30.62 0.62 -8.12
C SER O 48 -31.74 -0.40 -8.26
N PHE O 49 -32.66 -0.35 -7.29
CA PHE O 49 -33.85 -1.21 -7.33
C PHE O 49 -34.80 -0.81 -8.45
N LEU O 50 -34.88 0.50 -8.72
CA LEU O 50 -35.75 0.98 -9.79
C LEU O 50 -35.19 0.63 -11.16
N GLU O 51 -33.86 0.68 -11.31
CA GLU O 51 -33.26 0.23 -12.57
C GLU O 51 -33.37 -1.28 -12.73
N GLY O 52 -33.36 -2.02 -11.62
CA GLY O 52 -33.58 -3.47 -11.71
C GLY O 52 -34.98 -3.81 -12.20
N VAL O 53 -36.00 -3.17 -11.61
CA VAL O 53 -37.37 -3.45 -12.07
C VAL O 53 -37.62 -2.86 -13.45
N ALA O 54 -36.88 -1.80 -13.83
CA ALA O 54 -37.05 -1.21 -15.15
C ALA O 54 -36.45 -2.11 -16.24
N ARG O 55 -35.26 -2.66 -15.99
CA ARG O 55 -34.67 -3.58 -16.97
C ARG O 55 -35.45 -4.88 -17.06
N THR O 56 -35.96 -5.36 -15.93
CA THR O 56 -36.82 -6.55 -15.92
C THR O 56 -38.10 -6.31 -16.73
N GLY O 57 -38.76 -5.17 -16.47
CA GLY O 57 -39.98 -4.85 -17.21
C GLY O 57 -39.74 -4.61 -18.68
N ARG O 58 -38.60 -3.99 -19.04
CA ARG O 58 -38.29 -3.73 -20.44
C ARG O 58 -38.03 -5.01 -21.20
N TYR O 59 -37.22 -5.92 -20.63
CA TYR O 59 -36.88 -7.15 -21.34
C TYR O 59 -38.08 -8.10 -21.42
N THR O 60 -38.82 -8.23 -20.31
CA THR O 60 -40.00 -9.07 -20.29
C THR O 60 -41.09 -8.54 -21.21
N PHE O 61 -41.28 -7.21 -21.23
CA PHE O 61 -42.29 -6.59 -22.09
C PHE O 61 -41.90 -6.69 -23.55
N THR O 62 -40.59 -6.60 -23.85
CA THR O 62 -40.09 -6.79 -25.21
C THR O 62 -40.40 -8.19 -25.72
N ALA O 63 -39.98 -9.22 -24.96
CA ALA O 63 -40.21 -10.59 -25.39
C ALA O 63 -41.70 -10.95 -25.40
N ALA O 64 -42.48 -10.37 -24.49
CA ALA O 64 -43.92 -10.64 -24.46
C ALA O 64 -44.65 -9.95 -25.59
N ALA O 65 -44.18 -8.77 -26.03
CA ALA O 65 -44.79 -8.13 -27.19
C ALA O 65 -44.43 -8.85 -28.48
N ILE O 66 -43.20 -9.40 -28.54
CA ILE O 66 -42.83 -10.30 -29.63
C ILE O 66 -43.78 -11.48 -29.70
N GLY O 67 -44.03 -12.12 -28.56
CA GLY O 67 -44.96 -13.25 -28.52
C GLY O 67 -46.39 -12.87 -28.84
N ALA O 68 -46.82 -11.66 -28.42
CA ALA O 68 -48.19 -11.21 -28.67
C ALA O 68 -48.43 -10.99 -30.16
N ILE O 69 -47.56 -10.20 -30.81
CA ILE O 69 -47.73 -9.97 -32.24
C ILE O 69 -47.42 -11.24 -33.05
N PHE O 70 -46.61 -12.16 -32.51
CA PHE O 70 -46.41 -13.46 -33.13
C PHE O 70 -47.70 -14.28 -33.16
N GLY O 71 -48.37 -14.39 -32.00
CA GLY O 71 -49.63 -15.13 -31.95
C GLY O 71 -50.73 -14.49 -32.77
N LEU O 72 -50.80 -13.15 -32.75
CA LEU O 72 -51.77 -12.41 -33.55
C LEU O 72 -51.56 -12.65 -35.04
N THR O 73 -50.34 -12.46 -35.52
CA THR O 73 -50.05 -12.61 -36.95
C THR O 73 -50.20 -14.06 -37.40
N SER O 74 -49.83 -15.01 -36.53
CA SER O 74 -49.96 -16.43 -36.84
C SER O 74 -51.43 -16.83 -37.01
N CYS O 75 -52.28 -16.52 -36.02
CA CYS O 75 -53.66 -16.97 -36.13
C CYS O 75 -54.46 -16.19 -37.17
N ILE O 76 -54.20 -14.88 -37.33
CA ILE O 76 -54.92 -14.14 -38.36
C ILE O 76 -54.43 -14.51 -39.77
N SER O 77 -53.16 -14.92 -39.93
CA SER O 77 -52.72 -15.42 -41.22
C SER O 77 -53.34 -16.78 -41.52
N ALA O 78 -53.44 -17.64 -40.51
CA ALA O 78 -54.11 -18.92 -40.69
C ALA O 78 -55.61 -18.78 -40.89
N GLN O 79 -56.20 -17.63 -40.50
CA GLN O 79 -57.59 -17.36 -40.84
C GLN O 79 -57.74 -16.83 -42.27
N VAL O 80 -56.90 -15.86 -42.67
CA VAL O 80 -57.07 -15.24 -43.98
C VAL O 80 -56.61 -16.16 -45.11
N ARG O 81 -55.75 -17.13 -44.83
CA ARG O 81 -55.34 -18.07 -45.87
C ARG O 81 -56.02 -19.42 -45.76
N GLU O 82 -56.62 -19.73 -44.59
CA GLU O 82 -57.25 -21.02 -44.29
C GLU O 82 -56.30 -22.18 -44.52
N LYS O 83 -55.05 -22.00 -44.09
CA LYS O 83 -54.00 -23.01 -44.23
C LYS O 83 -53.33 -23.15 -42.87
N PRO O 84 -53.81 -24.05 -42.02
CA PRO O 84 -53.23 -24.16 -40.66
C PRO O 84 -51.85 -24.79 -40.64
N ASP O 85 -51.63 -25.83 -41.42
CA ASP O 85 -50.35 -26.56 -41.43
C ASP O 85 -49.43 -26.02 -42.52
N ASP O 86 -49.14 -24.72 -42.41
CA ASP O 86 -48.38 -23.99 -43.42
C ASP O 86 -47.29 -23.19 -42.72
N PRO O 87 -46.02 -23.59 -42.84
CA PRO O 87 -44.94 -22.88 -42.13
C PRO O 87 -44.68 -21.46 -42.60
N LEU O 88 -45.20 -21.06 -43.76
CA LEU O 88 -45.16 -19.66 -44.18
C LEU O 88 -45.98 -18.75 -43.26
N ASN O 89 -47.00 -19.30 -42.59
CA ASN O 89 -47.72 -18.54 -41.57
C ASN O 89 -46.81 -18.16 -40.42
N TYR O 90 -46.02 -19.12 -39.93
CA TYR O 90 -45.05 -18.78 -38.88
C TYR O 90 -43.87 -17.99 -39.40
N LEU O 91 -43.56 -18.08 -40.70
CA LEU O 91 -42.54 -17.17 -41.26
C LEU O 91 -43.00 -15.73 -41.21
N ILE O 92 -44.27 -15.48 -41.60
CA ILE O 92 -44.84 -14.13 -41.50
C ILE O 92 -44.96 -13.70 -40.04
N GLY O 93 -45.37 -14.62 -39.16
CA GLY O 93 -45.50 -14.27 -37.75
C GLY O 93 -44.17 -13.99 -37.07
N GLY O 94 -43.13 -14.75 -37.44
CA GLY O 94 -41.81 -14.50 -36.89
C GLY O 94 -41.19 -13.23 -37.44
N CYS O 95 -41.50 -12.89 -38.70
CA CYS O 95 -41.07 -11.59 -39.20
C CYS O 95 -41.82 -10.44 -38.54
N ALA O 96 -43.10 -10.67 -38.18
CA ALA O 96 -43.85 -9.66 -37.45
C ALA O 96 -43.28 -9.45 -36.06
N GLY O 97 -42.93 -10.54 -35.38
CA GLY O 97 -42.23 -10.42 -34.11
C GLY O 97 -40.84 -9.84 -34.23
N GLY O 98 -40.18 -10.04 -35.38
CA GLY O 98 -38.89 -9.42 -35.59
C GLY O 98 -38.98 -7.91 -35.79
N LEU O 99 -39.97 -7.45 -36.56
CA LEU O 99 -40.21 -6.02 -36.67
C LEU O 99 -40.71 -5.42 -35.35
N THR O 100 -41.40 -6.23 -34.54
CA THR O 100 -41.74 -5.82 -33.19
C THR O 100 -40.49 -5.62 -32.33
N LEU O 101 -39.54 -6.56 -32.44
CA LEU O 101 -38.27 -6.44 -31.72
C LEU O 101 -37.46 -5.25 -32.22
N GLY O 102 -37.57 -4.93 -33.51
CA GLY O 102 -36.93 -3.75 -34.04
C GLY O 102 -37.57 -2.46 -33.57
N ALA O 103 -38.91 -2.46 -33.44
CA ALA O 103 -39.60 -1.35 -32.81
C ALA O 103 -39.27 -1.22 -31.33
N ARG O 104 -38.86 -2.32 -30.69
CA ARG O 104 -38.33 -2.23 -29.33
C ARG O 104 -36.92 -1.63 -29.32
N THR O 105 -36.07 -2.03 -30.27
CA THR O 105 -34.72 -1.50 -30.35
C THR O 105 -34.64 -0.17 -31.09
N ARG O 106 -35.76 0.27 -31.69
CA ARG O 106 -35.89 1.55 -32.41
C ARG O 106 -34.89 1.65 -33.57
N SER O 107 -34.67 0.51 -34.24
CA SER O 107 -33.67 0.42 -35.29
C SER O 107 -34.15 -0.58 -36.34
N TYR O 108 -34.15 -0.14 -37.61
CA TYR O 108 -34.72 -0.96 -38.69
C TYR O 108 -33.89 -2.20 -38.98
N GLY O 109 -32.57 -2.11 -38.82
CA GLY O 109 -31.70 -3.22 -39.14
C GLY O 109 -31.89 -4.42 -38.22
N ILE O 110 -32.07 -4.15 -36.92
CA ILE O 110 -32.33 -5.22 -35.97
C ILE O 110 -33.73 -5.79 -36.20
N GLY O 111 -34.65 -4.95 -36.71
CA GLY O 111 -35.97 -5.42 -37.11
C GLY O 111 -35.92 -6.42 -38.25
N ALA O 112 -35.19 -6.08 -39.32
CA ALA O 112 -35.10 -6.99 -40.46
C ALA O 112 -34.29 -8.25 -40.13
N ALA O 113 -33.29 -8.10 -39.25
CA ALA O 113 -32.48 -9.26 -38.83
C ALA O 113 -33.31 -10.25 -38.02
N ALA O 114 -33.98 -9.76 -36.96
CA ALA O 114 -34.84 -10.63 -36.17
C ALA O 114 -36.03 -11.14 -36.97
N CYS O 115 -36.53 -10.33 -37.92
CA CYS O 115 -37.52 -10.78 -38.90
C CYS O 115 -37.09 -12.04 -39.62
N ALA O 116 -35.96 -11.97 -40.35
CA ALA O 116 -35.52 -13.08 -41.18
C ALA O 116 -35.20 -14.31 -40.33
N TYR O 117 -34.39 -14.14 -39.28
CA TYR O 117 -33.91 -15.32 -38.56
C TYR O 117 -34.98 -15.92 -37.65
N MET O 118 -35.71 -15.09 -36.89
CA MET O 118 -36.78 -15.63 -36.06
C MET O 118 -37.94 -16.17 -36.88
N GLY O 119 -38.18 -15.61 -38.08
CA GLY O 119 -39.22 -16.16 -38.94
C GLY O 119 -38.84 -17.52 -39.49
N LEU O 120 -37.59 -17.67 -39.95
CA LEU O 120 -37.13 -18.97 -40.42
C LEU O 120 -37.13 -20.00 -39.29
N THR O 121 -36.77 -19.57 -38.07
CA THR O 121 -36.74 -20.51 -36.94
C THR O 121 -38.16 -20.92 -36.53
N ALA O 122 -39.12 -19.99 -36.57
CA ALA O 122 -40.50 -20.34 -36.24
C ALA O 122 -41.13 -21.22 -37.32
N ALA O 123 -40.78 -20.99 -38.58
CA ALA O 123 -41.19 -21.90 -39.64
C ALA O 123 -40.62 -23.29 -39.42
N LEU O 124 -39.36 -23.39 -38.98
CA LEU O 124 -38.77 -24.69 -38.64
C LEU O 124 -39.46 -25.34 -37.46
N VAL O 125 -39.97 -24.55 -36.51
CA VAL O 125 -40.74 -25.12 -35.40
C VAL O 125 -42.08 -25.69 -35.90
N LYS O 126 -42.71 -25.00 -36.86
CA LYS O 126 -43.92 -25.54 -37.48
C LYS O 126 -43.62 -26.84 -38.24
N MET O 127 -42.49 -26.89 -38.93
CA MET O 127 -42.08 -28.12 -39.61
C MET O 127 -41.74 -29.22 -38.61
N GLY O 128 -41.27 -28.84 -37.42
CA GLY O 128 -41.06 -29.83 -36.37
C GLY O 128 -42.36 -30.41 -35.85
N GLN O 129 -43.41 -29.59 -35.78
CA GLN O 129 -44.73 -30.12 -35.50
C GLN O 129 -45.25 -30.99 -36.63
N LEU O 130 -44.93 -30.64 -37.87
CA LEU O 130 -45.45 -31.38 -39.03
C LEU O 130 -44.75 -32.72 -39.22
N GLU O 131 -43.48 -32.71 -39.56
CA GLU O 131 -42.75 -33.93 -39.89
C GLU O 131 -42.19 -34.66 -38.67
N GLY O 132 -42.53 -34.22 -37.46
CA GLY O 132 -42.10 -34.92 -36.26
C GLY O 132 -40.61 -34.81 -35.99
N TRP O 133 -40.07 -33.60 -36.06
CA TRP O 133 -38.66 -33.40 -35.80
C TRP O 133 -38.43 -33.41 -34.29
N LYS O 134 -37.40 -34.14 -33.86
CA LYS O 134 -37.09 -34.30 -32.45
C LYS O 134 -35.79 -33.58 -32.12
N VAL O 135 -35.82 -32.80 -31.04
CA VAL O 135 -34.63 -32.11 -30.55
C VAL O 135 -34.03 -32.82 -29.34
N PHE O 136 -34.81 -33.08 -28.29
CA PHE O 136 -34.36 -33.88 -27.16
C PHE O 136 -34.88 -35.30 -27.31
N ALA O 137 -34.25 -36.03 -28.23
CA ALA O 137 -34.75 -37.32 -28.66
C ALA O 137 -34.40 -38.40 -27.65
N GLU O 138 -35.38 -39.25 -27.37
CA GLU O 138 -35.19 -40.33 -26.40
C GLU O 138 -34.22 -41.36 -26.96
N PRO O 139 -33.26 -41.84 -26.17
CA PRO O 139 -32.28 -42.82 -26.67
C PRO O 139 -32.97 -44.15 -26.94
N LYS O 140 -32.86 -44.61 -28.19
CA LYS O 140 -33.40 -45.89 -28.60
C LYS O 140 -32.33 -46.93 -28.88
N VAL O 141 -31.18 -46.53 -29.42
CA VAL O 141 -30.09 -47.48 -29.63
C VAL O 141 -28.92 -47.12 -28.72
N GLY P 51 22.60 2.34 -97.91
CA GLY P 51 22.77 3.75 -97.57
C GLY P 51 21.56 4.36 -96.90
N LYS P 52 21.81 5.44 -96.14
CA LYS P 52 20.84 6.20 -95.33
C LYS P 52 19.87 5.30 -94.56
N ARG P 53 20.44 4.27 -93.93
CA ARG P 53 19.63 3.26 -93.25
C ARG P 53 19.41 3.65 -91.79
N LEU P 54 18.21 3.35 -91.30
CA LEU P 54 17.81 3.68 -89.94
C LEU P 54 17.63 2.42 -89.11
N PHE P 55 18.16 2.45 -87.89
CA PHE P 55 18.07 1.32 -86.98
C PHE P 55 16.66 1.20 -86.43
N ILE P 56 16.21 -0.03 -86.24
CA ILE P 56 14.83 -0.31 -85.85
C ILE P 56 14.84 -0.85 -84.42
N ILE P 57 14.33 -0.05 -83.49
CA ILE P 57 14.27 -0.44 -82.09
C ILE P 57 13.16 -1.45 -81.90
N LYS P 58 13.48 -2.58 -81.26
CA LYS P 58 12.56 -3.69 -81.09
C LYS P 58 13.00 -4.48 -79.87
N PRO P 59 12.10 -5.25 -79.24
CA PRO P 59 12.53 -6.04 -78.08
C PRO P 59 13.36 -7.24 -78.48
N SER P 60 13.88 -7.97 -77.48
CA SER P 60 14.75 -9.11 -77.73
C SER P 60 14.00 -10.25 -78.41
N GLY P 61 14.30 -10.48 -79.68
CA GLY P 61 13.80 -11.62 -80.40
C GLY P 61 14.55 -12.90 -80.15
N PHE P 62 15.61 -12.84 -79.34
CA PHE P 62 16.42 -14.03 -79.07
C PHE P 62 15.68 -15.03 -78.21
N TYR P 63 14.97 -14.57 -77.18
CA TYR P 63 14.46 -15.50 -76.19
C TYR P 63 13.17 -16.18 -76.63
N ASP P 64 12.31 -15.47 -77.36
CA ASP P 64 11.10 -16.10 -77.89
C ASP P 64 11.46 -17.15 -78.95
N LYS P 65 12.37 -16.80 -79.86
CA LYS P 65 12.83 -17.76 -80.86
C LYS P 65 13.61 -18.90 -80.22
N ARG P 66 14.31 -18.65 -79.12
CA ARG P 66 15.02 -19.72 -78.42
C ARG P 66 14.04 -20.68 -77.75
N PHE P 67 12.99 -20.14 -77.13
CA PHE P 67 11.91 -20.99 -76.61
C PHE P 67 11.29 -21.83 -77.71
N LEU P 68 11.04 -21.24 -78.87
CA LEU P 68 10.40 -21.99 -79.94
C LEU P 68 11.32 -23.05 -80.53
N LYS P 69 12.63 -22.76 -80.63
CA LYS P 69 13.61 -23.75 -81.07
C LYS P 69 13.67 -24.92 -80.11
N LEU P 70 13.77 -24.63 -78.81
CA LEU P 70 13.84 -25.69 -77.81
C LEU P 70 12.51 -26.45 -77.70
N LEU P 71 11.39 -25.76 -77.91
CA LEU P 71 10.08 -26.41 -77.89
C LEU P 71 9.93 -27.40 -79.04
N ARG P 72 10.25 -26.95 -80.26
CA ARG P 72 10.18 -27.85 -81.41
C ARG P 72 11.20 -28.98 -81.30
N PHE P 73 12.37 -28.72 -80.71
CA PHE P 73 13.37 -29.76 -80.57
C PHE P 73 12.93 -30.83 -79.56
N TYR P 74 12.47 -30.40 -78.38
CA TYR P 74 12.06 -31.38 -77.37
C TYR P 74 10.71 -32.00 -77.68
N ILE P 75 9.94 -31.45 -78.62
CA ILE P 75 8.78 -32.19 -79.11
C ILE P 75 9.21 -33.22 -80.14
N LEU P 76 10.00 -32.81 -81.14
CA LEU P 76 10.39 -33.73 -82.20
C LEU P 76 11.37 -34.81 -81.74
N LEU P 77 12.03 -34.61 -80.59
CA LEU P 77 13.03 -35.56 -80.08
C LEU P 77 12.42 -36.93 -79.80
N THR P 78 11.15 -36.99 -79.44
CA THR P 78 10.42 -38.24 -79.48
C THR P 78 9.31 -38.25 -80.52
N GLY P 79 8.94 -37.11 -81.08
CA GLY P 79 7.88 -37.11 -82.08
C GLY P 79 8.30 -37.70 -83.41
N ILE P 80 9.60 -37.68 -83.71
CA ILE P 80 10.10 -38.33 -84.91
C ILE P 80 10.20 -39.84 -84.71
N PRO P 81 10.77 -40.39 -83.62
CA PRO P 81 10.71 -41.86 -83.47
C PRO P 81 9.32 -42.41 -83.22
N VAL P 82 8.38 -41.64 -82.68
CA VAL P 82 7.03 -42.17 -82.50
C VAL P 82 6.29 -42.28 -83.83
N VAL P 83 6.42 -41.28 -84.69
CA VAL P 83 5.78 -41.35 -86.01
C VAL P 83 6.46 -42.40 -86.87
N ILE P 84 7.80 -42.52 -86.76
CA ILE P 84 8.53 -43.60 -87.42
C ILE P 84 8.06 -44.97 -86.92
N GLY P 85 7.89 -45.12 -85.61
CA GLY P 85 7.46 -46.39 -85.05
C GLY P 85 6.04 -46.75 -85.45
N ILE P 86 5.13 -45.78 -85.50
CA ILE P 86 3.76 -46.04 -85.88
C ILE P 86 3.68 -46.38 -87.36
N THR P 87 4.49 -45.71 -88.20
CA THR P 87 4.55 -46.05 -89.62
C THR P 87 5.10 -47.45 -89.82
N LEU P 88 6.15 -47.82 -89.08
CA LEU P 88 6.76 -49.14 -89.26
C LEU P 88 5.85 -50.24 -88.74
N ILE P 89 5.12 -49.99 -87.65
CA ILE P 89 4.15 -50.96 -87.15
C ILE P 89 3.01 -51.14 -88.15
N ASN P 90 2.41 -50.04 -88.60
CA ASN P 90 1.27 -50.15 -89.52
C ASN P 90 1.66 -50.62 -90.91
N VAL P 91 2.94 -50.56 -91.28
CA VAL P 91 3.36 -51.20 -92.52
C VAL P 91 3.65 -52.68 -92.29
N PHE P 92 4.58 -52.99 -91.38
CA PHE P 92 5.13 -54.34 -91.30
C PHE P 92 4.32 -55.27 -90.41
N ILE P 93 3.91 -54.83 -89.23
CA ILE P 93 3.02 -55.66 -88.41
C ILE P 93 1.57 -55.43 -88.79
N GLY P 94 1.13 -54.17 -88.74
CA GLY P 94 -0.07 -53.77 -89.43
C GLY P 94 -1.37 -54.15 -88.75
N GLU P 95 -2.45 -53.65 -89.34
CA GLU P 95 -3.80 -53.78 -88.81
C GLU P 95 -4.29 -55.22 -88.86
N ALA P 96 -4.86 -55.67 -87.75
CA ALA P 96 -5.36 -57.04 -87.68
C ALA P 96 -6.64 -57.21 -88.47
N GLU P 97 -6.90 -58.43 -88.90
CA GLU P 97 -8.11 -58.78 -89.63
C GLU P 97 -9.14 -59.36 -88.66
N LEU P 98 -10.41 -59.03 -88.89
CA LEU P 98 -11.49 -59.53 -88.06
C LEU P 98 -11.84 -60.96 -88.45
N ALA P 99 -11.90 -61.84 -87.45
CA ALA P 99 -12.36 -63.20 -87.62
C ALA P 99 -13.57 -63.44 -86.73
N GLU P 100 -14.02 -64.68 -86.68
CA GLU P 100 -15.05 -65.12 -85.75
C GLU P 100 -14.46 -66.13 -84.77
N ILE P 101 -15.09 -66.22 -83.60
CA ILE P 101 -14.56 -67.00 -82.48
C ILE P 101 -14.65 -68.49 -82.80
N PRO P 102 -13.54 -69.22 -82.73
CA PRO P 102 -13.56 -70.65 -83.03
C PRO P 102 -14.33 -71.46 -82.00
N GLU P 103 -14.49 -72.74 -82.32
CA GLU P 103 -15.26 -73.66 -81.49
C GLU P 103 -14.48 -73.97 -80.22
N GLY P 104 -14.83 -73.29 -79.13
CA GLY P 104 -14.19 -73.51 -77.84
C GLY P 104 -13.05 -72.56 -77.52
N TYR P 105 -12.62 -71.74 -78.47
CA TYR P 105 -11.48 -70.86 -78.25
C TYR P 105 -11.89 -69.67 -77.38
N VAL P 106 -11.06 -69.37 -76.38
CA VAL P 106 -11.28 -68.26 -75.46
C VAL P 106 -10.27 -67.17 -75.82
N PRO P 107 -10.68 -66.08 -76.46
CA PRO P 107 -9.74 -65.01 -76.76
C PRO P 107 -9.36 -64.25 -75.50
N GLU P 108 -8.10 -63.81 -75.45
CA GLU P 108 -7.66 -62.95 -74.36
C GLU P 108 -8.27 -61.57 -74.51
N HIS P 109 -8.23 -60.80 -73.42
CA HIS P 109 -8.92 -59.51 -73.38
C HIS P 109 -8.25 -58.45 -74.25
N TRP P 110 -7.00 -58.66 -74.65
CA TRP P 110 -6.34 -57.79 -75.59
C TRP P 110 -6.48 -58.25 -77.04
N GLU P 111 -7.03 -59.44 -77.25
CA GLU P 111 -7.22 -59.99 -78.59
C GLU P 111 -8.53 -59.55 -79.23
N TYR P 112 -9.27 -58.65 -78.59
CA TYR P 112 -10.51 -58.14 -79.17
C TYR P 112 -10.32 -56.77 -79.83
N PHE P 113 -9.09 -56.32 -80.01
CA PHE P 113 -8.82 -54.99 -80.53
C PHE P 113 -7.95 -55.06 -81.78
N LYS P 114 -8.00 -54.00 -82.56
CA LYS P 114 -7.61 -54.03 -83.97
C LYS P 114 -6.20 -53.51 -84.22
N HIS P 115 -5.83 -52.38 -83.64
CA HIS P 115 -4.50 -51.85 -83.92
C HIS P 115 -3.47 -52.54 -83.03
N PRO P 116 -2.23 -52.74 -83.51
CA PRO P 116 -1.21 -53.38 -82.66
C PRO P 116 -0.82 -52.59 -81.43
N ILE P 117 -0.85 -51.26 -81.49
CA ILE P 117 -0.56 -50.48 -80.29
C ILE P 117 -1.70 -50.63 -79.28
N SER P 118 -2.94 -50.72 -79.77
CA SER P 118 -4.08 -50.97 -78.88
C SER P 118 -4.01 -52.35 -78.25
N ARG P 119 -3.59 -53.36 -79.04
CA ARG P 119 -3.39 -54.70 -78.50
C ARG P 119 -2.26 -54.72 -77.48
N TRP P 120 -1.19 -53.97 -77.73
CA TRP P 120 -0.08 -53.89 -76.80
C TRP P 120 -0.48 -53.22 -75.49
N ILE P 121 -1.30 -52.17 -75.58
CA ILE P 121 -1.74 -51.47 -74.37
C ILE P 121 -2.70 -52.32 -73.56
N ALA P 122 -3.65 -52.98 -74.23
CA ALA P 122 -4.60 -53.83 -73.51
C ALA P 122 -3.94 -55.09 -72.98
N ARG P 123 -2.82 -55.51 -73.58
CA ARG P 123 -2.08 -56.65 -73.05
C ARG P 123 -1.19 -56.25 -71.89
N THR P 124 -0.59 -55.07 -71.95
CA THR P 124 0.46 -54.71 -71.01
C THR P 124 -0.08 -54.04 -69.75
N PHE P 125 -0.80 -52.93 -69.92
CA PHE P 125 -1.16 -52.09 -68.79
C PHE P 125 -2.52 -52.43 -68.19
N PHE P 126 -3.52 -52.73 -69.01
CA PHE P 126 -4.90 -52.62 -68.57
C PHE P 126 -5.44 -53.92 -67.98
N ASP P 127 -6.32 -53.75 -67.00
CA ASP P 127 -7.15 -54.83 -66.47
C ASP P 127 -8.06 -55.40 -67.56
N ALA P 128 -8.40 -56.66 -67.41
CA ALA P 128 -9.42 -57.26 -68.25
C ALA P 128 -10.80 -56.71 -67.89
N PRO P 129 -11.75 -56.75 -68.83
CA PRO P 129 -13.14 -56.41 -68.46
C PRO P 129 -13.75 -57.41 -67.51
N GLU P 130 -13.40 -58.69 -67.64
CA GLU P 130 -13.90 -59.72 -66.73
C GLU P 130 -13.35 -59.52 -65.33
N LYS P 131 -12.09 -59.09 -65.25
CA LYS P 131 -11.43 -58.86 -63.98
C LYS P 131 -12.10 -57.72 -63.21
N ASN P 132 -12.33 -56.60 -63.90
CA ASN P 132 -13.05 -55.47 -63.32
C ASN P 132 -14.49 -55.84 -62.98
N TYR P 133 -15.12 -56.67 -63.81
CA TYR P 133 -16.52 -57.07 -63.62
C TYR P 133 -16.68 -57.87 -62.34
N GLU P 134 -15.86 -58.91 -62.18
CA GLU P 134 -15.98 -59.78 -61.02
C GLU P 134 -15.38 -59.14 -59.77
N ARG P 135 -14.39 -58.27 -59.92
CA ARG P 135 -13.88 -57.48 -58.81
C ARG P 135 -14.95 -56.53 -58.28
N THR P 136 -15.69 -55.89 -59.19
CA THR P 136 -16.84 -55.07 -58.81
C THR P 136 -17.90 -55.90 -58.09
N MET P 137 -18.12 -57.13 -58.55
CA MET P 137 -19.09 -58.00 -57.87
C MET P 137 -18.67 -58.33 -56.44
N ALA P 138 -17.37 -58.60 -56.23
CA ALA P 138 -16.87 -58.85 -54.89
C ALA P 138 -17.02 -57.62 -53.98
N ILE P 139 -16.70 -56.44 -54.52
CA ILE P 139 -16.83 -55.19 -53.77
C ILE P 139 -18.28 -54.92 -53.40
N LEU P 140 -19.21 -55.14 -54.34
CA LEU P 140 -20.62 -54.95 -54.08
C LEU P 140 -21.14 -55.93 -53.04
N GLN P 141 -20.65 -57.18 -53.05
CA GLN P 141 -21.08 -58.13 -52.04
C GLN P 141 -20.62 -57.72 -50.64
N ILE P 142 -19.36 -57.30 -50.52
CA ILE P 142 -18.83 -56.92 -49.21
C ILE P 142 -19.56 -55.70 -48.67
N GLU P 143 -19.77 -54.69 -49.51
CA GLU P 143 -20.40 -53.47 -49.02
C GLU P 143 -21.90 -53.64 -48.76
N SER P 144 -22.59 -54.46 -49.55
CA SER P 144 -24.00 -54.73 -49.30
C SER P 144 -24.19 -55.55 -48.04
N GLU P 145 -23.30 -56.52 -47.79
CA GLU P 145 -23.38 -57.29 -46.54
C GLU P 145 -23.09 -56.39 -45.34
N LYS P 146 -22.14 -55.46 -45.46
CA LYS P 146 -21.90 -54.52 -44.37
C LYS P 146 -23.09 -53.60 -44.13
N ALA P 147 -23.80 -53.19 -45.19
CA ALA P 147 -24.96 -52.33 -44.98
C ALA P 147 -26.12 -53.08 -44.33
N GLU P 148 -26.36 -54.33 -44.75
CA GLU P 148 -27.35 -55.18 -44.11
C GLU P 148 -27.01 -55.40 -42.63
N LEU P 149 -25.74 -55.68 -42.34
CA LEU P 149 -25.32 -55.88 -40.96
C LEU P 149 -25.37 -54.60 -40.14
N ARG P 150 -25.21 -53.42 -40.76
CA ARG P 150 -25.38 -52.18 -39.99
C ARG P 150 -26.84 -51.93 -39.65
N LEU P 151 -27.75 -52.27 -40.57
CA LEU P 151 -29.17 -52.17 -40.24
C LEU P 151 -29.56 -53.16 -39.15
N LYS P 152 -28.98 -54.36 -39.19
CA LYS P 152 -29.18 -55.32 -38.11
C LYS P 152 -28.58 -54.82 -36.79
N GLU P 153 -27.46 -54.09 -36.88
CA GLU P 153 -26.80 -53.52 -35.71
C GLU P 153 -27.68 -52.48 -35.04
N LEU P 154 -28.25 -51.56 -35.84
CA LEU P 154 -29.20 -50.59 -35.31
C LEU P 154 -30.44 -51.25 -34.72
N GLU P 155 -30.93 -52.31 -35.37
CA GLU P 155 -32.11 -53.01 -34.90
C GLU P 155 -31.86 -53.72 -33.57
N VAL P 156 -30.71 -54.40 -33.46
CA VAL P 156 -30.40 -55.17 -32.26
C VAL P 156 -30.11 -54.24 -31.08
N ARG P 157 -29.41 -53.12 -31.33
CA ARG P 157 -29.24 -52.10 -30.28
C ARG P 157 -30.58 -51.53 -29.85
N ARG P 158 -31.49 -51.27 -30.80
CA ARG P 158 -32.82 -50.75 -30.46
C ARG P 158 -33.59 -51.72 -29.59
N LEU P 159 -33.56 -53.00 -29.94
CA LEU P 159 -34.34 -54.00 -29.20
C LEU P 159 -33.73 -54.27 -27.83
N MET P 160 -32.40 -54.26 -27.72
CA MET P 160 -31.78 -54.50 -26.44
C MET P 160 -31.90 -53.32 -25.49
N ARG P 161 -31.92 -52.08 -26.00
CA ARG P 161 -32.19 -50.98 -25.10
C ARG P 161 -33.67 -50.90 -24.73
N ALA P 162 -34.57 -51.29 -25.64
CA ALA P 162 -35.99 -51.19 -25.36
C ALA P 162 -36.47 -52.29 -24.42
N LYS P 163 -36.09 -53.54 -24.66
CA LYS P 163 -36.59 -54.65 -23.86
C LYS P 163 -35.69 -55.01 -22.69
N GLY P 164 -34.37 -54.92 -22.86
CA GLY P 164 -33.45 -55.12 -21.75
C GLY P 164 -32.94 -56.53 -21.57
N ASP P 165 -33.40 -57.50 -22.36
CA ASP P 165 -33.06 -58.89 -22.14
C ASP P 165 -31.75 -59.32 -22.79
N GLY P 166 -31.20 -58.53 -23.70
CA GLY P 166 -29.96 -58.87 -24.36
C GLY P 166 -28.77 -58.62 -23.47
N PRO P 167 -27.61 -59.13 -23.90
CA PRO P 167 -26.38 -58.94 -23.13
C PRO P 167 -25.86 -57.49 -23.09
N TRP P 168 -26.39 -56.60 -23.93
CA TRP P 168 -26.00 -55.20 -23.88
C TRP P 168 -26.99 -54.45 -23.00
N PHE P 169 -26.52 -53.32 -22.47
CA PHE P 169 -27.25 -52.45 -21.54
C PHE P 169 -27.66 -53.20 -20.27
N GLN P 170 -26.82 -54.14 -19.86
CA GLN P 170 -27.04 -54.90 -18.62
C GLN P 170 -26.45 -54.11 -17.47
N TYR P 171 -27.19 -53.08 -17.07
CA TYR P 171 -26.73 -52.21 -16.00
C TYR P 171 -26.87 -52.92 -14.66
N PRO P 172 -25.91 -52.74 -13.75
CA PRO P 172 -25.79 -53.66 -12.61
C PRO P 172 -26.83 -53.45 -11.53
N THR P 173 -27.10 -54.54 -10.84
CA THR P 173 -27.87 -54.56 -9.61
C THR P 173 -26.98 -55.09 -8.48
N ILE P 174 -27.59 -55.33 -7.33
CA ILE P 174 -26.84 -55.72 -6.14
C ILE P 174 -26.51 -57.21 -6.23
N ASP P 175 -25.26 -57.55 -5.91
CA ASP P 175 -24.84 -58.94 -5.85
C ASP P 175 -25.44 -59.61 -4.62
N LYS P 176 -26.22 -60.66 -4.83
CA LYS P 176 -26.98 -61.28 -3.75
C LYS P 176 -26.13 -62.14 -2.83
N ALA P 177 -24.85 -62.35 -3.14
CA ALA P 177 -23.96 -63.07 -2.24
C ALA P 177 -23.68 -62.28 -0.97
N LEU P 178 -23.83 -60.96 -1.00
CA LEU P 178 -23.60 -60.12 0.16
C LEU P 178 -24.62 -60.34 1.27
N ILE P 179 -25.78 -60.91 0.96
CA ILE P 179 -26.85 -61.07 1.93
C ILE P 179 -26.46 -62.10 2.98
N ASP P 180 -26.54 -61.71 4.24
CA ASP P 180 -26.32 -62.64 5.35
C ASP P 180 -27.57 -63.50 5.51
N HIS P 181 -27.39 -64.83 5.45
CA HIS P 181 -28.50 -65.77 5.59
C HIS P 181 -28.44 -66.52 6.91
N SER P 182 -27.86 -65.91 7.94
CA SER P 182 -27.76 -66.47 9.27
C SER P 182 -28.92 -66.01 10.14
N PRO P 183 -29.26 -66.76 11.19
CA PRO P 183 -30.25 -66.26 12.16
C PRO P 183 -29.69 -65.08 12.93
N LYS P 184 -30.50 -64.02 13.01
CA LYS P 184 -30.07 -62.78 13.62
C LYS P 184 -30.52 -62.73 15.08
N ALA P 185 -30.40 -61.56 15.70
CA ALA P 185 -30.77 -61.42 17.11
C ALA P 185 -32.27 -61.47 17.29
N THR P 186 -33.00 -60.78 16.47
CA THR P 186 -34.44 -60.91 16.56
C THR P 186 -34.93 -61.98 15.59
N PRO P 187 -36.01 -62.69 15.88
CA PRO P 187 -36.46 -63.76 14.98
C PRO P 187 -37.13 -63.25 13.71
N ASP P 188 -37.93 -62.19 13.81
CA ASP P 188 -38.75 -61.71 12.70
C ASP P 188 -37.93 -60.84 11.77
N ASN P 189 -37.47 -61.45 10.68
CA ASN P 189 -36.83 -60.76 9.57
C ASN P 189 -36.84 -61.63 8.32
N ASP Q 71 7.55 5.70 -102.76
CA ASP Q 71 6.58 5.81 -101.69
C ASP Q 71 7.11 6.57 -100.47
N ALA Q 72 6.37 7.64 -100.09
CA ALA Q 72 6.66 8.54 -98.98
C ALA Q 72 8.07 9.10 -99.07
N PRO Q 73 8.30 10.09 -99.94
CA PRO Q 73 9.66 10.58 -100.15
C PRO Q 73 10.16 11.32 -98.91
N PRO Q 74 11.47 11.31 -98.68
CA PRO Q 74 11.98 11.91 -97.44
C PRO Q 74 12.05 13.44 -97.54
N LEU Q 75 11.87 14.08 -96.40
CA LEU Q 75 12.00 15.53 -96.32
C LEU Q 75 13.43 15.90 -95.90
N THR Q 76 13.94 16.96 -96.51
CA THR Q 76 15.24 17.53 -96.17
C THR Q 76 15.08 18.99 -95.79
N LEU Q 77 15.90 19.45 -94.82
CA LEU Q 77 15.84 20.82 -94.31
C LEU Q 77 16.01 21.86 -95.39
N GLU Q 78 16.84 21.57 -96.39
CA GLU Q 78 16.97 22.46 -97.54
C GLU Q 78 15.66 22.51 -98.33
N GLY Q 79 15.08 21.35 -98.62
CA GLY Q 79 13.81 21.31 -99.34
C GLY Q 79 12.64 21.83 -98.53
N ILE Q 80 12.66 21.58 -97.22
CA ILE Q 80 11.63 22.12 -96.33
C ILE Q 80 11.68 23.64 -96.31
N LYS Q 81 12.89 24.20 -96.15
CA LYS Q 81 13.07 25.65 -96.15
C LYS Q 81 12.67 26.25 -97.49
N ASP Q 82 12.98 25.54 -98.59
CA ASP Q 82 12.58 25.99 -99.92
C ASP Q 82 11.07 26.03 -100.07
N ARG Q 83 10.37 25.00 -99.59
CA ARG Q 83 8.91 24.99 -99.73
C ARG Q 83 8.23 26.00 -98.79
N VAL Q 84 8.79 26.22 -97.60
CA VAL Q 84 8.22 27.20 -96.68
C VAL Q 84 8.38 28.62 -97.24
N LEU Q 85 9.58 28.94 -97.74
CA LEU Q 85 9.78 30.23 -98.39
C LEU Q 85 9.01 30.32 -99.71
N TYR Q 86 8.73 29.19 -100.35
CA TYR Q 86 8.00 29.19 -101.60
C TYR Q 86 6.51 29.46 -101.38
N VAL Q 87 5.97 29.01 -100.25
CA VAL Q 87 4.62 29.43 -99.88
C VAL Q 87 4.62 30.90 -99.47
N LEU Q 88 5.68 31.34 -98.80
CA LEU Q 88 5.75 32.73 -98.39
C LEU Q 88 6.11 33.69 -99.51
N LYS Q 89 6.46 33.19 -100.71
CA LYS Q 89 6.63 34.04 -101.89
C LYS Q 89 5.36 34.21 -102.69
N LEU Q 90 4.57 33.14 -102.85
CA LEU Q 90 3.30 33.20 -103.58
C LEU Q 90 2.21 33.96 -102.82
N TYR Q 91 2.47 34.32 -101.57
CA TYR Q 91 1.58 35.14 -100.77
C TYR Q 91 1.76 36.60 -101.19
N ASP Q 92 0.66 37.22 -101.62
CA ASP Q 92 0.76 38.51 -102.30
C ASP Q 92 1.04 39.67 -101.38
N LYS Q 93 0.90 39.50 -100.06
CA LYS Q 93 1.19 40.57 -99.12
C LYS Q 93 2.65 40.65 -98.74
N ILE Q 94 3.54 39.92 -99.41
CA ILE Q 94 4.96 39.92 -99.11
C ILE Q 94 5.73 40.18 -100.39
N ASP Q 95 6.59 41.20 -100.37
CA ASP Q 95 7.56 41.40 -101.44
C ASP Q 95 8.58 40.26 -101.44
N PRO Q 96 8.70 39.50 -102.53
CA PRO Q 96 9.52 38.27 -102.49
C PRO Q 96 11.01 38.50 -102.49
N GLU Q 97 11.48 39.74 -102.61
CA GLU Q 97 12.90 40.06 -102.57
C GLU Q 97 13.37 40.53 -101.21
N LYS Q 98 12.44 40.87 -100.31
CA LYS Q 98 12.75 41.21 -98.93
C LYS Q 98 12.79 39.97 -98.04
N LEU Q 99 12.16 38.88 -98.49
CA LEU Q 99 11.88 37.73 -97.64
C LEU Q 99 13.16 36.97 -97.29
N SER Q 100 13.37 36.73 -96.00
CA SER Q 100 14.50 35.95 -95.52
C SER Q 100 13.99 34.93 -94.51
N VAL Q 101 14.92 34.13 -93.97
CA VAL Q 101 14.55 33.07 -93.05
C VAL Q 101 14.22 33.58 -91.66
N ASN Q 102 14.70 34.76 -91.29
CA ASN Q 102 14.38 35.36 -90.00
C ASN Q 102 13.39 36.50 -90.13
N SER Q 103 12.56 36.46 -91.17
CA SER Q 103 11.54 37.47 -91.41
C SER Q 103 10.44 37.34 -90.35
N HIS Q 104 10.37 38.30 -89.44
CA HIS Q 104 9.27 38.32 -88.48
C HIS Q 104 8.03 38.88 -89.16
N PHE Q 105 6.91 38.20 -88.98
CA PHE Q 105 5.72 38.55 -89.76
C PHE Q 105 5.05 39.83 -89.28
N MET Q 106 5.12 40.14 -87.99
CA MET Q 106 4.45 41.32 -87.46
C MET Q 106 5.36 42.56 -87.44
N LYS Q 107 6.66 42.37 -87.31
CA LYS Q 107 7.59 43.50 -87.22
C LYS Q 107 8.33 43.74 -88.52
N ASP Q 108 8.92 42.71 -89.11
CA ASP Q 108 9.70 42.84 -90.33
C ASP Q 108 8.84 42.75 -91.58
N LEU Q 109 7.73 42.00 -91.52
CA LEU Q 109 6.81 41.93 -92.64
C LEU Q 109 5.50 42.66 -92.37
N GLY Q 110 5.18 42.97 -91.11
CA GLY Q 110 4.01 43.76 -90.80
C GLY Q 110 2.69 43.06 -90.98
N LEU Q 111 2.70 41.74 -91.17
CA LEU Q 111 1.48 40.98 -91.39
C LEU Q 111 0.67 40.89 -90.10
N ASP Q 112 -0.62 40.63 -90.27
CA ASP Q 112 -1.52 40.59 -89.13
C ASP Q 112 -1.43 39.22 -88.46
N SER Q 113 -2.05 39.11 -87.28
CA SER Q 113 -2.16 37.81 -86.62
C SER Q 113 -3.06 36.87 -87.42
N LEU Q 114 -4.11 37.42 -88.03
CA LEU Q 114 -4.99 36.61 -88.87
C LEU Q 114 -4.28 36.17 -90.14
N ASP Q 115 -3.40 37.04 -90.66
CA ASP Q 115 -2.52 36.67 -91.77
C ASP Q 115 -1.56 35.56 -91.36
N GLN Q 116 -1.10 35.59 -90.11
CA GLN Q 116 -0.19 34.56 -89.62
C GLN Q 116 -0.93 33.22 -89.45
N VAL Q 117 -2.22 33.27 -89.10
CA VAL Q 117 -3.02 32.05 -89.04
C VAL Q 117 -3.23 31.48 -90.44
N GLU Q 118 -3.45 32.35 -91.43
CA GLU Q 118 -3.52 31.88 -92.82
C GLU Q 118 -2.18 31.29 -93.28
N ILE Q 119 -1.06 31.84 -92.81
CA ILE Q 119 0.25 31.30 -93.15
C ILE Q 119 0.45 29.91 -92.56
N ILE Q 120 0.03 29.72 -91.30
CA ILE Q 120 0.19 28.39 -90.68
C ILE Q 120 -0.78 27.39 -91.31
N MET Q 121 -1.98 27.82 -91.70
CA MET Q 121 -2.88 26.93 -92.41
C MET Q 121 -2.36 26.60 -93.81
N ALA Q 122 -1.62 27.52 -94.42
CA ALA Q 122 -0.97 27.21 -95.69
C ALA Q 122 0.20 26.25 -95.50
N MET Q 123 0.90 26.34 -94.36
CA MET Q 123 1.90 25.33 -94.01
C MET Q 123 1.28 23.95 -93.87
N GLU Q 124 0.12 23.89 -93.19
CA GLU Q 124 -0.59 22.64 -93.00
C GLU Q 124 -1.08 22.06 -94.31
N ASP Q 125 -1.54 22.93 -95.23
CA ASP Q 125 -1.95 22.46 -96.54
C ASP Q 125 -0.75 22.08 -97.39
N GLU Q 126 0.42 22.67 -97.11
CA GLU Q 126 1.61 22.41 -97.92
C GLU Q 126 2.24 21.07 -97.56
N PHE Q 127 2.42 20.80 -96.27
CA PHE Q 127 3.12 19.60 -95.86
C PHE Q 127 2.20 18.47 -95.44
N GLY Q 128 0.94 18.76 -95.13
CA GLY Q 128 -0.04 17.71 -94.94
C GLY Q 128 -0.25 17.26 -93.52
N PHE Q 129 0.00 18.12 -92.53
CA PHE Q 129 -0.25 17.77 -91.15
C PHE Q 129 -0.54 19.04 -90.37
N GLU Q 130 -1.20 18.88 -89.24
CA GLU Q 130 -1.74 20.01 -88.48
C GLU Q 130 -0.73 20.50 -87.45
N ILE Q 131 -0.57 21.82 -87.38
CA ILE Q 131 0.15 22.47 -86.29
C ILE Q 131 -0.90 22.90 -85.26
N PRO Q 132 -0.77 22.49 -84.00
CA PRO Q 132 -1.72 22.97 -82.98
C PRO Q 132 -1.52 24.45 -82.69
N ASP Q 133 -2.58 25.05 -82.15
CA ASP Q 133 -2.65 26.50 -82.01
C ASP Q 133 -1.65 27.02 -80.99
N ILE Q 134 -1.40 26.24 -79.94
CA ILE Q 134 -0.41 26.59 -78.94
C ILE Q 134 1.01 26.55 -79.50
N ASP Q 135 1.22 25.84 -80.62
CA ASP Q 135 2.45 25.93 -81.38
C ASP Q 135 2.35 26.89 -82.55
N ALA Q 136 1.14 27.05 -83.12
CA ALA Q 136 0.96 27.93 -84.28
C ALA Q 136 1.15 29.39 -83.94
N GLU Q 137 0.81 29.79 -82.71
CA GLU Q 137 0.93 31.20 -82.32
C GLU Q 137 2.37 31.64 -82.06
N LYS Q 138 3.34 30.75 -82.14
CA LYS Q 138 4.73 31.09 -81.87
C LYS Q 138 5.61 30.97 -83.11
N LEU Q 139 5.11 30.44 -84.22
CA LEU Q 139 5.89 30.26 -85.43
C LEU Q 139 5.89 31.59 -86.20
N MET Q 140 6.73 32.52 -85.73
CA MET Q 140 6.71 33.90 -86.20
C MET Q 140 7.84 34.24 -87.17
N CYS Q 141 8.62 33.26 -87.61
CA CYS Q 141 9.59 33.47 -88.67
C CYS Q 141 9.69 32.18 -89.47
N PRO Q 142 10.23 32.23 -90.70
CA PRO Q 142 10.43 30.97 -91.46
C PRO Q 142 11.32 29.94 -90.78
N GLN Q 143 12.40 30.36 -90.13
CA GLN Q 143 13.34 29.41 -89.54
C GLN Q 143 12.74 28.66 -88.37
N GLU Q 144 11.86 29.31 -87.60
CA GLU Q 144 11.12 28.60 -86.56
C GLU Q 144 10.17 27.56 -87.15
N ILE Q 145 9.59 27.83 -88.32
CA ILE Q 145 8.70 26.87 -88.95
C ILE Q 145 9.49 25.68 -89.48
N VAL Q 146 10.68 25.95 -90.05
CA VAL Q 146 11.55 24.87 -90.52
C VAL Q 146 12.04 24.03 -89.34
N ASP Q 147 12.32 24.68 -88.21
CA ASP Q 147 12.69 23.97 -87.00
C ASP Q 147 11.56 23.10 -86.46
N TYR Q 148 10.32 23.60 -86.54
CA TYR Q 148 9.17 22.83 -86.06
C TYR Q 148 8.91 21.61 -86.96
N ILE Q 149 9.06 21.79 -88.27
CA ILE Q 149 8.88 20.67 -89.19
C ILE Q 149 10.00 19.66 -89.03
N ALA Q 150 11.22 20.12 -88.72
CA ALA Q 150 12.32 19.22 -88.41
C ALA Q 150 12.07 18.43 -87.13
N ASP Q 151 11.42 19.07 -86.14
CA ASP Q 151 11.10 18.36 -84.91
C ASP Q 151 10.01 17.32 -85.14
N LYS Q 152 8.92 17.70 -85.79
CA LYS Q 152 7.78 16.80 -85.97
C LYS Q 152 7.90 15.90 -87.19
N LYS Q 153 9.03 15.92 -87.92
CA LYS Q 153 9.26 14.97 -88.99
C LYS Q 153 10.57 14.20 -88.85
N ASP Q 154 11.46 14.63 -87.96
CA ASP Q 154 12.73 13.96 -87.66
C ASP Q 154 13.62 13.82 -88.90
N VAL Q 155 14.02 14.96 -89.44
CA VAL Q 155 14.74 15.01 -90.70
C VAL Q 155 16.23 15.22 -90.45
N TYR Q 156 17.03 15.00 -91.50
CA TYR Q 156 18.46 14.72 -91.43
C TYR Q 156 18.79 13.76 -90.29
N GLU Q 157 18.15 12.61 -90.37
CA GLU Q 157 18.43 11.45 -89.55
C GLU Q 157 19.80 10.88 -89.85
N PRO R 2 -53.64 -54.81 -1.21
CA PRO R 2 -53.55 -56.27 -1.27
C PRO R 2 -54.53 -56.98 -0.34
N GLY R 3 -54.19 -58.21 0.04
CA GLY R 3 -55.10 -59.06 0.79
C GLY R 3 -55.27 -58.64 2.25
N ILE R 4 -56.03 -59.46 2.97
CA ILE R 4 -56.37 -59.21 4.36
C ILE R 4 -55.42 -60.01 5.25
N VAL R 5 -54.81 -59.32 6.21
CA VAL R 5 -53.94 -60.03 7.16
C VAL R 5 -54.82 -60.81 8.13
N GLU R 6 -54.31 -61.96 8.59
CA GLU R 6 -55.07 -62.89 9.41
C GLU R 6 -54.64 -62.74 10.86
N LEU R 7 -55.42 -62.00 11.63
CA LEU R 7 -55.11 -61.79 13.04
C LEU R 7 -55.88 -62.77 13.90
N PRO R 8 -55.23 -63.44 14.85
CA PRO R 8 -55.91 -64.47 15.62
C PRO R 8 -56.76 -63.89 16.74
N SER R 9 -57.78 -64.65 17.12
CA SER R 9 -58.79 -64.17 18.05
C SER R 9 -58.26 -64.19 19.49
N LEU R 10 -59.09 -63.69 20.40
CA LEU R 10 -58.67 -63.47 21.78
C LEU R 10 -58.52 -64.75 22.57
N GLU R 11 -59.37 -65.76 22.30
CA GLU R 11 -59.29 -67.02 23.03
C GLU R 11 -58.02 -67.80 22.67
N ASP R 12 -57.43 -67.53 21.51
CA ASP R 12 -56.14 -68.09 21.15
C ASP R 12 -54.98 -67.40 21.86
N LEU R 13 -55.23 -66.25 22.49
CA LEU R 13 -54.19 -65.48 23.17
C LEU R 13 -54.39 -65.44 24.67
N LYS R 14 -55.32 -66.24 25.20
CA LYS R 14 -55.55 -66.29 26.64
C LYS R 14 -54.69 -67.38 27.26
N VAL R 15 -53.77 -66.97 28.13
CA VAL R 15 -52.86 -67.88 28.80
C VAL R 15 -52.79 -67.47 30.27
N GLN R 16 -52.46 -68.44 31.13
CA GLN R 16 -52.18 -68.15 32.52
C GLN R 16 -50.79 -67.51 32.59
N GLU R 17 -50.71 -66.32 33.17
CA GLU R 17 -49.52 -65.50 33.05
C GLU R 17 -48.48 -65.86 34.11
N VAL R 18 -47.24 -65.47 33.84
CA VAL R 18 -46.20 -65.48 34.86
C VAL R 18 -46.14 -64.06 35.41
N LYS R 19 -46.92 -63.80 36.44
CA LYS R 19 -47.05 -62.45 37.00
C LYS R 19 -46.05 -62.25 38.14
N VAL R 20 -44.77 -62.43 37.83
CA VAL R 20 -43.69 -62.16 38.77
C VAL R 20 -42.80 -61.09 38.17
N SER R 21 -41.94 -60.54 39.02
CA SER R 21 -41.10 -59.42 38.61
C SER R 21 -39.86 -59.92 37.88
N SER R 22 -39.06 -58.97 37.39
CA SER R 22 -37.87 -59.34 36.65
C SER R 22 -36.73 -59.80 37.55
N SER R 23 -36.70 -59.36 38.80
CA SER R 23 -35.70 -59.90 39.71
C SER R 23 -36.04 -61.31 40.15
N VAL R 24 -37.34 -61.63 40.21
CA VAL R 24 -37.78 -63.00 40.46
C VAL R 24 -37.37 -63.90 39.30
N LEU R 25 -37.53 -63.41 38.07
CA LEU R 25 -37.13 -64.18 36.89
C LEU R 25 -35.62 -64.31 36.80
N LYS R 26 -34.89 -63.23 37.11
CA LYS R 26 -33.44 -63.22 36.98
C LYS R 26 -32.78 -64.04 38.06
N ALA R 27 -33.39 -64.11 39.24
CA ALA R 27 -32.84 -64.88 40.35
C ALA R 27 -32.86 -66.38 40.07
N ALA R 28 -33.97 -66.88 39.55
CA ALA R 28 -34.10 -68.28 39.16
C ALA R 28 -34.00 -68.46 37.66
N ALA R 29 -33.14 -67.69 36.99
CA ALA R 29 -33.01 -67.83 35.56
C ALA R 29 -32.18 -69.04 35.19
N HIS R 30 -31.10 -69.30 35.94
CA HIS R 30 -30.20 -70.41 35.60
C HIS R 30 -30.87 -71.76 35.80
N HIS R 31 -31.62 -71.92 36.88
CA HIS R 31 -32.38 -73.16 37.07
C HIS R 31 -33.52 -73.27 36.08
N TYR R 32 -34.05 -72.14 35.61
CA TYR R 32 -35.10 -72.17 34.57
C TYR R 32 -34.52 -72.63 33.25
N GLY R 33 -33.32 -72.17 32.90
CA GLY R 33 -32.68 -72.63 31.68
C GLY R 33 -32.20 -74.06 31.78
N ALA R 34 -31.86 -74.52 32.99
CA ALA R 34 -31.50 -75.92 33.16
C ALA R 34 -32.73 -76.82 33.02
N GLN R 35 -33.77 -76.54 33.81
CA GLN R 35 -34.93 -77.44 33.87
C GLN R 35 -35.81 -77.33 32.63
N CYS R 36 -36.18 -76.11 32.24
CA CYS R 36 -37.19 -75.89 31.22
C CYS R 36 -36.61 -75.78 29.82
N ASP R 37 -35.57 -76.57 29.53
CA ASP R 37 -34.86 -76.53 28.26
C ASP R 37 -35.78 -76.83 27.07
N LYS R 38 -36.48 -77.97 27.13
CA LYS R 38 -37.12 -78.51 25.94
C LYS R 38 -38.26 -77.67 25.37
N PRO R 39 -39.28 -77.22 26.13
CA PRO R 39 -40.32 -76.39 25.47
C PRO R 39 -39.83 -75.02 25.06
N ASN R 40 -38.84 -74.47 25.79
CA ASN R 40 -38.24 -73.19 25.42
C ASN R 40 -37.52 -73.30 24.09
N LYS R 41 -36.73 -74.35 23.89
CA LYS R 41 -35.99 -74.47 22.64
C LYS R 41 -36.87 -74.95 21.49
N GLU R 42 -37.92 -75.73 21.76
CA GLU R 42 -38.95 -75.98 20.75
C GLU R 42 -39.57 -74.68 20.28
N PHE R 43 -39.86 -73.77 21.21
CA PHE R 43 -40.44 -72.48 20.84
C PHE R 43 -39.45 -71.60 20.08
N MET R 44 -38.19 -71.57 20.47
CA MET R 44 -37.28 -70.66 19.77
C MET R 44 -36.85 -71.22 18.43
N LEU R 45 -36.83 -72.54 18.28
CA LEU R 45 -36.67 -73.14 16.97
C LEU R 45 -37.85 -72.85 16.07
N CYS R 46 -39.07 -72.99 16.59
CA CYS R 46 -40.27 -72.65 15.82
C CYS R 46 -40.34 -71.17 15.51
N ARG R 47 -39.76 -70.34 16.36
CA ARG R 47 -39.85 -68.89 16.21
C ARG R 47 -38.84 -68.37 15.20
N TRP R 48 -37.63 -68.93 15.17
CA TRP R 48 -36.70 -68.59 14.10
C TRP R 48 -36.96 -69.32 12.79
N GLU R 49 -37.68 -70.44 12.79
CA GLU R 49 -37.92 -71.09 11.50
C GLU R 49 -39.23 -70.67 10.84
N GLU R 50 -40.30 -70.49 11.61
CA GLU R 50 -41.56 -70.09 11.00
C GLU R 50 -41.55 -68.61 10.61
N LYS R 51 -40.79 -67.79 11.34
CA LYS R 51 -40.65 -66.35 11.15
C LYS R 51 -42.00 -65.64 11.21
N ASP R 52 -42.90 -66.15 12.04
CA ASP R 52 -44.24 -65.63 12.26
C ASP R 52 -44.67 -66.05 13.65
N PRO R 53 -44.97 -65.11 14.54
CA PRO R 53 -45.41 -65.50 15.89
C PRO R 53 -46.79 -66.13 15.91
N ARG R 54 -47.57 -65.96 14.85
CA ARG R 54 -48.89 -66.58 14.77
C ARG R 54 -48.80 -68.10 14.63
N ARG R 55 -47.68 -68.60 14.10
CA ARG R 55 -47.47 -70.03 13.97
C ARG R 55 -46.63 -70.61 15.11
N CYS R 56 -46.53 -69.89 16.23
CA CYS R 56 -45.71 -70.32 17.36
C CYS R 56 -46.51 -70.28 18.66
N LEU R 57 -47.85 -70.25 18.56
CA LEU R 57 -48.68 -69.93 19.72
C LEU R 57 -48.75 -71.09 20.70
N GLU R 58 -48.88 -72.32 20.21
CA GLU R 58 -48.96 -73.46 21.11
C GLU R 58 -47.63 -73.74 21.81
N GLU R 59 -46.52 -73.51 21.11
CA GLU R 59 -45.21 -73.63 21.75
C GLU R 59 -45.00 -72.52 22.78
N GLY R 60 -45.50 -71.32 22.50
CA GLY R 60 -45.45 -70.26 23.49
C GLY R 60 -46.30 -70.56 24.71
N LYS R 61 -47.45 -71.19 24.50
CA LYS R 61 -48.29 -71.59 25.63
C LYS R 61 -47.65 -72.70 26.45
N LEU R 62 -46.93 -73.62 25.80
CA LEU R 62 -46.22 -74.64 26.56
C LEU R 62 -45.04 -74.07 27.33
N VAL R 63 -44.38 -73.04 26.78
CA VAL R 63 -43.38 -72.29 27.53
C VAL R 63 -44.00 -71.63 28.75
N ASN R 64 -45.14 -70.98 28.55
CA ASN R 64 -45.80 -70.25 29.62
C ASN R 64 -46.42 -71.17 30.66
N GLN R 65 -46.64 -72.44 30.31
CA GLN R 65 -47.16 -73.40 31.29
C GLN R 65 -46.03 -74.12 32.02
N CYS R 66 -44.92 -74.43 31.32
CA CYS R 66 -43.78 -75.07 31.97
C CYS R 66 -43.06 -74.10 32.90
N ALA R 67 -43.08 -72.80 32.58
CA ALA R 67 -42.53 -71.80 33.49
C ALA R 67 -43.33 -71.73 34.78
N LEU R 68 -44.66 -71.81 34.67
CA LEU R 68 -45.49 -71.83 35.87
C LEU R 68 -45.30 -73.11 36.66
N GLU R 69 -45.06 -74.23 35.99
CA GLU R 69 -44.76 -75.48 36.70
C GLU R 69 -43.43 -75.37 37.45
N PHE R 70 -42.45 -74.70 36.85
CA PHE R 70 -41.16 -74.44 37.50
C PHE R 70 -41.33 -73.57 38.74
N PHE R 71 -42.09 -72.47 38.63
CA PHE R 71 -42.24 -71.62 39.80
C PHE R 71 -43.17 -72.21 40.86
N ARG R 72 -44.11 -73.08 40.48
CA ARG R 72 -44.89 -73.80 41.49
C ARG R 72 -44.02 -74.80 42.23
N GLN R 73 -43.11 -75.47 41.52
CA GLN R 73 -42.26 -76.44 42.19
C GLN R 73 -41.22 -75.75 43.06
N ILE R 74 -40.85 -74.51 42.71
CA ILE R 74 -40.08 -73.70 43.65
C ILE R 74 -40.93 -73.28 44.85
N LYS R 75 -42.21 -72.96 44.61
CA LYS R 75 -43.07 -72.43 45.66
C LYS R 75 -43.42 -73.49 46.71
N ARG R 76 -43.48 -74.76 46.31
CA ARG R 76 -43.80 -75.81 47.27
C ARG R 76 -42.64 -76.07 48.22
N HIS R 77 -41.43 -76.25 47.70
CA HIS R 77 -40.32 -76.73 48.50
C HIS R 77 -39.46 -75.62 49.08
N CYS R 78 -39.05 -74.66 48.26
CA CYS R 78 -38.00 -73.72 48.63
C CYS R 78 -38.46 -72.28 48.43
N ALA R 79 -39.66 -71.96 48.91
CA ALA R 79 -40.23 -70.62 48.70
C ALA R 79 -39.48 -69.56 49.50
N GLU R 80 -39.19 -69.83 50.76
CA GLU R 80 -38.53 -68.85 51.62
C GLU R 80 -37.05 -68.59 51.29
N PRO R 81 -36.20 -69.60 51.00
CA PRO R 81 -34.85 -69.25 50.52
C PRO R 81 -34.86 -68.57 49.16
N PHE R 82 -35.85 -68.88 48.31
CA PHE R 82 -35.98 -68.17 47.05
C PHE R 82 -36.35 -66.71 47.27
N THR R 83 -37.23 -66.43 48.23
CA THR R 83 -37.60 -65.04 48.50
C THR R 83 -36.44 -64.27 49.12
N GLU R 84 -35.70 -64.94 50.02
CA GLU R 84 -34.48 -64.39 50.59
C GLU R 84 -33.44 -64.08 49.51
N TYR R 85 -33.40 -64.89 48.45
CA TYR R 85 -32.43 -64.63 47.38
C TYR R 85 -32.89 -63.51 46.45
N TRP R 86 -34.13 -63.58 45.94
CA TRP R 86 -34.53 -62.57 44.96
C TRP R 86 -34.77 -61.22 45.57
N THR R 87 -35.00 -61.12 46.89
CA THR R 87 -35.12 -59.79 47.50
C THR R 87 -33.78 -59.06 47.50
N CYS R 88 -32.70 -59.77 47.86
CA CYS R 88 -31.37 -59.18 47.81
C CYS R 88 -30.92 -58.91 46.39
N ILE R 89 -31.33 -59.76 45.43
CA ILE R 89 -31.10 -59.46 44.01
C ILE R 89 -31.87 -58.21 43.61
N ASP R 90 -33.10 -58.06 44.13
CA ASP R 90 -33.99 -56.98 43.74
C ASP R 90 -33.55 -55.64 44.30
N TYR R 91 -32.76 -55.65 45.38
CA TYR R 91 -32.28 -54.39 45.95
C TYR R 91 -31.38 -53.62 44.97
N SER R 92 -30.56 -54.34 44.20
CA SER R 92 -29.56 -53.68 43.37
C SER R 92 -30.20 -53.07 42.12
N GLY R 93 -29.71 -51.88 41.75
CA GLY R 93 -30.26 -51.19 40.58
C GLY R 93 -29.86 -51.84 39.27
N LEU R 94 -28.64 -52.36 39.20
CA LEU R 94 -28.20 -53.14 38.05
C LEU R 94 -28.48 -54.62 38.21
N GLN R 95 -28.98 -55.03 39.38
CA GLN R 95 -29.29 -56.42 39.73
C GLN R 95 -28.07 -57.33 39.56
N LEU R 96 -27.02 -57.03 40.32
CA LEU R 96 -25.80 -57.83 40.25
C LEU R 96 -26.02 -59.20 40.88
N PHE R 97 -25.36 -60.21 40.32
CA PHE R 97 -25.28 -61.51 40.98
C PHE R 97 -24.14 -61.59 41.97
N ARG R 98 -23.14 -60.71 41.87
CA ARG R 98 -21.98 -60.77 42.73
C ARG R 98 -22.24 -60.19 44.11
N ARG R 99 -23.40 -59.60 44.34
CA ARG R 99 -23.72 -59.04 45.64
C ARG R 99 -24.38 -60.05 46.58
N CYS R 100 -24.87 -61.16 46.05
CA CYS R 100 -25.84 -62.00 46.75
C CYS R 100 -25.40 -63.45 46.73
N ARG R 101 -24.13 -63.71 47.02
CA ARG R 101 -23.61 -65.06 46.84
C ARG R 101 -24.00 -66.01 47.97
N LYS R 102 -24.24 -65.48 49.17
CA LYS R 102 -24.64 -66.38 50.26
C LYS R 102 -26.12 -66.76 50.16
N GLU R 103 -26.98 -65.83 49.72
CA GLU R 103 -28.36 -66.19 49.45
C GLU R 103 -28.48 -67.10 48.24
N GLN R 104 -27.62 -66.90 47.24
CA GLN R 104 -27.52 -67.83 46.12
C GLN R 104 -27.09 -69.21 46.60
N ALA R 105 -26.15 -69.25 47.54
CA ALA R 105 -25.68 -70.53 48.07
C ALA R 105 -26.77 -71.24 48.84
N GLN R 106 -27.56 -70.52 49.64
CA GLN R 106 -28.64 -71.15 50.38
C GLN R 106 -29.78 -71.61 49.47
N PHE R 107 -30.12 -70.80 48.45
CA PHE R 107 -31.18 -71.20 47.52
C PHE R 107 -30.77 -72.38 46.65
N ASP R 108 -29.55 -72.36 46.11
CA ASP R 108 -29.05 -73.49 45.33
C ASP R 108 -28.85 -74.72 46.21
N LYS R 109 -28.52 -74.53 47.49
CA LYS R 109 -28.43 -75.64 48.42
C LYS R 109 -29.77 -76.30 48.63
N CYS R 110 -30.82 -75.50 48.85
CA CYS R 110 -32.14 -76.08 49.08
C CYS R 110 -32.72 -76.70 47.81
N VAL R 111 -32.39 -76.14 46.65
CA VAL R 111 -32.83 -76.75 45.39
C VAL R 111 -32.09 -78.04 45.12
N LEU R 112 -30.79 -78.10 45.46
CA LEU R 112 -30.03 -79.33 45.31
C LEU R 112 -30.47 -80.41 46.30
N ASP R 113 -30.86 -80.00 47.52
CA ASP R 113 -31.28 -80.96 48.52
C ASP R 113 -32.68 -81.49 48.23
N LYS R 114 -33.67 -80.61 48.18
CA LYS R 114 -35.06 -81.05 48.11
C LYS R 114 -35.54 -81.33 46.70
N LEU R 115 -34.79 -80.97 45.67
CA LEU R 115 -35.20 -81.23 44.30
C LEU R 115 -34.13 -81.86 43.43
N GLY R 116 -32.86 -81.84 43.82
CA GLY R 116 -31.82 -82.52 43.08
C GLY R 116 -31.36 -81.82 41.82
N TRP R 117 -31.64 -80.54 41.66
CA TRP R 117 -31.32 -79.83 40.44
C TRP R 117 -29.93 -79.23 40.54
N VAL R 118 -29.18 -79.28 39.45
CA VAL R 118 -27.84 -78.72 39.37
C VAL R 118 -27.92 -77.37 38.66
N ARG R 119 -27.47 -76.32 39.34
CA ARG R 119 -27.30 -75.03 38.68
C ARG R 119 -26.22 -75.18 37.61
N PRO R 120 -26.46 -74.68 36.39
CA PRO R 120 -25.47 -74.83 35.32
C PRO R 120 -24.18 -74.07 35.63
N ASP R 121 -23.08 -74.61 35.12
CA ASP R 121 -21.78 -73.99 35.27
C ASP R 121 -21.63 -72.83 34.29
N LEU R 122 -20.46 -72.21 34.30
CA LEU R 122 -20.16 -71.14 33.37
C LEU R 122 -20.01 -71.71 31.96
N GLY R 123 -20.69 -71.08 31.00
CA GLY R 123 -20.55 -71.47 29.60
C GLY R 123 -21.62 -72.40 29.08
N GLU R 124 -22.51 -72.90 29.94
CA GLU R 124 -23.43 -73.96 29.54
C GLU R 124 -24.70 -73.45 28.87
N LEU R 125 -25.34 -72.42 29.44
CA LEU R 125 -26.65 -72.00 28.93
C LEU R 125 -26.58 -71.23 27.61
N SER R 126 -25.39 -70.99 27.05
CA SER R 126 -25.27 -70.36 25.76
C SER R 126 -24.84 -71.34 24.67
N LYS R 127 -25.02 -72.64 24.90
CA LYS R 127 -24.69 -73.63 23.90
C LYS R 127 -25.81 -73.72 22.85
N VAL R 128 -25.44 -74.16 21.66
CA VAL R 128 -26.37 -74.32 20.55
C VAL R 128 -26.81 -75.79 20.55
N THR R 129 -28.06 -76.03 20.91
CA THR R 129 -28.54 -77.38 21.13
C THR R 129 -29.34 -77.89 19.93
N LYS R 130 -29.52 -79.21 19.89
CA LYS R 130 -30.34 -79.84 18.86
C LYS R 130 -31.71 -80.20 19.45
N VAL R 131 -32.75 -79.96 18.65
CA VAL R 131 -34.14 -80.13 19.09
C VAL R 131 -34.84 -81.01 18.08
N LYS R 132 -35.33 -82.17 18.53
CA LYS R 132 -36.09 -83.07 17.66
C LYS R 132 -37.57 -82.71 17.77
N THR R 133 -38.09 -82.06 16.73
CA THR R 133 -39.50 -81.70 16.65
C THR R 133 -40.23 -82.63 15.70
N ASP R 134 -41.53 -82.82 15.96
CA ASP R 134 -42.42 -83.55 15.07
C ASP R 134 -43.00 -82.68 13.97
N ARG R 135 -42.96 -81.36 14.13
CA ARG R 135 -43.48 -80.44 13.13
C ARG R 135 -42.50 -80.34 11.94
N PRO R 136 -42.98 -79.99 10.75
CA PRO R 136 -42.10 -79.96 9.59
C PRO R 136 -41.42 -78.60 9.38
N LEU R 137 -40.47 -78.60 8.46
CA LEU R 137 -39.71 -77.40 8.15
C LEU R 137 -40.51 -76.50 7.22
N PRO R 138 -40.55 -75.18 7.47
CA PRO R 138 -41.24 -74.26 6.54
C PRO R 138 -40.51 -74.15 5.21
N GLU R 139 -41.13 -74.65 4.13
CA GLU R 139 -40.45 -74.72 2.85
C GLU R 139 -40.31 -73.37 2.15
N ASN R 140 -41.09 -72.37 2.57
CA ASN R 140 -40.95 -71.01 2.07
C ASN R 140 -41.18 -70.07 3.24
N PRO R 141 -40.16 -69.84 4.07
CA PRO R 141 -40.35 -69.01 5.28
C PRO R 141 -40.47 -67.52 5.01
N TYR R 142 -40.47 -67.08 3.76
CA TYR R 142 -40.62 -65.67 3.41
C TYR R 142 -41.77 -65.42 2.47
N HIS R 143 -42.49 -66.46 2.05
CA HIS R 143 -43.59 -66.41 1.08
C HIS R 143 -43.16 -65.78 -0.24
N SER R 144 -41.92 -66.06 -0.64
CA SER R 144 -41.37 -65.52 -1.87
C SER R 144 -42.10 -66.08 -3.08
N ARG R 145 -42.32 -65.22 -4.07
CA ARG R 145 -42.91 -65.66 -5.33
C ARG R 145 -41.81 -66.25 -6.22
N ALA R 146 -42.15 -66.52 -7.47
CA ALA R 146 -41.17 -67.04 -8.41
C ALA R 146 -40.18 -65.96 -8.80
N ARG R 147 -38.90 -66.34 -8.84
CA ARG R 147 -37.86 -65.44 -9.30
C ARG R 147 -37.98 -65.22 -10.80
N PRO R 148 -37.51 -64.09 -11.31
CA PRO R 148 -37.53 -63.87 -12.76
C PRO R 148 -36.52 -64.76 -13.47
N GLU R 149 -36.80 -65.03 -14.74
CA GLU R 149 -35.92 -65.89 -15.51
C GLU R 149 -34.64 -65.14 -15.84
N PRO R 150 -33.47 -65.74 -15.66
CA PRO R 150 -32.21 -65.01 -15.85
C PRO R 150 -31.90 -64.83 -17.33
N ASN R 151 -31.09 -63.81 -17.60
CA ASN R 151 -30.65 -63.54 -18.96
C ASN R 151 -29.75 -64.67 -19.47
N PRO R 152 -29.79 -64.97 -20.77
CA PRO R 152 -29.05 -66.12 -21.29
C PRO R 152 -27.55 -65.92 -21.22
N GLU R 153 -26.85 -67.04 -21.02
CA GLU R 153 -25.41 -67.02 -20.88
C GLU R 153 -24.76 -66.88 -22.25
N VAL R 154 -23.46 -66.67 -22.24
CA VAL R 154 -22.70 -66.68 -23.48
C VAL R 154 -22.28 -68.10 -23.78
N GLU R 155 -22.35 -68.49 -25.06
CA GLU R 155 -21.85 -69.78 -25.50
C GLU R 155 -21.47 -69.68 -26.96
N GLY R 156 -20.48 -70.47 -27.34
CA GLY R 156 -19.99 -70.51 -28.70
C GLY R 156 -18.59 -69.91 -28.79
N ASP R 157 -17.83 -70.42 -29.76
CA ASP R 157 -16.49 -69.89 -30.00
C ASP R 157 -16.58 -68.50 -30.62
N LEU R 158 -15.51 -67.74 -30.48
CA LEU R 158 -15.51 -66.32 -30.81
C LEU R 158 -15.02 -66.16 -32.25
N LYS R 159 -15.96 -65.89 -33.15
CA LYS R 159 -15.66 -65.70 -34.56
C LYS R 159 -15.15 -64.29 -34.82
N PRO R 160 -14.32 -64.10 -35.84
CA PRO R 160 -13.87 -62.75 -36.20
C PRO R 160 -15.04 -61.90 -36.69
N ALA R 161 -14.85 -60.59 -36.58
CA ALA R 161 -15.88 -59.64 -37.00
C ALA R 161 -16.01 -59.65 -38.51
N ARG R 162 -17.25 -59.64 -39.00
CA ARG R 162 -17.52 -59.63 -40.43
C ARG R 162 -17.11 -58.28 -41.01
N HIS R 163 -16.01 -58.30 -41.79
CA HIS R 163 -15.46 -57.16 -42.51
C HIS R 163 -15.05 -56.03 -41.56
N GLY R 164 -14.33 -56.41 -40.51
CA GLY R 164 -13.70 -55.43 -39.64
C GLY R 164 -14.69 -54.72 -38.73
N SER R 165 -14.53 -53.41 -38.61
CA SER R 165 -15.33 -52.62 -37.69
C SER R 165 -16.71 -52.28 -38.26
N ARG R 166 -16.85 -52.30 -39.59
CA ARG R 166 -18.03 -51.79 -40.30
C ARG R 166 -18.36 -50.35 -39.90
N LEU R 167 -17.32 -49.51 -39.83
CA LEU R 167 -17.47 -48.09 -39.52
C LEU R 167 -17.14 -47.31 -40.78
N PHE R 168 -18.17 -47.03 -41.57
CA PHE R 168 -18.23 -46.14 -42.73
C PHE R 168 -17.37 -46.53 -43.92
N PHE R 169 -16.11 -46.91 -43.69
CA PHE R 169 -15.25 -47.39 -44.78
C PHE R 169 -14.07 -48.22 -44.30
N TRP R 170 -13.90 -48.35 -42.99
CA TRP R 170 -12.71 -48.98 -42.44
C TRP R 170 -12.84 -50.50 -42.61
N THR R 171 -12.10 -51.04 -43.58
CA THR R 171 -12.18 -52.44 -43.94
C THR R 171 -11.51 -53.37 -42.93
N MET R 172 -10.74 -52.84 -42.00
CA MET R 172 -10.26 -53.63 -40.88
C MET R 172 -10.61 -52.95 -39.57
N SER S 3 -14.10 -54.62 -96.19
CA SER S 3 -15.26 -53.82 -96.58
C SER S 3 -16.36 -53.90 -95.53
N TRP S 4 -17.58 -53.56 -95.93
CA TRP S 4 -18.73 -53.54 -95.04
C TRP S 4 -19.83 -54.39 -95.64
N ASP S 5 -21.02 -54.33 -95.04
CA ASP S 5 -22.14 -55.17 -95.40
C ASP S 5 -23.18 -54.34 -96.14
N LYS S 6 -23.84 -54.97 -97.11
CA LYS S 6 -24.83 -54.30 -97.94
C LYS S 6 -26.25 -54.55 -97.48
N ASP S 7 -26.44 -55.14 -96.29
CA ASP S 7 -27.75 -55.25 -95.67
C ASP S 7 -27.95 -54.19 -94.59
N VAL S 8 -26.99 -54.09 -93.67
CA VAL S 8 -27.06 -53.05 -92.64
C VAL S 8 -26.74 -51.68 -93.24
N TYR S 9 -25.84 -51.63 -94.24
CA TYR S 9 -25.53 -50.40 -94.97
C TYR S 9 -25.79 -50.63 -96.45
N PRO S 10 -27.05 -50.66 -96.87
CA PRO S 10 -27.33 -50.91 -98.28
C PRO S 10 -27.09 -49.69 -99.15
N GLU S 11 -26.73 -49.95 -100.40
CA GLU S 11 -26.72 -48.93 -101.44
C GLU S 11 -27.41 -49.49 -102.67
N PRO S 12 -28.20 -48.67 -103.37
CA PRO S 12 -28.90 -49.16 -104.56
C PRO S 12 -27.93 -49.31 -105.72
N PRO S 13 -28.29 -50.08 -106.75
CA PRO S 13 -27.40 -50.23 -107.91
C PRO S 13 -27.20 -48.92 -108.65
N ARG S 14 -25.93 -48.53 -108.77
CA ARG S 14 -25.55 -47.34 -109.50
C ARG S 14 -25.82 -47.52 -110.98
N ARG S 15 -26.14 -46.40 -111.66
CA ARG S 15 -26.35 -46.40 -113.10
C ARG S 15 -25.64 -45.17 -113.67
N THR S 16 -24.34 -45.33 -114.02
CA THR S 16 -23.75 -44.16 -114.65
C THR S 16 -24.05 -44.17 -116.15
N PRO S 17 -24.29 -43.01 -116.76
CA PRO S 17 -24.61 -42.99 -118.19
C PRO S 17 -23.36 -43.07 -119.05
N ALA S 18 -23.56 -43.49 -120.29
CA ALA S 18 -22.49 -43.43 -121.27
C ALA S 18 -22.30 -41.97 -121.69
N PRO S 19 -21.09 -41.43 -121.59
CA PRO S 19 -20.87 -40.04 -122.01
C PRO S 19 -20.94 -39.91 -123.52
N SER S 20 -22.05 -39.36 -124.01
CA SER S 20 -22.26 -39.10 -125.42
C SER S 20 -21.99 -37.63 -125.67
N PRO S 21 -20.83 -37.26 -126.20
CA PRO S 21 -20.50 -35.85 -126.34
C PRO S 21 -21.16 -35.24 -127.57
N GLN S 22 -21.48 -33.96 -127.46
CA GLN S 22 -22.13 -33.22 -128.54
C GLN S 22 -21.18 -32.26 -129.26
N THR S 23 -20.24 -31.66 -128.55
CA THR S 23 -19.21 -30.85 -129.17
C THR S 23 -17.99 -31.70 -129.51
N SER S 24 -17.15 -31.17 -130.39
CA SER S 24 -15.86 -31.78 -130.68
C SER S 24 -14.72 -31.08 -129.97
N LEU S 25 -15.04 -30.10 -129.12
CA LEU S 25 -14.04 -29.51 -128.24
C LEU S 25 -13.62 -30.52 -127.19
N PRO S 26 -12.35 -30.89 -127.12
CA PRO S 26 -11.93 -31.87 -126.11
C PRO S 26 -11.92 -31.29 -124.70
N ASN S 27 -12.80 -31.82 -123.85
CA ASN S 27 -12.89 -31.36 -122.48
C ASN S 27 -11.64 -31.75 -121.68
N PRO S 28 -11.28 -30.96 -120.68
CA PRO S 28 -10.08 -31.30 -119.89
C PRO S 28 -10.28 -32.45 -118.92
N ILE S 29 -11.51 -32.91 -118.71
CA ILE S 29 -11.78 -33.91 -117.66
C ILE S 29 -11.16 -35.26 -118.02
N THR S 30 -11.32 -35.68 -119.28
CA THR S 30 -10.78 -36.99 -119.68
C THR S 30 -9.25 -36.97 -119.70
N TYR S 31 -8.66 -35.86 -120.15
CA TYR S 31 -7.21 -35.72 -120.18
C TYR S 31 -6.62 -35.72 -118.77
N LEU S 32 -7.22 -34.93 -117.87
CA LEU S 32 -6.77 -34.91 -116.49
C LEU S 32 -7.09 -36.20 -115.75
N THR S 33 -8.08 -36.96 -116.20
CA THR S 33 -8.35 -38.26 -115.58
C THR S 33 -7.34 -39.31 -116.02
N LYS S 34 -6.92 -39.26 -117.30
CA LYS S 34 -5.77 -40.03 -117.75
C LYS S 34 -4.52 -39.68 -116.95
N ALA S 35 -4.28 -38.39 -116.77
CA ALA S 35 -3.12 -37.93 -115.99
C ALA S 35 -3.25 -38.32 -114.52
N PHE S 36 -4.47 -38.39 -114.00
CA PHE S 36 -4.70 -38.80 -112.62
C PHE S 36 -4.40 -40.28 -112.45
N ASP S 37 -4.91 -41.11 -113.36
CA ASP S 37 -4.70 -42.55 -113.25
C ASP S 37 -3.23 -42.92 -113.51
N LEU S 38 -2.52 -42.10 -114.28
CA LEU S 38 -1.07 -42.28 -114.38
C LEU S 38 -0.35 -41.84 -113.11
N LEU S 39 -0.47 -40.56 -112.75
CA LEU S 39 0.39 -39.97 -111.72
C LEU S 39 -0.01 -40.35 -110.31
N VAL S 40 -1.23 -40.85 -110.09
CA VAL S 40 -1.79 -40.91 -108.74
C VAL S 40 -2.19 -42.32 -108.38
N ASP S 41 -3.09 -42.91 -109.17
CA ASP S 41 -3.78 -44.12 -108.76
C ASP S 41 -2.84 -45.33 -108.78
N ARG S 42 -2.08 -45.49 -109.87
CA ARG S 42 -1.14 -46.60 -109.97
C ARG S 42 0.01 -46.59 -108.95
N PRO S 43 0.69 -45.46 -108.64
CA PRO S 43 1.75 -45.57 -107.62
C PRO S 43 1.23 -45.77 -106.21
N VAL S 44 0.08 -45.17 -105.88
CA VAL S 44 -0.61 -45.46 -104.63
C VAL S 44 -1.02 -46.93 -104.57
N THR S 45 -1.39 -47.50 -105.73
CA THR S 45 -1.72 -48.93 -105.78
C THR S 45 -0.49 -49.79 -105.54
N LEU S 46 0.67 -49.37 -106.07
CA LEU S 46 1.92 -50.10 -105.82
C LEU S 46 2.31 -50.06 -104.35
N VAL S 47 2.20 -48.87 -103.73
CA VAL S 47 2.50 -48.72 -102.30
C VAL S 47 1.56 -49.57 -101.46
N ARG S 48 0.27 -49.55 -101.78
CA ARG S 48 -0.71 -50.34 -101.04
C ARG S 48 -0.49 -51.84 -101.22
N GLU S 49 -0.07 -52.29 -102.40
CA GLU S 49 0.18 -53.71 -102.60
C GLU S 49 1.43 -54.17 -101.86
N PHE S 50 2.46 -53.32 -101.80
CA PHE S 50 3.65 -53.64 -101.00
C PHE S 50 3.29 -53.73 -99.51
N ILE S 51 2.55 -52.74 -99.00
CA ILE S 51 2.12 -52.75 -97.60
C ILE S 51 1.18 -53.92 -97.33
N GLU S 52 0.36 -54.29 -98.32
CA GLU S 52 -0.56 -55.42 -98.19
C GLU S 52 0.19 -56.74 -98.09
N ARG S 53 1.25 -56.91 -98.87
CA ARG S 53 2.08 -58.10 -98.73
C ARG S 53 2.80 -58.13 -97.38
N GLN S 54 3.20 -56.95 -96.87
CA GLN S 54 3.79 -56.91 -95.54
C GLN S 54 2.76 -57.26 -94.45
N HIS S 55 1.49 -56.90 -94.66
CA HIS S 55 0.43 -57.40 -93.78
C HIS S 55 0.30 -58.92 -93.91
N ALA S 56 0.31 -59.42 -95.14
CA ALA S 56 0.04 -60.82 -95.43
C ALA S 56 1.17 -61.74 -94.97
N LYS S 57 2.35 -61.20 -94.66
CA LYS S 57 3.43 -62.03 -94.15
C LYS S 57 3.12 -62.65 -92.79
N ASN S 58 2.24 -62.03 -92.00
CA ASN S 58 1.90 -62.51 -90.65
C ASN S 58 0.44 -62.21 -90.34
N LYS S 59 -0.41 -63.21 -90.50
CA LYS S 59 -1.85 -63.06 -90.38
C LYS S 59 -2.28 -63.41 -88.96
N TYR S 60 -2.55 -62.39 -88.16
CA TYR S 60 -3.12 -62.55 -86.83
C TYR S 60 -4.45 -61.82 -86.80
N TYR S 61 -5.25 -62.09 -85.78
CA TYR S 61 -6.67 -61.80 -85.83
C TYR S 61 -7.14 -61.01 -84.61
N TYR S 62 -8.36 -60.50 -84.70
CA TYR S 62 -9.07 -59.98 -83.55
C TYR S 62 -10.53 -60.39 -83.66
N TYR S 63 -11.26 -60.21 -82.56
CA TYR S 63 -12.60 -60.77 -82.44
C TYR S 63 -13.59 -59.71 -81.98
N HIS S 64 -14.79 -59.79 -82.54
CA HIS S 64 -15.94 -59.16 -81.93
C HIS S 64 -16.26 -59.88 -80.62
N ARG S 65 -16.35 -59.11 -79.54
CA ARG S 65 -16.59 -59.69 -78.22
C ARG S 65 -18.04 -60.12 -78.09
N GLU S 66 -18.26 -61.26 -77.46
CA GLU S 66 -19.61 -61.80 -77.24
C GLU S 66 -20.04 -61.59 -75.79
N PHE S 67 -21.35 -61.61 -75.58
CA PHE S 67 -21.96 -61.41 -74.27
C PHE S 67 -23.15 -62.34 -74.15
N ARG S 68 -23.03 -63.36 -73.31
CA ARG S 68 -24.20 -64.18 -73.02
C ARG S 68 -25.15 -63.41 -72.11
N ARG S 69 -26.44 -63.74 -72.24
CA ARG S 69 -27.48 -62.97 -71.57
C ARG S 69 -27.53 -63.35 -70.09
N VAL S 70 -27.69 -62.33 -69.25
CA VAL S 70 -27.84 -62.52 -67.80
C VAL S 70 -29.28 -62.13 -67.48
N PRO S 71 -29.82 -62.43 -66.29
CA PRO S 71 -31.19 -62.01 -66.00
C PRO S 71 -31.36 -60.50 -65.93
N ASP S 72 -32.44 -60.02 -66.54
CA ASP S 72 -32.76 -58.61 -66.59
C ASP S 72 -33.25 -58.12 -65.22
N ILE S 73 -33.59 -56.83 -65.18
CA ILE S 73 -33.93 -56.18 -63.91
C ILE S 73 -35.29 -56.62 -63.39
N THR S 74 -36.10 -57.27 -64.23
CA THR S 74 -37.46 -57.65 -63.82
C THR S 74 -37.46 -58.80 -62.83
N GLU S 75 -36.55 -59.77 -62.97
CA GLU S 75 -36.54 -60.95 -62.13
C GLU S 75 -35.39 -60.93 -61.12
N CYS S 76 -34.83 -59.76 -60.87
CA CYS S 76 -33.87 -59.56 -59.79
C CYS S 76 -34.63 -59.24 -58.52
N HIS S 77 -34.26 -59.91 -57.42
CA HIS S 77 -34.81 -59.58 -56.12
C HIS S 77 -34.43 -58.15 -55.74
N GLU S 78 -35.32 -57.50 -55.00
CA GLU S 78 -35.16 -56.09 -54.67
C GLU S 78 -34.00 -55.91 -53.72
N LYS S 79 -33.13 -54.94 -54.04
CA LYS S 79 -31.93 -54.59 -53.27
C LYS S 79 -30.95 -55.74 -53.16
N ASP S 80 -30.91 -56.59 -54.18
CA ASP S 80 -29.97 -57.71 -54.27
C ASP S 80 -28.98 -57.37 -55.37
N VAL S 81 -27.79 -56.92 -54.98
CA VAL S 81 -26.88 -56.26 -55.92
C VAL S 81 -26.19 -57.22 -56.87
N LEU S 82 -26.08 -58.51 -56.54
CA LEU S 82 -25.25 -59.40 -57.33
C LEU S 82 -25.93 -59.77 -58.66
N CYS S 83 -27.25 -59.66 -58.74
CA CYS S 83 -27.96 -59.89 -59.98
C CYS S 83 -28.38 -58.59 -60.66
N MET S 84 -28.74 -57.57 -59.88
CA MET S 84 -29.14 -56.32 -60.50
C MET S 84 -27.96 -55.52 -61.00
N PHE S 85 -26.75 -55.81 -60.50
CA PHE S 85 -25.54 -55.30 -61.14
C PHE S 85 -25.38 -55.86 -62.55
N GLU S 86 -25.58 -57.17 -62.72
CA GLU S 86 -25.50 -57.79 -64.04
C GLU S 86 -26.60 -57.28 -64.96
N ALA S 87 -27.80 -57.09 -64.39
CA ALA S 87 -28.92 -56.52 -65.14
C ALA S 87 -28.62 -55.09 -65.60
N GLU S 88 -27.99 -54.30 -64.73
CA GLU S 88 -27.65 -52.92 -65.06
C GLU S 88 -26.58 -52.84 -66.12
N MET S 89 -25.55 -53.70 -66.03
CA MET S 89 -24.51 -53.72 -67.06
C MET S 89 -25.06 -54.16 -68.40
N GLN S 90 -25.93 -55.18 -68.40
CA GLN S 90 -26.56 -55.66 -69.62
C GLN S 90 -27.44 -54.59 -70.24
N TRP S 91 -28.19 -53.88 -69.40
CA TRP S 91 -29.07 -52.83 -69.87
C TRP S 91 -28.29 -51.64 -70.41
N LYS S 92 -27.16 -51.29 -69.79
CA LYS S 92 -26.33 -50.20 -70.31
C LYS S 92 -25.68 -50.56 -71.63
N ARG S 93 -25.25 -51.82 -71.78
CA ARG S 93 -24.70 -52.26 -73.07
C ARG S 93 -25.77 -52.26 -74.16
N ASP S 94 -26.98 -52.70 -73.82
CA ASP S 94 -28.06 -52.69 -74.81
C ASP S 94 -28.51 -51.27 -75.12
N TYR S 95 -28.39 -50.37 -74.14
CA TYR S 95 -28.64 -48.95 -74.34
C TYR S 95 -27.68 -48.36 -75.36
N LYS S 96 -26.40 -48.68 -75.21
CA LYS S 96 -25.38 -48.18 -76.13
C LYS S 96 -25.54 -48.78 -77.53
N VAL S 97 -25.90 -50.06 -77.60
CA VAL S 97 -26.12 -50.71 -78.90
C VAL S 97 -27.35 -50.12 -79.60
N ASP S 98 -28.42 -49.82 -78.85
CA ASP S 98 -29.61 -49.24 -79.46
C ASP S 98 -29.36 -47.80 -79.91
N GLN S 99 -28.53 -47.07 -79.16
CA GLN S 99 -28.00 -45.78 -79.63
C GLN S 99 -27.30 -45.91 -80.97
N GLU S 100 -26.45 -46.94 -81.11
CA GLU S 100 -25.75 -47.11 -82.38
C GLU S 100 -26.68 -47.55 -83.51
N ILE S 101 -27.78 -48.24 -83.18
CA ILE S 101 -28.77 -48.59 -84.20
C ILE S 101 -29.47 -47.33 -84.73
N VAL S 102 -29.84 -46.43 -83.82
CA VAL S 102 -30.41 -45.15 -84.23
C VAL S 102 -29.41 -44.34 -85.06
N ASN S 103 -28.13 -44.45 -84.71
CA ASN S 103 -27.07 -43.81 -85.51
C ASN S 103 -26.99 -44.37 -86.92
N ILE S 104 -27.08 -45.70 -87.05
CA ILE S 104 -27.05 -46.35 -88.36
C ILE S 104 -28.22 -45.89 -89.23
N ILE S 105 -29.41 -45.77 -88.63
CA ILE S 105 -30.56 -45.35 -89.43
C ILE S 105 -30.47 -43.86 -89.79
N GLN S 106 -29.86 -43.03 -88.92
CA GLN S 106 -29.61 -41.63 -89.29
C GLN S 106 -28.63 -41.52 -90.45
N GLU S 107 -27.60 -42.36 -90.46
CA GLU S 107 -26.66 -42.39 -91.59
C GLU S 107 -27.35 -42.83 -92.86
N ARG S 108 -28.26 -43.80 -92.76
CA ARG S 108 -29.04 -44.24 -93.91
C ARG S 108 -29.88 -43.13 -94.49
N LEU S 109 -30.54 -42.35 -93.62
CA LEU S 109 -31.41 -41.28 -94.09
C LEU S 109 -30.61 -40.15 -94.73
N LYS S 110 -29.47 -39.79 -94.13
CA LYS S 110 -28.61 -38.75 -94.70
C LYS S 110 -28.02 -39.18 -96.05
N ALA S 111 -27.54 -40.43 -96.13
CA ALA S 111 -27.00 -40.95 -97.38
C ALA S 111 -28.06 -41.05 -98.46
N CYS S 112 -29.30 -41.39 -98.08
CA CYS S 112 -30.38 -41.44 -99.06
C CYS S 112 -30.69 -40.04 -99.58
N GLN S 113 -30.69 -39.04 -98.71
CA GLN S 113 -31.03 -37.68 -99.15
C GLN S 113 -29.97 -37.13 -100.09
N GLN S 114 -28.68 -37.32 -99.75
CA GLN S 114 -27.63 -36.85 -100.64
C GLN S 114 -27.57 -37.66 -101.94
N ARG S 115 -27.80 -38.97 -101.85
CA ARG S 115 -27.75 -39.82 -103.03
C ARG S 115 -28.88 -39.50 -104.01
N GLU S 116 -30.10 -39.36 -103.50
CA GLU S 116 -31.21 -39.03 -104.38
C GLU S 116 -31.19 -37.58 -104.83
N GLY S 117 -30.52 -36.69 -104.10
CA GLY S 117 -30.38 -35.33 -104.57
C GLY S 117 -31.66 -34.54 -104.48
N GLU S 118 -32.23 -34.20 -105.63
CA GLU S 118 -33.45 -33.41 -105.66
C GLU S 118 -34.70 -34.26 -105.51
N SER S 119 -34.65 -35.54 -105.89
CA SER S 119 -35.77 -36.46 -105.79
C SER S 119 -35.80 -37.19 -104.45
N HIS S 120 -35.27 -36.56 -103.40
CA HIS S 120 -35.14 -37.21 -102.10
C HIS S 120 -36.49 -37.36 -101.41
N ARG S 121 -37.41 -36.42 -101.63
CA ARG S 121 -38.67 -36.43 -100.91
C ARG S 121 -39.60 -37.50 -101.44
N GLN S 122 -39.42 -37.92 -102.69
CA GLN S 122 -40.16 -39.05 -103.22
C GLN S 122 -39.42 -40.37 -103.02
N ASN S 123 -38.10 -40.40 -103.25
CA ASN S 123 -37.39 -41.66 -103.29
C ASN S 123 -36.58 -41.95 -102.02
N CYS S 124 -37.09 -41.54 -100.86
CA CYS S 124 -36.54 -41.98 -99.57
C CYS S 124 -37.65 -42.25 -98.57
N ALA S 125 -38.79 -42.74 -99.03
CA ALA S 125 -39.92 -42.96 -98.13
C ALA S 125 -39.67 -44.13 -97.19
N LYS S 126 -38.97 -45.16 -97.68
CA LYS S 126 -38.62 -46.31 -96.83
C LYS S 126 -37.67 -45.91 -95.71
N GLU S 127 -36.65 -45.11 -96.04
CA GLU S 127 -35.68 -44.68 -95.04
C GLU S 127 -36.32 -43.77 -94.00
N LEU S 128 -37.16 -42.83 -94.43
CA LEU S 128 -37.84 -41.95 -93.48
C LEU S 128 -38.85 -42.71 -92.64
N GLN S 129 -39.49 -43.72 -93.21
CA GLN S 129 -40.43 -44.56 -92.47
C GLN S 129 -39.73 -45.36 -91.39
N GLN S 130 -38.62 -46.00 -91.73
CA GLN S 130 -37.85 -46.76 -90.75
C GLN S 130 -37.20 -45.86 -89.72
N PHE S 131 -36.84 -44.63 -90.11
CA PHE S 131 -36.31 -43.66 -89.17
C PHE S 131 -37.37 -43.24 -88.15
N THR S 132 -38.60 -43.00 -88.62
CA THR S 132 -39.70 -42.68 -87.70
C THR S 132 -39.99 -43.84 -86.77
N GLN S 133 -39.93 -45.08 -87.29
CA GLN S 133 -40.14 -46.26 -86.46
C GLN S 133 -39.08 -46.40 -85.37
N VAL S 134 -37.80 -46.25 -85.73
CA VAL S 134 -36.75 -46.45 -84.75
C VAL S 134 -36.66 -45.27 -83.77
N VAL S 135 -37.03 -44.06 -84.21
CA VAL S 135 -37.05 -42.92 -83.31
C VAL S 135 -38.21 -43.04 -82.31
N LYS S 136 -39.38 -43.49 -82.76
CA LYS S 136 -40.50 -43.68 -81.84
C LYS S 136 -40.22 -44.82 -80.85
N ALA S 137 -39.56 -45.88 -81.33
CA ALA S 137 -39.18 -46.99 -80.44
C ALA S 137 -38.15 -46.53 -79.41
N TYR S 138 -37.12 -45.79 -79.85
CA TYR S 138 -36.10 -45.30 -78.94
C TYR S 138 -36.65 -44.27 -77.96
N GLN S 139 -37.63 -43.46 -78.38
CA GLN S 139 -38.21 -42.47 -77.48
C GLN S 139 -39.12 -43.12 -76.45
N ASP S 140 -39.83 -44.18 -76.84
CA ASP S 140 -40.59 -44.93 -75.84
C ASP S 140 -39.70 -45.83 -74.99
N ARG S 141 -38.47 -46.10 -75.44
CA ARG S 141 -37.59 -46.96 -74.67
C ARG S 141 -36.70 -46.22 -73.69
N TYR S 142 -36.13 -45.05 -74.06
CA TYR S 142 -35.13 -44.44 -73.20
C TYR S 142 -35.27 -42.94 -72.95
N HIS S 143 -36.26 -42.26 -73.49
CA HIS S 143 -36.33 -40.82 -73.32
C HIS S 143 -36.80 -40.48 -71.90
N ASP S 144 -36.40 -39.29 -71.43
CA ASP S 144 -36.81 -38.67 -70.17
C ASP S 144 -36.37 -39.44 -68.93
N LEU S 145 -35.42 -40.36 -69.07
CA LEU S 145 -34.87 -41.04 -67.90
C LEU S 145 -34.07 -40.09 -67.03
N GLY S 146 -33.26 -39.24 -67.64
CA GLY S 146 -32.41 -38.31 -66.93
C GLY S 146 -30.95 -38.68 -67.06
N ALA S 147 -30.11 -37.92 -66.34
CA ALA S 147 -28.67 -38.16 -66.38
C ALA S 147 -28.22 -39.24 -65.41
N HIS S 148 -29.05 -39.58 -64.43
CA HIS S 148 -28.79 -40.68 -63.52
C HIS S 148 -29.63 -41.90 -63.88
N TYR S 149 -29.76 -42.17 -65.18
CA TYR S 149 -30.59 -43.24 -65.69
C TYR S 149 -30.08 -44.61 -65.26
N SER S 150 -31.01 -45.57 -65.19
CA SER S 150 -30.72 -46.92 -64.74
C SER S 150 -31.78 -47.86 -65.29
N ALA S 151 -31.59 -49.15 -65.03
CA ALA S 151 -32.55 -50.16 -65.47
C ALA S 151 -33.87 -50.05 -64.72
N ARG S 152 -33.82 -49.64 -63.46
CA ARG S 152 -35.03 -49.50 -62.65
C ARG S 152 -35.90 -48.36 -63.16
N LYS S 153 -35.28 -47.25 -63.54
CA LYS S 153 -36.01 -46.13 -64.11
C LYS S 153 -36.62 -46.49 -65.47
N CYS S 154 -35.91 -47.29 -66.25
CA CYS S 154 -36.43 -47.72 -67.55
C CYS S 154 -37.61 -48.67 -67.37
N LEU S 155 -37.53 -49.59 -66.41
CA LEU S 155 -38.65 -50.48 -66.12
C LEU S 155 -39.83 -49.71 -65.55
N ALA S 156 -39.58 -48.67 -64.75
CA ALA S 156 -40.69 -47.89 -64.20
C ALA S 156 -41.37 -47.05 -65.27
N LYS S 157 -40.59 -46.52 -66.22
CA LYS S 157 -41.17 -45.84 -67.38
C LYS S 157 -41.99 -46.79 -68.23
N GLN S 158 -41.48 -48.01 -68.43
CA GLN S 158 -42.20 -49.02 -69.21
C GLN S 158 -43.49 -49.42 -68.51
N LYS S 159 -43.46 -49.54 -67.19
CA LYS S 159 -44.68 -49.85 -66.44
C LYS S 159 -45.68 -48.71 -66.48
N GLN S 160 -45.22 -47.46 -66.47
CA GLN S 160 -46.14 -46.33 -66.61
C GLN S 160 -46.79 -46.32 -68.00
N ARG S 161 -45.99 -46.58 -69.04
CA ARG S 161 -46.51 -46.65 -70.40
C ARG S 161 -47.51 -47.80 -70.55
N MET S 162 -47.23 -48.95 -69.94
CA MET S 162 -48.14 -50.08 -70.05
C MET S 162 -49.40 -49.89 -69.21
N LEU S 163 -49.32 -49.18 -68.08
CA LEU S 163 -50.53 -48.83 -67.36
C LEU S 163 -51.37 -47.83 -68.15
N ALA S 164 -50.73 -46.88 -68.83
CA ALA S 164 -51.46 -45.95 -69.68
C ALA S 164 -52.14 -46.65 -70.84
N GLU S 165 -51.44 -47.63 -71.46
CA GLU S 165 -52.04 -48.38 -72.55
C GLU S 165 -53.15 -49.30 -72.06
N ARG S 166 -53.01 -49.86 -70.85
CA ARG S 166 -54.06 -50.68 -70.28
C ARG S 166 -55.30 -49.85 -69.95
N LYS S 167 -55.10 -48.64 -69.43
CA LYS S 167 -56.22 -47.76 -69.11
C LYS S 167 -56.90 -47.24 -70.37
N ALA S 168 -56.13 -46.99 -71.43
CA ALA S 168 -56.73 -46.58 -72.69
C ALA S 168 -57.45 -47.73 -73.38
N THR S 169 -56.99 -48.97 -73.16
CA THR S 169 -57.72 -50.13 -73.67
C THR S 169 -58.99 -50.37 -72.86
N LYS S 170 -58.95 -50.08 -71.56
CA LYS S 170 -60.12 -50.24 -70.70
C LYS S 170 -61.19 -49.22 -71.04
N GLU S 171 -60.81 -47.95 -71.18
CA GLU S 171 -61.81 -46.90 -71.41
C GLU S 171 -62.38 -46.91 -72.82
N ALA S 172 -61.73 -47.59 -73.76
CA ALA S 172 -62.23 -47.70 -75.12
C ALA S 172 -63.01 -49.00 -75.35
N ALA S 173 -63.19 -49.80 -74.30
CA ALA S 173 -63.95 -51.04 -74.40
C ALA S 173 -65.08 -51.04 -73.38
N PRO T 66 78.67 67.43 115.60
CA PRO T 66 78.44 66.12 116.21
C PRO T 66 77.55 65.23 115.34
N PHE T 67 78.10 64.11 114.90
CA PHE T 67 77.43 63.26 113.93
C PHE T 67 76.42 62.34 114.62
N ASP T 68 75.31 62.08 113.94
CA ASP T 68 74.21 61.30 114.49
C ASP T 68 73.76 60.27 113.45
N ASN T 69 74.00 58.99 113.74
CA ASN T 69 73.50 57.89 112.93
C ASN T 69 72.57 57.02 113.77
N THR T 70 71.84 57.64 114.70
CA THR T 70 71.03 56.93 115.67
C THR T 70 69.57 57.35 115.69
N THR T 71 69.24 58.56 115.26
CA THR T 71 67.88 59.06 115.35
C THR T 71 67.26 59.19 113.96
N TYR T 72 65.95 59.03 113.93
CA TYR T 72 65.17 59.11 112.70
C TYR T 72 64.73 60.56 112.54
N LYS T 73 65.45 61.30 111.69
CA LYS T 73 65.23 62.73 111.53
C LYS T 73 63.94 63.06 110.80
N ASN T 74 63.29 62.08 110.18
CA ASN T 74 62.10 62.32 109.36
C ASN T 74 60.85 62.22 110.22
N LEU T 75 60.70 63.22 111.09
CA LEU T 75 59.54 63.27 111.98
C LEU T 75 58.55 64.37 111.58
N GLN T 76 58.78 65.04 110.45
CA GLN T 76 57.93 66.15 110.07
C GLN T 76 56.55 65.69 109.60
N HIS T 77 56.46 64.46 109.09
CA HIS T 77 55.21 63.97 108.54
C HIS T 77 54.22 63.49 109.61
N HIS T 78 54.60 63.55 110.88
CA HIS T 78 53.68 63.19 111.95
C HIS T 78 52.59 64.24 112.16
N ASP T 79 52.80 65.46 111.68
CA ASP T 79 51.88 66.56 111.91
C ASP T 79 51.17 67.02 110.64
N TYR T 80 51.20 66.23 109.58
CA TYR T 80 50.54 66.60 108.34
C TYR T 80 49.03 66.39 108.45
N SER T 81 48.28 67.24 107.76
CA SER T 81 46.83 67.21 107.80
C SER T 81 46.29 66.70 106.47
N THR T 82 44.97 66.66 106.35
CA THR T 82 44.34 66.16 105.13
C THR T 82 44.50 67.11 103.95
N TYR T 83 44.76 68.39 104.19
CA TYR T 83 44.89 69.39 103.15
C TYR T 83 46.35 69.82 102.93
N THR T 84 47.31 69.03 103.40
CA THR T 84 48.72 69.43 103.39
C THR T 84 49.27 69.53 101.97
N PHE T 85 49.03 68.50 101.16
CA PHE T 85 49.53 68.43 99.79
C PHE T 85 48.99 69.60 98.95
N LEU T 86 47.71 69.92 99.12
CA LEU T 86 47.11 70.95 98.30
C LEU T 86 47.41 72.34 98.84
N ASP T 87 47.65 72.48 100.14
CA ASP T 87 48.18 73.74 100.65
C ASP T 87 49.59 73.99 100.13
N LEU T 88 50.38 72.93 99.98
CA LEU T 88 51.71 73.07 99.37
C LEU T 88 51.62 73.41 97.89
N ASN T 89 50.61 72.86 97.20
CA ASN T 89 50.41 73.22 95.79
C ASN T 89 49.99 74.68 95.64
N LEU T 90 49.13 75.16 96.55
CA LEU T 90 48.78 76.58 96.55
C LEU T 90 49.97 77.46 96.94
N ASP T 91 50.86 76.95 97.80
CA ASP T 91 52.07 77.69 98.13
C ASP T 91 53.08 77.67 97.00
N LEU T 92 52.98 76.71 96.08
CA LEU T 92 53.87 76.65 94.93
C LEU T 92 53.30 77.25 93.66
N SER T 93 52.01 77.60 93.64
CA SER T 93 51.36 78.09 92.43
C SER T 93 51.94 79.39 91.86
N LYS T 94 52.75 80.13 92.64
CA LYS T 94 53.37 81.33 92.12
C LYS T 94 54.80 81.12 91.64
N PHE T 95 55.45 80.04 92.05
CA PHE T 95 56.82 79.74 91.65
C PHE T 95 56.92 79.13 90.26
N ARG T 96 55.80 78.89 89.59
CA ARG T 96 55.76 78.06 88.40
C ARG T 96 55.68 78.91 87.14
N MET T 97 56.18 78.35 86.04
CA MET T 97 56.16 79.03 84.76
C MET T 97 54.73 79.10 84.22
N PRO T 98 54.46 80.03 83.30
CA PRO T 98 53.15 80.03 82.62
C PRO T 98 52.97 78.80 81.75
N GLN T 99 51.80 78.17 81.90
CA GLN T 99 51.51 76.92 81.19
C GLN T 99 51.40 77.17 79.68
N PRO T 100 51.89 76.25 78.85
CA PRO T 100 51.71 76.40 77.41
C PRO T 100 50.28 76.11 77.01
N SER T 101 49.91 76.65 75.85
CA SER T 101 48.54 76.59 75.37
C SER T 101 48.43 75.74 74.11
N SER T 102 47.29 75.08 73.96
CA SER T 102 46.94 74.44 72.71
C SER T 102 46.07 75.33 71.83
N GLY T 103 45.75 76.54 72.30
CA GLY T 103 44.95 77.47 71.56
C GLY T 103 43.47 77.38 71.81
N ARG T 104 42.95 76.19 72.08
CA ARG T 104 41.53 75.97 72.30
C ARG T 104 41.27 75.65 73.76
N GLU T 105 40.03 75.86 74.19
CA GLU T 105 39.70 75.72 75.61
C GLU T 105 39.63 74.26 76.03
N SER T 106 39.29 73.36 75.10
CA SER T 106 39.20 71.92 75.33
C SER T 106 39.13 71.26 73.94
N PRO T 107 39.32 69.94 73.79
CA PRO T 107 39.10 69.33 72.48
C PRO T 107 37.65 69.26 72.03
N ARG T 108 36.69 69.71 72.84
CA ARG T 108 35.31 69.88 72.39
C ARG T 108 34.98 71.33 72.06
N HIS T 109 35.96 72.22 72.12
CA HIS T 109 35.79 73.61 71.68
C HIS T 109 36.22 73.77 70.23
N GLY U 29 -6.76 29.72 81.14
CA GLY U 29 -7.09 31.14 81.08
C GLY U 29 -7.78 31.54 79.79
N VAL U 30 -8.45 30.58 79.15
CA VAL U 30 -9.07 30.82 77.86
C VAL U 30 -10.43 31.51 78.07
N ARG U 31 -10.67 32.58 77.33
CA ARG U 31 -11.86 33.39 77.46
C ARG U 31 -12.57 33.51 76.12
N THR U 32 -13.83 33.92 76.19
CA THR U 32 -14.74 33.91 75.05
C THR U 32 -14.91 35.33 74.52
N SER U 33 -14.93 35.46 73.19
CA SER U 33 -15.16 36.72 72.52
C SER U 33 -16.66 37.03 72.51
N PRO U 34 -17.07 38.23 72.08
CA PRO U 34 -18.52 38.48 71.90
C PRO U 34 -19.20 37.61 70.85
N THR U 35 -18.47 36.94 69.97
CA THR U 35 -19.08 36.08 68.96
C THR U 35 -19.32 34.66 69.44
N GLY U 36 -18.96 34.34 70.68
CA GLY U 36 -19.03 32.98 71.16
C GLY U 36 -17.77 32.17 70.93
N GLU U 37 -16.71 32.80 70.45
CA GLU U 37 -15.49 32.12 70.04
C GLU U 37 -14.41 32.33 71.10
N LYS U 38 -13.70 31.25 71.43
CA LYS U 38 -12.67 31.33 72.45
C LYS U 38 -11.40 31.96 71.89
N VAL U 39 -10.81 32.85 72.67
CA VAL U 39 -9.59 33.57 72.27
C VAL U 39 -8.39 32.75 72.69
N THR U 40 -7.43 32.58 71.78
CA THR U 40 -6.26 31.73 72.00
C THR U 40 -5.27 32.43 72.92
N HIS U 41 -4.18 31.71 73.22
CA HIS U 41 -3.13 32.26 74.08
C HIS U 41 -2.34 33.36 73.39
N THR U 42 -2.36 33.38 72.05
CA THR U 42 -1.79 34.50 71.32
C THR U 42 -2.66 35.73 71.48
N GLY U 43 -3.98 35.55 71.50
CA GLY U 43 -4.92 36.63 71.39
C GLY U 43 -5.67 36.62 70.08
N GLN U 44 -5.45 35.60 69.26
CA GLN U 44 -6.15 35.45 67.99
C GLN U 44 -7.62 35.13 68.24
N VAL U 45 -8.49 35.89 67.59
CA VAL U 45 -9.90 35.55 67.45
C VAL U 45 -10.40 36.23 66.19
N TYR U 46 -11.27 35.53 65.45
CA TYR U 46 -11.81 36.12 64.24
C TYR U 46 -12.83 37.20 64.58
N ASP U 47 -13.03 38.11 63.63
CA ASP U 47 -14.01 39.17 63.79
C ASP U 47 -15.42 38.60 63.67
N ASP U 48 -16.41 39.44 63.98
CA ASP U 48 -17.80 39.03 63.79
C ASP U 48 -18.14 38.99 62.31
N GLU U 49 -17.75 40.01 61.56
CA GLU U 49 -18.03 40.08 60.14
C GLU U 49 -17.01 39.32 59.29
N ASP U 50 -16.02 38.69 59.91
CA ASP U 50 -15.02 37.92 59.18
C ASP U 50 -15.65 36.59 58.75
N TYR U 51 -15.54 36.29 57.45
CA TYR U 51 -16.19 35.12 56.88
C TYR U 51 -15.55 33.82 57.33
N ARG U 52 -14.32 33.86 57.80
CA ARG U 52 -13.57 32.66 58.17
C ARG U 52 -14.06 32.01 59.46
N ARG U 53 -15.13 32.45 60.10
CA ARG U 53 -15.78 31.65 61.13
C ARG U 53 -16.61 30.51 60.55
N VAL U 54 -16.76 30.45 59.23
CA VAL U 54 -17.52 29.37 58.59
C VAL U 54 -16.76 28.05 58.66
N ARG U 55 -15.44 28.08 58.89
CA ARG U 55 -14.69 26.84 58.98
C ARG U 55 -14.92 26.11 60.29
N PHE U 56 -15.47 26.79 61.31
CA PHE U 56 -15.81 26.14 62.57
C PHE U 56 -17.27 25.77 62.66
N VAL U 57 -18.00 25.85 61.55
CA VAL U 57 -19.44 25.64 61.56
C VAL U 57 -19.73 24.15 61.41
N GLY U 58 -20.39 23.57 62.41
CA GLY U 58 -20.50 22.12 62.54
C GLY U 58 -19.28 21.47 63.12
N ARG U 59 -18.26 22.25 63.47
CA ARG U 59 -16.97 21.76 63.94
C ARG U 59 -16.62 22.64 65.14
N GLN U 60 -15.37 22.60 65.58
CA GLN U 60 -14.99 23.36 66.77
C GLN U 60 -13.58 23.91 66.60
N LYS U 61 -13.34 25.04 67.27
CA LYS U 61 -12.03 25.67 67.32
C LYS U 61 -11.24 25.06 68.45
N GLU U 62 -10.25 24.24 68.13
CA GLU U 62 -9.50 23.50 69.12
C GLU U 62 -8.35 24.35 69.63
N VAL U 63 -8.53 24.97 70.79
CA VAL U 63 -7.50 25.78 71.41
C VAL U 63 -6.97 25.00 72.61
N ASN U 64 -5.80 25.42 73.09
CA ASN U 64 -5.28 24.86 74.31
C ASN U 64 -5.82 25.65 75.49
N GLU U 65 -6.11 24.96 76.58
CA GLU U 65 -6.71 25.57 77.75
C GLU U 65 -5.69 25.94 78.81
N ASN U 66 -4.42 25.61 78.59
CA ASN U 66 -3.35 25.89 79.55
C ASN U 66 -2.48 27.00 78.98
N PHE U 67 -2.72 28.22 79.43
CA PHE U 67 -1.95 29.35 78.94
C PHE U 67 -0.67 29.46 79.77
N ALA U 68 0.48 29.27 79.12
CA ALA U 68 1.77 29.27 79.82
C ALA U 68 2.09 30.61 80.45
N ILE U 69 1.53 31.70 79.92
CA ILE U 69 1.65 33.02 80.54
C ILE U 69 0.95 33.06 81.89
N ASP U 70 -0.11 32.26 82.06
CA ASP U 70 -0.78 32.14 83.34
C ASP U 70 -0.15 31.08 84.24
N LEU U 71 0.66 30.20 83.67
CA LEU U 71 1.23 29.09 84.42
C LEU U 71 2.60 29.41 84.99
N ILE U 72 3.40 30.24 84.31
CA ILE U 72 4.68 30.64 84.89
C ILE U 72 4.48 31.68 85.99
N ALA U 73 3.35 32.39 85.98
CA ALA U 73 3.05 33.33 87.05
C ALA U 73 2.63 32.61 88.32
N GLU U 74 2.20 31.35 88.22
CA GLU U 74 1.88 30.55 89.40
C GLU U 74 3.12 30.10 90.16
N GLN U 75 4.29 30.18 89.56
CA GLN U 75 5.50 29.69 90.20
C GLN U 75 5.99 30.70 91.23
N PRO U 76 6.37 30.26 92.42
CA PRO U 76 6.95 31.19 93.40
C PRO U 76 8.38 31.57 93.00
N VAL U 77 8.92 32.54 93.71
CA VAL U 77 10.21 33.13 93.40
C VAL U 77 11.27 32.46 94.27
N SER U 78 12.25 31.83 93.64
CA SER U 78 13.29 31.10 94.35
C SER U 78 14.26 32.08 95.00
N GLN U 79 14.17 32.20 96.33
CA GLN U 79 15.04 33.09 97.09
C GLN U 79 16.41 32.43 97.23
N VAL U 80 17.39 32.97 96.51
CA VAL U 80 18.74 32.42 96.52
C VAL U 80 19.70 33.44 97.12
N GLY U 81 20.74 32.94 97.77
CA GLY U 81 21.69 33.80 98.46
C GLY U 81 22.92 34.09 97.64
N SER U 82 22.75 34.32 96.34
CA SER U 82 23.87 34.56 95.45
C SER U 82 23.60 35.80 94.60
N ARG U 83 24.69 36.50 94.29
CA ARG U 83 24.59 37.65 93.39
C ARG U 83 24.33 37.20 91.95
N VAL U 84 24.95 36.10 91.55
CA VAL U 84 24.76 35.50 90.23
C VAL U 84 24.30 34.06 90.45
N ILE U 85 23.23 33.67 89.77
CA ILE U 85 22.70 32.32 89.90
C ILE U 85 22.50 31.75 88.51
N SER U 86 22.61 30.42 88.40
CA SER U 86 22.42 29.74 87.14
C SER U 86 21.02 29.16 87.05
N CYS U 87 20.62 28.82 85.83
CA CYS U 87 19.39 28.08 85.61
C CYS U 87 19.57 27.18 84.40
N ASP U 88 19.15 25.92 84.53
CA ASP U 88 19.11 25.00 83.42
C ASP U 88 17.70 24.54 83.07
N GLY U 89 16.70 24.96 83.84
CA GLY U 89 15.34 24.50 83.68
C GLY U 89 15.00 23.27 84.50
N GLY U 90 15.99 22.61 85.07
CA GLY U 90 15.77 21.34 85.73
C GLY U 90 15.94 20.18 84.78
N GLY U 91 16.51 19.10 85.31
CA GLY U 91 16.76 17.91 84.52
C GLY U 91 18.14 17.79 83.94
N GLY U 92 19.01 18.77 84.17
CA GLY U 92 20.36 18.71 83.66
C GLY U 92 20.46 18.96 82.17
N ALA U 93 20.71 17.90 81.42
CA ALA U 93 20.75 17.98 79.96
C ALA U 93 19.39 17.76 79.32
N LEU U 94 18.31 17.89 80.09
CA LEU U 94 16.96 17.78 79.59
C LEU U 94 16.24 19.12 79.49
N GLY U 95 16.83 20.18 80.01
CA GLY U 95 16.20 21.48 80.01
C GLY U 95 16.63 22.36 78.87
N HIS U 96 17.14 23.54 79.21
CA HIS U 96 17.58 24.53 78.23
C HIS U 96 19.08 24.74 78.42
N PRO U 97 19.79 25.46 77.55
CA PRO U 97 21.19 25.78 77.83
C PRO U 97 21.34 26.64 79.07
N ARG U 98 22.33 26.28 79.90
CA ARG U 98 22.48 26.89 81.21
C ARG U 98 22.97 28.33 81.08
N VAL U 99 22.17 29.25 81.59
CA VAL U 99 22.49 30.67 81.56
C VAL U 99 22.66 31.16 82.98
N TYR U 100 23.37 32.28 83.10
CA TYR U 100 23.66 32.89 84.39
C TYR U 100 22.90 34.20 84.51
N ILE U 101 22.40 34.48 85.70
CA ILE U 101 21.39 35.52 85.92
C ILE U 101 21.89 36.44 87.03
N ASN U 102 21.89 37.75 86.77
CA ASN U 102 22.32 38.72 87.77
C ASN U 102 21.14 39.17 88.62
N LEU U 103 21.40 39.42 89.90
CA LEU U 103 20.37 39.79 90.86
C LEU U 103 20.78 41.04 91.63
N ASP U 104 21.40 42.00 90.95
CA ASP U 104 21.81 43.23 91.61
C ASP U 104 20.65 44.15 91.94
N LYS U 105 19.53 44.04 91.22
CA LYS U 105 18.39 44.90 91.47
C LYS U 105 17.58 44.40 92.66
N GLU U 106 16.98 45.33 93.38
CA GLU U 106 16.02 45.01 94.42
C GLU U 106 14.60 45.39 94.03
N THR U 107 14.44 46.03 92.87
CA THR U 107 13.13 46.42 92.37
C THR U 107 12.46 45.28 91.63
N LYS U 108 13.24 44.33 91.10
CA LYS U 108 12.75 43.42 90.09
C LYS U 108 13.53 42.12 90.15
N THR U 109 12.81 41.00 89.98
CA THR U 109 13.42 39.68 89.93
C THR U 109 14.28 39.53 88.67
N GLY U 110 15.22 38.59 88.74
CA GLY U 110 15.93 38.17 87.55
C GLY U 110 15.23 36.98 86.94
N THR U 111 14.85 37.10 85.67
CA THR U 111 14.06 36.08 85.00
C THR U 111 14.94 35.30 84.03
N CYS U 112 14.84 33.97 84.08
CA CYS U 112 15.48 33.13 83.08
C CYS U 112 14.88 33.40 81.70
N GLY U 113 15.74 33.61 80.72
CA GLY U 113 15.28 33.93 79.38
C GLY U 113 14.59 32.79 78.67
N TYR U 114 14.84 31.55 79.09
CA TYR U 114 14.23 30.38 78.46
C TYR U 114 12.96 29.93 79.18
N CYS U 115 13.08 29.59 80.46
CA CYS U 115 11.99 28.95 81.20
C CYS U 115 11.17 29.93 82.01
N GLY U 116 11.61 31.18 82.13
CA GLY U 116 10.85 32.19 82.82
C GLY U 116 10.78 32.07 84.33
N LEU U 117 11.47 31.11 84.93
CA LEU U 117 11.51 31.01 86.39
C LEU U 117 12.33 32.16 86.95
N GLN U 118 11.71 32.95 87.82
CA GLN U 118 12.32 34.17 88.32
C GLN U 118 12.94 33.99 89.70
N PHE U 119 14.10 34.60 89.88
CA PHE U 119 14.93 34.46 91.07
C PHE U 119 15.08 35.81 91.74
N ARG U 120 15.39 35.80 93.04
CA ARG U 120 15.62 37.05 93.76
C ARG U 120 16.67 36.83 94.84
N GLN U 121 17.58 37.79 94.96
CA GLN U 121 18.55 37.79 96.05
C GLN U 121 17.84 38.18 97.33
N GLN U 122 18.03 37.37 98.38
CA GLN U 122 17.31 37.53 99.64
C GLN U 122 17.92 38.58 100.58
N HIS U 123 18.83 39.42 100.08
CA HIS U 123 19.42 40.47 100.89
C HIS U 123 19.25 41.84 100.23
N THR V 45 34.27 24.37 5.61
CA THR V 45 34.13 25.59 6.40
C THR V 45 33.78 25.27 7.86
N GLN V 46 32.67 24.54 8.02
CA GLN V 46 32.05 24.11 9.30
C GLN V 46 31.88 25.25 10.33
N LEU V 47 31.81 26.50 9.86
CA LEU V 47 31.50 27.65 10.69
C LEU V 47 30.68 28.63 9.87
N ILE V 48 29.77 29.33 10.53
CA ILE V 48 28.96 30.37 9.91
C ILE V 48 29.20 31.67 10.66
N THR V 49 28.76 32.77 10.05
CA THR V 49 28.91 34.09 10.63
C THR V 49 27.53 34.68 10.88
N VAL V 50 27.26 35.03 12.13
CA VAL V 50 25.99 35.60 12.54
C VAL V 50 26.29 36.94 13.20
N ASP V 51 25.98 38.03 12.50
CA ASP V 51 26.08 39.36 13.06
C ASP V 51 24.84 39.79 13.83
N GLU V 52 23.83 38.91 13.92
CA GLU V 52 22.62 39.22 14.65
C GLU V 52 22.89 39.24 16.15
N LYS V 53 22.02 39.95 16.87
CA LYS V 53 22.15 40.05 18.32
C LYS V 53 21.60 38.78 18.95
N LEU V 54 22.29 38.30 19.97
CA LEU V 54 21.94 37.04 20.62
C LEU V 54 20.65 37.18 21.41
N ASP V 55 19.72 36.24 21.21
CA ASP V 55 18.42 36.31 21.87
C ASP V 55 17.86 34.88 21.93
N ILE V 56 17.93 34.27 23.10
CA ILE V 56 17.51 32.88 23.27
C ILE V 56 16.10 32.79 23.87
N THR V 57 15.31 33.87 23.80
CA THR V 57 14.07 33.99 24.56
C THR V 57 13.04 32.96 24.12
N THR V 58 13.03 32.62 22.84
CA THR V 58 12.09 31.64 22.32
C THR V 58 12.39 30.22 22.82
N LEU V 59 13.64 29.97 23.21
CA LEU V 59 14.06 28.62 23.62
C LEU V 59 14.07 28.41 25.13
N THR V 60 13.96 29.49 25.92
CA THR V 60 14.02 29.34 27.38
C THR V 60 12.75 28.74 27.96
N GLY V 61 11.64 28.75 27.22
CA GLY V 61 10.40 28.22 27.74
C GLY V 61 9.70 29.09 28.74
N VAL V 62 10.13 30.34 28.88
CA VAL V 62 9.52 31.27 29.84
C VAL V 62 8.35 31.95 29.12
N PRO V 63 7.19 32.10 29.74
CA PRO V 63 6.11 32.86 29.11
C PRO V 63 6.44 34.34 29.03
N GLU V 64 5.64 35.04 28.21
CA GLU V 64 5.92 36.42 27.87
C GLU V 64 5.67 37.36 29.05
N GLU V 65 4.76 36.97 29.94
CA GLU V 65 4.48 37.72 31.17
C GLU V 65 5.70 37.83 32.06
N HIS V 66 6.56 36.80 32.07
CA HIS V 66 7.73 36.80 32.93
C HIS V 66 9.02 36.99 32.14
N ILE V 67 8.91 37.46 30.90
CA ILE V 67 10.04 37.97 30.14
C ILE V 67 9.96 39.48 29.98
N LYS V 68 8.83 39.98 29.47
CA LYS V 68 8.79 41.38 29.07
C LYS V 68 8.12 42.31 30.09
N THR V 69 7.56 41.79 31.18
CA THR V 69 7.01 42.67 32.21
C THR V 69 7.77 42.56 33.52
N ARG V 70 9.00 42.05 33.50
CA ARG V 70 9.84 41.99 34.68
C ARG V 70 11.01 42.95 34.52
N LYS V 71 11.56 43.36 35.66
CA LYS V 71 12.70 44.27 35.69
C LYS V 71 13.77 43.62 36.56
N ALA V 72 14.73 42.98 35.94
CA ALA V 72 15.84 42.39 36.68
C ALA V 72 16.75 43.48 37.22
N ARG V 73 17.24 43.30 38.43
CA ARG V 73 18.14 44.26 39.05
C ARG V 73 19.51 43.62 39.19
N ILE V 74 20.51 44.24 38.55
CA ILE V 74 21.88 43.76 38.57
C ILE V 74 22.67 44.64 39.52
N PHE V 75 23.25 44.02 40.55
CA PHE V 75 23.75 44.78 41.68
C PHE V 75 24.72 43.91 42.47
N VAL V 76 25.66 44.57 43.13
CA VAL V 76 26.38 43.94 44.23
C VAL V 76 25.57 44.17 45.52
N PRO V 77 25.26 43.11 46.27
CA PRO V 77 24.38 43.29 47.43
C PRO V 77 25.09 44.01 48.56
N ALA V 78 24.38 44.96 49.16
CA ALA V 78 24.93 45.78 50.22
C ALA V 78 25.21 44.95 51.47
N ARG V 79 26.18 45.40 52.24
CA ARG V 79 26.61 44.65 53.41
C ARG V 79 25.58 44.75 54.53
N ASN V 80 25.28 43.61 55.15
CA ASN V 80 24.45 43.56 56.33
C ASN V 80 25.16 44.30 57.46
N ASN V 81 24.63 45.44 57.89
CA ASN V 81 25.32 46.30 58.85
C ASN V 81 25.29 45.77 60.28
N MET V 82 24.66 44.62 60.53
CA MET V 82 24.85 43.91 61.78
C MET V 82 26.28 43.39 61.90
N GLN V 83 26.92 43.13 60.78
CA GLN V 83 28.20 42.45 60.70
C GLN V 83 29.20 43.26 59.90
N SER V 84 30.48 43.01 60.15
CA SER V 84 31.54 43.66 59.42
C SER V 84 32.17 42.77 58.37
N GLY V 85 31.64 41.55 58.18
CA GLY V 85 32.16 40.69 57.13
C GLY V 85 31.73 41.17 55.76
N VAL V 86 32.64 41.05 54.79
CA VAL V 86 32.43 41.60 53.45
C VAL V 86 32.52 40.53 52.37
N ASN V 87 32.38 39.25 52.74
CA ASN V 87 32.47 38.20 51.72
C ASN V 87 31.21 38.11 50.89
N ASN V 88 30.09 38.63 51.37
CA ASN V 88 28.86 38.64 50.59
C ASN V 88 28.74 39.85 49.67
N THR V 89 29.80 40.66 49.56
CA THR V 89 29.83 41.79 48.65
C THR V 89 30.82 41.57 47.52
N LYS V 90 31.01 40.32 47.11
CA LYS V 90 31.99 39.99 46.08
C LYS V 90 31.37 39.75 44.71
N LYS V 91 30.13 39.30 44.66
CA LYS V 91 29.54 38.81 43.43
C LYS V 91 28.35 39.67 43.03
N TRP V 92 28.14 39.79 41.73
CA TRP V 92 26.97 40.48 41.20
C TRP V 92 25.75 39.57 41.29
N LYS V 93 24.63 40.15 41.69
CA LYS V 93 23.40 39.40 41.88
C LYS V 93 22.35 39.92 40.91
N MET V 94 21.42 39.02 40.54
CA MET V 94 20.33 39.35 39.63
C MET V 94 19.03 38.86 40.25
N GLU V 95 18.31 39.75 40.93
CA GLU V 95 16.98 39.46 41.41
C GLU V 95 15.97 40.19 40.53
N PHE V 96 14.69 40.06 40.88
CA PHE V 96 13.63 40.64 40.07
C PHE V 96 12.74 41.50 40.95
N ASP V 97 11.83 42.22 40.29
CA ASP V 97 10.85 43.03 40.99
C ASP V 97 9.90 42.14 41.79
N THR V 98 9.63 42.54 43.02
CA THR V 98 8.82 41.71 43.92
C THR V 98 7.35 41.88 43.56
N ARG V 99 6.64 40.78 43.49
CA ARG V 99 5.22 40.78 43.18
C ARG V 99 4.42 40.58 44.45
N GLU V 100 3.12 40.37 44.29
CA GLU V 100 2.22 40.34 45.44
C GLU V 100 2.40 39.07 46.26
N ARG V 101 2.50 39.24 47.57
CA ARG V 101 2.49 38.16 48.54
C ARG V 101 1.27 38.34 49.42
N TRP V 102 0.28 37.48 49.27
CA TRP V 102 -0.98 37.65 49.98
C TRP V 102 -1.17 36.54 50.99
N GLU V 103 -2.19 36.72 51.82
CA GLU V 103 -2.46 35.84 52.94
C GLU V 103 -3.32 34.67 52.48
N ASN V 104 -2.78 33.46 52.64
CA ASN V 104 -3.52 32.22 52.45
C ASN V 104 -4.74 32.20 53.38
N PRO V 105 -5.96 32.02 52.86
CA PRO V 105 -7.14 32.08 53.74
C PRO V 105 -7.21 30.97 54.77
N LEU V 106 -6.65 29.80 54.47
CA LEU V 106 -6.66 28.71 55.43
C LEU V 106 -5.69 28.95 56.58
N MET V 107 -4.41 29.16 56.26
CA MET V 107 -3.37 29.15 57.27
C MET V 107 -2.67 30.48 57.50
N GLY V 108 -2.95 31.51 56.71
CA GLY V 108 -2.25 32.76 56.89
C GLY V 108 -0.85 32.78 56.33
N TRP V 109 -0.53 31.87 55.43
CA TRP V 109 0.79 31.81 54.82
C TRP V 109 0.93 32.91 53.77
N ALA V 110 2.15 33.05 53.25
CA ALA V 110 2.43 34.00 52.19
C ALA V 110 2.30 33.27 50.87
N SER V 111 1.16 33.44 50.21
CA SER V 111 0.94 32.89 48.89
C SER V 111 1.47 33.86 47.84
N THR V 112 2.00 33.31 46.75
CA THR V 112 2.44 34.14 45.65
C THR V 112 2.02 33.52 44.32
N ALA V 113 2.04 34.36 43.28
CA ALA V 113 1.83 33.91 41.92
C ALA V 113 3.01 34.23 41.04
N ASP V 114 4.11 34.69 41.62
CA ASP V 114 5.33 35.00 40.89
C ASP V 114 6.25 33.79 40.92
N PRO V 115 6.53 33.15 39.78
CA PRO V 115 7.52 32.07 39.78
C PRO V 115 8.95 32.55 39.91
N LEU V 116 9.25 33.78 39.48
CA LEU V 116 10.60 34.34 39.56
C LEU V 116 10.86 35.03 40.88
N SER V 117 10.08 34.72 41.93
CA SER V 117 10.19 35.43 43.19
C SER V 117 11.43 35.02 43.98
N ASN V 118 11.83 33.76 43.90
CA ASN V 118 12.96 33.25 44.67
C ASN V 118 14.22 33.10 43.81
N LEU V 119 14.29 33.78 42.68
CA LEU V 119 15.35 33.56 41.70
C LEU V 119 16.41 34.64 41.86
N VAL V 120 17.57 34.28 42.40
CA VAL V 120 18.72 35.16 42.53
C VAL V 120 19.88 34.51 41.81
N LEU V 121 20.42 35.19 40.81
CA LEU V 121 21.49 34.66 39.97
C LEU V 121 22.81 35.30 40.34
N THR V 122 23.87 34.50 40.42
CA THR V 122 25.19 34.93 40.87
C THR V 122 26.11 35.11 39.67
N PHE V 123 26.78 36.25 39.60
CA PHE V 123 27.67 36.58 38.50
C PHE V 123 28.99 37.13 39.02
N SER V 124 30.08 36.78 38.33
CA SER V 124 31.40 37.23 38.74
C SER V 124 31.62 38.70 38.43
N THR V 125 31.57 39.07 37.16
CA THR V 125 31.72 40.46 36.74
C THR V 125 30.36 41.04 36.40
N LYS V 126 30.39 42.29 35.94
CA LYS V 126 29.17 43.03 35.67
C LYS V 126 28.65 42.77 34.26
N GLU V 127 29.55 42.75 33.28
CA GLU V 127 29.16 42.53 31.89
C GLU V 127 28.67 41.11 31.65
N ASP V 128 29.08 40.15 32.50
CA ASP V 128 28.48 38.82 32.46
C ASP V 128 27.00 38.87 32.78
N ALA V 129 26.64 39.58 33.85
CA ALA V 129 25.24 39.72 34.22
C ALA V 129 24.45 40.54 33.20
N ILE V 130 25.09 41.56 32.62
CA ILE V 130 24.43 42.37 31.59
C ILE V 130 24.16 41.54 30.34
N ALA V 131 25.15 40.75 29.91
CA ALA V 131 24.98 39.90 28.73
C ALA V 131 23.98 38.79 28.99
N PHE V 132 23.91 38.28 30.22
CA PHE V 132 22.93 37.24 30.52
C PHE V 132 21.52 37.80 30.62
N ALA V 133 21.39 39.06 31.06
CA ALA V 133 20.08 39.69 31.09
C ALA V 133 19.59 40.03 29.68
N GLU V 134 20.49 40.52 28.83
CA GLU V 134 20.11 40.83 27.45
C GLU V 134 19.83 39.58 26.64
N LYS V 135 20.54 38.50 26.94
CA LYS V 135 20.35 37.24 26.22
C LYS V 135 18.98 36.63 26.48
N ASN V 136 18.43 36.83 27.67
CA ASN V 136 17.11 36.30 28.02
C ASN V 136 16.01 37.32 27.83
N GLY V 137 16.30 38.48 27.26
CA GLY V 137 15.26 39.46 27.00
C GLY V 137 14.73 40.17 28.22
N TRP V 138 15.44 40.12 29.34
CA TRP V 138 15.02 40.78 30.57
C TRP V 138 15.46 42.24 30.56
N SER V 139 14.50 43.14 30.76
CA SER V 139 14.85 44.54 30.97
C SER V 139 15.55 44.69 32.31
N TYR V 140 16.59 45.51 32.34
CA TYR V 140 17.49 45.53 33.49
C TYR V 140 17.94 46.95 33.80
N ASP V 141 18.29 47.16 35.07
CA ASP V 141 19.01 48.34 35.51
C ASP V 141 20.27 47.88 36.23
N VAL V 142 21.30 48.73 36.20
CA VAL V 142 22.62 48.39 36.72
C VAL V 142 22.97 49.38 37.82
N GLU V 143 23.23 48.86 39.02
CA GLU V 143 23.71 49.65 40.14
C GLU V 143 25.16 49.26 40.42
N GLU V 144 26.05 50.25 40.40
CA GLU V 144 27.48 50.02 40.41
C GLU V 144 27.96 49.47 41.75
N ARG V 145 29.07 48.71 41.70
CA ARG V 145 29.72 48.23 42.91
C ARG V 145 30.29 49.39 43.70
N LYS V 146 29.87 49.52 44.96
CA LYS V 146 30.30 50.60 45.83
C LYS V 146 31.36 50.07 46.79
N VAL V 147 32.62 50.42 46.55
CA VAL V 147 33.70 50.04 47.45
C VAL V 147 33.75 51.02 48.60
N PRO V 148 34.04 50.58 49.82
CA PRO V 148 34.30 51.53 50.92
C PRO V 148 35.62 52.24 50.69
N LYS V 149 35.56 53.58 50.66
CA LYS V 149 36.72 54.38 50.28
C LYS V 149 37.80 54.31 51.36
N PRO V 150 39.08 54.39 50.98
CA PRO V 150 40.16 54.18 51.95
C PRO V 150 40.27 55.31 52.97
N LYS V 151 40.30 54.93 54.24
CA LYS V 151 40.39 55.87 55.35
C LYS V 151 41.85 56.11 55.70
N SER V 152 42.08 57.22 56.41
CA SER V 152 43.33 57.45 57.11
C SER V 152 43.09 57.14 58.58
N LYS V 153 43.80 56.13 59.10
CA LYS V 153 43.67 55.73 60.49
C LYS V 153 44.97 55.99 61.23
N SER V 154 44.85 56.66 62.36
CA SER V 154 46.00 57.00 63.19
C SER V 154 45.60 56.81 64.64
N TYR V 155 46.19 55.81 65.30
CA TYR V 155 45.95 55.64 66.73
C TYR V 155 46.54 56.78 67.53
N GLY V 156 47.63 57.37 67.05
CA GLY V 156 48.20 58.55 67.69
C GLY V 156 47.35 59.79 67.61
N ALA V 157 46.40 59.83 66.66
CA ALA V 157 45.48 60.95 66.56
C ALA V 157 44.48 60.99 67.72
N ASN V 158 44.25 59.85 68.37
CA ASN V 158 43.36 59.80 69.53
C ASN V 158 43.90 60.57 70.72
N PHE V 159 45.18 60.88 70.73
CA PHE V 159 45.85 61.53 71.84
C PHE V 159 46.61 62.75 71.35
N SER V 160 45.95 63.62 70.59
CA SER V 160 46.65 64.74 70.00
C SER V 160 46.92 65.83 71.04
N TRP V 161 47.73 66.81 70.66
CA TRP V 161 48.02 67.95 71.54
C TRP V 161 47.00 69.07 71.37
N ASN V 162 46.60 69.35 70.14
CA ASN V 162 45.78 70.53 69.88
C ASN V 162 44.59 70.31 68.95
N LYS V 163 44.41 69.11 68.42
CA LYS V 163 43.27 68.86 67.54
C LYS V 163 42.06 68.39 68.32
N ARG V 164 40.91 68.44 67.66
CA ARG V 164 39.64 67.99 68.24
C ARG V 164 39.52 66.48 68.28
N THR V 165 40.42 65.76 67.61
CA THR V 165 40.34 64.31 67.53
C THR V 165 40.92 63.60 68.75
N ARG V 166 41.13 64.30 69.85
CA ARG V 166 41.33 63.62 71.12
C ARG V 166 40.04 62.92 71.53
N VAL V 167 40.17 61.81 72.23
CA VAL V 167 39.04 61.10 72.80
C VAL V 167 38.98 61.40 74.29
N SER V 168 37.76 61.57 74.81
CA SER V 168 37.58 61.87 76.21
C SER V 168 37.72 60.65 77.10
N THR V 169 37.74 59.46 76.51
CA THR V 169 37.93 58.21 77.24
C THR V 169 38.46 57.17 76.28
N LYS V 170 38.69 55.98 76.79
CA LYS V 170 39.24 54.90 75.99
C LYS V 170 38.79 53.53 76.49
N LEU W 36 -16.09 47.05 53.76
CA LEU W 36 -15.62 45.77 53.26
C LEU W 36 -14.52 45.24 54.20
N HIS W 37 -14.71 44.03 54.70
CA HIS W 37 -13.76 43.46 55.64
C HIS W 37 -12.46 43.07 54.94
N HIS W 38 -11.34 43.14 55.68
CA HIS W 38 -10.03 43.03 55.07
C HIS W 38 -9.71 41.62 54.57
N ALA W 39 -10.36 40.60 55.10
CA ALA W 39 -10.06 39.24 54.68
C ALA W 39 -10.80 38.85 53.41
N VAL W 40 -11.79 39.64 52.98
CA VAL W 40 -12.53 39.37 51.77
C VAL W 40 -12.14 40.36 50.66
N ILE W 41 -11.11 41.17 50.89
CA ILE W 41 -10.49 41.94 49.80
C ILE W 41 -9.82 40.97 48.84
N PRO W 42 -10.06 41.06 47.54
CA PRO W 42 -9.50 40.07 46.62
C PRO W 42 -8.01 40.26 46.41
N HIS W 43 -7.34 39.14 46.13
CA HIS W 43 -5.90 39.12 45.86
C HIS W 43 -5.62 38.09 44.78
N GLY W 44 -4.35 37.94 44.44
CA GLY W 44 -3.94 36.92 43.51
C GLY W 44 -4.09 37.33 42.06
N LYS W 45 -4.09 36.31 41.21
CA LYS W 45 -4.27 36.49 39.76
C LYS W 45 -5.46 35.71 39.24
N GLY W 46 -6.44 35.42 40.07
CA GLY W 46 -7.57 34.61 39.65
C GLY W 46 -7.21 33.16 39.44
N GLY W 47 -6.41 32.59 40.34
CA GLY W 47 -6.00 31.22 40.24
C GLY W 47 -6.55 30.36 41.36
N ARG W 48 -5.93 29.19 41.54
CA ARG W 48 -6.41 28.25 42.53
C ARG W 48 -6.09 28.71 43.94
N SER W 49 -4.89 29.25 44.15
CA SER W 49 -4.46 29.73 45.45
C SER W 49 -4.83 31.19 45.71
N SER W 50 -5.51 31.83 44.76
CA SER W 50 -5.84 33.24 44.89
C SER W 50 -7.02 33.43 45.84
N VAL W 51 -7.40 34.68 46.05
CA VAL W 51 -8.58 35.04 46.83
C VAL W 51 -9.46 35.88 45.92
N SER W 52 -10.60 35.33 45.54
CA SER W 52 -11.50 36.04 44.62
C SER W 52 -12.45 36.98 45.34
N GLY W 53 -12.36 37.08 46.66
CA GLY W 53 -13.23 37.96 47.41
C GLY W 53 -14.69 37.56 47.44
N ILE W 54 -15.01 36.31 47.10
CA ILE W 54 -16.37 35.85 46.95
C ILE W 54 -16.59 34.70 47.92
N VAL W 55 -17.57 34.87 48.81
CA VAL W 55 -17.92 33.85 49.80
C VAL W 55 -19.32 33.37 49.45
N ALA W 56 -19.41 32.26 48.73
CA ALA W 56 -20.66 31.81 48.15
C ALA W 56 -21.20 30.59 48.88
N THR W 57 -22.51 30.58 49.11
CA THR W 57 -23.23 29.39 49.52
C THR W 57 -24.06 28.90 48.36
N VAL W 58 -23.76 27.72 47.86
CA VAL W 58 -24.38 27.18 46.66
C VAL W 58 -25.29 26.05 47.10
N PHE W 59 -26.59 26.34 47.18
CA PHE W 59 -27.58 25.32 47.53
C PHE W 59 -27.82 24.40 46.35
N GLY W 60 -27.76 23.10 46.59
CA GLY W 60 -27.94 22.16 45.51
C GLY W 60 -26.76 22.08 44.57
N ALA W 61 -25.55 22.14 45.11
CA ALA W 61 -24.34 22.03 44.31
C ALA W 61 -24.07 20.61 43.83
N THR W 62 -24.75 19.61 44.40
CA THR W 62 -24.55 18.22 44.05
C THR W 62 -25.24 17.80 42.76
N GLY W 63 -25.78 18.75 41.99
CA GLY W 63 -26.47 18.46 40.77
C GLY W 63 -25.65 18.80 39.54
N PHE W 64 -26.35 19.06 38.45
CA PHE W 64 -25.70 19.29 37.16
C PHE W 64 -25.15 20.70 37.05
N LEU W 65 -25.88 21.70 37.53
CA LEU W 65 -25.40 23.07 37.44
C LEU W 65 -24.40 23.39 38.54
N GLY W 66 -24.60 22.83 39.73
CA GLY W 66 -23.71 23.13 40.84
C GLY W 66 -22.34 22.53 40.69
N ARG W 67 -22.23 21.43 39.95
CA ARG W 67 -20.94 20.86 39.57
C ARG W 67 -20.06 21.89 38.88
N TYR W 68 -20.55 22.47 37.79
CA TYR W 68 -19.73 23.41 37.05
C TYR W 68 -19.69 24.77 37.72
N LEU W 69 -20.70 25.10 38.54
CA LEU W 69 -20.67 26.35 39.28
C LEU W 69 -19.60 26.33 40.37
N VAL W 70 -19.53 25.25 41.16
CA VAL W 70 -18.48 25.11 42.16
C VAL W 70 -17.12 24.90 41.49
N ASN W 71 -17.09 24.34 40.27
CA ASN W 71 -15.85 24.28 39.52
C ASN W 71 -15.33 25.67 39.18
N HIS W 72 -16.18 26.51 38.58
CA HIS W 72 -15.74 27.84 38.17
C HIS W 72 -15.54 28.78 39.37
N LEU W 73 -16.24 28.55 40.48
CA LEU W 73 -15.93 29.31 41.70
C LEU W 73 -14.64 28.81 42.36
N GLY W 74 -14.30 27.55 42.16
CA GLY W 74 -13.11 27.01 42.79
C GLY W 74 -11.83 27.52 42.15
N ARG W 75 -11.80 27.58 40.82
CA ARG W 75 -10.61 28.02 40.10
C ARG W 75 -10.35 29.52 40.23
N MET W 76 -11.30 30.29 40.74
CA MET W 76 -11.05 31.69 41.03
C MET W 76 -10.49 31.92 42.42
N GLY W 77 -10.62 30.93 43.30
CA GLY W 77 -10.18 31.08 44.68
C GLY W 77 -11.27 31.65 45.56
N SER W 78 -12.48 31.10 45.46
CA SER W 78 -13.61 31.55 46.26
C SER W 78 -13.81 30.62 47.45
N GLN W 79 -14.30 31.19 48.54
CA GLN W 79 -14.77 30.40 49.67
C GLN W 79 -16.17 29.91 49.33
N VAL W 80 -16.31 28.61 49.07
CA VAL W 80 -17.55 28.04 48.60
C VAL W 80 -18.14 27.21 49.73
N ILE W 81 -19.38 27.51 50.10
CA ILE W 81 -20.11 26.72 51.08
C ILE W 81 -21.05 25.82 50.30
N VAL W 82 -20.91 24.52 50.47
CA VAL W 82 -21.76 23.55 49.79
C VAL W 82 -22.63 22.89 50.85
N PRO W 83 -23.88 23.32 51.01
CA PRO W 83 -24.81 22.55 51.85
C PRO W 83 -25.37 21.38 51.06
N TYR W 84 -25.17 20.18 51.58
CA TYR W 84 -25.55 18.98 50.87
C TYR W 84 -26.62 18.23 51.65
N ARG W 85 -27.50 17.56 50.90
CA ARG W 85 -28.59 16.78 51.45
C ARG W 85 -28.33 15.28 51.34
N CYS W 86 -27.51 14.87 50.37
CA CYS W 86 -27.36 13.48 50.00
C CYS W 86 -26.31 12.81 50.88
N GLU W 87 -25.90 11.62 50.46
CA GLU W 87 -24.77 10.93 51.07
C GLU W 87 -23.51 11.74 50.84
N PRO W 88 -22.65 11.90 51.85
CA PRO W 88 -21.38 12.63 51.65
C PRO W 88 -20.47 12.02 50.61
N TYR W 89 -20.61 10.72 50.31
CA TYR W 89 -19.85 10.10 49.23
C TYR W 89 -20.18 10.72 47.88
N ASP W 90 -21.42 11.15 47.68
CA ASP W 90 -21.81 11.74 46.42
C ASP W 90 -21.37 13.19 46.27
N THR W 91 -20.74 13.76 47.29
CA THR W 91 -20.17 15.10 47.25
C THR W 91 -18.65 15.07 47.14
N MET W 92 -18.07 13.88 46.92
CA MET W 92 -16.61 13.78 46.83
C MET W 92 -16.07 14.45 45.58
N HIS W 93 -16.86 14.52 44.51
CA HIS W 93 -16.38 15.12 43.26
C HIS W 93 -16.18 16.62 43.39
N LEU W 94 -16.84 17.26 44.35
CA LEU W 94 -16.68 18.69 44.58
C LEU W 94 -15.38 19.02 45.31
N ARG W 95 -14.76 18.05 45.98
CA ARG W 95 -13.56 18.33 46.76
C ARG W 95 -12.31 18.77 45.98
N PRO W 96 -11.95 18.22 44.82
CA PRO W 96 -10.74 18.73 44.16
C PRO W 96 -10.91 20.07 43.46
N MET W 97 -12.10 20.66 43.48
CA MET W 97 -12.39 21.81 42.64
C MET W 97 -11.79 23.12 43.16
N GLY W 98 -11.37 23.17 44.42
CA GLY W 98 -10.79 24.38 44.96
C GLY W 98 -9.59 24.09 45.82
N ASP W 99 -9.04 25.15 46.41
CA ASP W 99 -7.88 25.05 47.28
C ASP W 99 -8.34 24.54 48.66
N LEU W 100 -7.39 24.35 49.56
CA LEU W 100 -7.65 23.70 50.84
C LEU W 100 -8.49 24.59 51.76
N GLY W 101 -9.63 24.06 52.20
CA GLY W 101 -10.53 24.84 53.01
C GLY W 101 -11.38 25.83 52.25
N GLN W 102 -11.41 25.74 50.93
CA GLN W 102 -12.21 26.63 50.10
C GLN W 102 -13.58 26.06 49.77
N ILE W 103 -13.75 24.75 49.84
CA ILE W 103 -15.08 24.13 49.84
C ILE W 103 -15.33 23.61 51.26
N ILE W 104 -16.37 24.15 51.89
CA ILE W 104 -16.76 23.76 53.24
C ILE W 104 -18.13 23.11 53.13
N PHE W 105 -18.18 21.80 53.35
CA PHE W 105 -19.44 21.08 53.33
C PHE W 105 -20.14 21.18 54.68
N MET W 106 -21.47 21.15 54.64
CA MET W 106 -22.26 21.06 55.86
C MET W 106 -23.63 20.48 55.54
N ASP W 107 -24.26 19.92 56.57
CA ASP W 107 -25.56 19.27 56.42
C ASP W 107 -26.68 20.30 56.45
N TRP W 108 -27.66 20.14 55.56
CA TRP W 108 -28.83 21.00 55.61
C TRP W 108 -30.05 20.17 55.27
N ASN W 109 -31.19 20.57 55.82
CA ASN W 109 -32.49 19.98 55.53
C ASN W 109 -33.29 20.98 54.73
N GLY W 110 -34.14 20.49 53.84
CA GLY W 110 -34.90 21.38 52.98
C GLY W 110 -35.98 22.18 53.69
N ARG W 111 -36.41 21.73 54.87
CA ARG W 111 -37.45 22.42 55.61
C ARG W 111 -36.97 22.99 56.94
N ASP W 112 -35.66 22.96 57.20
CA ASP W 112 -35.09 23.47 58.43
C ASP W 112 -34.55 24.87 58.17
N LYS W 113 -35.12 25.86 58.86
CA LYS W 113 -34.60 27.22 58.77
C LYS W 113 -33.30 27.38 59.54
N ASP W 114 -33.06 26.54 60.55
CA ASP W 114 -31.83 26.62 61.33
C ASP W 114 -30.63 26.19 60.50
N SER W 115 -30.80 25.15 59.67
CA SER W 115 -29.70 24.70 58.82
C SER W 115 -29.35 25.72 57.74
N ILE W 116 -30.37 26.37 57.17
CA ILE W 116 -30.14 27.38 56.15
C ILE W 116 -29.52 28.63 56.78
N ARG W 117 -29.95 28.99 57.98
CA ARG W 117 -29.36 30.12 58.70
C ARG W 117 -27.92 29.84 59.08
N ARG W 118 -27.62 28.60 59.42
CA ARG W 118 -26.26 28.20 59.73
C ARG W 118 -25.39 28.19 58.47
N ALA W 119 -26.01 27.95 57.32
CA ALA W 119 -25.24 27.87 56.07
C ALA W 119 -25.01 29.23 55.41
N VAL W 120 -25.91 30.19 55.57
CA VAL W 120 -25.81 31.44 54.80
C VAL W 120 -25.27 32.60 55.60
N GLU W 121 -25.01 32.45 56.90
CA GLU W 121 -24.75 33.61 57.73
C GLU W 121 -23.38 34.24 57.49
N HIS W 122 -22.43 33.51 56.92
CA HIS W 122 -21.11 34.06 56.65
C HIS W 122 -20.89 34.35 55.18
N SER W 123 -21.86 34.07 54.32
CA SER W 123 -21.71 34.28 52.88
C SER W 123 -22.05 35.70 52.50
N ASN W 124 -21.53 36.12 51.34
CA ASN W 124 -21.90 37.40 50.75
C ASN W 124 -22.62 37.24 49.42
N VAL W 125 -22.80 36.01 48.94
CA VAL W 125 -23.65 35.71 47.80
C VAL W 125 -24.23 34.32 48.02
N VAL W 126 -25.51 34.16 47.69
CA VAL W 126 -26.23 32.88 47.84
C VAL W 126 -26.83 32.53 46.50
N ILE W 127 -26.50 31.34 46.00
CA ILE W 127 -27.02 30.83 44.74
C ILE W 127 -27.97 29.69 45.04
N ASN W 128 -29.16 29.74 44.46
CA ASN W 128 -30.14 28.66 44.58
C ASN W 128 -30.09 27.78 43.34
N LEU W 129 -29.99 26.48 43.56
CA LEU W 129 -30.04 25.51 42.46
C LEU W 129 -30.88 24.30 42.85
N VAL W 130 -31.77 24.43 43.82
CA VAL W 130 -32.58 23.32 44.30
C VAL W 130 -33.67 23.03 43.28
N GLY W 131 -33.74 21.79 42.82
CA GLY W 131 -34.73 21.44 41.82
C GLY W 131 -34.74 19.96 41.54
N ARG W 132 -35.88 19.49 41.05
CA ARG W 132 -36.07 18.11 40.63
C ARG W 132 -36.91 18.11 39.37
N GLU W 133 -36.65 17.16 38.48
CA GLU W 133 -37.50 17.05 37.29
C GLU W 133 -38.74 16.21 37.55
N TRP W 134 -38.94 15.76 38.79
CA TRP W 134 -40.08 14.94 39.16
C TRP W 134 -40.43 15.24 40.61
N GLU W 135 -41.70 15.13 40.93
CA GLU W 135 -42.15 15.36 42.30
C GLU W 135 -42.02 14.06 43.08
N THR W 136 -41.22 14.11 44.15
CA THR W 136 -40.89 12.91 44.91
C THR W 136 -41.97 12.64 45.95
N LYS W 137 -41.70 11.66 46.81
CA LYS W 137 -42.65 11.30 47.87
C LYS W 137 -42.65 12.34 48.98
N ASN W 138 -41.47 12.71 49.47
CA ASN W 138 -41.35 13.65 50.57
C ASN W 138 -41.32 15.11 50.12
N PHE W 139 -41.25 15.35 48.81
CA PHE W 139 -41.13 16.70 48.28
C PHE W 139 -41.86 16.75 46.94
N ASP W 140 -42.77 17.70 46.77
CA ASP W 140 -43.36 17.88 45.46
C ASP W 140 -42.94 19.23 44.87
N PHE W 141 -43.51 19.57 43.72
CA PHE W 141 -43.10 20.76 42.99
C PHE W 141 -43.40 22.04 43.75
N GLU W 142 -44.45 22.05 44.57
CA GLU W 142 -44.64 23.16 45.50
C GLU W 142 -43.52 23.18 46.54
N ASP W 143 -43.25 22.04 47.18
CA ASP W 143 -42.25 21.96 48.23
C ASP W 143 -40.85 22.24 47.72
N VAL W 144 -40.56 21.85 46.48
CA VAL W 144 -39.23 22.05 45.93
C VAL W 144 -39.08 23.46 45.37
N PHE W 145 -40.05 23.92 44.59
CA PHE W 145 -39.90 25.15 43.83
C PHE W 145 -40.43 26.39 44.51
N VAL W 146 -41.13 26.26 45.64
CA VAL W 146 -41.76 27.42 46.26
C VAL W 146 -41.24 27.61 47.67
N LYS W 147 -41.44 26.60 48.51
CA LYS W 147 -41.15 26.74 49.94
C LYS W 147 -39.65 26.84 50.20
N ILE W 148 -38.86 26.00 49.55
CA ILE W 148 -37.41 26.00 49.69
C ILE W 148 -36.77 27.28 49.11
N PRO W 149 -37.10 27.77 47.89
CA PRO W 149 -36.50 29.05 47.48
C PRO W 149 -36.94 30.24 48.32
N GLN W 150 -38.19 30.25 48.79
CA GLN W 150 -38.62 31.35 49.66
C GLN W 150 -37.95 31.27 51.02
N ALA W 151 -37.75 30.05 51.54
CA ALA W 151 -37.06 29.91 52.82
C ALA W 151 -35.61 30.33 52.70
N ILE W 152 -34.92 29.92 51.63
CA ILE W 152 -33.53 30.29 51.42
C ILE W 152 -33.40 31.80 51.23
N ALA W 153 -34.32 32.41 50.47
CA ALA W 153 -34.22 33.85 50.22
C ALA W 153 -34.60 34.69 51.43
N GLN W 154 -35.58 34.26 52.24
CA GLN W 154 -35.93 35.02 53.43
C GLN W 154 -34.88 34.86 54.52
N VAL W 155 -34.34 33.65 54.67
CA VAL W 155 -33.27 33.44 55.63
C VAL W 155 -31.98 34.14 55.18
N SER W 156 -31.78 34.29 53.86
CA SER W 156 -30.68 35.11 53.38
C SER W 156 -30.93 36.59 53.64
N LYS W 157 -32.19 37.01 53.59
CA LYS W 157 -32.53 38.40 53.92
C LYS W 157 -32.27 38.69 55.39
N GLU W 158 -32.62 37.77 56.29
CA GLU W 158 -32.43 38.03 57.71
C GLU W 158 -30.98 37.85 58.15
N ALA W 159 -30.15 37.20 57.34
CA ALA W 159 -28.74 37.02 57.65
C ALA W 159 -27.85 38.12 57.09
N GLY W 160 -28.35 38.93 56.16
CA GLY W 160 -27.61 40.07 55.67
C GLY W 160 -26.83 39.86 54.40
N VAL W 161 -27.18 38.86 53.59
CA VAL W 161 -26.44 38.57 52.37
C VAL W 161 -26.72 39.66 51.33
N GLU W 162 -25.67 40.14 50.67
CA GLU W 162 -25.79 41.11 49.58
C GLU W 162 -26.58 40.56 48.41
N LYS W 163 -26.06 39.52 47.77
CA LYS W 163 -26.58 39.08 46.49
C LYS W 163 -27.25 37.71 46.63
N PHE W 164 -28.42 37.57 46.02
CA PHE W 164 -29.10 36.30 45.91
C PHE W 164 -29.27 35.97 44.44
N ILE W 165 -29.18 34.69 44.09
CA ILE W 165 -29.39 34.23 42.73
C ILE W 165 -30.39 33.08 42.75
N HIS W 166 -31.48 33.23 41.99
CA HIS W 166 -32.52 32.21 41.86
C HIS W 166 -32.59 31.78 40.40
N ILE W 167 -32.36 30.50 40.15
CA ILE W 167 -32.34 29.96 38.79
C ILE W 167 -33.75 29.48 38.48
N SER W 168 -34.51 30.30 37.76
CA SER W 168 -35.85 29.95 37.32
C SER W 168 -35.75 29.24 35.96
N HIS W 169 -36.87 29.08 35.27
CA HIS W 169 -36.91 28.47 33.94
C HIS W 169 -37.54 29.47 32.99
N LEU W 170 -37.10 29.43 31.72
CA LEU W 170 -37.59 30.38 30.71
C LEU W 170 -39.09 30.24 30.46
N ASN W 171 -39.61 29.03 30.64
CA ASN W 171 -41.02 28.73 30.39
C ASN W 171 -41.85 28.72 31.68
N ALA W 172 -41.35 29.34 32.74
CA ALA W 172 -42.11 29.45 33.98
C ALA W 172 -43.32 30.35 33.77
N ASP W 173 -44.51 29.77 33.87
CA ASP W 173 -45.76 30.43 33.58
C ASP W 173 -46.80 29.95 34.57
N ILE W 174 -47.69 30.85 35.00
CA ILE W 174 -48.76 30.48 35.91
C ILE W 174 -49.81 29.64 35.18
N LYS W 175 -50.04 29.93 33.91
CA LYS W 175 -51.04 29.22 33.11
C LYS W 175 -50.43 28.08 32.31
N SER W 176 -49.24 27.62 32.68
CA SER W 176 -48.58 26.56 31.93
C SER W 176 -49.24 25.20 32.21
N SER W 177 -49.06 24.29 31.28
CA SER W 177 -49.70 22.98 31.35
C SER W 177 -49.04 22.04 32.35
N SER W 178 -47.80 22.30 32.74
CA SER W 178 -47.04 21.40 33.59
C SER W 178 -46.85 22.02 34.98
N LYS W 179 -46.82 21.15 36.00
CA LYS W 179 -46.78 21.60 37.38
C LYS W 179 -45.40 22.16 37.73
N TYR W 180 -44.35 21.64 37.07
CA TYR W 180 -42.98 22.14 37.16
C TYR W 180 -42.92 23.64 36.92
N LEU W 181 -43.41 24.07 35.75
CA LEU W 181 -43.28 25.46 35.33
C LEU W 181 -44.19 26.37 36.16
N ARG W 182 -45.36 25.87 36.57
CA ARG W 182 -46.28 26.65 37.38
C ARG W 182 -45.71 26.92 38.77
N ASN W 183 -45.24 25.87 39.45
CA ASN W 183 -44.64 26.07 40.77
C ASN W 183 -43.34 26.85 40.70
N LYS W 184 -42.59 26.73 39.61
CA LYS W 184 -41.38 27.52 39.50
C LYS W 184 -41.68 28.98 39.23
N ALA W 185 -42.77 29.29 38.52
CA ALA W 185 -43.17 30.68 38.35
C ALA W 185 -43.69 31.28 39.66
N VAL W 186 -44.42 30.48 40.45
CA VAL W 186 -44.86 30.93 41.77
C VAL W 186 -43.68 31.19 42.68
N GLY W 187 -42.68 30.29 42.64
CA GLY W 187 -41.48 30.49 43.43
C GLY W 187 -40.66 31.67 42.99
N GLU W 188 -40.62 31.93 41.67
CA GLU W 188 -39.96 33.12 41.14
C GLU W 188 -40.62 34.39 41.66
N LYS W 189 -41.96 34.45 41.62
CA LYS W 189 -42.67 35.61 42.12
C LYS W 189 -42.47 35.79 43.62
N GLU W 190 -42.43 34.70 44.37
CA GLU W 190 -42.27 34.84 45.80
C GLU W 190 -40.84 35.19 46.20
N VAL W 191 -39.84 34.74 45.43
CA VAL W 191 -38.47 35.18 45.66
C VAL W 191 -38.32 36.65 45.30
N ARG W 192 -38.97 37.07 44.21
CA ARG W 192 -38.94 38.48 43.82
C ARG W 192 -39.59 39.38 44.87
N GLU W 193 -40.61 38.87 45.57
CA GLU W 193 -41.23 39.69 46.60
C GLU W 193 -40.58 39.53 47.97
N THR W 194 -39.74 38.50 48.20
CA THR W 194 -39.05 38.39 49.49
C THR W 194 -37.57 38.75 49.42
N PHE W 195 -36.99 38.86 48.23
CA PHE W 195 -35.64 39.39 48.07
C PHE W 195 -35.68 40.25 46.82
N PRO W 196 -35.92 41.56 46.96
CA PRO W 196 -36.16 42.42 45.77
C PRO W 196 -34.94 42.64 44.90
N GLU W 197 -33.74 42.27 45.36
CA GLU W 197 -32.51 42.50 44.61
C GLU W 197 -31.89 41.20 44.11
N ALA W 198 -32.68 40.14 44.05
CA ALA W 198 -32.18 38.84 43.61
C ALA W 198 -32.02 38.79 42.11
N THR W 199 -30.90 38.25 41.65
CA THR W 199 -30.74 37.93 40.24
C THR W 199 -31.57 36.70 39.93
N ILE W 200 -32.61 36.86 39.12
CA ILE W 200 -33.41 35.72 38.66
C ILE W 200 -32.98 35.42 37.24
N ILE W 201 -32.74 34.14 36.96
CA ILE W 201 -32.09 33.70 35.72
C ILE W 201 -32.97 32.65 35.06
N LYS W 202 -33.20 32.82 33.75
CA LYS W 202 -34.05 31.95 32.95
C LYS W 202 -33.21 31.17 31.94
N PRO W 203 -32.76 29.96 32.24
CA PRO W 203 -32.22 29.11 31.18
C PRO W 203 -33.31 28.27 30.53
N ALA W 204 -33.15 28.04 29.24
CA ALA W 204 -34.19 27.35 28.48
C ALA W 204 -34.07 25.84 28.65
N ASP W 205 -32.99 25.26 28.14
CA ASP W 205 -32.78 23.82 28.15
C ASP W 205 -31.26 23.63 28.10
N ILE W 206 -30.68 23.30 29.24
CA ILE W 206 -29.24 23.34 29.38
C ILE W 206 -28.64 22.03 28.91
N PHE W 207 -27.81 22.10 27.87
CA PHE W 207 -27.16 20.90 27.35
C PHE W 207 -25.71 20.85 27.83
N GLY W 208 -25.31 19.69 28.33
CA GLY W 208 -23.96 19.44 28.80
C GLY W 208 -23.72 17.95 28.80
N ARG W 209 -22.61 17.54 29.42
CA ARG W 209 -22.34 16.12 29.54
C ARG W 209 -23.35 15.42 30.44
N GLU W 210 -23.55 15.94 31.65
CA GLU W 210 -24.40 15.31 32.64
C GLU W 210 -25.84 15.82 32.59
N ASP W 211 -26.30 16.30 31.44
CA ASP W 211 -27.61 16.92 31.36
C ASP W 211 -28.72 15.87 31.35
N ARG W 212 -29.95 16.35 31.40
CA ARG W 212 -31.14 15.54 31.14
C ARG W 212 -31.90 16.09 29.95
N PHE W 213 -31.17 16.68 29.01
CA PHE W 213 -31.73 17.23 27.78
C PHE W 213 -31.27 16.49 26.54
N LEU W 214 -29.96 16.32 26.35
CA LEU W 214 -29.46 15.52 25.24
C LEU W 214 -29.29 14.06 25.62
N ASN W 215 -28.98 13.78 26.88
CA ASN W 215 -28.98 12.40 27.36
C ASN W 215 -30.40 11.83 27.40
N TYR W 216 -31.40 12.70 27.57
CA TYR W 216 -32.79 12.26 27.45
C TYR W 216 -33.12 11.89 26.02
N PHE W 217 -32.66 12.69 25.05
CA PHE W 217 -32.99 12.44 23.66
C PHE W 217 -32.24 11.23 23.12
N ALA W 218 -30.99 11.04 23.53
CA ALA W 218 -30.23 9.90 23.06
C ALA W 218 -30.64 8.59 23.72
N ASN W 219 -31.50 8.63 24.74
CA ASN W 219 -31.99 7.43 25.40
C ASN W 219 -33.51 7.33 25.42
N ILE W 220 -34.16 7.67 24.31
CA ILE W 220 -35.61 7.48 24.20
C ILE W 220 -35.97 6.48 23.10
N ARG W 221 -35.15 6.36 22.05
CA ARG W 221 -35.32 5.42 20.92
C ARG W 221 -36.69 5.50 20.24
N SER W 230 -41.47 13.41 23.27
CA SER W 230 -41.58 11.99 22.99
C SER W 230 -41.74 11.75 21.48
N LEU W 231 -42.49 12.64 20.84
CA LEU W 231 -42.79 12.53 19.41
C LEU W 231 -42.69 13.91 18.76
N GLY W 232 -42.69 13.93 17.44
CA GLY W 232 -42.55 15.16 16.70
C GLY W 232 -43.75 16.08 16.75
N LYS W 233 -43.57 17.27 17.32
CA LYS W 233 -44.60 18.31 17.34
C LYS W 233 -43.92 19.62 16.96
N LYS W 234 -44.61 20.74 17.18
CA LYS W 234 -44.20 22.04 16.66
C LYS W 234 -43.49 22.89 17.71
N THR W 235 -42.67 22.25 18.54
CA THR W 235 -41.94 22.95 19.60
C THR W 235 -40.66 23.56 19.05
N VAL W 236 -40.48 24.87 19.25
CA VAL W 236 -39.26 25.57 18.88
C VAL W 236 -38.41 25.75 20.13
N LYS W 237 -37.14 25.37 20.05
CA LYS W 237 -36.24 25.40 21.19
C LYS W 237 -34.92 26.08 20.85
N GLN W 238 -34.43 26.92 21.76
CA GLN W 238 -33.05 27.41 21.73
C GLN W 238 -32.34 26.93 22.99
N PRO W 239 -31.67 25.79 22.94
CA PRO W 239 -30.92 25.32 24.11
C PRO W 239 -29.68 26.16 24.35
N VAL W 240 -29.27 26.21 25.61
CA VAL W 240 -28.14 27.03 26.04
C VAL W 240 -27.12 26.11 26.71
N TYR W 241 -25.85 26.47 26.61
CA TYR W 241 -24.76 25.61 27.06
C TYR W 241 -24.43 25.91 28.52
N ILE W 242 -23.98 24.87 29.22
CA ILE W 242 -23.84 24.92 30.68
C ILE W 242 -22.70 25.84 31.11
N VAL W 243 -21.64 25.93 30.31
CA VAL W 243 -20.54 26.83 30.64
C VAL W 243 -20.97 28.28 30.42
N ASP W 244 -21.87 28.52 29.46
CA ASP W 244 -22.46 29.85 29.28
C ASP W 244 -23.27 30.25 30.50
N VAL W 245 -24.07 29.32 31.02
CA VAL W 245 -24.91 29.61 32.19
C VAL W 245 -24.03 29.85 33.42
N THR W 246 -22.96 29.07 33.56
CA THR W 246 -22.08 29.22 34.72
C THR W 246 -21.30 30.54 34.67
N LYS W 247 -20.81 30.91 33.48
CA LYS W 247 -20.17 32.21 33.31
C LYS W 247 -21.14 33.35 33.51
N GLY W 248 -22.40 33.18 33.12
CA GLY W 248 -23.39 34.22 33.40
C GLY W 248 -23.71 34.36 34.88
N ILE W 249 -23.74 33.24 35.60
CA ILE W 249 -24.00 33.30 37.04
C ILE W 249 -22.85 33.97 37.77
N ILE W 250 -21.60 33.64 37.42
CA ILE W 250 -20.47 34.27 38.10
C ILE W 250 -20.27 35.72 37.64
N ASN W 251 -20.67 36.07 36.42
CA ASN W 251 -20.65 37.48 36.04
C ASN W 251 -21.75 38.26 36.75
N ALA W 252 -22.89 37.63 37.04
CA ALA W 252 -23.91 38.29 37.84
C ALA W 252 -23.49 38.41 39.29
N ILE W 253 -22.63 37.49 39.77
CA ILE W 253 -22.01 37.67 41.08
C ILE W 253 -21.09 38.89 41.05
N LYS W 254 -20.31 39.04 39.99
CA LYS W 254 -19.38 40.16 39.90
C LYS W 254 -20.07 41.48 39.55
N ASP W 255 -21.22 41.43 38.88
CA ASP W 255 -21.89 42.65 38.43
C ASP W 255 -22.65 43.27 39.59
N PRO W 256 -22.39 44.54 39.93
CA PRO W 256 -23.33 45.25 40.83
C PRO W 256 -24.64 45.61 40.17
N ASP W 257 -24.69 45.62 38.83
CA ASP W 257 -25.90 46.01 38.12
C ASP W 257 -26.87 44.86 37.93
N ALA W 258 -26.48 43.64 38.29
CA ALA W 258 -27.35 42.47 38.19
C ALA W 258 -28.16 42.22 39.45
N ARG W 259 -28.40 43.27 40.24
CA ARG W 259 -29.18 43.17 41.47
C ARG W 259 -30.62 43.55 41.19
N GLY W 260 -31.51 42.56 41.15
CA GLY W 260 -32.90 42.80 40.87
C GLY W 260 -33.31 42.54 39.45
N LYS W 261 -32.37 42.19 38.57
CA LYS W 261 -32.68 41.96 37.17
C LYS W 261 -33.36 40.61 36.99
N THR W 262 -33.71 40.32 35.73
CA THR W 262 -34.28 39.03 35.36
C THR W 262 -33.68 38.66 34.03
N PHE W 263 -32.71 37.75 34.04
CA PHE W 263 -31.96 37.39 32.84
C PHE W 263 -32.56 36.14 32.21
N ALA W 264 -32.56 36.12 30.89
CA ALA W 264 -32.96 34.95 30.11
C ALA W 264 -31.71 34.40 29.41
N PHE W 265 -31.14 33.33 29.96
CA PHE W 265 -29.97 32.72 29.34
C PHE W 265 -30.45 31.75 28.27
N VAL W 266 -30.52 32.23 27.03
CA VAL W 266 -30.87 31.39 25.91
C VAL W 266 -29.65 31.24 25.02
N GLY W 267 -29.71 30.25 24.13
CA GLY W 267 -28.62 30.00 23.21
C GLY W 267 -28.70 30.92 22.00
N PRO W 268 -27.79 30.72 21.05
CA PRO W 268 -27.81 31.55 19.84
C PRO W 268 -28.86 31.12 18.82
N ASN W 269 -29.12 29.81 18.73
CA ASN W 269 -29.88 29.23 17.62
C ASN W 269 -31.17 28.59 18.10
N ARG W 270 -32.29 28.98 17.49
CA ARG W 270 -33.56 28.33 17.75
C ARG W 270 -33.73 27.15 16.81
N TYR W 271 -34.19 26.02 17.35
CA TYR W 271 -34.39 24.79 16.60
C TYR W 271 -35.81 24.30 16.83
N LEU W 272 -36.42 23.73 15.78
CA LEU W 272 -37.62 22.95 15.96
C LEU W 272 -37.30 21.69 16.77
N LEU W 273 -38.35 21.06 17.32
CA LEU W 273 -38.12 19.91 18.20
C LEU W 273 -37.68 18.68 17.42
N PHE W 274 -38.34 18.41 16.30
CA PHE W 274 -38.19 17.12 15.63
C PHE W 274 -36.82 16.98 14.97
N ASP W 275 -36.39 18.03 14.25
CA ASP W 275 -35.07 17.95 13.64
C ASP W 275 -33.95 18.10 14.66
N LEU W 276 -34.23 18.69 15.83
CA LEU W 276 -33.27 18.65 16.93
C LEU W 276 -33.09 17.22 17.44
N VAL W 277 -34.19 16.50 17.64
CA VAL W 277 -34.10 15.12 18.12
C VAL W 277 -33.44 14.23 17.08
N GLN W 278 -33.78 14.41 15.80
CA GLN W 278 -33.14 13.62 14.76
C GLN W 278 -31.68 14.02 14.53
N TYR W 279 -31.30 15.26 14.84
CA TYR W 279 -29.89 15.62 14.82
C TYR W 279 -29.13 15.02 16.00
N VAL W 280 -29.80 14.87 17.14
CA VAL W 280 -29.20 14.15 18.27
C VAL W 280 -29.00 12.67 17.90
N PHE W 281 -29.96 12.08 17.20
CA PHE W 281 -29.76 10.73 16.67
C PHE W 281 -28.69 10.70 15.58
N ALA W 282 -28.50 11.80 14.86
CA ALA W 282 -27.48 11.85 13.81
C ALA W 282 -26.08 11.90 14.40
N VAL W 283 -25.91 12.65 15.50
CA VAL W 283 -24.58 12.79 16.08
C VAL W 283 -24.22 11.60 16.95
N ALA W 284 -25.19 11.06 17.70
CA ALA W 284 -24.94 9.92 18.57
C ALA W 284 -24.81 8.58 17.85
N HIS W 285 -24.85 8.58 16.51
CA HIS W 285 -24.74 7.37 15.66
C HIS W 285 -25.82 6.34 16.00
N ARG W 286 -27.03 6.84 16.26
CA ARG W 286 -28.16 5.95 16.44
C ARG W 286 -29.13 6.10 15.27
N PRO W 287 -29.48 5.00 14.59
CA PRO W 287 -30.47 5.04 13.52
C PRO W 287 -31.91 4.95 14.03
N TRP W 313 -36.48 6.28 32.43
CA TRP W 313 -37.24 7.09 33.37
C TRP W 313 -37.90 8.29 32.69
N THR W 314 -39.21 8.40 32.83
CA THR W 314 -39.95 9.53 32.30
C THR W 314 -41.25 9.68 33.05
N THR W 315 -41.88 10.84 32.85
CA THR W 315 -43.27 11.07 33.24
C THR W 315 -43.85 12.05 32.22
N ARG W 316 -45.16 12.26 32.30
CA ARG W 316 -45.81 13.15 31.34
C ARG W 316 -45.53 14.62 31.62
N ASP W 317 -45.00 14.95 32.79
CA ASP W 317 -44.61 16.33 33.06
C ASP W 317 -43.39 16.71 32.23
N LYS W 318 -42.43 15.79 32.11
CA LYS W 318 -41.29 15.99 31.21
C LYS W 318 -41.75 16.07 29.76
N VAL W 319 -42.78 15.31 29.41
CA VAL W 319 -43.31 15.36 28.05
C VAL W 319 -43.98 16.69 27.77
N GLU W 320 -44.72 17.22 28.75
CA GLU W 320 -45.33 18.53 28.61
C GLU W 320 -44.28 19.64 28.54
N ARG W 321 -43.14 19.46 29.20
CA ARG W 321 -42.09 20.47 29.11
C ARG W 321 -41.28 20.37 27.82
N ILE W 322 -41.07 19.17 27.31
CA ILE W 322 -40.45 19.01 25.99
C ILE W 322 -41.37 19.60 24.91
N HIS W 323 -42.68 19.43 25.07
CA HIS W 323 -43.63 20.03 24.15
C HIS W 323 -44.04 21.45 24.57
N THR W 324 -43.22 22.12 25.38
CA THR W 324 -43.40 23.52 25.70
C THR W 324 -42.29 24.28 24.98
N THR W 325 -42.67 25.12 24.02
CA THR W 325 -41.69 25.85 23.23
C THR W 325 -41.01 26.92 24.07
N ASP W 326 -39.73 27.15 23.78
CA ASP W 326 -38.96 28.15 24.51
C ASP W 326 -39.42 29.53 24.08
N ARG W 327 -40.15 30.20 24.97
CA ARG W 327 -40.75 31.50 24.66
C ARG W 327 -39.67 32.56 24.53
N THR W 328 -40.04 33.63 23.83
CA THR W 328 -39.14 34.74 23.52
C THR W 328 -39.55 35.94 24.35
N LEU W 329 -38.70 36.33 25.31
CA LEU W 329 -38.92 37.51 26.13
C LEU W 329 -37.81 38.51 25.83
N PRO W 330 -37.98 39.38 24.82
CA PRO W 330 -36.92 40.32 24.47
C PRO W 330 -36.79 41.48 25.44
N HIS W 331 -37.80 41.72 26.28
CA HIS W 331 -37.80 42.84 27.21
C HIS W 331 -36.92 42.61 28.44
N LEU W 332 -36.23 41.45 28.52
CA LEU W 332 -35.28 41.04 29.54
C LEU W 332 -33.88 40.90 28.94
N PRO W 333 -32.85 41.16 29.74
CA PRO W 333 -31.47 40.92 29.26
C PRO W 333 -31.14 39.44 29.18
N GLY W 334 -29.99 39.15 28.56
CA GLY W 334 -29.56 37.79 28.31
C GLY W 334 -28.09 37.60 28.65
N LEU W 335 -27.49 36.61 27.99
CA LEU W 335 -26.07 36.30 28.20
C LEU W 335 -25.15 37.42 27.73
N GLU W 336 -25.52 38.11 26.64
CA GLU W 336 -24.62 39.10 26.06
C GLU W 336 -24.47 40.34 26.92
N ASP W 337 -25.41 40.60 27.82
CA ASP W 337 -25.28 41.72 28.74
C ASP W 337 -24.47 41.36 29.98
N LEU W 338 -24.14 40.08 30.16
CA LEU W 338 -23.17 39.66 31.15
C LEU W 338 -21.85 39.24 30.51
N GLY W 339 -21.62 39.62 29.26
CA GLY W 339 -20.35 39.42 28.61
C GLY W 339 -20.04 37.99 28.22
N VAL W 340 -21.04 37.13 28.13
CA VAL W 340 -20.83 35.71 27.86
C VAL W 340 -21.11 35.46 26.39
N GLN W 341 -20.21 34.71 25.74
CA GLN W 341 -20.39 34.32 24.35
C GLN W 341 -21.31 33.10 24.31
N ALA W 342 -22.48 33.25 23.68
CA ALA W 342 -23.47 32.19 23.63
C ALA W 342 -22.96 31.08 22.72
N THR W 343 -22.44 30.02 23.34
CA THR W 343 -21.82 28.92 22.60
C THR W 343 -22.88 28.14 21.84
N PRO W 344 -22.71 27.90 20.53
CA PRO W 344 -23.70 27.12 19.78
C PRO W 344 -23.67 25.64 20.09
N LEU W 345 -24.49 24.87 19.37
CA LEU W 345 -24.72 23.47 19.68
C LEU W 345 -23.72 22.55 18.99
N GLU W 346 -23.31 22.88 17.77
CA GLU W 346 -22.46 21.99 17.00
C GLU W 346 -21.02 21.96 17.51
N LEU W 347 -20.60 22.98 18.25
CA LEU W 347 -19.26 22.95 18.82
C LEU W 347 -19.15 21.93 19.96
N LYS W 348 -20.21 21.76 20.74
CA LYS W 348 -20.14 20.92 21.94
C LYS W 348 -21.01 19.68 21.84
N ALA W 349 -21.64 19.46 20.69
CA ALA W 349 -22.51 18.30 20.51
C ALA W 349 -21.72 17.00 20.56
N ILE W 350 -20.51 17.00 20.01
CA ILE W 350 -19.69 15.79 20.09
C ILE W 350 -19.18 15.57 21.51
N GLU W 351 -18.94 16.66 22.25
CA GLU W 351 -18.50 16.57 23.64
C GLU W 351 -19.60 15.97 24.51
N VAL W 352 -20.84 16.32 24.22
CA VAL W 352 -21.96 15.69 24.93
C VAL W 352 -22.12 14.24 24.51
N LEU W 353 -22.22 13.99 23.20
CA LEU W 353 -22.83 12.77 22.68
C LEU W 353 -21.81 11.75 22.16
N ARG W 354 -20.52 11.89 22.46
CA ARG W 354 -19.58 10.82 22.12
C ARG W 354 -19.83 9.58 22.97
N ARG W 355 -20.39 9.74 24.17
CA ARG W 355 -20.58 8.64 25.10
C ARG W 355 -21.59 7.61 24.59
N HIS W 356 -22.55 8.04 23.77
CA HIS W 356 -23.62 7.15 23.33
C HIS W 356 -23.29 6.38 22.05
N ARG W 357 -22.04 6.44 21.58
CA ARG W 357 -21.68 5.75 20.35
C ARG W 357 -21.23 4.32 20.64
N THR W 358 -21.70 3.37 19.83
CA THR W 358 -21.29 1.98 19.95
C THR W 358 -20.11 1.69 19.03
N VAL W 369 -21.33 15.34 10.12
CA VAL W 369 -22.78 15.43 10.21
C VAL W 369 -23.23 16.86 9.94
N GLN W 370 -24.14 17.01 8.97
CA GLN W 370 -24.65 18.32 8.62
C GLN W 370 -25.58 18.82 9.73
N PRO W 371 -25.47 20.09 10.12
CA PRO W 371 -26.21 20.58 11.30
C PRO W 371 -27.69 20.73 11.02
N ALA W 372 -28.44 20.90 12.11
CA ALA W 372 -29.89 21.03 12.02
C ALA W 372 -30.28 22.40 11.49
N LYS W 373 -31.45 22.45 10.87
CA LYS W 373 -32.01 23.70 10.39
C LYS W 373 -32.41 24.59 11.56
N THR W 374 -31.96 25.84 11.53
CA THR W 374 -32.45 26.84 12.46
C THR W 374 -33.62 27.59 11.84
N VAL W 375 -34.42 28.21 12.70
CA VAL W 375 -35.61 28.90 12.22
C VAL W 375 -35.43 30.40 12.31
N LEU X 14 -3.82 77.47 23.18
CA LEU X 14 -4.00 78.89 23.44
C LEU X 14 -2.67 79.61 23.44
N GLY X 15 -1.83 79.34 24.42
CA GLY X 15 -0.61 80.10 24.55
C GLY X 15 0.43 79.36 25.37
N LEU X 16 1.59 80.00 25.50
CA LEU X 16 2.73 79.37 26.15
C LEU X 16 2.55 79.33 27.66
N ARG X 17 2.73 78.15 28.24
CA ARG X 17 2.58 77.95 29.68
C ARG X 17 3.91 77.82 30.40
N GLU X 18 4.89 77.14 29.80
CA GLU X 18 6.23 77.11 30.36
C GLU X 18 7.23 76.86 29.25
N ILE X 19 8.50 77.14 29.53
CA ILE X 19 9.61 76.89 28.63
C ILE X 19 10.59 75.99 29.37
N ARG X 20 11.03 74.91 28.71
CA ARG X 20 12.02 74.04 29.29
C ARG X 20 13.24 73.99 28.39
N ILE X 21 14.37 74.46 28.89
CA ILE X 21 15.62 74.45 28.17
C ILE X 21 16.52 73.42 28.83
N HIS X 22 16.94 72.42 28.07
CA HIS X 22 17.82 71.38 28.57
C HIS X 22 19.16 71.47 27.85
N LEU X 23 20.22 71.17 28.57
CA LEU X 23 21.57 71.38 28.07
C LEU X 23 22.54 70.59 28.93
N CYS X 24 23.78 70.56 28.47
CA CYS X 24 24.89 70.00 29.22
C CYS X 24 25.55 71.09 30.06
N GLN X 25 26.53 70.67 30.87
CA GLN X 25 27.41 71.63 31.51
C GLN X 25 28.72 71.79 30.75
N ARG X 26 29.16 70.73 30.07
CA ARG X 26 30.50 70.64 29.52
C ARG X 26 30.54 70.60 28.00
N SER X 27 29.57 69.95 27.35
CA SER X 27 29.67 69.54 25.95
C SER X 27 29.59 70.73 25.01
N PRO X 28 30.34 70.69 23.90
CA PRO X 28 30.30 71.79 22.93
C PRO X 28 29.04 71.82 22.08
N GLY X 29 28.23 70.77 22.10
CA GLY X 29 26.91 70.86 21.49
C GLY X 29 26.00 71.83 22.21
N SER X 30 26.17 71.96 23.53
CA SER X 30 25.42 72.88 24.35
C SER X 30 26.12 74.23 24.53
N GLN X 31 27.10 74.54 23.68
CA GLN X 31 27.89 75.74 23.88
C GLN X 31 27.09 77.00 23.56
N GLY X 32 26.31 76.97 22.48
CA GLY X 32 25.45 78.10 22.16
C GLY X 32 24.34 78.30 23.17
N VAL X 33 23.86 77.21 23.76
CA VAL X 33 22.83 77.31 24.79
C VAL X 33 23.42 77.88 26.08
N ARG X 34 24.64 77.47 26.43
CA ARG X 34 25.32 78.05 27.59
C ARG X 34 25.61 79.53 27.38
N ASP X 35 26.04 79.90 26.17
CA ASP X 35 26.28 81.30 25.86
C ASP X 35 24.99 82.11 25.87
N PHE X 36 23.88 81.51 25.50
CA PHE X 36 22.61 82.22 25.56
C PHE X 36 22.16 82.44 27.01
N ILE X 37 22.28 81.40 27.84
CA ILE X 37 21.77 81.54 29.21
C ILE X 37 22.70 82.42 30.05
N GLU X 38 24.01 82.45 29.76
CA GLU X 38 24.92 83.32 30.51
C GLU X 38 24.63 84.80 30.28
N LYS X 39 24.10 85.17 29.11
CA LYS X 39 23.96 86.58 28.77
C LYS X 39 22.50 87.02 28.66
N ARG X 40 21.71 86.38 27.79
CA ARG X 40 20.38 86.85 27.47
C ARG X 40 19.29 86.10 28.22
N TYR X 41 19.55 85.74 29.48
CA TYR X 41 18.51 85.17 30.32
C TYR X 41 18.01 86.13 31.39
N VAL X 42 18.86 87.02 31.88
CA VAL X 42 18.47 87.94 32.95
C VAL X 42 17.43 88.93 32.47
N GLU X 43 17.68 89.57 31.32
CA GLU X 43 16.68 90.44 30.75
C GLU X 43 15.54 89.67 30.09
N LEU X 44 15.71 88.37 29.83
CA LEU X 44 14.60 87.56 29.38
C LEU X 44 13.59 87.31 30.49
N LYS X 45 14.09 86.99 31.69
CA LYS X 45 13.21 86.81 32.85
C LYS X 45 12.68 88.15 33.33
N LYS X 46 13.45 89.23 33.17
CA LYS X 46 12.90 90.57 33.37
C LYS X 46 11.86 90.94 32.31
N ALA X 47 11.89 90.28 31.15
CA ALA X 47 10.84 90.46 30.16
C ALA X 47 9.65 89.56 30.43
N ASN X 48 9.86 88.42 31.10
CA ASN X 48 8.80 87.46 31.38
C ASN X 48 8.82 87.14 32.88
N PRO X 49 8.08 87.90 33.69
CA PRO X 49 8.19 87.76 35.14
C PRO X 49 7.40 86.59 35.70
N ASP X 50 6.36 86.15 34.99
CA ASP X 50 5.44 85.14 35.47
C ASP X 50 5.47 83.86 34.65
N LEU X 51 6.42 83.72 33.72
CA LEU X 51 6.51 82.54 32.90
C LEU X 51 7.71 81.72 33.32
N PRO X 52 7.52 80.48 33.78
CA PRO X 52 8.68 79.66 34.19
C PRO X 52 9.49 79.22 32.98
N ILE X 53 10.79 79.53 33.01
CA ILE X 53 11.70 79.11 31.95
C ILE X 53 12.69 78.12 32.56
N LEU X 54 12.38 76.83 32.46
CA LEU X 54 13.07 75.81 33.24
C LEU X 54 14.39 75.47 32.56
N ILE X 55 15.49 76.00 33.11
CA ILE X 55 16.82 75.52 32.75
C ILE X 55 17.11 74.28 33.59
N ARG X 56 17.35 73.16 32.93
CA ARG X 56 17.62 71.89 33.60
C ARG X 56 18.86 71.27 32.95
N GLU X 57 19.99 71.41 33.62
CA GLU X 57 21.26 70.91 33.09
C GLU X 57 21.44 69.44 33.43
N CYS X 58 22.13 68.73 32.56
CA CYS X 58 22.29 67.29 32.74
C CYS X 58 23.67 66.88 32.22
N SER X 59 23.92 65.57 32.16
CA SER X 59 25.27 65.06 31.95
C SER X 59 25.65 65.10 30.48
N ASP X 60 24.94 64.35 29.64
CA ASP X 60 25.39 64.13 28.26
C ASP X 60 24.28 64.37 27.25
N VAL X 61 23.33 65.23 27.58
CA VAL X 61 22.13 65.38 26.76
C VAL X 61 22.43 66.26 25.55
N GLN X 62 21.74 65.96 24.45
CA GLN X 62 21.65 66.92 23.37
C GLN X 62 20.79 68.10 23.83
N PRO X 63 21.09 69.32 23.39
CA PRO X 63 20.31 70.48 23.83
C PRO X 63 18.91 70.44 23.23
N LYS X 64 17.98 71.06 23.93
CA LYS X 64 16.58 70.81 23.62
C LYS X 64 15.74 71.95 24.16
N LEU X 65 14.64 72.24 23.46
CA LEU X 65 13.75 73.35 23.81
C LEU X 65 12.32 72.86 23.80
N TRP X 66 11.69 72.84 24.97
CA TRP X 66 10.34 72.35 25.17
C TRP X 66 9.43 73.53 25.46
N ALA X 67 8.37 73.66 24.68
CA ALA X 67 7.41 74.76 24.82
C ALA X 67 6.04 74.16 25.13
N ARG X 68 5.73 74.02 26.41
CA ARG X 68 4.45 73.47 26.81
C ARG X 68 3.37 74.54 26.62
N TYR X 69 2.46 74.29 25.68
CA TYR X 69 1.34 75.18 25.44
C TYR X 69 0.12 74.69 26.23
N ALA X 70 -0.99 75.41 26.06
CA ALA X 70 -2.19 75.15 26.84
C ALA X 70 -2.82 73.81 26.47
N PHE X 71 -3.60 73.27 27.43
CA PHE X 71 -4.26 71.96 27.33
C PHE X 71 -3.27 70.84 27.05
N GLY X 72 -2.09 70.92 27.68
CA GLY X 72 -1.14 69.83 27.70
C GLY X 72 -0.41 69.58 26.41
N GLN X 73 -0.40 70.53 25.47
CA GLN X 73 0.30 70.36 24.21
C GLN X 73 1.72 70.88 24.34
N GLU X 74 2.66 70.17 23.71
CA GLU X 74 4.08 70.49 23.83
C GLU X 74 4.76 70.35 22.48
N LYS X 75 5.44 71.40 22.05
CA LYS X 75 6.33 71.35 20.90
C LYS X 75 7.75 71.12 21.37
N ASN X 76 8.54 70.46 20.53
CA ASN X 76 9.91 70.11 20.87
C ASN X 76 10.84 70.70 19.82
N VAL X 77 11.83 71.47 20.28
CA VAL X 77 12.79 72.12 19.38
C VAL X 77 14.18 71.68 19.80
N SER X 78 14.90 71.03 18.89
CA SER X 78 16.26 70.62 19.18
C SER X 78 17.21 71.80 19.03
N LEU X 79 18.10 71.98 20.01
CA LEU X 79 19.05 73.08 20.03
C LEU X 79 20.49 72.62 19.88
N ASN X 80 20.71 71.53 19.14
CA ASN X 80 22.05 70.97 18.99
C ASN X 80 22.90 71.89 18.12
N ASN X 81 24.09 72.24 18.64
CA ASN X 81 25.17 72.91 17.92
C ASN X 81 24.81 74.31 17.42
N PHE X 82 23.77 74.92 17.97
CA PHE X 82 23.39 76.26 17.54
C PHE X 82 24.36 77.29 18.12
N SER X 83 24.31 78.50 17.55
CA SER X 83 24.93 79.65 18.16
C SER X 83 23.99 80.23 19.21
N ALA X 84 24.43 81.29 19.89
CA ALA X 84 23.52 82.00 20.79
C ALA X 84 22.45 82.76 20.02
N ASP X 85 22.77 83.19 18.80
CA ASP X 85 21.80 83.90 17.97
C ASP X 85 20.69 82.97 17.50
N GLN X 86 21.05 81.74 17.13
CA GLN X 86 20.05 80.77 16.67
C GLN X 86 19.15 80.33 17.81
N VAL X 87 19.72 80.17 19.01
CA VAL X 87 18.91 79.88 20.20
C VAL X 87 17.99 81.06 20.52
N THR X 88 18.48 82.29 20.30
CA THR X 88 17.65 83.47 20.52
C THR X 88 16.48 83.53 19.54
N ARG X 89 16.73 83.20 18.28
CA ARG X 89 15.66 83.23 17.30
C ARG X 89 14.66 82.08 17.51
N ALA X 90 15.15 80.91 17.92
CA ALA X 90 14.23 79.81 18.22
C ALA X 90 13.39 80.11 19.45
N LEU X 91 13.98 80.76 20.46
CA LEU X 91 13.23 81.09 21.66
C LEU X 91 12.26 82.24 21.41
N GLU X 92 12.59 83.17 20.52
CA GLU X 92 11.60 84.20 20.22
C GLU X 92 10.50 83.68 19.31
N ASN X 93 10.77 82.63 18.50
CA ASN X 93 9.69 81.93 17.82
C ASN X 93 8.78 81.21 18.82
N VAL X 94 9.37 80.66 19.88
CA VAL X 94 8.58 80.06 20.97
C VAL X 94 7.71 81.12 21.65
N LEU X 95 8.27 82.30 21.92
CA LEU X 95 7.51 83.34 22.60
C LEU X 95 6.45 83.97 21.71
N SER X 96 6.68 84.03 20.40
CA SER X 96 5.81 84.78 19.50
C SER X 96 4.83 83.92 18.73
N SER X 97 5.03 82.60 18.67
CA SER X 97 4.09 81.75 17.95
C SER X 97 2.77 81.62 18.70
N LYS X 98 2.84 81.15 19.96
CA LYS X 98 1.69 80.90 20.84
C LYS X 98 0.66 79.98 20.18
N ALA X 99 1.14 78.88 19.61
CA ALA X 99 0.26 77.93 18.94
C ALA X 99 -0.10 76.79 19.88
N LEU Y 4 47.62 -26.03 26.07
CA LEU Y 4 46.90 -26.92 26.97
C LEU Y 4 45.40 -26.72 26.76
N LEU Y 5 45.08 -25.74 25.91
CA LEU Y 5 43.72 -25.44 25.45
C LEU Y 5 42.78 -25.09 26.61
N LYS Y 6 42.97 -23.88 27.14
CA LYS Y 6 42.00 -23.21 28.02
C LYS Y 6 40.57 -23.42 27.55
N LYS Y 7 39.71 -23.85 28.47
CA LYS Y 7 38.36 -24.29 28.12
C LYS Y 7 37.40 -23.12 27.95
N THR Y 8 37.47 -22.12 28.83
CA THR Y 8 36.61 -20.94 28.71
C THR Y 8 37.31 -19.75 29.34
N THR Y 9 36.98 -18.56 28.85
CA THR Y 9 37.51 -17.33 29.42
C THR Y 9 36.72 -16.87 30.63
N GLY Y 10 35.42 -17.12 30.66
CA GLY Y 10 34.58 -16.61 31.72
C GLY Y 10 33.95 -15.28 31.34
N LEU Y 11 34.69 -14.46 30.61
CA LEU Y 11 34.16 -13.23 30.05
C LEU Y 11 33.19 -13.61 28.93
N VAL Y 12 31.89 -13.41 29.17
CA VAL Y 12 30.85 -13.89 28.28
C VAL Y 12 30.94 -13.15 26.95
N GLY Y 13 31.02 -13.91 25.86
CA GLY Y 13 31.20 -13.35 24.54
C GLY Y 13 32.64 -13.12 24.12
N LEU Y 14 33.59 -13.43 24.99
CA LEU Y 14 35.01 -13.32 24.66
C LEU Y 14 35.50 -14.74 24.35
N ALA Y 15 35.50 -15.10 23.08
CA ALA Y 15 35.78 -16.47 22.67
C ALA Y 15 37.26 -16.81 22.83
N VAL Y 16 37.52 -18.10 23.02
CA VAL Y 16 38.87 -18.58 23.29
C VAL Y 16 39.64 -18.68 21.98
N CYS Y 17 40.87 -18.18 21.98
CA CYS Y 17 41.69 -18.14 20.78
C CYS Y 17 42.57 -19.39 20.70
N GLU Y 18 42.58 -20.03 19.54
CA GLU Y 18 43.33 -21.26 19.37
C GLU Y 18 44.80 -21.00 19.07
N THR Y 19 45.12 -19.89 18.42
CA THR Y 19 46.50 -19.49 18.15
C THR Y 19 46.72 -18.10 18.73
N PRO Y 20 47.03 -17.98 20.03
CA PRO Y 20 47.17 -16.65 20.64
C PRO Y 20 48.44 -15.90 20.27
N HIS Y 21 49.58 -16.61 20.23
CA HIS Y 21 50.88 -15.94 20.08
C HIS Y 21 51.04 -15.33 18.70
N GLU Y 22 50.68 -16.07 17.66
CA GLU Y 22 50.80 -15.57 16.29
C GLU Y 22 49.82 -14.42 16.04
N ARG Y 23 48.63 -14.52 16.63
CA ARG Y 23 47.65 -13.43 16.51
C ARG Y 23 48.13 -12.17 17.22
N LEU Y 24 48.80 -12.32 18.37
CA LEU Y 24 49.39 -11.18 19.04
C LEU Y 24 50.53 -10.57 18.23
N LYS Y 25 51.35 -11.40 17.59
CA LYS Y 25 52.45 -10.87 16.78
C LYS Y 25 51.94 -10.16 15.54
N ILE Y 26 50.89 -10.69 14.92
CA ILE Y 26 50.29 -10.05 13.74
C ILE Y 26 49.66 -8.72 14.12
N LEU Y 27 48.93 -8.68 15.24
CA LEU Y 27 48.31 -7.42 15.68
C LEU Y 27 49.36 -6.39 16.08
N TYR Y 28 50.44 -6.81 16.73
CA TYR Y 28 51.45 -5.85 17.15
C TYR Y 28 52.26 -5.31 15.98
N THR Y 29 52.61 -6.18 15.02
CA THR Y 29 53.30 -5.70 13.82
C THR Y 29 52.39 -4.82 12.97
N LYS Y 30 51.08 -5.09 12.96
CA LYS Y 30 50.18 -4.22 12.20
C LYS Y 30 49.96 -2.89 12.91
N ILE Y 31 50.00 -2.89 14.24
CA ILE Y 31 49.97 -1.63 15.00
C ILE Y 31 51.20 -0.79 14.68
N LEU Y 32 52.38 -1.42 14.66
CA LEU Y 32 53.60 -0.68 14.29
C LEU Y 32 53.59 -0.24 12.83
N ASP Y 33 52.98 -1.03 11.95
CA ASP Y 33 52.86 -0.68 10.53
C ASP Y 33 51.97 0.55 10.34
N VAL Y 34 50.78 0.53 10.96
CA VAL Y 34 49.88 1.68 10.89
C VAL Y 34 50.49 2.89 11.58
N LEU Y 35 51.19 2.66 12.69
CA LEU Y 35 51.80 3.71 13.49
C LEU Y 35 52.99 4.35 12.80
N GLY Y 36 53.57 3.68 11.81
CA GLY Y 36 54.60 4.30 10.99
C GLY Y 36 54.14 5.48 10.16
N HIS Y 37 52.83 5.62 9.95
CA HIS Y 37 52.28 6.75 9.19
C HIS Y 37 52.05 7.99 10.04
N ILE Y 38 52.64 8.07 11.23
CA ILE Y 38 52.48 9.20 12.12
C ILE Y 38 53.82 9.92 12.16
N PRO Y 39 53.87 11.26 12.23
CA PRO Y 39 55.16 11.95 12.33
C PRO Y 39 55.91 11.61 13.61
N LYS Y 40 57.22 11.86 13.56
CA LYS Y 40 58.12 11.41 14.62
C LYS Y 40 58.05 12.27 15.87
N ASN Y 41 57.65 13.54 15.73
CA ASN Y 41 57.52 14.40 16.90
C ASN Y 41 56.25 14.14 17.70
N ALA Y 42 55.31 13.36 17.16
CA ALA Y 42 54.06 13.07 17.85
C ALA Y 42 54.33 12.12 19.01
N ALA Y 43 53.96 12.55 20.22
CA ALA Y 43 54.22 11.75 21.42
C ALA Y 43 53.38 10.48 21.45
N TYR Y 44 52.22 10.49 20.77
CA TYR Y 44 51.41 9.29 20.65
C TYR Y 44 52.15 8.18 19.93
N ARG Y 45 52.86 8.52 18.85
CA ARG Y 45 53.64 7.53 18.11
C ARG Y 45 54.75 6.95 18.98
N LYS Y 46 55.45 7.81 19.73
CA LYS Y 46 56.55 7.36 20.57
C LYS Y 46 56.06 6.45 21.69
N TYR Y 47 54.98 6.84 22.37
CA TYR Y 47 54.45 6.04 23.46
C TYR Y 47 53.84 4.73 22.97
N THR Y 48 53.20 4.75 21.80
CA THR Y 48 52.57 3.54 21.30
C THR Y 48 53.60 2.58 20.72
N GLU Y 49 54.66 3.10 20.08
CA GLU Y 49 55.82 2.28 19.72
C GLU Y 49 56.46 1.66 20.95
N GLN Y 50 56.58 2.43 22.04
CA GLN Y 50 57.19 1.95 23.26
C GLN Y 50 56.39 0.79 23.87
N ILE Y 51 55.08 0.97 24.01
CA ILE Y 51 54.29 -0.09 24.65
C ILE Y 51 54.07 -1.28 23.72
N THR Y 52 53.97 -1.05 22.40
CA THR Y 52 53.82 -2.15 21.46
C THR Y 52 55.11 -2.96 21.38
N ASN Y 53 56.26 -2.30 21.43
CA ASN Y 53 57.53 -3.01 21.39
C ASN Y 53 57.77 -3.79 22.67
N GLU Y 54 57.37 -3.24 23.83
CA GLU Y 54 57.52 -3.99 25.07
C GLU Y 54 56.60 -5.22 25.10
N LYS Y 55 55.35 -5.06 24.67
CA LYS Y 55 54.44 -6.20 24.63
C LYS Y 55 54.87 -7.23 23.60
N LEU Y 56 55.38 -6.79 22.45
CA LEU Y 56 55.81 -7.73 21.42
C LEU Y 56 57.10 -8.44 21.81
N SER Y 57 57.98 -7.77 22.57
CA SER Y 57 59.16 -8.44 23.09
C SER Y 57 58.79 -9.50 24.12
N ILE Y 58 57.78 -9.22 24.95
CA ILE Y 58 57.31 -10.24 25.90
C ILE Y 58 56.67 -11.41 25.18
N VAL Y 59 55.89 -11.15 24.12
CA VAL Y 59 55.24 -12.23 23.37
C VAL Y 59 56.27 -13.06 22.62
N LYS Y 60 57.28 -12.42 22.04
CA LYS Y 60 58.35 -13.16 21.37
C LYS Y 60 59.26 -13.88 22.35
N ALA Y 61 59.28 -13.49 23.62
CA ALA Y 61 60.12 -14.15 24.60
C ALA Y 61 59.47 -15.35 25.29
N GLU Y 62 58.14 -15.42 25.33
CA GLU Y 62 57.44 -16.38 26.19
C GLU Y 62 56.61 -17.37 25.38
N PRO Y 63 56.89 -18.67 25.45
CA PRO Y 63 56.03 -19.66 24.79
C PRO Y 63 54.80 -20.06 25.60
N ASP Y 64 54.91 -20.03 26.92
CA ASP Y 64 53.87 -20.55 27.80
C ASP Y 64 52.74 -19.54 27.93
N VAL Y 65 51.50 -20.01 27.76
CA VAL Y 65 50.34 -19.13 27.67
C VAL Y 65 50.02 -18.49 29.02
N LYS Y 66 50.08 -19.28 30.10
CA LYS Y 66 49.69 -18.80 31.42
C LYS Y 66 50.69 -17.79 31.95
N LYS Y 67 51.99 -18.06 31.79
CA LYS Y 67 53.01 -17.13 32.24
C LYS Y 67 53.01 -15.86 31.40
N LEU Y 68 52.66 -15.98 30.12
CA LEU Y 68 52.48 -14.81 29.27
C LEU Y 68 51.31 -13.96 29.74
N GLU Y 69 50.25 -14.61 30.23
CA GLU Y 69 49.15 -13.87 30.83
C GLU Y 69 49.58 -13.18 32.11
N GLU Y 70 50.44 -13.82 32.91
CA GLU Y 70 50.88 -13.15 34.14
C GLU Y 70 51.86 -12.01 33.87
N GLN Y 71 52.66 -12.07 32.81
CA GLN Y 71 53.69 -11.04 32.63
C GLN Y 71 53.40 -10.06 31.50
N LEU Y 72 52.30 -10.22 30.76
CA LEU Y 72 51.76 -9.08 30.03
C LEU Y 72 50.87 -8.22 30.91
N GLN Y 73 50.27 -8.85 31.93
CA GLN Y 73 49.47 -8.21 32.97
C GLN Y 73 48.25 -7.52 32.35
N GLY Y 74 47.46 -8.31 31.64
CA GLY Y 74 46.27 -7.82 30.97
C GLY Y 74 45.11 -8.79 31.09
N GLY Y 75 45.08 -9.56 32.18
CA GLY Y 75 44.01 -10.52 32.37
C GLY Y 75 44.18 -11.73 31.48
N GLN Y 76 43.06 -12.19 30.92
CA GLN Y 76 43.05 -13.24 29.91
C GLN Y 76 43.85 -12.81 28.68
N ILE Y 77 44.36 -13.79 27.94
CA ILE Y 77 45.16 -13.45 26.77
C ILE Y 77 44.27 -12.99 25.63
N GLU Y 78 43.00 -13.41 25.61
CA GLU Y 78 42.10 -13.01 24.53
C GLU Y 78 41.67 -11.56 24.68
N GLU Y 79 41.61 -11.04 25.91
CA GLU Y 79 41.35 -9.61 26.03
C GLU Y 79 42.60 -8.77 25.86
N VAL Y 80 43.79 -9.37 25.98
CA VAL Y 80 45.00 -8.71 25.50
C VAL Y 80 44.95 -8.57 23.98
N ILE Y 81 44.47 -9.63 23.30
CA ILE Y 81 44.23 -9.58 21.85
C ILE Y 81 43.19 -8.52 21.51
N LEU Y 82 42.12 -8.45 22.31
CA LEU Y 82 41.08 -7.45 22.08
C LEU Y 82 41.59 -6.04 22.29
N GLN Y 83 42.47 -5.83 23.28
CA GLN Y 83 43.04 -4.50 23.49
C GLN Y 83 44.02 -4.13 22.39
N ALA Y 84 44.73 -5.12 21.82
CA ALA Y 84 45.56 -4.86 20.65
C ALA Y 84 44.71 -4.47 19.45
N GLU Y 85 43.54 -5.09 19.30
CA GLU Y 85 42.61 -4.68 18.25
C GLU Y 85 42.11 -3.26 18.48
N ASN Y 86 41.82 -2.90 19.73
CA ASN Y 86 41.38 -1.55 20.05
C ASN Y 86 42.47 -0.52 19.79
N GLU Y 87 43.73 -0.88 20.08
CA GLU Y 87 44.83 0.03 19.83
C GLU Y 87 45.08 0.20 18.33
N LEU Y 88 44.88 -0.87 17.55
CA LEU Y 88 44.98 -0.75 16.10
C LEU Y 88 43.90 0.17 15.53
N SER Y 89 42.65 -0.02 15.98
CA SER Y 89 41.55 0.84 15.55
C SER Y 89 41.78 2.28 15.97
N LEU Y 90 42.32 2.48 17.18
CA LEU Y 90 42.60 3.82 17.67
C LEU Y 90 43.67 4.50 16.83
N ALA Y 91 44.77 3.80 16.52
CA ALA Y 91 45.84 4.38 15.72
C ALA Y 91 45.36 4.72 14.31
N ARG Y 92 44.48 3.88 13.74
CA ARG Y 92 43.87 4.21 12.46
C ARG Y 92 43.00 5.46 12.55
N LYS Y 93 42.35 5.68 13.69
CA LYS Y 93 41.61 6.93 13.87
C LYS Y 93 42.55 8.12 14.12
N MET Y 94 43.66 7.89 14.82
CA MET Y 94 44.59 8.96 15.18
C MET Y 94 45.33 9.49 13.96
N ILE Y 95 45.47 8.66 12.91
CA ILE Y 95 45.95 9.19 11.63
C ILE Y 95 44.95 10.19 11.07
N GLN Y 96 43.66 9.89 11.19
CA GLN Y 96 42.61 10.72 10.59
C GLN Y 96 42.43 12.03 11.35
N TRP Y 97 42.41 11.97 12.69
CA TRP Y 97 42.19 13.16 13.51
C TRP Y 97 43.35 14.14 13.45
N LYS Y 98 44.57 13.61 13.31
CA LYS Y 98 45.81 14.34 13.50
C LYS Y 98 45.84 15.19 14.78
N PRO Y 99 45.81 14.58 15.96
CA PRO Y 99 45.67 15.36 17.20
C PRO Y 99 46.97 15.77 17.87
N TRP Y 100 48.12 15.53 17.24
CA TRP Y 100 49.39 16.08 17.72
C TRP Y 100 49.56 17.54 17.35
N GLU Y 101 48.69 18.06 16.50
CA GLU Y 101 48.71 19.43 16.04
C GLU Y 101 48.39 20.39 17.19
N PRO Y 102 48.73 21.68 17.06
CA PRO Y 102 48.43 22.64 18.14
C PRO Y 102 46.94 22.80 18.43
N LEU Y 103 46.67 23.49 19.54
CA LEU Y 103 45.33 23.60 20.10
C LEU Y 103 44.42 24.40 19.18
N VAL Y 104 43.20 23.89 18.97
CA VAL Y 104 42.31 24.46 17.97
C VAL Y 104 41.75 25.80 18.42
N GLU Y 105 41.58 26.01 19.72
CA GLU Y 105 41.05 27.27 20.22
C GLU Y 105 41.45 27.42 21.69
N GLU Y 106 41.86 28.62 22.05
CA GLU Y 106 42.04 28.94 23.46
C GLU Y 106 40.67 29.10 24.11
N PRO Y 107 40.48 28.57 25.32
CA PRO Y 107 39.24 28.82 26.06
C PRO Y 107 39.19 30.27 26.54
N PRO Y 108 38.01 30.77 26.89
CA PRO Y 108 37.92 32.09 27.52
C PRO Y 108 38.61 32.11 28.88
N ALA Y 109 38.85 33.33 29.38
CA ALA Y 109 39.75 33.53 30.52
C ALA Y 109 39.17 32.97 31.81
N SER Y 110 37.86 33.00 31.98
CA SER Y 110 37.20 32.43 33.15
C SER Y 110 36.41 31.17 32.80
N GLN Y 111 36.91 30.40 31.84
CA GLN Y 111 36.18 29.20 31.42
C GLN Y 111 36.39 28.05 32.39
N TRP Y 112 37.58 27.93 32.98
CA TRP Y 112 37.86 26.85 33.92
C TRP Y 112 38.20 27.36 35.31
N LYS Y 113 37.92 28.64 35.59
CA LYS Y 113 38.13 29.18 36.92
C LYS Y 113 36.98 28.79 37.83
N TRP Y 114 37.27 27.97 38.84
CA TRP Y 114 36.26 27.59 39.81
C TRP Y 114 36.80 27.81 41.22
N PRO Y 115 36.02 28.43 42.12
CA PRO Y 115 34.68 28.98 41.92
C PRO Y 115 34.67 30.31 41.18
N ILE Y 116 33.49 30.77 40.81
CA ILE Y 116 33.40 31.90 39.90
C ILE Y 116 33.45 33.22 40.64
N THR Z 27 32.52 36.54 16.04
CA THR Z 27 31.12 36.31 15.71
C THR Z 27 30.93 35.07 14.85
N SER Z 28 32.04 34.41 14.52
CA SER Z 28 32.00 33.19 13.72
C SER Z 28 31.68 32.02 14.64
N VAL Z 29 30.48 31.46 14.47
CA VAL Z 29 29.98 30.40 15.34
C VAL Z 29 29.83 29.11 14.53
N LYS Z 30 29.50 28.02 15.22
CA LYS Z 30 29.29 26.76 14.54
C LYS Z 30 27.80 26.53 14.31
N PRO Z 31 27.39 26.21 13.09
CA PRO Z 31 25.96 26.00 12.81
C PRO Z 31 25.45 24.69 13.38
N ILE Z 32 24.14 24.55 13.39
CA ILE Z 32 23.50 23.31 13.84
C ILE Z 32 23.16 22.48 12.61
N PHE Z 33 22.28 22.99 11.76
CA PHE Z 33 22.01 22.34 10.48
C PHE Z 33 22.05 23.32 9.31
N SER Z 34 21.69 24.57 9.56
CA SER Z 34 21.43 25.53 8.50
C SER Z 34 22.58 26.52 8.39
N ARG Z 35 23.05 26.74 7.16
CA ARG Z 35 24.12 27.71 6.94
C ARG Z 35 23.62 29.14 7.10
N ASP Z 36 22.46 29.44 6.51
CA ASP Z 36 21.90 30.79 6.54
C ASP Z 36 20.40 30.68 6.83
N MET Z 37 19.69 31.80 6.70
CA MET Z 37 18.26 31.83 7.02
C MET Z 37 17.39 31.25 5.92
N ASN Z 38 17.92 31.02 4.72
CA ASN Z 38 17.10 30.49 3.64
C ASN Z 38 16.82 29.01 3.84
N GLU Z 39 17.88 28.23 4.09
CA GLU Z 39 17.71 26.81 4.45
C GLU Z 39 16.94 26.65 5.75
N ALA Z 40 17.11 27.62 6.66
CA ALA Z 40 16.37 27.63 7.91
C ALA Z 40 14.87 27.78 7.65
N LYS Z 41 14.49 28.75 6.80
CA LYS Z 41 13.08 28.91 6.43
C LYS Z 41 12.56 27.71 5.66
N ARG Z 42 13.44 27.02 4.91
CA ARG Z 42 13.03 25.77 4.26
C ARG Z 42 12.67 24.69 5.27
N ARG Z 43 13.49 24.54 6.31
CA ARG Z 43 13.20 23.55 7.35
C ARG Z 43 11.96 23.92 8.16
N VAL Z 44 11.77 25.22 8.43
CA VAL Z 44 10.55 25.72 9.07
C VAL Z 44 9.34 25.40 8.22
N ARG Z 45 9.47 25.56 6.90
CA ARG Z 45 8.36 25.34 5.99
C ARG Z 45 7.99 23.87 5.90
N GLU Z 46 8.99 22.98 5.94
CA GLU Z 46 8.70 21.55 5.93
C GLU Z 46 8.09 21.09 7.27
N LEU Z 47 8.52 21.69 8.38
CA LEU Z 47 7.87 21.41 9.66
C LEU Z 47 6.42 21.86 9.67
N TYR Z 48 6.14 23.02 9.06
CA TYR Z 48 4.77 23.49 8.98
C TYR Z 48 3.93 22.61 8.06
N ARG Z 49 4.53 22.07 6.99
CA ARG Z 49 3.81 21.12 6.15
C ARG Z 49 3.47 19.85 6.90
N ALA Z 50 4.38 19.38 7.75
CA ALA Z 50 4.12 18.18 8.54
C ALA Z 50 3.02 18.40 9.58
N TRP Z 51 3.03 19.56 10.25
CA TRP Z 51 1.96 19.85 11.20
C TRP Z 51 0.62 20.04 10.52
N TYR Z 52 0.61 20.69 9.35
CA TYR Z 52 -0.63 20.90 8.60
C TYR Z 52 -1.23 19.58 8.16
N ARG Z 53 -0.39 18.64 7.72
CA ARG Z 53 -0.90 17.32 7.37
C ARG Z 53 -1.32 16.53 8.60
N GLU Z 54 -0.71 16.78 9.76
CA GLU Z 54 -0.93 15.94 10.92
C GLU Z 54 -2.13 16.35 11.77
N VAL Z 55 -2.57 17.61 11.69
CA VAL Z 55 -3.75 18.10 12.44
C VAL Z 55 -5.02 17.26 12.30
N PRO Z 56 -5.50 16.84 11.10
CA PRO Z 56 -6.74 16.03 11.08
C PRO Z 56 -6.62 14.65 11.70
N ASN Z 57 -5.47 13.99 11.49
CA ASN Z 57 -5.22 12.71 12.14
C ASN Z 57 -5.15 12.88 13.65
N THR Z 58 -4.59 13.99 14.12
CA THR Z 58 -4.51 14.26 15.54
C THR Z 58 -5.90 14.50 16.13
N VAL Z 59 -6.77 15.19 15.40
CA VAL Z 59 -8.13 15.40 15.88
C VAL Z 59 -8.92 14.10 15.89
N HIS Z 60 -8.63 13.19 14.95
CA HIS Z 60 -9.36 11.93 14.96
C HIS Z 60 -8.85 10.96 16.03
N LEU Z 61 -7.56 10.60 15.99
CA LEU Z 61 -7.08 9.52 16.85
C LEU Z 61 -6.90 9.94 18.31
N PHE Z 62 -7.01 11.22 18.62
CA PHE Z 62 -7.12 11.65 20.02
C PHE Z 62 -8.55 11.97 20.40
N GLN Z 63 -9.48 11.84 19.44
CA GLN Z 63 -10.92 12.17 19.52
C GLN Z 63 -11.19 13.45 20.30
N LEU Z 64 -10.54 14.51 19.83
CA LEU Z 64 -10.65 15.83 20.42
C LEU Z 64 -12.03 16.43 20.12
N ASP Z 65 -12.40 17.41 20.95
CA ASP Z 65 -13.64 18.16 20.77
C ASP Z 65 -13.41 19.45 19.99
N ILE Z 66 -12.20 19.68 19.52
CA ILE Z 66 -11.90 20.80 18.63
C ILE Z 66 -12.09 20.34 17.19
N SER Z 67 -12.16 21.32 16.28
CA SER Z 67 -12.24 21.03 14.86
C SER Z 67 -10.84 21.04 14.25
N VAL Z 68 -10.78 20.81 12.93
CA VAL Z 68 -9.50 20.77 12.25
C VAL Z 68 -9.00 22.17 11.93
N LYS Z 69 -9.92 23.06 11.52
CA LYS Z 69 -9.56 24.45 11.23
C LYS Z 69 -9.08 25.17 12.48
N GLN Z 70 -9.68 24.85 13.63
CA GLN Z 70 -9.28 25.47 14.89
C GLN Z 70 -7.90 24.99 15.33
N GLY Z 71 -7.63 23.69 15.16
CA GLY Z 71 -6.31 23.18 15.46
C GLY Z 71 -5.24 23.73 14.52
N ARG Z 72 -5.58 23.87 13.24
CA ARG Z 72 -4.64 24.46 12.28
C ARG Z 72 -4.40 25.93 12.55
N ASP Z 73 -5.40 26.65 13.05
CA ASP Z 73 -5.17 28.02 13.47
C ASP Z 73 -4.30 28.09 14.71
N LYS Z 74 -4.39 27.11 15.61
CA LYS Z 74 -3.47 27.07 16.74
C LYS Z 74 -2.04 26.75 16.30
N VAL Z 75 -1.88 25.88 15.29
CA VAL Z 75 -0.54 25.62 14.74
C VAL Z 75 0.01 26.88 14.07
N ARG Z 76 -0.86 27.62 13.38
CA ARG Z 76 -0.45 28.88 12.78
C ARG Z 76 -0.07 29.92 13.83
N GLU Z 77 -0.80 29.95 14.94
CA GLU Z 77 -0.50 30.87 16.04
C GLU Z 77 0.83 30.51 16.70
N MET Z 78 1.10 29.21 16.90
CA MET Z 78 2.37 28.80 17.50
C MET Z 78 3.55 28.97 16.55
N PHE Z 79 3.34 28.86 15.24
CA PHE Z 79 4.44 29.18 14.31
C PHE Z 79 4.67 30.67 14.20
N LYS Z 80 3.61 31.48 14.21
CA LYS Z 80 3.77 32.92 14.12
C LYS Z 80 4.20 33.56 15.43
N LYS Z 81 4.17 32.82 16.54
CA LYS Z 81 4.66 33.36 17.81
C LYS Z 81 6.16 33.61 17.77
N ASN Z 82 6.90 32.81 16.99
CA ASN Z 82 8.35 32.94 16.86
C ASN Z 82 8.74 33.45 15.48
N ALA Z 83 7.97 34.38 14.94
CA ALA Z 83 8.16 34.81 13.56
C ALA Z 83 9.23 35.88 13.38
N HIS Z 84 9.89 36.30 14.45
CA HIS Z 84 10.78 37.46 14.41
C HIS Z 84 12.25 37.11 14.53
N VAL Z 85 12.58 35.84 14.72
CA VAL Z 85 13.97 35.45 14.98
C VAL Z 85 14.71 35.41 13.64
N THR Z 86 15.87 36.10 13.59
CA THR Z 86 16.69 36.15 12.39
C THR Z 86 18.04 35.48 12.59
N ASP Z 87 18.15 34.58 13.57
CA ASP Z 87 19.32 33.76 13.92
C ASP Z 87 19.10 32.36 13.38
N PRO Z 88 20.05 31.80 12.60
CA PRO Z 88 19.86 30.43 12.08
C PRO Z 88 19.84 29.35 13.15
N ARG Z 89 20.69 29.47 14.17
CA ARG Z 89 20.78 28.42 15.18
C ARG Z 89 19.53 28.35 16.05
N VAL Z 90 18.94 29.51 16.36
CA VAL Z 90 17.76 29.54 17.23
C VAL Z 90 16.56 28.95 16.50
N VAL Z 91 16.40 29.25 15.22
CA VAL Z 91 15.28 28.67 14.49
C VAL Z 91 15.54 27.21 14.14
N ASP Z 92 16.81 26.78 14.07
CA ASP Z 92 17.08 25.35 13.95
C ASP Z 92 16.66 24.61 15.20
N LEU Z 93 16.95 25.17 16.39
CA LEU Z 93 16.49 24.56 17.62
C LEU Z 93 14.97 24.62 17.76
N LEU Z 94 14.33 25.67 17.24
CA LEU Z 94 12.87 25.71 17.22
C LEU Z 94 12.30 24.63 16.32
N VAL Z 95 12.94 24.37 15.18
CA VAL Z 95 12.52 23.26 14.31
C VAL Z 95 12.72 21.92 15.00
N ILE Z 96 13.81 21.77 15.73
CA ILE Z 96 14.09 20.52 16.44
C ILE Z 96 13.06 20.27 17.55
N LYS Z 97 12.73 21.32 18.31
CA LYS Z 97 11.71 21.18 19.35
C LYS Z 97 10.32 20.98 18.76
N GLY Z 98 10.04 21.59 17.61
CA GLY Z 98 8.78 21.36 16.93
C GLY Z 98 8.66 19.96 16.37
N LYS Z 99 9.77 19.37 15.93
CA LYS Z 99 9.76 17.98 15.51
C LYS Z 99 9.64 17.04 16.70
N MET Z 100 10.14 17.43 17.87
CA MET Z 100 9.93 16.60 19.06
C MET Z 100 8.47 16.60 19.49
N GLU Z 101 7.84 17.79 19.50
CA GLU Z 101 6.39 17.90 19.66
C GLU Z 101 5.64 17.08 18.61
N LEU Z 102 6.13 17.14 17.37
CA LEU Z 102 5.50 16.43 16.26
C LEU Z 102 5.56 14.92 16.43
N GLU Z 103 6.74 14.40 16.78
CA GLU Z 103 6.88 12.95 16.95
C GLU Z 103 6.16 12.46 18.20
N GLU Z 104 6.08 13.30 19.24
CA GLU Z 104 5.26 12.93 20.40
C GLU Z 104 3.78 13.04 20.12
N THR Z 105 3.38 13.73 19.05
CA THR Z 105 1.98 13.77 18.65
C THR Z 105 1.62 12.66 17.67
N ILE Z 106 2.50 12.36 16.71
CA ILE Z 106 2.27 11.27 15.75
C ILE Z 106 2.23 9.94 16.46
N ASN Z 107 3.31 9.58 17.14
CA ASN Z 107 3.28 8.46 18.06
C ASN Z 107 2.35 8.79 19.22
N VAL Z 108 1.60 7.80 19.67
CA VAL Z 108 0.62 8.07 20.71
C VAL Z 108 1.38 8.04 22.03
N TRP Z 109 1.98 9.17 22.38
CA TRP Z 109 2.73 9.38 23.62
C TRP Z 109 2.07 10.42 24.49
N LYS Z 110 1.68 11.55 23.90
CA LYS Z 110 0.82 12.50 24.56
C LYS Z 110 -0.55 11.87 24.82
N GLN Z 111 -1.21 12.33 25.86
CA GLN Z 111 -2.61 12.02 26.07
C GLN Z 111 -3.44 13.15 25.47
N ARG Z 112 -4.74 13.15 25.78
CA ARG Z 112 -5.61 14.24 25.34
C ARG Z 112 -5.19 15.56 25.98
N THR Z 113 -4.69 15.51 27.22
CA THR Z 113 -4.35 16.72 27.95
C THR Z 113 -3.13 17.43 27.35
N HIS Z 114 -2.12 16.68 26.90
CA HIS Z 114 -0.90 17.32 26.40
C HIS Z 114 -1.13 18.01 25.06
N VAL Z 115 -2.16 17.61 24.33
CA VAL Z 115 -2.52 18.31 23.12
C VAL Z 115 -3.45 19.48 23.44
N MET Z 116 -4.35 19.30 24.40
CA MET Z 116 -5.26 20.38 24.76
C MET Z 116 -4.61 21.45 25.64
N ARG Z 117 -3.35 21.29 26.04
CA ARG Z 117 -2.68 22.38 26.76
C ARG Z 117 -2.33 23.56 25.87
N PHE Z 118 -2.26 23.37 24.55
CA PHE Z 118 -2.08 24.50 23.66
C PHE Z 118 -3.33 25.38 23.64
N PHE Z 119 -4.49 24.78 23.88
CA PHE Z 119 -5.77 25.49 23.96
C PHE Z 119 -6.03 25.76 25.43
N HIS Z 120 -5.63 26.93 25.90
CA HIS Z 120 -5.73 27.28 27.32
C HIS Z 120 -7.19 27.56 27.66
N GLU Z 121 -7.97 26.48 27.75
CA GLU Z 121 -9.43 26.58 27.83
C GLU Z 121 -9.91 26.82 29.25
N THR Z 122 -9.30 26.18 30.24
CA THR Z 122 -9.70 26.42 31.62
C THR Z 122 -9.18 27.73 32.15
N GLU Z 123 -8.12 28.27 31.55
CA GLU Z 123 -7.59 29.57 31.93
C GLU Z 123 -8.53 30.66 31.43
N ALA Z 124 -9.09 31.44 32.36
CA ALA Z 124 -9.98 32.52 32.00
C ALA Z 124 -9.18 33.62 31.28
N PRO Z 125 -9.79 34.30 30.30
CA PRO Z 125 -9.06 35.32 29.54
C PRO Z 125 -8.70 36.51 30.43
N ARG Z 126 -7.40 36.80 30.48
CA ARG Z 126 -6.88 37.78 31.41
C ARG Z 126 -7.27 39.19 30.97
N PRO Z 127 -7.30 40.13 31.92
CA PRO Z 127 -7.49 41.55 31.56
C PRO Z 127 -6.37 42.06 30.64
N LYS Z 128 -6.78 42.75 29.58
CA LYS Z 128 -5.87 43.09 28.49
C LYS Z 128 -5.37 44.53 28.57
N ASP Z 129 -6.27 45.49 28.73
CA ASP Z 129 -5.90 46.89 28.70
C ASP Z 129 -5.29 47.34 30.03
N PHE Z 130 -5.07 48.65 30.14
CA PHE Z 130 -4.52 49.21 31.38
C PHE Z 130 -5.53 49.17 32.51
N LEU Z 131 -6.78 49.55 32.22
CA LEU Z 131 -7.72 49.90 33.28
C LEU Z 131 -8.20 48.67 34.02
N SER Z 132 -8.41 47.56 33.31
CA SER Z 132 -8.87 46.35 33.97
C SER Z 132 -7.76 45.68 34.78
N LYS Z 133 -6.51 45.73 34.31
CA LYS Z 133 -5.40 45.25 35.13
C LYS Z 133 -5.16 46.16 36.33
N PHE Z 134 -5.45 47.46 36.19
CA PHE Z 134 -5.46 48.34 37.34
C PHE Z 134 -6.54 47.93 38.33
N TYR Z 135 -7.70 47.52 37.84
CA TYR Z 135 -8.80 47.15 38.71
C TYR Z 135 -8.53 45.85 39.46
N VAL Z 136 -7.91 44.88 38.80
CA VAL Z 136 -7.82 43.55 39.40
C VAL Z 136 -6.57 43.32 40.23
N GLY Z 137 -5.54 44.16 40.12
CA GLY Z 137 -4.36 43.92 40.90
C GLY Z 137 -3.15 44.79 40.62
N HIS Z 138 -1.97 44.25 40.88
CA HIS Z 138 -0.73 45.00 40.84
C HIS Z 138 0.19 44.65 39.68
N ASP Z 139 -0.05 43.54 39.01
CA ASP Z 139 0.82 43.13 37.90
C ASP Z 139 0.65 44.07 36.73
N PRO Z 140 1.74 44.55 36.12
CA PRO Z 140 1.65 45.45 34.96
C PRO Z 140 1.36 44.70 33.65
N AYA AA 3 7.48 -22.46 68.18
CA AYA AA 3 8.09 -23.39 69.08
CB AYA AA 3 9.15 -22.73 69.97
C AYA AA 3 7.08 -24.05 70.01
O AYA AA 3 7.39 -24.70 71.01
CT AYA AA 3 7.15 -22.78 66.87
OT AYA AA 3 7.36 -23.91 66.42
CM AYA AA 3 6.52 -21.68 66.05
N SER AA 4 5.82 -23.89 69.65
CA SER AA 4 4.73 -24.35 70.52
C SER AA 4 4.02 -25.58 69.97
N ALA AA 5 4.40 -26.01 68.78
CA ALA AA 5 3.70 -27.11 68.12
C ALA AA 5 4.06 -28.45 68.75
N THR AA 6 3.17 -29.42 68.54
CA THR AA 6 3.40 -30.77 69.01
C THR AA 6 4.52 -31.44 68.21
N ARG AA 7 5.09 -32.49 68.81
CA ARG AA 7 6.23 -33.15 68.19
C ARG AA 7 5.86 -33.93 66.93
N LEU AA 8 4.58 -34.27 66.75
CA LEU AA 8 4.16 -34.85 65.48
C LEU AA 8 4.18 -33.80 64.37
N ILE AA 9 3.61 -32.63 64.64
CA ILE AA 9 3.65 -31.52 63.68
C ILE AA 9 5.08 -31.02 63.51
N GLN AA 10 5.87 -31.06 64.57
CA GLN AA 10 7.28 -30.66 64.50
C GLN AA 10 8.09 -31.63 63.64
N GLY AA 11 7.86 -32.94 63.79
CA GLY AA 11 8.57 -33.90 62.97
C GLY AA 11 8.10 -33.91 61.53
N LEU AA 12 6.79 -33.73 61.32
CA LEU AA 12 6.23 -33.57 59.97
C LEU AA 12 6.80 -32.34 59.29
N ARG AA 13 6.98 -31.27 60.04
CA ARG AA 13 7.48 -30.01 59.49
C ARG AA 13 8.97 -30.11 59.15
N ASN AA 14 9.75 -30.74 60.02
CA ASN AA 14 11.16 -30.97 59.73
C ASN AA 14 11.34 -32.00 58.61
N TRP AA 15 10.38 -32.91 58.43
CA TRP AA 15 10.44 -33.84 57.32
C TRP AA 15 10.16 -33.14 56.00
N ALA AA 16 9.07 -32.36 55.96
CA ALA AA 16 8.66 -31.70 54.73
C ALA AA 16 9.66 -30.62 54.32
N SER AA 17 10.25 -29.92 55.29
CA SER AA 17 11.28 -28.95 54.95
C SER AA 17 12.60 -29.62 54.59
N GLY AA 18 12.85 -30.81 55.12
CA GLY AA 18 14.15 -31.43 54.97
C GLY AA 18 15.24 -30.83 55.82
N ARG AA 19 14.91 -29.88 56.70
CA ARG AA 19 15.89 -29.22 57.55
C ARG AA 19 15.42 -29.33 58.99
N ASP AA 20 16.25 -28.86 59.92
CA ASP AA 20 15.89 -28.81 61.33
C ASP AA 20 15.45 -27.39 61.66
N LEU AA 21 14.15 -27.21 61.86
CA LEU AA 21 13.59 -25.87 61.92
C LEU AA 21 13.53 -25.29 63.32
N GLN AA 22 13.40 -26.14 64.34
CA GLN AA 22 13.35 -25.65 65.72
C GLN AA 22 14.66 -25.05 66.19
N ALA AA 23 15.78 -25.42 65.57
CA ALA AA 23 17.04 -24.77 65.89
C ALA AA 23 17.09 -23.34 65.37
N LYS AA 24 16.64 -23.12 64.14
CA LYS AA 24 16.65 -21.81 63.51
C LYS AA 24 15.20 -21.40 63.24
N LEU AA 25 14.59 -20.73 64.21
CA LEU AA 25 13.20 -20.30 64.10
C LEU AA 25 13.13 -18.86 63.62
N GLN AA 26 12.35 -18.62 62.57
CA GLN AA 26 12.17 -17.28 62.04
C GLN AA 26 11.27 -16.40 62.90
N LEU AA 27 10.57 -16.97 63.86
CA LEU AA 27 9.90 -16.20 64.89
C LEU AA 27 10.87 -15.98 66.05
N ARG AA 28 10.59 -14.97 66.86
CA ARG AA 28 11.48 -14.57 67.93
C ARG AA 28 10.84 -14.79 69.29
N TYR AA 29 11.68 -15.11 70.26
CA TYR AA 29 11.27 -15.47 71.62
C TYR AA 29 12.24 -14.79 72.57
N GLN AA 30 12.36 -15.33 73.79
CA GLN AA 30 13.20 -14.78 74.86
C GLN AA 30 14.67 -14.59 74.50
N GLU AA 31 15.16 -15.14 73.38
CA GLU AA 31 16.55 -14.94 72.96
C GLU AA 31 16.87 -13.52 72.52
N ILE AA 32 15.86 -12.66 72.35
CA ILE AA 32 16.11 -11.29 71.92
C ILE AA 32 16.52 -10.42 73.10
N SER AA 33 16.98 -9.21 72.81
CA SER AA 33 17.42 -8.29 73.84
C SER AA 33 16.23 -7.72 74.61
N LYS AA 34 16.54 -7.05 75.71
CA LYS AA 34 15.51 -6.44 76.54
C LYS AA 34 15.00 -5.15 75.90
N ARG AA 35 13.70 -4.88 76.09
CA ARG AA 35 13.14 -3.62 75.63
C ARG AA 35 13.61 -2.46 76.49
N THR AA 36 13.78 -2.68 77.79
CA THR AA 36 14.27 -1.67 78.72
C THR AA 36 15.69 -2.05 79.11
N GLN AA 37 16.64 -1.33 78.56
CA GLN AA 37 18.06 -1.48 78.80
C GLN AA 37 18.50 -0.64 79.98
N PRO AA 38 19.69 -0.87 80.53
CA PRO AA 38 20.30 0.13 81.41
C PRO AA 38 20.72 1.34 80.60
N PRO AA 39 20.90 2.51 81.23
CA PRO AA 39 21.35 3.67 80.49
C PRO AA 39 22.81 3.53 80.08
N PRO AA 40 23.20 4.09 78.95
CA PRO AA 40 24.60 3.97 78.52
C PRO AA 40 25.50 5.03 79.10
N LYS AA 41 26.78 4.97 78.73
CA LYS AA 41 27.77 5.98 79.06
C LYS AA 41 28.67 6.07 77.83
N LEU AA 42 28.34 6.98 76.93
CA LEU AA 42 29.01 6.95 75.65
C LEU AA 42 30.39 7.60 75.74
N PRO AA 43 31.37 7.06 75.03
CA PRO AA 43 32.72 7.65 75.09
C PRO AA 43 32.78 8.93 74.28
N VAL AA 44 33.83 9.71 74.52
CA VAL AA 44 34.04 10.96 73.83
C VAL AA 44 35.14 10.75 72.79
N GLY AA 45 35.21 11.70 71.85
CA GLY AA 45 36.17 11.61 70.78
C GLY AA 45 37.58 11.95 71.23
N PRO AA 46 38.51 11.89 70.28
CA PRO AA 46 39.92 12.11 70.62
C PRO AA 46 40.27 13.57 70.82
N SER AA 47 39.44 14.49 70.36
CA SER AA 47 39.68 15.91 70.50
C SER AA 47 39.06 16.49 71.75
N HIS AA 48 38.50 15.66 72.63
CA HIS AA 48 38.01 16.12 73.93
C HIS AA 48 39.16 16.10 74.94
N ARG AA 49 40.07 17.05 74.76
CA ARG AA 49 41.22 17.20 75.63
C ARG AA 49 41.35 18.66 76.03
N LEU AA 50 42.01 18.88 77.17
CA LEU AA 50 42.15 20.22 77.73
C LEU AA 50 43.46 20.88 77.35
N SER AA 51 44.42 20.15 76.80
CA SER AA 51 45.68 20.70 76.39
C SER AA 51 46.13 20.03 75.11
N ASN AA 52 46.96 20.75 74.34
CA ASN AA 52 47.45 20.35 73.02
C ASN AA 52 46.27 20.04 72.10
N ASN AA 53 45.33 20.97 72.05
CA ASN AA 53 44.10 20.77 71.30
C ASN AA 53 43.76 22.04 70.54
N TYR AA 54 44.78 22.67 69.96
CA TYR AA 54 44.54 23.80 69.08
C TYR AA 54 43.88 23.32 67.81
N TYR AA 55 42.85 24.04 67.37
CA TYR AA 55 42.03 23.57 66.26
C TYR AA 55 42.78 23.62 64.93
N CYS AA 56 43.77 24.49 64.81
CA CYS AA 56 44.55 24.58 63.58
C CYS AA 56 45.44 23.35 63.37
N ALA AA 57 45.72 22.59 64.42
CA ALA AA 57 46.50 21.37 64.30
C ALA AA 57 45.64 20.16 63.95
N ARG AA 58 44.31 20.33 63.87
CA ARG AA 58 43.41 19.27 63.46
C ARG AA 58 42.33 19.77 62.51
N ASP AA 59 42.56 20.91 61.86
CA ASP AA 59 41.57 21.52 60.98
C ASP AA 59 41.57 20.75 59.66
N GLY AA 60 40.47 20.05 59.38
CA GLY AA 60 40.40 19.24 58.19
C GLY AA 60 40.11 20.04 56.94
N ARG AA 61 39.11 20.93 57.03
CA ARG AA 61 38.65 21.69 55.87
C ARG AA 61 39.70 22.67 55.37
N ARG AA 62 40.58 23.15 56.24
CA ARG AA 62 41.56 24.16 55.87
C ARG AA 62 42.87 23.56 55.38
N GLU AA 63 43.04 22.24 55.51
CA GLU AA 63 44.14 21.57 54.84
C GLU AA 63 43.78 21.14 53.43
N ALA AA 64 42.56 21.41 52.99
CA ALA AA 64 42.21 21.20 51.60
C ALA AA 64 42.82 22.31 50.76
N MET AA 65 43.07 22.00 49.50
CA MET AA 65 43.80 22.88 48.60
C MET AA 65 43.05 23.00 47.28
N PRO AA 66 43.27 24.09 46.53
CA PRO AA 66 42.81 24.11 45.15
C PRO AA 66 43.54 23.08 44.32
N PRO AA 67 42.94 22.61 43.22
CA PRO AA 67 43.57 21.54 42.43
C PRO AA 67 44.84 22.01 41.74
N SER AA 68 45.91 21.23 41.93
CA SER AA 68 47.19 21.52 41.32
C SER AA 68 47.08 21.34 39.81
N ILE AA 69 47.20 22.44 39.08
CA ILE AA 69 47.07 22.42 37.63
C ILE AA 69 48.34 21.79 37.06
N VAL AA 70 48.22 20.55 36.60
CA VAL AA 70 49.38 19.81 36.13
C VAL AA 70 49.82 20.31 34.77
N MET AA 71 48.87 20.79 33.96
CA MET AA 71 49.16 21.41 32.68
C MET AA 71 48.06 22.43 32.41
N SER AA 72 48.44 23.58 31.88
CA SER AA 72 47.47 24.61 31.49
C SER AA 72 47.82 25.15 30.11
N SER AA 73 46.89 25.93 29.56
CA SER AA 73 47.13 26.72 28.37
C SER AA 73 47.23 28.20 28.69
N GLN AA 74 47.60 28.53 29.93
CA GLN AA 74 47.77 29.89 30.45
C GLN AA 74 46.55 30.78 30.24
N SER AA 91 61.82 13.77 26.40
CA SER AA 91 62.60 12.85 25.60
C SER AA 91 61.96 11.47 25.58
N GLU AA 92 62.75 10.45 25.91
CA GLU AA 92 62.26 9.06 25.94
C GLU AA 92 61.81 8.67 27.35
N LYS AA 93 60.88 9.47 27.88
CA LYS AA 93 60.28 9.14 29.15
C LYS AA 93 59.31 7.97 28.99
N LYS AA 94 58.94 7.37 30.12
CA LYS AA 94 58.14 6.16 30.11
C LYS AA 94 56.69 6.46 29.77
N ALA AA 95 56.10 5.61 28.94
CA ALA AA 95 54.68 5.70 28.65
C ALA AA 95 53.90 5.15 29.84
N VAL AA 96 53.26 6.04 30.58
CA VAL AA 96 52.73 5.71 31.88
C VAL AA 96 51.24 5.38 31.79
N SER AA 97 50.71 4.82 32.87
CA SER AA 97 49.33 4.38 33.04
C SER AA 97 48.71 5.28 34.11
N PRO AA 98 47.39 5.23 34.38
CA PRO AA 98 46.87 6.06 35.49
C PRO AA 98 47.26 5.53 36.85
N ALA AA 99 47.61 4.25 36.91
CA ALA AA 99 47.95 3.51 38.11
C ALA AA 99 48.60 2.22 37.65
N PRO AA 100 49.34 1.53 38.53
CA PRO AA 100 49.81 0.19 38.19
C PRO AA 100 48.65 -0.74 37.94
N PRO AA 101 48.81 -1.71 37.04
CA PRO AA 101 47.67 -2.54 36.60
C PRO AA 101 47.10 -3.38 37.73
N ILE AA 102 45.80 -3.69 37.61
CA ILE AA 102 45.07 -4.32 38.70
C ILE AA 102 45.58 -5.74 38.89
N LYS AA 103 45.57 -6.18 40.15
CA LYS AA 103 45.95 -7.55 40.45
C LYS AA 103 44.83 -8.48 40.04
N ARG AA 104 45.20 -9.64 39.50
CA ARG AA 104 44.22 -10.69 39.25
C ARG AA 104 43.65 -11.16 40.58
N TRP AA 105 42.33 -11.29 40.63
CA TRP AA 105 41.69 -11.83 41.82
C TRP AA 105 42.00 -13.31 41.93
N GLU AA 106 42.46 -13.72 43.10
CA GLU AA 106 42.64 -15.14 43.35
C GLU AA 106 41.29 -15.78 43.69
N LEU AA 107 41.15 -17.04 43.29
CA LEU AA 107 39.90 -17.76 43.51
C LEU AA 107 39.71 -18.03 45.01
N SER AA 108 38.46 -18.14 45.43
CA SER AA 108 38.13 -18.21 46.85
C SER AA 108 38.60 -19.52 47.47
N GLN AA 109 39.23 -19.41 48.65
CA GLN AA 109 39.63 -20.57 49.42
C GLN AA 109 38.46 -21.19 50.18
N ASP AA 110 37.35 -20.46 50.31
CA ASP AA 110 36.24 -20.88 51.15
C ASP AA 110 35.36 -21.90 50.44
N GLU AA 111 34.69 -21.49 49.37
CA GLU AA 111 33.84 -22.39 48.59
C GLU AA 111 33.70 -21.84 47.19
N PRO AA 112 34.63 -22.18 46.29
CA PRO AA 112 34.59 -21.61 44.93
C PRO AA 112 33.62 -22.28 43.97
N TYR AA 113 32.88 -23.30 44.43
CA TYR AA 113 32.00 -24.15 43.61
C TYR AA 113 32.77 -24.80 42.45
N LEU AA 114 34.02 -25.15 42.71
CA LEU AA 114 34.85 -25.91 41.78
C LEU AA 114 35.44 -27.12 42.48
N MET BA 1 -1.67 -39.41 74.32
CA MET BA 1 -1.39 -38.77 73.03
C MET BA 1 -1.40 -37.25 73.22
N GLU BA 2 -0.49 -36.56 72.53
CA GLU BA 2 -0.29 -35.14 72.72
C GLU BA 2 -1.36 -34.27 72.06
N LEU BA 3 -2.25 -34.84 71.25
CA LEU BA 3 -3.42 -34.11 70.79
C LEU BA 3 -4.41 -33.86 71.92
N LEU BA 4 -4.42 -34.74 72.93
CA LEU BA 4 -5.30 -34.56 74.08
C LEU BA 4 -4.92 -33.33 74.88
N GLN BA 5 -3.62 -33.04 74.98
CA GLN BA 5 -3.18 -31.81 75.63
C GLN BA 5 -3.57 -30.58 74.83
N VAL BA 6 -3.56 -30.69 73.49
CA VAL BA 6 -4.03 -29.61 72.62
C VAL BA 6 -5.51 -29.33 72.88
N LEU BA 7 -6.31 -30.39 72.97
CA LEU BA 7 -7.74 -30.22 73.19
C LEU BA 7 -8.03 -29.69 74.59
N LYS BA 8 -7.22 -30.09 75.59
CA LYS BA 8 -7.43 -29.57 76.93
C LYS BA 8 -6.92 -28.13 77.07
N ARG BA 9 -5.92 -27.73 76.28
CA ARG BA 9 -5.56 -26.31 76.24
C ARG BA 9 -6.65 -25.48 75.57
N GLY BA 10 -7.30 -26.04 74.55
CA GLY BA 10 -8.44 -25.36 73.95
C GLY BA 10 -9.61 -25.22 74.91
N LEU BA 11 -9.91 -26.28 75.66
CA LEU BA 11 -10.99 -26.21 76.64
C LEU BA 11 -10.64 -25.32 77.82
N GLN BA 12 -9.37 -25.22 78.20
CA GLN BA 12 -9.05 -24.26 79.25
C GLN BA 12 -8.93 -22.84 78.71
N GLN BA 13 -8.81 -22.66 77.40
CA GLN BA 13 -9.05 -21.33 76.83
C GLN BA 13 -10.53 -20.98 76.84
N VAL BA 14 -11.40 -21.98 76.68
CA VAL BA 14 -12.83 -21.75 76.88
C VAL BA 14 -13.11 -21.37 78.33
N SER BA 15 -12.46 -22.06 79.28
CA SER BA 15 -12.67 -21.78 80.68
C SER BA 15 -11.98 -20.50 81.15
N GLY BA 16 -10.95 -20.05 80.44
CA GLY BA 16 -10.18 -18.91 80.88
C GLY BA 16 -10.86 -17.57 80.66
N HIS BA 17 -11.90 -17.53 79.84
CA HIS BA 17 -12.61 -16.30 79.54
C HIS BA 17 -13.97 -16.24 80.24
N GLY BA 18 -14.17 -17.03 81.29
CA GLY BA 18 -15.42 -17.04 82.01
C GLY BA 18 -16.54 -17.71 81.24
N GLY BA 19 -16.31 -18.94 80.80
CA GLY BA 19 -17.33 -19.69 80.11
C GLY BA 19 -17.45 -19.34 78.64
N LEU BA 20 -18.47 -19.93 78.02
CA LEU BA 20 -18.61 -19.86 76.57
C LEU BA 20 -19.10 -18.49 76.11
N ARG BA 21 -19.82 -17.77 76.96
CA ARG BA 21 -20.27 -16.43 76.60
C ARG BA 21 -19.08 -15.47 76.50
N GLY BA 22 -18.18 -15.49 77.49
CA GLY BA 22 -16.98 -14.70 77.40
C GLY BA 22 -16.02 -15.18 76.33
N TYR BA 23 -16.02 -16.50 76.07
CA TYR BA 23 -15.23 -17.06 74.99
C TYR BA 23 -15.67 -16.51 73.63
N LEU BA 24 -16.98 -16.52 73.38
CA LEU BA 24 -17.48 -15.98 72.12
C LEU BA 24 -17.39 -14.46 72.09
N ARG BA 25 -17.41 -13.82 73.26
CA ARG BA 25 -17.20 -12.37 73.32
C ARG BA 25 -15.82 -12.00 72.81
N VAL BA 26 -14.78 -12.64 73.35
CA VAL BA 26 -13.43 -12.35 72.87
C VAL BA 26 -13.20 -12.93 71.48
N LEU BA 27 -13.96 -13.95 71.06
CA LEU BA 27 -13.84 -14.47 69.71
C LEU BA 27 -14.38 -13.50 68.67
N PHE BA 28 -15.57 -12.93 68.91
CA PHE BA 28 -16.15 -12.04 67.94
C PHE BA 28 -15.63 -10.61 68.05
N ARG BA 29 -14.97 -10.25 69.16
CA ARG BA 29 -14.37 -8.92 69.23
C ARG BA 29 -12.88 -8.91 68.91
N ALA BA 30 -12.18 -10.00 69.16
CA ALA BA 30 -10.72 -10.02 69.07
C ALA BA 30 -10.19 -10.91 67.97
N ASN BA 31 -10.99 -11.87 67.49
CA ASN BA 31 -10.59 -12.91 66.53
C ASN BA 31 -9.41 -13.72 67.05
N ASP BA 32 -9.37 -13.89 68.37
CA ASP BA 32 -8.32 -14.59 69.09
C ASP BA 32 -8.78 -14.83 70.51
N VAL BA 33 -8.54 -16.03 71.05
CA VAL BA 33 -9.19 -16.44 72.29
C VAL BA 33 -8.19 -16.90 73.33
N ARG BA 34 -6.90 -16.66 73.11
CA ARG BA 34 -5.91 -17.13 74.07
C ARG BA 34 -5.93 -16.25 75.31
N VAL BA 35 -5.52 -16.84 76.42
CA VAL BA 35 -5.55 -16.15 77.71
C VAL BA 35 -4.14 -15.78 78.11
N GLY BA 36 -4.04 -14.84 79.04
CA GLY BA 36 -2.74 -14.39 79.50
C GLY BA 36 -2.84 -13.71 80.85
N THR BA 37 -1.67 -13.45 81.42
CA THR BA 37 -1.57 -12.75 82.70
C THR BA 37 -2.07 -11.33 82.54
N LEU BA 38 -3.06 -10.95 83.35
CA LEU BA 38 -3.57 -9.58 83.35
C LEU BA 38 -2.51 -8.65 83.90
N VAL BA 39 -2.17 -7.62 83.11
CA VAL BA 39 -1.08 -6.73 83.48
C VAL BA 39 -1.62 -5.50 84.19
N GLY BA 40 -2.72 -4.95 83.72
CA GLY BA 40 -3.30 -3.80 84.35
C GLY BA 40 -4.58 -3.40 83.65
N GLU BA 41 -5.04 -2.20 84.00
CA GLU BA 41 -6.24 -1.63 83.39
C GLU BA 41 -6.18 -0.13 83.56
N ASP BA 42 -6.44 0.60 82.48
CA ASP BA 42 -6.45 2.06 82.52
C ASP BA 42 -7.75 2.57 83.12
N LYS BA 43 -7.98 3.87 83.06
CA LYS BA 43 -9.20 4.48 83.54
C LYS BA 43 -10.36 4.39 82.54
N TYR BA 44 -10.24 3.55 81.52
CA TYR BA 44 -11.27 3.41 80.51
C TYR BA 44 -11.88 2.03 80.44
N GLY BA 45 -11.18 1.00 80.92
CA GLY BA 45 -11.61 -0.38 80.74
C GLY BA 45 -10.77 -1.17 79.76
N ASN BA 46 -9.78 -0.55 79.14
CA ASN BA 46 -8.84 -1.28 78.28
C ASN BA 46 -8.02 -2.21 79.16
N LYS BA 47 -8.19 -3.51 78.96
CA LYS BA 47 -7.44 -4.49 79.71
C LYS BA 47 -6.21 -4.91 78.92
N TYR BA 48 -5.14 -5.21 79.64
CA TYR BA 48 -3.84 -5.50 79.02
C TYR BA 48 -3.37 -6.85 79.51
N TYR BA 49 -2.68 -7.57 78.63
CA TYR BA 49 -2.33 -8.95 78.93
C TYR BA 49 -0.92 -9.27 78.46
N GLU BA 50 -0.25 -10.16 79.19
CA GLU BA 50 1.02 -10.73 78.79
C GLU BA 50 0.91 -12.23 78.61
N ASP BA 51 1.65 -12.73 77.62
CA ASP BA 51 1.90 -14.16 77.48
C ASP BA 51 3.25 -14.27 76.79
N ASN BA 52 4.30 -14.44 77.59
CA ASN BA 52 5.66 -14.48 77.04
C ASN BA 52 5.96 -15.78 76.30
N LYS BA 53 5.10 -16.80 76.43
CA LYS BA 53 5.26 -18.00 75.62
C LYS BA 53 4.91 -17.78 74.15
N GLN BA 54 4.12 -16.75 73.85
CA GLN BA 54 3.87 -16.39 72.47
C GLN BA 54 5.05 -15.60 71.92
N PHE BA 55 5.18 -15.60 70.60
CA PHE BA 55 6.35 -14.97 70.00
C PHE BA 55 6.22 -13.45 70.01
N PHE BA 56 7.32 -12.79 69.67
CA PHE BA 56 7.49 -11.36 69.87
C PHE BA 56 6.56 -10.58 68.95
N GLY BA 57 5.50 -10.01 69.51
CA GLY BA 57 4.45 -9.36 68.75
C GLY BA 57 3.09 -9.87 69.15
N ARG BA 58 3.03 -11.14 69.57
CA ARG BA 58 1.84 -11.72 70.15
C ARG BA 58 1.86 -11.71 71.66
N HIS BA 59 2.98 -11.31 72.27
CA HIS BA 59 3.15 -11.46 73.71
C HIS BA 59 2.45 -10.38 74.52
N ARG BA 60 1.96 -9.32 73.88
CA ARG BA 60 1.24 -8.26 74.58
C ARG BA 60 0.03 -7.86 73.75
N TRP BA 61 -1.13 -7.76 74.38
CA TRP BA 61 -2.31 -7.35 73.65
C TRP BA 61 -3.27 -6.60 74.55
N VAL BA 62 -4.11 -5.77 73.93
CA VAL BA 62 -5.11 -4.99 74.63
C VAL BA 62 -6.49 -5.49 74.21
N ILE BA 63 -7.37 -5.68 75.18
CA ILE BA 63 -8.78 -5.91 74.95
C ILE BA 63 -9.49 -4.61 75.26
N TYR BA 64 -10.00 -3.94 74.22
CA TYR BA 64 -10.53 -2.60 74.37
C TYR BA 64 -11.87 -2.61 75.10
N THR BA 65 -12.14 -1.51 75.78
CA THR BA 65 -13.42 -1.31 76.46
C THR BA 65 -14.55 -1.18 75.46
N THR BA 66 -15.77 -1.40 75.95
CA THR BA 66 -16.96 -1.26 75.13
C THR BA 66 -17.54 0.14 75.19
N GLU BA 67 -16.93 1.03 75.97
CA GLU BA 67 -17.37 2.42 76.06
C GLU BA 67 -16.17 3.24 76.47
N MET BA 68 -15.82 4.23 75.64
CA MET BA 68 -14.73 5.14 75.92
C MET BA 68 -15.11 6.52 75.43
N ASN BA 69 -15.19 7.48 76.37
CA ASN BA 69 -15.50 8.89 76.10
C ASN BA 69 -16.85 9.04 75.40
N GLY BA 70 -17.82 8.21 75.76
CA GLY BA 70 -19.15 8.28 75.22
C GLY BA 70 -19.45 7.33 74.08
N LYS BA 71 -18.45 6.95 73.29
CA LYS BA 71 -18.67 6.17 72.09
C LYS BA 71 -18.93 4.71 72.44
N ASN BA 72 -19.73 4.04 71.61
CA ASN BA 72 -20.00 2.62 71.76
C ASN BA 72 -18.90 1.87 71.02
N THR BA 73 -17.82 1.57 71.72
CA THR BA 73 -16.65 0.94 71.14
C THR BA 73 -16.70 -0.59 71.22
N PHE BA 74 -17.90 -1.17 71.25
CA PHE BA 74 -18.03 -2.62 71.32
C PHE BA 74 -17.54 -3.26 70.02
N TRP BA 75 -17.96 -2.74 68.88
CA TRP BA 75 -17.45 -3.20 67.59
C TRP BA 75 -16.47 -2.23 66.95
N ASP BA 76 -16.58 -0.94 67.24
CA ASP BA 76 -15.70 0.08 66.65
C ASP BA 76 -14.39 0.17 67.44
N VAL BA 77 -13.62 -0.92 67.38
CA VAL BA 77 -12.33 -0.93 68.06
C VAL BA 77 -11.33 -0.12 67.26
N ASP BA 78 -10.60 0.75 67.95
CA ASP BA 78 -9.78 1.76 67.32
C ASP BA 78 -8.39 1.69 67.94
N GLY BA 79 -7.36 1.73 67.09
CA GLY BA 79 -6.00 1.66 67.59
C GLY BA 79 -5.57 2.88 68.39
N SER BA 80 -6.19 4.02 68.15
CA SER BA 80 -5.90 5.26 68.86
C SER BA 80 -6.52 5.31 70.26
N MET BA 81 -7.26 4.28 70.66
CA MET BA 81 -7.91 4.27 71.97
C MET BA 81 -6.92 4.04 73.11
N VAL BA 82 -5.70 3.62 72.81
CA VAL BA 82 -4.73 3.29 73.88
C VAL BA 82 -4.24 4.59 74.52
N PRO BA 83 -4.30 4.71 75.84
CA PRO BA 83 -3.77 5.89 76.52
C PRO BA 83 -2.27 5.95 76.41
N PRO BA 84 -1.66 7.13 76.54
CA PRO BA 84 -0.22 7.26 76.29
C PRO BA 84 0.66 6.58 77.33
N GLU BA 85 0.17 6.34 78.53
CA GLU BA 85 0.99 5.65 79.52
C GLU BA 85 1.11 4.16 79.24
N TRP BA 86 0.15 3.57 78.52
CA TRP BA 86 0.24 2.18 78.10
C TRP BA 86 0.85 2.02 76.72
N HIS BA 87 0.99 3.11 75.98
CA HIS BA 87 1.46 3.07 74.60
C HIS BA 87 2.95 2.74 74.51
N ARG BA 88 3.72 3.02 75.56
CA ARG BA 88 5.11 2.54 75.62
C ARG BA 88 5.14 1.02 75.69
N TRP BA 89 4.39 0.47 76.65
CA TRP BA 89 4.43 -0.95 76.95
C TRP BA 89 3.86 -1.78 75.81
N LEU BA 90 2.77 -1.32 75.22
CA LEU BA 90 2.07 -2.12 74.23
C LEU BA 90 2.82 -2.15 72.90
N HIS BA 91 3.41 -1.03 72.51
CA HIS BA 91 4.28 -0.94 71.34
C HIS BA 91 5.71 -1.35 71.64
N CYS BA 92 5.95 -1.89 72.84
CA CYS BA 92 7.24 -2.42 73.28
C CYS BA 92 8.33 -1.36 73.23
N MET BA 93 7.99 -0.13 73.60
CA MET BA 93 9.02 0.88 73.81
C MET BA 93 9.69 0.74 75.16
N THR BA 94 9.14 -0.10 76.03
CA THR BA 94 9.72 -0.38 77.33
C THR BA 94 9.28 -1.76 77.80
N ASP BA 95 9.85 -2.20 78.92
CA ASP BA 95 9.41 -3.42 79.57
C ASP BA 95 8.39 -3.18 80.67
N ASP BA 96 8.56 -2.11 81.43
CA ASP BA 96 7.76 -1.93 82.63
C ASP BA 96 6.39 -1.35 82.27
N PRO BA 97 5.30 -1.98 82.72
CA PRO BA 97 3.99 -1.37 82.54
C PRO BA 97 3.82 -0.17 83.46
N PRO BA 98 2.90 0.75 83.14
CA PRO BA 98 2.72 1.94 84.00
C PRO BA 98 2.13 1.64 85.37
N THR BA 99 1.68 0.41 85.64
CA THR BA 99 1.35 0.04 87.00
C THR BA 99 2.59 -0.24 87.84
N VAL BA 100 3.72 -0.56 87.20
CA VAL BA 100 4.98 -0.77 87.91
C VAL BA 100 5.76 0.54 87.95
N LYS BA 101 6.06 1.10 86.78
CA LYS BA 101 6.72 2.39 86.71
C LYS BA 101 5.75 3.42 86.12
N PRO BA 102 5.12 4.25 86.95
CA PRO BA 102 4.09 5.17 86.46
C PRO BA 102 4.69 6.30 85.66
N PRO BA 103 3.92 6.93 84.78
CA PRO BA 103 4.38 8.16 84.15
C PRO BA 103 4.44 9.28 85.16
N THR BA 104 5.34 10.23 84.93
CA THR BA 104 5.52 11.35 85.83
C THR BA 104 4.40 12.35 85.60
N ALA BA 105 3.57 12.57 86.61
CA ALA BA 105 2.36 13.38 86.43
C ALA BA 105 2.69 14.86 86.36
N ARG BA 106 1.84 15.59 85.65
CA ARG BA 106 1.94 17.03 85.48
C ARG BA 106 0.56 17.63 85.65
N LYS BA 107 0.48 18.96 85.61
CA LYS BA 107 -0.80 19.64 85.62
C LYS BA 107 -1.32 19.94 84.23
N PHE BA 108 -0.48 19.79 83.20
CA PHE BA 108 -0.89 20.02 81.83
C PHE BA 108 -1.14 18.74 81.04
N ILE BA 109 -0.70 17.59 81.55
CA ILE BA 109 -1.02 16.31 80.94
C ILE BA 109 -2.52 16.06 81.07
N TRP BA 110 -3.14 15.67 79.96
CA TRP BA 110 -4.58 15.43 79.93
C TRP BA 110 -4.98 14.30 80.86
N THR BA 111 -5.96 14.57 81.73
CA THR BA 111 -6.53 13.54 82.56
C THR BA 111 -7.42 12.60 81.77
N ASN BA 112 -7.87 13.00 80.58
CA ASN BA 112 -8.83 12.21 79.79
C ASN BA 112 -8.35 12.16 78.35
N HIS BA 113 -7.72 11.04 77.99
CA HIS BA 113 -7.23 10.78 76.64
C HIS BA 113 -8.40 10.68 75.65
N LYS BA 114 -8.13 11.03 74.40
CA LYS BA 114 -9.13 10.96 73.34
C LYS BA 114 -8.57 10.25 72.13
N PHE BA 115 -9.44 9.50 71.44
CA PHE BA 115 -9.11 8.76 70.25
C PHE BA 115 -9.12 9.69 69.03
N ASN BA 116 -9.06 9.11 67.83
CA ASN BA 116 -9.03 9.90 66.61
C ASN BA 116 -10.40 10.51 66.36
N LEU BA 117 -10.45 11.83 66.26
CA LEU BA 117 -11.70 12.56 66.16
C LEU BA 117 -12.01 12.98 64.74
N SER BA 118 -11.29 12.48 63.75
CA SER BA 118 -11.47 12.93 62.38
C SER BA 118 -12.76 12.37 61.80
N GLY BA 119 -13.53 13.25 61.16
CA GLY BA 119 -14.85 12.89 60.67
C GLY BA 119 -15.98 13.16 61.65
N THR BA 120 -15.67 13.63 62.84
CA THR BA 120 -16.62 13.94 63.89
C THR BA 120 -16.74 15.45 64.05
N PRO BA 121 -17.73 15.94 64.82
CA PRO BA 121 -17.73 17.38 65.15
C PRO BA 121 -16.55 17.81 66.02
N GLN BA 122 -15.88 16.90 66.72
CA GLN BA 122 -14.80 17.26 67.62
C GLN BA 122 -13.44 17.35 66.93
N GLN BA 123 -13.41 17.44 65.60
CA GLN BA 123 -12.16 17.32 64.87
C GLN BA 123 -11.43 18.65 64.79
N TYR BA 124 -10.13 18.56 64.53
CA TYR BA 124 -9.29 19.73 64.41
C TYR BA 124 -9.58 20.50 63.13
N VAL BA 125 -9.79 21.80 63.27
CA VAL BA 125 -9.94 22.72 62.15
C VAL BA 125 -8.75 23.67 62.19
N PRO BA 126 -7.99 23.80 61.11
CA PRO BA 126 -6.82 24.68 61.14
C PRO BA 126 -7.21 26.14 60.93
N TYR BA 127 -6.41 27.01 61.53
CA TYR BA 127 -6.61 28.44 61.41
C TYR BA 127 -5.30 29.15 61.71
N SER BA 128 -5.13 30.32 61.11
CA SER BA 128 -3.98 31.16 61.41
C SER BA 128 -4.10 31.70 62.83
N THR BA 129 -3.05 31.53 63.62
CA THR BA 129 -3.07 31.91 65.03
C THR BA 129 -2.49 33.28 65.29
N THR BA 130 -2.34 34.12 64.26
CA THR BA 130 -1.86 35.47 64.45
C THR BA 130 -2.98 36.47 64.24
N ARG BA 131 -2.68 37.72 64.55
CA ARG BA 131 -3.67 38.79 64.49
C ARG BA 131 -3.55 39.56 63.18
N LYS BA 132 -4.39 40.57 63.03
CA LYS BA 132 -4.41 41.40 61.83
C LYS BA 132 -3.13 42.23 61.73
N LYS BA 133 -2.54 42.27 60.53
CA LYS BA 133 -1.27 42.95 60.35
C LYS BA 133 -1.47 44.43 60.10
N ILE BA 134 -2.20 44.79 59.05
CA ILE BA 134 -2.46 46.17 58.70
C ILE BA 134 -3.63 46.68 59.53
N GLN BA 135 -3.41 47.75 60.28
CA GLN BA 135 -4.48 48.42 61.01
C GLN BA 135 -5.04 49.51 60.11
N GLU BA 136 -6.27 49.33 59.65
CA GLU BA 136 -6.83 50.25 58.67
C GLU BA 136 -7.28 51.54 59.35
N TRP BA 137 -7.55 52.54 58.52
CA TRP BA 137 -8.04 53.82 58.99
C TRP BA 137 -9.56 53.78 59.00
N VAL BA 138 -10.16 53.95 60.18
CA VAL BA 138 -11.61 54.06 60.31
C VAL BA 138 -11.96 55.54 60.16
N PRO BA 139 -12.82 55.91 59.21
CA PRO BA 139 -13.15 57.32 59.02
C PRO BA 139 -14.00 57.84 60.17
N PRO BA 140 -13.97 59.15 60.42
CA PRO BA 140 -14.79 59.69 61.51
C PRO BA 140 -16.27 59.64 61.18
N SER BA 141 -17.08 59.42 62.21
CA SER BA 141 -18.52 59.25 62.05
C SER BA 141 -19.28 60.56 62.09
N THR BA 142 -18.60 61.66 62.05
CA THR BA 142 -19.22 62.95 61.87
C THR BA 142 -19.09 63.40 60.41
N PRO BA 143 -20.06 64.14 59.88
CA PRO BA 143 -19.94 64.67 58.52
C PRO BA 143 -18.85 65.74 58.44
N TYR BA 144 -18.50 66.07 57.19
CA TYR BA 144 -17.42 67.00 56.91
C TYR BA 144 -17.89 68.45 56.83
N LYS BA 145 -19.08 68.74 57.34
CA LYS BA 145 -19.61 70.09 57.28
C LYS BA 145 -19.30 70.89 58.55
N PRO CA 74 -6.41 17.18 -15.60
CA PRO CA 74 -5.21 16.35 -15.72
C PRO CA 74 -5.04 15.85 -17.16
N LEU CA 75 -6.12 15.95 -17.93
CA LEU CA 75 -6.10 15.60 -19.34
C LEU CA 75 -5.76 16.81 -20.20
N THR CA 76 -6.55 17.88 -20.09
CA THR CA 76 -6.35 19.09 -20.88
C THR CA 76 -5.82 20.21 -19.99
N LEU CA 77 -5.12 21.15 -20.61
CA LEU CA 77 -4.49 22.25 -19.88
C LEU CA 77 -5.53 23.22 -19.33
N GLU CA 78 -6.65 23.39 -20.03
CA GLU CA 78 -7.67 24.33 -19.60
C GLU CA 78 -8.39 23.82 -18.37
N GLY CA 79 -8.60 22.50 -18.30
CA GLY CA 79 -9.18 21.91 -17.09
C GLY CA 79 -8.25 22.01 -15.89
N ILE CA 80 -6.93 21.87 -16.12
CA ILE CA 80 -5.96 22.02 -15.06
C ILE CA 80 -5.93 23.46 -14.56
N LYS CA 81 -6.05 24.44 -15.47
CA LYS CA 81 -6.08 25.84 -15.06
C LYS CA 81 -7.35 26.17 -14.29
N ASP CA 82 -8.49 25.65 -14.75
CA ASP CA 82 -9.75 25.86 -14.03
C ASP CA 82 -9.75 25.16 -12.69
N ARG CA 83 -9.05 24.03 -12.57
CA ARG CA 83 -9.00 23.32 -11.29
C ARG CA 83 -8.04 24.01 -10.32
N VAL CA 84 -6.95 24.61 -10.83
CA VAL CA 84 -6.11 25.49 -10.02
C VAL CA 84 -6.93 26.65 -9.47
N LEU CA 85 -7.71 27.31 -10.34
CA LEU CA 85 -8.53 28.43 -9.88
C LEU CA 85 -9.65 27.97 -8.95
N TYR CA 86 -10.10 26.71 -9.08
CA TYR CA 86 -11.15 26.24 -8.19
C TYR CA 86 -10.60 25.89 -6.80
N VAL CA 87 -9.38 25.34 -6.75
CA VAL CA 87 -8.71 25.15 -5.47
C VAL CA 87 -8.46 26.49 -4.78
N LEU CA 88 -8.14 27.51 -5.58
CA LEU CA 88 -7.91 28.83 -5.00
C LEU CA 88 -9.19 29.49 -4.53
N LYS CA 89 -10.30 29.29 -5.25
CA LYS CA 89 -11.55 29.91 -4.83
C LYS CA 89 -12.26 29.12 -3.73
N LEU CA 90 -11.89 27.86 -3.51
CA LEU CA 90 -12.31 27.20 -2.28
C LEU CA 90 -11.57 27.74 -1.07
N TYR CA 91 -10.34 28.20 -1.26
CA TYR CA 91 -9.49 28.69 -0.18
C TYR CA 91 -10.03 30.04 0.29
N ASP CA 92 -10.73 30.01 1.43
CA ASP CA 92 -11.62 31.10 1.86
C ASP CA 92 -10.89 32.38 2.26
N LYS CA 93 -9.56 32.33 2.44
CA LYS CA 93 -8.84 33.54 2.79
C LYS CA 93 -8.76 34.52 1.61
N ILE CA 94 -8.70 34.00 0.40
CA ILE CA 94 -8.55 34.83 -0.79
C ILE CA 94 -9.87 35.52 -1.11
N ASP CA 95 -9.83 36.81 -1.38
CA ASP CA 95 -10.94 37.51 -2.01
C ASP CA 95 -11.07 37.02 -3.45
N PRO CA 96 -12.20 36.40 -3.83
CA PRO CA 96 -12.32 35.87 -5.20
C PRO CA 96 -12.46 36.93 -6.28
N GLU CA 97 -12.73 38.18 -5.89
CA GLU CA 97 -12.85 39.25 -6.87
C GLU CA 97 -11.50 39.61 -7.47
N LYS CA 98 -10.48 39.79 -6.63
CA LYS CA 98 -9.16 40.17 -7.11
C LYS CA 98 -8.35 38.97 -7.60
N LEU CA 99 -8.88 37.76 -7.48
CA LEU CA 99 -8.18 36.58 -7.97
C LEU CA 99 -8.12 36.57 -9.49
N SER CA 100 -6.92 36.47 -10.03
CA SER CA 100 -6.70 36.31 -11.46
C SER CA 100 -5.80 35.11 -11.71
N VAL CA 101 -5.34 34.95 -12.94
CA VAL CA 101 -4.37 33.89 -13.22
C VAL CA 101 -2.95 34.38 -12.88
N ASN CA 102 -2.70 35.68 -12.97
CA ASN CA 102 -1.39 36.25 -12.69
C ASN CA 102 -1.36 37.04 -11.37
N SER CA 103 -2.25 36.74 -10.45
CA SER CA 103 -2.32 37.46 -9.18
C SER CA 103 -1.19 36.99 -8.27
N HIS CA 104 -0.52 37.93 -7.61
CA HIS CA 104 0.60 37.60 -6.74
C HIS CA 104 0.12 37.39 -5.31
N PHE CA 105 0.63 36.35 -4.65
CA PHE CA 105 0.13 36.00 -3.33
C PHE CA 105 0.57 37.00 -2.26
N MET CA 106 1.80 37.49 -2.36
CA MET CA 106 2.36 38.30 -1.27
C MET CA 106 1.90 39.75 -1.36
N LYS CA 107 1.90 40.33 -2.56
CA LYS CA 107 1.64 41.75 -2.68
C LYS CA 107 0.30 42.09 -3.32
N ASP CA 108 -0.23 41.23 -4.19
CA ASP CA 108 -1.58 41.49 -4.71
C ASP CA 108 -2.64 40.90 -3.78
N LEU CA 109 -2.52 39.61 -3.47
CA LEU CA 109 -3.48 38.99 -2.57
C LEU CA 109 -3.21 39.31 -1.11
N GLY CA 110 -1.98 39.75 -0.79
CA GLY CA 110 -1.63 40.14 0.57
C GLY CA 110 -1.62 38.97 1.54
N LEU CA 111 -1.07 37.84 1.12
CA LEU CA 111 -1.08 36.62 1.91
C LEU CA 111 0.26 36.40 2.58
N ASP CA 112 0.22 35.70 3.71
CA ASP CA 112 1.43 35.31 4.42
C ASP CA 112 2.09 34.15 3.68
N SER CA 113 3.34 33.85 4.05
CA SER CA 113 4.06 32.74 3.43
C SER CA 113 3.39 31.41 3.70
N LEU CA 114 2.94 31.21 4.95
CA LEU CA 114 2.28 29.97 5.34
C LEU CA 114 0.96 29.78 4.61
N ASP CA 115 0.31 30.88 4.22
CA ASP CA 115 -0.88 30.81 3.39
C ASP CA 115 -0.54 30.24 2.01
N GLN CA 116 0.59 30.64 1.44
CA GLN CA 116 1.04 30.06 0.19
C GLN CA 116 1.42 28.59 0.36
N VAL CA 117 1.94 28.23 1.53
CA VAL CA 117 2.32 26.84 1.78
C VAL CA 117 1.08 25.94 1.87
N GLU CA 118 0.03 26.41 2.53
CA GLU CA 118 -1.18 25.61 2.58
C GLU CA 118 -1.95 25.66 1.26
N ILE CA 119 -1.75 26.70 0.44
CA ILE CA 119 -2.24 26.67 -0.94
C ILE CA 119 -1.56 25.55 -1.73
N ILE CA 120 -0.24 25.41 -1.58
CA ILE CA 120 0.50 24.32 -2.25
C ILE CA 120 0.03 22.96 -1.76
N MET CA 121 -0.24 22.84 -0.46
CA MET CA 121 -0.73 21.57 0.04
C MET CA 121 -2.18 21.30 -0.37
N ALA CA 122 -2.97 22.35 -0.63
CA ALA CA 122 -4.30 22.13 -1.21
C ALA CA 122 -4.20 21.71 -2.68
N MET CA 123 -3.22 22.26 -3.39
CA MET CA 123 -2.91 21.81 -4.74
C MET CA 123 -2.53 20.33 -4.76
N GLU CA 124 -1.80 19.89 -3.73
CA GLU CA 124 -1.51 18.46 -3.66
C GLU CA 124 -2.73 17.65 -3.22
N ASP CA 125 -3.62 18.24 -2.40
CA ASP CA 125 -4.85 17.58 -2.01
C ASP CA 125 -5.76 17.31 -3.21
N GLU CA 126 -5.73 18.19 -4.21
CA GLU CA 126 -6.62 18.02 -5.36
C GLU CA 126 -5.92 17.39 -6.57
N PHE CA 127 -4.66 17.74 -6.83
CA PHE CA 127 -3.92 17.25 -7.98
C PHE CA 127 -3.16 15.96 -7.73
N GLY CA 128 -2.90 15.63 -6.46
CA GLY CA 128 -2.39 14.31 -6.11
C GLY CA 128 -0.98 13.97 -6.54
N PHE CA 129 -0.03 14.89 -6.38
CA PHE CA 129 1.37 14.59 -6.61
C PHE CA 129 2.22 15.53 -5.76
N GLU CA 130 3.33 14.99 -5.25
CA GLU CA 130 4.14 15.74 -4.29
C GLU CA 130 4.95 16.82 -4.98
N ILE CA 131 5.11 17.94 -4.29
CA ILE CA 131 5.92 19.07 -4.76
C ILE CA 131 7.03 19.30 -3.75
N PRO CA 132 8.30 19.31 -4.16
CA PRO CA 132 9.39 19.61 -3.23
C PRO CA 132 9.37 21.06 -2.81
N ASP CA 133 10.11 21.36 -1.74
CA ASP CA 133 10.06 22.69 -1.16
C ASP CA 133 10.80 23.73 -1.98
N ILE CA 134 11.85 23.31 -2.71
CA ILE CA 134 12.69 24.26 -3.43
C ILE CA 134 11.95 24.85 -4.63
N ASP CA 135 11.09 24.07 -5.26
CA ASP CA 135 10.32 24.52 -6.42
C ASP CA 135 8.85 24.75 -6.09
N ALA CA 136 8.52 24.85 -4.81
CA ALA CA 136 7.26 25.42 -4.36
C ALA CA 136 7.41 26.85 -3.84
N GLU CA 137 8.62 27.25 -3.45
CA GLU CA 137 8.87 28.62 -3.03
C GLU CA 137 8.84 29.58 -4.21
N LYS CA 138 9.12 29.09 -5.42
CA LYS CA 138 9.15 29.92 -6.61
C LYS CA 138 7.81 29.99 -7.33
N LEU CA 139 6.71 29.62 -6.66
CA LEU CA 139 5.38 29.61 -7.28
C LEU CA 139 4.56 30.72 -6.62
N MET CA 140 4.67 31.93 -7.16
CA MET CA 140 4.07 33.11 -6.56
C MET CA 140 2.84 33.62 -7.32
N CYS CA 141 2.27 32.81 -8.21
CA CYS CA 141 1.04 33.16 -8.91
C CYS CA 141 0.39 31.87 -9.37
N PRO CA 142 -0.92 31.90 -9.68
CA PRO CA 142 -1.56 30.71 -10.27
C PRO CA 142 -0.97 30.28 -11.60
N GLN CA 143 -0.41 31.22 -12.38
CA GLN CA 143 0.23 30.85 -13.64
C GLN CA 143 1.50 30.03 -13.40
N GLU CA 144 2.28 30.38 -12.37
CA GLU CA 144 3.43 29.56 -12.04
C GLU CA 144 3.02 28.20 -11.49
N ILE CA 145 1.88 28.13 -10.78
CA ILE CA 145 1.41 26.85 -10.27
C ILE CA 145 0.96 25.94 -11.40
N VAL CA 146 0.24 26.49 -12.37
CA VAL CA 146 -0.22 25.65 -13.49
C VAL CA 146 0.94 25.33 -14.42
N ASP CA 147 1.95 26.20 -14.51
CA ASP CA 147 3.16 25.84 -15.26
C ASP CA 147 3.95 24.74 -14.57
N TYR CA 148 3.98 24.72 -13.23
CA TYR CA 148 4.71 23.66 -12.54
C TYR CA 148 3.95 22.34 -12.64
N ILE CA 149 2.62 22.38 -12.57
CA ILE CA 149 1.82 21.18 -12.78
C ILE CA 149 1.99 20.66 -14.20
N ALA CA 150 1.99 21.57 -15.19
CA ALA CA 150 2.15 21.18 -16.59
C ALA CA 150 3.54 20.66 -16.89
N ASP CA 151 4.56 21.13 -16.17
CA ASP CA 151 5.90 20.60 -16.38
C ASP CA 151 6.06 19.20 -15.80
N LYS CA 152 5.36 18.90 -14.72
CA LYS CA 152 5.43 17.57 -14.11
C LYS CA 152 4.44 16.59 -14.72
N LYS CA 153 3.60 17.04 -15.64
CA LYS CA 153 2.70 16.17 -16.39
C LYS CA 153 2.91 16.40 -17.88
N ASP CA 154 2.02 15.88 -18.74
CA ASP CA 154 2.31 15.87 -20.17
C ASP CA 154 1.79 17.11 -20.89
N VAL CA 155 0.46 17.28 -20.90
CA VAL CA 155 -0.36 18.28 -21.66
C VAL CA 155 0.30 19.10 -22.78
N LEU DA 36 20.67 -33.09 -18.14
CA LEU DA 36 20.64 -32.26 -16.94
C LEU DA 36 21.10 -33.06 -15.72
N GLN DA 37 22.29 -32.72 -15.21
CA GLN DA 37 22.84 -33.42 -14.05
C GLN DA 37 22.08 -33.09 -12.78
N TYR DA 38 21.55 -31.87 -12.67
CA TYR DA 38 20.81 -31.44 -11.49
C TYR DA 38 19.33 -31.29 -11.82
N GLY DA 39 18.50 -31.76 -10.91
CA GLY DA 39 17.07 -31.56 -10.99
C GLY DA 39 16.42 -31.79 -9.64
N PRO DA 40 15.12 -32.06 -9.62
CA PRO DA 40 14.48 -32.46 -8.36
C PRO DA 40 14.92 -33.83 -7.88
N LEU DA 41 15.34 -34.71 -8.80
CA LEU DA 41 15.81 -36.02 -8.40
C LEU DA 41 17.14 -35.94 -7.68
N ALA DA 42 18.00 -35.01 -8.08
CA ALA DA 42 19.22 -34.74 -7.34
C ALA DA 42 18.95 -34.12 -5.97
N TYR DA 43 17.79 -33.48 -5.80
CA TYR DA 43 17.41 -32.96 -4.49
C TYR DA 43 16.85 -34.07 -3.61
N ILE DA 44 16.15 -35.03 -4.22
CA ILE DA 44 15.60 -36.15 -3.46
C ILE DA 44 16.70 -37.09 -3.00
N LEU DA 45 17.69 -37.34 -3.86
CA LEU DA 45 18.73 -38.32 -3.59
C LEU DA 45 19.79 -37.84 -2.61
N GLY DA 46 19.65 -36.66 -2.00
CA GLY DA 46 20.46 -36.27 -0.86
C GLY DA 46 21.22 -34.97 -1.03
N GLU DA 47 21.45 -34.51 -2.25
CA GLU DA 47 22.29 -33.32 -2.48
C GLU DA 47 21.54 -32.07 -2.04
N LYS DA 48 21.91 -31.57 -0.88
CA LYS DA 48 21.39 -30.31 -0.36
C LYS DA 48 22.47 -29.25 -0.52
N THR DA 49 22.08 -28.09 -1.05
CA THR DA 49 23.05 -27.08 -1.44
C THR DA 49 23.59 -26.27 -0.26
N THR DA 50 23.10 -26.49 0.96
CA THR DA 50 23.72 -25.91 2.13
C THR DA 50 24.77 -26.81 2.76
N LYS DA 51 24.96 -28.02 2.23
CA LYS DA 51 26.03 -28.88 2.71
C LYS DA 51 27.41 -28.46 2.20
N LYS DA 52 27.47 -27.44 1.34
CA LYS DA 52 28.73 -26.86 0.89
C LYS DA 52 28.74 -25.34 1.08
N MET DA 53 27.79 -24.80 1.84
CA MET DA 53 27.63 -23.36 2.02
C MET DA 53 28.36 -22.95 3.29
N THR DA 54 29.62 -22.55 3.13
CA THR DA 54 30.46 -22.16 4.25
C THR DA 54 30.33 -20.66 4.52
N GLU DA 55 31.17 -20.13 5.41
CA GLU DA 55 31.13 -18.71 5.73
C GLU DA 55 31.71 -17.86 4.60
N ASN DA 56 32.66 -18.41 3.85
CA ASN DA 56 33.31 -17.68 2.76
C ASN DA 56 32.44 -17.61 1.51
N SER DA 57 31.32 -18.32 1.49
CA SER DA 57 30.43 -18.36 0.33
C SER DA 57 29.54 -17.12 0.35
N LYS DA 58 30.12 -16.00 -0.07
CA LYS DA 58 29.43 -14.72 -0.05
C LYS DA 58 29.48 -14.08 -1.43
N LEU DA 59 28.30 -13.71 -1.94
CA LEU DA 59 28.20 -13.01 -3.21
C LEU DA 59 28.46 -11.53 -3.00
N ILE DA 60 29.50 -11.01 -3.66
CA ILE DA 60 29.97 -9.65 -3.47
C ILE DA 60 29.81 -8.91 -4.79
N THR DA 61 29.23 -7.71 -4.73
CA THR DA 61 29.06 -6.87 -5.91
C THR DA 61 29.80 -5.56 -5.67
N VAL DA 62 30.84 -5.32 -6.46
CA VAL DA 62 31.66 -4.12 -6.34
C VAL DA 62 31.11 -3.07 -7.30
N ASP DA 63 30.91 -1.86 -6.81
CA ASP DA 63 30.17 -0.84 -7.53
C ASP DA 63 30.93 0.47 -7.56
N GLY DA 64 30.61 1.30 -8.55
CA GLY DA 64 31.28 2.58 -8.69
C GLY DA 64 31.03 3.15 -10.07
N ASN DA 65 31.57 4.35 -10.26
CA ASN DA 65 31.33 5.13 -11.47
C ASN DA 65 32.23 4.61 -12.60
N ILE DA 66 32.30 5.34 -13.72
CA ILE DA 66 32.91 4.81 -14.93
C ILE DA 66 34.43 4.72 -14.81
N CYS DA 67 35.04 5.51 -13.91
CA CYS DA 67 36.46 5.32 -13.58
C CYS DA 67 36.65 5.39 -12.06
N SER DA 68 35.85 4.62 -11.32
CA SER DA 68 36.06 4.52 -9.88
C SER DA 68 37.14 3.50 -9.50
N GLY DA 69 37.85 2.92 -10.47
CA GLY DA 69 38.97 2.05 -10.16
C GLY DA 69 38.60 0.71 -9.55
N LYS DA 70 37.36 0.27 -9.72
CA LYS DA 70 36.89 -0.94 -9.07
C LYS DA 70 37.30 -2.20 -9.82
N SEP DA 71 37.83 -2.00 -11.03
CA SEP DA 71 38.21 -3.06 -11.95
CB SEP DA 71 38.76 -2.47 -13.25
OG SEP DA 71 37.80 -1.62 -13.88
C SEP DA 71 39.25 -4.01 -11.36
O SEP DA 71 39.05 -5.23 -11.34
P SEP DA 71 38.19 -0.07 -13.69
O1P SEP DA 71 38.03 0.71 -15.09
O2P SEP DA 71 39.71 0.05 -13.16
O3P SEP DA 71 37.21 0.58 -12.59
N LYS DA 72 40.34 -3.45 -10.85
CA LYS DA 72 41.36 -4.28 -10.25
C LYS DA 72 41.02 -4.62 -8.81
N LEU DA 73 40.18 -3.80 -8.18
CA LEU DA 73 39.81 -4.05 -6.78
C LEU DA 73 38.96 -5.30 -6.65
N ALA DA 74 38.03 -5.52 -7.58
CA ALA DA 74 37.23 -6.73 -7.55
C ALA DA 74 38.08 -7.99 -7.76
N LYS DA 75 39.06 -7.90 -8.66
CA LYS DA 75 39.97 -9.03 -8.88
C LYS DA 75 40.85 -9.29 -7.67
N GLU DA 76 41.30 -8.22 -7.00
CA GLU DA 76 42.13 -8.40 -5.80
C GLU DA 76 41.34 -9.01 -4.65
N VAL DA 77 40.11 -8.52 -4.43
CA VAL DA 77 39.26 -9.07 -3.38
C VAL DA 77 38.89 -10.52 -3.68
N ALA DA 78 38.71 -10.85 -4.97
CA ALA DA 78 38.45 -12.22 -5.36
C ALA DA 78 39.66 -13.12 -5.11
N GLU DA 79 40.87 -12.66 -5.44
CA GLU DA 79 42.03 -13.53 -5.30
C GLU DA 79 42.57 -13.60 -3.88
N LYS DA 80 42.20 -12.67 -3.00
CA LYS DA 80 42.60 -12.81 -1.60
C LYS DA 80 41.78 -13.88 -0.89
N LEU DA 81 40.46 -13.75 -0.91
CA LEU DA 81 39.59 -14.72 -0.26
C LEU DA 81 39.39 -16.00 -1.07
N GLY DA 82 40.04 -16.14 -2.22
CA GLY DA 82 39.87 -17.32 -3.04
C GLY DA 82 38.54 -17.39 -3.76
N LEU DA 83 37.87 -16.25 -3.92
CA LEU DA 83 36.57 -16.18 -4.56
C LEU DA 83 36.73 -16.10 -6.08
N LYS DA 84 35.73 -16.60 -6.80
CA LYS DA 84 35.79 -16.61 -8.25
C LYS DA 84 35.29 -15.29 -8.80
N HIS DA 85 36.06 -14.70 -9.71
CA HIS DA 85 35.80 -13.35 -10.19
C HIS DA 85 35.02 -13.38 -11.50
N PHE DA 86 33.88 -12.71 -11.50
CA PHE DA 86 33.13 -12.47 -12.73
C PHE DA 86 33.23 -10.99 -13.06
N PRO DA 87 33.84 -10.61 -14.19
CA PRO DA 87 34.02 -9.19 -14.51
C PRO DA 87 32.71 -8.51 -14.90
N GLU DA 88 32.83 -7.27 -15.34
CA GLU DA 88 31.67 -6.54 -15.82
C GLU DA 88 31.18 -7.10 -17.14
N ALA DA 89 29.89 -7.36 -17.23
CA ALA DA 89 29.28 -7.83 -18.47
C ALA DA 89 29.30 -6.71 -19.50
N GLY DA 90 30.04 -6.91 -20.59
CA GLY DA 90 29.97 -6.03 -21.73
C GLY DA 90 28.79 -6.36 -22.61
N ILE DA 91 28.97 -6.19 -23.92
CA ILE DA 91 27.94 -6.60 -24.86
C ILE DA 91 27.92 -8.12 -24.97
N HIS DA 92 29.08 -8.74 -25.07
CA HIS DA 92 29.23 -10.12 -25.53
C HIS DA 92 29.42 -11.11 -24.40
N TYR DA 93 28.76 -10.93 -23.25
CA TYR DA 93 28.84 -11.94 -22.20
C TYR DA 93 28.13 -13.23 -22.62
N ALA DA 94 26.96 -13.09 -23.26
CA ALA DA 94 26.23 -14.26 -23.73
C ALA DA 94 26.98 -14.98 -24.84
N ASP DA 95 27.81 -14.25 -25.59
CA ASP DA 95 28.73 -14.89 -26.52
C ASP DA 95 29.85 -15.62 -25.77
N SER DA 96 30.22 -15.12 -24.59
CA SER DA 96 31.28 -15.76 -23.81
C SER DA 96 30.79 -17.02 -23.10
N THR DA 97 29.49 -17.16 -22.89
CA THR DA 97 28.98 -18.37 -22.25
C THR DA 97 28.67 -19.49 -23.24
N THR DA 98 28.27 -19.15 -24.47
CA THR DA 98 27.79 -20.14 -25.42
C THR DA 98 28.70 -20.22 -26.64
N GLY DA 99 28.67 -21.38 -27.29
CA GLY DA 99 29.41 -21.55 -28.53
C GLY DA 99 30.90 -21.63 -28.27
N ASP DA 100 31.67 -20.94 -29.10
CA ASP DA 100 33.12 -20.95 -29.00
C ASP DA 100 33.66 -20.06 -27.88
N GLY DA 101 32.84 -19.15 -27.35
CA GLY DA 101 33.31 -18.22 -26.35
C GLY DA 101 33.78 -16.90 -26.95
N LYS DA 102 34.26 -16.97 -28.19
CA LYS DA 102 34.68 -15.77 -28.92
C LYS DA 102 33.47 -14.88 -29.17
N PRO DA 103 33.68 -13.55 -29.27
CA PRO DA 103 32.54 -12.65 -29.50
C PRO DA 103 31.95 -12.83 -30.90
N LEU DA 104 30.64 -12.95 -30.94
CA LEU DA 104 29.87 -12.93 -32.18
C LEU DA 104 29.79 -11.48 -32.65
N PRO DA 105 29.36 -11.22 -33.90
CA PRO DA 105 29.14 -9.83 -34.32
C PRO DA 105 28.04 -9.15 -33.52
N VAL DA 106 28.08 -7.81 -33.52
CA VAL DA 106 27.12 -7.03 -32.75
C VAL DA 106 25.73 -7.11 -33.35
N ARG DA 107 25.62 -7.36 -34.66
CA ARG DA 107 24.32 -7.51 -35.29
C ARG DA 107 23.58 -8.76 -34.82
N PHE DA 108 24.29 -9.75 -34.28
CA PHE DA 108 23.67 -10.93 -33.71
C PHE DA 108 23.53 -10.86 -32.20
N SER DA 109 24.43 -10.16 -31.52
CA SER DA 109 24.36 -9.97 -30.07
C SER DA 109 24.36 -8.47 -29.79
N GLY DA 110 23.25 -7.97 -29.27
CA GLY DA 110 23.12 -6.55 -29.03
C GLY DA 110 22.37 -5.74 -30.06
N ASN DA 111 22.88 -5.68 -31.29
CA ASN DA 111 22.50 -4.67 -32.30
C ASN DA 111 22.62 -3.27 -31.68
N CYS DA 112 23.75 -3.06 -31.02
CA CYS DA 112 23.95 -1.84 -30.26
C CYS DA 112 25.44 -1.58 -30.16
N SER DA 113 25.80 -0.30 -30.12
CA SER DA 113 27.17 0.12 -29.98
C SER DA 113 27.29 1.06 -28.79
N LEU DA 114 28.16 0.71 -27.84
CA LEU DA 114 28.50 1.64 -26.77
C LEU DA 114 29.21 2.87 -27.31
N GLU DA 115 30.02 2.70 -28.35
CA GLU DA 115 30.75 3.82 -28.94
C GLU DA 115 29.80 4.80 -29.62
N LYS DA 116 28.79 4.29 -30.34
CA LYS DA 116 27.80 5.18 -30.95
C LYS DA 116 26.92 5.84 -29.90
N PHE DA 117 26.77 5.21 -28.73
CA PHE DA 117 26.11 5.87 -27.61
C PHE DA 117 26.96 7.00 -27.05
N TYR DA 118 28.28 6.78 -26.95
CA TYR DA 118 29.17 7.83 -26.49
C TYR DA 118 29.25 8.98 -27.48
N ASP DA 119 29.10 8.69 -28.77
CA ASP DA 119 29.20 9.72 -29.79
C ASP DA 119 27.88 10.47 -29.94
N ASP DA 120 26.77 9.74 -30.08
CA ASP DA 120 25.45 10.34 -30.23
C ASP DA 120 24.56 9.82 -29.11
N PRO DA 121 24.56 10.46 -27.94
CA PRO DA 121 23.71 9.98 -26.85
C PRO DA 121 22.24 10.26 -27.06
N LYS DA 122 21.91 11.33 -27.79
CA LYS DA 122 20.53 11.67 -28.13
C LYS DA 122 20.17 11.20 -29.52
N SER DA 123 20.63 10.00 -29.89
CA SER DA 123 20.49 9.47 -31.24
C SER DA 123 19.04 9.18 -31.59
N ASN DA 124 18.72 9.32 -32.88
CA ASN DA 124 17.37 9.12 -33.36
C ASN DA 124 17.02 7.64 -33.46
N ASP DA 125 17.98 6.80 -33.87
CA ASP DA 125 17.69 5.39 -34.13
C ASP DA 125 17.43 4.56 -32.87
N GLY DA 126 17.62 5.12 -31.68
CA GLY DA 126 17.30 4.39 -30.47
C GLY DA 126 18.36 3.41 -30.04
N ASN DA 127 19.63 3.78 -30.19
CA ASN DA 127 20.71 2.93 -29.70
C ASN DA 127 20.78 2.94 -28.17
N SER DA 128 20.30 4.01 -27.54
CA SER DA 128 20.59 4.25 -26.13
C SER DA 128 19.86 3.27 -25.22
N TYR DA 129 18.52 3.25 -25.28
CA TYR DA 129 17.79 2.32 -24.44
C TYR DA 129 17.94 0.88 -24.92
N ARG DA 130 18.20 0.68 -26.21
CA ARG DA 130 18.44 -0.68 -26.70
C ARG DA 130 19.74 -1.24 -26.12
N LEU DA 131 20.76 -0.40 -26.02
CA LEU DA 131 22.00 -0.76 -25.34
C LEU DA 131 21.77 -0.98 -23.85
N GLN DA 132 20.94 -0.14 -23.21
CA GLN DA 132 20.71 -0.30 -21.78
C GLN DA 132 19.92 -1.58 -21.48
N ALA DA 133 18.96 -1.92 -22.35
CA ALA DA 133 18.20 -3.16 -22.19
C ALA DA 133 19.05 -4.38 -22.46
N TRP DA 134 19.94 -4.31 -23.46
CA TRP DA 134 20.84 -5.43 -23.71
C TRP DA 134 21.84 -5.60 -22.57
N LEU DA 135 22.31 -4.50 -22.00
CA LEU DA 135 23.21 -4.62 -20.86
C LEU DA 135 22.49 -5.13 -19.63
N TYR DA 136 21.21 -4.78 -19.47
CA TYR DA 136 20.45 -5.33 -18.34
C TYR DA 136 20.21 -6.82 -18.51
N ALA DA 137 19.93 -7.27 -19.73
CA ALA DA 137 19.81 -8.70 -19.98
C ALA DA 137 21.15 -9.42 -19.80
N SER DA 138 22.25 -8.78 -20.19
CA SER DA 138 23.57 -9.38 -20.02
C SER DA 138 23.94 -9.50 -18.55
N ARG DA 139 23.65 -8.46 -17.76
CA ARG DA 139 23.92 -8.53 -16.33
C ARG DA 139 22.96 -9.49 -15.63
N LEU DA 140 21.75 -9.65 -16.15
CA LEU DA 140 20.82 -10.64 -15.62
C LEU DA 140 21.36 -12.05 -15.85
N LEU DA 141 21.89 -12.30 -17.05
CA LEU DA 141 22.52 -13.58 -17.35
C LEU DA 141 23.75 -13.82 -16.48
N GLN DA 142 24.55 -12.77 -16.27
CA GLN DA 142 25.75 -12.92 -15.45
C GLN DA 142 25.41 -13.12 -13.99
N TYR DA 143 24.35 -12.50 -13.51
CA TYR DA 143 23.90 -12.69 -12.14
C TYR DA 143 23.32 -14.09 -11.94
N ALA DA 144 22.65 -14.62 -12.97
CA ALA DA 144 22.17 -16.01 -12.90
C ALA DA 144 23.34 -16.99 -12.87
N ASP DA 145 24.39 -16.72 -13.67
CA ASP DA 145 25.59 -17.53 -13.61
C ASP DA 145 26.29 -17.41 -12.26
N ALA DA 146 26.25 -16.23 -11.65
CA ALA DA 146 26.88 -16.00 -10.36
C ALA DA 146 26.19 -16.79 -9.26
N LEU DA 147 24.84 -16.72 -9.22
CA LEU DA 147 24.12 -17.52 -8.24
C LEU DA 147 24.21 -19.01 -8.53
N GLU DA 148 24.32 -19.40 -9.81
CA GLU DA 148 24.50 -20.82 -10.13
C GLU DA 148 25.83 -21.35 -9.62
N HIS DA 149 26.90 -20.57 -9.79
CA HIS DA 149 28.19 -20.98 -9.26
C HIS DA 149 28.20 -21.00 -7.74
N LEU DA 150 27.55 -20.01 -7.12
CA LEU DA 150 27.49 -19.93 -5.66
C LEU DA 150 26.71 -21.10 -5.06
N LEU DA 151 25.64 -21.53 -5.72
CA LEU DA 151 24.82 -22.61 -5.19
C LEU DA 151 25.32 -23.99 -5.57
N SER DA 152 25.99 -24.14 -6.71
CA SER DA 152 26.47 -25.45 -7.10
C SER DA 152 27.84 -25.77 -6.55
N THR DA 153 28.69 -24.77 -6.35
CA THR DA 153 30.05 -25.01 -5.88
C THR DA 153 30.28 -24.61 -4.43
N GLY DA 154 29.44 -23.76 -3.86
CA GLY DA 154 29.67 -23.28 -2.52
C GLY DA 154 30.77 -22.25 -2.40
N GLN DA 155 31.17 -21.63 -3.51
CA GLN DA 155 32.21 -20.62 -3.52
C GLN DA 155 31.58 -19.25 -3.76
N GLY DA 156 31.92 -18.28 -2.91
CA GLY DA 156 31.45 -16.92 -3.10
C GLY DA 156 32.03 -16.31 -4.37
N VAL DA 157 31.27 -15.38 -4.94
CA VAL DA 157 31.57 -14.79 -6.24
C VAL DA 157 31.62 -13.28 -6.09
N VAL DA 158 32.66 -12.66 -6.64
CA VAL DA 158 32.80 -11.21 -6.65
C VAL DA 158 32.29 -10.70 -8.00
N LEU DA 159 31.29 -9.83 -7.97
CA LEU DA 159 30.67 -9.28 -9.17
C LEU DA 159 31.08 -7.84 -9.38
N GLU DA 160 30.70 -7.31 -10.53
CA GLU DA 160 30.98 -5.92 -10.92
C GLU DA 160 29.71 -5.35 -11.54
N ARG DA 161 29.01 -4.48 -10.80
CA ARG DA 161 27.77 -3.82 -11.22
C ARG DA 161 26.68 -4.84 -11.58
N SER DA 162 26.13 -5.47 -10.55
CA SER DA 162 25.03 -6.41 -10.74
C SER DA 162 23.74 -5.68 -11.14
N ILE DA 163 22.66 -6.46 -11.27
CA ILE DA 163 21.37 -5.94 -11.74
C ILE DA 163 20.75 -4.97 -10.74
N TYR DA 164 21.15 -5.02 -9.47
CA TYR DA 164 20.70 -4.05 -8.49
C TYR DA 164 21.28 -2.67 -8.75
N SER DA 165 22.41 -2.58 -9.45
CA SER DA 165 23.04 -1.33 -9.82
C SER DA 165 23.09 -1.17 -11.33
N ASP DA 166 21.97 -1.45 -12.00
CA ASP DA 166 21.89 -1.22 -13.43
C ASP DA 166 20.99 -0.04 -13.79
N PHE DA 167 20.03 0.32 -12.92
CA PHE DA 167 19.17 1.47 -13.16
C PHE DA 167 19.85 2.79 -12.81
N VAL DA 168 21.05 2.73 -12.21
CA VAL DA 168 21.85 3.92 -11.94
C VAL DA 168 22.29 4.62 -13.22
N PHE DA 169 22.41 3.88 -14.32
CA PHE DA 169 22.70 4.47 -15.61
C PHE DA 169 21.43 4.84 -16.36
N LEU DA 170 20.34 4.11 -16.10
CA LEU DA 170 19.05 4.42 -16.71
C LEU DA 170 18.54 5.78 -16.27
N GLU DA 171 18.52 6.02 -14.97
CA GLU DA 171 18.02 7.30 -14.46
C GLU DA 171 18.94 8.45 -14.81
N ALA DA 172 20.23 8.19 -14.98
CA ALA DA 172 21.15 9.22 -15.44
C ALA DA 172 20.88 9.59 -16.90
N MET DA 173 20.69 8.58 -17.76
CA MET DA 173 20.31 8.82 -19.15
C MET DA 173 18.96 9.51 -19.25
N TYR DA 174 18.07 9.27 -18.29
CA TYR DA 174 16.77 9.93 -18.30
C TYR DA 174 16.87 11.38 -17.84
N ARG DA 175 17.66 11.65 -16.79
CA ARG DA 175 17.86 13.02 -16.32
C ARG DA 175 18.63 13.86 -17.34
N GLN DA 176 19.53 13.24 -18.10
CA GLN DA 176 20.22 13.94 -19.17
C GLN DA 176 19.49 13.87 -20.50
N GLY DA 177 18.24 13.39 -20.50
CA GLY DA 177 17.40 13.43 -21.68
C GLY DA 177 17.81 12.52 -22.80
N PHE DA 178 18.51 11.43 -22.50
CA PHE DA 178 19.02 10.56 -23.56
C PHE DA 178 17.99 9.57 -24.07
N ILE DA 179 16.98 9.24 -23.26
CA ILE DA 179 15.89 8.35 -23.62
C ILE DA 179 14.58 8.97 -23.13
N ARG DA 180 13.47 8.25 -23.34
CA ARG DA 180 12.14 8.76 -23.05
C ARG DA 180 11.63 8.25 -21.71
N LYS DA 181 10.39 8.64 -21.39
CA LYS DA 181 9.70 8.15 -20.20
C LYS DA 181 9.26 6.70 -20.40
N GLN DA 182 8.85 6.34 -21.62
CA GLN DA 182 8.34 5.00 -21.88
C GLN DA 182 9.45 3.95 -21.83
N CYS DA 183 10.68 4.35 -22.13
CA CYS DA 183 11.81 3.43 -21.99
C CYS DA 183 12.09 3.12 -20.52
N VAL DA 184 12.00 4.14 -19.66
CA VAL DA 184 12.11 3.95 -18.21
C VAL DA 184 10.97 3.10 -17.69
N ASP DA 185 9.77 3.26 -18.27
CA ASP DA 185 8.63 2.43 -17.87
C ASP DA 185 8.84 0.96 -18.27
N HIS DA 186 9.36 0.72 -19.48
CA HIS DA 186 9.66 -0.63 -19.92
C HIS DA 186 10.75 -1.27 -19.07
N TYR DA 187 11.77 -0.49 -18.71
CA TYR DA 187 12.82 -1.00 -17.83
C TYR DA 187 12.28 -1.33 -16.45
N ASN DA 188 11.37 -0.50 -15.93
CA ASN DA 188 10.83 -0.78 -14.60
C ASN DA 188 9.89 -1.97 -14.62
N GLN DA 189 9.19 -2.20 -15.73
CA GLN DA 189 8.43 -3.44 -15.90
C GLN DA 189 9.33 -4.66 -15.89
N VAL DA 190 10.41 -4.62 -16.69
CA VAL DA 190 11.32 -5.78 -16.78
C VAL DA 190 12.07 -5.98 -15.47
N LYS DA 191 12.38 -4.91 -14.75
CA LYS DA 191 13.00 -5.05 -13.43
C LYS DA 191 12.01 -5.63 -12.42
N LYS DA 192 10.74 -5.22 -12.49
CA LYS DA 192 9.74 -5.72 -11.57
C LYS DA 192 9.48 -7.22 -11.77
N VAL DA 193 9.57 -7.69 -13.01
CA VAL DA 193 9.35 -9.12 -13.26
C VAL DA 193 10.65 -9.91 -13.38
N THR DA 194 11.80 -9.29 -13.14
CA THR DA 194 13.04 -10.06 -13.06
C THR DA 194 13.71 -10.05 -11.69
N VAL DA 195 13.89 -8.88 -11.07
CA VAL DA 195 14.74 -8.81 -9.87
C VAL DA 195 14.02 -9.37 -8.65
N CYS DA 196 12.69 -9.52 -8.70
CA CYS DA 196 11.93 -10.09 -7.60
C CYS DA 196 12.20 -11.58 -7.42
N GLU DA 197 12.74 -12.25 -8.44
CA GLU DA 197 13.01 -13.67 -8.42
C GLU DA 197 14.34 -14.01 -7.76
N TYR DA 198 15.09 -13.02 -7.28
CA TYR DA 198 16.46 -13.22 -6.85
C TYR DA 198 16.71 -12.51 -5.53
N LEU DA 199 17.65 -13.05 -4.80
CA LEU DA 199 18.18 -12.55 -3.54
C LEU DA 199 19.20 -11.44 -3.81
N PRO DA 200 19.35 -10.47 -2.92
CA PRO DA 200 20.38 -9.45 -3.08
C PRO DA 200 21.76 -10.03 -2.81
N PRO DA 201 22.85 -9.30 -3.12
CA PRO DA 201 24.19 -9.79 -2.75
C PRO DA 201 24.45 -9.78 -1.25
N HIS DA 202 25.68 -10.11 -0.85
CA HIS DA 202 26.02 -10.00 0.56
C HIS DA 202 26.77 -8.71 0.87
N VAL DA 203 27.82 -8.42 0.13
CA VAL DA 203 28.70 -7.29 0.41
C VAL DA 203 28.73 -6.39 -0.82
N VAL DA 204 28.36 -5.13 -0.64
CA VAL DA 204 28.48 -4.13 -1.69
C VAL DA 204 29.67 -3.24 -1.36
N ILE DA 205 30.67 -3.25 -2.23
CA ILE DA 205 31.88 -2.46 -2.05
C ILE DA 205 31.80 -1.30 -3.05
N TYR DA 206 31.28 -0.17 -2.58
CA TYR DA 206 31.17 1.03 -3.40
C TYR DA 206 32.31 1.99 -3.06
N VAL DA 207 32.76 2.72 -4.07
CA VAL DA 207 33.98 3.53 -3.99
C VAL DA 207 33.60 4.99 -4.26
N ASP DA 208 33.70 5.83 -3.23
CA ASP DA 208 33.44 7.26 -3.36
C ASP DA 208 34.58 7.91 -4.14
N VAL DA 209 34.31 8.28 -5.39
CA VAL DA 209 35.26 9.03 -6.21
C VAL DA 209 34.56 10.29 -6.70
N PRO DA 210 35.17 11.47 -6.61
CA PRO DA 210 34.59 12.67 -7.23
C PRO DA 210 34.56 12.57 -8.75
N VAL DA 211 33.77 13.47 -9.35
CA VAL DA 211 33.55 13.44 -10.79
C VAL DA 211 34.81 13.86 -11.54
N SER DA 212 35.53 14.84 -11.00
CA SER DA 212 36.69 15.41 -11.71
C SER DA 212 37.85 14.41 -11.76
N GLU DA 213 38.00 13.58 -10.73
CA GLU DA 213 39.00 12.53 -10.76
C GLU DA 213 38.67 11.47 -11.81
N VAL DA 214 37.37 11.16 -11.95
CA VAL DA 214 36.92 10.25 -13.00
C VAL DA 214 37.20 10.84 -14.39
N GLN DA 215 36.96 12.15 -14.54
CA GLN DA 215 37.23 12.83 -15.80
C GLN DA 215 38.72 12.83 -16.13
N SER DA 216 39.56 13.01 -15.11
CA SER DA 216 41.01 12.96 -15.32
C SER DA 216 41.48 11.55 -15.66
N ARG DA 217 40.84 10.53 -15.09
CA ARG DA 217 41.18 9.16 -15.46
C ARG DA 217 40.73 8.82 -16.88
N ILE DA 218 39.60 9.39 -17.32
CA ILE DA 218 39.15 9.21 -18.69
C ILE DA 218 40.11 9.91 -19.66
N GLN DA 219 40.59 11.10 -19.29
CA GLN DA 219 41.53 11.82 -20.15
C GLN DA 219 42.92 11.19 -20.14
N LYS DA 220 43.32 10.54 -19.05
CA LYS DA 220 44.56 9.76 -19.06
C LYS DA 220 44.39 8.44 -19.78
N LYS DA 221 43.16 7.93 -19.91
CA LYS DA 221 42.93 6.72 -20.68
C LYS DA 221 43.15 6.97 -22.17
N GLY DA 222 42.57 8.05 -22.71
CA GLY DA 222 42.80 8.44 -24.09
C GLY DA 222 41.85 7.86 -25.11
N ASN DA 223 40.79 7.19 -24.68
CA ASN DA 223 39.82 6.62 -25.60
C ASN DA 223 39.02 7.74 -26.26
N PRO DA 224 39.03 7.85 -27.59
CA PRO DA 224 38.29 8.95 -28.24
C PRO DA 224 36.78 8.87 -28.09
N HIS DA 225 36.24 7.71 -27.74
CA HIS DA 225 34.81 7.61 -27.46
C HIS DA 225 34.49 7.97 -26.02
N GLU DA 226 35.33 7.51 -25.09
CA GLU DA 226 35.05 7.66 -23.66
C GLU DA 226 35.19 9.10 -23.19
N MET DA 227 36.00 9.92 -23.87
CA MET DA 227 36.19 11.32 -23.50
C MET DA 227 34.96 12.19 -23.77
N LYS DA 228 34.06 11.74 -24.64
CA LYS DA 228 32.89 12.54 -25.01
C LYS DA 228 31.79 12.49 -23.96
N ILE DA 229 31.96 11.69 -22.91
CA ILE DA 229 31.00 11.62 -21.80
C ILE DA 229 31.01 12.93 -21.05
N THR DA 230 29.84 13.57 -20.96
CA THR DA 230 29.72 14.90 -20.37
C THR DA 230 29.87 14.85 -18.84
N SER DA 231 29.88 16.04 -18.24
CA SER DA 231 30.07 16.17 -16.81
C SER DA 231 28.78 15.89 -16.05
N ALA DA 232 27.67 16.47 -16.50
CA ALA DA 232 26.38 16.33 -15.83
C ALA DA 232 25.86 14.90 -15.90
N TYR DA 233 26.26 14.13 -16.92
CA TYR DA 233 25.91 12.72 -16.98
C TYR DA 233 26.57 11.95 -15.85
N LEU DA 234 27.87 12.17 -15.64
CA LEU DA 234 28.59 11.56 -14.52
C LEU DA 234 28.05 12.02 -13.17
N GLN DA 235 27.61 13.29 -13.10
CA GLN DA 235 27.06 13.81 -11.86
C GLN DA 235 25.71 13.17 -11.55
N ASP DA 236 24.89 12.94 -12.58
CA ASP DA 236 23.64 12.21 -12.37
C ASP DA 236 23.87 10.75 -12.02
N ILE DA 237 24.93 10.14 -12.57
CA ILE DA 237 25.33 8.79 -12.16
C ILE DA 237 25.66 8.75 -10.67
N GLU DA 238 26.45 9.72 -10.20
CA GLU DA 238 26.81 9.79 -8.78
C GLU DA 238 25.61 10.10 -7.91
N ASN DA 239 24.68 10.94 -8.41
CA ASN DA 239 23.46 11.26 -7.67
C ASN DA 239 22.59 10.03 -7.47
N VAL DA 240 22.34 9.28 -8.54
CA VAL DA 240 21.49 8.10 -8.43
C VAL DA 240 22.18 7.03 -7.59
N TYR DA 241 23.51 6.93 -7.66
CA TYR DA 241 24.29 6.09 -6.74
C TYR DA 241 24.04 6.42 -5.28
N LYS DA 242 24.48 7.61 -4.85
CA LYS DA 242 24.48 7.97 -3.44
C LYS DA 242 23.08 8.23 -2.89
N GLY DA 243 22.09 8.46 -3.74
CA GLY DA 243 20.78 8.75 -3.22
C GLY DA 243 19.77 7.65 -3.43
N THR DA 244 20.09 6.65 -4.25
CA THR DA 244 19.11 5.61 -4.49
C THR DA 244 19.66 4.21 -4.28
N PHE DA 245 20.90 3.94 -4.66
CA PHE DA 245 21.38 2.56 -4.59
C PHE DA 245 21.75 2.18 -3.17
N LEU DA 246 22.73 2.87 -2.60
CA LEU DA 246 23.09 2.66 -1.19
C LEU DA 246 21.97 2.87 -0.17
N PRO DA 247 21.01 3.83 -0.31
CA PRO DA 247 19.94 3.90 0.70
C PRO DA 247 18.95 2.73 0.68
N GLU DA 248 18.99 1.84 -0.31
CA GLU DA 248 18.16 0.64 -0.28
C GLU DA 248 18.97 -0.64 -0.24
N MET DA 249 20.26 -0.59 -0.55
CA MET DA 249 21.14 -1.73 -0.31
C MET DA 249 21.80 -1.66 1.06
N SER DA 250 21.55 -0.59 1.83
CA SER DA 250 22.08 -0.54 3.19
C SER DA 250 21.29 -1.42 4.15
N GLU DA 251 20.09 -1.84 3.79
CA GLU DA 251 19.25 -2.68 4.63
C GLU DA 251 19.11 -4.11 4.10
N LYS DA 252 18.84 -4.28 2.81
CA LYS DA 252 18.67 -5.62 2.27
C LYS DA 252 20.00 -6.37 2.14
N CYS DA 253 21.12 -5.67 2.19
CA CYS DA 253 22.43 -6.31 2.26
C CYS DA 253 23.38 -5.40 3.02
N GLU DA 254 24.66 -5.71 2.94
CA GLU DA 254 25.70 -5.00 3.68
C GLU DA 254 26.52 -4.15 2.72
N VAL DA 255 26.64 -2.87 3.03
CA VAL DA 255 27.40 -1.94 2.20
C VAL DA 255 28.77 -1.72 2.82
N LEU DA 256 29.74 -1.45 1.95
CA LEU DA 256 31.06 -0.95 2.33
C LEU DA 256 31.39 0.19 1.39
N GLN DA 257 31.61 1.37 1.96
CA GLN DA 257 31.70 2.59 1.16
C GLN DA 257 33.06 3.24 1.44
N TYR DA 258 34.00 3.04 0.51
CA TYR DA 258 35.36 3.52 0.62
C TYR DA 258 35.55 4.78 -0.21
N SER DA 259 36.67 5.45 0.04
CA SER DA 259 37.07 6.57 -0.81
C SER DA 259 37.92 6.05 -1.96
N ALA DA 260 38.52 6.97 -2.71
CA ALA DA 260 39.30 6.58 -3.88
C ALA DA 260 40.68 6.06 -3.49
N TRP DA 261 41.28 6.62 -2.44
CA TRP DA 261 42.65 6.28 -2.08
C TRP DA 261 42.76 5.21 -1.01
N GLU DA 262 41.66 4.80 -0.40
CA GLU DA 262 41.68 3.71 0.57
C GLU DA 262 41.05 2.45 0.03
N ALA DA 263 40.52 2.48 -1.19
CA ALA DA 263 40.12 1.28 -1.90
C ALA DA 263 41.26 0.63 -2.66
N GLU DA 264 42.50 1.04 -2.39
CA GLU DA 264 43.67 0.53 -3.09
C GLU DA 264 44.35 -0.60 -2.31
N ASP DA 265 44.49 -0.43 -1.01
CA ASP DA 265 44.95 -1.52 -0.15
C ASP DA 265 43.88 -2.60 -0.08
N ALA DA 266 44.15 -3.75 -0.67
CA ALA DA 266 43.15 -4.82 -0.73
C ALA DA 266 42.95 -5.49 0.63
N GLU DA 267 43.98 -5.50 1.48
CA GLU DA 267 43.90 -6.24 2.73
C GLU DA 267 42.97 -5.58 3.74
N LYS DA 268 42.89 -4.24 3.71
CA LYS DA 268 41.94 -3.53 4.55
C LYS DA 268 40.50 -3.87 4.16
N VAL DA 269 40.25 -4.00 2.85
CA VAL DA 269 38.91 -4.33 2.38
C VAL DA 269 38.55 -5.77 2.73
N VAL DA 270 39.51 -6.69 2.57
CA VAL DA 270 39.27 -8.10 2.91
C VAL DA 270 39.08 -8.26 4.42
N GLU DA 271 39.82 -7.47 5.22
CA GLU DA 271 39.63 -7.48 6.66
C GLU DA 271 38.26 -6.93 7.05
N ASP DA 272 37.78 -5.91 6.31
CA ASP DA 272 36.43 -5.42 6.55
C ASP DA 272 35.38 -6.46 6.16
N ILE DA 273 35.64 -7.25 5.14
CA ILE DA 273 34.69 -8.30 4.72
C ILE DA 273 34.62 -9.41 5.76
N GLN DA 274 35.78 -9.85 6.27
CA GLN DA 274 35.85 -11.00 7.16
C GLN DA 274 35.19 -10.75 8.52
N TYR DA 275 34.99 -9.49 8.91
CA TYR DA 275 34.44 -9.15 10.21
C TYR DA 275 33.09 -8.45 10.08
N LEU DA 276 32.23 -8.96 9.20
CA LEU DA 276 30.87 -8.44 9.04
C LEU DA 276 29.87 -9.32 9.78
N LYS DA 277 29.09 -8.70 10.65
CA LYS DA 277 28.02 -9.40 11.37
C LYS DA 277 26.88 -9.61 10.38
N TYR DA 278 26.79 -10.83 9.85
CA TYR DA 278 25.78 -11.15 8.86
C TYR DA 278 24.43 -11.31 9.55
N ASP DA 279 23.73 -10.20 9.73
CA ASP DA 279 22.44 -10.19 10.40
C ASP DA 279 21.32 -9.57 9.58
N LYS DA 280 21.60 -8.69 8.64
CA LYS DA 280 20.61 -8.12 7.75
C LYS DA 280 20.46 -8.97 6.50
N GLY DA 281 19.31 -8.87 5.85
CA GLY DA 281 19.11 -9.44 4.54
C GLY DA 281 18.35 -10.75 4.52
N PRO DA 282 17.79 -11.10 3.35
CA PRO DA 282 17.02 -12.34 3.25
C PRO DA 282 17.87 -13.57 2.92
N TRP DA 283 19.18 -13.49 3.11
CA TRP DA 283 20.01 -14.69 3.03
C TRP DA 283 19.98 -15.50 4.32
N LEU DA 284 19.26 -15.06 5.34
CA LEU DA 284 19.16 -15.82 6.58
C LEU DA 284 18.08 -16.90 6.48
N ASP DA 285 16.93 -16.54 5.94
CA ASP DA 285 15.81 -17.47 5.81
C ASP DA 285 15.83 -18.20 4.46
N GLN DA 286 16.96 -18.86 4.16
CA GLN DA 286 17.11 -19.66 2.95
C GLN DA 286 17.54 -21.06 3.34
N ASP DA 287 16.58 -21.96 3.50
CA ASP DA 287 16.84 -23.37 3.75
C ASP DA 287 17.10 -24.08 2.42
N ASP DA 288 17.06 -25.42 2.42
CA ASP DA 288 17.41 -26.18 1.23
C ASP DA 288 16.35 -26.04 0.13
N ARG DA 289 15.08 -25.88 0.50
CA ARG DA 289 14.00 -25.86 -0.49
C ARG DA 289 14.00 -24.54 -1.28
N LYS DA 290 14.20 -23.42 -0.59
CA LYS DA 290 14.17 -22.12 -1.26
C LYS DA 290 15.38 -21.95 -2.17
N LEU DA 291 16.56 -22.37 -1.70
CA LEU DA 291 17.73 -22.35 -2.56
C LEU DA 291 17.66 -23.41 -3.66
N HIS DA 292 16.93 -24.50 -3.44
CA HIS DA 292 16.67 -25.45 -4.52
C HIS DA 292 15.79 -24.83 -5.59
N ASN DA 293 14.78 -24.05 -5.19
CA ASN DA 293 13.96 -23.31 -6.14
C ASN DA 293 14.79 -22.30 -6.92
N LEU DA 294 15.71 -21.62 -6.22
CA LEU DA 294 16.61 -20.67 -6.88
C LEU DA 294 17.56 -21.37 -7.84
N ARG DA 295 18.03 -22.56 -7.49
CA ARG DA 295 18.96 -23.28 -8.36
C ARG DA 295 18.26 -23.86 -9.57
N MET DA 296 17.02 -24.33 -9.42
CA MET DA 296 16.22 -24.75 -10.56
C MET DA 296 15.80 -23.56 -11.41
N LEU DA 297 15.76 -22.36 -10.85
CA LEU DA 297 15.53 -21.16 -11.64
C LEU DA 297 16.74 -20.80 -12.48
N VAL DA 298 17.92 -20.70 -11.84
CA VAL DA 298 19.08 -20.11 -12.49
C VAL DA 298 19.83 -21.06 -13.41
N GLN DA 299 19.38 -22.31 -13.56
CA GLN DA 299 19.96 -23.16 -14.61
C GLN DA 299 19.14 -23.15 -15.88
N ASP DA 300 17.87 -22.74 -15.81
CA ASP DA 300 17.03 -22.58 -17.00
C ASP DA 300 17.20 -21.15 -17.47
N LYS DA 301 18.10 -20.96 -18.43
CA LYS DA 301 18.46 -19.61 -18.86
C LYS DA 301 17.38 -18.97 -19.73
N LEU DA 302 16.50 -19.77 -20.32
CA LEU DA 302 15.34 -19.23 -21.00
C LEU DA 302 14.21 -18.86 -20.03
N GLU DA 303 14.31 -19.29 -18.77
CA GLU DA 303 13.40 -18.83 -17.73
C GLU DA 303 13.94 -17.62 -16.99
N VAL DA 304 15.27 -17.56 -16.84
CA VAL DA 304 15.93 -16.34 -16.37
C VAL DA 304 15.65 -15.19 -17.34
N LEU DA 305 15.85 -15.43 -18.62
CA LEU DA 305 15.62 -14.44 -19.67
C LEU DA 305 14.23 -14.52 -20.25
N ASN DA 306 13.26 -14.97 -19.46
CA ASN DA 306 11.90 -15.16 -19.97
C ASN DA 306 11.24 -13.82 -20.28
N TYR DA 307 11.27 -12.90 -19.32
CA TYR DA 307 10.54 -11.65 -19.44
C TYR DA 307 11.45 -10.48 -19.75
N THR DA 308 12.60 -10.73 -20.37
CA THR DA 308 13.35 -9.66 -21.00
C THR DA 308 12.62 -9.18 -22.25
N SER DA 309 12.12 -10.12 -23.04
CA SER DA 309 11.39 -9.82 -24.26
C SER DA 309 9.88 -9.87 -24.02
N ILE DA 310 9.41 -9.01 -23.11
CA ILE DA 310 7.97 -8.84 -22.95
C ILE DA 310 7.49 -8.04 -24.15
N PRO DA 311 6.35 -8.39 -24.76
CA PRO DA 311 5.91 -7.71 -25.99
C PRO DA 311 5.29 -6.34 -25.72
N VAL DA 312 6.08 -5.44 -25.15
CA VAL DA 312 5.74 -4.03 -25.05
C VAL DA 312 6.48 -3.36 -26.20
N PHE DA 313 5.75 -3.09 -27.28
CA PHE DA 313 6.38 -2.68 -28.52
C PHE DA 313 6.88 -1.25 -28.44
N LEU DA 314 8.11 -1.11 -28.03
CA LEU DA 314 8.81 0.15 -27.84
C LEU DA 314 9.76 0.37 -29.00
N PRO DA 315 9.72 1.53 -29.66
CA PRO DA 315 10.41 1.68 -30.96
C PRO DA 315 11.92 1.61 -30.88
N GLU DA 316 12.52 1.80 -29.71
CA GLU DA 316 13.97 1.68 -29.59
C GLU DA 316 14.43 0.23 -29.61
N VAL DA 317 13.55 -0.72 -29.34
CA VAL DA 317 13.92 -2.13 -29.31
C VAL DA 317 13.07 -3.00 -30.22
N THR DA 318 11.99 -2.47 -30.80
CA THR DA 318 11.09 -3.29 -31.61
C THR DA 318 11.72 -3.54 -32.97
N ILE DA 319 12.05 -4.80 -33.24
CA ILE DA 319 12.63 -5.23 -34.51
C ILE DA 319 11.51 -5.75 -35.39
N GLY DA 320 11.46 -5.27 -36.64
CA GLY DA 320 10.47 -5.76 -37.58
C GLY DA 320 10.70 -7.20 -37.99
N ALA DA 321 9.66 -7.81 -38.54
CA ALA DA 321 9.66 -9.26 -38.77
C ALA DA 321 10.62 -9.68 -39.89
N HIS DA 322 10.78 -8.83 -40.91
CA HIS DA 322 11.72 -9.15 -41.99
C HIS DA 322 13.15 -9.14 -41.51
N GLN DA 323 13.54 -8.09 -40.78
CA GLN DA 323 14.88 -8.02 -40.21
C GLN DA 323 15.08 -9.08 -39.14
N SER DA 324 14.02 -9.43 -38.40
CA SER DA 324 14.12 -10.51 -37.43
C SER DA 324 14.41 -11.85 -38.10
N ASP DA 325 13.69 -12.15 -39.19
CA ASP DA 325 13.92 -13.42 -39.87
C ASP DA 325 15.27 -13.43 -40.58
N ARG DA 326 15.72 -12.28 -41.08
CA ARG DA 326 17.00 -12.20 -41.76
C ARG DA 326 18.15 -12.39 -40.78
N VAL DA 327 18.09 -11.73 -39.62
CA VAL DA 327 19.15 -11.88 -38.62
C VAL DA 327 19.11 -13.28 -38.01
N PHE DA 328 17.91 -13.85 -37.85
CA PHE DA 328 17.80 -15.20 -37.30
C PHE DA 328 18.33 -16.25 -38.27
N GLN DA 329 18.09 -16.08 -39.57
CA GLN DA 329 18.60 -17.04 -40.54
C GLN DA 329 20.04 -16.77 -40.96
N GLU DA 330 20.61 -15.63 -40.60
CA GLU DA 330 22.06 -15.51 -40.67
C GLU DA 330 22.71 -16.09 -39.42
N PHE DA 331 22.06 -15.96 -38.27
CA PHE DA 331 22.58 -16.51 -37.02
C PHE DA 331 22.53 -18.02 -37.01
N THR DA 332 21.53 -18.61 -37.66
CA THR DA 332 21.38 -20.06 -37.67
C THR DA 332 22.44 -20.71 -38.55
N GLU DA 333 22.99 -19.98 -39.50
CA GLU DA 333 24.07 -20.47 -40.36
C GLU DA 333 25.44 -20.32 -39.71
N LEU DA 334 25.53 -19.64 -38.57
CA LEU DA 334 26.81 -19.53 -37.88
C LEU DA 334 27.21 -20.88 -37.29
N PRO DA 335 28.50 -21.22 -37.29
CA PRO DA 335 28.92 -22.55 -36.83
C PRO DA 335 28.70 -22.73 -35.33
N GLY DA 336 28.19 -23.90 -34.97
CA GLY DA 336 27.83 -24.21 -33.61
C GLY DA 336 26.45 -23.73 -33.20
N ARG DA 337 25.71 -23.07 -34.08
CA ARG DA 337 24.46 -22.43 -33.72
C ARG DA 337 23.22 -23.05 -34.35
N LYS DA 338 23.35 -23.94 -35.33
CA LYS DA 338 22.16 -24.47 -35.96
C LYS DA 338 21.49 -25.53 -35.08
N TYR DA 339 22.26 -26.25 -34.28
CA TYR DA 339 21.71 -27.31 -33.44
C TYR DA 339 22.16 -27.12 -32.01
N ARG DA 340 21.77 -28.07 -31.16
CA ARG DA 340 22.20 -28.12 -29.77
C ARG DA 340 23.70 -28.40 -29.71
N ALA DA 341 24.33 -28.01 -28.59
CA ALA DA 341 25.78 -27.87 -28.51
C ALA DA 341 26.55 -29.20 -28.57
N GLY DA 342 25.88 -30.33 -28.70
CA GLY DA 342 26.57 -31.56 -28.98
C GLY DA 342 26.15 -32.18 -30.30
N TYR DA 343 25.66 -31.36 -31.22
CA TYR DA 343 25.02 -31.86 -32.44
C TYR DA 343 25.43 -31.04 -33.66
N ASN DA 344 26.71 -30.67 -33.76
CA ASN DA 344 27.16 -29.76 -34.81
C ASN DA 344 28.30 -30.40 -35.57
N GLU DA 345 28.01 -30.88 -36.79
CA GLU DA 345 29.03 -31.53 -37.60
C GLU DA 345 30.05 -30.55 -38.14
N ASP DA 346 29.65 -29.29 -38.37
CA ASP DA 346 30.54 -28.31 -38.99
C ASP DA 346 31.69 -27.92 -38.06
N VAL DA 347 31.49 -28.00 -36.75
CA VAL DA 347 32.58 -27.84 -35.79
C VAL DA 347 33.04 -29.17 -35.24
N GLY DA 348 32.54 -30.28 -35.80
CA GLY DA 348 33.12 -31.58 -35.54
C GLY DA 348 32.62 -32.33 -34.33
N ASP DA 349 31.33 -32.22 -34.00
CA ASP DA 349 30.76 -33.04 -32.94
C ASP DA 349 30.56 -34.46 -33.46
N LYS DA 350 31.33 -35.40 -32.92
CA LYS DA 350 31.21 -36.78 -33.35
C LYS DA 350 30.04 -37.49 -32.66
N TRP DA 351 29.81 -38.74 -33.08
CA TRP DA 351 28.89 -39.69 -32.46
C TRP DA 351 27.44 -39.21 -32.44
N ILE DA 352 27.03 -38.41 -33.43
CA ILE DA 352 25.66 -37.91 -33.47
C ILE DA 352 24.68 -39.04 -33.78
N TRP DA 353 25.10 -40.02 -34.58
CA TRP DA 353 24.26 -41.15 -34.97
C TRP DA 353 23.91 -42.08 -33.81
N LEU DA 354 24.47 -41.86 -32.61
CA LEU DA 354 24.04 -42.53 -31.39
C LEU DA 354 23.52 -41.55 -30.34
N LYS DA 355 23.08 -40.36 -30.75
CA LYS DA 355 22.58 -39.39 -29.80
C LYS DA 355 21.22 -38.83 -30.20
N PRO EA 2 -15.89 -45.59 -16.63
CA PRO EA 2 -14.64 -45.96 -15.96
C PRO EA 2 -14.87 -46.63 -14.61
N PHE EA 3 -15.83 -47.53 -14.50
CA PHE EA 3 -15.92 -48.32 -13.28
C PHE EA 3 -14.89 -49.45 -13.37
N PHE EA 4 -13.71 -49.20 -12.83
CA PHE EA 4 -12.65 -50.20 -12.86
C PHE EA 4 -12.79 -51.05 -11.61
N ASP EA 5 -13.21 -52.30 -11.81
CA ASP EA 5 -13.57 -53.19 -10.70
C ASP EA 5 -12.29 -53.87 -10.22
N VAL EA 6 -11.55 -53.13 -9.39
CA VAL EA 6 -10.30 -53.64 -8.84
C VAL EA 6 -10.58 -54.64 -7.71
N GLN EA 7 -11.69 -54.45 -7.00
CA GLN EA 7 -12.04 -55.30 -5.87
C GLN EA 7 -12.32 -56.73 -6.31
N LYS EA 8 -13.05 -56.90 -7.42
CA LYS EA 8 -13.37 -58.23 -7.91
C LYS EA 8 -12.15 -58.88 -8.57
N LYS EA 9 -11.27 -58.09 -9.16
CA LYS EA 9 -10.08 -58.66 -9.80
C LYS EA 9 -9.05 -59.10 -8.78
N LEU EA 10 -8.87 -58.32 -7.72
CA LEU EA 10 -7.94 -58.68 -6.66
C LEU EA 10 -8.58 -59.54 -5.57
N GLY EA 11 -9.89 -59.70 -5.58
CA GLY EA 11 -10.58 -60.50 -4.60
C GLY EA 11 -10.85 -59.82 -3.26
N VAL EA 12 -10.33 -58.62 -3.05
CA VAL EA 12 -10.44 -57.96 -1.75
C VAL EA 12 -11.81 -57.29 -1.62
N ASP EA 13 -12.24 -57.16 -0.38
CA ASP EA 13 -13.47 -56.47 -0.01
C ASP EA 13 -13.07 -55.14 0.61
N LEU EA 14 -13.26 -54.06 -0.13
CA LEU EA 14 -13.06 -52.74 0.44
C LEU EA 14 -14.36 -52.15 0.97
N ASP EA 15 -15.44 -52.21 0.18
CA ASP EA 15 -16.70 -51.61 0.61
C ASP EA 15 -17.94 -52.38 0.21
N HIS EA 16 -17.87 -53.71 0.06
CA HIS EA 16 -19.10 -54.48 -0.16
C HIS EA 16 -19.82 -54.83 1.13
N TRP EA 17 -19.26 -54.45 2.28
CA TRP EA 17 -19.81 -54.82 3.57
C TRP EA 17 -20.85 -53.81 4.07
N MET EA 18 -20.61 -52.51 3.88
CA MET EA 18 -21.56 -51.49 4.32
C MET EA 18 -22.66 -51.25 3.29
N THR EA 19 -22.62 -51.96 2.16
CA THR EA 19 -23.31 -51.51 0.96
C THR EA 19 -24.83 -51.66 1.05
N ILE EA 20 -25.32 -52.72 1.70
CA ILE EA 20 -26.74 -52.97 1.85
C ILE EA 20 -27.07 -53.22 3.32
N GLN EA 21 -28.37 -53.15 3.63
CA GLN EA 21 -28.82 -53.46 4.99
C GLN EA 21 -28.81 -54.95 5.26
N SER EA 22 -28.82 -55.78 4.23
CA SER EA 22 -28.96 -57.22 4.36
C SER EA 22 -27.61 -57.92 4.51
N ALA EA 23 -26.52 -57.17 4.64
CA ALA EA 23 -25.19 -57.74 4.70
C ALA EA 23 -24.91 -58.29 6.10
N GLU EA 24 -23.71 -58.82 6.30
CA GLU EA 24 -23.32 -59.30 7.62
C GLU EA 24 -23.13 -58.11 8.55
N GLN EA 25 -23.85 -58.11 9.63
CA GLN EA 25 -23.89 -57.02 10.58
C GLN EA 25 -23.16 -57.42 11.86
N PRO EA 26 -22.68 -56.46 12.64
CA PRO EA 26 -22.08 -56.79 13.93
C PRO EA 26 -23.11 -57.35 14.89
N HIS EA 27 -22.77 -58.47 15.52
CA HIS EA 27 -23.59 -59.19 16.51
C HIS EA 27 -24.93 -59.65 15.95
N ARG EA 28 -25.02 -59.80 14.62
CA ARG EA 28 -26.20 -60.28 13.89
C ARG EA 28 -27.44 -59.42 14.18
N ILE EA 29 -27.33 -58.12 13.88
CA ILE EA 29 -28.43 -57.18 14.08
C ILE EA 29 -29.16 -57.02 12.74
N PRO EA 30 -30.47 -57.19 12.70
CA PRO EA 30 -31.20 -56.95 11.45
C PRO EA 30 -31.65 -55.51 11.33
N ALA EA 31 -31.76 -55.07 10.08
CA ALA EA 31 -32.49 -53.85 9.81
C ALA EA 31 -33.99 -54.12 9.90
N ARG EA 32 -34.78 -53.04 9.91
CA ARG EA 32 -36.23 -53.20 9.94
C ARG EA 32 -36.78 -53.81 8.66
N CYS EA 33 -36.07 -53.66 7.55
CA CYS EA 33 -36.51 -54.17 6.26
C CYS EA 33 -35.51 -55.15 5.68
N HIS EA 34 -34.98 -56.04 6.54
CA HIS EA 34 -34.00 -57.03 6.11
C HIS EA 34 -34.61 -58.03 5.12
N ALA EA 35 -35.82 -58.51 5.43
CA ALA EA 35 -36.47 -59.48 4.55
C ALA EA 35 -36.89 -58.84 3.23
N PHE EA 36 -37.31 -57.57 3.27
CA PHE EA 36 -37.79 -56.91 2.06
C PHE EA 36 -36.65 -56.62 1.09
N GLU EA 37 -35.53 -56.13 1.61
CA GLU EA 37 -34.36 -55.91 0.77
C GLU EA 37 -33.77 -57.23 0.31
N LYS EA 38 -33.84 -58.27 1.16
CA LYS EA 38 -33.38 -59.60 0.74
C LYS EA 38 -34.20 -60.14 -0.42
N GLU EA 39 -35.53 -59.99 -0.35
CA GLU EA 39 -36.40 -60.42 -1.43
C GLU EA 39 -36.15 -59.62 -2.70
N TRP EA 40 -35.93 -58.31 -2.55
CA TRP EA 40 -35.70 -57.47 -3.72
C TRP EA 40 -34.37 -57.78 -4.40
N ILE EA 41 -33.32 -58.03 -3.61
CA ILE EA 41 -32.01 -58.35 -4.19
C ILE EA 41 -32.02 -59.74 -4.80
N GLU EA 42 -32.66 -60.71 -4.16
CA GLU EA 42 -32.76 -62.05 -4.74
C GLU EA 42 -33.62 -62.04 -6.00
N CYS EA 43 -34.60 -61.14 -6.08
CA CYS EA 43 -35.34 -60.96 -7.33
C CYS EA 43 -34.45 -60.38 -8.41
N ALA EA 44 -33.87 -59.22 -8.15
CA ALA EA 44 -33.18 -58.45 -9.19
C ALA EA 44 -31.73 -58.88 -9.42
N HIS EA 45 -31.31 -60.04 -8.95
CA HIS EA 45 -29.91 -60.44 -9.09
C HIS EA 45 -29.62 -60.91 -10.51
N GLY EA 46 -28.73 -60.19 -11.20
CA GLY EA 46 -28.19 -60.63 -12.47
C GLY EA 46 -29.14 -60.64 -13.63
N ILE EA 47 -30.38 -60.16 -13.46
CA ILE EA 47 -31.32 -60.06 -14.58
C ILE EA 47 -31.21 -58.71 -15.27
N GLY EA 48 -30.26 -57.87 -14.89
CA GLY EA 48 -30.14 -56.55 -15.46
C GLY EA 48 -31.10 -55.56 -14.85
N SER EA 49 -30.71 -54.28 -14.92
CA SER EA 49 -31.50 -53.22 -14.31
C SER EA 49 -32.80 -52.96 -15.06
N ILE EA 50 -32.77 -53.09 -16.40
CA ILE EA 50 -33.94 -52.75 -17.20
C ILE EA 50 -35.05 -53.77 -17.01
N ARG EA 51 -34.69 -55.06 -16.95
CA ARG EA 51 -35.67 -56.07 -16.55
C ARG EA 51 -35.99 -55.99 -15.07
N ALA EA 52 -35.05 -55.53 -14.25
CA ALA EA 52 -35.25 -55.50 -12.81
C ALA EA 52 -36.24 -54.43 -12.39
N GLU EA 53 -36.36 -53.35 -13.18
CA GLU EA 53 -37.32 -52.31 -12.86
C GLU EA 53 -38.75 -52.80 -13.06
N LYS EA 54 -39.05 -53.38 -14.21
CA LYS EA 54 -40.42 -53.75 -14.53
C LYS EA 54 -40.79 -55.17 -14.07
N GLU EA 55 -39.82 -56.02 -13.77
CA GLU EA 55 -40.10 -57.40 -13.43
C GLU EA 55 -39.91 -57.71 -11.96
N CYS EA 56 -39.29 -56.81 -11.20
CA CYS EA 56 -39.16 -56.93 -9.75
C CYS EA 56 -39.77 -55.71 -9.05
N LYS EA 57 -40.97 -55.33 -9.48
CA LYS EA 57 -41.55 -54.11 -8.94
C LYS EA 57 -42.30 -54.36 -7.64
N ILE EA 58 -42.86 -55.56 -7.46
CA ILE EA 58 -43.64 -55.86 -6.25
C ILE EA 58 -42.72 -55.88 -5.02
N GLU EA 59 -41.56 -56.53 -5.14
CA GLU EA 59 -40.60 -56.56 -4.03
C GLU EA 59 -40.05 -55.18 -3.73
N PHE EA 60 -39.83 -54.36 -4.76
CA PHE EA 60 -39.35 -53.02 -4.55
C PHE EA 60 -40.40 -52.12 -3.92
N GLU EA 61 -41.68 -52.36 -4.24
CA GLU EA 61 -42.74 -51.58 -3.61
C GLU EA 61 -42.94 -51.96 -2.16
N ASP EA 62 -42.85 -53.27 -1.85
CA ASP EA 62 -42.88 -53.71 -0.46
C ASP EA 62 -41.70 -53.15 0.33
N PHE EA 63 -40.52 -53.11 -0.30
CA PHE EA 63 -39.34 -52.62 0.41
C PHE EA 63 -39.38 -51.11 0.61
N ARG EA 64 -39.85 -50.36 -0.39
CA ARG EA 64 -40.00 -48.91 -0.22
C ARG EA 64 -41.08 -48.58 0.80
N GLU EA 65 -42.19 -49.32 0.81
CA GLU EA 65 -43.23 -49.07 1.79
C GLU EA 65 -42.84 -49.58 3.17
N CYS EA 66 -41.85 -50.47 3.26
CA CYS EA 66 -41.26 -50.76 4.56
C CYS EA 66 -40.34 -49.63 5.02
N LEU EA 67 -39.56 -49.07 4.09
CA LEU EA 67 -38.60 -48.02 4.46
C LEU EA 67 -39.29 -46.74 4.88
N LEU EA 68 -40.37 -46.36 4.20
CA LEU EA 68 -40.95 -45.04 4.39
C LEU EA 68 -42.35 -45.04 4.96
N ARG EA 69 -43.09 -46.15 4.86
CA ARG EA 69 -44.39 -46.37 5.53
C ARG EA 69 -45.44 -45.36 5.08
N GLN EA 70 -45.49 -45.09 3.78
CA GLN EA 70 -46.47 -44.12 3.28
C GLN EA 70 -47.87 -44.69 3.27
N LYS EA 71 -48.03 -45.93 2.81
CA LYS EA 71 -49.34 -46.58 2.81
C LYS EA 71 -49.83 -46.83 4.23
N THR EA 72 -48.92 -47.27 5.11
CA THR EA 72 -49.27 -47.60 6.48
C THR EA 72 -49.72 -46.36 7.25
N MET EA 73 -48.95 -45.28 7.16
CA MET EA 73 -49.33 -44.04 7.82
C MET EA 73 -50.52 -43.37 7.17
N LYS EA 74 -50.76 -43.60 5.87
CA LYS EA 74 -51.98 -43.13 5.23
C LYS EA 74 -53.20 -43.83 5.81
N ARG EA 75 -53.10 -45.15 5.98
CA ARG EA 75 -54.18 -45.93 6.60
C ARG EA 75 -54.41 -45.53 8.04
N LEU EA 76 -53.33 -45.29 8.79
CA LEU EA 76 -53.46 -44.86 10.19
C LEU EA 76 -54.04 -43.46 10.29
N ASN EA 77 -53.70 -42.58 9.34
CA ASN EA 77 -54.34 -41.27 9.22
C ASN EA 77 -55.84 -41.40 9.04
N ALA EA 78 -56.27 -42.26 8.12
CA ALA EA 78 -57.70 -42.41 7.86
C ALA EA 78 -58.44 -42.98 9.07
N ILE EA 79 -57.84 -43.96 9.75
CA ILE EA 79 -58.47 -44.57 10.91
C ILE EA 79 -58.58 -43.58 12.07
N LYS EA 80 -57.48 -42.88 12.39
CA LYS EA 80 -57.48 -41.95 13.50
C LYS EA 80 -58.36 -40.73 13.21
N ARG EA 81 -58.45 -40.31 11.95
CA ARG EA 81 -59.25 -39.14 11.60
C ARG EA 81 -60.73 -39.48 11.60
N GLN EA 82 -61.10 -40.67 11.12
CA GLN EA 82 -62.49 -41.14 11.23
C GLN EA 82 -62.88 -41.37 12.68
N ARG EA 83 -61.93 -41.84 13.51
CA ARG EA 83 -62.20 -41.97 14.94
C ARG EA 83 -62.46 -40.61 15.59
N ASP EA 84 -61.66 -39.60 15.24
CA ASP EA 84 -61.89 -38.25 15.76
C ASP EA 84 -63.22 -37.69 15.27
N LYS EA 85 -63.62 -38.01 14.03
CA LYS EA 85 -64.91 -37.56 13.53
C LYS EA 85 -66.06 -38.22 14.30
N LEU EA 86 -65.96 -39.51 14.60
CA LEU EA 86 -67.02 -40.18 15.35
C LEU EA 86 -67.03 -39.80 16.83
N ILE EA 87 -65.89 -39.36 17.38
CA ILE EA 87 -65.90 -38.79 18.73
C ILE EA 87 -66.54 -37.40 18.71
N LYS EA 88 -66.24 -36.61 17.66
CA LYS EA 88 -66.83 -35.28 17.51
C LYS EA 88 -68.34 -35.35 17.33
N GLU EA 89 -68.82 -36.32 16.53
CA GLU EA 89 -70.25 -36.56 16.40
C GLU EA 89 -70.84 -37.28 17.61
N GLY EA 90 -70.01 -37.83 18.49
CA GLY EA 90 -70.50 -38.54 19.65
C GLY EA 90 -71.01 -39.94 19.39
N LYS EA 91 -70.80 -40.48 18.20
CA LYS EA 91 -71.30 -41.80 17.82
C LYS EA 91 -70.38 -42.93 18.25
N TYR EA 92 -69.30 -42.62 18.97
CA TYR EA 92 -68.32 -43.63 19.34
C TYR EA 92 -67.81 -43.30 20.72
N THR EA 93 -67.39 -44.34 21.45
CA THR EA 93 -66.78 -44.14 22.74
C THR EA 93 -65.41 -44.82 22.78
N PRO EA 94 -64.42 -44.21 23.42
CA PRO EA 94 -63.13 -44.87 23.60
C PRO EA 94 -63.27 -46.05 24.55
N PRO EA 95 -62.93 -47.25 24.09
CA PRO EA 95 -63.08 -48.41 24.96
C PRO EA 95 -62.03 -48.40 26.05
N PRO EA 96 -62.28 -49.08 27.18
CA PRO EA 96 -61.32 -49.06 28.29
C PRO EA 96 -59.97 -49.69 27.99
N HIS EA 97 -59.86 -50.52 26.96
CA HIS EA 97 -58.55 -51.02 26.58
C HIS EA 97 -57.78 -50.05 25.68
N HIS EA 98 -58.43 -48.98 25.21
CA HIS EA 98 -57.74 -47.91 24.49
C HIS EA 98 -57.75 -46.59 25.25
N SER EA 99 -58.22 -46.58 26.49
CA SER EA 99 -58.19 -45.37 27.30
C SER EA 99 -57.22 -45.45 28.46
N GLY EA 100 -56.56 -46.58 28.66
CA GLY EA 100 -55.60 -46.74 29.73
C GLY EA 100 -56.18 -47.27 31.03
N GLN EA 101 -57.27 -48.01 30.98
CA GLN EA 101 -57.94 -48.54 32.17
C GLN EA 101 -58.04 -50.05 32.14
N GLU EA 102 -57.01 -50.75 31.65
CA GLU EA 102 -57.16 -52.16 31.35
C GLU EA 102 -56.07 -53.08 31.88
N ASP EA 103 -54.98 -52.54 32.48
CA ASP EA 103 -53.95 -53.30 33.19
C ASP EA 103 -53.24 -54.33 32.31
N LEU EA 104 -52.31 -53.85 31.47
CA LEU EA 104 -51.68 -54.53 30.33
C LEU EA 104 -51.24 -55.98 30.54
N ARG EA 105 -51.22 -56.75 29.44
CA ARG EA 105 -51.18 -58.21 29.34
C ARG EA 105 -50.13 -58.95 30.17
N PRO EA 106 -48.81 -58.69 30.02
CA PRO EA 106 -47.94 -59.74 30.56
C PRO EA 106 -47.68 -59.65 32.05
N VAL FA 5 23.72 -46.09 18.63
CA VAL FA 5 23.02 -47.27 19.13
C VAL FA 5 23.54 -47.60 20.53
N ALA FA 6 24.80 -47.26 20.80
CA ALA FA 6 25.39 -47.47 22.11
C ALA FA 6 25.65 -46.15 22.83
N ALA FA 7 26.40 -45.24 22.21
CA ALA FA 7 26.57 -43.90 22.77
C ALA FA 7 25.40 -43.00 22.42
N PHE FA 8 24.76 -43.25 21.27
CA PHE FA 8 23.61 -42.46 20.85
C PHE FA 8 22.43 -42.61 21.80
N LEU FA 9 22.25 -43.83 22.35
CA LEU FA 9 21.14 -44.05 23.26
C LEU FA 9 21.35 -43.30 24.57
N LYS FA 10 22.58 -43.26 25.08
CA LYS FA 10 22.88 -42.46 26.26
C LYS FA 10 22.78 -40.97 25.96
N ASN FA 11 23.11 -40.56 24.73
CA ASN FA 11 22.99 -39.16 24.35
C ASN FA 11 21.53 -38.72 24.31
N VAL FA 12 20.66 -39.54 23.71
CA VAL FA 12 19.26 -39.16 23.59
C VAL FA 12 18.54 -39.34 24.92
N TRP FA 13 19.03 -40.22 25.79
CA TRP FA 13 18.51 -40.33 27.14
C TRP FA 13 19.00 -39.20 28.04
N ALA FA 14 20.11 -38.55 27.67
CA ALA FA 14 20.55 -37.37 28.40
C ALA FA 14 19.82 -36.12 27.93
N LYS FA 15 19.61 -35.98 26.62
CA LYS FA 15 18.96 -34.78 26.10
C LYS FA 15 17.45 -34.85 26.24
N GLU FA 16 16.82 -35.84 25.59
CA GLU FA 16 15.38 -35.89 25.41
C GLU FA 16 14.81 -37.19 25.95
N PRO FA 17 14.70 -37.34 27.28
CA PRO FA 17 14.23 -38.62 27.82
C PRO FA 17 12.75 -38.88 27.61
N VAL FA 18 11.97 -37.82 27.35
CA VAL FA 18 10.54 -37.97 27.09
C VAL FA 18 10.32 -38.67 25.76
N LEU FA 19 11.07 -38.29 24.74
CA LEU FA 19 10.95 -38.95 23.44
C LEU FA 19 11.49 -40.38 23.50
N VAL FA 20 12.49 -40.63 24.34
CA VAL FA 20 13.01 -41.99 24.50
C VAL FA 20 11.95 -42.90 25.10
N ALA FA 21 11.32 -42.44 26.20
CA ALA FA 21 10.24 -43.20 26.82
C ALA FA 21 9.05 -43.35 25.87
N SER FA 22 8.79 -42.32 25.06
CA SER FA 22 7.68 -42.38 24.10
C SER FA 22 7.90 -43.46 23.05
N PHE FA 23 9.05 -43.43 22.38
CA PHE FA 23 9.31 -44.44 21.36
C PHE FA 23 9.49 -45.83 21.96
N ALA FA 24 9.97 -45.93 23.20
CA ALA FA 24 10.12 -47.25 23.81
C ALA FA 24 8.78 -47.87 24.17
N ILE FA 25 7.88 -47.08 24.77
CA ILE FA 25 6.53 -47.56 25.09
C ILE FA 25 5.76 -47.88 23.82
N ALA FA 26 5.91 -47.05 22.78
CA ALA FA 26 5.25 -47.31 21.50
C ALA FA 26 5.77 -48.59 20.84
N GLY FA 27 7.08 -48.82 20.90
CA GLY FA 27 7.63 -50.04 20.34
C GLY FA 27 7.21 -51.28 21.09
N LEU FA 28 7.16 -51.21 22.42
CA LEU FA 28 6.66 -52.33 23.22
C LEU FA 28 5.21 -52.63 22.90
N ALA FA 29 4.39 -51.58 22.76
CA ALA FA 29 2.98 -51.77 22.42
C ALA FA 29 2.80 -52.34 21.02
N VAL FA 30 3.71 -52.04 20.09
CA VAL FA 30 3.61 -52.61 18.77
C VAL FA 30 4.01 -54.09 18.77
N ILE FA 31 5.14 -54.42 19.41
CA ILE FA 31 5.69 -55.76 19.19
C ILE FA 31 5.27 -56.78 20.23
N LEU FA 32 4.70 -56.36 21.36
CA LEU FA 32 4.48 -57.31 22.45
C LEU FA 32 3.29 -58.27 22.30
N PRO FA 33 2.12 -57.90 21.75
CA PRO FA 33 1.09 -58.93 21.52
C PRO FA 33 1.45 -59.99 20.49
N THR FA 34 2.41 -59.74 19.60
CA THR FA 34 2.89 -60.81 18.74
C THR FA 34 3.85 -61.75 19.46
N LEU FA 35 4.29 -61.38 20.66
CA LEU FA 35 5.15 -62.22 21.48
C LEU FA 35 4.47 -62.70 22.75
N SER FA 36 3.29 -62.17 23.08
CA SER FA 36 2.64 -62.54 24.34
C SER FA 36 1.88 -63.85 24.19
N PRO FA 37 1.85 -64.68 25.25
CA PRO FA 37 1.08 -65.93 25.19
C PRO FA 37 -0.34 -65.82 25.72
N TYR FA 38 -0.73 -64.66 26.26
CA TYR FA 38 -2.09 -64.42 26.71
C TYR FA 38 -2.95 -63.77 25.64
N THR FA 39 -2.42 -63.56 24.43
CA THR FA 39 -3.15 -62.82 23.41
C THR FA 39 -4.32 -63.62 22.85
N LYS FA 40 -4.15 -64.94 22.72
CA LYS FA 40 -5.19 -65.81 22.18
C LYS FA 40 -6.42 -65.83 23.08
N TYR FA 41 -6.21 -65.72 24.39
CA TYR FA 41 -7.32 -65.81 25.33
C TYR FA 41 -8.21 -64.58 25.26
N SER FA 42 -7.69 -63.43 24.84
CA SER FA 42 -8.53 -62.26 24.61
C SER FA 42 -9.56 -62.53 23.51
N LEU FA 43 -9.11 -63.14 22.41
CA LEU FA 43 -10.00 -63.50 21.32
C LEU FA 43 -10.98 -64.59 21.74
N MET FA 44 -10.51 -65.54 22.56
CA MET FA 44 -11.36 -66.63 23.01
C MET FA 44 -12.46 -66.13 23.96
N ILE FA 45 -12.12 -65.19 24.85
CA ILE FA 45 -13.10 -64.63 25.77
C ILE FA 45 -14.09 -63.74 25.03
N ASN FA 46 -13.61 -62.98 24.03
CA ASN FA 46 -14.55 -62.17 23.26
C ASN FA 46 -15.48 -63.01 22.40
N ARG FA 47 -15.03 -64.17 21.92
CA ARG FA 47 -15.97 -65.00 21.17
C ARG FA 47 -16.83 -65.89 22.07
N ALA FA 48 -16.44 -66.07 23.34
CA ALA FA 48 -17.25 -66.83 24.29
C ALA FA 48 -18.27 -65.96 25.02
N THR FA 49 -18.38 -64.68 24.68
CA THR FA 49 -19.30 -63.78 25.36
C THR FA 49 -20.61 -63.72 24.59
N PRO FA 50 -21.69 -64.31 25.11
CA PRO FA 50 -22.91 -64.46 24.30
C PRO FA 50 -23.86 -63.27 24.28
N TYR FA 51 -23.62 -62.30 23.38
CA TYR FA 51 -24.57 -61.21 23.22
C TYR FA 51 -25.90 -61.69 22.66
N ASN FA 52 -25.88 -62.67 21.78
CA ASN FA 52 -27.07 -63.08 21.05
C ASN FA 52 -27.76 -64.26 21.75
N TYR FA 53 -28.74 -64.83 21.08
CA TYR FA 53 -29.38 -66.02 21.57
C TYR FA 53 -28.85 -67.22 20.83
N PRO FA 54 -28.51 -68.30 21.54
CA PRO FA 54 -28.11 -69.54 20.86
C PRO FA 54 -29.30 -70.22 20.22
N VAL FA 55 -29.62 -69.83 18.99
CA VAL FA 55 -30.73 -70.36 18.22
C VAL FA 55 -30.51 -71.85 18.00
N PRO FA 56 -31.41 -72.70 18.49
CA PRO FA 56 -31.15 -74.14 18.45
C PRO FA 56 -31.25 -74.72 17.05
N LEU FA 57 -30.46 -75.74 16.81
CA LEU FA 57 -30.46 -76.45 15.54
C LEU FA 57 -31.62 -77.44 15.51
N ARG FA 58 -32.28 -77.52 14.36
CA ARG FA 58 -33.21 -78.61 14.12
C ARG FA 58 -32.46 -79.92 14.06
N ASP FA 59 -32.88 -80.89 14.87
CA ASP FA 59 -32.17 -82.17 14.94
C ASP FA 59 -32.51 -82.99 13.71
N ASP FA 60 -31.55 -83.09 12.80
CA ASP FA 60 -31.72 -83.92 11.61
C ASP FA 60 -31.72 -85.40 11.96
N GLY FA 61 -30.89 -85.80 12.92
CA GLY FA 61 -30.78 -87.19 13.31
C GLY FA 61 -29.35 -87.60 13.55
N ASN FA 62 -28.41 -86.99 12.82
CA ASN FA 62 -26.99 -87.24 13.02
C ASN FA 62 -26.29 -85.91 13.28
N MET FA 63 -26.34 -85.46 14.54
CA MET FA 63 -25.44 -84.44 15.07
C MET FA 63 -25.01 -84.89 16.45
N PRO FA 64 -24.05 -85.81 16.55
CA PRO FA 64 -23.57 -86.21 17.87
C PRO FA 64 -22.74 -85.13 18.55
N ASP FA 65 -22.12 -84.26 17.77
CA ASP FA 65 -21.29 -83.19 18.31
C ASP FA 65 -22.11 -81.98 18.77
N VAL FA 66 -23.43 -82.01 18.59
CA VAL FA 66 -24.33 -80.98 19.06
C VAL FA 66 -25.11 -81.54 20.24
N PRO FA 67 -25.15 -80.87 21.39
CA PRO FA 67 -25.82 -81.43 22.56
C PRO FA 67 -27.33 -81.33 22.47
N SER FA 68 -27.99 -82.15 23.28
CA SER FA 68 -29.44 -82.04 23.46
C SER FA 68 -29.83 -81.07 24.56
N HIS FA 69 -28.91 -80.73 25.45
CA HIS FA 69 -29.20 -79.96 26.66
C HIS FA 69 -27.98 -79.12 26.96
N PRO FA 70 -28.14 -77.94 27.58
CA PRO FA 70 -26.96 -77.14 27.95
C PRO FA 70 -26.05 -77.80 28.97
N GLN FA 71 -26.57 -78.67 29.83
CA GLN FA 71 -25.76 -79.39 30.80
C GLN FA 71 -25.22 -80.71 30.26
N ASP FA 72 -25.23 -80.91 28.95
CA ASP FA 72 -24.62 -82.10 28.37
C ASP FA 72 -23.11 -81.94 28.31
N PRO FA 73 -22.36 -83.06 28.28
CA PRO FA 73 -20.89 -82.95 28.17
C PRO FA 73 -20.41 -82.38 26.85
N GLN FA 74 -20.97 -82.83 25.73
CA GLN FA 74 -20.54 -82.33 24.43
C GLN FA 74 -21.00 -80.89 24.23
N GLY FA 75 -20.16 -80.11 23.54
CA GLY FA 75 -20.39 -78.69 23.38
C GLY FA 75 -19.22 -77.88 23.89
N PRO FA 76 -19.14 -76.60 23.49
CA PRO FA 76 -18.01 -75.76 23.90
C PRO FA 76 -18.07 -75.36 25.37
N SER FA 77 -17.20 -75.95 26.18
CA SER FA 77 -17.15 -75.67 27.60
C SER FA 77 -16.20 -74.52 27.90
N LEU FA 78 -16.42 -73.88 29.04
CA LEU FA 78 -15.55 -72.79 29.47
C LEU FA 78 -14.89 -73.10 30.80
N GLU FA 79 -14.35 -74.31 30.91
CA GLU FA 79 -13.50 -74.65 32.05
C GLU FA 79 -12.28 -73.75 32.12
N TRP FA 80 -11.64 -73.51 30.97
CA TRP FA 80 -10.43 -72.69 30.90
C TRP FA 80 -10.70 -71.26 31.34
N LEU FA 81 -11.91 -70.75 31.09
CA LEU FA 81 -12.24 -69.38 31.47
C LEU FA 81 -12.50 -69.28 32.97
N LYS FA 82 -13.07 -70.33 33.56
CA LYS FA 82 -13.14 -70.40 35.01
C LYS FA 82 -11.75 -70.50 35.64
N ARG FA 83 -10.81 -71.16 34.96
CA ARG FA 83 -9.49 -71.33 35.57
C ARG FA 83 -8.49 -70.25 35.14
N LEU FA 84 -8.17 -70.19 33.85
CA LEU FA 84 -7.06 -69.39 33.28
C LEU FA 84 -5.75 -69.49 34.07
N SER GA 12 19.20 13.36 -103.63
CA SER GA 12 19.65 14.20 -102.54
C SER GA 12 19.00 15.59 -102.58
N LYS GA 13 18.98 16.20 -103.76
CA LYS GA 13 18.43 17.55 -103.93
C LYS GA 13 17.29 17.55 -104.93
N MET GA 14 16.16 18.10 -104.52
CA MET GA 14 15.00 18.32 -105.39
C MET GA 14 14.87 19.81 -105.66
N GLU GA 15 14.71 20.17 -106.94
CA GLU GA 15 14.61 21.56 -107.35
C GLU GA 15 13.15 21.95 -107.55
N LEU GA 16 12.75 23.04 -106.91
CA LEU GA 16 11.41 23.56 -107.10
C LEU GA 16 11.31 24.26 -108.45
N PRO GA 17 10.11 24.37 -109.01
CA PRO GA 17 9.89 25.26 -110.15
C PRO GA 17 9.75 26.70 -109.68
N ASP GA 18 9.55 27.60 -110.64
CA ASP GA 18 9.53 29.03 -110.37
C ASP GA 18 8.24 29.43 -109.65
N TYR GA 19 8.31 30.54 -108.92
CA TYR GA 19 7.12 31.15 -108.34
C TYR GA 19 6.53 32.22 -109.23
N LYS GA 20 7.26 32.65 -110.27
CA LYS GA 20 6.78 33.69 -111.17
C LYS GA 20 5.98 33.12 -112.34
N GLN GA 21 5.79 31.81 -112.41
CA GLN GA 21 5.04 31.20 -113.49
C GLN GA 21 3.68 30.68 -113.06
N TRP GA 22 3.33 30.78 -111.78
CA TRP GA 22 2.00 30.40 -111.32
C TRP GA 22 1.16 31.66 -111.19
N LYS GA 23 0.68 32.14 -112.33
CA LYS GA 23 -0.14 33.33 -112.44
C LYS GA 23 -1.57 32.91 -112.80
N ILE GA 24 -2.55 33.67 -112.32
CA ILE GA 24 -3.92 33.19 -112.27
C ILE GA 24 -4.76 33.61 -113.47
N GLU GA 25 -4.12 34.09 -114.54
CA GLU GA 25 -4.85 34.48 -115.73
C GLU GA 25 -5.30 33.25 -116.50
N GLY GA 26 -6.61 33.07 -116.60
CA GLY GA 26 -7.18 31.90 -117.23
C GLY GA 26 -7.63 30.83 -116.26
N THR GA 27 -7.87 31.17 -115.00
CA THR GA 27 -8.27 30.26 -113.96
C THR GA 27 -9.60 30.70 -113.37
N PRO GA 28 -10.33 29.79 -112.72
CA PRO GA 28 -11.44 30.22 -111.87
C PRO GA 28 -11.02 31.03 -110.66
N LEU GA 29 -9.73 30.99 -110.26
CA LEU GA 29 -9.24 31.93 -109.25
C LEU GA 29 -9.35 33.37 -109.70
N GLU GA 30 -9.20 33.62 -111.01
CA GLU GA 30 -9.37 34.97 -111.53
C GLU GA 30 -10.81 35.43 -111.40
N THR GA 31 -11.77 34.56 -111.74
CA THR GA 31 -13.18 34.89 -111.57
C THR GA 31 -13.54 35.09 -110.10
N VAL GA 32 -12.92 34.28 -109.22
CA VAL GA 32 -13.09 34.46 -107.78
C VAL GA 32 -12.60 35.84 -107.33
N GLN GA 33 -11.39 36.23 -107.74
CA GLN GA 33 -10.85 37.51 -107.28
C GLN GA 33 -11.58 38.69 -107.93
N GLU GA 34 -12.12 38.50 -109.14
CA GLU GA 34 -12.94 39.56 -109.73
C GLU GA 34 -14.28 39.71 -109.01
N LYS GA 35 -14.90 38.60 -108.63
CA LYS GA 35 -16.14 38.69 -107.85
C LYS GA 35 -15.90 39.15 -106.42
N LEU GA 36 -14.67 39.06 -105.93
CA LEU GA 36 -14.34 39.65 -104.64
C LEU GA 36 -14.03 41.13 -104.76
N ALA GA 37 -13.35 41.53 -105.84
CA ALA GA 37 -13.00 42.93 -106.03
C ALA GA 37 -14.19 43.77 -106.44
N ALA GA 38 -15.20 43.15 -107.04
CA ALA GA 38 -16.44 43.87 -107.34
C ALA GA 38 -17.17 44.27 -106.07
N ARG GA 39 -17.08 43.44 -105.02
CA ARG GA 39 -17.56 43.81 -103.70
C ARG GA 39 -16.44 44.29 -102.78
N GLY GA 40 -15.30 44.66 -103.36
CA GLY GA 40 -14.24 45.32 -102.61
C GLY GA 40 -13.37 44.43 -101.74
N LEU GA 41 -12.78 43.38 -102.33
CA LEU GA 41 -11.88 42.50 -101.60
C LEU GA 41 -10.68 42.10 -102.46
N ARG GA 42 -9.55 41.90 -101.80
CA ARG GA 42 -8.31 41.47 -102.43
C ARG GA 42 -7.86 40.15 -101.80
N ASP GA 43 -7.50 39.20 -102.64
CA ASP GA 43 -7.03 37.92 -102.14
C ASP GA 43 -5.52 37.81 -102.28
N PRO GA 44 -4.82 37.40 -101.23
CA PRO GA 44 -3.38 37.20 -101.35
C PRO GA 44 -2.97 35.78 -101.75
N TRP GA 45 -3.87 34.81 -101.58
CA TRP GA 45 -3.53 33.41 -101.83
C TRP GA 45 -3.98 32.93 -103.21
N GLY GA 46 -3.97 33.80 -104.21
CA GLY GA 46 -4.33 33.36 -105.55
C GLY GA 46 -3.24 32.52 -106.20
N ARG GA 47 -2.02 33.05 -106.23
CA ARG GA 47 -0.91 32.39 -106.91
C ARG GA 47 -0.47 31.12 -106.21
N ASN GA 48 -0.78 30.97 -104.92
CA ASN GA 48 -0.50 29.71 -104.22
C ASN GA 48 -1.39 28.59 -104.76
N GLU GA 49 -2.71 28.76 -104.70
CA GLU GA 49 -3.64 27.73 -105.13
C GLU GA 49 -3.86 27.73 -106.64
N ALA GA 50 -3.11 28.54 -107.40
CA ALA GA 50 -3.23 28.55 -108.85
C ALA GA 50 -2.66 27.29 -109.52
N TRP GA 51 -1.81 26.53 -108.83
CA TRP GA 51 -1.16 25.38 -109.49
C TRP GA 51 -2.12 24.26 -109.79
N ARG GA 52 -3.24 24.18 -109.06
CA ARG GA 52 -4.17 23.08 -109.21
C ARG GA 52 -4.91 23.13 -110.54
N TYR GA 53 -5.02 24.31 -111.15
CA TYR GA 53 -5.83 24.51 -112.33
C TYR GA 53 -4.98 24.77 -113.56
N MET GA 54 -3.69 24.48 -113.49
CA MET GA 54 -2.75 24.84 -114.53
C MET GA 54 -1.89 23.63 -114.89
N GLY GA 55 -1.25 23.72 -116.05
CA GLY GA 55 -0.33 22.66 -116.47
C GLY GA 55 -1.08 21.46 -117.00
N GLY GA 56 -0.72 20.28 -116.51
CA GLY GA 56 -1.39 19.06 -116.91
C GLY GA 56 -2.65 18.76 -116.12
N PHE GA 57 -2.93 19.54 -115.07
CA PHE GA 57 -4.21 19.49 -114.41
C PHE GA 57 -5.15 20.58 -114.92
N ALA GA 58 -4.69 21.38 -115.88
CA ALA GA 58 -5.59 22.21 -116.67
C ALA GA 58 -6.26 21.36 -117.73
N ASN GA 59 -7.51 21.71 -118.06
CA ASN GA 59 -8.35 21.05 -119.06
C ASN GA 59 -8.55 19.56 -118.73
N ASN GA 60 -9.17 19.32 -117.58
CA ASN GA 60 -9.62 17.98 -117.27
C ASN GA 60 -10.91 17.68 -118.03
N VAL GA 61 -11.17 16.39 -118.25
CA VAL GA 61 -12.38 16.00 -118.99
C VAL GA 61 -13.61 16.18 -118.12
N SER GA 62 -14.78 16.14 -118.76
CA SER GA 62 -16.05 16.17 -118.06
C SER GA 62 -16.41 14.75 -117.63
N PHE GA 63 -17.64 14.55 -117.17
CA PHE GA 63 -18.05 13.23 -116.71
C PHE GA 63 -18.40 12.31 -117.87
N VAL GA 64 -19.03 12.85 -118.92
CA VAL GA 64 -19.35 12.04 -120.08
C VAL GA 64 -18.08 11.69 -120.85
N GLY GA 65 -17.07 12.57 -120.82
CA GLY GA 65 -15.76 12.19 -121.32
C GLY GA 65 -14.99 11.28 -120.40
N ALA GA 66 -15.38 11.23 -119.11
CA ALA GA 66 -14.76 10.30 -118.19
C ALA GA 66 -15.24 8.88 -118.43
N LEU GA 67 -16.56 8.69 -118.54
CA LEU GA 67 -17.08 7.34 -118.70
C LEU GA 67 -16.77 6.75 -120.07
N LEU GA 68 -16.57 7.58 -121.08
CA LEU GA 68 -16.34 7.11 -122.44
C LEU GA 68 -14.87 6.96 -122.76
N LYS GA 69 -14.04 6.65 -121.77
CA LYS GA 69 -12.67 6.25 -122.01
C LYS GA 69 -12.66 4.92 -122.75
N GLY GA 70 -11.84 4.84 -123.81
CA GLY GA 70 -11.80 3.64 -124.63
C GLY GA 70 -13.01 3.40 -125.51
N PHE GA 71 -13.94 4.36 -125.59
CA PHE GA 71 -15.14 4.17 -126.39
C PHE GA 71 -14.85 4.28 -127.88
N LYS GA 72 -13.85 5.06 -128.25
CA LYS GA 72 -13.53 5.31 -129.66
C LYS GA 72 -12.82 4.11 -130.28
N TRP GA 73 -11.69 3.71 -129.70
CA TRP GA 73 -10.97 2.53 -130.16
C TRP GA 73 -11.80 1.27 -129.98
N GLY GA 74 -12.61 1.21 -128.92
CA GLY GA 74 -13.50 0.07 -128.72
C GLY GA 74 -14.60 0.00 -129.76
N PHE GA 75 -15.12 1.17 -130.17
CA PHE GA 75 -16.14 1.17 -131.21
C PHE GA 75 -15.53 0.80 -132.57
N ALA GA 76 -14.29 1.24 -132.82
CA ALA GA 76 -13.58 0.84 -134.03
C ALA GA 76 -13.36 -0.68 -134.07
N ALA GA 77 -12.91 -1.25 -132.96
CA ALA GA 77 -12.70 -2.70 -132.92
C ALA GA 77 -14.01 -3.47 -132.97
N PHE GA 78 -15.09 -2.87 -132.45
CA PHE GA 78 -16.42 -3.46 -132.60
C PHE GA 78 -16.84 -3.51 -134.05
N VAL GA 79 -16.63 -2.41 -134.80
CA VAL GA 79 -16.91 -2.39 -136.23
C VAL GA 79 -16.08 -3.44 -136.97
N VAL GA 80 -14.82 -3.60 -136.56
CA VAL GA 80 -13.93 -4.58 -137.18
C VAL GA 80 -14.43 -6.00 -136.95
N ALA GA 81 -14.79 -6.32 -135.71
CA ALA GA 81 -15.23 -7.69 -135.40
C ALA GA 81 -16.62 -7.99 -135.96
N VAL GA 82 -17.50 -6.99 -136.04
CA VAL GA 82 -18.82 -7.22 -136.63
C VAL GA 82 -18.69 -7.42 -138.14
N GLY GA 83 -17.81 -6.67 -138.79
CA GLY GA 83 -17.52 -6.95 -140.19
C GLY GA 83 -16.86 -8.29 -140.40
N ALA GA 84 -16.03 -8.72 -139.44
CA ALA GA 84 -15.38 -10.02 -139.51
C ALA GA 84 -16.38 -11.17 -139.43
N GLU GA 85 -17.34 -11.07 -138.51
CA GLU GA 85 -18.36 -12.12 -138.45
C GLU GA 85 -19.42 -11.97 -139.52
N TYR GA 86 -19.58 -10.77 -140.10
CA TYR GA 86 -20.46 -10.59 -141.25
C TYR GA 86 -19.87 -11.20 -142.50
N TYR GA 87 -18.54 -11.26 -142.58
CA TYR GA 87 -17.88 -11.96 -143.67
C TYR GA 87 -17.57 -13.41 -143.35
N LEU GA 88 -17.65 -13.81 -142.09
CA LEU GA 88 -17.44 -15.20 -141.70
C LEU GA 88 -18.72 -16.01 -141.72
N GLU GA 89 -19.89 -15.36 -141.78
CA GLU GA 89 -21.14 -16.06 -142.05
C GLU GA 89 -21.36 -16.30 -143.54
N SER GA 90 -20.51 -15.73 -144.40
CA SER GA 90 -20.57 -15.99 -145.83
C SER GA 90 -19.18 -15.83 -146.44
N MET HA 3 -22.44 -49.52 -23.59
CA MET HA 3 -23.37 -50.45 -24.22
C MET HA 3 -23.06 -51.89 -23.84
N MET HA 4 -21.83 -52.32 -24.11
CA MET HA 4 -21.40 -53.68 -23.85
C MET HA 4 -20.81 -53.83 -22.45
N THR HA 5 -21.15 -52.92 -21.54
CA THR HA 5 -20.53 -52.91 -20.22
C THR HA 5 -21.08 -54.00 -19.30
N GLY HA 6 -22.23 -54.58 -19.63
CA GLY HA 6 -22.69 -55.75 -18.89
C GLY HA 6 -22.02 -57.03 -19.31
N ARG HA 7 -21.35 -57.02 -20.46
CA ARG HA 7 -20.67 -58.22 -20.94
C ARG HA 7 -19.35 -58.44 -20.22
N GLN HA 8 -18.45 -57.45 -20.28
CA GLN HA 8 -17.16 -57.55 -19.61
C GLN HA 8 -17.23 -56.93 -18.22
N ALA HA 9 -18.10 -57.50 -17.39
CA ALA HA 9 -18.16 -57.20 -15.97
C ALA HA 9 -18.18 -58.45 -15.10
N ARG HA 10 -18.61 -59.59 -15.64
CA ARG HA 10 -18.48 -60.86 -14.95
C ARG HA 10 -17.02 -61.26 -14.77
N ALA HA 11 -16.16 -60.83 -15.69
CA ALA HA 11 -14.71 -60.99 -15.58
C ALA HA 11 -14.05 -59.65 -15.84
N PRO HA 12 -14.13 -58.74 -14.88
CA PRO HA 12 -13.75 -57.34 -15.16
C PRO HA 12 -12.24 -57.13 -15.16
N LEU HA 13 -11.86 -55.97 -15.68
CA LEU HA 13 -10.46 -55.52 -15.82
C LEU HA 13 -9.58 -56.50 -16.58
N GLN HA 14 -10.16 -57.21 -17.53
CA GLN HA 14 -9.37 -58.05 -18.42
C GLN HA 14 -9.17 -57.29 -19.73
N PHE HA 15 -7.92 -56.97 -20.02
CA PHE HA 15 -7.56 -56.34 -21.29
C PHE HA 15 -7.91 -57.26 -22.44
N LEU HA 16 -7.31 -58.44 -22.48
CA LEU HA 16 -7.69 -59.51 -23.37
C LEU HA 16 -8.13 -60.71 -22.55
N PRO HA 17 -9.40 -61.11 -22.62
CA PRO HA 17 -9.84 -62.31 -21.89
C PRO HA 17 -9.33 -63.61 -22.48
N ASP HA 18 -9.77 -64.72 -21.89
CA ASP HA 18 -9.30 -66.04 -22.32
C ASP HA 18 -9.85 -66.43 -23.68
N GLU HA 19 -11.02 -65.91 -24.08
CA GLU HA 19 -11.56 -66.18 -25.40
C GLU HA 19 -11.00 -65.26 -26.47
N ALA HA 20 -10.21 -64.25 -26.08
CA ALA HA 20 -9.55 -63.40 -27.06
C ALA HA 20 -8.45 -64.12 -27.82
N ARG HA 21 -7.91 -65.21 -27.26
CA ARG HA 21 -6.88 -65.98 -27.95
C ARG HA 21 -7.48 -66.86 -29.05
N SER HA 22 -8.79 -67.12 -29.01
CA SER HA 22 -9.44 -67.88 -30.06
C SER HA 22 -9.58 -67.10 -31.35
N LEU HA 23 -9.52 -65.77 -31.29
CA LEU HA 23 -9.47 -64.94 -32.47
C LEU HA 23 -8.10 -65.03 -33.13
N PRO HA 24 -7.99 -64.68 -34.41
CA PRO HA 24 -6.67 -64.55 -35.01
C PRO HA 24 -5.99 -63.27 -34.54
N PRO HA 25 -4.69 -63.32 -34.28
CA PRO HA 25 -3.97 -62.10 -33.95
C PRO HA 25 -3.75 -61.27 -35.19
N PRO HA 26 -3.55 -59.96 -35.04
CA PRO HA 26 -3.14 -59.15 -36.19
C PRO HA 26 -1.75 -59.53 -36.64
N LYS HA 27 -1.56 -59.60 -37.95
CA LYS HA 27 -0.25 -59.86 -38.51
C LYS HA 27 0.66 -58.65 -38.27
N LEU HA 28 1.96 -58.90 -38.29
CA LEU HA 28 2.91 -57.81 -38.05
C LEU HA 28 3.09 -56.90 -39.25
N THR HA 29 2.46 -57.22 -40.38
CA THR HA 29 2.34 -56.34 -41.53
C THR HA 29 0.96 -55.69 -41.62
N ASP HA 30 0.30 -55.49 -40.48
CA ASP HA 30 -1.01 -54.84 -40.45
C ASP HA 30 -0.84 -53.37 -40.83
N PRO HA 31 -1.57 -52.87 -41.82
CA PRO HA 31 -1.47 -51.44 -42.15
C PRO HA 31 -1.96 -50.51 -41.05
N ARG HA 32 -2.85 -50.97 -40.17
CA ARG HA 32 -3.12 -50.25 -38.95
C ARG HA 32 -1.87 -50.14 -38.09
N LEU HA 33 -1.22 -51.27 -37.85
CA LEU HA 33 0.03 -51.30 -37.09
C LEU HA 33 1.16 -50.60 -37.83
N ALA HA 34 1.13 -50.61 -39.17
CA ALA HA 34 2.14 -49.91 -39.94
C ALA HA 34 1.96 -48.39 -39.82
N TYR HA 35 0.73 -47.92 -39.79
CA TYR HA 35 0.50 -46.49 -39.54
C TYR HA 35 0.84 -46.11 -38.11
N ILE HA 36 0.70 -47.05 -37.16
CA ILE HA 36 1.16 -46.80 -35.81
C ILE HA 36 2.69 -46.67 -35.76
N GLY HA 37 3.40 -47.52 -36.51
CA GLY HA 37 4.84 -47.39 -36.62
C GLY HA 37 5.27 -46.10 -37.30
N PHE HA 38 4.47 -45.63 -38.26
CA PHE HA 38 4.71 -44.32 -38.84
C PHE HA 38 4.48 -43.20 -37.84
N LEU HA 39 3.52 -43.39 -36.92
CA LEU HA 39 3.36 -42.44 -35.83
C LEU HA 39 4.57 -42.46 -34.89
N GLY HA 40 5.19 -43.62 -34.72
CA GLY HA 40 6.43 -43.68 -33.97
C GLY HA 40 7.57 -42.95 -34.66
N TYR HA 41 7.65 -43.08 -35.98
CA TYR HA 41 8.67 -42.37 -36.75
C TYR HA 41 8.44 -40.85 -36.68
N CYS HA 42 7.19 -40.42 -36.77
CA CYS HA 42 6.86 -39.01 -36.62
C CYS HA 42 7.14 -38.49 -35.21
N SER HA 43 6.92 -39.33 -34.20
CA SER HA 43 7.26 -38.94 -32.83
C SER HA 43 8.76 -38.77 -32.65
N GLY HA 44 9.55 -39.66 -33.26
CA GLY HA 44 11.00 -39.49 -33.23
C GLY HA 44 11.46 -38.25 -33.96
N LEU HA 45 10.81 -37.92 -35.08
CA LEU HA 45 11.18 -36.72 -35.82
C LEU HA 45 10.82 -35.44 -35.06
N ILE HA 46 9.65 -35.41 -34.44
CA ILE HA 46 9.26 -34.25 -33.64
C ILE HA 46 10.13 -34.13 -32.39
N ASP HA 47 10.54 -35.27 -31.81
CA ASP HA 47 11.44 -35.20 -30.66
C ASP HA 47 12.82 -34.70 -31.04
N ASN HA 48 13.31 -35.04 -32.23
CA ASN HA 48 14.56 -34.47 -32.70
C ASN HA 48 14.40 -33.02 -33.17
N ALA HA 49 13.17 -32.58 -33.45
CA ALA HA 49 12.96 -31.22 -33.93
C ALA HA 49 12.73 -30.22 -32.81
N ILE HA 50 11.98 -30.58 -31.77
CA ILE HA 50 11.65 -29.62 -30.71
C ILE HA 50 12.86 -29.30 -29.84
N ARG HA 51 13.87 -30.17 -29.83
CA ARG HA 51 15.08 -29.95 -29.03
C ARG HA 51 16.25 -29.52 -29.89
N ARG HA 52 15.99 -29.17 -31.15
CA ARG HA 52 16.97 -28.67 -32.11
C ARG HA 52 18.13 -29.64 -32.32
N ARG HA 53 17.81 -30.92 -32.36
CA ARG HA 53 18.74 -31.93 -32.84
C ARG HA 53 18.62 -31.97 -34.36
N PRO HA 54 19.57 -32.62 -35.06
CA PRO HA 54 19.31 -32.97 -36.47
C PRO HA 54 18.19 -33.99 -36.54
N VAL HA 55 17.21 -33.71 -37.42
CA VAL HA 55 15.92 -34.38 -37.37
C VAL HA 55 16.06 -35.84 -37.80
N LEU HA 56 16.77 -36.07 -38.90
CA LEU HA 56 16.95 -37.42 -39.41
C LEU HA 56 18.20 -38.11 -38.92
N SER HA 57 19.17 -37.35 -38.40
CA SER HA 57 20.50 -37.89 -38.13
C SER HA 57 20.74 -38.19 -36.66
N ALA HA 58 20.00 -37.57 -35.75
CA ALA HA 58 20.21 -37.80 -34.33
C ALA HA 58 19.15 -38.75 -33.78
N GLY HA 59 19.60 -39.60 -32.85
CA GLY HA 59 18.71 -40.47 -32.13
C GLY HA 59 18.10 -41.56 -32.98
N LEU HA 60 18.92 -42.23 -33.79
CA LEU HA 60 18.43 -43.41 -34.50
C LEU HA 60 18.06 -44.53 -33.52
N HIS HA 61 18.79 -44.62 -32.40
CA HIS HA 61 18.35 -45.47 -31.31
C HIS HA 61 17.07 -44.92 -30.67
N ARG HA 62 16.96 -43.60 -30.59
CA ARG HA 62 15.78 -42.98 -29.99
C ARG HA 62 14.56 -43.12 -30.88
N GLN HA 63 14.74 -42.88 -32.18
CA GLN HA 63 13.66 -43.13 -33.14
C GLN HA 63 13.31 -44.61 -33.22
N PHE HA 64 14.32 -45.48 -33.08
CA PHE HA 64 14.07 -46.92 -33.11
C PHE HA 64 13.27 -47.36 -31.89
N LEU HA 65 13.51 -46.75 -30.74
CA LEU HA 65 12.70 -47.04 -29.57
C LEU HA 65 11.30 -46.41 -29.65
N TYR HA 66 11.16 -45.23 -30.28
CA TYR HA 66 9.83 -44.68 -30.53
C TYR HA 66 8.99 -45.61 -31.42
N ILE HA 67 9.60 -46.12 -32.49
CA ILE HA 67 8.90 -47.03 -33.39
C ILE HA 67 8.59 -48.35 -32.68
N THR HA 68 9.56 -48.88 -31.92
CA THR HA 68 9.37 -50.11 -31.16
C THR HA 68 8.24 -49.96 -30.14
N SER HA 69 8.21 -48.84 -29.43
CA SER HA 69 7.22 -48.62 -28.38
C SER HA 69 5.82 -48.46 -28.97
N PHE HA 70 5.70 -47.75 -30.09
CA PHE HA 70 4.36 -47.57 -30.65
C PHE HA 70 3.84 -48.86 -31.26
N VAL HA 71 4.72 -49.63 -31.93
CA VAL HA 71 4.29 -50.92 -32.48
C VAL HA 71 3.92 -51.89 -31.35
N PHE HA 72 4.68 -51.86 -30.25
CA PHE HA 72 4.43 -52.77 -29.14
C PHE HA 72 3.15 -52.42 -28.39
N VAL HA 73 2.79 -51.14 -28.31
CA VAL HA 73 1.51 -50.79 -27.69
C VAL HA 73 0.35 -51.05 -28.65
N GLY HA 74 0.52 -50.62 -29.91
CA GLY HA 74 -0.54 -50.71 -30.88
C GLY HA 74 -0.91 -52.13 -31.26
N TYR HA 75 0.01 -53.08 -31.11
CA TYR HA 75 -0.33 -54.48 -31.37
C TYR HA 75 -1.40 -54.99 -30.42
N TYR HA 76 -1.22 -54.75 -29.12
CA TYR HA 76 -2.22 -55.16 -28.15
C TYR HA 76 -3.49 -54.32 -28.25
N LEU HA 77 -3.35 -53.05 -28.64
CA LEU HA 77 -4.53 -52.23 -28.89
C LEU HA 77 -5.36 -52.78 -30.05
N LEU HA 78 -4.70 -53.27 -31.10
CA LEU HA 78 -5.43 -53.88 -32.21
C LEU HA 78 -6.02 -55.22 -31.83
N LYS HA 79 -5.36 -55.97 -30.95
CA LYS HA 79 -5.95 -57.20 -30.44
C LYS HA 79 -7.23 -56.93 -29.65
N ARG HA 80 -7.22 -55.89 -28.83
CA ARG HA 80 -8.42 -55.53 -28.08
C ARG HA 80 -9.52 -54.98 -28.99
N GLN HA 81 -9.13 -54.25 -30.04
CA GLN HA 81 -10.09 -53.74 -31.03
C GLN HA 81 -10.80 -54.89 -31.74
N ASP HA 82 -10.02 -55.83 -32.26
CA ASP HA 82 -10.58 -57.01 -32.91
C ASP HA 82 -11.45 -57.82 -31.95
N TYR HA 83 -11.02 -57.91 -30.67
CA TYR HA 83 -11.81 -58.60 -29.66
C TYR HA 83 -13.15 -57.94 -29.43
N MET HA 84 -13.19 -56.63 -29.35
CA MET HA 84 -14.46 -55.98 -29.02
C MET HA 84 -15.41 -55.99 -30.22
N TYR HA 85 -14.89 -55.89 -31.45
CA TYR HA 85 -15.82 -56.03 -32.57
C TYR HA 85 -16.29 -57.47 -32.76
N ALA HA 86 -15.44 -58.45 -32.42
CA ALA HA 86 -15.86 -59.85 -32.44
C ALA HA 86 -16.94 -60.12 -31.40
N VAL HA 87 -16.82 -59.53 -30.22
CA VAL HA 87 -17.82 -59.73 -29.17
C VAL HA 87 -19.11 -59.01 -29.51
N ARG HA 88 -19.00 -57.85 -30.18
CA ARG HA 88 -20.18 -57.15 -30.72
C ARG HA 88 -20.94 -58.03 -31.69
N ASP HA 89 -20.24 -58.64 -32.65
CA ASP HA 89 -20.93 -59.49 -33.62
C ASP HA 89 -21.42 -60.80 -33.00
N HIS HA 90 -20.73 -61.31 -31.98
CA HIS HA 90 -21.21 -62.52 -31.31
C HIS HA 90 -22.51 -62.27 -30.56
N ASP HA 91 -22.60 -61.12 -29.87
CA ASP HA 91 -23.84 -60.75 -29.19
C ASP HA 91 -24.96 -60.52 -30.19
N MET HA 92 -24.65 -59.86 -31.32
CA MET HA 92 -25.64 -59.60 -32.36
C MET HA 92 -26.18 -60.90 -32.95
N PHE HA 93 -25.30 -61.84 -33.25
CA PHE HA 93 -25.73 -63.07 -33.90
C PHE HA 93 -26.46 -63.99 -32.93
N SER HA 94 -26.02 -64.03 -31.67
CA SER HA 94 -26.75 -64.80 -30.67
C SER HA 94 -28.13 -64.20 -30.39
N TYR HA 95 -28.25 -62.87 -30.48
CA TYR HA 95 -29.56 -62.25 -30.26
C TYR HA 95 -30.49 -62.47 -31.45
N ILE HA 96 -29.95 -62.48 -32.67
CA ILE HA 96 -30.80 -62.72 -33.83
C ILE HA 96 -31.18 -64.20 -33.90
N LYS HA 97 -30.31 -65.10 -33.46
CA LYS HA 97 -30.66 -66.52 -33.43
C LYS HA 97 -31.69 -66.81 -32.34
N SER HA 98 -31.52 -66.23 -31.16
CA SER HA 98 -32.43 -66.49 -30.06
C SER HA 98 -33.69 -65.62 -30.10
N HIS HA 99 -33.92 -64.87 -31.18
CA HIS HA 99 -35.15 -64.11 -31.37
C HIS HA 99 -35.60 -64.19 -32.81
N PRO HA 100 -36.39 -65.20 -33.18
CA PRO HA 100 -36.93 -65.26 -34.54
C PRO HA 100 -38.14 -64.35 -34.73
N GLU HA 101 -38.87 -64.11 -33.64
CA GLU HA 101 -40.09 -63.29 -33.72
C GLU HA 101 -39.78 -61.81 -33.90
N ASP HA 102 -38.58 -61.37 -33.53
CA ASP HA 102 -38.19 -59.98 -33.71
C ASP HA 102 -37.61 -59.70 -35.08
N PHE HA 103 -37.47 -60.72 -35.93
CA PHE HA 103 -36.79 -60.60 -37.21
C PHE HA 103 -37.56 -61.39 -38.26
N PRO HA 104 -38.45 -60.74 -39.00
CA PRO HA 104 -39.11 -61.42 -40.12
C PRO HA 104 -38.16 -61.59 -41.29
N GLU HA 105 -38.12 -62.82 -41.83
CA GLU HA 105 -37.46 -63.06 -43.10
C GLU HA 105 -38.28 -62.39 -44.19
N LYS HA 106 -37.69 -61.39 -44.85
CA LYS HA 106 -38.45 -60.60 -45.81
C LYS HA 106 -38.66 -61.38 -47.10
N ASP HA 107 -39.91 -61.39 -47.57
CA ASP HA 107 -40.23 -61.97 -48.87
C ASP HA 107 -39.80 -60.97 -49.94
N LYS HA 108 -38.77 -61.31 -50.70
CA LYS HA 108 -38.08 -60.36 -51.56
C LYS HA 108 -38.80 -60.30 -52.90
N LYS HA 109 -39.65 -59.27 -53.05
CA LYS HA 109 -40.36 -59.03 -54.29
C LYS HA 109 -39.39 -58.64 -55.39
N THR HA 110 -39.44 -59.34 -56.51
CA THR HA 110 -38.68 -58.91 -57.67
C THR HA 110 -39.28 -57.65 -58.27
N TYR HA 111 -38.47 -56.95 -59.07
CA TYR HA 111 -38.86 -55.63 -59.58
C TYR HA 111 -39.97 -55.68 -60.62
N ARG HA 112 -40.35 -56.87 -61.09
CA ARG HA 112 -41.54 -56.97 -61.91
C ARG HA 112 -42.81 -56.76 -61.09
N GLU HA 113 -42.82 -57.18 -59.82
CA GLU HA 113 -43.97 -56.95 -58.96
C GLU HA 113 -43.93 -55.59 -58.27
N VAL HA 114 -42.73 -55.01 -58.14
CA VAL HA 114 -42.58 -53.74 -57.44
C VAL HA 114 -42.91 -52.60 -58.39
N PHE HA 115 -43.92 -51.81 -58.05
CA PHE HA 115 -44.28 -50.63 -58.82
C PHE HA 115 -43.63 -49.41 -58.18
N GLU HA 116 -42.48 -49.02 -58.72
CA GLU HA 116 -41.89 -47.74 -58.40
C GLU HA 116 -42.42 -46.70 -59.36
N GLU HA 117 -42.70 -45.51 -58.85
CA GLU HA 117 -43.13 -44.41 -59.71
C GLU HA 117 -41.96 -43.91 -60.54
N PHE HA 118 -42.21 -43.67 -61.82
CA PHE HA 118 -41.21 -43.07 -62.68
C PHE HA 118 -41.41 -41.57 -62.74
N HIS HA 119 -40.30 -40.85 -62.60
CA HIS HA 119 -40.30 -39.39 -62.59
C HIS HA 119 -39.52 -38.90 -63.79
N PRO HA 120 -40.18 -38.32 -64.80
CA PRO HA 120 -39.50 -37.99 -66.04
C PRO HA 120 -38.72 -36.70 -65.93
N VAL HA 121 -37.46 -36.75 -66.37
CA VAL HA 121 -36.60 -35.58 -66.44
C VAL HA 121 -36.77 -35.01 -67.84
N ARG HA 122 -37.75 -34.12 -68.00
CA ARG HA 122 -38.01 -33.50 -69.30
C ARG HA 122 -37.97 -31.99 -69.19
N SER IA 3 -33.55 32.54 -84.04
CA SER IA 3 -32.36 32.58 -84.87
C SER IA 3 -31.83 31.17 -85.14
N PHE IA 4 -31.35 30.52 -84.09
CA PHE IA 4 -30.61 29.27 -84.18
C PHE IA 4 -31.20 28.24 -83.24
N PRO IA 5 -31.08 26.95 -83.57
CA PRO IA 5 -31.37 25.90 -82.59
C PRO IA 5 -30.37 25.97 -81.44
N LYS IA 6 -30.87 26.31 -80.26
CA LYS IA 6 -30.03 26.38 -79.08
C LYS IA 6 -29.55 24.99 -78.69
N TYR IA 7 -28.27 24.87 -78.37
CA TYR IA 7 -27.73 23.58 -77.93
C TYR IA 7 -28.28 23.25 -76.55
N GLU IA 8 -28.67 21.99 -76.37
CA GLU IA 8 -29.31 21.54 -75.14
C GLU IA 8 -28.51 20.36 -74.60
N PRO IA 9 -27.81 20.53 -73.48
CA PRO IA 9 -26.84 19.50 -73.06
C PRO IA 9 -27.51 18.28 -72.47
N SER IA 10 -26.89 17.14 -72.71
CA SER IA 10 -27.29 15.85 -72.14
C SER IA 10 -26.05 15.22 -71.52
N ARG IA 11 -26.23 14.02 -70.96
CA ARG IA 11 -25.12 13.35 -70.32
C ARG IA 11 -24.18 12.72 -71.35
N LEU IA 12 -24.72 12.19 -72.44
CA LEU IA 12 -23.91 11.58 -73.48
C LEU IA 12 -23.40 12.60 -74.49
N ALA IA 13 -23.78 13.87 -74.34
CA ALA IA 13 -23.22 14.94 -75.18
C ALA IA 13 -23.31 16.22 -74.34
N SER IA 14 -22.19 16.59 -73.73
CA SER IA 14 -22.19 17.72 -72.82
C SER IA 14 -22.18 19.03 -73.59
N LEU IA 15 -22.16 20.13 -72.85
CA LEU IA 15 -22.05 21.46 -73.44
C LEU IA 15 -20.61 21.71 -73.88
N PRO IA 16 -20.40 22.25 -75.07
CA PRO IA 16 -19.03 22.55 -75.53
C PRO IA 16 -18.40 23.67 -74.72
N THR IA 17 -17.09 23.81 -74.88
CA THR IA 17 -16.35 24.83 -74.15
C THR IA 17 -16.68 26.23 -74.67
N THR IA 18 -16.82 26.36 -75.99
CA THR IA 18 -17.07 27.66 -76.61
C THR IA 18 -18.50 28.16 -76.38
N LEU IA 19 -19.38 27.37 -75.79
CA LEU IA 19 -20.73 27.81 -75.47
C LEU IA 19 -20.92 28.09 -73.99
N ASP IA 20 -20.00 27.63 -73.15
CA ASP IA 20 -20.17 27.72 -71.70
C ASP IA 20 -19.58 29.04 -71.21
N PRO IA 21 -20.37 29.91 -70.57
CA PRO IA 21 -19.87 31.24 -70.18
C PRO IA 21 -18.85 31.23 -69.04
N ALA IA 22 -18.63 30.08 -68.38
CA ALA IA 22 -17.58 30.01 -67.36
C ALA IA 22 -16.19 30.07 -67.96
N GLU IA 23 -16.06 29.86 -69.27
CA GLU IA 23 -14.82 30.18 -69.96
C GLU IA 23 -14.73 31.66 -70.29
N TYR IA 24 -15.87 32.31 -70.52
CA TYR IA 24 -15.93 33.74 -70.81
C TYR IA 24 -15.92 34.60 -69.54
N ASP IA 25 -15.66 34.01 -68.38
CA ASP IA 25 -15.56 34.75 -67.13
C ASP IA 25 -14.12 35.18 -66.94
N ILE IA 26 -13.91 36.48 -66.77
CA ILE IA 26 -12.57 37.05 -66.64
C ILE IA 26 -12.40 37.68 -65.26
N SER IA 27 -13.10 37.13 -64.27
CA SER IA 27 -12.97 37.59 -62.89
C SER IA 27 -11.61 37.20 -62.32
N SER IA 28 -11.23 37.89 -61.25
CA SER IA 28 -9.90 37.69 -60.66
C SER IA 28 -9.81 36.37 -59.91
N GLU IA 29 -10.90 35.90 -59.33
CA GLU IA 29 -10.86 34.64 -58.61
C GLU IA 29 -10.72 33.45 -59.55
N THR IA 30 -11.21 33.57 -60.79
CA THR IA 30 -10.96 32.52 -61.77
C THR IA 30 -9.53 32.57 -62.28
N ARG IA 31 -8.90 33.76 -62.29
CA ARG IA 31 -7.47 33.83 -62.59
C ARG IA 31 -6.66 33.17 -61.48
N LYS IA 32 -7.07 33.38 -60.21
CA LYS IA 32 -6.42 32.70 -59.10
C LYS IA 32 -6.64 31.18 -59.17
N ALA IA 33 -7.83 30.76 -59.57
CA ALA IA 33 -8.14 29.33 -59.64
C ALA IA 33 -7.37 28.65 -60.77
N GLN IA 34 -7.30 29.30 -61.94
CA GLN IA 34 -6.56 28.73 -63.06
C GLN IA 34 -5.05 28.78 -62.83
N ALA IA 35 -4.55 29.80 -62.14
CA ALA IA 35 -3.14 29.81 -61.78
C ALA IA 35 -2.82 28.79 -60.70
N GLU IA 36 -3.79 28.50 -59.81
CA GLU IA 36 -3.57 27.47 -58.79
C GLU IA 36 -3.59 26.08 -59.40
N ARG IA 37 -4.50 25.83 -60.35
CA ARG IA 37 -4.51 24.55 -61.04
C ARG IA 37 -3.28 24.38 -61.93
N LEU IA 38 -2.82 25.48 -62.55
CA LEU IA 38 -1.57 25.46 -63.30
C LEU IA 38 -0.39 25.13 -62.38
N ALA IA 39 -0.38 25.71 -61.17
CA ALA IA 39 0.66 25.43 -60.20
C ALA IA 39 0.66 23.98 -59.75
N ILE IA 40 -0.53 23.44 -59.47
CA ILE IA 40 -0.62 22.06 -58.97
C ILE IA 40 -0.27 21.06 -60.07
N ARG IA 41 -0.78 21.28 -61.29
CA ARG IA 41 -0.46 20.41 -62.41
C ARG IA 41 1.01 20.51 -62.79
N SER IA 42 1.61 21.70 -62.65
CA SER IA 42 3.02 21.88 -62.94
C SER IA 42 3.89 21.16 -61.90
N ARG IA 43 3.47 21.23 -60.63
CA ARG IA 43 4.15 20.50 -59.58
C ARG IA 43 4.05 18.99 -59.79
N LEU IA 44 2.89 18.52 -60.26
CA LEU IA 44 2.73 17.09 -60.55
C LEU IA 44 3.59 16.65 -61.72
N LYS IA 45 3.68 17.49 -62.76
CA LYS IA 45 4.54 17.17 -63.90
C LYS IA 45 6.00 17.15 -63.50
N ARG IA 46 6.41 18.10 -62.66
CA ARG IA 46 7.79 18.16 -62.17
C ARG IA 46 8.13 16.94 -61.33
N GLU IA 47 7.24 16.58 -60.39
CA GLU IA 47 7.46 15.42 -59.53
C GLU IA 47 7.41 14.12 -60.33
N TYR IA 48 6.66 14.09 -61.43
CA TYR IA 48 6.63 12.90 -62.28
C TYR IA 48 7.92 12.73 -63.05
N GLN IA 49 8.38 13.78 -63.73
CA GLN IA 49 9.55 13.59 -64.59
C GLN IA 49 10.88 13.83 -63.88
N LEU IA 50 10.89 14.17 -62.59
CA LEU IA 50 12.09 13.99 -61.79
C LEU IA 50 12.31 12.53 -61.39
N GLN IA 51 11.30 11.69 -61.54
CA GLN IA 51 11.43 10.25 -61.36
C GLN IA 51 11.46 9.50 -62.69
N TYR IA 52 10.78 10.04 -63.70
CA TYR IA 52 10.65 9.40 -65.00
C TYR IA 52 11.93 9.50 -65.81
N ASN IA 53 12.60 10.65 -65.75
CA ASN IA 53 13.84 10.86 -66.50
C ASN IA 53 15.09 10.49 -65.68
N ASP IA 54 14.94 9.61 -64.69
CA ASP IA 54 16.01 9.31 -63.76
C ASP IA 54 16.79 8.09 -64.25
N PRO IA 55 18.11 8.20 -64.48
CA PRO IA 55 18.89 7.01 -64.85
C PRO IA 55 19.08 6.02 -63.73
N SER IA 56 18.89 6.42 -62.47
CA SER IA 56 19.09 5.48 -61.37
C SER IA 56 17.91 4.53 -61.22
N ARG IA 57 16.68 5.02 -61.39
CA ARG IA 57 15.50 4.19 -61.23
C ARG IA 57 15.31 3.28 -62.44
N ARG IA 58 15.24 1.97 -62.18
CA ARG IA 58 14.88 0.99 -63.20
C ARG IA 58 13.67 0.23 -62.66
N GLY IA 59 12.48 0.72 -62.96
CA GLY IA 59 11.28 0.11 -62.41
C GLY IA 59 10.00 0.77 -62.85
N VAL IA 60 9.11 1.01 -61.89
CA VAL IA 60 7.80 1.60 -62.15
C VAL IA 60 7.70 2.89 -61.36
N VAL IA 61 7.34 3.99 -62.04
CA VAL IA 61 6.98 5.22 -61.35
C VAL IA 61 5.60 4.97 -60.73
N GLU IA 62 5.58 4.85 -59.40
CA GLU IA 62 4.34 4.60 -58.69
C GLU IA 62 3.42 5.81 -58.76
N ASP IA 63 2.14 5.55 -58.98
CA ASP IA 63 1.15 6.60 -59.02
C ASP IA 63 0.27 6.51 -57.79
N PRO IA 64 0.29 7.51 -56.91
CA PRO IA 64 -0.70 7.56 -55.83
C PRO IA 64 -2.11 7.74 -56.32
N ALA IA 65 -2.29 8.38 -57.49
CA ALA IA 65 -3.63 8.50 -58.08
C ALA IA 65 -4.16 7.14 -58.51
N LEU IA 66 -3.34 6.33 -59.17
CA LEU IA 66 -3.80 5.03 -59.66
C LEU IA 66 -3.97 4.01 -58.52
N ILE IA 67 -3.01 3.96 -57.60
CA ILE IA 67 -3.13 3.10 -56.43
C ILE IA 67 -4.33 3.51 -55.59
N ARG IA 68 -4.54 4.83 -55.46
CA ARG IA 68 -5.69 5.36 -54.74
C ARG IA 68 -7.00 5.02 -55.44
N TRP IA 69 -7.01 5.03 -56.78
CA TRP IA 69 -8.21 4.71 -57.55
C TRP IA 69 -8.58 3.24 -57.42
N THR IA 70 -7.58 2.35 -57.58
CA THR IA 70 -7.86 0.93 -57.51
C THR IA 70 -8.15 0.49 -56.08
N CYS IA 71 -7.66 1.22 -55.09
CA CYS IA 71 -8.03 0.92 -53.71
C CYS IA 71 -9.43 1.42 -53.41
N ALA IA 72 -9.83 2.55 -54.00
CA ALA IA 72 -11.18 3.07 -53.76
C ALA IA 72 -12.25 2.24 -54.45
N ARG IA 73 -11.93 1.65 -55.61
CA ARG IA 73 -12.93 0.90 -56.37
C ARG IA 73 -13.30 -0.43 -55.73
N SER IA 74 -12.47 -0.98 -54.86
CA SER IA 74 -12.66 -2.36 -54.41
C SER IA 74 -12.98 -2.49 -52.94
N ALA IA 75 -12.18 -1.91 -52.04
CA ALA IA 75 -12.31 -2.20 -50.61
C ALA IA 75 -12.62 -0.98 -49.76
N ASN IA 76 -12.85 0.19 -50.34
CA ASN IA 76 -13.32 1.34 -49.57
C ASN IA 76 -14.82 1.26 -49.30
N VAL IA 77 -15.54 0.46 -50.09
CA VAL IA 77 -16.99 0.61 -50.22
C VAL IA 77 -17.71 0.15 -48.95
N TYR IA 78 -17.29 -0.97 -48.37
CA TYR IA 78 -17.95 -1.44 -47.15
C TYR IA 78 -17.55 -0.68 -45.88
N PRO IA 79 -16.29 -0.25 -45.65
CA PRO IA 79 -16.06 0.67 -44.51
C PRO IA 79 -16.73 2.04 -44.65
N ASN IA 80 -17.29 2.39 -45.81
CA ASN IA 80 -18.06 3.62 -45.95
C ASN IA 80 -19.50 3.34 -46.41
N PHE IA 81 -20.01 2.14 -46.13
CA PHE IA 81 -21.42 1.84 -46.41
C PHE IA 81 -22.27 2.09 -45.17
N ARG IA 82 -23.49 2.57 -45.40
CA ARG IA 82 -24.53 2.61 -44.39
C ARG IA 82 -25.82 2.10 -45.03
N PRO IA 83 -26.55 1.20 -44.35
CA PRO IA 83 -27.86 0.79 -44.88
C PRO IA 83 -28.91 1.88 -44.70
N ASN IA 84 -29.48 2.33 -45.82
CA ASN IA 84 -30.58 3.27 -45.75
C ASN IA 84 -31.71 2.84 -46.69
N THR IA 85 -32.68 3.72 -46.91
CA THR IA 85 -33.85 3.36 -47.70
C THR IA 85 -33.50 3.24 -49.18
N LYS IA 86 -32.59 4.10 -49.66
CA LYS IA 86 -32.18 4.07 -51.06
C LYS IA 86 -31.46 2.78 -51.42
N THR IA 87 -30.47 2.38 -50.60
CA THR IA 87 -29.75 1.13 -50.85
C THR IA 87 -30.63 -0.09 -50.65
N SER IA 88 -31.59 -0.03 -49.73
CA SER IA 88 -32.48 -1.17 -49.51
C SER IA 88 -33.44 -1.35 -50.66
N LEU IA 89 -33.99 -0.25 -51.19
CA LEU IA 89 -34.86 -0.37 -52.37
C LEU IA 89 -34.08 -0.73 -53.63
N LEU IA 90 -32.85 -0.25 -53.78
CA LEU IA 90 -32.10 -0.62 -54.97
C LEU IA 90 -31.50 -2.01 -54.86
N GLY IA 91 -31.38 -2.57 -53.65
CA GLY IA 91 -31.04 -3.97 -53.52
C GLY IA 91 -32.25 -4.88 -53.61
N ALA IA 92 -33.44 -4.36 -53.31
CA ALA IA 92 -34.65 -5.14 -53.50
C ALA IA 92 -35.05 -5.20 -54.97
N LEU IA 93 -34.89 -4.08 -55.70
CA LEU IA 93 -35.29 -4.05 -57.09
C LEU IA 93 -34.29 -4.77 -57.99
N PHE IA 94 -33.00 -4.72 -57.65
CA PHE IA 94 -31.96 -5.22 -58.53
C PHE IA 94 -31.25 -6.46 -58.01
N GLY IA 95 -31.46 -6.82 -56.76
CA GLY IA 95 -30.80 -8.00 -56.21
C GLY IA 95 -31.66 -9.24 -56.23
N ILE IA 96 -32.98 -9.05 -56.15
CA ILE IA 96 -33.92 -10.15 -56.25
C ILE IA 96 -35.02 -9.91 -57.27
N GLY IA 97 -35.13 -8.70 -57.82
CA GLY IA 97 -36.14 -8.34 -58.78
C GLY IA 97 -36.13 -9.14 -60.08
N PRO IA 98 -35.02 -9.07 -60.84
CA PRO IA 98 -34.93 -9.91 -62.04
C PRO IA 98 -34.84 -11.40 -61.74
N LEU IA 99 -34.46 -11.79 -60.52
CA LEU IA 99 -34.57 -13.19 -60.11
C LEU IA 99 -36.04 -13.63 -60.09
N ILE IA 100 -36.90 -12.80 -59.49
CA ILE IA 100 -38.34 -13.04 -59.48
C ILE IA 100 -38.90 -13.03 -60.90
N PHE IA 101 -38.41 -12.09 -61.73
CA PHE IA 101 -38.88 -11.95 -63.10
C PHE IA 101 -38.59 -13.20 -63.93
N TRP IA 102 -37.32 -13.60 -64.00
CA TRP IA 102 -36.96 -14.79 -64.76
C TRP IA 102 -37.49 -16.05 -64.12
N TYR IA 103 -37.67 -16.06 -62.79
CA TYR IA 103 -38.23 -17.20 -62.10
C TYR IA 103 -39.67 -17.47 -62.54
N TYR IA 104 -40.49 -16.42 -62.57
CA TYR IA 104 -41.88 -16.66 -62.94
C TYR IA 104 -42.07 -16.81 -64.44
N VAL IA 105 -41.20 -16.20 -65.27
CA VAL IA 105 -41.27 -16.43 -66.72
C VAL IA 105 -40.91 -17.89 -67.04
N PHE IA 106 -39.82 -18.39 -66.44
CA PHE IA 106 -39.40 -19.77 -66.68
C PHE IA 106 -40.37 -20.77 -66.07
N LYS IA 107 -40.98 -20.43 -64.92
CA LYS IA 107 -41.95 -21.33 -64.31
C LYS IA 107 -43.25 -21.38 -65.11
N THR IA 108 -43.69 -20.23 -65.67
CA THR IA 108 -44.85 -20.20 -66.54
C THR IA 108 -44.63 -21.04 -67.80
N ASP IA 109 -43.46 -20.88 -68.42
CA ASP IA 109 -43.16 -21.62 -69.64
C ASP IA 109 -43.01 -23.11 -69.36
N ARG IA 110 -42.38 -23.48 -68.24
CA ARG IA 110 -42.21 -24.90 -67.95
C ARG IA 110 -43.50 -25.55 -67.48
N ASP IA 111 -44.42 -24.78 -66.88
CA ASP IA 111 -45.75 -25.31 -66.58
C ASP IA 111 -46.52 -25.59 -67.87
N ARG IA 112 -46.46 -24.65 -68.83
CA ARG IA 112 -47.13 -24.86 -70.11
C ARG IA 112 -46.50 -26.04 -70.87
N LYS IA 113 -45.18 -26.20 -70.75
CA LYS IA 113 -44.50 -27.28 -71.45
C LYS IA 113 -44.82 -28.64 -70.85
N GLU IA 114 -44.79 -28.75 -69.52
CA GLU IA 114 -45.15 -29.99 -68.86
C GLU IA 114 -46.62 -30.33 -69.10
N LYS IA 115 -47.48 -29.31 -69.16
CA LYS IA 115 -48.89 -29.50 -69.51
C LYS IA 115 -49.06 -30.07 -70.91
N LEU IA 116 -48.29 -29.55 -71.89
CA LEU IA 116 -48.40 -30.08 -73.24
C LEU IA 116 -47.83 -31.50 -73.35
N ILE IA 117 -46.76 -31.81 -72.61
CA ILE IA 117 -46.14 -33.12 -72.79
C ILE IA 117 -46.92 -34.20 -72.02
N GLN IA 118 -47.54 -33.86 -70.89
CA GLN IA 118 -48.31 -34.87 -70.16
C GLN IA 118 -49.60 -35.23 -70.91
N GLU IA 119 -50.13 -34.31 -71.72
CA GLU IA 119 -51.30 -34.58 -72.53
C GLU IA 119 -50.97 -35.23 -73.86
N GLY IA 120 -49.69 -35.39 -74.18
CA GLY IA 120 -49.31 -35.95 -75.47
C GLY IA 120 -49.52 -35.03 -76.65
N LYS IA 121 -49.62 -33.73 -76.41
CA LYS IA 121 -49.99 -32.78 -77.46
C LYS IA 121 -48.82 -32.07 -78.11
N LEU IA 122 -47.70 -31.91 -77.40
CA LEU IA 122 -46.56 -31.21 -77.97
C LEU IA 122 -45.90 -32.09 -79.04
N ASP IA 123 -45.39 -31.45 -80.09
CA ASP IA 123 -44.62 -32.15 -81.10
C ASP IA 123 -43.28 -32.54 -80.50
N ARG IA 124 -43.21 -33.74 -79.94
CA ARG IA 124 -41.96 -34.27 -79.41
C ARG IA 124 -41.67 -35.54 -80.21
N THR IA 125 -41.78 -35.43 -81.52
CA THR IA 125 -41.70 -36.58 -82.42
C THR IA 125 -40.29 -37.16 -82.49
N PHE IA 126 -39.30 -36.31 -82.78
CA PHE IA 126 -37.94 -36.77 -83.01
C PHE IA 126 -36.98 -36.40 -81.88
N ASN IA 127 -37.49 -35.78 -80.82
CA ASN IA 127 -36.65 -35.33 -79.71
C ASN IA 127 -36.21 -36.53 -78.89
N ILE IA 128 -34.97 -36.97 -79.09
CA ILE IA 128 -34.39 -38.05 -78.29
C ILE IA 128 -33.00 -37.64 -77.81
N SER IA 129 -32.52 -36.49 -78.27
CA SER IA 129 -31.32 -35.86 -77.72
C SER IA 129 -31.76 -34.66 -76.90
N TYR IA 130 -31.34 -34.62 -75.64
CA TYR IA 130 -31.98 -33.69 -74.71
C TYR IA 130 -31.07 -33.29 -73.56
N VAL JA 6 32.69 3.23 80.66
CA VAL JA 6 31.74 3.42 79.56
C VAL JA 6 30.81 2.23 79.45
N LYS JA 7 29.59 2.49 78.96
CA LYS JA 7 28.67 1.44 78.56
C LYS JA 7 28.26 1.71 77.12
N GLN JA 8 28.37 0.69 76.27
CA GLN JA 8 28.28 0.89 74.84
C GLN JA 8 27.90 -0.44 74.20
N ASP JA 9 27.21 -0.38 73.07
CA ASP JA 9 26.80 -1.60 72.38
C ASP JA 9 28.04 -2.21 71.75
N MET JA 10 28.48 -3.33 72.29
CA MET JA 10 29.76 -3.95 71.95
C MET JA 10 29.53 -5.45 71.85
N PRO JA 11 30.38 -6.16 71.11
CA PRO JA 11 30.35 -7.62 71.17
C PRO JA 11 30.78 -8.13 72.54
N PRO JA 12 30.41 -9.36 72.90
CA PRO JA 12 30.84 -9.90 74.20
C PRO JA 12 32.33 -10.24 74.27
N VAL JA 13 32.73 -10.88 75.37
CA VAL JA 13 34.13 -11.05 75.71
C VAL JA 13 34.82 -11.98 74.71
N GLY JA 14 34.29 -13.18 74.53
CA GLY JA 14 34.85 -14.06 73.52
C GLY JA 14 34.51 -13.71 72.10
N GLY JA 15 33.55 -12.81 71.90
CA GLY JA 15 32.97 -12.59 70.60
C GLY JA 15 31.71 -13.41 70.43
N TYR JA 16 31.05 -13.22 69.31
CA TYR JA 16 29.82 -13.95 69.04
C TYR JA 16 30.16 -15.36 68.55
N GLY JA 17 29.15 -16.21 68.48
CA GLY JA 17 29.31 -17.53 67.94
C GLY JA 17 29.49 -17.47 66.44
N PRO JA 18 30.02 -18.54 65.84
CA PRO JA 18 30.10 -18.60 64.38
C PRO JA 18 28.71 -18.71 63.75
N ILE JA 19 28.61 -18.24 62.52
CA ILE JA 19 27.33 -18.09 61.83
C ILE JA 19 27.41 -18.82 60.49
N ASP JA 20 26.45 -19.71 60.25
CA ASP JA 20 26.31 -20.35 58.95
C ASP JA 20 26.01 -19.32 57.87
N TYR JA 21 26.74 -19.40 56.76
CA TYR JA 21 26.45 -18.53 55.63
C TYR JA 21 26.56 -19.26 54.30
N LYS JA 22 26.66 -20.58 54.30
CA LYS JA 22 26.80 -21.34 53.08
C LYS JA 22 25.48 -21.99 52.69
N ARG JA 23 25.42 -22.45 51.45
CA ARG JA 23 24.29 -23.25 51.00
C ARG JA 23 24.30 -24.61 51.67
N ASN JA 24 23.21 -24.94 52.35
CA ASN JA 24 22.99 -26.29 52.87
C ASN JA 24 21.68 -26.76 52.26
N LEU JA 25 21.76 -27.26 51.03
CA LEU JA 25 20.66 -27.99 50.42
C LEU JA 25 20.89 -29.46 50.74
N PRO JA 26 20.08 -30.07 51.60
CA PRO JA 26 20.54 -31.26 52.35
C PRO JA 26 20.65 -32.55 51.55
N ARG JA 27 20.36 -32.54 50.24
CA ARG JA 27 20.44 -33.70 49.35
C ARG JA 27 19.57 -34.84 49.85
N ARG JA 28 18.25 -34.70 49.75
CA ARG JA 28 17.38 -35.81 50.07
C ARG JA 28 16.76 -36.37 48.79
N GLY JA 29 16.31 -37.62 48.88
CA GLY JA 29 15.61 -38.27 47.80
C GLY JA 29 16.13 -39.68 47.55
N LEU JA 30 15.44 -40.35 46.64
CA LEU JA 30 15.86 -41.65 46.15
C LEU JA 30 16.67 -41.49 44.86
N SER JA 31 17.43 -42.53 44.53
CA SER JA 31 18.13 -42.55 43.27
C SER JA 31 17.16 -42.76 42.12
N GLY JA 32 17.64 -42.51 40.90
CA GLY JA 32 16.80 -42.67 39.73
C GLY JA 32 16.43 -44.11 39.44
N TYR JA 33 17.36 -45.04 39.71
CA TYR JA 33 17.07 -46.46 39.59
C TYR JA 33 15.95 -46.88 40.53
N SER JA 34 16.00 -46.42 41.78
CA SER JA 34 14.98 -46.77 42.76
C SER JA 34 13.64 -46.12 42.42
N MET JA 35 13.64 -44.90 41.88
CA MET JA 35 12.38 -44.25 41.54
C MET JA 35 11.72 -44.92 40.33
N PHE JA 36 12.51 -45.28 39.31
CA PHE JA 36 11.94 -46.05 38.21
C PHE JA 36 11.54 -47.46 38.65
N ALA JA 37 12.23 -48.03 39.65
CA ALA JA 37 11.84 -49.34 40.17
C ALA JA 37 10.50 -49.28 40.88
N VAL JA 38 10.28 -48.23 41.68
CA VAL JA 38 8.99 -48.06 42.36
C VAL JA 38 7.89 -47.79 41.34
N GLY JA 39 8.20 -47.04 40.29
CA GLY JA 39 7.21 -46.77 39.24
C GLY JA 39 6.82 -48.02 38.46
N ILE JA 40 7.81 -48.82 38.06
CA ILE JA 40 7.52 -50.04 37.30
C ILE JA 40 6.84 -51.09 38.19
N GLY JA 41 7.18 -51.14 39.48
CA GLY JA 41 6.48 -52.03 40.38
C GLY JA 41 5.03 -51.65 40.57
N ALA JA 42 4.75 -50.34 40.66
CA ALA JA 42 3.37 -49.88 40.75
C ALA JA 42 2.60 -50.17 39.47
N LEU JA 43 3.23 -49.98 38.31
CA LEU JA 43 2.61 -50.32 37.03
C LEU JA 43 2.27 -51.80 36.95
N LEU JA 44 3.22 -52.68 37.29
CA LEU JA 44 2.97 -54.11 37.11
C LEU JA 44 2.01 -54.66 38.16
N PHE JA 45 2.00 -54.09 39.37
CA PHE JA 45 1.00 -54.47 40.34
C PHE JA 45 -0.40 -54.05 39.91
N GLY JA 46 -0.52 -52.84 39.35
CA GLY JA 46 -1.80 -52.42 38.80
C GLY JA 46 -2.25 -53.27 37.63
N TYR JA 47 -1.29 -53.71 36.80
CA TYR JA 47 -1.62 -54.55 35.65
C TYR JA 47 -2.11 -55.91 36.10
N TRP JA 48 -1.46 -56.49 37.12
CA TRP JA 48 -1.88 -57.76 37.69
C TRP JA 48 -3.28 -57.69 38.30
N SER JA 49 -3.53 -56.63 39.08
CA SER JA 49 -4.82 -56.50 39.74
C SER JA 49 -5.94 -56.25 38.74
N MET JA 50 -5.72 -55.37 37.77
CA MET JA 50 -6.70 -55.14 36.72
C MET JA 50 -6.90 -56.37 35.85
N MET JA 51 -5.85 -57.18 35.67
CA MET JA 51 -5.96 -58.42 34.90
C MET JA 51 -6.92 -59.39 35.55
N ARG JA 52 -6.68 -59.70 36.84
CA ARG JA 52 -7.55 -60.62 37.56
C ARG JA 52 -8.98 -60.09 37.67
N TRP JA 53 -9.13 -58.78 37.93
CA TRP JA 53 -10.47 -58.24 38.13
C TRP JA 53 -11.26 -58.16 36.84
N ASN JA 54 -10.62 -57.83 35.71
CA ASN JA 54 -11.36 -57.81 34.45
C ASN JA 54 -11.69 -59.21 33.96
N ARG JA 55 -10.84 -60.21 34.24
CA ARG JA 55 -11.21 -61.58 33.92
C ARG JA 55 -12.43 -62.04 34.72
N GLU JA 56 -12.47 -61.70 36.02
CA GLU JA 56 -13.63 -62.05 36.82
C GLU JA 56 -14.87 -61.29 36.38
N ARG JA 57 -14.71 -60.04 35.94
CA ARG JA 57 -15.86 -59.29 35.45
C ARG JA 57 -16.38 -59.83 34.12
N ARG JA 58 -15.50 -60.37 33.27
CA ARG JA 58 -15.99 -61.02 32.05
C ARG JA 58 -16.78 -62.28 32.39
N ARG JA 59 -16.35 -63.02 33.42
CA ARG JA 59 -17.15 -64.16 33.85
C ARG JA 59 -18.49 -63.73 34.45
N LEU JA 60 -18.52 -62.61 35.16
CA LEU JA 60 -19.78 -62.08 35.69
C LEU JA 60 -20.72 -61.61 34.56
N GLN JA 61 -20.15 -61.00 33.52
CA GLN JA 61 -20.94 -60.57 32.38
C GLN JA 61 -21.53 -61.76 31.65
N ILE JA 62 -20.76 -62.85 31.55
CA ILE JA 62 -21.28 -64.06 30.90
C ILE JA 62 -22.37 -64.70 31.75
N GLU JA 63 -22.24 -64.63 33.08
CA GLU JA 63 -23.32 -65.14 33.94
C GLU JA 63 -24.61 -64.33 33.78
N ASP JA 64 -24.49 -63.00 33.69
CA ASP JA 64 -25.68 -62.17 33.46
C ASP JA 64 -26.26 -62.40 32.06
N PHE JA 65 -25.40 -62.63 31.07
CA PHE JA 65 -25.88 -62.92 29.72
C PHE JA 65 -26.60 -64.25 29.65
N GLU JA 66 -26.13 -65.25 30.41
CA GLU JA 66 -26.82 -66.53 30.42
C GLU JA 66 -28.15 -66.45 31.16
N ALA JA 67 -28.23 -65.59 32.18
CA ALA JA 67 -29.53 -65.33 32.81
C ALA JA 67 -30.50 -64.72 31.81
N ARG JA 68 -30.02 -63.74 31.04
CA ARG JA 68 -30.82 -63.14 29.95
C ARG JA 68 -31.24 -64.18 28.93
N ILE JA 69 -30.32 -65.06 28.54
CA ILE JA 69 -30.59 -66.06 27.50
C ILE JA 69 -31.61 -67.10 27.98
N ALA JA 70 -31.50 -67.51 29.25
CA ALA JA 70 -32.49 -68.42 29.80
C ALA JA 70 -33.85 -67.76 29.95
N LEU JA 71 -33.89 -66.43 30.13
CA LEU JA 71 -35.19 -65.77 30.22
C LEU JA 71 -35.81 -65.41 28.87
N MET JA 72 -35.00 -65.31 27.81
CA MET JA 72 -35.52 -64.87 26.50
C MET JA 72 -36.66 -65.68 25.87
N PRO JA 73 -36.81 -67.00 26.04
CA PRO JA 73 -37.98 -67.65 25.41
C PRO JA 73 -39.32 -67.24 26.00
N LEU JA 74 -39.42 -67.15 27.32
CA LEU JA 74 -40.67 -66.72 27.94
C LEU JA 74 -40.98 -65.27 27.61
N LEU JA 75 -39.96 -64.42 27.58
CA LEU JA 75 -40.16 -63.02 27.24
C LEU JA 75 -40.55 -62.85 25.78
N GLN JA 76 -39.96 -63.66 24.88
CA GLN JA 76 -40.34 -63.62 23.47
C GLN JA 76 -41.77 -64.09 23.27
N ALA JA 77 -42.19 -65.13 23.99
CA ALA JA 77 -43.56 -65.62 23.87
C ALA JA 77 -44.57 -64.61 24.41
N GLU JA 78 -44.27 -63.99 25.55
CA GLU JA 78 -45.15 -62.96 26.10
C GLU JA 78 -45.21 -61.73 25.20
N LYS JA 79 -44.09 -61.36 24.56
CA LYS JA 79 -44.10 -60.23 23.63
C LYS JA 79 -44.89 -60.55 22.37
N ASP JA 80 -44.82 -61.79 21.90
CA ASP JA 80 -45.58 -62.20 20.72
C ASP JA 80 -47.08 -62.15 20.99
N ARG JA 81 -47.51 -62.70 22.14
CA ARG JA 81 -48.92 -62.63 22.49
C ARG JA 81 -49.35 -61.20 22.81
N ARG JA 82 -48.42 -60.38 23.33
CA ARG JA 82 -48.66 -58.96 23.57
C ARG JA 82 -49.00 -58.22 22.27
N VAL JA 83 -48.15 -58.36 21.26
CA VAL JA 83 -48.38 -57.61 20.02
C VAL JA 83 -49.55 -58.17 19.23
N LEU JA 84 -49.80 -59.50 19.31
CA LEU JA 84 -50.98 -60.03 18.65
C LEU JA 84 -52.26 -59.60 19.34
N GLN JA 85 -52.23 -59.45 20.68
CA GLN JA 85 -53.35 -58.89 21.42
C GLN JA 85 -53.64 -57.45 20.99
N MET JA 86 -52.58 -56.63 20.88
CA MET JA 86 -52.78 -55.24 20.49
C MET JA 86 -53.28 -55.12 19.06
N LEU JA 87 -52.82 -56.01 18.16
CA LEU JA 87 -53.30 -55.95 16.79
C LEU JA 87 -54.73 -56.46 16.66
N ARG JA 88 -55.14 -57.44 17.47
CA ARG JA 88 -56.53 -57.88 17.44
C ARG JA 88 -57.46 -56.81 18.01
N GLU JA 89 -57.02 -56.11 19.07
CA GLU JA 89 -57.79 -55.00 19.61
C GLU JA 89 -57.94 -53.88 18.60
N ASN JA 90 -56.84 -53.52 17.91
CA ASN JA 90 -56.90 -52.49 16.89
C ASN JA 90 -57.72 -52.94 15.69
N LEU JA 91 -57.75 -54.25 15.40
CA LEU JA 91 -58.58 -54.77 14.32
C LEU JA 91 -60.06 -54.62 14.63
N GLU JA 92 -60.48 -55.02 15.84
CA GLU JA 92 -61.90 -54.92 16.19
C GLU JA 92 -62.34 -53.45 16.33
N GLU JA 93 -61.47 -52.60 16.87
CA GLU JA 93 -61.86 -51.19 16.97
C GLU JA 93 -61.80 -50.48 15.63
N GLU JA 94 -60.92 -50.92 14.71
CA GLU JA 94 -60.98 -50.45 13.34
C GLU JA 94 -62.26 -50.87 12.66
N ALA JA 95 -62.72 -52.10 12.95
CA ALA JA 95 -63.96 -52.58 12.35
C ALA JA 95 -65.18 -51.82 12.85
N THR JA 96 -65.16 -51.40 14.12
CA THR JA 96 -66.28 -50.62 14.63
C THR JA 96 -66.12 -49.12 14.44
N ILE JA 97 -64.97 -48.65 13.97
CA ILE JA 97 -64.82 -47.25 13.57
C ILE JA 97 -65.03 -47.08 12.07
N MET JA 98 -64.38 -47.91 11.27
CA MET JA 98 -64.35 -47.72 9.82
C MET JA 98 -65.52 -48.46 9.17
N LYS JA 99 -66.69 -47.82 9.24
CA LYS JA 99 -67.89 -48.35 8.60
C LYS JA 99 -68.51 -47.42 7.59
N ASP JA 100 -68.38 -46.10 7.76
CA ASP JA 100 -68.96 -45.16 6.81
C ASP JA 100 -68.13 -45.07 5.53
N VAL JA 101 -66.84 -45.34 5.61
CA VAL JA 101 -65.93 -45.08 4.49
C VAL JA 101 -66.14 -46.15 3.42
N PRO JA 102 -66.36 -45.77 2.15
CA PRO JA 102 -66.66 -46.76 1.11
C PRO JA 102 -65.43 -47.57 0.72
N GLY JA 103 -65.62 -48.89 0.62
CA GLY JA 103 -64.58 -49.78 0.12
C GLY JA 103 -63.43 -50.00 1.06
N TRP JA 104 -63.57 -49.64 2.34
CA TRP JA 104 -62.49 -49.77 3.31
C TRP JA 104 -62.50 -51.19 3.86
N LYS JA 105 -61.74 -52.09 3.23
CA LYS JA 105 -61.54 -53.42 3.77
C LYS JA 105 -60.66 -53.31 5.02
N VAL JA 106 -61.22 -53.68 6.17
CA VAL JA 106 -60.45 -53.63 7.40
C VAL JA 106 -59.50 -54.82 7.46
N GLY JA 107 -58.42 -54.68 8.23
CA GLY JA 107 -57.40 -55.70 8.26
C GLY JA 107 -56.60 -55.83 6.99
N GLU JA 108 -56.57 -54.79 6.17
CA GLU JA 108 -55.93 -54.86 4.86
C GLU JA 108 -54.42 -54.75 5.00
N SER JA 109 -53.71 -55.71 4.42
CA SER JA 109 -52.27 -55.61 4.31
C SER JA 109 -51.89 -54.48 3.36
N VAL JA 110 -50.99 -53.61 3.82
CA VAL JA 110 -50.40 -52.63 2.91
C VAL JA 110 -49.32 -53.26 2.04
N PHE JA 111 -48.71 -54.35 2.49
CA PHE JA 111 -47.68 -55.05 1.73
C PHE JA 111 -48.32 -56.07 0.81
N HIS JA 112 -47.65 -56.33 -0.31
CA HIS JA 112 -48.17 -57.30 -1.26
C HIS JA 112 -47.95 -58.74 -0.82
N THR JA 113 -46.81 -59.04 -0.23
CA THR JA 113 -46.54 -60.42 0.17
C THR JA 113 -47.26 -60.73 1.48
N THR JA 114 -47.45 -62.03 1.73
CA THR JA 114 -48.18 -62.50 2.89
C THR JA 114 -47.27 -62.80 4.08
N ARG JA 115 -46.00 -62.44 4.00
CA ARG JA 115 -45.07 -62.62 5.11
C ARG JA 115 -45.45 -61.70 6.26
N TRP JA 116 -45.32 -62.24 7.48
CA TRP JA 116 -45.52 -61.44 8.68
C TRP JA 116 -44.53 -60.28 8.74
N VAL JA 117 -45.05 -59.08 8.90
CA VAL JA 117 -44.25 -57.87 9.06
C VAL JA 117 -44.25 -57.51 10.54
N THR JA 118 -43.11 -57.02 11.03
CA THR JA 118 -43.01 -56.60 12.42
C THR JA 118 -43.87 -55.37 12.64
N PRO JA 119 -44.73 -55.36 13.67
CA PRO JA 119 -45.62 -54.21 13.88
C PRO JA 119 -44.88 -52.95 14.27
N MET JA 120 -45.47 -51.82 13.92
CA MET JA 120 -44.89 -50.51 14.12
C MET JA 120 -45.52 -49.87 15.35
N MET JA 121 -44.92 -48.77 15.82
CA MET JA 121 -45.40 -48.12 17.04
C MET JA 121 -46.76 -47.47 16.82
N GLY JA 122 -46.98 -46.89 15.64
CA GLY JA 122 -48.29 -46.36 15.30
C GLY JA 122 -49.32 -47.42 14.97
N GLU JA 123 -48.91 -48.68 14.82
CA GLU JA 123 -49.85 -49.77 14.64
C GLU JA 123 -50.27 -50.42 15.95
N LEU JA 124 -49.42 -50.36 16.97
CA LEU JA 124 -49.75 -50.91 18.28
C LEU JA 124 -50.35 -49.84 19.18
N TYR JA 125 -49.62 -48.75 19.41
CA TYR JA 125 -50.08 -47.66 20.25
C TYR JA 125 -50.73 -46.53 19.46
N GLY JA 126 -51.36 -46.85 18.34
CA GLY JA 126 -51.99 -45.83 17.52
C GLY JA 126 -53.24 -45.25 18.13
N LEU JA 127 -54.18 -46.11 18.51
CA LEU JA 127 -55.45 -45.67 19.06
C LEU JA 127 -55.46 -45.59 20.58
N ARG JA 128 -54.30 -45.41 21.21
CA ARG JA 128 -54.20 -45.36 22.66
C ARG JA 128 -53.87 -43.94 23.12
N THR JA 129 -53.69 -43.80 24.43
CA THR JA 129 -53.52 -42.49 25.06
C THR JA 129 -52.10 -41.98 24.90
N GLY JA 130 -51.93 -40.69 25.18
CA GLY JA 130 -50.64 -40.04 24.96
C GLY JA 130 -49.57 -40.49 25.92
N GLU JA 131 -49.93 -40.84 27.16
CA GLU JA 131 -48.94 -41.30 28.12
C GLU JA 131 -48.39 -42.66 27.73
N GLU JA 132 -49.24 -43.56 27.24
CA GLU JA 132 -48.79 -44.87 26.78
C GLU JA 132 -47.93 -44.74 25.54
N ILE JA 133 -48.30 -43.82 24.63
CA ILE JA 133 -47.48 -43.50 23.46
C ILE JA 133 -46.10 -43.03 23.88
N LEU JA 134 -46.03 -41.98 24.71
CA LEU JA 134 -44.75 -41.39 25.11
C LEU JA 134 -43.90 -42.35 25.93
N SER JA 135 -44.52 -43.22 26.73
CA SER JA 135 -43.75 -44.20 27.47
C SER JA 135 -43.17 -45.26 26.54
N SER JA 136 -43.90 -45.63 25.49
CA SER JA 136 -43.36 -46.61 24.56
C SER JA 136 -42.39 -46.02 23.55
N THR JA 137 -42.50 -44.73 23.24
CA THR JA 137 -41.79 -44.17 22.10
C THR JA 137 -40.69 -43.18 22.48
N TYR JA 138 -40.64 -42.71 23.74
CA TYR JA 138 -39.52 -41.92 24.21
C TYR JA 138 -39.10 -42.33 25.62
N GLY JA 139 -39.60 -43.46 26.13
CA GLY JA 139 -39.40 -43.76 27.54
C GLY JA 139 -37.97 -44.13 27.87
N PHE JA 140 -37.38 -45.03 27.08
CA PHE JA 140 -35.99 -45.42 27.30
C PHE JA 140 -35.02 -44.29 26.98
N ILE JA 141 -35.34 -43.48 25.96
CA ILE JA 141 -34.47 -42.38 25.58
C ILE JA 141 -34.49 -41.29 26.65
N TRP JA 142 -35.65 -41.04 27.24
CA TRP JA 142 -35.76 -40.06 28.32
C TRP JA 142 -35.51 -40.66 29.69
N TYR JA 143 -35.19 -41.94 29.79
CA TYR JA 143 -34.93 -42.52 31.10
C TYR JA 143 -33.52 -42.14 31.53
N THR JA 144 -33.41 -40.96 32.14
CA THR JA 144 -32.30 -40.57 33.00
C THR JA 144 -30.94 -40.55 32.31
N SER KA 2 2.46 37.93 -79.88
CA SER KA 2 3.88 37.65 -79.73
C SER KA 2 4.15 36.16 -79.81
N GLY KA 3 5.33 35.81 -80.30
CA GLY KA 3 5.70 34.42 -80.47
C GLY KA 3 6.30 33.78 -79.24
N TYR KA 4 7.46 33.15 -79.41
CA TYR KA 4 8.16 32.51 -78.30
C TYR KA 4 8.73 33.55 -77.34
N THR KA 5 9.12 33.07 -76.14
CA THR KA 5 10.06 33.74 -75.24
C THR KA 5 11.47 33.21 -75.52
N PRO KA 6 12.52 34.02 -75.32
CA PRO KA 6 13.88 33.57 -75.68
C PRO KA 6 14.43 32.47 -74.78
N ASP KA 7 13.87 32.26 -73.59
CA ASP KA 7 14.25 31.10 -72.79
C ASP KA 7 13.72 29.82 -73.43
N GLU KA 8 12.46 29.85 -73.88
CA GLU KA 8 11.92 28.75 -74.66
C GLU KA 8 12.63 28.57 -75.98
N LYS KA 9 13.10 29.67 -76.59
CA LYS KA 9 13.88 29.59 -77.82
C LYS KA 9 15.20 28.86 -77.59
N LEU KA 10 15.91 29.21 -76.52
CA LEU KA 10 17.18 28.56 -76.24
C LEU KA 10 17.00 27.10 -75.83
N ARG KA 11 15.93 26.80 -75.08
CA ARG KA 11 15.66 25.41 -74.72
C ARG KA 11 15.29 24.57 -75.94
N LEU KA 12 14.39 25.05 -76.79
CA LEU KA 12 14.06 24.30 -77.99
C LEU KA 12 15.21 24.21 -78.98
N GLN KA 13 16.11 25.19 -78.98
CA GLN KA 13 17.26 25.12 -79.88
C GLN KA 13 18.30 24.10 -79.40
N GLN KA 14 18.59 24.09 -78.10
CA GLN KA 14 19.47 23.09 -77.52
C GLN KA 14 18.89 21.69 -77.62
N LEU KA 15 17.59 21.54 -77.32
CA LEU KA 15 16.89 20.27 -77.48
C LEU KA 15 16.86 19.82 -78.93
N ARG KA 16 16.74 20.75 -79.87
CA ARG KA 16 16.72 20.42 -81.29
C ARG KA 16 18.08 19.94 -81.75
N GLU KA 17 19.15 20.56 -81.24
CA GLU KA 17 20.51 20.10 -81.58
C GLU KA 17 20.78 18.71 -81.01
N LEU KA 18 20.35 18.46 -79.77
CA LEU KA 18 20.51 17.13 -79.18
C LEU KA 18 19.67 16.09 -79.90
N ARG KA 19 18.44 16.46 -80.30
CA ARG KA 19 17.57 15.56 -81.05
C ARG KA 19 18.15 15.23 -82.42
N ARG KA 20 18.77 16.21 -83.08
CA ARG KA 20 19.40 15.93 -84.37
C ARG KA 20 20.64 15.08 -84.20
N ARG KA 21 21.37 15.23 -83.09
CA ARG KA 21 22.47 14.31 -82.80
C ARG KA 21 21.98 12.88 -82.62
N TRP KA 22 20.88 12.70 -81.89
CA TRP KA 22 20.28 11.38 -81.69
C TRP KA 22 19.81 10.77 -83.01
N LEU KA 23 19.06 11.56 -83.80
CA LEU KA 23 18.53 11.07 -85.07
C LEU KA 23 19.62 10.77 -86.08
N LYS KA 24 20.71 11.54 -86.07
CA LYS KA 24 21.84 11.23 -86.93
C LYS KA 24 22.57 9.98 -86.47
N ASP KA 25 22.71 9.81 -85.16
CA ASP KA 25 23.38 8.63 -84.62
C ASP KA 25 22.46 7.41 -84.55
N GLN KA 26 21.23 7.50 -85.07
CA GLN KA 26 20.45 6.32 -85.41
C GLN KA 26 20.82 5.73 -86.76
N GLU KA 27 21.81 6.27 -87.46
CA GLU KA 27 22.25 5.68 -88.71
C GLU KA 27 23.11 4.45 -88.47
N LEU KA 28 23.32 3.68 -89.53
CA LEU KA 28 24.10 2.45 -89.46
C LEU KA 28 25.48 2.66 -90.09
N SER KA 29 26.44 1.88 -89.59
CA SER KA 29 27.73 1.72 -90.24
C SER KA 29 27.60 0.74 -91.40
N PRO KA 30 28.47 0.82 -92.41
CA PRO KA 30 28.39 -0.12 -93.54
C PRO KA 30 28.83 -1.55 -93.23
N ARG KA 31 29.17 -1.88 -91.98
CA ARG KA 31 29.37 -3.27 -91.61
C ARG KA 31 28.16 -3.85 -90.88
N GLU KA 32 27.31 -3.02 -90.30
CA GLU KA 32 26.13 -3.48 -89.60
C GLU KA 32 24.99 -3.72 -90.59
N PRO KA 33 24.22 -4.80 -90.44
CA PRO KA 33 24.28 -5.82 -89.38
C PRO KA 33 25.40 -6.86 -89.55
N VAL KA 34 26.08 -7.18 -88.46
CA VAL KA 34 27.13 -8.19 -88.47
C VAL KA 34 26.48 -9.55 -88.30
N LEU KA 35 26.78 -10.47 -89.19
CA LEU KA 35 25.99 -11.68 -89.15
C LEU KA 35 26.82 -12.87 -88.72
N PRO KA 36 26.25 -13.77 -87.93
CA PRO KA 36 26.92 -15.04 -87.62
C PRO KA 36 27.10 -15.88 -88.88
N PRO KA 37 28.23 -16.58 -89.01
CA PRO KA 37 28.53 -17.30 -90.26
C PRO KA 37 27.60 -18.46 -90.52
N ARG KA 38 26.74 -18.30 -91.52
CA ARG KA 38 25.72 -19.30 -91.83
C ARG KA 38 26.31 -20.52 -92.54
N ARG KA 66 14.66 -29.48 -109.74
CA ARG KA 66 14.48 -28.53 -108.65
C ARG KA 66 14.24 -27.14 -109.25
N HIS KA 67 13.14 -27.04 -110.01
CA HIS KA 67 12.63 -25.77 -110.50
C HIS KA 67 11.13 -25.75 -110.25
N SER KA 68 10.53 -26.93 -110.16
CA SER KA 68 9.12 -27.08 -109.83
C SER KA 68 8.99 -28.02 -108.63
N ILE KA 69 9.82 -27.82 -107.61
CA ILE KA 69 9.69 -28.58 -106.38
C ILE KA 69 8.43 -28.17 -105.62
N PHE KA 70 7.91 -26.97 -105.91
CA PHE KA 70 6.63 -26.53 -105.35
C PHE KA 70 5.49 -27.44 -105.77
N ALA KA 71 5.24 -27.55 -107.08
CA ALA KA 71 4.12 -28.34 -107.58
C ALA KA 71 4.31 -29.84 -107.36
N PHE KA 72 5.52 -30.29 -107.03
CA PHE KA 72 5.67 -31.67 -106.61
C PHE KA 72 5.35 -31.83 -105.12
N THR KA 73 6.10 -31.16 -104.24
CA THR KA 73 6.00 -31.43 -102.81
C THR KA 73 4.73 -30.88 -102.20
N HIS KA 74 4.34 -29.66 -102.55
CA HIS KA 74 3.14 -29.08 -101.97
C HIS KA 74 1.86 -29.59 -102.59
N VAL KA 75 1.91 -30.16 -103.80
CA VAL KA 75 0.68 -30.50 -104.50
C VAL KA 75 0.59 -32.00 -104.75
N LEU KA 76 1.56 -32.56 -105.47
CA LEU KA 76 1.42 -33.92 -105.99
C LEU KA 76 1.62 -34.96 -104.90
N ILE KA 77 2.45 -34.67 -103.91
CA ILE KA 77 2.61 -35.54 -102.75
C ILE KA 77 1.37 -35.52 -101.86
N PRO KA 78 0.70 -34.36 -101.57
CA PRO KA 78 -0.61 -34.47 -100.92
C PRO KA 78 -1.68 -35.14 -101.77
N VAL KA 79 -1.57 -35.16 -103.09
CA VAL KA 79 -2.52 -35.94 -103.89
C VAL KA 79 -2.32 -37.42 -103.62
N TRP KA 80 -1.06 -37.87 -103.58
CA TRP KA 80 -0.73 -39.23 -103.17
C TRP KA 80 -1.27 -39.56 -101.78
N ILE KA 81 -1.06 -38.66 -100.83
CA ILE KA 81 -1.43 -38.91 -99.43
C ILE KA 81 -2.95 -38.96 -99.27
N ILE KA 82 -3.65 -37.94 -99.77
CA ILE KA 82 -5.10 -37.87 -99.62
C ILE KA 82 -5.78 -38.96 -100.44
N HIS KA 83 -5.22 -39.32 -101.60
CA HIS KA 83 -5.86 -40.39 -102.37
C HIS KA 83 -5.62 -41.76 -101.74
N TYR KA 84 -4.45 -41.99 -101.12
CA TYR KA 84 -4.24 -43.23 -100.36
C TYR KA 84 -5.21 -43.31 -99.19
N TYR KA 85 -5.35 -42.19 -98.46
CA TYR KA 85 -6.27 -42.06 -97.34
C TYR KA 85 -7.71 -42.36 -97.75
N LEU KA 86 -8.20 -41.64 -98.77
CA LEU KA 86 -9.58 -41.80 -99.20
C LEU KA 86 -9.83 -43.15 -99.85
N LYS KA 87 -8.83 -43.71 -100.54
CA LYS KA 87 -9.05 -44.96 -101.25
C LYS KA 87 -9.02 -46.16 -100.31
N TYR KA 88 -8.22 -46.11 -99.24
CA TYR KA 88 -8.03 -47.31 -98.45
C TYR KA 88 -8.43 -47.18 -96.98
N HIS KA 89 -9.00 -46.05 -96.55
CA HIS KA 89 -9.55 -46.02 -95.20
C HIS KA 89 -10.90 -45.34 -95.15
N VAL KA 90 -11.21 -44.51 -96.16
CA VAL KA 90 -12.47 -43.76 -96.18
C VAL KA 90 -13.51 -44.43 -97.06
N THR KA 91 -13.15 -44.75 -98.31
CA THR KA 91 -14.07 -45.48 -99.17
C THR KA 91 -14.18 -46.96 -98.83
N THR KA 92 -13.36 -47.47 -97.92
CA THR KA 92 -13.49 -48.84 -97.46
C THR KA 92 -14.41 -48.98 -96.26
N LYS KA 93 -14.91 -47.87 -95.71
CA LYS KA 93 -15.89 -47.72 -94.66
C LYS KA 93 -17.23 -47.26 -95.26
N PRO KA 94 -18.36 -47.67 -94.68
CA PRO KA 94 -19.65 -47.37 -95.32
C PRO KA 94 -20.05 -45.91 -95.17
N TYR KA 95 -20.68 -45.40 -96.24
CA TYR KA 95 -21.40 -44.12 -96.28
C TYR KA 95 -20.50 -42.91 -96.01
N THR KA 96 -19.19 -43.05 -96.16
CA THR KA 96 -18.30 -41.92 -95.88
C THR KA 96 -18.29 -40.93 -97.03
N ILE KA 97 -17.94 -41.39 -98.23
CA ILE KA 97 -18.06 -40.58 -99.43
C ILE KA 97 -19.35 -41.04 -100.10
N VAL KA 98 -20.44 -40.36 -99.76
CA VAL KA 98 -21.74 -40.63 -100.35
C VAL KA 98 -21.97 -39.62 -101.46
N GLU KA 99 -22.15 -40.13 -102.66
CA GLU KA 99 -22.26 -39.31 -103.87
C GLU KA 99 -23.68 -39.38 -104.39
N LYS KA 100 -24.16 -38.26 -104.94
CA LYS KA 100 -25.43 -38.25 -105.63
C LYS KA 100 -25.33 -39.12 -106.88
N LYS KA 101 -26.38 -39.90 -107.12
CA LYS KA 101 -26.42 -40.73 -108.31
C LYS KA 101 -26.51 -39.84 -109.56
N PRO KA 102 -25.87 -40.22 -110.65
CA PRO KA 102 -25.78 -39.32 -111.81
C PRO KA 102 -27.12 -39.11 -112.49
N ARG KA 103 -27.20 -38.01 -113.23
CA ARG KA 103 -28.45 -37.55 -113.80
C ARG KA 103 -28.71 -38.26 -115.11
N ILE KA 104 -29.75 -39.08 -115.15
CA ILE KA 104 -30.07 -39.92 -116.31
C ILE KA 104 -31.16 -39.23 -117.13
N PHE KA 105 -30.84 -38.91 -118.37
CA PHE KA 105 -31.76 -38.29 -119.31
C PHE KA 105 -32.42 -39.34 -120.19
N PRO KA 106 -33.60 -39.05 -120.74
CA PRO KA 106 -34.19 -39.95 -121.74
C PRO KA 106 -33.40 -39.96 -123.04
N GLY KA 107 -32.78 -41.10 -123.34
CA GLY KA 107 -31.97 -41.21 -124.55
C GLY KA 107 -30.52 -41.48 -124.26
N ASP KA 108 -30.22 -41.94 -123.04
CA ASP KA 108 -28.86 -42.25 -122.64
C ASP KA 108 -28.64 -43.76 -122.67
N THR KA 109 -27.47 -44.19 -122.20
CA THR KA 109 -27.09 -45.59 -122.16
C THR KA 109 -26.32 -45.86 -120.89
N ILE KA 110 -26.78 -46.83 -120.10
CA ILE KA 110 -26.14 -47.16 -118.84
C ILE KA 110 -24.83 -47.89 -119.11
N LEU KA 111 -23.74 -47.40 -118.51
CA LEU KA 111 -22.46 -48.08 -118.65
C LEU KA 111 -22.42 -49.41 -117.90
N GLU KA 112 -23.22 -49.55 -116.83
CA GLU KA 112 -23.26 -50.81 -116.10
C GLU KA 112 -24.02 -51.88 -116.86
N THR KA 113 -25.14 -51.52 -117.47
CA THR KA 113 -26.05 -52.53 -117.98
C THR KA 113 -26.28 -52.43 -119.48
N GLY KA 114 -26.34 -51.23 -120.03
CA GLY KA 114 -26.77 -51.06 -121.39
C GLY KA 114 -28.27 -51.02 -121.55
N GLU KA 115 -29.02 -50.96 -120.45
CA GLU KA 115 -30.47 -50.83 -120.49
C GLU KA 115 -30.82 -49.46 -121.04
N VAL KA 116 -31.29 -49.43 -122.29
CA VAL KA 116 -31.44 -48.18 -123.02
C VAL KA 116 -32.62 -47.40 -122.45
N ILE KA 117 -32.34 -46.20 -121.97
CA ILE KA 117 -33.38 -45.29 -121.49
C ILE KA 117 -34.05 -44.72 -122.74
N PRO KA 118 -35.34 -45.00 -122.96
CA PRO KA 118 -35.99 -44.52 -124.18
C PRO KA 118 -36.20 -43.03 -124.10
N PRO KA 119 -36.32 -42.34 -125.24
CA PRO KA 119 -36.59 -40.91 -125.23
C PRO KA 119 -38.04 -40.63 -124.85
N MET KA 120 -38.36 -39.34 -124.78
CA MET KA 120 -39.67 -38.91 -124.36
C MET KA 120 -40.68 -39.09 -125.49
N LYS KA 121 -41.91 -38.65 -125.24
CA LYS KA 121 -42.90 -38.56 -126.29
C LYS KA 121 -42.48 -37.50 -127.30
N GLU KA 122 -42.84 -37.72 -128.57
CA GLU KA 122 -42.66 -36.69 -129.58
C GLU KA 122 -43.49 -35.46 -129.23
N PHE KA 123 -42.87 -34.29 -129.34
CA PHE KA 123 -43.43 -33.10 -128.71
C PHE KA 123 -44.60 -32.56 -129.53
N PRO KA 124 -45.64 -32.05 -128.86
CA PRO KA 124 -46.65 -31.26 -129.58
C PRO KA 124 -46.08 -29.90 -129.94
N ASP KA 125 -45.43 -29.86 -131.12
CA ASP KA 125 -44.55 -28.77 -131.52
C ASP KA 125 -45.22 -27.40 -131.50
N GLN KA 126 -44.48 -26.41 -131.03
CA GLN KA 126 -45.03 -25.13 -130.63
C GLN KA 126 -44.70 -23.97 -131.57
N HIS KA 127 -43.55 -24.01 -132.24
CA HIS KA 127 -43.12 -22.87 -133.03
C HIS KA 127 -42.63 -23.30 -134.40
N GLY LA 2 -49.17 -2.74 -113.74
CA GLY LA 2 -49.39 -2.33 -112.37
C GLY LA 2 -50.64 -1.48 -112.19
N ALA LA 3 -51.49 -1.49 -113.22
CA ALA LA 3 -52.75 -0.76 -113.13
C ALA LA 3 -53.81 -1.54 -112.37
N HIS LA 4 -53.73 -2.88 -112.39
CA HIS LA 4 -54.70 -3.69 -111.66
C HIS LA 4 -54.49 -3.61 -110.15
N LEU LA 5 -53.29 -3.27 -109.69
CA LEU LA 5 -53.09 -2.97 -108.28
C LEU LA 5 -53.87 -1.72 -107.88
N ALA LA 6 -53.87 -0.70 -108.74
CA ALA LA 6 -54.66 0.50 -108.49
C ALA LA 6 -56.16 0.21 -108.57
N ARG LA 7 -56.55 -0.68 -109.48
CA ARG LA 7 -57.96 -1.06 -109.58
C ARG LA 7 -58.40 -2.01 -108.47
N ARG LA 8 -57.46 -2.61 -107.74
CA ARG LA 8 -57.79 -3.50 -106.64
C ARG LA 8 -57.73 -2.83 -105.28
N TYR LA 9 -56.91 -1.80 -105.12
CA TYR LA 9 -56.73 -1.17 -103.82
C TYR LA 9 -57.51 0.13 -103.69
N LEU LA 10 -57.38 1.02 -104.68
CA LEU LA 10 -58.04 2.32 -104.60
C LEU LA 10 -59.54 2.18 -104.88
N GLY LA 11 -59.90 1.36 -105.86
CA GLY LA 11 -61.30 1.06 -106.09
C GLY LA 11 -61.81 -0.06 -105.20
N ASP LA 12 -62.50 -1.03 -105.79
CA ASP LA 12 -63.02 -2.17 -105.05
C ASP LA 12 -62.29 -3.46 -105.44
N ALA LA 13 -62.40 -4.44 -104.55
CA ALA LA 13 -61.77 -5.74 -104.76
C ALA LA 13 -62.74 -6.82 -105.25
N SER LA 14 -64.02 -6.50 -105.39
CA SER LA 14 -64.99 -7.49 -105.85
C SER LA 14 -64.84 -7.79 -107.33
N VAL LA 15 -64.40 -6.80 -108.12
CA VAL LA 15 -64.20 -6.99 -109.56
C VAL LA 15 -62.85 -7.62 -109.85
N GLU LA 16 -61.91 -7.56 -108.92
CA GLU LA 16 -60.57 -8.12 -109.05
C GLU LA 16 -60.52 -9.51 -108.44
N PRO LA 17 -60.01 -10.51 -109.15
CA PRO LA 17 -59.79 -11.81 -108.51
C PRO LA 17 -58.72 -11.74 -107.44
N GLU LA 18 -58.87 -12.57 -106.41
CA GLU LA 18 -57.96 -12.57 -105.27
C GLU LA 18 -56.81 -13.51 -105.56
N PRO LA 19 -55.56 -13.03 -105.58
CA PRO LA 19 -54.44 -13.87 -106.04
C PRO LA 19 -54.06 -15.01 -105.09
N LEU LA 20 -54.50 -14.96 -103.84
CA LEU LA 20 -54.24 -16.10 -102.96
C LEU LA 20 -55.16 -17.28 -103.28
N ARG LA 21 -56.39 -17.01 -103.74
CA ARG LA 21 -57.29 -18.08 -104.15
C ARG LA 21 -58.08 -17.65 -105.39
N MET LA 22 -57.63 -18.15 -106.54
CA MET LA 22 -58.31 -18.04 -107.82
C MET LA 22 -57.75 -19.15 -108.71
N PRO LA 23 -58.58 -19.74 -109.59
CA PRO LA 23 -59.96 -19.49 -110.02
C PRO LA 23 -61.05 -19.77 -108.98
N THR LA 24 -62.01 -18.85 -108.85
CA THR LA 24 -63.19 -19.05 -108.03
C THR LA 24 -64.38 -19.52 -108.87
N PHE LA 25 -64.15 -19.94 -110.10
CA PHE LA 25 -65.17 -20.36 -111.04
C PHE LA 25 -64.86 -21.75 -111.58
N PRO LA 26 -65.87 -22.49 -112.02
CA PRO LA 26 -65.62 -23.80 -112.66
C PRO LA 26 -64.90 -23.64 -113.99
N PRO LA 27 -64.16 -24.69 -114.44
CA PRO LA 27 -63.44 -24.58 -115.72
C PRO LA 27 -64.35 -24.53 -116.94
N ASP LA 28 -65.37 -25.40 -116.97
CA ASP LA 28 -66.24 -25.51 -118.13
C ASP LA 28 -67.28 -24.41 -118.24
N TYR LA 29 -67.39 -23.54 -117.23
CA TYR LA 29 -68.39 -22.48 -117.22
C TYR LA 29 -68.02 -21.40 -118.23
N GLY LA 30 -68.59 -21.51 -119.42
CA GLY LA 30 -68.21 -20.67 -120.55
C GLY LA 30 -67.30 -21.35 -121.53
N PHE LA 31 -66.72 -22.50 -121.16
CA PHE LA 31 -65.87 -23.31 -122.02
C PHE LA 31 -66.57 -24.62 -122.36
N PRO LA 32 -67.35 -24.68 -123.45
CA PRO LA 32 -67.87 -25.98 -123.89
C PRO LA 32 -66.77 -26.80 -124.55
N GLU LA 33 -66.63 -28.05 -124.09
CA GLU LA 33 -65.67 -29.03 -124.60
C GLU LA 33 -64.22 -28.52 -124.46
N ARG LA 34 -63.80 -28.35 -123.21
CA ARG LA 34 -62.46 -27.88 -122.90
C ARG LA 34 -61.58 -29.08 -122.57
N LYS LA 35 -60.45 -29.21 -123.27
CA LYS LA 35 -59.58 -30.37 -123.15
C LYS LA 35 -58.51 -30.14 -122.08
N GLU LA 36 -57.94 -31.25 -121.60
CA GLU LA 36 -56.91 -31.19 -120.59
C GLU LA 36 -55.59 -30.68 -121.18
N ARG LA 37 -54.66 -30.37 -120.28
CA ARG LA 37 -53.29 -30.10 -120.69
C ARG LA 37 -52.53 -31.41 -120.78
N GLU LA 38 -51.68 -31.53 -121.79
CA GLU LA 38 -50.90 -32.74 -122.01
C GLU LA 38 -49.52 -32.60 -121.38
N MET LA 39 -49.25 -33.42 -120.36
CA MET LA 39 -47.92 -33.50 -119.77
C MET LA 39 -47.06 -34.43 -120.62
N VAL LA 40 -46.04 -33.87 -121.26
CA VAL LA 40 -45.28 -34.62 -122.25
C VAL LA 40 -44.27 -35.53 -121.58
N ALA LA 41 -43.48 -35.00 -120.66
CA ALA LA 41 -42.50 -35.80 -119.94
C ALA LA 41 -43.21 -36.68 -118.92
N THR LA 42 -42.98 -37.98 -119.01
CA THR LA 42 -43.54 -38.94 -118.06
C THR LA 42 -42.90 -38.71 -116.69
N GLN LA 43 -43.58 -39.19 -115.64
CA GLN LA 43 -43.14 -38.94 -114.27
C GLN LA 43 -41.79 -39.58 -113.97
N GLN LA 44 -41.56 -40.81 -114.46
CA GLN LA 44 -40.27 -41.45 -114.27
C GLN LA 44 -39.18 -40.74 -115.08
N GLU LA 45 -39.55 -40.13 -116.20
CA GLU LA 45 -38.59 -39.42 -117.05
C GLU LA 45 -38.06 -38.17 -116.36
N MET LA 46 -38.97 -37.28 -115.94
CA MET LA 46 -38.55 -36.06 -115.23
C MET LA 46 -38.11 -36.35 -113.81
N ASN LA 47 -38.45 -37.52 -113.26
CA ASN LA 47 -37.94 -37.92 -111.95
C ASN LA 47 -36.49 -38.34 -112.05
N ASP LA 48 -36.16 -39.17 -113.05
CA ASP LA 48 -34.78 -39.57 -113.29
C ASP LA 48 -33.94 -38.43 -113.85
N ALA LA 49 -34.57 -37.39 -114.39
CA ALA LA 49 -33.85 -36.18 -114.77
C ALA LA 49 -33.48 -35.32 -113.57
N GLN LA 50 -33.99 -35.66 -112.38
CA GLN LA 50 -33.68 -34.99 -111.11
C GLN LA 50 -33.97 -33.49 -111.18
N LEU LA 51 -35.11 -33.16 -111.77
CA LEU LA 51 -35.49 -31.76 -111.90
C LEU LA 51 -36.00 -31.21 -110.58
N VAL LA 52 -35.90 -29.90 -110.44
CA VAL LA 52 -36.41 -29.20 -109.27
C VAL LA 52 -37.94 -29.27 -109.29
N LEU LA 53 -38.55 -29.50 -108.12
CA LEU LA 53 -40.00 -29.49 -108.01
C LEU LA 53 -40.59 -28.12 -108.29
N GLN LA 54 -39.82 -27.06 -108.12
CA GLN LA 54 -40.22 -25.73 -108.58
C GLN LA 54 -40.17 -25.62 -110.11
N GLN LA 55 -39.58 -26.59 -110.79
CA GLN LA 55 -39.43 -26.56 -112.24
C GLN LA 55 -40.33 -27.54 -112.96
N ARG LA 56 -40.87 -28.54 -112.27
CA ARG LA 56 -41.60 -29.63 -112.92
C ARG LA 56 -43.06 -29.26 -113.19
N ASP LA 57 -43.22 -28.22 -113.99
CA ASP LA 57 -44.53 -27.82 -114.49
C ASP LA 57 -44.91 -28.62 -115.72
N TYR LA 58 -45.93 -28.18 -116.45
CA TYR LA 58 -46.40 -28.85 -117.66
C TYR LA 58 -45.44 -28.73 -118.85
N CYS LA 59 -44.22 -28.20 -118.70
CA CYS LA 59 -43.27 -28.04 -119.80
C CYS LA 59 -41.86 -28.34 -119.34
N ALA LA 60 -41.70 -29.42 -118.55
CA ALA LA 60 -40.39 -29.82 -118.07
C ALA LA 60 -39.55 -30.51 -119.13
N HIS LA 61 -40.14 -30.90 -120.26
CA HIS LA 61 -39.46 -31.69 -121.27
C HIS LA 61 -38.45 -30.86 -122.09
N TYR LA 62 -38.77 -29.60 -122.39
CA TYR LA 62 -37.76 -28.74 -123.01
C TYR LA 62 -36.62 -28.45 -122.05
N LEU LA 63 -36.90 -28.40 -120.76
CA LEU LA 63 -35.85 -28.27 -119.75
C LEU LA 63 -34.96 -29.52 -119.73
N ILE LA 64 -35.57 -30.69 -119.90
CA ILE LA 64 -34.82 -31.95 -119.99
C ILE LA 64 -33.90 -31.93 -121.20
N ARG LA 65 -34.43 -31.48 -122.35
CA ARG LA 65 -33.62 -31.37 -123.57
C ARG LA 65 -32.48 -30.38 -123.39
N PHE LA 66 -32.75 -29.26 -122.72
CA PHE LA 66 -31.73 -28.24 -122.47
C PHE LA 66 -30.63 -28.75 -121.55
N LEU LA 67 -30.98 -29.48 -120.49
CA LEU LA 67 -29.96 -30.01 -119.60
C LEU LA 67 -29.19 -31.16 -120.24
N LYS LA 68 -29.83 -31.95 -121.10
CA LYS LA 68 -29.10 -32.98 -121.84
C LYS LA 68 -28.13 -32.35 -122.82
N CYS LA 69 -28.52 -31.22 -123.43
CA CYS LA 69 -27.58 -30.43 -124.23
C CYS LA 69 -26.43 -29.93 -123.40
N LYS LA 70 -26.72 -29.35 -122.23
CA LYS LA 70 -25.71 -28.74 -121.36
C LYS LA 70 -24.71 -29.77 -120.86
N ARG LA 71 -25.16 -30.99 -120.58
CA ARG LA 71 -24.21 -32.03 -120.19
C ARG LA 71 -23.44 -32.57 -121.39
N ASP LA 72 -24.12 -32.79 -122.52
CA ASP LA 72 -23.45 -33.39 -123.67
C ASP LA 72 -22.51 -32.41 -124.39
N SER LA 73 -22.64 -31.11 -124.17
CA SER LA 73 -21.83 -30.13 -124.89
C SER LA 73 -20.77 -29.49 -124.00
N PHE LA 74 -20.24 -30.20 -123.02
CA PHE LA 74 -19.11 -29.66 -122.29
C PHE LA 74 -17.83 -29.90 -123.08
N PRO LA 75 -16.97 -28.88 -123.27
CA PRO LA 75 -16.99 -27.54 -122.68
C PRO LA 75 -17.59 -26.44 -123.53
N ASN LA 76 -18.27 -26.75 -124.63
CA ASN LA 76 -18.89 -25.72 -125.46
C ASN LA 76 -20.17 -25.26 -124.75
N PHE LA 77 -19.99 -24.34 -123.80
CA PHE LA 77 -21.11 -23.79 -123.04
C PHE LA 77 -21.81 -22.65 -123.77
N LEU LA 78 -21.50 -22.44 -125.05
CA LEU LA 78 -22.15 -21.42 -125.87
C LEU LA 78 -22.95 -22.06 -127.00
N ALA LA 79 -23.47 -23.27 -126.77
CA ALA LA 79 -24.08 -24.05 -127.85
C ALA LA 79 -25.38 -24.72 -127.43
N CYS LA 80 -26.13 -24.13 -126.50
CA CYS LA 80 -27.47 -24.61 -126.19
C CYS LA 80 -28.45 -23.45 -126.21
N LYS LA 81 -28.19 -22.46 -127.07
CA LYS LA 81 -29.05 -21.30 -127.16
C LYS LA 81 -30.39 -21.62 -127.81
N HIS LA 82 -30.40 -22.60 -128.72
CA HIS LA 82 -31.62 -23.02 -129.39
C HIS LA 82 -32.58 -23.69 -128.40
N GLU LA 83 -32.06 -24.63 -127.60
CA GLU LA 83 -32.90 -25.33 -126.63
C GLU LA 83 -33.33 -24.42 -125.49
N GLN LA 84 -32.43 -23.50 -125.08
CA GLN LA 84 -32.79 -22.52 -124.06
C GLN LA 84 -33.87 -21.57 -124.57
N HIS LA 85 -33.80 -21.19 -125.84
CA HIS LA 85 -34.81 -20.31 -126.42
C HIS LA 85 -36.15 -21.01 -126.54
N ASP LA 86 -36.14 -22.30 -126.92
CA ASP LA 86 -37.39 -23.06 -126.99
C ASP LA 86 -38.00 -23.27 -125.61
N TRP LA 87 -37.17 -23.54 -124.60
CA TRP LA 87 -37.69 -23.74 -123.25
C TRP LA 87 -38.24 -22.43 -122.67
N ASP LA 88 -37.54 -21.33 -122.90
CA ASP LA 88 -38.03 -20.02 -122.46
C ASP LA 88 -39.30 -19.63 -123.20
N TYR LA 89 -39.43 -20.03 -124.46
CA TYR LA 89 -40.66 -19.75 -125.22
C TYR LA 89 -41.83 -20.57 -124.70
N CYS LA 90 -41.57 -21.80 -124.24
CA CYS LA 90 -42.68 -22.58 -123.71
C CYS LA 90 -43.06 -22.11 -122.30
N GLU LA 91 -42.07 -21.69 -121.51
CA GLU LA 91 -42.38 -21.03 -120.23
C GLU LA 91 -43.14 -19.73 -120.44
N HIS LA 92 -42.81 -19.01 -121.53
CA HIS LA 92 -43.59 -17.84 -121.92
C HIS LA 92 -45.02 -18.20 -122.24
N LEU LA 93 -45.24 -19.32 -122.94
CA LEU LA 93 -46.60 -19.78 -123.23
C LEU LA 93 -47.37 -20.09 -121.94
N ASP LA 94 -46.69 -20.71 -120.97
CA ASP LA 94 -47.33 -20.99 -119.68
C ASP LA 94 -47.66 -19.70 -118.93
N TYR LA 95 -46.79 -18.70 -119.02
CA TYR LA 95 -47.06 -17.41 -118.37
C TYR LA 95 -48.22 -16.69 -119.04
N VAL LA 96 -48.32 -16.80 -120.37
CA VAL LA 96 -49.46 -16.25 -121.10
C VAL LA 96 -50.75 -16.94 -120.69
N LYS LA 97 -50.69 -18.26 -120.48
CA LYS LA 97 -51.88 -18.99 -120.02
C LYS LA 97 -52.30 -18.55 -118.62
N ARG LA 98 -51.33 -18.23 -117.76
CA ARG LA 98 -51.66 -17.71 -116.44
C ARG LA 98 -52.30 -16.32 -116.52
N MET LA 99 -51.79 -15.47 -117.43
CA MET LA 99 -52.42 -14.17 -117.67
C MET LA 99 -53.84 -14.32 -118.21
N LYS LA 100 -54.06 -15.31 -119.06
CA LYS LA 100 -55.39 -15.56 -119.61
C LYS LA 100 -56.35 -16.03 -118.55
N GLU LA 101 -55.89 -16.88 -117.63
CA GLU LA 101 -56.70 -17.28 -116.48
C GLU LA 101 -57.06 -16.09 -115.60
N PHE LA 102 -56.11 -15.16 -115.42
CA PHE LA 102 -56.37 -13.96 -114.63
C PHE LA 102 -57.42 -13.07 -115.28
N GLU LA 103 -57.28 -12.84 -116.60
CA GLU LA 103 -58.25 -12.00 -117.31
C GLU LA 103 -59.60 -12.68 -117.42
N ARG LA 104 -59.63 -14.02 -117.46
CA ARG LA 104 -60.90 -14.75 -117.40
C ARG LA 104 -61.60 -14.53 -116.08
N GLU LA 105 -60.86 -14.57 -114.97
CA GLU LA 105 -61.46 -14.32 -113.66
C GLU LA 105 -61.94 -12.88 -113.53
N ARG LA 106 -61.19 -11.93 -114.12
CA ARG LA 106 -61.61 -10.54 -114.08
C ARG LA 106 -62.87 -10.30 -114.91
N ARG LA 107 -62.97 -10.96 -116.07
CA ARG LA 107 -64.16 -10.81 -116.90
C ARG LA 107 -65.37 -11.51 -116.30
N LEU LA 108 -65.18 -12.63 -115.60
CA LEU LA 108 -66.33 -13.24 -114.92
C LEU LA 108 -66.77 -12.45 -113.70
N LEU LA 109 -65.84 -11.78 -113.01
CA LEU LA 109 -66.27 -10.90 -111.93
C LEU LA 109 -66.98 -9.66 -112.46
N GLN LA 110 -66.56 -9.14 -113.63
CA GLN LA 110 -67.34 -8.12 -114.30
C GLN LA 110 -68.73 -8.62 -114.71
N ARG LA 111 -68.79 -9.89 -115.13
CA ARG LA 111 -70.07 -10.50 -115.50
C ARG LA 111 -71.01 -10.61 -114.30
N LYS LA 112 -70.48 -11.04 -113.16
CA LYS LA 112 -71.30 -11.11 -111.94
C LYS LA 112 -71.70 -9.73 -111.44
N LYS LA 113 -70.84 -8.73 -111.65
CA LYS LA 113 -71.18 -7.36 -111.28
C LYS LA 113 -72.33 -6.82 -112.14
N ARG LA 114 -72.25 -7.06 -113.45
CA ARG LA 114 -73.34 -6.65 -114.34
C ARG LA 114 -74.61 -7.47 -114.08
N ARG LA 115 -74.45 -8.72 -113.64
CA ARG LA 115 -75.59 -9.55 -113.27
C ARG LA 115 -76.33 -8.97 -112.07
N GLU LA 116 -75.59 -8.60 -111.01
CA GLU LA 116 -76.26 -8.02 -109.85
C GLU LA 116 -76.75 -6.59 -110.12
N GLN LA 117 -76.13 -5.88 -111.07
CA GLN LA 117 -76.69 -4.59 -111.47
C GLN LA 117 -78.00 -4.76 -112.23
N ARG LA 118 -78.10 -5.80 -113.06
CA ARG LA 118 -79.37 -6.12 -113.73
C ARG LA 118 -80.45 -6.50 -112.73
N GLU LA 119 -80.08 -7.31 -111.73
CA GLU LA 119 -81.05 -7.72 -110.73
C GLU LA 119 -81.43 -6.56 -109.81
N ALA LA 120 -80.53 -5.59 -109.62
CA ALA LA 120 -80.87 -4.42 -108.81
C ALA LA 120 -81.72 -3.42 -109.58
N ASP LA 121 -81.49 -3.31 -110.89
CA ASP LA 121 -82.26 -2.36 -111.70
C ASP LA 121 -83.66 -2.87 -111.99
N MET LA 122 -83.78 -4.11 -112.48
CA MET LA 122 -85.05 -4.60 -112.99
C MET LA 122 -85.99 -5.01 -111.85
N ALA LA 123 -85.61 -6.04 -111.10
CA ALA LA 123 -86.48 -6.57 -110.05
C ALA LA 123 -86.45 -5.70 -108.80
N ALA MA 2 -9.02 27.59 -70.08
CA ALA MA 2 -9.54 26.23 -70.04
C ALA MA 2 -8.45 25.24 -69.64
N PHE MA 3 -7.63 24.87 -70.63
CA PHE MA 3 -6.65 23.80 -70.45
C PHE MA 3 -5.49 24.09 -71.41
N LEU MA 4 -4.39 24.63 -70.88
CA LEU MA 4 -3.18 24.89 -71.64
C LEU MA 4 -1.98 24.55 -70.79
N PRO MA 5 -0.87 24.07 -71.43
CA PRO MA 5 0.32 23.68 -70.65
C PRO MA 5 1.05 24.81 -69.95
N SER MA 6 1.38 25.89 -70.67
CA SER MA 6 2.20 26.94 -70.10
C SER MA 6 1.38 28.12 -69.58
N ALA MA 7 0.36 28.55 -70.32
CA ALA MA 7 -0.52 29.59 -69.84
C ALA MA 7 -1.62 28.98 -68.97
N ALA MA 8 -2.20 29.83 -68.14
CA ALA MA 8 -3.35 29.45 -67.31
C ALA MA 8 -4.67 29.65 -68.01
N TYR MA 9 -4.67 30.21 -69.22
CA TYR MA 9 -5.88 30.71 -69.85
C TYR MA 9 -5.62 30.97 -71.33
N LEU MA 10 -6.70 31.16 -72.06
CA LEU MA 10 -6.65 31.68 -73.42
C LEU MA 10 -6.91 33.17 -73.39
N THR MA 11 -6.23 33.92 -74.26
CA THR MA 11 -6.61 35.31 -74.41
C THR MA 11 -7.75 35.41 -75.41
N HIS MA 12 -8.42 36.57 -75.41
CA HIS MA 12 -9.46 36.80 -76.40
C HIS MA 12 -8.89 36.90 -77.80
N GLN MA 13 -7.66 37.41 -77.92
CA GLN MA 13 -6.90 37.37 -79.15
C GLN MA 13 -6.73 35.94 -79.65
N GLN MA 14 -6.35 35.02 -78.75
CA GLN MA 14 -6.16 33.63 -79.12
C GLN MA 14 -7.48 32.95 -79.45
N LYS MA 15 -8.55 33.29 -78.73
CA LYS MA 15 -9.86 32.71 -79.05
C LYS MA 15 -10.39 33.20 -80.39
N VAL MA 16 -10.10 34.46 -80.75
CA VAL MA 16 -10.45 34.96 -82.07
C VAL MA 16 -9.70 34.21 -83.16
N LEU MA 17 -8.38 34.01 -82.95
CA LEU MA 17 -7.59 33.28 -83.94
C LEU MA 17 -8.01 31.82 -84.05
N GLN MA 18 -8.41 31.19 -82.95
CA GLN MA 18 -8.79 29.79 -82.98
C GLN MA 18 -10.17 29.59 -83.59
N LEU MA 19 -11.10 30.51 -83.33
CA LEU MA 19 -12.37 30.48 -84.06
C LEU MA 19 -12.16 30.74 -85.55
N TYR MA 20 -11.22 31.63 -85.89
CA TYR MA 20 -10.90 31.89 -87.29
C TYR MA 20 -10.34 30.65 -87.99
N LYS MA 21 -9.43 29.94 -87.33
CA LYS MA 21 -8.82 28.76 -87.95
C LYS MA 21 -9.82 27.61 -88.06
N ARG MA 22 -10.60 27.36 -86.99
CA ARG MA 22 -11.58 26.28 -87.03
C ARG MA 22 -12.72 26.59 -87.99
N ALA MA 23 -13.10 27.87 -88.12
CA ALA MA 23 -14.13 28.25 -89.07
C ALA MA 23 -13.63 28.12 -90.50
N LEU MA 24 -12.36 28.43 -90.76
CA LEU MA 24 -11.84 28.20 -92.11
C LEU MA 24 -11.69 26.72 -92.41
N ARG MA 25 -11.37 25.89 -91.42
CA ARG MA 25 -11.30 24.44 -91.65
C ARG MA 25 -12.68 23.86 -91.96
N HIS MA 26 -13.69 24.25 -91.18
CA HIS MA 26 -15.04 23.78 -91.47
C HIS MA 26 -15.59 24.38 -92.76
N LEU MA 27 -15.16 25.59 -93.12
CA LEU MA 27 -15.56 26.17 -94.40
C LEU MA 27 -14.83 25.51 -95.55
N GLU MA 28 -13.67 24.91 -95.30
CA GLU MA 28 -13.04 24.07 -96.31
C GLU MA 28 -13.76 22.73 -96.41
N SER MA 29 -14.32 22.25 -95.29
CA SER MA 29 -15.11 21.03 -95.34
C SER MA 29 -16.43 21.22 -96.09
N ARG MA 30 -17.05 22.40 -95.93
CA ARG MA 30 -18.33 22.65 -96.60
C ARG MA 30 -18.16 22.92 -98.10
N CYS MA 31 -17.06 23.59 -98.47
CA CYS MA 31 -16.93 24.25 -99.75
C CYS MA 31 -15.80 23.65 -100.57
N VAL MA 32 -15.88 22.33 -100.78
CA VAL MA 32 -14.83 21.37 -101.10
C VAL MA 32 -13.74 21.86 -102.06
N HIS MA 33 -14.13 22.50 -103.16
CA HIS MA 33 -13.17 22.96 -104.15
C HIS MA 33 -12.41 24.18 -103.67
N ARG MA 34 -11.15 24.31 -104.13
CA ARG MA 34 -10.25 25.30 -103.56
C ARG MA 34 -10.57 26.73 -104.00
N ASP MA 35 -11.03 26.92 -105.25
CA ASP MA 35 -11.43 28.25 -105.69
C ASP MA 35 -12.67 28.75 -104.95
N LYS MA 36 -13.63 27.85 -104.73
CA LYS MA 36 -14.89 28.23 -104.10
C LYS MA 36 -14.70 28.41 -102.60
N TYR MA 37 -13.86 27.57 -101.99
CA TYR MA 37 -13.39 27.81 -100.63
C TYR MA 37 -12.61 29.12 -100.54
N ARG MA 38 -11.85 29.46 -101.57
CA ARG MA 38 -11.07 30.70 -101.54
C ARG MA 38 -11.98 31.92 -101.57
N TYR MA 39 -13.05 31.86 -102.37
CA TYR MA 39 -14.05 32.92 -102.42
C TYR MA 39 -14.75 33.08 -101.08
N PHE MA 40 -15.30 31.99 -100.53
CA PHE MA 40 -16.01 32.13 -99.26
C PHE MA 40 -15.06 32.37 -98.09
N ALA MA 41 -13.79 31.98 -98.20
CA ALA MA 41 -12.82 32.25 -97.16
C ALA MA 41 -12.45 33.72 -97.14
N CYS MA 42 -12.39 34.36 -98.30
CA CYS MA 42 -12.18 35.80 -98.31
C CYS MA 42 -13.43 36.55 -97.85
N LEU MA 43 -14.63 36.01 -98.10
CA LEU MA 43 -15.83 36.60 -97.51
C LEU MA 43 -15.82 36.52 -95.99
N LEU MA 44 -15.37 35.38 -95.46
CA LEU MA 44 -15.27 35.23 -94.00
C LEU MA 44 -14.15 36.10 -93.44
N ARG MA 45 -13.05 36.25 -94.18
CA ARG MA 45 -11.99 37.17 -93.79
C ARG MA 45 -12.47 38.61 -93.80
N ALA MA 46 -13.39 38.96 -94.70
CA ALA MA 46 -14.01 40.27 -94.66
C ALA MA 46 -14.88 40.44 -93.41
N ARG MA 47 -15.65 39.41 -93.06
CA ARG MA 47 -16.44 39.46 -91.82
C ARG MA 47 -15.57 39.50 -90.56
N PHE MA 48 -14.35 38.98 -90.61
CA PHE MA 48 -13.46 39.09 -89.46
C PHE MA 48 -12.73 40.43 -89.43
N ASP MA 49 -12.31 40.94 -90.58
CA ASP MA 49 -11.63 42.22 -90.64
C ASP MA 49 -12.56 43.40 -90.40
N GLU MA 50 -13.86 43.20 -90.57
CA GLU MA 50 -14.85 44.25 -90.31
C GLU MA 50 -14.86 44.65 -88.84
N HIS MA 51 -14.84 43.67 -87.94
CA HIS MA 51 -14.99 43.92 -86.51
C HIS MA 51 -13.67 43.76 -85.75
N LYS MA 52 -12.54 44.06 -86.39
CA LYS MA 52 -11.27 43.96 -85.69
C LYS MA 52 -11.08 45.12 -84.73
N ASN MA 53 -11.37 46.35 -85.17
CA ASN MA 53 -11.04 47.55 -84.41
C ASN MA 53 -12.18 47.92 -83.45
N GLU MA 54 -12.40 47.04 -82.48
CA GLU MA 54 -13.34 47.27 -81.38
C GLU MA 54 -12.55 47.44 -80.10
N LYS MA 55 -12.92 48.45 -79.32
CA LYS MA 55 -12.17 48.78 -78.10
C LYS MA 55 -12.96 48.53 -76.83
N ASP MA 56 -14.21 48.11 -76.93
CA ASP MA 56 -14.94 47.59 -75.78
C ASP MA 56 -14.53 46.14 -75.56
N MET MA 57 -14.85 45.60 -74.39
CA MET MA 57 -14.59 44.19 -74.13
C MET MA 57 -15.86 43.37 -73.99
N VAL MA 58 -16.92 43.97 -73.45
CA VAL MA 58 -18.22 43.32 -73.40
C VAL MA 58 -18.76 43.10 -74.81
N LYS MA 59 -18.55 44.08 -75.69
CA LYS MA 59 -18.95 43.96 -77.09
C LYS MA 59 -18.15 42.89 -77.81
N ALA MA 60 -16.85 42.78 -77.49
CA ALA MA 60 -16.01 41.77 -78.13
C ALA MA 60 -16.38 40.36 -77.68
N THR MA 61 -16.64 40.20 -76.38
CA THR MA 61 -17.07 38.90 -75.86
C THR MA 61 -18.44 38.52 -76.40
N GLN MA 62 -19.33 39.50 -76.56
CA GLN MA 62 -20.65 39.25 -77.13
C GLN MA 62 -20.55 38.83 -78.60
N LEU MA 63 -19.73 39.55 -79.38
CA LEU MA 63 -19.51 39.19 -80.77
C LEU MA 63 -18.93 37.80 -80.90
N LEU MA 64 -17.95 37.46 -80.04
CA LEU MA 64 -17.38 36.12 -80.07
C LEU MA 64 -18.39 35.05 -79.65
N ARG MA 65 -19.29 35.38 -78.73
CA ARG MA 65 -20.23 34.39 -78.20
C ARG MA 65 -21.32 34.06 -79.22
N GLU MA 66 -21.93 35.09 -79.82
CA GLU MA 66 -22.88 34.77 -80.88
C GLU MA 66 -22.20 34.33 -82.17
N ALA MA 67 -20.90 34.63 -82.35
CA ALA MA 67 -20.15 33.98 -83.41
C ALA MA 67 -19.98 32.49 -83.15
N GLU MA 68 -19.82 32.09 -81.88
CA GLU MA 68 -19.77 30.67 -81.56
C GLU MA 68 -21.14 30.02 -81.73
N LYS MA 69 -22.22 30.75 -81.50
CA LYS MA 69 -23.55 30.21 -81.79
C LYS MA 69 -23.76 30.01 -83.30
N GLU MA 70 -23.38 31.02 -84.09
CA GLU MA 70 -23.30 30.92 -85.55
C GLU MA 70 -22.50 29.71 -86.01
N PHE MA 71 -21.31 29.54 -85.44
CA PHE MA 71 -20.42 28.47 -85.86
C PHE MA 71 -20.88 27.10 -85.36
N TRP MA 72 -21.59 27.05 -84.24
CA TRP MA 72 -22.16 25.79 -83.78
C TRP MA 72 -23.35 25.37 -84.63
N HIS MA 73 -24.10 26.35 -85.15
CA HIS MA 73 -25.10 25.99 -86.16
C HIS MA 73 -24.44 25.64 -87.49
N GLY MA 74 -23.27 26.19 -87.77
CA GLY MA 74 -22.67 26.03 -89.09
C GLY MA 74 -21.37 25.25 -89.18
N GLN MA 75 -21.23 24.17 -88.42
CA GLN MA 75 -20.08 23.30 -88.59
C GLN MA 75 -20.44 22.06 -89.41
N HIS MA 76 -19.44 21.49 -90.07
CA HIS MA 76 -19.65 20.31 -90.88
C HIS MA 76 -19.78 19.08 -89.98
N PRO MA 77 -20.77 18.22 -90.19
CA PRO MA 77 -20.95 17.07 -89.29
C PRO MA 77 -19.83 16.04 -89.37
N GLN MA 78 -19.19 15.89 -90.53
CA GLN MA 78 -17.99 15.07 -90.67
C GLN MA 78 -16.94 15.92 -91.39
N PRO MA 79 -16.22 16.77 -90.66
CA PRO MA 79 -15.25 17.67 -91.29
C PRO MA 79 -14.01 16.90 -91.75
N TYR MA 80 -13.11 17.63 -92.40
CA TYR MA 80 -11.84 17.03 -92.76
C TYR MA 80 -10.87 17.13 -91.59
N ILE MA 81 -10.23 16.01 -91.28
CA ILE MA 81 -9.14 15.95 -90.32
C ILE MA 81 -7.91 15.48 -91.09
N PHE MA 82 -6.75 16.06 -90.78
CA PHE MA 82 -5.49 15.54 -91.30
C PHE MA 82 -5.30 14.10 -90.83
N PRO MA 83 -4.66 13.24 -91.64
CA PRO MA 83 -4.59 11.80 -91.29
C PRO MA 83 -3.83 11.52 -90.00
N GLU MA 84 -2.70 12.17 -89.78
CA GLU MA 84 -1.96 12.02 -88.53
C GLU MA 84 -2.46 12.93 -87.41
N SER MA 85 -3.50 13.72 -87.66
CA SER MA 85 -4.15 14.53 -86.64
C SER MA 85 -5.18 13.69 -85.89
N PRO MA 86 -5.38 13.98 -84.59
CA PRO MA 86 -6.33 13.20 -83.77
C PRO MA 86 -7.76 13.27 -84.31
N GLY MA 87 -8.37 12.11 -84.44
CA GLY MA 87 -9.60 11.93 -85.16
C GLY MA 87 -9.41 11.40 -86.57
N GLY MA 88 -8.25 11.65 -87.17
CA GLY MA 88 -8.00 11.25 -88.54
C GLY MA 88 -7.81 9.74 -88.69
N THR MA 89 -7.65 9.34 -89.94
CA THR MA 89 -7.56 7.91 -90.27
C THR MA 89 -6.22 7.31 -89.88
N SER MA 90 -5.10 7.89 -90.31
CA SER MA 90 -3.78 7.35 -90.02
C SER MA 90 -3.23 7.84 -88.70
N TYR MA 91 -4.05 8.51 -87.89
CA TYR MA 91 -3.65 8.90 -86.55
C TYR MA 91 -3.40 7.68 -85.69
N GLU MA 92 -2.35 7.76 -84.86
CA GLU MA 92 -1.80 6.74 -83.98
C GLU MA 92 -1.71 5.36 -84.62
N ARG MA 93 -1.40 5.34 -85.93
CA ARG MA 93 -1.30 4.08 -86.67
C ARG MA 93 0.02 3.39 -86.39
N TYR MA 94 1.09 4.17 -86.21
CA TYR MA 94 2.42 3.62 -86.01
C TYR MA 94 2.84 3.60 -84.55
N GLU MA 95 1.90 3.83 -83.63
CA GLU MA 95 2.21 3.77 -82.21
C GLU MA 95 2.46 2.36 -81.71
N CYS MA 96 2.15 1.33 -82.51
CA CYS MA 96 2.52 -0.03 -82.19
C CYS MA 96 3.91 -0.40 -82.70
N TYR MA 97 4.59 0.51 -83.39
CA TYR MA 97 5.97 0.33 -83.79
C TYR MA 97 6.92 1.31 -83.10
N LYS MA 98 6.42 2.06 -82.12
CA LYS MA 98 7.25 3.01 -81.38
C LYS MA 98 7.75 2.35 -80.10
N VAL MA 99 8.71 1.45 -80.30
CA VAL MA 99 9.32 0.72 -79.18
C VAL MA 99 10.26 1.67 -78.45
N PRO MA 100 10.17 1.77 -77.12
CA PRO MA 100 11.02 2.71 -76.38
C PRO MA 100 12.48 2.30 -76.37
N GLU MA 101 13.32 3.25 -75.95
CA GLU MA 101 14.77 3.11 -76.09
C GLU MA 101 15.36 2.12 -75.10
N TRP MA 102 14.73 1.90 -73.95
CA TRP MA 102 15.28 1.01 -72.94
C TRP MA 102 15.15 -0.47 -73.29
N CYS MA 103 14.34 -0.80 -74.30
CA CYS MA 103 14.26 -2.19 -74.73
C CYS MA 103 15.50 -2.65 -75.47
N LEU MA 104 16.31 -1.70 -75.96
CA LEU MA 104 17.62 -2.04 -76.48
C LEU MA 104 18.56 -2.53 -75.39
N ASP MA 105 18.37 -2.04 -74.15
CA ASP MA 105 19.23 -2.41 -73.03
C ASP MA 105 18.93 -3.78 -72.46
N ASP MA 106 17.96 -4.51 -73.01
CA ASP MA 106 17.61 -5.84 -72.52
C ASP MA 106 17.89 -6.93 -73.54
N TRP MA 107 18.59 -6.60 -74.63
CA TRP MA 107 18.90 -7.61 -75.64
C TRP MA 107 19.95 -8.59 -75.14
N HIS MA 108 19.86 -9.80 -75.66
CA HIS MA 108 20.91 -10.79 -75.48
C HIS MA 108 22.15 -10.32 -76.22
N PRO MA 109 23.35 -10.52 -75.65
CA PRO MA 109 24.57 -9.95 -76.27
C PRO MA 109 25.01 -10.61 -77.57
N SER MA 110 24.41 -11.74 -77.97
CA SER MA 110 24.74 -12.31 -79.26
C SER MA 110 24.21 -11.46 -80.40
N GLU MA 111 23.00 -10.90 -80.23
CA GLU MA 111 22.48 -9.96 -81.21
C GLU MA 111 22.92 -8.53 -80.94
N LYS MA 112 23.60 -8.28 -79.82
CA LYS MA 112 24.31 -7.02 -79.67
C LYS MA 112 25.58 -6.99 -80.49
N ALA MA 113 26.17 -8.18 -80.74
CA ALA MA 113 27.30 -8.28 -81.65
C ALA MA 113 26.91 -8.01 -83.09
N MET MA 114 25.61 -8.16 -83.41
CA MET MA 114 25.10 -7.83 -84.74
C MET MA 114 25.22 -6.33 -85.04
N TYR MA 115 25.30 -5.49 -84.00
CA TYR MA 115 25.43 -4.04 -84.17
C TYR MA 115 26.44 -3.51 -83.17
N PRO MA 116 27.74 -3.60 -83.47
CA PRO MA 116 28.74 -3.21 -82.47
C PRO MA 116 28.85 -1.70 -82.30
N ASP MA 117 28.82 -0.93 -83.40
CA ASP MA 117 29.05 0.51 -83.32
C ASP MA 117 27.89 1.23 -82.64
N TYR MA 118 26.66 0.75 -82.87
CA TYR MA 118 25.49 1.41 -82.32
C TYR MA 118 25.44 1.29 -80.79
N PHE MA 119 25.76 0.11 -80.25
CA PHE MA 119 25.83 -0.01 -78.79
C PHE MA 119 27.08 0.62 -78.22
N ALA MA 120 28.20 0.60 -78.96
CA ALA MA 120 29.41 1.28 -78.52
C ALA MA 120 29.23 2.79 -78.45
N LYS MA 121 28.30 3.35 -79.21
CA LYS MA 121 27.93 4.76 -79.07
C LYS MA 121 26.82 4.98 -78.04
N ARG MA 122 25.87 4.04 -77.96
CA ARG MA 122 24.78 4.14 -77.00
C ARG MA 122 25.27 4.10 -75.56
N GLU MA 123 26.41 3.44 -75.31
CA GLU MA 123 27.04 3.48 -74.00
C GLU MA 123 27.46 4.90 -73.60
N GLN MA 124 28.08 5.66 -74.52
CA GLN MA 124 28.43 7.03 -74.14
C GLN MA 124 27.24 7.97 -74.21
N TRP MA 125 26.17 7.60 -74.93
CA TRP MA 125 24.90 8.32 -74.79
C TRP MA 125 24.36 8.19 -73.37
N LYS MA 126 24.38 6.97 -72.82
CA LYS MA 126 23.91 6.76 -71.45
C LYS MA 126 24.85 7.42 -70.44
N LYS MA 127 26.15 7.44 -70.73
CA LYS MA 127 27.10 8.15 -69.87
C LYS MA 127 26.83 9.65 -69.87
N LEU MA 128 26.54 10.22 -71.05
CA LEU MA 128 26.15 11.61 -71.16
C LEU MA 128 24.92 11.91 -70.32
N ARG MA 129 23.92 11.02 -70.38
CA ARG MA 129 22.68 11.22 -69.62
C ARG MA 129 22.92 11.14 -68.12
N ARG MA 130 23.63 10.09 -67.65
CA ARG MA 130 23.73 9.90 -66.21
C ARG MA 130 24.73 10.85 -65.55
N GLU MA 131 25.71 11.38 -66.29
CA GLU MA 131 26.53 12.42 -65.68
C GLU MA 131 26.13 13.83 -66.09
N SER MA 132 25.02 14.00 -66.81
CA SER MA 132 24.36 15.30 -66.83
C SER MA 132 23.16 15.37 -65.88
N TRP MA 133 22.71 14.21 -65.37
CA TRP MA 133 21.48 14.16 -64.58
C TRP MA 133 21.58 14.93 -63.26
N GLU MA 134 22.64 14.71 -62.48
CA GLU MA 134 22.69 15.37 -61.18
C GLU MA 134 22.96 16.86 -61.31
N ARG MA 135 23.63 17.28 -62.37
CA ARG MA 135 23.86 18.70 -62.59
C ARG MA 135 22.58 19.40 -63.04
N GLU MA 136 21.76 18.73 -63.85
CA GLU MA 136 20.49 19.36 -64.17
C GLU MA 136 19.48 19.25 -63.03
N VAL MA 137 19.65 18.27 -62.12
CA VAL MA 137 18.86 18.23 -60.90
C VAL MA 137 19.20 19.42 -59.99
N LYS MA 138 20.49 19.70 -59.83
CA LYS MA 138 20.87 20.85 -59.01
C LYS MA 138 20.56 22.17 -59.71
N GLN MA 139 20.46 22.15 -61.05
CA GLN MA 139 19.92 23.31 -61.76
C GLN MA 139 18.44 23.48 -61.46
N LEU MA 140 17.69 22.38 -61.38
CA LEU MA 140 16.26 22.46 -61.09
C LEU MA 140 15.98 22.84 -59.64
N GLN MA 141 16.89 22.56 -58.72
CA GLN MA 141 16.61 22.88 -57.33
C GLN MA 141 17.19 24.22 -56.89
N GLU MA 142 17.79 24.98 -57.79
CA GLU MA 142 18.28 26.32 -57.47
C GLU MA 142 17.43 27.43 -58.07
N GLU MA 143 16.76 27.16 -59.19
CA GLU MA 143 15.91 28.15 -59.84
C GLU MA 143 14.45 28.06 -59.39
N THR MA 144 14.06 26.93 -58.81
CA THR MA 144 12.68 26.69 -58.44
C THR MA 144 12.27 27.59 -57.28
N PRO MA 145 11.16 28.33 -57.40
CA PRO MA 145 10.70 29.16 -56.28
C PRO MA 145 10.19 28.33 -55.12
N VAL MA 146 9.83 29.01 -54.04
CA VAL MA 146 9.25 28.34 -52.89
C VAL MA 146 7.82 27.91 -53.24
N GLY MA 147 7.40 26.78 -52.70
CA GLY MA 147 6.13 26.19 -53.07
C GLY MA 147 6.12 25.51 -54.42
N GLY MA 148 7.27 25.04 -54.90
CA GLY MA 148 7.34 24.37 -56.17
C GLY MA 148 7.39 25.34 -57.32
N PRO MA 149 7.49 24.82 -58.55
CA PRO MA 149 7.41 25.70 -59.72
C PRO MA 149 5.99 26.18 -59.93
N ARG MA 150 5.86 27.22 -60.75
CA ARG MA 150 4.55 27.79 -61.06
C ARG MA 150 3.98 27.22 -62.35
N THR MA 151 4.75 27.25 -63.43
CA THR MA 151 4.30 26.78 -64.73
C THR MA 151 5.06 25.52 -65.12
N GLU MA 152 4.48 24.78 -66.08
CA GLU MA 152 5.06 23.52 -66.54
C GLU MA 152 6.35 23.71 -67.32
N ALA MA 153 6.62 24.91 -67.84
CA ALA MA 153 7.76 25.14 -68.70
C ALA MA 153 9.07 25.12 -67.91
N LEU MA 154 10.08 24.50 -68.49
CA LEU MA 154 11.44 24.14 -68.15
C LEU MA 154 12.44 25.17 -68.67
N PRO MA 155 13.51 25.45 -67.93
CA PRO MA 155 14.52 26.39 -68.40
C PRO MA 155 15.43 25.73 -69.42
N PRO MA 156 16.24 26.52 -70.14
CA PRO MA 156 17.33 25.92 -70.92
C PRO MA 156 18.55 25.62 -70.07
N ALA MA 157 19.63 25.17 -70.70
CA ALA MA 157 20.87 24.97 -70.00
C ALA MA 157 21.58 26.31 -69.82
N ARG MA 158 21.97 26.62 -68.58
CA ARG MA 158 22.53 27.94 -68.31
C ARG MA 158 24.03 28.01 -68.57
N LYS MA 159 24.82 27.13 -67.97
CA LYS MA 159 26.26 27.16 -68.16
C LYS MA 159 26.65 26.52 -69.49
N GLN MA 160 27.91 26.71 -69.87
CA GLN MA 160 28.47 26.03 -71.04
C GLN MA 160 28.81 24.60 -70.64
N GLY MA 161 28.28 23.64 -71.40
CA GLY MA 161 28.50 22.23 -71.13
C GLY MA 161 27.31 21.52 -70.53
N ASP MA 162 26.40 22.25 -69.90
CA ASP MA 162 25.19 21.65 -69.35
C ASP MA 162 24.25 21.23 -70.46
N LEU MA 163 23.57 20.20 -70.21
CA LEU MA 163 22.41 19.85 -71.00
C LEU MA 163 21.16 20.45 -70.35
N PRO MA 164 20.14 20.76 -71.13
CA PRO MA 164 18.91 21.31 -70.54
C PRO MA 164 18.24 20.28 -69.66
N PRO MA 165 17.55 20.72 -68.60
CA PRO MA 165 16.98 19.76 -67.65
C PRO MA 165 15.80 19.01 -68.22
N LEU MA 166 15.69 17.74 -67.82
CA LEU MA 166 14.59 16.84 -68.16
C LEU MA 166 14.45 16.67 -69.67
N TRP MA 167 15.51 16.12 -70.25
CA TRP MA 167 15.74 16.14 -71.70
C TRP MA 167 15.76 14.76 -72.35
N TRP MA 168 15.93 13.69 -71.57
CA TRP MA 168 16.32 12.41 -72.14
C TRP MA 168 15.19 11.76 -72.94
N HIS MA 169 13.98 11.82 -72.42
CA HIS MA 169 12.85 11.23 -73.13
C HIS MA 169 12.24 12.18 -74.15
N ILE MA 170 12.64 13.44 -74.15
CA ILE MA 170 12.30 14.33 -75.27
C ILE MA 170 13.23 14.04 -76.44
N VAL MA 171 14.50 13.79 -76.17
CA VAL MA 171 15.48 13.55 -77.23
C VAL MA 171 15.34 12.14 -77.79
N THR MA 172 15.29 11.13 -76.90
CA THR MA 172 15.27 9.74 -77.31
C THR MA 172 13.87 9.21 -77.58
N ARG MA 173 12.93 10.10 -77.91
CA ARG MA 173 11.65 9.68 -78.45
C ARG MA 173 11.86 8.96 -79.78
N PRO MA 174 10.98 8.02 -80.13
CA PRO MA 174 11.12 7.34 -81.42
C PRO MA 174 10.71 8.25 -82.57
N ARG MA 175 11.08 7.82 -83.77
CA ARG MA 175 10.58 8.48 -84.97
C ARG MA 175 9.12 8.13 -85.19
N GLU MA 176 8.41 9.00 -85.90
CA GLU MA 176 7.02 8.71 -86.22
C GLU MA 176 6.88 7.61 -87.26
N ARG MA 177 7.90 7.38 -88.07
CA ARG MA 177 7.90 6.31 -89.08
C ARG MA 177 9.14 5.45 -88.92
N PRO MA 178 9.14 4.51 -87.94
CA PRO MA 178 10.30 3.64 -87.73
C PRO MA 178 10.56 2.67 -88.87
N ALA NA 41 14.42 4.69 -115.65
CA ALA NA 41 14.33 5.01 -114.23
C ALA NA 41 12.88 5.08 -113.79
N HIS NA 42 12.68 5.23 -112.49
CA HIS NA 42 11.35 5.25 -111.89
C HIS NA 42 10.63 6.55 -112.22
N ILE NA 43 9.33 6.57 -111.91
CA ILE NA 43 8.55 7.81 -111.94
C ILE NA 43 9.09 8.76 -110.90
N GLU NA 44 9.49 9.94 -111.34
CA GLU NA 44 10.09 10.92 -110.45
C GLU NA 44 9.00 11.69 -109.70
N PRO NA 45 9.19 11.96 -108.41
CA PRO NA 45 8.29 12.88 -107.73
C PRO NA 45 8.46 14.30 -108.23
N ARG NA 46 7.34 15.02 -108.32
CA ARG NA 46 7.31 16.36 -108.87
C ARG NA 46 6.62 17.28 -107.87
N TYR NA 47 6.47 18.55 -108.25
CA TYR NA 47 6.00 19.57 -107.32
C TYR NA 47 5.05 20.53 -108.04
N ARG NA 48 3.81 20.61 -107.53
CA ARG NA 48 2.75 21.51 -108.00
C ARG NA 48 2.44 21.34 -109.49
N GLN NA 49 2.68 20.15 -110.05
CA GLN NA 49 2.57 19.97 -111.50
C GLN NA 49 2.13 18.55 -111.82
N PHE NA 50 2.01 18.27 -113.11
CA PHE NA 50 1.55 16.97 -113.59
C PHE NA 50 2.65 15.93 -113.45
N PRO NA 51 2.41 14.82 -112.74
CA PRO NA 51 3.46 13.81 -112.59
C PRO NA 51 3.67 13.02 -113.87
N GLN NA 52 4.82 12.35 -113.92
CA GLN NA 52 5.21 11.59 -115.10
C GLN NA 52 4.33 10.36 -115.28
N LEU NA 53 3.94 10.09 -116.53
CA LEU NA 53 3.20 8.88 -116.86
C LEU NA 53 4.08 7.94 -117.65
N THR NA 54 3.93 6.65 -117.38
CA THR NA 54 4.57 5.62 -118.20
C THR NA 54 3.70 5.38 -119.43
N ARG NA 55 4.35 5.08 -120.55
CA ARG NA 55 3.66 4.61 -121.76
C ARG NA 55 2.76 3.41 -121.44
N SER NA 56 3.27 2.48 -120.64
CA SER NA 56 2.60 1.19 -120.45
C SER NA 56 1.30 1.33 -119.68
N GLN NA 57 1.27 2.15 -118.63
CA GLN NA 57 0.05 2.30 -117.85
C GLN NA 57 -1.04 3.03 -118.63
N VAL NA 58 -0.65 3.98 -119.49
CA VAL NA 58 -1.61 4.70 -120.32
C VAL NA 58 -2.20 3.77 -121.38
N ILE NA 59 -1.35 2.97 -122.03
CA ILE NA 59 -1.86 2.12 -123.10
C ILE NA 59 -2.66 0.97 -122.52
N GLN NA 60 -2.31 0.47 -121.34
CA GLN NA 60 -3.10 -0.61 -120.74
C GLN NA 60 -4.42 -0.10 -120.19
N ALA NA 61 -4.43 1.14 -119.65
CA ALA NA 61 -5.67 1.76 -119.20
C ALA NA 61 -6.66 1.93 -120.36
N GLU NA 62 -6.20 2.58 -121.44
CA GLU NA 62 -7.05 2.74 -122.61
C GLU NA 62 -7.40 1.41 -123.27
N PHE NA 63 -6.51 0.42 -123.19
CA PHE NA 63 -6.76 -0.88 -123.80
C PHE NA 63 -7.85 -1.64 -123.05
N PHE NA 64 -7.81 -1.67 -121.72
CA PHE NA 64 -8.89 -2.33 -120.99
C PHE NA 64 -10.19 -1.55 -121.03
N SER NA 65 -10.13 -0.21 -121.17
CA SER NA 65 -11.36 0.55 -121.40
C SER NA 65 -11.97 0.19 -122.76
N ALA NA 66 -11.13 0.04 -123.79
CA ALA NA 66 -11.60 -0.38 -125.10
C ALA NA 66 -12.13 -1.81 -125.07
N THR NA 67 -11.53 -2.67 -124.24
CA THR NA 67 -12.02 -4.03 -124.08
C THR NA 67 -13.40 -4.04 -123.42
N MET NA 68 -13.61 -3.14 -122.45
CA MET NA 68 -14.94 -2.98 -121.84
C MET NA 68 -15.97 -2.55 -122.88
N TRP NA 69 -15.67 -1.51 -123.66
CA TRP NA 69 -16.69 -1.03 -124.61
C TRP NA 69 -16.92 -2.01 -125.74
N PHE NA 70 -15.88 -2.74 -126.16
CA PHE NA 70 -16.05 -3.83 -127.11
C PHE NA 70 -16.98 -4.91 -126.55
N TRP NA 71 -16.82 -5.25 -125.27
CA TRP NA 71 -17.65 -6.30 -124.68
C TRP NA 71 -19.09 -5.83 -124.50
N ILE NA 72 -19.28 -4.58 -124.12
CA ILE NA 72 -20.62 -4.01 -123.96
C ILE NA 72 -21.36 -3.98 -125.29
N LEU NA 73 -20.71 -3.45 -126.33
CA LEU NA 73 -21.36 -3.39 -127.64
C LEU NA 73 -21.54 -4.77 -128.25
N TRP NA 74 -20.62 -5.70 -127.99
CA TRP NA 74 -20.71 -7.04 -128.55
C TRP NA 74 -21.88 -7.82 -127.93
N ARG NA 75 -21.97 -7.81 -126.60
CA ARG NA 75 -23.09 -8.49 -125.95
C ARG NA 75 -24.41 -7.78 -126.17
N PHE NA 76 -24.41 -6.45 -126.34
CA PHE NA 76 -25.65 -5.77 -126.67
C PHE NA 76 -26.08 -6.06 -128.10
N TRP NA 77 -25.11 -6.28 -129.00
CA TRP NA 77 -25.42 -6.57 -130.40
C TRP NA 77 -25.88 -8.01 -130.59
N HIS NA 78 -25.37 -8.95 -129.79
CA HIS NA 78 -25.74 -10.34 -130.00
C HIS NA 78 -26.93 -10.79 -129.17
N ASP NA 79 -27.12 -10.24 -127.98
CA ASP NA 79 -28.29 -10.63 -127.22
C ASP NA 79 -29.49 -9.76 -127.60
N SER NA 80 -29.38 -8.45 -127.36
CA SER NA 80 -30.36 -7.41 -127.67
C SER NA 80 -31.73 -7.64 -127.02
N ASP NA 81 -31.84 -8.58 -126.08
CA ASP NA 81 -33.07 -8.93 -125.40
C ASP NA 81 -32.92 -8.98 -123.90
N ALA NA 82 -31.71 -9.17 -123.39
CA ALA NA 82 -31.48 -9.17 -121.95
C ALA NA 82 -31.69 -7.79 -121.35
N VAL NA 83 -31.48 -6.73 -122.13
CA VAL NA 83 -31.76 -5.37 -121.69
C VAL NA 83 -33.21 -5.02 -122.04
N LEU NA 84 -33.52 -5.02 -123.33
CA LEU NA 84 -34.74 -4.41 -123.85
C LEU NA 84 -35.99 -5.23 -123.58
N GLY NA 85 -35.86 -6.55 -123.42
CA GLY NA 85 -37.02 -7.40 -123.28
C GLY NA 85 -36.91 -8.62 -124.16
N HIS NA 86 -37.42 -9.76 -123.69
CA HIS NA 86 -37.27 -11.03 -124.37
C HIS NA 86 -38.50 -11.38 -125.21
N PHE NA 87 -39.66 -11.49 -124.57
CA PHE NA 87 -40.89 -11.85 -125.25
C PHE NA 87 -41.88 -10.69 -125.14
N PRO NA 88 -42.77 -10.53 -126.12
CA PRO NA 88 -43.75 -9.43 -126.04
C PRO NA 88 -44.82 -9.70 -125.00
N TYR NA 89 -44.99 -8.76 -124.09
CA TYR NA 89 -45.98 -8.84 -123.02
C TYR NA 89 -47.37 -8.69 -123.59
N PRO NA 90 -48.23 -9.71 -123.53
CA PRO NA 90 -49.55 -9.62 -124.15
C PRO NA 90 -50.48 -8.70 -123.37
N ASP NA 91 -51.59 -8.34 -124.02
CA ASP NA 91 -52.47 -7.30 -123.54
C ASP NA 91 -53.79 -7.94 -123.13
N PRO NA 92 -54.21 -7.81 -121.86
CA PRO NA 92 -55.41 -8.51 -121.41
C PRO NA 92 -56.71 -7.95 -121.97
N SER NA 93 -56.81 -6.64 -122.20
CA SER NA 93 -58.05 -6.05 -122.70
C SER NA 93 -58.30 -6.36 -124.16
N GLN NA 94 -57.25 -6.69 -124.92
CA GLN NA 94 -57.35 -6.93 -126.36
C GLN NA 94 -57.71 -8.37 -126.70
N TRP NA 95 -58.37 -9.08 -125.80
CA TRP NA 95 -58.74 -10.47 -126.00
C TRP NA 95 -60.24 -10.60 -126.16
N THR NA 96 -60.67 -11.47 -127.06
CA THR NA 96 -62.10 -11.72 -127.24
C THR NA 96 -62.65 -12.52 -126.08
N ASP NA 97 -63.98 -12.54 -125.98
CA ASP NA 97 -64.64 -13.24 -124.88
C ASP NA 97 -64.78 -14.74 -125.11
N GLU NA 98 -64.43 -15.24 -126.31
CA GLU NA 98 -64.66 -16.65 -126.60
C GLU NA 98 -63.48 -17.52 -126.20
N GLU NA 99 -62.25 -17.03 -126.41
CA GLU NA 99 -61.08 -17.77 -125.94
C GLU NA 99 -60.97 -17.76 -124.43
N LEU NA 100 -61.58 -16.79 -123.77
CA LEU NA 100 -61.67 -16.76 -122.32
C LEU NA 100 -63.04 -17.17 -121.82
N GLY NA 101 -63.95 -17.56 -122.72
CA GLY NA 101 -65.20 -18.20 -122.36
C GLY NA 101 -66.16 -17.35 -121.58
N ILE NA 102 -66.53 -16.19 -122.12
CA ILE NA 102 -67.48 -15.31 -121.45
C ILE NA 102 -68.74 -15.23 -122.30
N PRO NA 103 -69.77 -16.02 -122.01
CA PRO NA 103 -71.01 -15.94 -122.77
C PRO NA 103 -71.78 -14.69 -122.41
N PRO NA 104 -72.28 -13.94 -123.40
CA PRO NA 104 -73.08 -12.74 -123.09
C PRO NA 104 -74.43 -13.07 -122.48
N ASP NA 105 -74.61 -12.68 -121.22
CA ASP NA 105 -75.88 -12.82 -120.52
C ASP NA 105 -76.23 -11.53 -119.77
N ILE OA 32 3.31 3.95 -50.47
CA ILE OA 32 2.03 4.53 -50.07
C ILE OA 32 1.73 4.12 -48.63
N THR OA 33 1.02 4.98 -47.91
CA THR OA 33 0.71 4.77 -46.50
C THR OA 33 -0.75 5.10 -46.24
N LYS OA 34 -1.17 4.88 -44.99
CA LYS OA 34 -2.58 4.79 -44.64
C LYS OA 34 -3.29 6.12 -44.75
N ASP OA 35 -2.62 7.22 -44.41
CA ASP OA 35 -3.27 8.53 -44.44
C ASP OA 35 -3.51 9.04 -45.85
N MET OA 36 -2.73 8.58 -46.83
CA MET OA 36 -2.89 8.97 -48.22
C MET OA 36 -3.80 8.02 -48.98
N LEU OA 37 -4.55 7.18 -48.29
CA LEU OA 37 -5.53 6.27 -48.85
C LEU OA 37 -6.93 6.89 -48.75
N PRO OA 38 -7.88 6.44 -49.58
CA PRO OA 38 -9.27 6.91 -49.43
C PRO OA 38 -9.86 6.48 -48.10
N GLY OA 39 -10.80 7.28 -47.61
CA GLY OA 39 -11.38 7.06 -46.30
C GLY OA 39 -12.84 7.43 -46.24
N PRO OA 40 -13.30 7.91 -45.07
CA PRO OA 40 -14.73 8.18 -44.89
C PRO OA 40 -15.19 9.46 -45.58
N TYR OA 41 -16.50 9.70 -45.51
CA TYR OA 41 -17.08 10.91 -46.10
C TYR OA 41 -16.63 12.14 -45.34
N PRO OA 42 -16.26 13.22 -46.03
CA PRO OA 42 -15.82 14.43 -45.33
C PRO OA 42 -16.99 15.25 -44.82
N LYS OA 43 -16.83 15.78 -43.61
CA LYS OA 43 -17.85 16.63 -43.00
C LYS OA 43 -17.36 18.05 -42.77
N THR OA 44 -16.26 18.22 -42.04
CA THR OA 44 -15.78 19.53 -41.65
C THR OA 44 -14.99 20.17 -42.78
N PRO OA 45 -14.75 21.49 -42.74
CA PRO OA 45 -13.85 22.10 -43.73
C PRO OA 45 -12.40 21.64 -43.59
N GLU OA 46 -11.94 21.28 -42.40
CA GLU OA 46 -10.54 20.84 -42.28
C GLU OA 46 -10.35 19.42 -42.80
N GLU OA 47 -11.36 18.56 -42.61
CA GLU OA 47 -11.31 17.21 -43.22
C GLU OA 47 -11.41 17.31 -44.73
N ARG OA 48 -12.20 18.26 -45.23
CA ARG OA 48 -12.29 18.52 -46.66
C ARG OA 48 -10.97 19.05 -47.21
N ALA OA 49 -10.28 19.90 -46.45
CA ALA OA 49 -9.00 20.42 -46.90
C ALA OA 49 -7.92 19.34 -46.92
N ALA OA 50 -7.90 18.48 -45.89
CA ALA OA 50 -6.95 17.37 -45.86
C ALA OA 50 -7.23 16.36 -46.96
N ALA OA 51 -8.51 16.14 -47.30
CA ALA OA 51 -8.82 15.25 -48.41
C ALA OA 51 -8.51 15.90 -49.75
N ALA OA 52 -8.69 17.22 -49.88
CA ALA OA 52 -8.38 17.89 -51.13
C ALA OA 52 -6.88 17.92 -51.39
N LYS OA 53 -6.09 18.11 -50.34
CA LYS OA 53 -4.64 17.97 -50.50
C LYS OA 53 -4.25 16.51 -50.68
N LYS OA 54 -5.07 15.57 -50.18
CA LYS OA 54 -4.78 14.15 -50.39
C LYS OA 54 -4.94 13.76 -51.85
N TYR OA 55 -6.06 14.13 -52.47
CA TYR OA 55 -6.30 13.84 -53.88
C TYR OA 55 -5.58 14.81 -54.82
N ASN OA 56 -4.80 15.75 -54.27
CA ASN OA 56 -3.97 16.71 -55.00
C ASN OA 56 -4.80 17.56 -55.96
N MET OA 57 -5.75 18.30 -55.38
CA MET OA 57 -6.63 19.16 -56.15
C MET OA 57 -7.17 20.27 -55.24
N ARG OA 58 -7.70 21.32 -55.88
CA ARG OA 58 -8.20 22.48 -55.16
C ARG OA 58 -9.44 22.15 -54.33
N VAL OA 59 -9.62 22.89 -53.24
CA VAL OA 59 -10.70 22.61 -52.30
C VAL OA 59 -12.04 23.00 -52.90
N GLU OA 60 -12.08 24.12 -53.64
CA GLU OA 60 -13.33 24.57 -54.25
C GLU OA 60 -13.77 23.67 -55.39
N ASP OA 61 -12.82 23.02 -56.07
CA ASP OA 61 -13.16 22.03 -57.08
C ASP OA 61 -13.34 20.64 -56.49
N TYR OA 62 -12.97 20.45 -55.22
CA TYR OA 62 -13.16 19.18 -54.54
C TYR OA 62 -14.62 19.06 -54.11
N GLU OA 63 -15.31 18.07 -54.65
CA GLU OA 63 -16.65 17.74 -54.22
C GLU OA 63 -16.73 16.23 -53.99
N PRO OA 64 -17.37 15.78 -52.92
CA PRO OA 64 -17.54 14.34 -52.72
C PRO OA 64 -18.75 13.84 -53.49
N TYR OA 65 -18.85 12.52 -53.58
CA TYR OA 65 -20.10 11.92 -53.98
C TYR OA 65 -21.08 12.03 -52.81
N PRO OA 66 -22.39 12.20 -53.09
CA PRO OA 66 -23.34 12.50 -52.01
C PRO OA 66 -23.52 11.32 -51.06
N ASP OA 67 -23.60 11.64 -49.77
CA ASP OA 67 -23.56 10.64 -48.71
C ASP OA 67 -24.97 10.11 -48.46
N ASP OA 68 -25.44 9.30 -49.40
CA ASP OA 68 -26.49 8.35 -49.13
C ASP OA 68 -25.97 7.08 -48.50
N GLY OA 69 -24.66 6.83 -48.61
CA GLY OA 69 -24.09 5.61 -48.11
C GLY OA 69 -24.05 4.54 -49.18
N MET OA 70 -23.49 4.87 -50.34
CA MET OA 70 -23.17 3.85 -51.32
C MET OA 70 -21.80 3.22 -51.07
N GLY OA 71 -20.88 3.98 -50.50
CA GLY OA 71 -19.52 3.51 -50.31
C GLY OA 71 -18.47 4.33 -51.02
N TYR OA 72 -18.81 5.52 -51.52
CA TYR OA 72 -17.81 6.39 -52.13
C TYR OA 72 -16.92 7.03 -51.07
N GLY OA 73 -17.53 7.60 -50.04
CA GLY OA 73 -16.77 8.36 -49.07
C GLY OA 73 -16.26 9.65 -49.67
N ASP OA 74 -14.95 9.84 -49.62
CA ASP OA 74 -14.31 11.11 -49.91
C ASP OA 74 -13.87 11.25 -51.36
N TYR OA 75 -14.41 10.44 -52.29
CA TYR OA 75 -13.80 10.42 -53.62
C TYR OA 75 -14.29 11.62 -54.43
N PRO OA 76 -13.41 12.26 -55.21
CA PRO OA 76 -13.79 13.47 -55.96
C PRO OA 76 -14.75 13.14 -57.08
N LYS OA 77 -15.94 13.73 -57.02
CA LYS OA 77 -16.83 13.69 -58.17
C LYS OA 77 -16.23 14.60 -59.24
N LEU OA 78 -15.55 13.99 -60.20
CA LEU OA 78 -15.08 14.70 -61.38
C LEU OA 78 -16.30 15.04 -62.25
N PRO OA 79 -16.18 16.00 -63.22
CA PRO OA 79 -17.39 16.46 -63.92
C PRO OA 79 -17.98 15.50 -64.95
N ASP OA 80 -17.62 14.21 -64.90
CA ASP OA 80 -18.28 13.10 -65.59
C ASP OA 80 -18.13 13.20 -67.10
N ARG OA 81 -16.90 13.40 -67.55
CA ARG OA 81 -16.59 13.45 -68.97
C ARG OA 81 -15.90 12.18 -69.42
N SER OA 82 -15.83 12.02 -70.73
CA SER OA 82 -15.01 10.97 -71.30
C SER OA 82 -13.58 11.45 -71.44
N GLN OA 83 -12.71 10.54 -71.87
CA GLN OA 83 -11.35 10.95 -72.20
C GLN OA 83 -11.20 11.42 -73.63
N GLN OA 84 -12.28 11.36 -74.42
CA GLN OA 84 -12.23 11.84 -75.80
C GLN OA 84 -12.20 13.36 -75.87
N GLU OA 85 -12.77 14.04 -74.86
CA GLU OA 85 -12.96 15.48 -74.90
C GLU OA 85 -11.71 16.28 -74.56
N ARG OA 86 -10.59 15.62 -74.27
CA ARG OA 86 -9.42 16.31 -73.76
C ARG OA 86 -8.67 17.04 -74.88
N ASP OA 87 -7.51 17.57 -74.53
CA ASP OA 87 -6.62 18.22 -75.46
C ASP OA 87 -5.64 17.17 -75.99
N PRO OA 88 -5.81 16.69 -77.22
CA PRO OA 88 -4.95 15.59 -77.69
C PRO OA 88 -3.56 16.03 -78.10
N TRP OA 89 -3.34 17.32 -78.33
CA TRP OA 89 -2.03 17.84 -78.70
C TRP OA 89 -1.14 18.12 -77.49
N TYR OA 90 -1.62 17.79 -76.28
CA TYR OA 90 -0.90 18.10 -75.06
C TYR OA 90 0.16 17.04 -74.75
N ASP OA 91 1.22 17.46 -74.05
CA ASP OA 91 2.27 16.56 -73.57
C ASP OA 91 1.72 15.81 -72.36
N TRP OA 92 0.94 14.77 -72.64
CA TRP OA 92 0.33 14.00 -71.57
C TRP OA 92 1.34 13.07 -70.90
N ASP OA 93 1.02 12.70 -69.66
CA ASP OA 93 1.77 11.64 -68.99
C ASP OA 93 1.36 10.27 -69.53
N HIS OA 94 0.07 10.09 -69.80
CA HIS OA 94 -0.46 8.90 -70.47
C HIS OA 94 -1.15 9.36 -71.74
N PRO OA 95 -0.45 9.38 -72.87
CA PRO OA 95 -1.03 9.98 -74.09
C PRO OA 95 -2.19 9.19 -74.67
N ASP OA 96 -2.18 7.87 -74.55
CA ASP OA 96 -3.32 7.09 -75.01
C ASP OA 96 -4.53 7.28 -74.10
N LEU OA 97 -4.31 7.55 -72.81
CA LEU OA 97 -5.40 7.75 -71.87
C LEU OA 97 -5.81 9.21 -71.72
N ARG OA 98 -4.93 10.15 -72.09
CA ARG OA 98 -5.08 11.60 -71.89
C ARG OA 98 -5.30 11.91 -70.41
N LEU OA 99 -4.29 11.57 -69.60
CA LEU OA 99 -4.42 11.57 -68.16
C LEU OA 99 -3.06 11.82 -67.54
N ASN OA 100 -2.96 12.86 -66.71
CA ASN OA 100 -1.70 13.25 -66.10
C ASN OA 100 -1.40 12.41 -64.86
N TRP OA 101 -0.13 12.39 -64.48
CA TRP OA 101 0.28 11.73 -63.25
C TRP OA 101 -0.17 12.55 -62.05
N GLY OA 102 -0.66 11.87 -61.01
CA GLY OA 102 -1.18 12.52 -59.83
C GLY OA 102 -2.58 13.09 -59.98
N GLU OA 103 -3.07 13.25 -61.20
CA GLU OA 103 -4.42 13.76 -61.44
C GLU OA 103 -5.44 12.77 -60.92
N PRO OA 104 -6.47 13.22 -60.20
CA PRO OA 104 -7.53 12.31 -59.76
C PRO OA 104 -8.31 11.75 -60.95
N MET OA 105 -8.20 10.44 -61.14
CA MET OA 105 -8.99 9.75 -62.14
C MET OA 105 -10.46 9.78 -61.77
N HIS OA 106 -11.31 9.68 -62.78
CA HIS OA 106 -12.74 9.57 -62.55
C HIS OA 106 -13.04 8.21 -61.91
N TRP OA 107 -14.14 8.14 -61.17
CA TRP OA 107 -14.55 6.88 -60.53
C TRP OA 107 -14.86 5.80 -61.56
N ASP OA 108 -15.29 6.20 -62.75
CA ASP OA 108 -15.61 5.30 -63.85
C ASP OA 108 -14.59 5.44 -64.97
N LEU OA 109 -13.30 5.55 -64.62
CA LEU OA 109 -12.28 5.88 -65.59
C LEU OA 109 -12.08 4.75 -66.60
N ASP OA 110 -12.23 3.50 -66.16
CA ASP OA 110 -12.21 2.37 -67.09
C ASP OA 110 -13.39 2.42 -68.06
N MET OA 111 -14.51 3.01 -67.66
CA MET OA 111 -15.63 3.21 -68.57
C MET OA 111 -15.36 4.34 -69.55
N TYR OA 112 -14.73 5.43 -69.12
CA TYR OA 112 -14.59 6.60 -69.97
C TYR OA 112 -13.33 6.59 -70.84
N ILE OA 113 -12.64 5.46 -70.94
CA ILE OA 113 -11.54 5.37 -71.91
C ILE OA 113 -12.12 5.39 -73.32
N ARG OA 114 -11.25 5.69 -74.29
CA ARG OA 114 -11.67 5.90 -75.67
C ARG OA 114 -12.02 4.60 -76.38
N ASN OA 115 -11.75 3.44 -75.78
CA ASN OA 115 -12.23 2.15 -76.25
C ASN OA 115 -13.67 1.87 -75.86
N ARG OA 116 -14.40 2.86 -75.36
CA ARG OA 116 -15.74 2.72 -74.81
C ARG OA 116 -16.55 3.99 -75.02
N VAL OA 117 -17.56 4.18 -74.16
CA VAL OA 117 -18.56 5.26 -74.13
C VAL OA 117 -17.94 6.64 -74.40
N ASP OA 118 -18.58 7.41 -75.27
CA ASP OA 118 -18.14 8.74 -75.64
C ASP OA 118 -19.18 9.76 -75.21
N THR OA 119 -18.71 10.91 -74.70
CA THR OA 119 -19.59 11.99 -74.28
C THR OA 119 -19.32 13.29 -75.02
N SER OA 120 -18.49 13.24 -76.07
CA SER OA 120 -18.03 14.45 -76.76
C SER OA 120 -19.19 15.14 -77.47
N PRO OA 121 -19.24 16.48 -77.45
CA PRO OA 121 -20.49 17.20 -77.79
C PRO OA 121 -20.86 17.07 -79.26
N THR OA 122 -22.01 16.46 -79.49
CA THR OA 122 -22.54 16.14 -80.80
C THR OA 122 -23.12 17.41 -81.46
N PRO OA 123 -22.94 17.57 -82.78
CA PRO OA 123 -23.44 18.78 -83.44
C PRO OA 123 -24.96 18.91 -83.43
N VAL OA 124 -25.67 17.81 -83.44
CA VAL OA 124 -27.13 17.81 -83.35
C VAL OA 124 -27.50 17.48 -81.91
N ASN OA 125 -28.53 18.14 -81.40
CA ASN OA 125 -29.02 17.89 -80.05
C ASN OA 125 -29.47 16.43 -79.88
N TRP OA 126 -29.37 15.97 -78.63
CA TRP OA 126 -29.51 14.54 -78.36
C TRP OA 126 -30.93 14.05 -78.56
N ASN OA 127 -31.90 14.80 -78.06
CA ASN OA 127 -33.30 14.39 -78.20
C ASN OA 127 -33.77 14.55 -79.64
N LEU OA 128 -33.16 15.45 -80.41
CA LEU OA 128 -33.48 15.54 -81.83
C LEU OA 128 -32.97 14.32 -82.59
N MET OA 129 -31.77 13.83 -82.23
CA MET OA 129 -31.28 12.58 -82.79
C MET OA 129 -32.16 11.40 -82.41
N CYS OA 130 -32.61 11.35 -81.15
CA CYS OA 130 -33.48 10.27 -80.71
C CYS OA 130 -34.83 10.30 -81.43
N LYS OA 131 -35.37 11.51 -81.64
CA LYS OA 131 -36.63 11.64 -82.37
C LYS OA 131 -36.48 11.25 -83.83
N HIS OA 132 -35.35 11.60 -84.47
CA HIS OA 132 -35.15 11.22 -85.86
C HIS OA 132 -35.02 9.71 -86.01
N LEU OA 133 -34.21 9.06 -85.15
CA LEU OA 133 -34.04 7.62 -85.22
C LEU OA 133 -35.35 6.89 -84.93
N PHE OA 134 -36.04 7.28 -83.84
CA PHE OA 134 -37.26 6.59 -83.43
C PHE OA 134 -38.38 6.80 -84.43
N GLY OA 135 -38.54 8.03 -84.94
CA GLY OA 135 -39.60 8.30 -85.90
C GLY OA 135 -39.33 7.67 -87.25
N PHE OA 136 -38.06 7.62 -87.68
CA PHE OA 136 -37.77 6.98 -88.95
C PHE OA 136 -37.96 5.48 -88.87
N VAL OA 137 -37.60 4.85 -87.75
CA VAL OA 137 -37.79 3.41 -87.64
C VAL OA 137 -39.27 3.08 -87.49
N ALA OA 138 -40.03 3.92 -86.78
CA ALA OA 138 -41.48 3.71 -86.67
C ALA OA 138 -42.17 3.90 -88.01
N PHE OA 139 -41.76 4.90 -88.79
CA PHE OA 139 -42.34 5.13 -90.10
C PHE OA 139 -41.99 4.00 -91.06
N MET OA 140 -40.75 3.51 -91.01
CA MET OA 140 -40.35 2.43 -91.91
C MET OA 140 -41.07 1.13 -91.59
N LEU OA 141 -41.17 0.78 -90.31
CA LEU OA 141 -41.89 -0.45 -89.95
C LEU OA 141 -43.39 -0.33 -90.20
N PHE OA 142 -43.96 0.86 -89.99
CA PHE OA 142 -45.36 1.06 -90.30
C PHE OA 142 -45.63 0.94 -91.79
N MET OA 143 -44.73 1.46 -92.63
CA MET OA 143 -44.93 1.34 -94.06
C MET OA 143 -44.63 -0.08 -94.57
N PHE OA 144 -43.73 -0.81 -93.88
CA PHE OA 144 -43.58 -2.23 -94.20
C PHE OA 144 -44.86 -3.01 -93.89
N TRP OA 145 -45.52 -2.69 -92.78
CA TRP OA 145 -46.77 -3.37 -92.45
C TRP OA 145 -47.89 -2.97 -93.41
N VAL OA 146 -47.92 -1.71 -93.84
CA VAL OA 146 -48.91 -1.25 -94.82
C VAL OA 146 -48.72 -1.97 -96.14
N GLY OA 147 -47.47 -2.05 -96.61
CA GLY OA 147 -47.20 -2.80 -97.83
C GLY OA 147 -47.36 -4.30 -97.68
N GLU OA 148 -47.31 -4.81 -96.45
CA GLU OA 148 -47.63 -6.21 -96.21
C GLU OA 148 -49.13 -6.44 -96.32
N THR OA 149 -49.94 -5.48 -95.84
CA THR OA 149 -51.38 -5.61 -95.95
C THR OA 149 -51.83 -5.48 -97.40
N TYR OA 150 -51.19 -4.60 -98.17
CA TYR OA 150 -51.46 -4.49 -99.61
C TYR OA 150 -50.17 -4.70 -100.39
N PRO OA 151 -49.90 -5.91 -100.88
CA PRO OA 151 -48.66 -6.19 -101.61
C PRO OA 151 -48.78 -5.82 -103.08
N THR OA 152 -47.75 -6.15 -103.83
CA THR OA 152 -47.85 -6.14 -105.29
C THR OA 152 -47.70 -7.57 -105.81
N TYR OA 153 -48.11 -7.76 -107.06
CA TYR OA 153 -48.06 -9.07 -107.70
C TYR OA 153 -48.12 -8.85 -109.21
N GLN OA 154 -48.25 -9.95 -109.95
CA GLN OA 154 -48.35 -9.95 -111.40
C GLN OA 154 -49.73 -10.42 -111.84
N PRO OA 155 -50.31 -9.81 -112.88
CA PRO OA 155 -51.71 -10.14 -113.26
C PRO OA 155 -51.81 -11.50 -113.94
N VAL OA 156 -51.57 -12.56 -113.17
CA VAL OA 156 -51.48 -13.92 -113.67
C VAL OA 156 -52.32 -14.83 -112.79
N GLY OA 157 -52.57 -16.02 -113.31
CA GLY OA 157 -53.12 -17.09 -112.51
C GLY OA 157 -52.05 -17.76 -111.67
N PRO OA 158 -52.43 -18.85 -111.01
CA PRO OA 158 -51.44 -19.61 -110.23
C PRO OA 158 -50.54 -20.41 -111.16
N LYS OA 159 -49.44 -20.87 -110.60
CA LYS OA 159 -48.58 -21.78 -111.35
C LYS OA 159 -49.19 -23.18 -111.32
N GLN OA 160 -49.25 -23.82 -112.49
CA GLN OA 160 -49.97 -25.08 -112.65
C GLN OA 160 -48.98 -26.23 -112.70
N TYR OA 161 -49.24 -27.28 -111.92
CA TYR OA 161 -48.34 -28.39 -111.80
C TYR OA 161 -49.06 -29.70 -112.12
N PRO OA 162 -48.45 -30.57 -112.91
CA PRO OA 162 -49.10 -31.84 -113.29
C PRO OA 162 -49.10 -32.83 -112.14
N TYR OA 163 -49.80 -33.95 -112.38
CA TYR OA 163 -49.82 -35.14 -111.50
C TYR OA 163 -50.38 -34.80 -110.12
N ASN OA 164 -51.49 -34.05 -110.11
CA ASN OA 164 -52.22 -33.62 -108.91
C ASN OA 164 -51.31 -32.80 -107.97
N ASN OA 165 -50.78 -31.72 -108.54
CA ASN OA 165 -49.82 -30.80 -107.90
C ASN OA 165 -48.60 -31.56 -107.39
N LEU OA 166 -48.15 -32.52 -108.20
CA LEU OA 166 -46.98 -33.38 -107.96
C LEU OA 166 -47.09 -34.11 -106.61
N TYR OA 167 -48.09 -35.00 -106.54
CA TYR OA 167 -48.44 -35.64 -105.28
C TYR OA 167 -47.34 -36.55 -104.78
N LEU OA 168 -46.78 -37.39 -105.66
CA LEU OA 168 -45.72 -38.29 -105.24
C LEU OA 168 -44.41 -37.57 -104.96
N GLU OA 169 -44.14 -36.45 -105.64
CA GLU OA 169 -42.86 -35.77 -105.49
C GLU OA 169 -42.77 -34.98 -104.19
N ARG OA 170 -43.91 -34.55 -103.64
CA ARG OA 170 -43.93 -33.91 -102.34
C ARG OA 170 -43.87 -34.89 -101.18
N GLY OA 171 -43.73 -36.18 -101.45
CA GLY OA 171 -43.67 -37.18 -100.41
C GLY OA 171 -45.00 -37.76 -100.00
N GLY OA 172 -46.05 -37.58 -100.81
CA GLY OA 172 -47.32 -38.23 -100.52
C GLY OA 172 -47.21 -39.74 -100.73
N ASP OA 173 -47.87 -40.48 -99.86
CA ASP OA 173 -47.76 -41.93 -99.92
C ASP OA 173 -48.69 -42.49 -101.00
N PRO OA 174 -48.25 -43.53 -101.73
CA PRO OA 174 -49.06 -44.02 -102.85
C PRO OA 174 -50.25 -44.87 -102.43
N ASN OA 175 -50.27 -45.38 -101.20
CA ASN OA 175 -51.39 -46.19 -100.74
C ASN OA 175 -52.63 -45.36 -100.42
N LYS OA 176 -52.51 -44.04 -100.38
CA LYS OA 176 -53.66 -43.15 -100.37
C LYS OA 176 -53.99 -42.73 -101.80
N GLU OA 177 -54.90 -41.77 -101.95
CA GLU OA 177 -55.19 -41.21 -103.25
C GLU OA 177 -55.62 -39.76 -103.05
N PRO OA 178 -55.02 -38.82 -103.77
CA PRO OA 178 -55.40 -37.41 -103.61
C PRO OA 178 -56.69 -37.10 -104.36
N GLU OA 179 -57.14 -35.85 -104.20
CA GLU OA 179 -58.28 -35.37 -104.95
C GLU OA 179 -57.89 -35.20 -106.43
N PRO OA 180 -58.87 -35.30 -107.35
CA PRO OA 180 -58.54 -35.09 -108.77
C PRO OA 180 -58.24 -33.63 -109.06
N VAL OA 181 -56.96 -33.30 -109.24
CA VAL OA 181 -56.54 -31.97 -109.64
C VAL OA 181 -56.23 -32.04 -111.14
N VAL OA 182 -57.13 -31.50 -111.95
CA VAL OA 182 -57.05 -31.59 -113.40
C VAL OA 182 -56.99 -30.17 -113.96
N HIS OA 183 -56.02 -29.90 -114.81
CA HIS OA 183 -55.85 -28.60 -115.45
C HIS OA 183 -56.20 -28.70 -116.92
N TYR OA 184 -56.74 -27.60 -117.46
CA TYR OA 184 -57.26 -27.58 -118.82
C TYR OA 184 -56.61 -26.46 -119.61
N GLU OA 185 -57.05 -26.33 -120.87
CA GLU OA 185 -56.49 -25.34 -121.78
C GLU OA 185 -57.31 -24.05 -121.76
N ILE OA 186 -56.63 -22.95 -122.07
CA ILE OA 186 -57.26 -21.64 -122.15
C ILE OA 186 -56.56 -20.78 -123.18
N THR PA 52 8.71 11.25 -32.35
CA THR PA 52 9.22 9.89 -32.29
C THR PA 52 9.15 9.21 -33.67
N LEU PA 53 9.85 8.09 -33.80
CA LEU PA 53 10.00 7.39 -35.07
C LEU PA 53 9.48 5.97 -34.93
N ARG PA 54 9.59 5.21 -36.02
CA ARG PA 54 9.02 3.89 -36.17
C ARG PA 54 10.13 2.84 -35.98
N TRP PA 55 9.84 1.56 -36.23
CA TRP PA 55 10.70 0.47 -35.77
C TRP PA 55 11.94 0.33 -36.65
N GLN PA 56 12.76 -0.66 -36.33
CA GLN PA 56 13.97 -0.99 -37.09
C GLN PA 56 13.62 -2.04 -38.13
N GLU PA 57 13.83 -1.70 -39.40
CA GLU PA 57 13.35 -2.51 -40.51
C GLU PA 57 14.42 -2.63 -41.58
N ASP PA 58 14.69 -3.84 -42.04
CA ASP PA 58 15.39 -4.01 -43.29
C ASP PA 58 14.58 -3.37 -44.41
N PRO PA 59 15.18 -2.52 -45.24
CA PRO PA 59 14.44 -1.92 -46.36
C PRO PA 59 14.06 -2.97 -47.38
N GLU PA 60 12.93 -2.72 -48.05
CA GLU PA 60 12.39 -3.62 -49.07
C GLU PA 60 13.38 -3.74 -50.22
N PRO PA 61 14.02 -4.90 -50.37
CA PRO PA 61 15.15 -5.01 -51.28
C PRO PA 61 14.71 -4.98 -52.73
N GLU PA 62 15.65 -4.64 -53.60
CA GLU PA 62 15.39 -4.54 -55.03
C GLU PA 62 15.09 -5.91 -55.61
N ASP PA 63 14.35 -5.92 -56.70
CA ASP PA 63 14.08 -7.15 -57.41
C ASP PA 63 15.26 -7.51 -58.30
N GLU PA 64 15.63 -8.79 -58.28
CA GLU PA 64 16.74 -9.27 -59.09
C GLU PA 64 16.34 -9.37 -60.55
N ASN PA 65 17.32 -9.16 -61.42
CA ASN PA 65 17.17 -9.34 -62.86
C ASN PA 65 18.06 -10.52 -63.24
N LEU PA 66 17.43 -11.62 -63.67
CA LEU PA 66 18.18 -12.81 -64.00
C LEU PA 66 18.95 -12.67 -65.31
N TYR PA 67 18.59 -11.71 -66.15
CA TYR PA 67 19.34 -11.50 -67.39
C TYR PA 67 20.56 -10.60 -67.20
N GLU PA 68 20.80 -10.10 -65.98
CA GLU PA 68 22.04 -9.37 -65.72
C GLU PA 68 23.22 -10.32 -65.60
N LYS PA 69 23.17 -11.24 -64.62
CA LYS PA 69 24.29 -12.14 -64.40
C LYS PA 69 24.37 -13.21 -65.48
N ASN PA 70 23.24 -13.82 -65.83
CA ASN PA 70 23.18 -14.87 -66.84
C ASN PA 70 22.36 -14.34 -68.00
N PRO PA 71 22.99 -13.89 -69.08
CA PRO PA 71 22.22 -13.51 -70.28
C PRO PA 71 21.55 -14.70 -70.95
N ASP PA 72 22.01 -15.93 -70.71
CA ASP PA 72 21.36 -17.13 -71.22
C ASP PA 72 20.44 -17.77 -70.19
N SER PA 73 19.81 -16.97 -69.33
CA SER PA 73 18.96 -17.52 -68.28
C SER PA 73 17.62 -17.98 -68.84
N HIS PA 74 17.20 -19.18 -68.44
CA HIS PA 74 15.86 -19.66 -68.74
C HIS PA 74 14.86 -19.25 -67.66
N GLY PA 75 15.32 -18.72 -66.54
CA GLY PA 75 14.44 -18.25 -65.49
C GLY PA 75 14.22 -19.21 -64.34
N TYR PA 76 14.91 -20.34 -64.33
CA TYR PA 76 14.70 -21.34 -63.30
C TYR PA 76 15.56 -21.08 -62.07
N ASP PA 77 16.85 -20.81 -62.24
CA ASP PA 77 17.71 -20.47 -61.12
C ASP PA 77 18.82 -19.56 -61.62
N LYS PA 78 19.38 -18.78 -60.68
CA LYS PA 78 20.47 -17.86 -61.02
C LYS PA 78 21.76 -18.60 -61.35
N ASP PA 79 21.93 -19.82 -60.84
CA ASP PA 79 23.01 -20.70 -61.27
C ASP PA 79 22.74 -21.13 -62.71
N PRO PA 80 23.68 -20.92 -63.65
CA PRO PA 80 23.41 -21.28 -65.05
C PRO PA 80 23.24 -22.77 -65.31
N ALA PA 81 24.03 -23.63 -64.66
CA ALA PA 81 23.95 -25.06 -64.93
C ALA PA 81 22.66 -25.67 -64.37
N VAL PA 82 22.26 -25.24 -63.17
CA VAL PA 82 20.98 -25.65 -62.59
C VAL PA 82 19.83 -25.13 -63.45
N ASP PA 83 19.97 -23.94 -64.03
CA ASP PA 83 18.96 -23.40 -64.93
C ASP PA 83 18.86 -24.22 -66.21
N VAL PA 84 19.99 -24.63 -66.77
CA VAL PA 84 19.98 -25.44 -67.99
C VAL PA 84 19.38 -26.82 -67.72
N TRP PA 85 19.76 -27.46 -66.62
CA TRP PA 85 19.22 -28.80 -66.38
C TRP PA 85 17.76 -28.75 -65.93
N ASN PA 86 17.33 -27.66 -65.30
CA ASN PA 86 15.90 -27.50 -65.00
C ASN PA 86 15.10 -27.30 -66.27
N MET PA 87 15.62 -26.50 -67.20
CA MET PA 87 15.02 -26.35 -68.52
C MET PA 87 14.92 -27.68 -69.24
N ARG PA 88 15.98 -28.50 -69.16
CA ARG PA 88 15.99 -29.80 -69.82
C ARG PA 88 15.00 -30.76 -69.19
N VAL PA 89 14.89 -30.76 -67.86
CA VAL PA 89 13.93 -31.63 -67.18
C VAL PA 89 12.50 -31.23 -67.52
N VAL PA 90 12.21 -29.93 -67.49
CA VAL PA 90 10.89 -29.42 -67.87
C VAL PA 90 10.54 -29.81 -69.31
N PHE PA 91 11.43 -29.49 -70.26
CA PHE PA 91 11.12 -29.74 -71.66
C PHE PA 91 11.06 -31.23 -71.99
N PHE PA 92 12.00 -32.02 -71.47
CA PHE PA 92 12.01 -33.45 -71.77
C PHE PA 92 10.82 -34.14 -71.12
N PHE PA 93 10.72 -34.12 -69.79
CA PHE PA 93 9.63 -34.77 -69.10
C PHE PA 93 8.29 -34.05 -69.24
N GLY PA 94 8.19 -32.96 -70.00
CA GLY PA 94 6.88 -32.42 -70.30
C GLY PA 94 6.44 -32.67 -71.71
N PHE PA 95 7.34 -32.51 -72.68
CA PHE PA 95 6.97 -32.61 -74.07
C PHE PA 95 7.43 -33.90 -74.72
N SER PA 96 8.66 -34.35 -74.44
CA SER PA 96 9.17 -35.52 -75.12
C SER PA 96 8.50 -36.78 -74.57
N ILE PA 97 8.28 -36.83 -73.26
CA ILE PA 97 7.64 -37.99 -72.66
C ILE PA 97 6.13 -37.79 -72.65
N VAL PA 98 5.66 -36.79 -71.90
CA VAL PA 98 4.26 -36.79 -71.47
C VAL PA 98 3.32 -36.42 -72.61
N LEU PA 99 3.58 -35.31 -73.31
CA LEU PA 99 2.68 -34.90 -74.39
C LEU PA 99 2.72 -35.85 -75.58
N VAL PA 100 3.91 -36.31 -75.98
CA VAL PA 100 4.03 -37.19 -77.13
C VAL PA 100 3.44 -38.57 -76.83
N LEU PA 101 3.88 -39.19 -75.73
CA LEU PA 101 3.32 -40.48 -75.35
C LEU PA 101 1.87 -40.39 -74.90
N GLY PA 102 1.39 -39.21 -74.51
CA GLY PA 102 0.00 -39.02 -74.17
C GLY PA 102 -0.87 -38.97 -75.40
N SER PA 103 -0.44 -38.22 -76.42
CA SER PA 103 -1.13 -38.22 -77.69
C SER PA 103 -1.13 -39.61 -78.32
N THR PA 104 -0.03 -40.34 -78.17
CA THR PA 104 0.06 -41.67 -78.76
C THR PA 104 -0.72 -42.70 -77.95
N PHE PA 105 -0.83 -42.52 -76.63
CA PHE PA 105 -1.55 -43.45 -75.77
C PHE PA 105 -3.05 -43.23 -75.85
N VAL PA 106 -3.49 -41.97 -75.74
CA VAL PA 106 -4.90 -41.62 -75.89
C VAL PA 106 -5.36 -41.88 -77.32
N ALA PA 107 -4.47 -41.71 -78.30
CA ALA PA 107 -4.81 -42.03 -79.68
C ALA PA 107 -5.09 -43.51 -79.87
N TYR PA 108 -4.40 -44.38 -79.12
CA TYR PA 108 -4.59 -45.82 -79.24
C TYR PA 108 -5.14 -46.44 -77.96
N LEU PA 109 -6.13 -45.78 -77.36
CA LEU PA 109 -6.88 -46.43 -76.30
C LEU PA 109 -7.71 -47.57 -76.87
N PRO PA 110 -7.80 -48.69 -76.18
CA PRO PA 110 -8.53 -49.84 -76.71
C PRO PA 110 -10.04 -49.65 -76.66
N ASP PA 111 -10.60 -48.91 -77.63
CA ASP PA 111 -12.05 -48.72 -77.80
C ASP PA 111 -12.67 -48.15 -76.53
N TYR PA 112 -12.33 -46.90 -76.26
CA TYR PA 112 -12.68 -46.20 -75.02
C TYR PA 112 -14.17 -46.21 -74.78
N ARG PA 113 -14.57 -46.98 -73.76
CA ARG PA 113 -15.96 -47.28 -73.40
C ARG PA 113 -16.70 -47.98 -74.54
N MET PA 114 -15.98 -48.89 -75.22
CA MET PA 114 -16.50 -49.98 -76.07
C MET PA 114 -17.43 -49.48 -77.18
N GLN PA 115 -17.13 -48.29 -77.71
CA GLN PA 115 -17.99 -47.66 -78.71
C GLN PA 115 -17.87 -48.33 -80.08
N GLU PA 116 -16.66 -48.75 -80.47
CA GLU PA 116 -16.51 -49.48 -81.72
C GLU PA 116 -17.14 -50.86 -81.64
N TRP PA 117 -17.06 -51.50 -80.46
CA TRP PA 117 -17.82 -52.71 -80.22
C TRP PA 117 -19.31 -52.47 -80.36
N ALA PA 118 -19.80 -51.34 -79.86
CA ALA PA 118 -21.22 -51.03 -79.93
C ALA PA 118 -21.67 -50.84 -81.37
N ARG PA 119 -20.84 -50.20 -82.19
CA ARG PA 119 -21.12 -50.10 -83.62
C ARG PA 119 -21.14 -51.47 -84.28
N ARG PA 120 -20.17 -52.32 -83.96
CA ARG PA 120 -20.07 -53.64 -84.57
C ARG PA 120 -21.22 -54.56 -84.11
N GLU PA 121 -21.68 -54.39 -82.87
CA GLU PA 121 -22.77 -55.18 -82.35
C GLU PA 121 -24.11 -54.70 -82.88
N ALA PA 122 -24.27 -53.39 -83.07
CA ALA PA 122 -25.44 -52.88 -83.78
C ALA PA 122 -25.48 -53.40 -85.21
N GLU PA 123 -24.33 -53.45 -85.88
CA GLU PA 123 -24.24 -54.06 -87.21
C GLU PA 123 -24.66 -55.53 -87.20
N ARG PA 124 -24.19 -56.29 -86.20
CA ARG PA 124 -24.51 -57.72 -86.11
C ARG PA 124 -26.00 -57.93 -85.84
N LEU PA 125 -26.57 -57.19 -84.90
CA LEU PA 125 -27.99 -57.39 -84.56
C LEU PA 125 -28.93 -56.88 -85.63
N VAL PA 126 -28.57 -55.78 -86.31
CA VAL PA 126 -29.42 -55.29 -87.40
C VAL PA 126 -29.33 -56.21 -88.61
N LYS PA 127 -28.13 -56.76 -88.89
CA LYS PA 127 -28.02 -57.74 -89.97
C LYS PA 127 -28.81 -59.01 -89.64
N TYR PA 128 -28.87 -59.37 -88.36
CA TYR PA 128 -29.69 -60.49 -87.94
C TYR PA 128 -31.17 -60.22 -88.15
N ARG PA 129 -31.67 -59.12 -87.60
CA ARG PA 129 -33.12 -58.91 -87.57
C ARG PA 129 -33.68 -58.23 -88.81
N GLU PA 130 -32.84 -57.79 -89.75
CA GLU PA 130 -33.35 -57.31 -91.03
C GLU PA 130 -33.55 -58.45 -92.02
N ALA PA 131 -32.73 -59.50 -91.95
CA ALA PA 131 -32.90 -60.64 -92.83
C ALA PA 131 -34.06 -61.54 -92.41
N HIS PA 132 -34.60 -61.35 -91.21
CA HIS PA 132 -35.73 -62.15 -90.73
C HIS PA 132 -37.00 -61.33 -90.59
N GLY PA 133 -37.06 -60.14 -91.19
CA GLY PA 133 -38.27 -59.34 -91.16
C GLY PA 133 -38.65 -58.74 -89.82
N LEU PA 134 -37.78 -58.84 -88.81
CA LEU PA 134 -38.10 -58.27 -87.52
C LEU PA 134 -37.93 -56.75 -87.55
N PRO PA 135 -38.69 -56.02 -86.75
CA PRO PA 135 -38.44 -54.58 -86.61
C PRO PA 135 -37.12 -54.31 -85.92
N LEU PA 136 -36.59 -53.11 -86.14
CA LEU PA 136 -35.25 -52.78 -85.67
C LEU PA 136 -35.19 -52.56 -84.16
N MET PA 137 -36.32 -52.21 -83.54
CA MET PA 137 -36.33 -51.90 -82.11
C MET PA 137 -37.77 -51.97 -81.61
N GLU PA 138 -37.93 -52.40 -80.38
CA GLU PA 138 -39.24 -52.44 -79.74
C GLU PA 138 -39.40 -51.26 -78.80
N SER PA 139 -40.65 -50.86 -78.58
CA SER PA 139 -40.93 -49.85 -77.56
C SER PA 139 -40.76 -50.44 -76.17
N ASN PA 140 -41.13 -51.70 -75.98
CA ASN PA 140 -40.89 -52.40 -74.74
C ASN PA 140 -39.41 -52.75 -74.63
N CYS PA 141 -38.72 -52.17 -73.64
CA CYS PA 141 -37.30 -52.44 -73.48
C CYS PA 141 -37.03 -53.86 -72.96
N PHE PA 142 -37.98 -54.43 -72.24
CA PHE PA 142 -37.91 -55.80 -71.77
C PHE PA 142 -39.05 -56.60 -72.38
N ASP PA 143 -39.17 -57.85 -71.99
CA ASP PA 143 -40.32 -58.66 -72.40
C ASP PA 143 -41.55 -58.15 -71.64
N PRO PA 144 -42.63 -57.78 -72.33
CA PRO PA 144 -43.85 -57.35 -71.61
C PRO PA 144 -44.60 -58.48 -70.93
N SER PA 145 -44.27 -59.75 -71.22
CA SER PA 145 -44.93 -60.86 -70.54
C SER PA 145 -44.47 -60.99 -69.10
N LYS PA 146 -43.21 -60.70 -68.82
CA LYS PA 146 -42.62 -60.91 -67.50
C LYS PA 146 -42.73 -59.67 -66.61
N ILE PA 147 -43.76 -58.85 -66.81
CA ILE PA 147 -43.97 -57.63 -66.05
C ILE PA 147 -45.32 -57.73 -65.36
N GLN PA 148 -45.34 -57.50 -64.03
CA GLN PA 148 -46.57 -57.46 -63.26
C GLN PA 148 -47.00 -56.02 -63.11
N LEU PA 149 -48.02 -55.66 -63.80
CA LEU PA 149 -48.51 -54.31 -63.59
C LEU PA 149 -49.37 -54.27 -62.34
N PRO PA 150 -49.45 -53.13 -61.64
CA PRO PA 150 -50.35 -53.03 -60.49
C PRO PA 150 -51.81 -53.06 -60.93
N GLU PA 151 -52.53 -54.07 -60.48
CA GLU PA 151 -53.86 -54.36 -60.99
C GLU PA 151 -54.91 -53.47 -60.33
N ASP PA 152 -55.89 -53.06 -61.12
CA ASP PA 152 -56.95 -52.18 -60.66
C ASP PA 152 -58.15 -52.32 -61.58
N LYS QA 28 39.05 -28.74 -30.11
CA LYS QA 28 37.92 -28.24 -29.33
C LYS QA 28 37.23 -27.09 -30.03
N PHE QA 29 35.93 -26.95 -29.79
CA PHE QA 29 35.19 -25.77 -30.19
C PHE QA 29 34.59 -25.04 -29.00
N TYR QA 30 33.93 -25.75 -28.10
CA TYR QA 30 33.10 -25.13 -27.09
C TYR QA 30 33.91 -24.71 -25.88
N ILE QA 31 33.54 -23.57 -25.31
CA ILE QA 31 34.22 -23.07 -24.13
C ILE QA 31 33.81 -23.86 -22.89
N GLN QA 32 32.53 -24.22 -22.79
CA GLN QA 32 32.02 -25.10 -21.75
C GLN QA 32 31.58 -26.40 -22.40
N GLU QA 33 31.97 -27.53 -21.79
CA GLU QA 33 31.72 -28.82 -22.39
C GLU QA 33 30.23 -29.16 -22.35
N PRO QA 34 29.61 -29.47 -23.48
CA PRO QA 34 28.16 -29.67 -23.48
C PRO QA 34 27.78 -30.99 -22.84
N PRO QA 35 26.54 -31.12 -22.36
CA PRO QA 35 26.10 -32.42 -21.84
C PRO QA 35 25.94 -33.47 -22.93
N HIS QA 36 25.74 -33.04 -24.17
CA HIS QA 36 25.49 -33.94 -25.29
C HIS QA 36 26.69 -34.03 -26.23
N GLY QA 37 27.87 -33.59 -25.78
CA GLY QA 37 29.05 -33.73 -26.61
C GLY QA 37 29.50 -35.18 -26.71
N SER QA 38 29.76 -35.80 -25.56
CA SER QA 38 30.05 -37.22 -25.55
C SER QA 38 28.75 -38.02 -25.52
N PRO QA 39 28.67 -39.15 -26.21
CA PRO QA 39 27.44 -39.94 -26.18
C PRO QA 39 27.25 -40.62 -24.84
N ASN QA 40 25.98 -40.77 -24.46
CA ASN QA 40 25.63 -41.35 -23.16
C ASN QA 40 25.44 -42.84 -23.36
N TRP QA 41 26.53 -43.60 -23.17
CA TRP QA 41 26.55 -45.01 -23.54
C TRP QA 41 25.65 -45.87 -22.65
N LEU QA 42 25.44 -45.48 -21.39
CA LEU QA 42 24.44 -46.16 -20.57
C LEU QA 42 23.04 -45.92 -21.11
N LYS QA 43 22.76 -44.71 -21.58
CA LYS QA 43 21.44 -44.39 -22.12
C LYS QA 43 21.19 -45.09 -23.44
N VAL QA 44 22.21 -45.15 -24.31
CA VAL QA 44 22.06 -45.85 -25.58
C VAL QA 44 21.95 -47.35 -25.36
N GLY QA 45 22.68 -47.86 -24.36
CA GLY QA 45 22.58 -49.27 -24.03
C GLY QA 45 21.22 -49.66 -23.50
N LEU QA 46 20.68 -48.86 -22.59
CA LEU QA 46 19.32 -49.10 -22.08
C LEU QA 46 18.28 -48.97 -23.19
N THR QA 47 18.45 -47.98 -24.08
CA THR QA 47 17.52 -47.77 -25.19
C THR QA 47 17.49 -48.95 -26.13
N LEU QA 48 18.65 -49.34 -26.65
CA LEU QA 48 18.72 -50.45 -27.62
C LEU QA 48 18.37 -51.78 -26.97
N GLY QA 49 18.75 -51.98 -25.70
CA GLY QA 49 18.44 -53.23 -25.04
C GLY QA 49 16.95 -53.39 -24.76
N THR QA 50 16.31 -52.33 -24.25
CA THR QA 50 14.88 -52.39 -23.99
C THR QA 50 14.09 -52.49 -25.29
N SER QA 51 14.57 -51.81 -26.34
CA SER QA 51 13.91 -51.86 -27.64
C SER QA 51 13.98 -53.26 -28.24
N ALA QA 52 15.16 -53.87 -28.25
CA ALA QA 52 15.31 -55.21 -28.80
C ALA QA 52 14.64 -56.27 -27.92
N PHE QA 53 14.56 -56.04 -26.62
CA PHE QA 53 13.81 -56.92 -25.74
C PHE QA 53 12.32 -56.86 -26.06
N LEU QA 54 11.79 -55.66 -26.32
CA LEU QA 54 10.41 -55.55 -26.76
C LEU QA 54 10.18 -56.18 -28.12
N TRP QA 55 11.16 -56.09 -29.02
CA TRP QA 55 11.02 -56.72 -30.33
C TRP QA 55 10.98 -58.24 -30.23
N ILE QA 56 11.85 -58.82 -29.41
CA ILE QA 56 11.84 -60.28 -29.33
C ILE QA 56 10.66 -60.78 -28.51
N TYR QA 57 10.21 -60.02 -27.52
CA TYR QA 57 9.00 -60.38 -26.79
C TYR QA 57 7.76 -60.26 -27.68
N LEU QA 58 7.75 -59.29 -28.60
CA LEU QA 58 6.62 -59.13 -29.51
C LEU QA 58 6.61 -60.23 -30.57
N ILE QA 59 7.78 -60.61 -31.09
CA ILE QA 59 7.86 -61.71 -32.06
C ILE QA 59 7.46 -63.03 -31.41
N LYS QA 60 7.92 -63.27 -30.18
CA LYS QA 60 7.52 -64.48 -29.47
C LYS QA 60 6.04 -64.49 -29.13
N GLN QA 61 5.49 -63.32 -28.77
CA GLN QA 61 4.06 -63.20 -28.51
C GLN QA 61 3.24 -63.45 -29.77
N HIS QA 62 3.70 -62.95 -30.91
CA HIS QA 62 2.95 -63.16 -32.16
C HIS QA 62 3.02 -64.60 -32.62
N ASN QA 63 4.17 -65.26 -32.42
CA ASN QA 63 4.27 -66.68 -32.78
C ASN QA 63 3.45 -67.54 -31.83
N GLU QA 64 3.44 -67.19 -30.54
CA GLU QA 64 2.60 -67.89 -29.57
C GLU QA 64 1.12 -67.68 -29.86
N ASP QA 65 0.76 -66.50 -30.37
CA ASP QA 65 -0.64 -66.21 -30.68
C ASP QA 65 -1.09 -66.93 -31.95
N VAL QA 66 -0.22 -67.01 -32.98
CA VAL QA 66 -0.63 -67.74 -34.17
C VAL QA 66 -0.68 -69.24 -33.88
N LEU QA 67 0.20 -69.74 -33.01
CA LEU QA 67 0.13 -71.17 -32.65
C LEU QA 67 -1.11 -71.46 -31.80
N GLU QA 68 -1.46 -70.54 -30.89
CA GLU QA 68 -2.64 -70.74 -30.06
C GLU QA 68 -3.92 -70.61 -30.87
N TYR QA 69 -3.95 -69.72 -31.85
CA TYR QA 69 -5.09 -69.64 -32.76
C TYR QA 69 -5.22 -70.90 -33.60
N LYS QA 70 -4.11 -71.36 -34.19
CA LYS QA 70 -4.13 -72.56 -35.02
C LYS QA 70 -4.34 -73.83 -34.21
N ARG QA 71 -4.25 -73.76 -32.87
CA ARG QA 71 -4.70 -74.89 -32.06
C ARG QA 71 -6.16 -74.76 -31.64
N ARG QA 72 -6.59 -73.56 -31.19
CA ARG QA 72 -7.93 -73.38 -30.65
C ARG QA 72 -9.00 -73.53 -31.73
N ASN QA 73 -8.73 -73.04 -32.94
CA ASN QA 73 -9.64 -73.35 -34.04
C ASN QA 73 -9.18 -74.55 -34.87
N GLY QA 74 -7.99 -75.07 -34.61
CA GLY QA 74 -7.53 -76.29 -35.27
C GLY QA 74 -7.23 -76.11 -36.75
N LEU QA 75 -6.19 -75.33 -37.06
CA LEU QA 75 -5.83 -75.02 -38.45
C LEU QA 75 -4.36 -75.37 -38.63
N GLU QA 76 -4.10 -76.63 -38.95
CA GLU QA 76 -2.72 -77.11 -39.07
C GLU QA 76 -2.46 -77.73 -40.43
N ARG RA 9 24.42 -45.98 -54.12
CA ARG RA 9 24.39 -45.39 -55.45
C ARG RA 9 24.63 -43.89 -55.34
N ASP RA 10 25.30 -43.32 -56.34
CA ASP RA 10 25.60 -41.89 -56.34
C ASP RA 10 24.36 -41.04 -56.60
N HIS RA 11 23.31 -41.62 -57.17
CA HIS RA 11 22.07 -40.92 -57.50
C HIS RA 11 20.88 -41.75 -57.03
N TRP RA 12 20.93 -42.17 -55.76
CA TRP RA 12 19.89 -43.00 -55.16
C TRP RA 12 18.56 -42.29 -55.02
N ILE RA 13 18.53 -40.96 -55.10
CA ILE RA 13 17.33 -40.21 -54.73
C ILE RA 13 16.27 -40.24 -55.81
N HIS RA 14 16.63 -40.65 -57.02
CA HIS RA 14 15.72 -40.60 -58.15
C HIS RA 14 14.88 -41.87 -58.30
N VAL RA 15 14.86 -42.73 -57.30
CA VAL RA 15 14.04 -43.95 -57.35
C VAL RA 15 12.98 -43.96 -56.26
N LEU RA 16 12.72 -42.83 -55.62
CA LEU RA 16 11.70 -42.83 -54.56
C LEU RA 16 10.30 -42.97 -55.13
N VAL RA 17 10.04 -42.30 -56.25
CA VAL RA 17 8.76 -42.38 -56.95
C VAL RA 17 8.62 -43.63 -57.83
N PRO RA 18 9.62 -44.11 -58.60
CA PRO RA 18 9.41 -45.39 -59.30
C PRO RA 18 9.29 -46.61 -58.40
N VAL RA 19 10.04 -46.68 -57.29
CA VAL RA 19 9.80 -47.77 -56.33
C VAL RA 19 8.43 -47.58 -55.66
N GLY RA 20 7.99 -46.33 -55.51
CA GLY RA 20 6.64 -46.08 -55.03
C GLY RA 20 5.56 -46.60 -55.97
N PHE RA 21 5.79 -46.45 -57.29
CA PHE RA 21 4.82 -46.96 -58.25
C PHE RA 21 4.88 -48.47 -58.36
N VAL RA 22 6.07 -49.06 -58.23
CA VAL RA 22 6.19 -50.52 -58.24
C VAL RA 22 5.53 -51.13 -57.01
N PHE RA 23 5.71 -50.51 -55.84
CA PHE RA 23 5.09 -51.01 -54.62
C PHE RA 23 3.58 -50.77 -54.63
N GLY RA 24 3.14 -49.66 -55.22
CA GLY RA 24 1.71 -49.42 -55.35
C GLY RA 24 1.03 -50.39 -56.29
N TYR RA 25 1.66 -50.69 -57.42
CA TYR RA 25 1.10 -51.66 -58.35
C TYR RA 25 1.15 -53.08 -57.79
N TYR RA 26 2.19 -53.38 -57.00
CA TYR RA 26 2.28 -54.66 -56.29
C TYR RA 26 1.12 -54.83 -55.31
N LEU RA 27 0.85 -53.80 -54.51
CA LEU RA 27 -0.27 -53.88 -53.58
C LEU RA 27 -1.62 -53.82 -54.28
N ASP RA 28 -1.70 -53.22 -55.47
CA ASP RA 28 -2.92 -53.29 -56.25
C ASP RA 28 -3.18 -54.71 -56.75
N ARG RA 29 -2.12 -55.41 -57.17
CA ARG RA 29 -2.29 -56.83 -57.51
C ARG RA 29 -2.63 -57.67 -56.30
N LYS RA 30 -2.09 -57.33 -55.13
CA LYS RA 30 -2.44 -58.04 -53.91
C LYS RA 30 -3.89 -57.78 -53.49
N ASN RA 31 -4.40 -56.58 -53.77
CA ASN RA 31 -5.80 -56.30 -53.46
C ASN RA 31 -6.72 -56.94 -54.49
N ASP RA 32 -6.27 -57.08 -55.73
CA ASP RA 32 -7.01 -57.87 -56.71
C ASP RA 32 -7.04 -59.34 -56.31
N GLU RA 33 -5.98 -59.83 -55.65
CA GLU RA 33 -6.01 -61.17 -55.07
C GLU RA 33 -7.01 -61.25 -53.92
N LYS RA 34 -7.06 -60.22 -53.07
CA LYS RA 34 -8.01 -60.22 -51.97
C LYS RA 34 -9.44 -59.90 -52.40
N LEU RA 35 -9.67 -59.58 -53.68
CA LEU RA 35 -11.03 -59.39 -54.16
C LEU RA 35 -11.40 -60.47 -55.18
N ALA RA 36 -11.05 -61.72 -54.88
CA ALA RA 36 -11.26 -62.85 -55.79
C ALA RA 36 -12.50 -63.66 -55.44
N ALA RA 37 -13.54 -63.00 -54.91
CA ALA RA 37 -14.72 -63.72 -54.45
C ALA RA 37 -15.53 -64.28 -55.60
N PHE RA 38 -15.78 -63.48 -56.63
CA PHE RA 38 -16.56 -63.92 -57.78
C PHE RA 38 -15.71 -64.20 -59.01
N ARG RA 39 -14.44 -64.57 -58.82
CA ARG RA 39 -13.63 -65.03 -59.94
C ARG RA 39 -14.21 -66.31 -60.53
N ASN RA 40 -14.52 -66.25 -61.83
CA ASN RA 40 -15.18 -67.32 -62.58
C ASN RA 40 -16.52 -67.71 -61.95
N LYS RA 41 -17.24 -66.73 -61.42
CA LYS RA 41 -18.56 -66.97 -60.86
C LYS RA 41 -19.61 -66.02 -61.39
N SER RA 42 -19.23 -65.03 -62.19
CA SER RA 42 -20.19 -64.13 -62.81
C SER RA 42 -21.04 -64.88 -63.83
N LEU RA 43 -22.32 -64.55 -63.88
CA LEU RA 43 -23.22 -65.20 -64.83
C LEU RA 43 -22.99 -64.73 -66.26
N LEU RA 44 -22.16 -63.70 -66.46
CA LEU RA 44 -21.77 -63.32 -67.80
C LEU RA 44 -20.55 -64.13 -68.24
N TYR RA 45 -19.63 -64.43 -67.32
CA TYR RA 45 -18.35 -65.00 -67.72
C TYR RA 45 -17.98 -66.29 -66.99
N LYS RA 46 -18.93 -67.01 -66.40
CA LYS RA 46 -18.57 -68.30 -65.84
C LYS RA 46 -18.42 -69.32 -66.98
N ARG RA 47 -17.28 -70.00 -66.99
CA ARG RA 47 -16.95 -70.91 -68.07
C ARG RA 47 -16.11 -72.05 -67.51
N GLU RA 48 -16.18 -73.19 -68.20
CA GLU RA 48 -15.26 -74.28 -67.88
C GLU RA 48 -13.85 -73.89 -68.30
N LEU RA 49 -12.89 -74.24 -67.45
CA LEU RA 49 -11.53 -73.75 -67.62
C LEU RA 49 -10.83 -74.47 -68.77
N LYS RA 50 -9.84 -73.79 -69.34
CA LYS RA 50 -8.97 -74.40 -70.33
C LYS RA 50 -8.05 -75.41 -69.63
N PRO RA 51 -7.49 -76.35 -70.39
CA PRO RA 51 -6.44 -77.21 -69.82
C PRO RA 51 -5.20 -76.40 -69.47
N GLN RA 52 -4.49 -76.88 -68.44
CA GLN RA 52 -3.27 -76.25 -67.88
C GLN RA 52 -3.54 -74.81 -67.42
N GLU RA 53 -4.72 -74.60 -66.85
CA GLU RA 53 -5.11 -73.30 -66.29
C GLU RA 53 -5.62 -73.53 -64.88
N GLU RA 54 -5.25 -72.63 -63.96
CA GLU RA 54 -5.65 -72.74 -62.56
C GLU RA 54 -6.60 -71.64 -62.11
N VAL RA 55 -6.47 -70.42 -62.66
CA VAL RA 55 -7.39 -69.31 -62.40
C VAL RA 55 -7.64 -68.60 -63.72
N THR RA 56 -8.78 -67.92 -63.81
CA THR RA 56 -9.10 -67.19 -65.02
C THR RA 56 -8.33 -65.88 -65.11
N TRP RA 57 -8.35 -65.08 -64.04
CA TRP RA 57 -7.51 -63.90 -63.94
C TRP RA 57 -6.72 -63.97 -62.64
N LYS RA 58 -5.45 -63.62 -62.73
CA LYS RA 58 -4.52 -63.80 -61.61
C LYS RA 58 -4.53 -62.59 -60.68
N MET SA 1 -3.28 -21.44 64.26
CA MET SA 1 -2.23 -21.99 63.43
C MET SA 1 -2.81 -22.67 62.19
N TRP SA 2 -2.25 -23.83 61.83
CA TRP SA 2 -2.68 -24.51 60.62
C TRP SA 2 -4.07 -25.12 60.74
N PHE SA 3 -4.59 -25.30 61.94
CA PHE SA 3 -5.91 -25.90 62.12
C PHE SA 3 -7.04 -24.88 61.97
N GLU SA 4 -6.72 -23.63 61.66
CA GLU SA 4 -7.73 -22.61 61.40
C GLU SA 4 -8.35 -22.76 60.02
N VAL SA 5 -7.72 -23.52 59.13
CA VAL SA 5 -8.28 -23.73 57.79
C VAL SA 5 -9.38 -24.77 57.81
N LEU SA 6 -9.44 -25.59 58.86
CA LEU SA 6 -10.37 -26.71 59.00
C LEU SA 6 -11.85 -26.37 59.20
N PRO SA 7 -12.26 -25.24 59.81
CA PRO SA 7 -13.68 -24.87 59.70
C PRO SA 7 -14.17 -24.65 58.28
N GLY SA 8 -13.42 -23.91 57.45
CA GLY SA 8 -13.82 -23.72 56.07
C GLY SA 8 -13.76 -24.99 55.25
N ILE SA 9 -12.79 -25.85 55.53
CA ILE SA 9 -12.70 -27.14 54.84
C ILE SA 9 -13.85 -28.05 55.28
N ALA SA 10 -14.27 -27.95 56.54
CA ALA SA 10 -15.41 -28.72 57.01
C ALA SA 10 -16.70 -28.25 56.37
N VAL SA 11 -16.86 -26.93 56.21
CA VAL SA 11 -18.05 -26.38 55.56
C VAL SA 11 -18.10 -26.81 54.09
N MET SA 12 -16.96 -26.68 53.38
CA MET SA 12 -16.88 -27.14 52.01
C MET SA 12 -17.09 -28.64 51.87
N GLY SA 13 -16.65 -29.42 52.86
CA GLY SA 13 -16.85 -30.85 52.82
C GLY SA 13 -18.30 -31.25 53.03
N VAL SA 14 -19.00 -30.56 53.92
CA VAL SA 14 -20.43 -30.79 54.07
C VAL SA 14 -21.17 -30.38 52.80
N CYS SA 15 -20.76 -29.27 52.19
CA CYS SA 15 -21.40 -28.84 50.94
C CYS SA 15 -21.11 -29.77 49.77
N LEU SA 16 -20.00 -30.51 49.80
CA LEU SA 16 -19.80 -31.55 48.79
C LEU SA 16 -20.48 -32.85 49.19
N PHE SA 17 -20.74 -33.05 50.48
CA PHE SA 17 -21.38 -34.26 50.99
C PHE SA 17 -22.89 -34.26 50.74
N ILE SA 18 -23.51 -33.08 50.74
CA ILE SA 18 -24.97 -32.95 50.64
C ILE SA 18 -25.56 -33.42 49.31
N PRO SA 19 -25.00 -33.12 48.10
CA PRO SA 19 -25.57 -33.72 46.88
C PRO SA 19 -25.57 -35.24 46.84
N GLY SA 20 -24.54 -35.89 47.38
CA GLY SA 20 -24.48 -37.34 47.32
C GLY SA 20 -25.46 -38.03 48.25
N MET SA 21 -25.50 -37.58 49.51
CA MET SA 21 -26.49 -38.07 50.46
C MET SA 21 -27.91 -37.74 50.00
N ALA SA 22 -28.08 -36.58 49.38
CA ALA SA 22 -29.39 -36.18 48.87
C ALA SA 22 -29.86 -37.12 47.76
N THR SA 23 -29.01 -37.36 46.76
CA THR SA 23 -29.44 -38.24 45.66
C THR SA 23 -29.57 -39.69 46.10
N ALA SA 24 -28.80 -40.13 47.10
CA ALA SA 24 -28.94 -41.50 47.60
C ALA SA 24 -30.26 -41.68 48.34
N ARG SA 25 -30.60 -40.76 49.24
CA ARG SA 25 -31.83 -40.88 49.98
C ARG SA 25 -33.05 -40.62 49.12
N ILE SA 26 -32.93 -39.79 48.08
CA ILE SA 26 -34.04 -39.54 47.18
C ILE SA 26 -34.28 -40.74 46.27
N HIS SA 27 -33.21 -41.43 45.85
CA HIS SA 27 -33.40 -42.66 45.09
C HIS SA 27 -33.99 -43.77 45.94
N ARG SA 28 -33.57 -43.89 47.20
CA ARG SA 28 -34.16 -44.90 48.07
C ARG SA 28 -35.61 -44.57 48.43
N PHE SA 29 -35.95 -43.29 48.60
CA PHE SA 29 -37.33 -42.92 48.93
C PHE SA 29 -38.25 -43.07 47.73
N SER SA 30 -37.78 -42.67 46.54
CA SER SA 30 -38.63 -42.66 45.35
C SER SA 30 -38.91 -44.05 44.80
N ASN SA 31 -38.15 -45.06 45.24
CA ASN SA 31 -38.21 -46.37 44.60
C ASN SA 31 -38.44 -47.50 45.60
N GLY SA 32 -39.02 -47.21 46.75
CA GLY SA 32 -39.38 -48.26 47.68
C GLY SA 32 -38.23 -48.83 48.49
N GLY SA 33 -37.35 -47.98 49.01
CA GLY SA 33 -36.27 -48.46 49.85
C GLY SA 33 -35.19 -49.22 49.12
N ARG SA 34 -35.06 -49.00 47.81
CA ARG SA 34 -34.09 -49.69 46.98
C ARG SA 34 -33.39 -48.69 46.08
N GLU SA 35 -32.37 -49.17 45.38
CA GLU SA 35 -31.66 -48.37 44.39
C GLU SA 35 -32.58 -48.03 43.22
N LYS SA 36 -32.20 -46.99 42.49
CA LYS SA 36 -32.88 -46.69 41.24
C LYS SA 36 -32.47 -47.73 40.19
N ARG SA 37 -33.46 -48.24 39.47
CA ARG SA 37 -33.22 -49.23 38.43
C ARG SA 37 -32.40 -48.62 37.30
N VAL SA 38 -31.17 -49.10 37.16
CA VAL SA 38 -30.25 -48.56 36.17
C VAL SA 38 -30.55 -49.27 34.85
N ALA SA 39 -31.14 -48.53 33.91
CA ALA SA 39 -31.51 -49.06 32.60
C ALA SA 39 -30.70 -48.29 31.57
N HIS SA 40 -29.51 -48.78 31.27
CA HIS SA 40 -28.68 -48.20 30.22
C HIS SA 40 -28.96 -48.84 28.86
N TYR SA 41 -29.56 -50.02 28.85
CA TYR SA 41 -29.76 -50.82 27.64
C TYR SA 41 -31.24 -51.12 27.49
N SER SA 42 -31.62 -51.60 26.30
CA SER SA 42 -33.03 -51.78 26.00
C SER SA 42 -33.61 -53.01 26.68
N TYR SA 43 -32.78 -54.02 26.98
CA TYR SA 43 -33.26 -55.18 27.71
C TYR SA 43 -33.59 -54.83 29.16
N GLN SA 44 -32.77 -53.97 29.77
CA GLN SA 44 -33.03 -53.49 31.12
C GLN SA 44 -34.30 -52.65 31.17
N TRP SA 45 -34.51 -51.81 30.15
CA TRP SA 45 -35.76 -51.06 30.03
C TRP SA 45 -36.94 -51.98 29.80
N TYR SA 46 -36.74 -53.08 29.06
CA TYR SA 46 -37.82 -54.02 28.80
C TYR SA 46 -38.23 -54.74 30.08
N LEU SA 47 -37.26 -55.11 30.91
CA LEU SA 47 -37.59 -55.73 32.19
C LEU SA 47 -38.24 -54.75 33.14
N MET SA 48 -37.79 -53.48 33.11
CA MET SA 48 -38.42 -52.44 33.92
C MET SA 48 -39.87 -52.20 33.52
N GLU SA 49 -40.16 -52.17 32.22
CA GLU SA 49 -41.54 -51.98 31.79
C GLU SA 49 -42.37 -53.24 32.02
N ARG SA 50 -41.76 -54.42 31.98
CA ARG SA 50 -42.49 -55.64 32.34
C ARG SA 50 -42.88 -55.62 33.82
N ASP SA 51 -41.96 -55.17 34.68
CA ASP SA 51 -42.29 -55.06 36.10
C ASP SA 51 -43.36 -54.01 36.35
N ARG SA 52 -43.32 -52.92 35.58
CA ARG SA 52 -44.35 -51.88 35.69
C ARG SA 52 -45.72 -52.42 35.25
N ARG SA 53 -45.74 -53.27 34.23
CA ARG SA 53 -46.99 -53.85 33.78
C ARG SA 53 -47.51 -54.96 34.69
N VAL SA 54 -46.61 -55.68 35.37
CA VAL SA 54 -47.08 -56.78 36.24
C VAL SA 54 -47.27 -56.35 37.68
N SER SA 55 -46.89 -55.12 38.05
CA SER SA 55 -47.10 -54.69 39.43
C SER SA 55 -48.57 -54.45 39.74
N GLY SA 56 -49.35 -54.02 38.75
CA GLY SA 56 -50.76 -53.74 38.95
C GLY SA 56 -51.07 -52.37 39.52
N VAL SA 57 -50.06 -51.63 40.00
CA VAL SA 57 -50.23 -50.28 40.47
C VAL SA 57 -49.48 -49.28 39.60
N ASN SA 58 -48.94 -49.75 38.46
CA ASN SA 58 -48.25 -48.94 37.45
C ASN SA 58 -47.02 -48.25 38.04
N ARG SA 59 -46.20 -49.04 38.75
CA ARG SA 59 -44.92 -48.61 39.30
C ARG SA 59 -43.94 -49.74 39.13
N TYR SA 60 -42.73 -49.45 38.65
CA TYR SA 60 -41.81 -50.53 38.32
C TYR SA 60 -41.17 -51.16 39.55
N TYR SA 61 -41.24 -50.51 40.70
CA TYR SA 61 -40.55 -51.00 41.88
C TYR SA 61 -41.40 -51.92 42.74
N VAL SA 62 -42.72 -51.93 42.57
CA VAL SA 62 -43.56 -52.80 43.38
C VAL SA 62 -43.39 -54.24 42.88
N SER SA 63 -42.60 -55.01 43.61
CA SER SA 63 -42.24 -56.35 43.16
C SER SA 63 -43.35 -57.35 43.45
N LYS SA 64 -43.32 -58.47 42.71
CA LYS SA 64 -44.29 -59.56 42.85
C LYS SA 64 -43.53 -60.87 42.85
N GLY SA 65 -43.61 -61.61 43.95
CA GLY SA 65 -42.90 -62.86 44.12
C GLY SA 65 -43.78 -64.07 43.81
N LEU SA 66 -43.65 -65.11 44.62
CA LEU SA 66 -44.37 -66.35 44.39
C LEU SA 66 -45.81 -66.32 44.89
N GLU SA 67 -46.19 -65.33 45.70
CA GLU SA 67 -47.57 -65.23 46.15
C GLU SA 67 -48.51 -64.81 45.03
N ASN SA 68 -47.99 -64.20 43.97
CA ASN SA 68 -48.83 -63.72 42.88
C ASN SA 68 -49.32 -64.87 42.01
N ILE SA 69 -48.46 -65.84 41.74
CA ILE SA 69 -48.87 -67.06 41.04
C ILE SA 69 -49.39 -68.07 42.05
N ASP SA 70 -50.10 -69.09 41.56
CA ASP SA 70 -50.68 -70.11 42.42
C ASP SA 70 -49.62 -71.06 43.00
FE1 SF4 TA . 45.05 43.93 81.41
FE2 SF4 TA . 44.57 45.03 78.97
FE3 SF4 TA . 44.73 46.59 80.89
FE4 SF4 TA . 46.80 45.70 80.02
S1 SF4 TA . 45.49 47.14 78.75
S2 SF4 TA . 46.36 45.59 82.27
S3 SF4 TA . 46.19 43.49 79.48
S4 SF4 TA . 43.11 44.96 80.81
N1 FMN UA . 57.38 51.25 86.58
C2 FMN UA . 57.56 51.98 87.73
O2 FMN UA . 58.58 52.66 87.86
N3 FMN UA . 56.61 51.99 88.72
C4 FMN UA . 55.47 51.22 88.56
O4 FMN UA . 54.61 51.20 89.43
C4A FMN UA . 55.30 50.49 87.41
N5 FMN UA . 54.16 49.74 87.26
C5A FMN UA . 53.97 49.00 86.12
C6 FMN UA . 52.81 48.26 86.01
C7 FMN UA . 52.60 47.50 84.88
C7M FMN UA . 51.34 46.71 84.79
C8 FMN UA . 53.54 47.49 83.86
C8M FMN UA . 53.31 46.67 82.63
C9 FMN UA . 54.70 48.23 83.98
C9A FMN UA . 54.92 49.00 85.11
N10 FMN UA . 56.08 49.75 85.26
C10 FMN UA . 56.26 50.50 86.41
C1' FMN UA . 57.13 49.80 84.18
C2' FMN UA . 56.85 51.00 83.27
O2' FMN UA . 56.01 50.61 82.22
C3' FMN UA . 58.11 51.61 82.69
O3' FMN UA . 58.88 50.59 82.08
C4' FMN UA . 58.93 52.27 83.79
O4' FMN UA . 58.05 52.94 84.67
C5' FMN UA . 59.92 53.28 83.24
O5' FMN UA . 60.91 52.59 82.53
P FMN UA . 62.34 52.42 83.24
O1P FMN UA . 62.47 50.99 83.70
O2P FMN UA . 63.44 52.76 82.28
O3P FMN UA . 62.38 53.34 84.43
PA NAI VA . 58.97 47.42 78.28
O1A NAI VA . 58.61 47.71 76.88
O2A NAI VA . 59.20 46.08 77.50
O5B NAI VA . 59.80 48.78 77.77
C5B NAI VA . 60.58 49.53 78.72
C4B NAI VA . 60.63 50.99 78.36
O4B NAI VA . 61.31 51.18 77.11
C3B NAI VA . 59.28 51.71 78.23
O3B NAI VA . 59.32 53.00 78.81
C2B NAI VA . 59.05 51.77 76.71
O2B NAI VA . 58.39 52.96 76.34
C1B NAI VA . 60.48 51.79 76.16
N9A NAI VA . 60.60 51.06 74.90
C8A NAI VA . 60.59 49.69 74.75
N7A NAI VA . 60.72 49.29 73.50
C5A NAI VA . 60.83 50.47 72.79
C6A NAI VA . 61.00 50.74 71.41
N6A NAI VA . 61.07 49.80 70.47
N1A NAI VA . 61.08 52.04 71.03
C2A NAI VA . 60.98 53.00 71.97
N3A NAI VA . 60.84 52.85 73.29
C4A NAI VA . 60.77 51.57 73.64
O3 NAI VA . 57.46 47.51 78.78
PN NAI VA . 56.75 47.61 80.20
O1N NAI VA . 55.47 46.79 80.08
O2N NAI VA . 56.53 49.00 80.61
O5D NAI VA . 57.67 46.83 81.26
C5D NAI VA . 57.30 45.55 81.82
C4D NAI VA . 58.10 45.34 83.08
O4D NAI VA . 57.67 46.28 84.09
C3D NAI VA . 57.92 43.99 83.74
O3D NAI VA . 58.79 43.03 83.16
C2D NAI VA . 58.31 44.27 85.20
O2D NAI VA . 59.66 43.89 85.46
C1D NAI VA . 58.17 45.80 85.32
N1N NAI VA . 57.27 46.22 86.39
C2N NAI VA . 57.66 47.20 87.31
C3N NAI VA . 56.88 47.60 88.33
C7N NAI VA . 57.41 48.61 89.26
O7N NAI VA . 56.76 48.93 90.27
N7N NAI VA . 58.62 49.11 89.01
C4N NAI VA . 55.53 46.99 88.51
C5N NAI VA . 55.17 46.04 87.43
C6N NAI VA . 56.02 45.70 86.47
FE1 FES WA . 51.41 44.40 101.77
FE2 FES WA . 53.31 45.27 99.57
S1 FES WA . 52.55 46.23 101.39
S2 FES WA . 52.50 43.33 100.19
FE1 SF4 XA . 26.10 36.28 69.17
FE2 SF4 XA . 25.12 34.05 70.41
FE3 SF4 XA . 26.18 36.03 71.86
FE4 SF4 XA . 23.79 36.39 70.60
S1 SF4 XA . 24.22 34.94 72.33
S2 SF4 XA . 25.51 37.88 70.69
S3 SF4 XA . 24.14 35.19 68.67
S4 SF4 XA . 27.32 34.72 70.34
FE1 SF4 YA . 30.68 46.77 72.03
FE2 SF4 YA . 29.49 46.07 74.39
FE3 SF4 YA . 28.82 48.37 73.21
FE4 SF4 YA . 28.08 46.06 72.04
S1 SF4 YA . 27.35 46.83 74.08
S2 SF4 YA . 28.98 47.90 70.99
S3 SF4 YA . 29.86 44.69 72.58
S4 SF4 YA . 30.90 47.86 74.05
FE1 FES ZA . 40.10 44.85 68.17
FE2 FES ZA . 42.57 45.29 66.47
S1 FES ZA . 42.24 44.78 68.56
S2 FES ZA . 40.49 44.81 66.02
K K AB . 23.67 44.45 67.91
C10 970 BB . 2.19 -3.00 45.02
C15 970 BB . 6.37 -5.32 42.06
C17 970 BB . 7.36 -3.47 43.16
C20 970 BB . 7.50 -0.74 43.56
C21 970 BB . 6.35 -1.31 43.05
C22 970 BB . 6.25 -2.68 42.86
C24 970 BB . 3.77 -2.69 43.11
C01 970 BB . 1.03 -9.22 47.52
C02 970 BB . 1.47 -8.20 46.56
C03 970 BB . 1.04 -8.19 45.30
C04 970 BB . 2.43 -7.16 47.05
C05 970 BB . 3.61 -6.87 46.09
C06 970 BB . 3.24 -5.51 45.55
C07 970 BB . 2.20 -5.01 46.29
O08 970 BB . 1.71 -5.89 47.22
C09 970 BB . 1.67 -3.75 46.06
C11 970 BB . 3.23 -3.49 44.24
C12 970 BB . 3.76 -4.75 44.52
O13 970 BB . 4.81 -5.29 43.84
C14 970 BB . 5.01 -4.82 42.48
O16 970 BB . 7.39 -4.82 42.94
C18 970 BB . 8.53 -2.92 43.68
C19 970 BB . 8.59 -1.56 43.90
C23 970 BB . 4.96 -3.29 42.38
O25 970 BB . 3.25 -1.64 42.76
O26 970 BB . 7.69 0.60 43.76
C27 970 BB . 6.65 1.48 43.35
O28 970 BB . 9.66 -0.91 44.44
C29 970 BB . 10.78 -1.70 44.85
FE1 SF4 CB . 6.40 8.37 50.99
FE2 SF4 CB . 6.67 10.06 49.16
FE3 SF4 CB . 7.93 10.27 51.25
FE4 SF4 CB . 8.71 8.26 49.51
S1 SF4 CB . 8.92 10.50 49.12
S2 SF4 CB . 8.61 8.14 51.78
S3 SF4 CB . 6.60 7.73 48.79
S4 SF4 CB . 5.62 10.55 51.18
P 3PE DB . -17.02 -5.07 62.83
N 3PE DB . -12.54 -6.20 65.00
O11 3PE DB . -18.37 -5.65 63.45
O12 3PE DB . -16.98 -5.52 61.43
O13 3PE DB . -15.92 -5.90 63.64
O14 3PE DB . -16.90 -3.63 63.14
C11 3PE DB . -14.53 -5.51 63.71
C12 3PE DB . -13.85 -6.63 64.45
C1 3PE DB . -18.89 -6.87 62.91
C2 3PE DB . -20.39 -6.87 63.05
C3 3PE DB . -20.96 -5.52 62.76
O31 3PE DB . -22.39 -5.56 62.99
O32 3PE DB . -22.76 -5.42 60.79
C31 3PE DB . -23.18 -5.48 61.91
C32 3PE DB . -24.62 -5.46 62.31
C33 3PE DB . -25.58 -5.53 61.13
C34 3PE DB . -25.65 -6.91 60.50
C35 3PE DB . -26.65 -7.04 59.36
C36 3PE DB . -28.03 -6.53 59.71
C37 3PE DB . -29.16 -7.06 58.84
C38 3PE DB . -29.52 -8.52 59.10
C39 3PE DB . -29.02 -9.50 58.06
C3A 3PE DB . -29.60 -9.28 56.68
C3B 3PE DB . -31.02 -9.79 56.53
C3C 3PE DB . -31.96 -8.83 55.85
C3D 3PE DB . -32.16 -7.54 56.62
C3E 3PE DB . -33.35 -6.72 56.17
C3F 3PE DB . -34.41 -6.55 57.25
C3G 3PE DB . -34.88 -7.84 57.88
C3H 3PE DB . -36.01 -7.68 58.87
C3I 3PE DB . -37.25 -7.10 58.26
O21 3PE DB . -20.89 -7.81 62.06
O22 3PE DB . -20.94 -9.46 63.57
C21 3PE DB . -21.08 -9.08 62.45
C22 3PE DB . -21.47 -9.95 61.29
C23 3PE DB . -22.61 -9.40 60.45
C24 3PE DB . -23.11 -10.40 59.41
C25 3PE DB . -24.30 -9.90 58.61
C26 3PE DB . -25.27 -11.01 58.19
C27 3PE DB . -24.72 -12.01 57.19
C28 3PE DB . -24.81 -11.57 55.74
C29 3PE DB . -26.15 -11.84 55.07
C2A 3PE DB . -26.40 -13.30 54.71
C2B 3PE DB . -27.69 -13.55 53.93
C2C 3PE DB . -27.70 -12.95 52.53
C2D 3PE DB . -26.64 -13.55 51.61
C2E 3PE DB . -26.82 -15.04 51.33
C2F 3PE DB . -25.69 -15.66 50.53
C2G 3PE DB . -25.39 -14.96 49.21
C2H 3PE DB . -24.39 -15.69 48.33
C2I 3PE DB . -23.11 -16.01 49.04
O12 PC1 EB . 11.09 -31.13 32.74
P PC1 EB . 10.91 -30.88 31.29
O14 PC1 EB . 10.57 -29.51 30.84
O13 PC1 EB . 12.25 -31.35 30.58
C11 PC1 EB . 12.88 -30.59 29.52
C12 PC1 EB . 12.13 -31.01 28.30
N PC1 EB . 12.84 -30.84 26.98
C13 PC1 EB . 11.93 -31.20 25.84
C14 PC1 EB . 13.28 -29.41 26.82
C15 PC1 EB . 14.04 -31.73 26.94
O11 PC1 EB . 9.79 -31.90 30.78
C1 PC1 EB . 8.41 -31.66 31.08
C2 PC1 EB . 8.00 -32.47 32.29
O21 PC1 EB . 8.07 -33.93 32.16
C21 PC1 EB . 7.19 -34.62 31.42
O22 PC1 EB . 6.66 -34.21 30.40
C22 PC1 EB . 6.92 -35.97 32.02
C23 PC1 EB . 5.47 -36.40 31.85
C24 PC1 EB . 5.09 -37.65 32.63
C25 PC1 EB . 6.15 -38.74 32.61
C26 PC1 EB . 5.61 -40.15 32.81
C27 PC1 EB . 6.72 -41.20 32.89
C28 PC1 EB . 6.31 -42.58 32.42
C29 PC1 EB . 7.45 -43.58 32.50
C2A PC1 EB . 7.24 -44.86 31.70
C2B PC1 EB . 8.39 -45.86 31.81
C2C PC1 EB . 9.77 -45.24 31.66
C2D PC1 EB . 10.89 -46.22 31.41
C2E PC1 EB . 10.86 -46.87 30.03
C2F PC1 EB . 10.46 -48.34 30.00
C2G PC1 EB . 11.40 -49.25 30.77
C2H PC1 EB . 11.05 -50.72 30.69
C2I PC1 EB . 11.92 -51.59 31.57
C3 PC1 EB . 6.63 -32.13 32.80
O31 PC1 EB . 6.52 -30.74 33.16
C31 PC1 EB . 6.48 -30.47 34.47
O32 PC1 EB . 6.68 -31.29 35.31
C32 PC1 EB . 6.13 -29.04 34.71
C33 PC1 EB . 4.74 -28.84 35.32
C34 PC1 EB . 4.68 -29.16 36.80
C35 PC1 EB . 3.43 -28.69 37.51
C36 PC1 EB . 3.45 -28.95 39.00
C37 PC1 EB . 3.55 -30.42 39.36
C38 PC1 EB . 3.73 -30.71 40.83
C39 PC1 EB . 3.57 -32.17 41.19
C3A PC1 EB . 2.16 -32.69 40.97
C3B PC1 EB . 1.90 -34.10 41.47
C3C PC1 EB . 0.43 -34.49 41.45
C3D PC1 EB . 0.04 -35.45 40.33
C3E PC1 EB . 0.14 -36.91 40.70
C3F PC1 EB . -1.17 -37.66 40.51
C3G PC1 EB . -2.33 -37.03 41.24
C3H PC1 EB . -3.65 -37.76 41.05
C3I PC1 EB . -4.07 -37.86 39.61
FE1 SF4 FB . 12.02 16.92 59.42
FE2 SF4 FB . 9.32 17.11 59.62
FE3 SF4 FB . 10.85 18.10 61.57
FE4 SF4 FB . 10.76 19.34 59.12
S1 SF4 FB . 9.03 19.16 60.62
S2 SF4 FB . 12.64 18.92 60.37
S3 SF4 FB . 10.57 17.52 57.73
S4 SF4 FB . 10.71 15.88 60.99
FE1 SF4 GB . 12.60 24.65 69.33
FE2 SF4 GB . 11.68 25.55 66.92
FE3 SF4 GB . 10.86 26.76 69.12
FE4 SF4 GB . 13.46 26.99 68.41
S1 SF4 GB . 11.66 27.83 67.24
S2 SF4 GB . 12.67 26.62 70.53
S3 SF4 GB . 13.84 24.95 67.43
S4 SF4 GB . 10.42 24.57 68.58
O12 PC1 HB . -29.08 8.26 46.77
P PC1 HB . -29.52 7.62 45.52
O14 PC1 HB . -30.65 8.21 44.78
O13 PC1 HB . -28.26 7.54 44.55
C11 PC1 HB . -27.24 8.56 44.53
C12 PC1 HB . -27.79 9.57 43.56
N PC1 HB . -27.26 10.98 43.68
C13 PC1 HB . -25.79 11.02 43.38
C14 PC1 HB . -27.49 11.48 45.07
C15 PC1 HB . -27.98 11.88 42.72
O11 PC1 HB . -29.87 6.10 45.87
C1 PC1 HB . -29.99 5.13 44.81
C2 PC1 HB . -29.70 3.77 45.37
O21 PC1 HB . -30.92 3.15 45.88
C21 PC1 HB . -31.59 2.34 45.03
O22 PC1 HB . -31.33 2.22 43.86
C22 PC1 HB . -32.69 1.60 45.74
C23 PC1 HB . -32.60 0.10 45.54
C24 PC1 HB . -33.56 -0.70 46.40
C25 PC1 HB . -33.43 -0.43 47.89
C26 PC1 HB . -33.92 -1.57 48.77
C27 PC1 HB . -35.36 -1.99 48.51
C28 PC1 HB . -35.61 -3.45 48.83
C29 PC1 HB . -34.71 -4.39 48.03
C2A PC1 HB . -34.90 -5.87 48.35
C3 PC1 HB . -28.71 3.81 46.50
O31 PC1 HB . -28.27 2.46 46.73
C31 PC1 HB . -27.01 2.29 47.13
O32 PC1 HB . -26.27 3.20 47.42
C32 PC1 HB . -26.64 0.85 47.15
C33 PC1 HB . -27.66 -0.03 46.44
C34 PC1 HB . -27.28 -1.50 46.40
C35 PC1 HB . -28.38 -2.39 45.86
C36 PC1 HB . -29.65 -2.35 46.69
C37 PC1 HB . -29.45 -2.80 48.13
C38 PC1 HB . -29.02 -4.24 48.28
C39 PC1 HB . -30.07 -5.25 47.84
C3A PC1 HB . -29.60 -6.69 47.81
C3B PC1 HB . -29.17 -7.27 49.16
C3C PC1 HB . -28.78 -8.76 49.13
C3D PC1 HB . -27.44 -9.08 48.46
C3E PC1 HB . -27.51 -9.58 47.03
C3F PC1 HB . -28.19 -10.92 46.85
C3G PC1 HB . -27.46 -12.09 47.48
C3H PC1 HB . -28.08 -13.43 47.19
C3I PC1 HB . -28.06 -13.79 45.72
O12 PC1 IB . -9.08 -60.66 8.25
P PC1 IB . -10.29 -59.84 8.09
O14 PC1 IB . -10.71 -58.97 9.21
O13 PC1 IB . -11.49 -60.83 7.70
C11 PC1 IB . -12.51 -61.22 8.65
C12 PC1 IB . -13.77 -61.02 7.85
N PC1 IB . -14.75 -60.01 8.39
C13 PC1 IB . -15.44 -60.58 9.60
C14 PC1 IB . -15.79 -59.69 7.34
C15 PC1 IB . -14.05 -58.74 8.77
O11 PC1 IB . -10.10 -58.91 6.81
C1 PC1 IB . -10.27 -57.49 6.94
C2 PC1 IB . -9.02 -56.77 6.51
O21 PC1 IB . -9.10 -56.21 5.15
C21 PC1 IB . -9.21 -56.96 4.04
O22 PC1 IB . -9.23 -58.16 4.02
C22 PC1 IB . -9.31 -56.09 2.81
C23 PC1 IB . -9.20 -54.59 3.09
C24 PC1 IB . -7.78 -54.07 3.06
C25 PC1 IB . -7.13 -54.11 1.70
C26 PC1 IB . -5.81 -53.33 1.62
C27 PC1 IB . -5.93 -51.91 2.12
C28 PC1 IB . -4.72 -51.02 1.87
C29 PC1 IB . -4.47 -50.69 0.41
C2A PC1 IB . -3.46 -49.59 0.19
C2B PC1 IB . -3.36 -49.09 -1.25
C3 PC1 IB . -7.76 -57.57 6.76
O31 PC1 IB . -6.62 -56.67 6.78
C31 PC1 IB . -6.11 -56.35 7.97
O32 PC1 IB . -6.54 -56.76 9.01
C32 PC1 IB . -4.94 -55.43 7.82
C33 PC1 IB . -5.13 -54.41 6.71
C34 PC1 IB . -3.84 -53.75 6.28
C35 PC1 IB . -3.11 -53.01 7.38
C36 PC1 IB . -1.91 -52.22 6.89
C37 PC1 IB . -2.26 -51.17 5.84
C38 PC1 IB . -1.07 -50.37 5.35
P 3PE JB . 15.29 -29.90 19.17
N 3PE JB . 15.32 -28.88 22.40
O11 3PE JB . 16.04 -31.29 19.49
O12 3PE JB . 16.07 -28.84 19.83
O13 3PE JB . 13.91 -30.05 19.96
O14 3PE JB . 15.01 -29.79 17.72
C11 3PE JB . 13.38 -29.05 20.87
C12 3PE JB . 13.93 -29.37 22.24
C1 3PE JB . 16.40 -32.24 18.46
C2 3PE JB . 15.32 -33.29 18.38
C3 3PE JB . 14.26 -32.93 17.38
O31 3PE JB . 13.83 -34.03 16.54
O32 3PE JB . 12.49 -34.85 18.13
C31 3PE JB . 12.86 -34.84 17.00
C32 3PE JB . 12.32 -35.71 15.90
C33 3PE JB . 11.24 -36.69 16.35
C34 3PE JB . 9.89 -36.05 16.67
C35 3PE JB . 8.82 -37.06 17.02
C36 3PE JB . 7.48 -36.48 17.44
C37 3PE JB . 6.36 -37.50 17.53
C38 3PE JB . 6.58 -38.57 18.60
C39 3PE JB . 5.58 -39.71 18.54
C3A 3PE JB . 5.76 -40.78 19.61
C3B 3PE JB . 5.14 -42.12 19.23
C3C 3PE JB . 5.83 -42.81 18.08
C3D 3PE JB . 5.09 -44.02 17.51
C3E 3PE JB . 5.77 -44.64 16.30
C3F 3PE JB . 6.93 -45.57 16.60
C3G 3PE JB . 6.53 -46.94 17.10
C3H 3PE JB . 7.69 -47.90 17.28
C3I 3PE JB . 8.46 -48.14 16.00
O21 3PE JB . 15.84 -34.60 18.02
O22 3PE JB . 16.31 -35.09 20.15
C21 3PE JB . 16.12 -35.44 19.02
C22 3PE JB . 16.10 -36.87 18.56
C23 3PE JB . 14.69 -37.46 18.64
C24 3PE JB . 14.57 -38.80 17.92
C25 3PE JB . 15.32 -39.94 18.56
C26 3PE JB . 14.54 -40.70 19.63
C27 3PE JB . 15.18 -42.03 20.00
C28 3PE JB . 14.29 -42.95 20.82
C29 3PE JB . 14.77 -44.38 20.87
C2A 3PE JB . 13.93 -45.31 21.72
C2B 3PE JB . 14.43 -46.74 21.78
C2C 3PE JB . 14.12 -47.57 20.54
C2D 3PE JB . 12.71 -48.15 20.53
C2E 3PE JB . 12.40 -49.09 19.38
C2F 3PE JB . 11.58 -48.50 18.24
C2G 3PE JB . 12.32 -47.59 17.27
C2H 3PE JB . 12.17 -46.09 17.54
C2I 3PE JB . 12.98 -45.23 16.59
C10 970 KB . -13.65 -13.12 43.04
C15 970 KB . -10.69 -13.16 46.74
C17 970 KB . -8.49 -13.23 45.73
C20 970 KB . -6.78 -13.86 43.66
C21 970 KB . -8.09 -14.27 43.60
C22 970 KB . -8.97 -13.96 44.64
C24 970 KB . -11.30 -13.66 43.63
C01 970 KB . -18.77 -16.27 46.71
C02 970 KB . -17.60 -16.07 45.83
C03 970 KB . -17.27 -16.96 44.91
C04 970 KB . -16.81 -14.81 46.02
C05 970 KB . -15.35 -15.01 46.48
C06 970 KB . -14.57 -14.37 45.36
C07 970 KB . -15.45 -13.86 44.44
O08 970 KB . -16.75 -14.07 44.74
C09 970 KB . -15.01 -13.24 43.27
C11 970 KB . -12.73 -13.64 43.96
C12 970 KB . -13.20 -14.24 45.13
O13 970 KB . -12.37 -14.74 46.10
C14 970 KB . -10.95 -14.48 46.03
O16 970 KB . -9.28 -12.88 46.79
C18 970 KB . -7.18 -12.83 45.80
C19 970 KB . -6.31 -13.15 44.76
C23 970 KB . -10.42 -14.44 44.60
O25 970 KB . -10.86 -13.10 42.63
O26 970 KB . -5.85 -14.11 42.68
C27 970 KB . -6.27 -14.82 41.52
O28 970 KB . -4.98 -12.83 44.74
C29 970 KB . -4.44 -12.14 45.86
P 3PE LB . -27.78 -42.39 27.16
N 3PE LB . -30.64 -44.50 27.79
O11 3PE LB . -26.83 -41.15 27.46
O12 3PE LB . -27.13 -43.17 26.07
O13 3PE LB . -29.15 -41.85 26.53
O14 3PE LB . -28.09 -43.06 28.44
C11 3PE LB . -30.46 -42.15 27.09
C12 3PE LB . -30.80 -43.55 26.65
C1 3PE LB . -26.92 -39.90 26.75
C2 3PE LB . -27.88 -38.99 27.47
C3 3PE LB . -27.28 -37.66 27.84
O31 3PE LB . -26.47 -37.03 26.81
O32 3PE LB . -28.25 -36.14 25.79
C31 3PE LB . -27.07 -36.17 25.98
C32 3PE LB . -26.08 -35.23 25.36
C33 3PE LB . -26.11 -33.84 25.96
C34 3PE LB . -27.35 -33.05 25.62
C35 3PE LB . -27.59 -31.80 26.44
C36 3PE LB . -26.53 -30.72 26.34
C37 3PE LB . -27.09 -29.32 26.48
C38 3PE LB . -26.07 -28.22 26.68
C39 3PE LB . -26.52 -27.15 27.66
C3A 3PE LB . -25.57 -25.98 27.85
C3B 3PE LB . -25.61 -24.97 26.73
C3C 3PE LB . -26.99 -24.37 26.48
C3D 3PE LB . -27.45 -23.33 27.49
C3E 3PE LB . -26.68 -22.03 27.46
C3F 3PE LB . -26.64 -21.34 26.10
C3G 3PE LB . -28.00 -20.94 25.55
C3H 3PE LB . -27.95 -20.40 24.14
C3I 3PE LB . -27.08 -19.17 23.99
O21 3PE LB . -29.01 -38.74 26.57
O22 3PE LB . -30.40 -38.35 28.28
C21 3PE LB . -30.17 -38.34 27.10
C22 3PE LB . -31.13 -37.89 26.04
C23 3PE LB . -32.19 -36.95 26.59
C24 3PE LB . -33.12 -36.42 25.51
C25 3PE LB . -32.50 -35.38 24.59
C26 3PE LB . -32.17 -34.07 25.28
C27 3PE LB . -31.98 -32.90 24.31
C28 3PE LB . -31.88 -31.55 24.99
C29 3PE LB . -32.29 -30.39 24.09
C2A 3PE LB . -31.36 -30.12 22.92
C2B 3PE LB . -30.27 -29.09 23.21
C2C 3PE LB . -30.83 -27.76 23.68
C2D 3PE LB . -29.81 -26.63 23.70
C2E 3PE LB . -29.33 -26.22 22.32
C2F 3PE LB . -28.13 -25.30 22.35
C2G 3PE LB . -26.95 -25.91 23.10
C2H 3PE LB . -25.68 -25.09 23.04
C2I 3PE LB . -25.08 -25.06 21.68
P 3PE MB . -26.04 -7.42 0.23
N 3PE MB . -27.11 -6.49 -3.26
O11 3PE MB . -26.74 -8.36 -0.84
O12 3PE MB . -26.54 -7.80 1.58
O13 3PE MB . -26.64 -5.97 -0.09
O14 3PE MB . -24.57 -7.41 -0.01
C11 3PE MB . -26.34 -5.21 -1.28
C12 3PE MB . -27.47 -5.46 -2.24
C1 3PE MB . -26.82 -9.79 -0.61
C2 3PE MB . -28.25 -10.16 -0.30
C3 3PE MB . -29.14 -9.88 -1.47
O31 3PE MB . -30.49 -10.25 -1.12
O32 3PE MB . -31.01 -8.09 -0.84
C31 3PE MB . -31.33 -9.25 -0.85
C32 3PE MB . -32.71 -9.76 -0.58
C33 3PE MB . -33.34 -10.46 -1.77
C34 3PE MB . -34.67 -11.11 -1.44
C35 3PE MB . -34.57 -12.28 -0.48
C36 3PE MB . -35.90 -12.78 0.02
C37 3PE MB . -35.98 -14.29 0.15
C38 3PE MB . -35.83 -15.01 -1.18
C39 3PE MB . -35.86 -16.52 -1.09
C3A 3PE MB . -35.76 -17.20 -2.45
C3B 3PE MB . -34.50 -16.84 -3.21
C3C 3PE MB . -34.46 -17.35 -4.64
C3D 3PE MB . -35.61 -16.84 -5.50
O21 3PE MB . -28.31 -11.60 -0.04
O22 3PE MB . -28.81 -11.28 2.12
C21 3PE MB . -28.63 -12.01 1.19
C22 3PE MB . -28.73 -13.50 1.25
C23 3PE MB . -29.69 -14.03 2.31
C24 3PE MB . -30.10 -15.48 2.06
C25 3PE MB . -30.92 -16.09 3.19
C26 3PE MB . -32.04 -17.01 2.73
C27 3PE MB . -32.98 -17.44 3.84
C28 3PE MB . -34.12 -18.34 3.39
C29 3PE MB . -35.05 -17.72 2.37
C2A 3PE MB . -36.26 -18.58 2.03
C2B 3PE MB . -35.93 -19.96 1.47
C2C 3PE MB . -35.13 -19.93 0.18
P 3PE NB . -10.87 -8.39 -37.04
N 3PE NB . -9.85 -6.87 -40.31
O11 3PE NB . -12.03 -9.45 -36.75
O12 3PE NB . -11.52 -7.07 -37.21
O13 3PE NB . -10.32 -8.82 -38.47
O14 3PE NB . -9.80 -8.54 -36.03
C11 3PE NB . -8.93 -8.64 -38.87
C12 3PE NB . -8.81 -7.21 -39.30
C1 3PE NB . -13.35 -8.97 -36.44
C2 3PE NB . -14.36 -9.64 -37.34
C3 3PE NB . -13.81 -9.81 -38.73
O31 3PE NB . -13.91 -11.19 -39.14
O32 3PE NB . -12.54 -10.78 -40.85
C31 3PE NB . -13.24 -11.53 -40.24
C32 3PE NB . -13.48 -12.96 -40.61
C33 3PE NB . -14.86 -13.46 -40.23
C34 3PE NB . -15.07 -14.93 -40.58
C35 3PE NB . -15.41 -15.22 -42.03
C36 3PE NB . -16.83 -14.82 -42.43
C37 3PE NB . -17.91 -15.23 -41.44
C38 3PE NB . -18.19 -16.73 -41.31
C39 3PE NB . -18.97 -17.31 -42.48
C3A 3PE NB . -20.40 -16.81 -42.54
C3B 3PE NB . -21.10 -17.06 -43.85
C3C 3PE NB . -21.24 -18.52 -44.22
C3D 3PE NB . -21.89 -18.73 -45.58
O21 3PE NB . -14.68 -10.93 -36.76
O22 3PE NB . -16.72 -10.21 -36.20
C21 3PE NB . -15.88 -11.06 -36.18
C22 3PE NB . -16.01 -12.38 -35.48
C23 3PE NB . -16.62 -13.48 -36.33
C24 3PE NB . -17.05 -14.68 -35.50
C25 3PE NB . -17.98 -15.65 -36.21
C26 3PE NB . -17.30 -16.74 -37.02
C27 3PE NB . -18.28 -17.71 -37.68
C28 3PE NB . -19.33 -18.26 -36.74
C29 3PE NB . -20.28 -19.26 -37.39
C2A 3PE NB . -21.30 -19.89 -36.47
C2B 3PE NB . -22.32 -18.91 -35.87
C2C 3PE NB . -23.34 -19.58 -34.97
P 3PE OB . -18.22 4.11 -81.33
N 3PE OB . -15.11 6.15 -81.07
O11 3PE OB . -18.44 2.53 -81.42
O12 3PE OB . -18.88 4.70 -82.51
O13 3PE OB . -16.65 4.29 -81.54
O14 3PE OB . -18.60 4.57 -79.98
C11 3PE OB . -16.04 4.66 -82.81
C12 3PE OB . -15.20 5.88 -82.53
C1 3PE OB . -17.72 1.67 -80.52
C2 3PE OB . -18.67 1.01 -79.56
C3 3PE OB . -19.60 0.06 -80.27
O31 3PE OB . -20.58 -0.36 -79.29
O32 3PE OB . -21.57 -1.65 -80.82
C31 3PE OB . -21.53 -1.20 -79.71
C32 3PE OB . -22.53 -1.50 -78.64
C33 3PE OB . -23.93 -1.54 -79.21
C34 3PE OB . -24.93 -2.31 -78.34
C35 3PE OB . -26.35 -2.20 -78.86
C36 3PE OB . -26.52 -2.62 -80.31
C37 3PE OB . -26.51 -4.13 -80.52
C38 3PE OB . -27.88 -4.78 -80.37
C39 3PE OB . -28.90 -4.15 -81.29
C3A 3PE OB . -30.31 -4.72 -81.18
C3B 3PE OB . -30.48 -6.12 -81.75
C3C 3PE OB . -31.93 -6.52 -81.88
C3D 3PE OB . -32.71 -5.69 -82.90
C3E 3PE OB . -32.49 -6.12 -84.34
C3F 3PE OB . -32.91 -7.55 -84.62
C3G 3PE OB . -32.94 -7.93 -86.09
C3H 3PE OB . -33.39 -9.35 -86.33
C3I 3PE OB . -33.65 -9.66 -87.78
O21 3PE OB . -17.93 0.19 -78.61
O22 3PE OB . -18.06 1.80 -77.05
C21 3PE OB . -17.77 0.67 -77.38
C22 3PE OB . -17.23 -0.37 -76.44
C23 3PE OB . -18.28 -0.79 -75.42
C24 3PE OB . -17.83 -1.96 -74.56
C25 3PE OB . -18.92 -2.41 -73.59
C26 3PE OB . -20.24 -2.73 -74.27
C27 3PE OB . -21.39 -2.97 -73.32
C28 3PE OB . -22.73 -3.22 -73.99
C29 3PE OB . -22.96 -4.65 -74.46
C2A 3PE OB . -24.36 -4.90 -75.01
C2B 3PE OB . -24.75 -6.36 -75.12
C2C 3PE OB . -26.12 -6.60 -75.72
C2D 3PE OB . -26.57 -8.06 -75.72
C2E 3PE OB . -27.89 -8.33 -76.41
C2F 3PE OB . -28.35 -9.77 -76.34
C2G 3PE OB . -29.65 -10.06 -77.08
C2H 3PE OB . -30.22 -11.45 -76.82
C2I 3PE OB . -31.47 -11.75 -77.63
O12 PC1 PB . -11.44 -44.79 -88.50
P PC1 PB . -12.15 -43.73 -87.75
O14 PC1 PB . -13.64 -43.74 -87.74
O13 PC1 PB . -11.62 -43.79 -86.25
C11 PC1 PB . -11.67 -42.66 -85.35
C12 PC1 PB . -11.97 -43.27 -84.00
N PC1 PB . -13.41 -43.18 -83.53
C13 PC1 PB . -13.47 -43.42 -82.06
C14 PC1 PB . -13.97 -41.82 -83.81
C15 PC1 PB . -14.24 -44.21 -84.23
O11 PC1 PB . -11.64 -42.34 -88.32
C1 PC1 PB . -10.41 -42.28 -89.08
C2 PC1 PB . -9.25 -42.26 -88.10
O21 PC1 PB . -8.51 -40.99 -87.96
C21 PC1 PB . -7.88 -40.37 -88.98
O22 PC1 PB . -7.84 -40.77 -90.10
C22 PC1 PB . -7.20 -39.12 -88.51
C23 PC1 PB . -7.00 -38.11 -89.62
C24 PC1 PB . -7.94 -36.93 -89.51
C25 PC1 PB . -7.62 -35.81 -90.47
C26 PC1 PB . -8.37 -34.53 -90.18
C27 PC1 PB . -8.10 -33.97 -88.80
C28 PC1 PB . -8.88 -32.72 -88.47
C29 PC1 PB . -8.71 -32.27 -87.04
C2A PC1 PB . -9.49 -31.01 -86.71
C2B PC1 PB . -9.57 -30.71 -85.23
C2C PC1 PB . -10.98 -30.39 -84.78
C2D PC1 PB . -12.02 -31.38 -85.24
C2E PC1 PB . -13.41 -31.08 -84.73
C2F PC1 PB . -14.43 -30.75 -85.79
C2G PC1 PB . -14.74 -31.88 -86.75
C2H PC1 PB . -15.87 -31.55 -87.70
C2I PC1 PB . -17.15 -31.17 -86.99
C3 PC1 PB . -8.35 -43.48 -88.20
O31 PC1 PB . -7.42 -43.40 -89.29
C31 PC1 PB . -7.37 -44.45 -90.11
O32 PC1 PB . -7.98 -45.47 -89.94
C32 PC1 PB . -6.46 -44.17 -91.28
C33 PC1 PB . -5.35 -43.20 -90.95
C34 PC1 PB . -4.77 -42.54 -92.18
C35 PC1 PB . -4.21 -43.50 -93.22
C36 PC1 PB . -2.72 -43.72 -93.09
C37 PC1 PB . -1.92 -42.44 -93.15
C38 PC1 PB . -1.98 -41.73 -94.49
C39 PC1 PB . -0.78 -42.02 -95.38
C3A PC1 PB . 0.12 -40.82 -95.64
C3B PC1 PB . 1.39 -40.71 -94.78
C3C PC1 PB . 1.18 -40.36 -93.31
C3D PC1 PB . 2.40 -39.71 -92.68
C3E PC1 PB . 2.69 -38.33 -93.22
C3F PC1 PB . 1.56 -37.34 -92.99
C3G PC1 PB . 1.78 -35.98 -93.66
C3H PC1 PB . 3.09 -35.33 -93.28
C3I PC1 PB . 3.30 -34.01 -93.97
C1 CDL QB . 4.84 -14.20 -82.82
O1 CDL QB . 5.21 -14.16 -81.45
CA2 CDL QB . 4.75 -15.63 -83.27
OA2 CDL QB . 6.08 -16.17 -83.40
PA1 CDL QB . 6.46 -17.06 -84.71
OA3 CDL QB . 6.52 -16.22 -85.92
OA4 CDL QB . 7.77 -17.76 -84.41
OA5 CDL QB . 5.34 -18.18 -84.80
CA3 CDL QB . 5.53 -19.62 -84.76
CA4 CDL QB . 5.33 -20.09 -83.34
OA6 CDL QB . 4.85 -21.47 -83.37
CA5 CDL QB . 5.78 -22.45 -83.33
OA7 CDL QB . 6.96 -22.25 -83.38
C11 CDL QB . 5.14 -23.80 -83.20
C12 CDL QB . 5.86 -24.68 -82.19
C13 CDL QB . 5.34 -26.11 -82.13
C14 CDL QB . 3.88 -26.22 -81.70
C15 CDL QB . 3.40 -27.66 -81.58
C16 CDL QB . 1.91 -27.80 -81.33
C17 CDL QB . 1.46 -29.22 -80.99
C18 CDL QB . 2.06 -29.76 -79.70
C19 CDL QB . 1.47 -31.09 -79.26
C20 CDL QB . 2.51 -32.06 -78.71
C21 CDL QB . 2.17 -33.54 -78.93
C22 CDL QB . 2.00 -33.94 -80.39
C23 CDL QB . 3.16 -33.56 -81.30
C24 CDL QB . 2.78 -32.54 -82.37
C25 CDL QB . 3.96 -31.90 -83.07
C26 CDL QB . 3.62 -31.27 -84.40
C27 CDL QB . 4.83 -30.97 -85.24
CA6 CDL QB . 4.26 -19.29 -82.66
OA8 CDL QB . 3.74 -20.05 -81.56
CA7 CDL QB . 2.62 -19.60 -81.00
OA9 CDL QB . 2.06 -18.60 -81.35
C31 CDL QB . 2.14 -20.52 -79.93
C32 CDL QB . 0.98 -21.42 -80.35
C33 CDL QB . 1.40 -22.61 -81.19
C34 CDL QB . 1.03 -23.94 -80.57
C35 CDL QB . -0.46 -24.11 -80.29
C36 CDL QB . -1.31 -24.36 -81.52
C37 CDL QB . -1.28 -25.79 -82.03
C38 CDL QB . -1.97 -26.80 -81.12
C39 CDL QB . -2.00 -28.22 -81.66
C40 CDL QB . -2.57 -28.32 -83.06
C41 CDL QB . -2.44 -29.69 -83.68
C42 CDL QB . -1.02 -30.22 -83.76
C43 CDL QB . -0.82 -31.29 -84.82
C44 CDL QB . -0.39 -32.64 -84.28
C45 CDL QB . -1.34 -33.26 -83.28
C46 CDL QB . -0.95 -34.67 -82.88
C47 CDL QB . -1.88 -35.31 -81.89
CB2 CDL QB . 3.53 -13.46 -82.98
OB2 CDL QB . 2.45 -14.35 -82.61
PB2 CDL QB . 1.05 -14.29 -83.38
OB3 CDL QB . 0.02 -13.58 -82.58
OB4 CDL QB . 1.31 -13.73 -84.77
OB5 CDL QB . 0.66 -15.84 -83.57
CB3 CDL QB . -0.33 -16.42 -82.71
CB4 CDL QB . -1.38 -17.09 -83.56
OB6 CDL QB . -1.19 -18.53 -83.43
CB5 CDL QB . -0.89 -19.21 -84.54
OB7 CDL QB . -0.78 -18.72 -85.63
C51 CDL QB . -0.69 -20.67 -84.25
C52 CDL QB . -1.42 -21.57 -85.23
C53 CDL QB . -2.36 -22.55 -84.55
C54 CDL QB . -3.53 -21.90 -83.83
C55 CDL QB . -4.55 -22.88 -83.30
C56 CDL QB . -5.92 -22.28 -83.02
C57 CDL QB . -6.17 -21.92 -81.57
C58 CDL QB . -7.48 -21.17 -81.37
C59 CDL QB . -8.21 -21.44 -80.08
C60 CDL QB . -8.69 -22.87 -79.91
C61 CDL QB . -9.47 -23.41 -81.10
C62 CDL QB . -9.82 -24.88 -80.95
C63 CDL QB . -8.65 -25.84 -80.97
C64 CDL QB . -8.10 -26.13 -82.34
C65 CDL QB . -7.20 -27.36 -82.39
C66 CDL QB . -6.80 -27.76 -83.80
C67 CDL QB . -6.15 -29.12 -83.86
CB6 CDL QB . -2.76 -16.76 -83.08
OB8 CDL QB . -3.72 -17.17 -84.08
CB7 CDL QB . -4.98 -16.80 -83.89
OB9 CDL QB . -5.35 -16.16 -82.94
C71 CDL QB . -5.87 -17.26 -85.00
C72 CDL QB . -6.20 -18.75 -84.90
C73 CDL QB . -7.57 -19.01 -84.32
C74 CDL QB . -8.72 -18.74 -85.28
C75 CDL QB . -8.61 -19.51 -86.59
C76 CDL QB . -8.64 -21.02 -86.45
C77 CDL QB . -9.97 -21.58 -85.98
C78 CDL QB . -9.97 -23.09 -85.87
C79 CDL QB . -9.58 -23.79 -87.15
C80 CDL QB . -8.71 -25.02 -86.95
C81 CDL QB . -9.44 -26.21 -86.32
C82 CDL QB . -10.42 -26.88 -87.26
C83 CDL QB . -9.85 -27.22 -88.63
C84 CDL QB . -10.38 -28.51 -89.24
C85 CDL QB . -11.44 -28.36 -90.33
C86 CDL QB . -12.81 -27.91 -89.82
C87 CDL QB . -13.31 -28.74 -88.68
P 3PE RB . -26.82 16.11 -119.15
N 3PE RB . -24.19 16.32 -121.34
O11 3PE RB . -26.69 14.88 -120.15
O12 3PE RB . -25.81 15.91 -118.08
O13 3PE RB . -26.34 17.35 -120.03
O14 3PE RB . -28.25 16.29 -118.77
C11 3PE RB . -25.09 18.04 -119.81
C12 3PE RB . -24.25 17.77 -121.03
C1 3PE RB . -25.87 13.74 -119.80
C2 3PE RB . -26.71 12.77 -119.00
C3 3PE RB . -28.00 12.38 -119.67
O31 3PE RB . -27.91 11.25 -120.58
O32 3PE RB . -30.12 11.30 -120.86
C31 3PE RB . -29.06 10.81 -121.09
C32 3PE RB . -28.83 9.60 -121.96
C33 3PE RB . -29.28 8.30 -121.30
C34 3PE RB . -29.35 7.14 -122.27
C35 3PE RB . -28.04 6.78 -122.94
C36 3PE RB . -26.97 6.28 -121.99
C37 3PE RB . -27.30 4.95 -121.33
C38 3PE RB . -26.19 4.38 -120.46
O21 3PE RB . -25.97 11.66 -118.35
O22 3PE RB . -25.18 10.70 -120.24
C21 3PE RB . -25.27 10.73 -119.04
C22 3PE RB . -24.62 9.75 -118.11
C23 3PE RB . -25.36 8.42 -118.02
C24 3PE RB . -24.41 7.26 -117.75
C25 3PE RB . -25.06 5.98 -117.24
C26 3PE RB . -24.14 4.77 -117.33
C27 3PE RB . -24.66 3.52 -116.62
C28 3PE RB . -26.07 3.11 -116.99
P 3PE SB . -45.64 -26.03 -51.22
N 3PE SB . -43.66 -29.78 -48.94
O11 3PE SB . -45.73 -24.44 -51.18
O12 3PE SB . -46.84 -26.53 -50.53
O13 3PE SB . -44.38 -26.42 -50.31
O14 3PE SB . -45.37 -26.48 -52.60
C11 3PE SB . -43.79 -27.74 -50.31
C12 3PE SB . -44.28 -28.44 -49.09
C1 3PE SB . -45.11 -23.65 -52.22
C2 3PE SB . -43.82 -23.11 -51.68
C3 3PE SB . -42.97 -22.44 -52.73
O31 3PE SB . -42.07 -23.36 -53.41
O32 3PE SB . -40.62 -23.36 -51.69
C31 3PE SB . -40.89 -23.61 -52.84
C32 3PE SB . -39.93 -24.21 -53.83
C33 3PE SB . -38.51 -24.36 -53.31
C34 3PE SB . -37.77 -23.04 -53.10
C35 3PE SB . -36.50 -23.19 -52.27
C36 3PE SB . -36.34 -22.16 -51.17
C37 3PE SB . -35.74 -20.85 -51.62
C38 3PE SB . -34.23 -20.88 -51.81
C39 3PE SB . -33.49 -21.33 -50.56
C3A 3PE SB . -31.99 -21.05 -50.59
C3B 3PE SB . -31.67 -19.58 -50.79
C3C 3PE SB . -30.28 -19.16 -50.36
C3D 3PE SB . -29.14 -19.74 -51.17
C3E 3PE SB . -28.00 -18.75 -51.36
C3F 3PE SB . -28.44 -17.52 -52.14
C3G 3PE SB . -27.54 -16.31 -51.99
C3H 3PE SB . -27.52 -15.74 -50.58
C3I 3PE SB . -28.89 -15.33 -50.10
O21 3PE SB . -44.11 -22.02 -50.76
O22 3PE SB . -43.95 -23.38 -48.98
C21 3PE SB . -44.02 -22.28 -49.44
C22 3PE SB . -43.99 -21.01 -48.64
C23 3PE SB . -42.68 -20.77 -47.92
C24 3PE SB . -42.55 -21.53 -46.62
C25 3PE SB . -41.33 -21.16 -45.78
C26 3PE SB . -40.01 -21.77 -46.24
C27 3PE SB . -38.81 -21.32 -45.42
C28 3PE SB . -37.73 -22.38 -45.26
C29 3PE SB . -37.03 -22.81 -46.54
C2A 3PE SB . -35.96 -21.84 -47.03
C2B 3PE SB . -34.79 -21.69 -46.08
O12 PC1 TB . -35.40 -37.89 -40.60
P PC1 TB . -35.94 -37.62 -39.24
O14 PC1 TB . -35.24 -38.19 -38.06
O13 PC1 TB . -37.47 -38.10 -39.22
C11 PC1 TB . -37.88 -39.40 -39.69
C12 PC1 TB . -38.46 -39.17 -41.08
N PC1 TB . -39.84 -38.51 -41.14
C13 PC1 TB . -40.59 -39.12 -42.29
C14 PC1 TB . -40.65 -38.68 -39.90
C15 PC1 TB . -39.67 -37.04 -41.41
O11 PC1 TB . -36.07 -36.04 -39.06
C1 PC1 TB . -36.27 -35.20 -40.23
C2 PC1 TB . -34.95 -34.57 -40.57
O21 PC1 TB . -34.96 -33.13 -40.30
C21 PC1 TB . -34.64 -32.73 -39.06
O22 PC1 TB . -34.50 -33.48 -38.13
C22 PC1 TB . -34.50 -31.24 -38.99
C23 PC1 TB . -33.93 -30.59 -40.24
C24 PC1 TB . -33.81 -29.09 -40.09
C25 PC1 TB . -32.82 -28.65 -39.02
C26 PC1 TB . -33.11 -27.28 -38.44
C27 PC1 TB . -31.96 -26.67 -37.64
C28 PC1 TB . -30.88 -26.06 -38.52
C29 PC1 TB . -31.38 -24.87 -39.32
C2A PC1 TB . -30.49 -24.46 -40.48
C2B PC1 TB . -29.05 -24.17 -40.11
C2C PC1 TB . -28.21 -23.74 -41.29
C2D PC1 TB . -26.75 -23.47 -40.97
C2E PC1 TB . -26.56 -22.58 -39.75
C2F PC1 TB . -25.25 -21.83 -39.78
C2G PC1 TB . -25.20 -20.72 -40.81
C2H PC1 TB . -23.83 -20.11 -41.00
C2I PC1 TB . -23.18 -19.67 -39.71
C3 PC1 TB . -34.62 -34.76 -42.04
O31 PC1 TB . -33.26 -34.31 -42.24
C31 PC1 TB . -32.29 -35.21 -42.06
O32 PC1 TB . -32.50 -36.37 -41.81
C32 PC1 TB . -30.94 -34.59 -42.20
C33 PC1 TB . -31.01 -33.11 -42.55
C34 PC1 TB . -29.84 -32.31 -42.05
C35 PC1 TB . -30.19 -30.84 -41.92
C36 PC1 TB . -29.09 -29.94 -41.41
C37 PC1 TB . -29.61 -28.60 -40.94
C38 PC1 TB . -30.39 -27.85 -42.00
C39 PC1 TB . -29.52 -27.26 -43.08
C3A PC1 TB . -30.30 -26.60 -44.21
C3B PC1 TB . -29.51 -25.65 -45.07
C3C PC1 TB . -28.33 -26.28 -45.78
C3D PC1 TB . -26.98 -25.79 -45.30
C3E PC1 TB . -26.89 -24.29 -45.18
C3F PC1 TB . -25.47 -23.78 -45.06
C3G PC1 TB . -25.37 -22.30 -44.78
C3H PC1 TB . -24.00 -21.73 -45.11
C3I PC1 TB . -23.66 -21.85 -46.57
P 3PE UB . 7.03 -28.25 -11.99
N 3PE UB . 7.85 -25.10 -14.04
O11 3PE UB . 6.72 -29.48 -12.96
O12 3PE UB . 6.06 -28.32 -10.88
O13 3PE UB . 6.60 -27.02 -12.92
O14 3PE UB . 8.48 -28.18 -11.70
C11 3PE UB . 6.13 -25.75 -12.40
C12 3PE UB . 6.58 -24.71 -13.38
C1 3PE UB . 5.41 -29.56 -13.55
C2 3PE UB . 5.30 -30.79 -14.42
C3 3PE UB . 3.96 -30.94 -15.08
O31 3PE UB . 3.44 -32.23 -14.68
O32 3PE UB . 2.03 -31.22 -13.25
C31 3PE UB . 2.50 -32.22 -13.72
C32 3PE UB . 2.12 -33.62 -13.31
C33 3PE UB . 0.75 -34.01 -13.83
C34 3PE UB . 0.66 -34.01 -15.34
C35 3PE UB . -0.69 -33.59 -15.88
C36 3PE UB . -1.84 -34.53 -15.59
C37 3PE UB . -1.85 -35.80 -16.44
C38 3PE UB . -3.23 -36.42 -16.59
C39 3PE UB . -3.28 -37.66 -17.46
C3A 3PE UB . -4.67 -38.25 -17.58
C3B 3PE UB . -4.72 -39.64 -18.20
C3C 3PE UB . -6.09 -40.29 -18.12
C3D 3PE UB . -6.13 -41.70 -18.66
C3E 3PE UB . -7.46 -42.42 -18.46
C3F 3PE UB . -7.83 -42.70 -17.01
C3G 3PE UB . -9.03 -43.62 -16.83
C3H 3PE UB . -10.32 -43.10 -17.45
C3I 3PE UB . -10.85 -43.98 -18.55
O21 3PE UB . 6.40 -30.98 -15.40
O22 3PE UB . 6.10 -29.06 -16.57
C21 3PE UB . 6.58 -30.15 -16.46
C22 3PE UB . 7.44 -30.80 -17.50
C23 3PE UB . 6.91 -30.53 -18.91
C24 3PE UB . 6.14 -31.69 -19.52
C25 3PE UB . 4.94 -32.19 -18.73
C26 3PE UB . 4.14 -33.24 -19.48
C27 3PE UB . 3.07 -33.96 -18.67
C28 3PE UB . 2.17 -34.84 -19.52
C29 3PE UB . 1.11 -35.60 -18.76
C2A 3PE UB . 0.04 -36.21 -19.65
C2B 3PE UB . 0.53 -37.29 -20.60
C2C 3PE UB . -0.48 -37.68 -21.66
C2D 3PE UB . -1.77 -38.30 -21.12
C2E 3PE UB . -1.79 -39.82 -21.20
C2F 3PE UB . -1.98 -40.37 -22.61
C2G 3PE UB . -3.41 -40.76 -22.92
C2H 3PE UB . -3.95 -41.83 -21.98
C2I 3PE UB . -5.38 -42.20 -22.27
P 3PE VB . -29.10 -2.20 -4.99
N 3PE VB . -28.25 -1.05 -1.49
O11 3PE VB . -29.99 -3.50 -5.20
O12 3PE VB . -28.11 -2.16 -6.09
O13 3PE VB . -28.30 -2.45 -3.63
O14 3PE VB . -30.00 -1.03 -4.81
C11 3PE VB . -26.97 -1.94 -3.40
C12 3PE VB . -26.92 -1.53 -1.96
C1 3PE VB . -29.64 -4.50 -6.18
C2 3PE VB . -30.85 -5.34 -6.47
C3 3PE VB . -31.93 -4.56 -7.17
O31 3PE VB . -33.19 -5.25 -7.02
O32 3PE VB . -33.24 -5.69 -9.21
C31 3PE VB . -33.74 -5.76 -8.12
C32 3PE VB . -35.06 -6.42 -7.82
C33 3PE VB . -35.21 -7.76 -8.52
C34 3PE VB . -36.33 -8.60 -7.90
C35 3PE VB . -37.72 -8.02 -8.07
C36 3PE VB . -38.22 -8.00 -9.50
C37 3PE VB . -39.69 -7.60 -9.62
C38 3PE VB . -40.21 -7.59 -11.05
O21 3PE VB . -30.46 -6.47 -7.32
O22 3PE VB . -30.75 -7.91 -5.65
C21 3PE VB . -30.44 -7.69 -6.78
C22 3PE VB . -29.97 -8.71 -7.77
C23 3PE VB . -30.69 -10.06 -7.66
C24 3PE VB . -32.20 -9.92 -7.77
C25 3PE VB . -32.95 -11.24 -7.76
C26 3PE VB . -32.85 -12.01 -9.06
C27 3PE VB . -33.97 -13.02 -9.27
C28 3PE VB . -35.36 -12.42 -9.23
C29 3PE VB . -35.63 -11.36 -10.28
C2A 3PE VB . -35.74 -11.87 -11.70
C2B 3PE VB . -36.97 -12.72 -11.95
C2C 3PE VB . -38.27 -12.03 -11.58
P 3PE WB . -45.37 -33.81 -30.41
N 3PE WB . -47.49 -34.96 -26.35
O11 3PE WB . -45.49 -32.43 -31.20
O12 3PE WB . -46.57 -34.60 -30.73
O13 3PE WB . -45.48 -33.38 -28.87
O14 3PE WB . -44.04 -34.39 -30.65
C11 3PE WB . -46.72 -33.42 -28.10
C12 3PE WB . -46.38 -34.09 -26.80
C1 3PE WB . -45.14 -31.18 -30.55
C2 3PE WB . -43.64 -31.07 -30.48
C3 3PE WB . -43.03 -30.67 -31.80
O31 3PE WB . -41.59 -30.60 -31.65
O32 3PE WB . -41.73 -28.37 -31.64
C31 3PE WB . -41.07 -29.38 -31.58
C32 3PE WB . -39.59 -29.43 -31.38
C33 3PE WB . -38.77 -29.13 -32.63
C34 3PE WB . -38.96 -27.71 -33.16
C35 3PE WB . -37.96 -27.27 -34.21
C36 3PE WB . -36.77 -26.49 -33.66
C37 3PE WB . -35.88 -25.91 -34.74
C38 3PE WB . -34.78 -24.98 -34.23
C39 3PE WB . -33.95 -24.36 -35.34
C3A 3PE WB . -32.84 -23.43 -34.86
C3B 3PE WB . -31.99 -22.88 -36.00
O21 3PE WB . -43.35 -30.06 -29.46
O22 3PE WB . -41.60 -31.23 -28.70
C21 3PE WB . -42.36 -30.31 -28.59
C22 3PE WB . -42.36 -29.33 -27.46
C23 3PE WB . -42.45 -27.88 -27.89
C24 3PE WB . -41.19 -27.39 -28.57
C25 3PE WB . -41.23 -25.95 -29.01
C26 3PE WB . -39.95 -25.48 -29.69
C27 3PE WB . -39.88 -23.99 -29.94
C28 3PE WB . -39.95 -23.15 -28.67
C29 3PE WB . -39.30 -21.78 -28.81
C2A 3PE WB . -37.81 -21.87 -29.12
C2B 3PE WB . -36.99 -22.57 -28.04
C1 CDL XB . -27.18 -4.30 -22.52
O1 CDL XB . -26.90 -3.51 -21.35
CA2 CDL XB . -27.00 -5.76 -22.19
OA2 CDL XB . -25.61 -5.99 -21.88
PA1 CDL XB . -25.18 -7.18 -20.86
OA3 CDL XB . -23.97 -7.89 -21.31
OA4 CDL XB . -25.12 -6.56 -19.47
OA5 CDL XB . -26.41 -8.17 -20.88
CA3 CDL XB . -26.35 -9.53 -21.39
CA4 CDL XB . -26.04 -10.46 -20.24
OA6 CDL XB . -25.33 -11.61 -20.80
CA5 CDL XB . -24.57 -12.36 -19.98
OA7 CDL XB . -24.33 -12.06 -18.85
C11 CDL XB . -24.08 -13.59 -20.69
C12 CDL XB . -23.38 -14.58 -19.77
C13 CDL XB . -24.33 -15.50 -19.06
C14 CDL XB . -23.80 -16.91 -18.90
C15 CDL XB . -24.84 -17.88 -18.40
C16 CDL XB . -26.09 -17.92 -19.27
C17 CDL XB . -27.10 -18.96 -18.86
C18 CDL XB . -28.43 -18.78 -19.58
C19 CDL XB . -29.43 -19.90 -19.36
C20 CDL XB . -30.78 -19.61 -19.98
C21 CDL XB . -31.72 -20.80 -20.04
C22 CDL XB . -32.11 -21.35 -18.69
C23 CDL XB . -31.72 -22.80 -18.49
C24 CDL XB . -32.30 -23.42 -17.24
C25 CDL XB . -31.83 -24.82 -16.96
C26 CDL XB . -30.33 -24.92 -16.75
C27 CDL XB . -29.91 -26.31 -16.37
CA6 CDL XB . -27.29 -10.95 -19.58
OA8 CDL XB . -27.93 -11.91 -20.45
CA7 CDL XB . -27.87 -13.18 -20.08
OA9 CDL XB . -27.35 -13.56 -19.07
C31 CDL XB . -28.51 -14.08 -21.10
C32 CDL XB . -30.01 -14.24 -20.89
C33 CDL XB . -30.42 -15.67 -20.59
C34 CDL XB . -31.14 -16.37 -21.72
C35 CDL XB . -30.25 -16.84 -22.86
C36 CDL XB . -31.02 -17.59 -23.94
C37 CDL XB . -31.59 -18.92 -23.48
C38 CDL XB . -32.94 -19.26 -24.08
C39 CDL XB . -34.07 -18.36 -23.61
C40 CDL XB . -34.24 -18.30 -22.10
C41 CDL XB . -35.43 -19.06 -21.54
C42 CDL XB . -35.29 -20.59 -21.55
C43 CDL XB . -36.08 -21.27 -22.65
C44 CDL XB . -37.56 -20.89 -22.66
C45 CDL XB . -38.32 -21.35 -21.43
C46 CDL XB . -39.65 -20.66 -21.25
C47 CDL XB . -40.52 -20.76 -22.48
CB2 CDL XB . -28.56 -3.97 -23.04
OB2 CDL XB . -28.89 -4.92 -24.07
PB2 CDL XB . -30.39 -4.97 -24.68
OB3 CDL XB . -31.13 -3.71 -24.46
OB4 CDL XB . -30.26 -5.36 -26.15
OB5 CDL XB . -31.08 -6.23 -23.94
CB3 CDL XB . -30.30 -7.35 -23.48
CB4 CDL XB . -31.06 -8.63 -23.71
OB6 CDL XB . -30.24 -9.48 -24.57
CB5 CDL XB . -29.36 -10.30 -23.99
OB7 CDL XB . -29.24 -10.41 -22.79
C51 CDL XB . -28.57 -11.08 -25.01
C52 CDL XB . -28.38 -12.54 -24.64
C53 CDL XB . -29.70 -13.29 -24.48
C54 CDL XB . -30.24 -13.89 -25.77
C55 CDL XB . -31.69 -14.34 -25.64
C56 CDL XB . -32.14 -15.35 -26.68
C57 CDL XB . -33.62 -15.68 -26.55
C58 CDL XB . -34.03 -17.03 -27.13
C59 CDL XB . -35.49 -17.36 -26.89
C60 CDL XB . -35.85 -18.82 -27.09
C61 CDL XB . -37.25 -19.17 -26.63
CB6 CDL XB . -32.38 -8.37 -24.39
OB8 CDL XB . -32.94 -9.60 -24.91
CB7 CDL XB . -34.26 -9.61 -25.12
OB9 CDL XB . -34.98 -8.69 -24.87
C71 CDL XB . -34.70 -10.91 -25.73
C72 CDL XB . -35.63 -11.71 -24.83
C73 CDL XB . -36.11 -13.02 -25.46
C74 CDL XB . -36.80 -12.84 -26.80
C75 CDL XB . -37.35 -14.12 -27.42
C76 CDL XB . -38.50 -14.74 -26.67
C77 CDL XB . -39.07 -15.97 -27.36
C78 CDL XB . -40.17 -16.68 -26.57
C79 CDL XB . -40.67 -17.93 -27.23
C80 CDL XB . -41.26 -17.71 -28.61
C81 CDL XB . -42.65 -17.11 -28.60
C82 CDL XB . -43.69 -18.02 -29.22
C83 CDL XB . -43.81 -19.37 -28.54
C84 CDL XB . -44.52 -20.43 -29.36
C85 CDL XB . -43.65 -21.62 -29.74
C86 CDL XB . -42.50 -21.28 -30.66
C87 CDL XB . -42.94 -20.81 -32.03
C1 CDL YB . -24.84 -1.80 -35.52
O1 CDL YB . -25.49 -0.54 -35.35
CA2 CDL YB . -25.36 -2.78 -34.51
OA2 CDL YB . -25.10 -2.26 -33.18
PA1 CDL YB . -26.32 -1.94 -32.17
OA3 CDL YB . -26.03 -0.73 -31.36
OA4 CDL YB . -27.58 -1.85 -33.02
OA5 CDL YB . -26.50 -3.21 -31.21
CA3 CDL YB . -26.88 -3.16 -29.82
CA4 CDL YB . -28.01 -4.12 -29.56
OA6 CDL YB . -27.46 -5.41 -29.15
CA5 CDL YB . -27.69 -5.83 -27.90
OA7 CDL YB . -28.10 -5.11 -27.02
C11 CDL YB . -27.40 -7.29 -27.74
C12 CDL YB . -28.60 -8.11 -27.28
C13 CDL YB . -29.72 -8.17 -28.32
C14 CDL YB . -31.04 -8.78 -27.82
C15 CDL YB . -31.03 -10.29 -27.65
C16 CDL YB . -31.33 -11.09 -28.90
C17 CDL YB . -32.81 -11.35 -29.15
C18 CDL YB . -33.11 -12.79 -29.53
C19 CDL YB . -34.56 -13.07 -29.87
C20 CDL YB . -34.86 -14.55 -30.07
C21 CDL YB . -33.97 -15.20 -31.12
C22 CDL YB . -33.73 -16.68 -30.89
C23 CDL YB . -32.77 -17.29 -31.89
C24 CDL YB . -33.42 -17.77 -33.17
C25 CDL YB . -32.46 -17.81 -34.37
C26 CDL YB . -31.12 -18.47 -34.11
C27 CDL YB . -31.20 -19.97 -33.86
CA6 CDL YB . -28.86 -4.36 -30.78
OA8 CDL YB . -28.29 -5.50 -31.47
CA7 CDL YB . -29.03 -6.61 -31.51
OA9 CDL YB . -30.18 -6.66 -31.15
C31 CDL YB . -28.23 -7.79 -32.00
C32 CDL YB . -28.60 -8.28 -33.39
C33 CDL YB . -29.99 -8.91 -33.48
C34 CDL YB . -30.28 -9.90 -32.37
C35 CDL YB . -31.52 -10.74 -32.61
C36 CDL YB . -31.32 -11.81 -33.66
C37 CDL YB . -32.53 -12.71 -33.84
C38 CDL YB . -32.16 -14.11 -34.30
CB2 CDL YB . -25.01 -2.25 -36.96
OB2 CDL YB . -26.14 -1.54 -37.54
PB2 CDL YB . -27.62 -2.21 -37.58
OB3 CDL YB . -28.17 -2.40 -36.24
OB4 CDL YB . -28.47 -1.30 -38.48
OB5 CDL YB . -27.45 -3.61 -38.39
CB3 CDL YB . -27.43 -4.88 -37.70
CB4 CDL YB . -27.70 -5.96 -38.72
OB6 CDL YB . -28.14 -7.17 -38.00
CB5 CDL YB . -27.19 -8.02 -37.58
OB7 CDL YB . -26.01 -7.86 -37.74
C51 CDL YB . -27.80 -9.20 -36.88
C52 CDL YB . -27.96 -10.43 -37.76
C53 CDL YB . -28.72 -11.56 -37.10
C54 CDL YB . -28.21 -11.92 -35.71
C55 CDL YB . -28.18 -13.40 -35.41
C56 CDL YB . -27.37 -14.22 -36.40
C57 CDL YB . -27.08 -15.63 -35.92
C58 CDL YB . -26.66 -16.59 -37.02
C59 CDL YB . -26.35 -17.98 -36.51
C60 CDL YB . -26.27 -19.03 -37.59
C61 CDL YB . -27.59 -19.27 -38.31
CB6 CDL YB . -28.81 -5.55 -39.64
OB8 CDL YB . -28.54 -6.00 -41.00
CB7 CDL YB . -28.77 -5.11 -41.96
OB9 CDL YB . -29.10 -3.97 -41.75
C71 CDL YB . -28.56 -5.70 -43.32
C72 CDL YB . -29.11 -7.10 -43.49
C73 CDL YB . -30.61 -7.20 -43.27
C74 CDL YB . -30.98 -8.01 -42.05
C75 CDL YB . -30.38 -9.40 -42.04
C76 CDL YB . -30.98 -10.34 -43.07
C77 CDL YB . -30.20 -11.63 -43.26
C78 CDL YB . -30.97 -12.74 -43.94
C79 CDL YB . -30.17 -14.00 -44.17
C80 CDL YB . -29.35 -13.99 -45.45
C81 CDL YB . -30.17 -14.27 -46.68
C82 CDL YB . -30.91 -15.60 -46.61
C83 CDL YB . -31.86 -15.86 -47.76
C84 CDL YB . -32.73 -17.11 -47.57
C85 CDL YB . -33.78 -17.30 -48.64
C86 CDL YB . -34.79 -18.39 -48.33
C87 CDL YB . -35.60 -18.10 -47.08
C1 CDL ZB . -4.82 -47.93 -89.84
O1 CDL ZB . -5.92 -48.79 -89.53
CA2 CDL ZB . -3.61 -48.78 -90.17
OA2 CDL ZB . -2.70 -48.01 -91.00
PA1 CDL ZB . -2.29 -48.53 -92.48
OA3 CDL ZB . -3.45 -49.02 -93.25
OA4 CDL ZB . -1.19 -49.57 -92.32
OA5 CDL ZB . -1.61 -47.28 -93.16
CA3 CDL ZB . -0.59 -47.31 -94.17
CA4 CDL ZB . 0.42 -46.23 -93.88
OA6 CDL ZB . 1.33 -46.18 -95.03
CA5 CDL ZB . 1.85 -44.99 -95.36
OA7 CDL ZB . 1.79 -44.01 -94.67
C11 CDL ZB . 2.50 -45.05 -96.71
C12 CDL ZB . 1.67 -44.32 -97.77
C13 CDL ZB . 2.33 -43.06 -98.28
C14 CDL ZB . 1.42 -42.20 -99.13
C15 CDL ZB . 2.13 -41.14 -99.95
C16 CDL ZB . 2.95 -41.68 -101.10
C17 CDL ZB . 2.21 -42.69 -101.97
C18 CDL ZB . 2.67 -42.71 -103.42
C19 CDL ZB . 4.16 -42.90 -103.61
C20 CDL ZB . 4.59 -42.86 -105.07
C21 CDL ZB . 5.98 -43.37 -105.36
C22 CDL ZB . 6.25 -44.76 -104.82
C23 CDL ZB . 7.51 -45.42 -105.37
C24 CDL ZB . 7.88 -46.72 -104.68
C25 CDL ZB . 6.73 -47.71 -104.59
C26 CDL ZB . 7.06 -48.95 -103.77
C27 CDL ZB . 5.87 -49.88 -103.63
CA6 CDL ZB . 1.18 -46.48 -92.62
OA8 CDL ZB . 0.58 -45.67 -91.59
CA7 CDL ZB . 1.20 -44.53 -91.29
OA9 CDL ZB . 2.27 -44.21 -91.73
C31 CDL ZB . 0.39 -43.70 -90.34
C32 CDL ZB . 1.20 -43.05 -89.23
C33 CDL ZB . 1.60 -41.61 -89.51
C34 CDL ZB . 1.08 -40.62 -88.48
C35 CDL ZB . 1.72 -39.23 -88.56
C36 CDL ZB . 0.96 -38.16 -87.78
C37 CDL ZB . 1.77 -36.88 -87.57
C38 CDL ZB . 0.96 -35.61 -87.68
C39 CDL ZB . 0.34 -35.39 -89.05
C40 CDL ZB . -0.22 -33.99 -89.28
C41 CDL ZB . 0.84 -32.90 -89.38
C42 CDL ZB . 1.81 -33.08 -90.53
C43 CDL ZB . 2.70 -31.87 -90.79
C44 CDL ZB . 1.98 -30.70 -91.44
C45 CDL ZB . 1.39 -31.02 -92.81
C46 CDL ZB . 0.70 -29.85 -93.48
C47 CDL ZB . -0.36 -29.20 -92.61
CB2 CDL ZB . -4.61 -46.96 -88.70
OB2 CDL ZB . -3.50 -46.09 -88.98
PB2 CDL ZB . -2.93 -45.13 -87.82
OB3 CDL ZB . -3.44 -45.50 -86.49
OB4 CDL ZB . -1.42 -45.15 -87.93
OB5 CDL ZB . -3.40 -43.65 -88.23
CB3 CDL ZB . -4.37 -42.97 -87.41
CB4 CDL ZB . -4.23 -41.48 -87.59
OB6 CDL ZB . -3.14 -41.24 -88.55
CB5 CDL ZB . -3.17 -40.10 -89.26
OB7 CDL ZB . -3.96 -39.21 -89.08
C51 CDL ZB . -2.09 -40.06 -90.30
C52 CDL ZB . -1.91 -38.68 -90.93
C53 CDL ZB . -2.57 -38.53 -92.31
C54 CDL ZB . -4.08 -38.72 -92.34
C55 CDL ZB . -4.78 -38.00 -93.48
C56 CDL ZB . -4.51 -36.50 -93.49
C57 CDL ZB . -5.21 -35.73 -94.59
C58 CDL ZB . -6.69 -35.46 -94.36
C59 CDL ZB . -7.25 -34.37 -95.25
C60 CDL ZB . -8.72 -34.06 -95.04
C61 CDL ZB . -9.07 -33.58 -93.64
C62 CDL ZB . -8.46 -32.23 -93.28
C63 CDL ZB . -9.13 -31.05 -93.96
C64 CDL ZB . -8.62 -29.70 -93.49
C65 CDL ZB . -9.41 -28.52 -94.07
C66 CDL ZB . -8.79 -27.17 -93.84
C67 CDL ZB . -8.74 -26.77 -92.38
CB6 CDL ZB . -3.89 -40.82 -86.29
OB8 CDL ZB . -2.47 -40.98 -86.04
CB7 CDL ZB . -2.11 -41.17 -84.77
OB9 CDL ZB . -2.89 -41.28 -83.86
C71 CDL ZB . -0.62 -41.23 -84.64
C72 CDL ZB . -0.11 -40.56 -83.36
C73 CDL ZB . -0.27 -39.06 -83.36
C74 CDL ZB . 0.13 -38.42 -82.05
C75 CDL ZB . 1.34 -37.50 -82.12
C76 CDL ZB . 2.66 -38.21 -82.32
C77 CDL ZB . 3.85 -37.28 -82.44
C78 CDL ZB . 3.80 -36.35 -83.65
C79 CDL ZB . 5.08 -35.57 -83.89
C80 CDL ZB . 5.06 -34.69 -85.11
C81 CDL ZB . 5.16 -35.41 -86.44
C82 CDL ZB . 6.55 -35.89 -86.79
C83 CDL ZB . 6.64 -36.48 -88.18
C84 CDL ZB . 6.20 -35.53 -89.27
C85 CDL ZB . 5.76 -36.21 -90.56
C86 CDL ZB . 6.79 -37.13 -91.16
C87 CDL ZB . 6.32 -37.78 -92.44
O7 ZMP AC . -4.55 41.12 -84.87
P1 ZMP AC . -4.25 39.71 -84.20
O6 ZMP AC . -3.03 39.83 -83.37
O5 ZMP AC . -5.51 39.55 -83.21
C21 ZMP AC . -5.94 40.71 -82.49
C18 ZMP AC . -7.46 40.84 -82.60
C19 ZMP AC . -7.84 40.84 -84.08
C20 ZMP AC . -8.15 39.67 -81.92
C17 ZMP AC . -7.90 42.18 -81.96
O4 ZMP AC . -6.91 43.18 -82.25
C16 ZMP AC . -8.10 42.08 -80.44
O3 ZMP AC . -7.16 41.87 -79.67
N2 ZMP AC . -9.37 42.26 -79.99
C15 ZMP AC . -10.52 42.53 -80.87
C14 ZMP AC . -11.76 41.83 -80.31
C13 ZMP AC . -12.77 41.59 -81.44
O2 ZMP AC . -13.79 42.25 -81.53
N1 ZMP AC . -12.42 40.60 -82.29
C12 ZMP AC . -13.25 40.24 -83.45
C11 ZMP AC . -14.42 39.34 -83.02
S1 ZMP AC . -15.97 39.74 -83.93
C10 ZMP AC . -16.10 38.36 -85.01
O1 ZMP AC . -15.29 37.43 -85.04
C9 ZMP AC . -17.32 38.38 -85.93
C8 ZMP AC . -17.71 36.94 -86.31
C7 ZMP AC . -17.13 36.58 -87.68
C6 ZMP AC . -17.81 35.33 -88.24
C5 ZMP AC . -17.58 34.14 -87.29
C4 ZMP AC . -18.65 33.07 -87.53
C3 ZMP AC . -18.17 32.09 -88.60
C2 ZMP AC . -19.23 31.01 -88.86
C1 CDL BC . -4.60 -52.98 -49.73
O1 CDL BC . -5.45 -54.08 -50.03
CA2 CDL BC . -5.12 -51.74 -50.42
OA2 CDL BC . -6.36 -51.35 -49.79
PA1 CDL BC . -7.24 -50.11 -50.38
OA3 CDL BC . -7.24 -50.08 -51.86
OA4 CDL BC . -8.63 -50.25 -49.76
OA5 CDL BC . -6.61 -48.77 -49.78
CA3 CDL BC . -6.90 -48.14 -48.52
CA4 CDL BC . -5.62 -47.93 -47.77
OA6 CDL BC . -4.90 -46.85 -48.43
CA5 CDL BC . -5.18 -45.59 -48.03
OA7 CDL BC . -5.93 -45.33 -47.13
C11 CDL BC . -4.45 -44.58 -48.87
C12 CDL BC . -3.10 -44.17 -48.30
C13 CDL BC . -1.96 -45.13 -48.62
C14 CDL BC . -1.78 -46.26 -47.62
C15 CDL BC . -0.34 -46.46 -47.19
C16 CDL BC . 0.57 -47.14 -48.20
C17 CDL BC . 1.71 -47.91 -47.53
C18 CDL BC . 3.10 -47.54 -48.01
C19 CDL BC . 3.47 -46.08 -47.81
C20 CDL BC . 4.85 -45.72 -48.34
C21 CDL BC . 5.05 -44.24 -48.62
C22 CDL BC . 5.58 -43.42 -47.45
C23 CDL BC . 5.95 -42.00 -47.85
C24 CDL BC . 6.74 -41.23 -46.81
C25 CDL BC . 6.02 -41.03 -45.48
C26 CDL BC . 4.76 -40.21 -45.57
C27 CDL BC . 5.02 -38.77 -45.95
CA6 CDL BC . -4.77 -49.18 -47.84
OA8 CDL BC . -3.52 -49.10 -47.14
CA7 CDL BC . -2.51 -49.80 -47.68
OA9 CDL BC . -2.54 -50.23 -48.80
C31 CDL BC . -1.37 -49.98 -46.73
C32 CDL BC . -0.35 -50.99 -47.24
C33 CDL BC . 0.01 -52.07 -46.23
C34 CDL BC . 1.02 -51.64 -45.18
C35 CDL BC . 2.47 -51.75 -45.63
C36 CDL BC . 2.95 -53.18 -45.86
C37 CDL BC . 4.46 -53.34 -45.83
C38 CDL BC . 4.94 -54.79 -45.86
C39 CDL BC . 5.09 -55.37 -47.26
C40 CDL BC . 5.44 -56.86 -47.27
C41 CDL BC . 4.26 -57.76 -46.95
C42 CDL BC . 4.60 -59.25 -46.89
C43 CDL BC . 5.33 -59.67 -45.62
C44 CDL BC . 4.84 -61.00 -45.07
C45 CDL BC . 5.36 -61.31 -43.66
C46 CDL BC . 4.69 -62.50 -43.00
C47 CDL BC . 4.83 -63.78 -43.79
CB2 CDL BC . -4.47 -52.84 -48.23
OB2 CDL BC . -5.22 -53.88 -47.59
PB2 CDL BC . -6.54 -53.54 -46.70
OB3 CDL BC . -7.66 -53.11 -47.57
OB4 CDL BC . -6.81 -54.77 -45.85
OB5 CDL BC . -6.12 -52.35 -45.68
CB3 CDL BC . -6.75 -52.26 -44.38
CB4 CDL BC . -7.26 -50.86 -44.17
OB6 CDL BC . -6.25 -50.12 -43.42
CB5 CDL BC . -6.68 -49.18 -42.55
OB7 CDL BC . -7.84 -48.86 -42.44
C51 CDL BC . -5.56 -48.61 -41.75
C52 CDL BC . -5.43 -47.09 -41.88
C53 CDL BC . -4.51 -46.69 -43.01
C54 CDL BC . -3.09 -47.14 -42.78
C55 CDL BC . -2.23 -47.16 -44.02
C56 CDL BC . -0.88 -47.82 -43.81
C57 CDL BC . 0.27 -46.87 -43.59
C58 CDL BC . 1.63 -47.52 -43.75
C59 CDL BC . 2.71 -46.56 -44.21
C60 CDL BC . 2.84 -45.33 -43.34
C61 CDL BC . 3.08 -44.03 -44.09
C62 CDL BC . 1.85 -43.14 -44.19
C63 CDL BC . 0.81 -43.62 -45.19
C64 CDL BC . -0.52 -42.92 -45.13
C65 CDL BC . -1.26 -43.17 -43.83
C66 CDL BC . -2.68 -42.66 -43.79
C67 CDL BC . -3.61 -43.42 -44.70
CB6 CDL BC . -7.52 -50.19 -45.49
OB8 CDL BC . -7.99 -48.83 -45.35
CB7 CDL BC . -9.31 -48.65 -45.28
OB9 CDL BC . -10.11 -49.54 -45.18
C71 CDL BC . -9.68 -47.20 -45.39
C72 CDL BC . -9.24 -46.33 -44.21
C73 CDL BC . -7.85 -45.74 -44.37
C74 CDL BC . -7.61 -44.50 -43.53
C75 CDL BC . -8.38 -43.28 -44.00
C76 CDL BC . -8.05 -42.02 -43.23
C77 CDL BC . -8.61 -40.76 -43.85
C78 CDL BC . -8.53 -39.54 -42.96
C79 CDL BC . -7.12 -39.22 -42.47
C80 CDL BC . -6.15 -38.81 -43.57
C81 CDL BC . -4.77 -38.44 -43.05
C82 CDL BC . -3.88 -37.77 -44.09
C83 CDL BC . -3.48 -38.69 -45.24
C84 CDL BC . -2.08 -39.25 -45.11
C85 CDL BC . -0.99 -38.23 -45.36
C86 CDL BC . 0.41 -38.68 -44.98
C87 CDL BC . 0.59 -38.79 -43.48
ZN ZN CC . 15.72 28.40 83.13
PA NDP DC . -30.25 18.66 39.60
O1A NDP DC . -31.43 17.80 39.53
O2A NDP DC . -29.12 18.05 38.80
O5B NDP DC . -29.74 18.92 41.10
C5B NDP DC . -30.54 19.77 41.95
C4B NDP DC . -29.88 19.90 43.30
O4B NDP DC . -30.88 20.28 44.28
C3B NDP DC . -29.22 18.64 43.82
O3B NDP DC . -28.08 18.97 44.60
C2B NDP DC . -30.31 18.05 44.70
O2B NDP DC . -29.76 17.21 45.74
C1B NDP DC . -30.94 19.30 45.30
N9A NDP DC . -32.32 19.12 45.69
C8A NDP DC . -33.35 18.68 44.89
N7A NDP DC . -34.50 18.56 45.52
C5A NDP DC . -34.20 18.93 46.82
C6A NDP DC . -34.99 19.01 47.98
N6A NDP DC . -36.29 18.70 48.04
N1A NDP DC . -34.38 19.43 49.12
C2A NDP DC . -33.09 19.73 49.09
N3A NDP DC . -32.24 19.69 48.05
C4A NDP DC . -32.87 19.28 46.94
O3 NDP DC . -30.59 20.09 39.00
PN NDP DC . -29.85 20.96 37.88
O1N NDP DC . -28.40 20.93 38.15
O2N NDP DC . -30.15 20.33 36.53
O5D NDP DC . -30.44 22.42 37.87
C5D NDP DC . -30.13 23.46 38.83
C4D NDP DC . -31.26 24.44 38.94
O4D NDP DC . -31.49 25.06 37.66
C3D NDP DC . -32.60 23.85 39.38
O3D NDP DC . -33.25 24.69 40.34
C2D NDP DC . -33.41 23.76 38.08
O2D NDP DC . -34.80 23.91 38.31
C1D NDP DC . -32.85 24.94 37.29
N1N NDP DC . -32.91 24.76 35.84
C2N NDP DC . -32.35 23.65 35.26
C3N NDP DC . -32.38 23.42 33.94
C7N NDP DC . -31.72 22.22 33.44
O7N NDP DC . -30.89 21.65 34.15
N7N NDP DC . -32.04 21.78 32.22
C4N NDP DC . -33.07 24.39 33.01
C5N NDP DC . -33.60 25.56 33.74
C6N NDP DC . -33.52 25.69 35.05
P2B NDP DC . -29.56 15.62 45.62
O1X NDP DC . -28.49 15.32 44.65
O2X NDP DC . -29.26 15.15 47.01
O3X NDP DC . -30.92 15.05 45.23
O7 ZMP EC . 6.80 35.90 5.48
P1 ZMP EC . 8.19 35.21 5.84
O6 ZMP EC . 9.06 35.21 4.65
O5 ZMP EC . 7.76 33.69 6.17
C21 ZMP EC . 8.76 32.67 6.23
C18 ZMP EC . 8.34 31.53 7.16
C19 ZMP EC . 7.15 30.80 6.55
C20 ZMP EC . 9.47 30.52 7.29
C17 ZMP EC . 7.88 32.07 8.54
O4 ZMP EC . 6.56 32.60 8.43
C16 ZMP EC . 8.81 33.16 9.10
O3 ZMP EC . 8.51 34.35 9.01
N2 ZMP EC . 9.89 32.72 9.74
C15 ZMP EC . 10.87 33.61 10.35
C14 ZMP EC . 12.04 32.75 10.78
C13 ZMP EC . 11.73 32.17 12.15
O2 ZMP EC . 11.98 32.81 13.17
N1 ZMP EC . 11.18 30.94 12.16
C12 ZMP EC . 10.84 30.26 13.42
C11 ZMP EC . 9.57 29.41 13.26
S1 ZMP EC . 9.84 27.65 13.70
C10 ZMP EC . 8.69 27.51 15.00
O1 ZMP EC . 8.19 28.46 15.60
C9 ZMP EC . 8.32 26.07 15.39
C8 ZMP EC . 7.00 26.07 16.16
C7 ZMP EC . 6.59 24.64 16.50
C6 ZMP EC . 5.23 24.64 17.20
C5 ZMP EC . 4.37 23.50 16.65
C4 ZMP EC . 2.89 23.89 16.73
C3 ZMP EC . 2.18 22.96 17.72
C2 ZMP EC . 0.68 23.29 17.77
C1 ZMP EC . -0.11 22.02 18.07
C22 ZMP EC . -1.62 22.30 17.93
C23 ZMP EC . -2.49 21.05 17.83
P 3PE FC . -25.29 -6.31 67.99
N 3PE FC . -23.45 -6.95 72.26
O11 3PE FC . -24.42 -7.31 67.12
O12 3PE FC . -25.07 -4.95 67.45
O13 3PE FC . -24.58 -6.38 69.42
O14 3PE FC . -26.67 -6.83 68.09
C11 3PE FC . -25.29 -6.58 70.67
C12 3PE FC . -24.51 -7.60 71.44
C1 3PE FC . -24.37 -7.18 65.68
C2 3PE FC . -24.28 -8.56 65.07
C3 3PE FC . -23.52 -9.51 65.95
O31 3PE FC . -23.36 -10.77 65.28
O32 3PE FC . -22.50 -11.68 67.12
C31 3PE FC . -22.84 -11.77 65.98
C32 3PE FC . -22.72 -13.01 65.15
C33 3PE FC . -21.98 -12.77 63.85
C34 3PE FC . -22.18 -13.88 62.83
C35 3PE FC . -21.82 -15.27 63.31
C36 3PE FC . -22.08 -16.32 62.25
C37 3PE FC . -21.52 -17.71 62.55
C38 3PE FC . -21.21 -18.53 61.32
C39 3PE FC . -22.24 -18.37 60.21
C3A 3PE FC . -22.44 -19.59 59.33
C3B 3PE FC . -21.22 -20.01 58.52
C3C 3PE FC . -21.53 -21.17 57.58
C3D 3PE FC . -22.75 -20.92 56.70
C3E 3PE FC . -23.01 -22.01 55.68
C3F 3PE FC . -23.23 -23.40 56.27
C3G 3PE FC . -23.53 -24.46 55.23
C3H 3PE FC . -23.79 -25.84 55.79
C3I 3PE FC . -24.06 -26.86 54.74
O21 3PE FC . -25.64 -9.06 64.89
O22 3PE FC . -25.29 -9.36 62.70
C21 3PE FC . -26.02 -9.39 63.65
C22 3PE FC . -27.45 -9.81 63.62
C23 3PE FC . -27.65 -11.33 63.60
C24 3PE FC . -27.16 -11.98 62.32
C25 3PE FC . -27.02 -13.48 62.39
C26 3PE FC . -26.37 -14.08 61.17
C27 3PE FC . -25.95 -15.53 61.33
C28 3PE FC . -25.17 -16.07 60.14
C29 3PE FC . -25.96 -16.18 58.86
C2A 3PE FC . -25.18 -16.79 57.70
C2B 3PE FC . -26.00 -17.13 56.46
C2C 3PE FC . -26.36 -18.61 56.31
C2D 3PE FC . -27.42 -19.13 57.28
C2E 3PE FC . -27.51 -20.64 57.35
C2F 3PE FC . -27.87 -21.31 56.03
C2G 3PE FC . -27.90 -22.83 56.10
C2H 3PE FC . -28.86 -23.39 57.14
C2I 3PE FC . -30.31 -23.05 56.87
C1 CDL GC . -0.83 -25.44 69.28
O1 CDL GC . -0.22 -25.19 70.56
CA2 CDL GC . -0.26 -26.71 68.72
OA2 CDL GC . -0.68 -26.84 67.34
PA1 CDL GC . -0.15 -28.11 66.47
OA3 CDL GC . 0.84 -28.90 67.22
OA4 CDL GC . 0.35 -27.56 65.15
OA5 CDL GC . -1.45 -28.97 66.16
CA3 CDL GC . -2.27 -29.57 67.17
CA4 CDL GC . -3.20 -30.59 66.56
OA6 CDL GC . -2.45 -31.40 65.60
CA5 CDL GC . -2.15 -32.66 65.95
OA7 CDL GC . -2.35 -33.12 67.04
C11 CDL GC . -1.53 -33.40 64.81
C12 CDL GC . -2.51 -34.31 64.06
C13 CDL GC . -2.90 -35.55 64.87
C14 CDL GC . -3.92 -36.44 64.18
C15 CDL GC . -4.26 -37.70 64.96
C16 CDL GC . -5.27 -38.61 64.27
C17 CDL GC . -6.64 -37.98 64.10
CA6 CDL GC . -4.35 -29.96 65.83
OA8 CDL GC . -5.51 -30.81 65.94
CA7 CDL GC . -5.67 -31.78 65.03
OA9 CDL GC . -4.89 -32.00 64.14
C31 CDL GC . -6.94 -32.55 65.25
C32 CDL GC . -7.38 -33.38 64.05
C33 CDL GC . -7.84 -32.53 62.88
C34 CDL GC . -8.49 -33.33 61.76
C35 CDL GC . -7.65 -34.52 61.30
CB2 CDL GC . -2.33 -25.46 69.45
OB2 CDL GC . -2.77 -24.15 69.87
PB2 CDL GC . -3.18 -23.87 71.41
OB3 CDL GC . -3.21 -22.42 71.68
OB4 CDL GC . -2.19 -24.66 72.26
OB5 CDL GC . -4.63 -24.54 71.70
CB3 CDL GC . -5.85 -23.82 71.42
CB4 CDL GC . -6.50 -24.50 70.24
OB6 CDL GC . -7.92 -24.18 70.16
CB5 CDL GC . -8.31 -23.23 69.31
OB7 CDL GC . -7.56 -22.43 68.81
C51 CDL GC . -9.78 -23.31 69.04
C52 CDL GC . -10.12 -23.87 67.66
C53 CDL GC . -11.60 -24.14 67.48
C54 CDL GC . -12.01 -24.55 66.07
C55 CDL GC . -11.39 -25.84 65.57
C56 CDL GC . -12.02 -26.37 64.30
C57 CDL GC . -11.57 -27.78 63.91
C58 CDL GC . -12.36 -28.41 62.76
C59 CDL GC . -13.83 -28.68 63.06
C60 CDL GC . -14.80 -27.77 62.34
CB6 CDL GC . -6.41 -25.98 70.36
OB8 CDL GC . -6.38 -26.56 69.04
CB7 CDL GC . -7.35 -27.40 68.71
OB9 CDL GC . -8.27 -27.68 69.45
C71 CDL GC . -7.14 -27.96 67.34
C72 CDL GC . -8.41 -28.44 66.64
C73 CDL GC . -8.80 -29.86 67.03
C74 CDL GC . -10.00 -30.39 66.27
P AMP HC . 34.67 0.58 -15.55
O1P AMP HC . 35.25 1.26 -16.76
O2P AMP HC . 34.95 -0.90 -15.48
O3P AMP HC . 34.89 1.30 -14.23
O5' AMP HC . 33.09 0.67 -15.78
C5' AMP HC . 32.54 1.58 -16.73
C4' AMP HC . 31.82 0.83 -17.81
O4' AMP HC . 30.40 0.83 -17.58
C3' AMP HC . 31.93 1.44 -19.21
O3' AMP HC . 33.17 1.15 -19.83
C2' AMP HC . 30.71 0.85 -19.94
O2' AMP HC . 31.06 -0.36 -20.60
C1' AMP HC . 29.75 0.52 -18.79
N9 AMP HC . 28.44 1.19 -18.88
C8 AMP HC . 27.30 0.56 -18.58
N7 AMP HC . 26.20 1.35 -18.76
C5 AMP HC . 26.65 2.53 -19.21
C6 AMP HC . 26.01 3.82 -19.60
N6 AMP HC . 24.67 3.98 -19.54
N1 AMP HC . 26.80 4.82 -20.02
C2 AMP HC . 28.14 4.66 -20.08
N3 AMP HC . 28.78 3.54 -19.75
C4 AMP HC . 28.12 2.44 -19.30
P 3PE IC . -13.68 -52.86 -18.18
N 3PE IC . -15.52 -48.16 -18.48
O11 3PE IC . -12.10 -53.09 -18.16
O12 3PE IC . -14.15 -53.33 -19.50
O13 3PE IC . -13.84 -51.27 -18.16
O14 3PE IC . -14.28 -53.42 -16.95
C11 3PE IC . -15.06 -50.58 -18.50
C12 3PE IC . -14.65 -49.23 -19.02
C1 3PE IC . -11.37 -52.84 -19.38
C2 3PE IC . -10.08 -52.15 -19.03
C3 3PE IC . -9.14 -53.05 -18.31
O31 3PE IC . -7.88 -52.36 -18.17
O32 3PE IC . -6.85 -54.27 -17.67
C31 3PE IC . -6.82 -53.09 -17.87
C32 3PE IC . -5.57 -52.26 -17.85
C33 3PE IC . -4.53 -52.75 -18.83
C34 3PE IC . -3.54 -51.68 -19.24
C35 3PE IC . -4.20 -50.49 -19.93
C36 3PE IC . -3.22 -49.57 -20.63
C37 3PE IC . -3.88 -48.49 -21.48
C38 3PE IC . -2.91 -47.65 -22.29
O21 3PE IC . -9.42 -51.79 -20.29
O22 3PE IC . -9.94 -49.62 -20.01
C21 3PE IC . -9.43 -50.50 -20.65
C22 3PE IC . -8.71 -50.30 -21.94
C23 3PE IC . -8.94 -48.94 -22.56
C24 3PE IC . -7.99 -47.87 -22.07
C25 3PE IC . -7.07 -47.34 -23.17
C26 3PE IC . -6.34 -46.05 -22.84
C27 3PE IC . -5.47 -45.54 -23.98
C28 3PE IC . -6.26 -45.23 -25.25
C1 CDL JC . 13.13 -38.03 -25.25
O1 CDL JC . 12.83 -39.21 -26.00
CA2 CDL JC . 14.07 -38.39 -24.12
OA2 CDL JC . 15.08 -39.29 -24.63
PA1 CDL JC . 16.49 -39.35 -23.88
OA3 CDL JC . 16.49 -38.53 -22.66
OA4 CDL JC . 17.53 -39.02 -24.93
OA5 CDL JC . 16.65 -40.89 -23.55
CA3 CDL JC . 16.34 -41.97 -24.44
CA4 CDL JC . 15.23 -42.78 -23.83
OA6 CDL JC . 14.43 -43.30 -24.95
CA5 CDL JC . 13.47 -42.49 -25.45
OA7 CDL JC . 13.12 -41.46 -24.93
C11 CDL JC . 12.93 -43.02 -26.74
C12 CDL JC . 11.40 -42.98 -26.83
C13 CDL JC . 10.74 -43.93 -25.84
C14 CDL JC . 9.25 -44.15 -26.08
C15 CDL JC . 8.37 -42.93 -25.80
C16 CDL JC . 6.89 -43.20 -26.05
C17 CDL JC . 6.38 -44.44 -25.33
C18 CDL JC . 4.95 -44.83 -25.68
C19 CDL JC . 3.88 -43.92 -25.09
C20 CDL JC . 2.47 -44.38 -25.38
C21 CDL JC . 2.21 -44.48 -26.87
C22 CDL JC . 0.91 -45.16 -27.26
C23 CDL JC . 0.78 -45.32 -28.77
C24 CDL JC . -0.56 -45.84 -29.23
C25 CDL JC . -0.70 -45.88 -30.75
C26 CDL JC . -2.04 -46.40 -31.23
C27 CDL JC . -3.19 -45.59 -30.71
CA6 CDL JC . 15.79 -43.91 -23.01
OA8 CDL JC . 14.76 -44.76 -22.45
CA7 CDL JC . 15.07 -45.45 -21.36
OA9 CDL JC . 16.11 -45.34 -20.77
C31 CDL JC . 13.98 -46.42 -20.99
C32 CDL JC . 14.48 -47.68 -20.33
C33 CDL JC . 14.62 -47.57 -18.82
C34 CDL JC . 13.31 -47.25 -18.12
C35 CDL JC . 13.36 -47.37 -16.60
C36 CDL JC . 13.49 -48.81 -16.11
C37 CDL JC . 13.24 -48.97 -14.62
CB2 CDL JC . 11.86 -37.44 -24.73
OB2 CDL JC . 11.12 -38.49 -24.08
PB2 CDL JC . 10.01 -38.10 -22.99
OB3 CDL JC . 10.63 -37.92 -21.66
OB4 CDL JC . 9.25 -36.93 -23.57
OB5 CDL JC . 9.02 -39.38 -23.02
CB3 CDL JC . 9.61 -40.70 -22.99
CB4 CDL JC . 8.97 -41.48 -21.88
OB6 CDL JC . 9.26 -42.93 -21.93
CB5 CDL JC . 10.49 -43.44 -21.67
OB7 CDL JC . 11.50 -42.79 -21.56
C51 CDL JC . 10.44 -44.93 -21.54
C52 CDL JC . 9.56 -45.58 -22.61
C53 CDL JC . 9.04 -46.95 -22.21
C54 CDL JC . 8.11 -47.56 -23.24
C55 CDL JC . 7.44 -48.85 -22.81
C56 CDL JC . 6.45 -49.39 -23.84
C57 CDL JC . 5.62 -50.55 -23.35
C58 CDL JC . 4.69 -50.19 -22.21
C59 CDL JC . 3.87 -51.36 -21.68
CB6 CDL JC . 9.20 -40.90 -20.51
OB8 CDL JC . 8.40 -41.69 -19.60
CB7 CDL JC . 7.44 -41.04 -18.92
OB9 CDL JC . 7.35 -39.85 -18.89
C71 CDL JC . 6.51 -42.00 -18.25
C72 CDL JC . 5.19 -42.14 -19.00
C73 CDL JC . 5.37 -42.67 -20.42
C74 CDL JC . 5.62 -44.16 -20.52
C75 CDL JC . 4.35 -44.99 -20.45
C76 CDL JC . 3.32 -44.57 -21.50
C77 CDL JC . 2.03 -45.35 -21.47
C78 CDL JC . 2.14 -46.78 -21.96
C79 CDL JC . 0.81 -47.50 -22.07
C80 CDL JC . 0.90 -48.89 -22.67
C1 CDL KC . 15.30 -26.83 -40.02
O1 CDL KC . 16.22 -25.90 -40.61
CA2 CDL KC . 16.07 -28.00 -39.47
OA2 CDL KC . 16.97 -28.47 -40.49
PA1 CDL KC . 16.66 -29.84 -41.29
OA3 CDL KC . 17.63 -30.02 -42.40
OA4 CDL KC . 16.68 -30.96 -40.25
OA5 CDL KC . 15.16 -29.75 -41.83
CA3 CDL KC . 14.49 -30.74 -42.63
CA4 CDL KC . 13.63 -31.60 -41.72
OA6 CDL KC . 12.69 -32.35 -42.55
CA5 CDL KC . 12.73 -33.68 -42.50
OA7 CDL KC . 13.62 -34.32 -42.01
C11 CDL KC . 11.49 -34.27 -43.11
C12 CDL KC . 11.47 -35.80 -43.12
C13 CDL KC . 12.25 -36.39 -44.28
C14 CDL KC . 12.35 -37.90 -44.27
C15 CDL KC . 11.02 -38.62 -44.43
C16 CDL KC . 11.16 -40.13 -44.47
C17 CDL KC . 9.85 -40.91 -44.55
C18 CDL KC . 10.05 -42.42 -44.48
C19 CDL KC . 8.78 -43.24 -44.42
C20 CDL KC . 9.03 -44.73 -44.33
C21 CDL KC . 9.74 -45.16 -43.07
C22 CDL KC . 8.85 -45.23 -41.83
C23 CDL KC . 8.10 -46.55 -41.68
C24 CDL KC . 7.24 -46.61 -40.43
C25 CDL KC . 6.70 -48.00 -40.11
C26 CDL KC . 7.77 -48.99 -39.70
C27 CDL KC . 7.20 -50.30 -39.17
CA6 CDL KC . 12.78 -30.75 -40.83
OA8 CDL KC . 11.47 -31.38 -40.78
CA7 CDL KC . 11.03 -31.75 -39.58
OA9 CDL KC . 11.64 -31.57 -38.55
C31 CDL KC . 9.67 -32.39 -39.66
C32 CDL KC . 9.49 -33.48 -38.61
C33 CDL KC . 8.07 -33.99 -38.45
C34 CDL KC . 7.45 -34.59 -39.71
C35 CDL KC . 6.06 -35.15 -39.49
C36 CDL KC . 5.36 -35.64 -40.74
C37 CDL KC . 6.10 -36.75 -41.48
CB2 CDL KC . 14.46 -26.13 -38.98
OB2 CDL KC . 14.35 -24.74 -39.34
PB2 CDL KC . 14.39 -23.63 -38.17
OB3 CDL KC . 13.86 -24.18 -36.90
OB4 CDL KC . 15.83 -23.12 -38.10
OB5 CDL KC . 13.50 -22.39 -38.72
CB3 CDL KC . 12.82 -22.50 -39.99
CB4 CDL KC . 11.35 -22.65 -39.72
OB6 CDL KC . 11.01 -23.93 -39.09
CB5 CDL KC . 11.13 -25.12 -39.73
OB7 CDL KC . 11.59 -25.28 -40.83
C51 CDL KC . 10.61 -26.24 -38.88
C52 CDL KC . 10.93 -27.62 -39.44
C53 CDL KC . 9.73 -28.55 -39.44
C54 CDL KC . 8.73 -28.29 -40.55
C55 CDL KC . 7.69 -29.38 -40.72
C56 CDL KC . 6.90 -29.70 -39.46
C57 CDL KC . 6.15 -31.02 -39.53
C58 CDL KC . 5.41 -31.41 -38.25
C59 CDL KC . 3.98 -30.95 -38.20
C60 CDL KC . 3.11 -31.52 -39.30
C61 CDL KC . 3.01 -33.04 -39.30
C62 CDL KC . 2.13 -33.58 -38.20
C63 CDL KC . 0.64 -33.37 -38.46
C64 CDL KC . 0.16 -34.04 -39.72
C65 CDL KC . -1.36 -34.06 -39.86
C66 CDL KC . -1.92 -35.24 -40.65
C67 CDL KC . -1.20 -35.48 -41.95
CB6 CDL KC . 10.45 -22.33 -40.89
OB8 CDL KC . 9.07 -22.34 -40.45
CB7 CDL KC . 8.43 -21.17 -40.39
OB9 CDL KC . 8.95 -20.12 -40.64
C71 CDL KC . 7.01 -21.35 -39.95
C72 CDL KC . 6.31 -22.50 -40.67
C73 CDL KC . 5.84 -22.15 -42.07
C74 CDL KC . 4.38 -21.77 -42.15
C75 CDL KC . 3.44 -22.86 -41.64
C76 CDL KC . 3.50 -24.16 -42.43
C77 CDL KC . 3.05 -25.35 -41.62
C78 CDL KC . 3.25 -26.68 -42.34
C79 CDL KC . 3.24 -27.88 -41.39
C80 CDL KC . 2.27 -28.95 -41.78
C81 CDL KC . 0.84 -28.48 -41.79
C82 CDL KC . -0.10 -29.37 -42.57
C83 CDL KC . -0.17 -30.79 -42.05
C84 CDL KC . -1.42 -31.53 -42.50
C85 CDL KC . -2.72 -30.83 -42.14
C86 CDL KC . -3.00 -30.75 -40.65
C87 CDL KC . -2.85 -29.36 -40.04
P 3PE LC . -32.65 4.31 -42.68
O11 3PE LC . -33.23 2.88 -43.08
O12 3PE LC . -33.27 5.31 -43.56
O13 3PE LC . -33.22 4.56 -41.21
O14 3PE LC . -31.16 4.24 -42.61
C1 3PE LC . -32.42 1.68 -42.98
C2 3PE LC . -33.21 0.53 -43.51
C3 3PE LC . -33.93 0.87 -44.79
O31 3PE LC . -34.88 -0.17 -45.08
O32 3PE LC . -36.23 1.34 -46.04
C31 3PE LC . -36.00 0.21 -45.70
C32 3PE LC . -36.93 -0.95 -45.93
O21 3PE LC . -32.30 -0.57 -43.84
O22 3PE LC . -33.15 -1.84 -42.20
C21 3PE LC . -32.41 -1.71 -43.12
C22 3PE LC . -31.50 -2.77 -43.66
C23 3PE LC . -32.05 -3.47 -44.89
C24 3PE LC . -33.44 -4.02 -44.70
C25 3PE LC . -33.62 -5.44 -45.21
C26 3PE LC . -33.17 -5.67 -46.64
C27 3PE LC . -33.26 -7.12 -47.08
C28 3PE LC . -32.69 -7.37 -48.47
C29 3PE LC . -31.24 -6.91 -48.58
C2A 3PE LC . -30.72 -6.79 -50.00
C2B 3PE LC . -30.54 -8.10 -50.73
C2C 3PE LC . -29.92 -7.96 -52.10
C2D 3PE LC . -29.64 -9.28 -52.79
C1 MYR MC . -48.35 -2.11 -111.57
O1 MYR MC . -47.91 -0.99 -111.47
C2 MYR MC . -47.58 -3.33 -111.17
C3 MYR MC . -46.07 -3.15 -111.24
C4 MYR MC . -45.39 -3.28 -109.89
C5 MYR MC . -45.82 -2.25 -108.85
C6 MYR MC . -45.46 -0.82 -109.22
C7 MYR MC . -43.96 -0.57 -109.35
C8 MYR MC . -43.61 0.90 -109.60
C9 MYR MC . -42.11 1.17 -109.64
C10 MYR MC . -41.41 0.61 -110.88
C11 MYR MC . -41.58 1.45 -112.14
C12 MYR MC . -40.87 2.79 -112.09
C13 MYR MC . -40.97 3.60 -113.37
C14 MYR MC . -40.16 4.88 -113.35
O12 PC1 NC . -9.25 -39.92 -85.16
P PC1 NC . -9.36 -40.29 -83.74
O14 PC1 NC . -10.69 -40.39 -83.12
O13 PC1 NC . -8.55 -41.66 -83.56
C11 PC1 NC . -7.88 -42.29 -84.67
C12 PC1 NC . -8.15 -43.76 -84.46
N PC1 NC . -6.93 -44.66 -84.30
C13 PC1 NC . -7.22 -45.61 -83.18
C14 PC1 NC . -6.71 -45.46 -85.55
C15 PC1 NC . -5.67 -43.91 -83.98
O11 PC1 NC . -8.49 -39.24 -82.91
C1 PC1 NC . -7.36 -39.67 -82.14
C2 PC1 NC . -6.57 -38.44 -81.79
O21 PC1 NC . -5.45 -38.27 -82.72
C21 PC1 NC . -5.68 -37.71 -83.91
O22 PC1 NC . -6.76 -37.38 -84.31
C22 PC1 NC . -4.39 -37.53 -84.67
C23 PC1 NC . -4.63 -37.14 -86.12
C24 PC1 NC . -3.35 -36.84 -86.86
C25 PC1 NC . -2.54 -35.70 -86.28
C26 PC1 NC . -3.30 -34.38 -86.25
C27 PC1 NC . -3.76 -33.90 -87.61
C28 PC1 NC . -4.62 -32.65 -87.54
C29 PC1 NC . -3.97 -31.50 -86.82
C2A PC1 NC . -4.37 -30.15 -87.37
C2B PC1 NC . -4.17 -30.05 -88.87
C2C PC1 NC . -4.52 -28.71 -89.46
C2D PC1 NC . -5.97 -28.29 -89.27
C2E PC1 NC . -6.22 -26.85 -89.62
C2F PC1 NC . -5.39 -25.88 -88.82
C2G PC1 NC . -5.50 -24.44 -89.25
C2H PC1 NC . -4.66 -23.50 -88.41
C2I PC1 NC . -5.03 -23.54 -86.96
C3 PC1 NC . -5.94 -38.58 -80.43
O31 PC1 NC . -5.56 -37.28 -79.94
C31 PC1 NC . -4.83 -37.28 -78.82
O32 PC1 NC . -4.40 -38.28 -78.31
C32 PC1 NC . -4.67 -35.90 -78.27
C33 PC1 NC . -5.17 -35.77 -76.84
C34 PC1 NC . -4.11 -36.14 -75.82
C35 PC1 NC . -4.60 -36.08 -74.38
C36 PC1 NC . -3.47 -36.26 -73.38
C37 PC1 NC . -2.37 -35.22 -73.56
C38 PC1 NC . -1.12 -35.46 -72.73
C39 PC1 NC . -1.33 -35.34 -71.23
C3A PC1 NC . -2.01 -34.05 -70.84
C3B PC1 NC . -2.13 -33.84 -69.34
C3C PC1 NC . -3.20 -32.82 -69.00
C3D PC1 NC . -4.60 -33.31 -69.21
C3E PC1 NC . -5.67 -32.32 -68.81
C3F PC1 NC . -7.06 -32.88 -68.94
C3G PC1 NC . -7.27 -34.16 -68.18
C3H PC1 NC . -7.99 -35.25 -68.96
C3I PC1 NC . -7.28 -35.66 -70.22
#